data_3J2T
#
_entry.id   3J2T
#
_cell.length_a   1.000
_cell.length_b   1.000
_cell.length_c   1.000
_cell.angle_alpha   90.00
_cell.angle_beta   90.00
_cell.angle_gamma   90.00
#
_symmetry.space_group_name_H-M   'P 1'
#
loop_
_entity.id
_entity.type
_entity.pdbx_description
1 polymer 'Apoptotic protease-activating factor 1'
2 polymer 'Cytochrome c'
3 non-polymer "ADENOSINE-5'-TRIPHOSPHATE"
4 non-polymer 'PROTOPORPHYRIN IX CONTAINING FE'
#
loop_
_entity_poly.entity_id
_entity_poly.type
_entity_poly.pdbx_seq_one_letter_code
_entity_poly.pdbx_strand_id
1 'polypeptide(L)'
;HHHHHHMDAKARNCLLQHREALEKDIKTSYIMDHMISDGFLTISEEEKVRNEPTQQQRAAMLIKMILKKDNDSYVSFYNA
LLHEGYKDLAALLHDGIPVVSSSSGKDSVSGITSYVRTVLCEGGVPQRPVVFVTRKKLVNAIQQKLSKLKGEPGWVTIHG
MAGCGKSVLAAEAVRDHSLLEGCFPGGVHWVSVGKQDKSGLLMKLQNLCTRLDQDESFSQRLPLNIEEAKDRLRILMLRK
HPRSLLILDDVWDSWVLKAFDSQCQILLTTRDKSVTDSVMGPKYVVPVESSLGKEKGLEILSLFVNMKKADLPEQAHSII
KECKGSPLVVSLIGALLRDFPNRWEYYLKQLQNKQFKRIRKSSSYDYEALDEAMSISVEMLREDIKDYYTDLSILQKDVK
VPTKVLCILWDMETEEVEDILQEFVNKSLLFCDRNGKSFRYYLHDLQVDFLTEKNCSQLQDLHKKIITQFQRYHQPHTLS
PDQEDCMYWYNFLAYHMASAKMHKELCALMFSLDWIKAKTELVGPAHLIHEFVEYRHILDEKDCAVSENFQEFLSLNGHL
LGRQPFPNIVQLGLCEPETSEVYQQAKLQAKQEVDNGMLYLEWINKKNITNLSRLVVRPHTDAVYHACFSEDGQRIASCG
ADKTLQVFKAETGEKLLEIKAHEDEVLCCAFSTDDRFIATCSVDKKVKIWNSMTGELVHTYDEHSEQVNCCHFTNSSHHL
LLATGSSDCFLKLWDLNQKECRNTMFGHTNSVNHCRFSPDDKLLASCSADGTLKLWDATSANERKSINVKQFFLNLEDPQ
EDMEVIVKCCSWSADGARIMVAAKNKIFLFDIHTSGLLGEIHTGHHSTIQYCDFSPQNHLAVVALSQYCVELWNTDSRSK
VADCRGHLSWVHGVMFSPDGSSFLTSSDDQTIRLWETKKVCKNSAVMLKQEVDVVFQENEVMVLAVDHIRRLQLINGRTG
QIDYLTEAQVSCCCLSPHLQYIAFGDENGAIEILELVNNRIFQSRFQHKKTVWHIQFTADEKTLISSSDDAEIQVWNWQL
DKCIFLRGHQETVKDFRLLKNSRLLSWSFDGTVKVWNIITGNKEKDFVCHQGTVLSCDISHDATKFSSTSADKTAKIWSF
DLLLPLHELRGHNGCVRCSAFSVDSTLLATGDDNGEIRIWNVSNGELLHLCAPLSEEGAATHGGWVTDLCFSPDGKMLIS
AGGYIKWWNVVTGESSQTFYTNGTNLKKIHVSPDFKTYVTVDNLGILYILQTLEHHHHHHHHH
;
A,B,C,D,E,F,G
2 'polypeptide(L)'
;GDVEKGKKIFVQKCAQCHTVEKGGKHKTGPNLHGLFGRKTGQAPGFSYTDANKNKGITWGEETLMEYLENPKKYIPGTKM
IFAGIKKKGEREDLIAYLKKATNE
;
H,I,J,K,L,M,N
#
# COMPACT_ATOMS: atom_id res chain seq x y z
N GLY A 111 24.00 -4.03 54.23
CA GLY A 111 22.68 -3.44 54.52
C GLY A 111 21.92 -3.37 53.26
N ILE A 112 20.87 -4.20 53.18
CA ILE A 112 20.03 -4.24 52.03
C ILE A 112 19.28 -2.99 52.11
N THR A 113 19.27 -2.15 51.05
CA THR A 113 18.57 -0.93 51.30
C THR A 113 17.05 -1.15 51.17
N SER A 114 16.29 -0.26 51.80
CA SER A 114 14.82 -0.36 51.85
C SER A 114 14.23 -0.40 50.45
N TYR A 115 14.87 0.32 49.55
CA TYR A 115 14.54 0.25 48.12
C TYR A 115 14.52 -1.19 47.56
N VAL A 116 15.55 -1.99 47.84
CA VAL A 116 15.55 -3.39 47.40
C VAL A 116 14.56 -4.21 48.20
N ARG A 117 14.47 -3.95 49.50
CA ARG A 117 13.55 -4.68 50.35
C ARG A 117 12.10 -4.62 49.79
N THR A 118 11.71 -3.49 49.23
CA THR A 118 10.40 -3.34 48.58
C THR A 118 10.34 -3.87 47.13
N VAL A 119 11.34 -3.53 46.33
CA VAL A 119 11.35 -3.95 44.94
C VAL A 119 11.36 -5.47 44.76
N LEU A 120 11.94 -6.22 45.71
CA LEU A 120 12.02 -7.69 45.57
C LEU A 120 10.66 -8.31 45.49
N CYS A 121 9.64 -7.61 46.00
CA CYS A 121 8.28 -8.11 45.94
C CYS A 121 7.77 -8.24 44.51
N GLU A 122 8.24 -7.38 43.61
CA GLU A 122 7.93 -7.45 42.18
C GLU A 122 8.94 -8.28 41.39
N GLY A 123 10.23 -8.04 41.65
CA GLY A 123 11.29 -8.80 41.08
C GLY A 123 11.84 -8.12 39.88
N GLY A 124 13.15 -7.86 39.91
CA GLY A 124 13.71 -7.35 38.71
C GLY A 124 14.29 -8.57 38.09
N VAL A 125 14.54 -9.56 38.97
CA VAL A 125 15.03 -10.86 38.68
C VAL A 125 14.13 -11.89 39.34
N PRO A 126 14.13 -13.15 38.91
CA PRO A 126 13.24 -14.10 39.55
C PRO A 126 13.69 -14.39 40.94
N GLN A 127 12.74 -14.80 41.81
CA GLN A 127 13.06 -15.02 43.18
C GLN A 127 12.95 -16.48 43.45
N ARG A 128 13.45 -16.82 44.65
CA ARG A 128 13.52 -18.13 45.20
C ARG A 128 12.11 -18.62 45.42
N PRO A 129 12.08 -19.91 45.31
CA PRO A 129 10.98 -20.78 45.58
C PRO A 129 10.33 -20.49 46.89
N VAL A 130 9.09 -21.03 47.00
CA VAL A 130 8.25 -21.21 48.16
C VAL A 130 8.78 -22.33 49.00
N VAL A 131 9.24 -23.43 48.37
CA VAL A 131 9.88 -24.47 49.14
C VAL A 131 11.31 -24.64 48.69
N PHE A 132 12.25 -24.29 49.58
CA PHE A 132 13.71 -24.36 49.39
C PHE A 132 14.47 -24.51 50.62
N VAL A 133 15.70 -24.93 50.25
CA VAL A 133 16.89 -25.17 51.00
C VAL A 133 17.95 -24.34 50.37
N THR A 134 18.58 -23.51 51.22
CA THR A 134 19.60 -22.61 50.86
C THR A 134 20.77 -23.46 50.60
N ARG A 135 21.42 -23.20 49.47
CA ARG A 135 22.54 -24.01 49.21
C ARG A 135 23.68 -23.35 49.90
N LYS A 136 23.87 -23.67 51.21
CA LYS A 136 24.87 -22.91 51.96
C LYS A 136 26.29 -23.04 51.43
N LYS A 137 26.58 -24.15 50.78
CA LYS A 137 27.91 -24.39 50.25
C LYS A 137 28.25 -23.42 49.10
N LEU A 138 27.22 -22.94 48.41
CA LEU A 138 27.46 -22.10 47.21
C LEU A 138 27.21 -20.60 47.50
N VAL A 139 26.28 -20.28 48.40
CA VAL A 139 25.89 -18.89 48.60
C VAL A 139 27.10 -18.03 48.94
N ASN A 140 27.85 -18.40 49.98
CA ASN A 140 29.06 -17.65 50.38
C ASN A 140 30.18 -17.63 49.33
N ALA A 141 30.50 -18.77 48.73
CA ALA A 141 31.56 -18.78 47.71
C ALA A 141 31.24 -17.96 46.44
N ILE A 142 29.97 -18.00 46.00
CA ILE A 142 29.56 -17.26 44.80
C ILE A 142 29.67 -15.75 45.06
N GLN A 143 29.29 -15.35 46.26
CA GLN A 143 29.40 -13.94 46.69
C GLN A 143 30.85 -13.48 46.71
N GLN A 144 31.71 -14.31 47.25
CA GLN A 144 33.14 -14.07 47.29
C GLN A 144 33.78 -14.05 45.89
N LYS A 145 33.26 -14.84 44.96
CA LYS A 145 33.75 -14.84 43.55
C LYS A 145 33.21 -13.64 42.76
N LEU A 146 32.00 -13.20 43.08
CA LEU A 146 31.42 -12.01 42.39
C LEU A 146 32.22 -10.75 42.71
N SER A 147 32.72 -10.65 43.94
CA SER A 147 33.55 -9.54 44.36
C SER A 147 34.91 -9.52 43.62
N LYS A 148 35.30 -10.61 43.01
CA LYS A 148 36.56 -10.62 42.26
C LYS A 148 36.55 -9.73 40.99
N LEU A 149 35.38 -9.28 40.56
CA LEU A 149 35.31 -8.33 39.46
C LEU A 149 36.00 -7.02 39.86
N LYS A 150 35.87 -6.63 41.12
CA LYS A 150 36.46 -5.38 41.66
C LYS A 150 36.14 -4.13 40.83
N GLY A 151 34.94 -4.06 40.25
CA GLY A 151 34.57 -2.93 39.42
C GLY A 151 35.06 -2.99 37.98
N GLU A 152 35.73 -4.09 37.62
CA GLU A 152 36.28 -4.27 36.28
C GLU A 152 35.34 -5.15 35.48
N PRO A 153 35.39 -5.09 34.13
CA PRO A 153 34.57 -5.94 33.30
C PRO A 153 34.73 -7.45 33.55
N GLY A 154 33.74 -8.21 33.15
CA GLY A 154 33.80 -9.65 33.24
C GLY A 154 32.51 -10.28 32.85
N TRP A 155 32.58 -11.57 32.62
CA TRP A 155 31.45 -12.37 32.17
C TRP A 155 31.12 -13.42 33.19
N VAL A 156 29.94 -13.32 33.78
CA VAL A 156 29.51 -14.27 34.82
C VAL A 156 28.43 -15.12 34.15
N THR A 157 28.62 -16.43 34.16
CA THR A 157 27.70 -17.34 33.51
C THR A 157 27.21 -18.44 34.46
N ILE A 158 25.90 -18.62 34.49
CA ILE A 158 25.24 -19.63 35.27
C ILE A 158 24.58 -20.57 34.29
N HIS A 159 24.67 -21.87 34.56
CA HIS A 159 24.19 -22.84 33.58
C HIS A 159 23.11 -23.78 34.13
N GLY A 160 22.29 -24.28 33.22
CA GLY A 160 21.22 -25.22 33.52
C GLY A 160 20.07 -25.10 32.54
N MET A 161 19.10 -25.96 32.71
CA MET A 161 17.92 -25.98 31.87
C MET A 161 16.65 -25.53 32.61
N ALA A 162 15.66 -25.13 31.81
CA ALA A 162 14.36 -24.73 32.32
C ALA A 162 13.75 -25.80 33.22
N GLY A 163 13.40 -25.40 34.44
CA GLY A 163 12.89 -26.33 35.44
C GLY A 163 13.88 -27.10 36.29
N CYS A 164 15.16 -26.76 36.24
CA CYS A 164 16.15 -27.51 37.01
C CYS A 164 16.84 -26.70 38.10
N GLY A 165 16.26 -25.55 38.44
CA GLY A 165 16.72 -24.70 39.53
C GLY A 165 17.84 -23.73 39.17
N LYS A 166 17.97 -23.35 37.91
CA LYS A 166 18.99 -22.40 37.46
C LYS A 166 18.82 -20.98 38.09
N SER A 167 17.59 -20.51 38.10
CA SER A 167 17.31 -19.23 38.74
C SER A 167 17.26 -19.42 40.27
N VAL A 168 16.90 -20.61 40.70
CA VAL A 168 16.83 -20.87 42.15
C VAL A 168 18.21 -20.68 42.81
N LEU A 169 19.26 -21.21 42.17
CA LEU A 169 20.62 -21.02 42.64
C LEU A 169 20.97 -19.54 42.86
N ALA A 170 20.80 -18.73 41.83
CA ALA A 170 21.15 -17.31 41.89
C ALA A 170 20.36 -16.56 42.97
N ALA A 171 19.10 -16.91 43.11
CA ALA A 171 18.20 -16.25 44.09
C ALA A 171 18.78 -16.30 45.52
N GLU A 172 19.26 -17.46 45.98
CA GLU A 172 19.86 -17.56 47.31
C GLU A 172 21.30 -17.09 47.37
N ALA A 173 22.04 -17.34 46.31
CA ALA A 173 23.45 -17.01 46.28
C ALA A 173 23.73 -15.50 46.40
N VAL A 174 22.92 -14.67 45.73
CA VAL A 174 23.13 -13.21 45.71
C VAL A 174 22.26 -12.44 46.70
N ARG A 175 21.91 -13.00 47.87
CA ARG A 175 21.05 -12.29 48.79
C ARG A 175 21.76 -11.12 49.36
N ASP A 176 23.11 -11.06 49.34
CA ASP A 176 24.00 -9.97 49.79
C ASP A 176 23.82 -8.78 48.88
N HIS A 177 23.18 -7.68 49.35
CA HIS A 177 23.06 -6.47 48.53
C HIS A 177 24.38 -5.69 48.35
N SER A 178 25.08 -5.44 49.45
CA SER A 178 26.32 -4.66 49.44
C SER A 178 27.35 -5.21 48.45
N LEU A 179 27.28 -6.52 48.21
CA LEU A 179 28.10 -7.14 47.18
C LEU A 179 28.03 -6.41 45.85
N LEU A 180 26.81 -6.13 45.38
CA LEU A 180 26.63 -5.56 44.06
C LEU A 180 26.12 -4.14 44.14
N GLU A 181 25.93 -3.65 45.36
CA GLU A 181 25.48 -2.29 45.61
C GLU A 181 26.35 -1.29 44.84
N GLY A 182 27.67 -1.44 44.94
CA GLY A 182 28.57 -0.57 44.22
C GLY A 182 28.89 -0.93 42.79
N CYS A 183 28.33 -2.04 42.31
CA CYS A 183 28.54 -2.46 40.95
C CYS A 183 27.48 -2.01 39.97
N PHE A 184 26.20 -2.11 40.35
CA PHE A 184 25.10 -1.67 39.49
C PHE A 184 24.06 -0.83 40.18
N PRO A 185 24.42 0.42 40.54
CA PRO A 185 23.46 1.38 41.14
C PRO A 185 22.18 1.62 40.32
N GLY A 186 22.24 1.42 39.00
CA GLY A 186 21.13 1.69 38.11
C GLY A 186 20.12 0.56 37.99
N GLY A 187 20.37 -0.55 38.69
CA GLY A 187 19.43 -1.66 38.77
C GLY A 187 19.83 -2.85 37.95
N VAL A 188 19.09 -3.95 38.17
CA VAL A 188 19.36 -5.22 37.51
C VAL A 188 18.07 -5.61 36.84
N HIS A 189 18.15 -5.99 35.57
CA HIS A 189 16.95 -6.36 34.81
C HIS A 189 17.18 -7.72 34.18
N TRP A 190 16.25 -8.64 34.45
CA TRP A 190 16.28 -9.95 33.88
C TRP A 190 15.40 -10.08 32.67
N VAL A 191 16.00 -10.21 31.49
CA VAL A 191 15.26 -10.22 30.25
C VAL A 191 15.41 -11.60 29.58
N SER A 192 14.27 -12.22 29.27
CA SER A 192 14.25 -13.51 28.61
C SER A 192 14.70 -13.33 27.16
N VAL A 193 15.63 -14.17 26.70
CA VAL A 193 16.08 -14.10 25.32
C VAL A 193 15.61 -15.37 24.59
N GLY A 194 16.05 -16.52 25.08
CA GLY A 194 15.72 -17.80 24.47
C GLY A 194 16.44 -18.06 23.16
N LYS A 195 16.02 -19.13 22.50
CA LYS A 195 16.61 -19.53 21.20
C LYS A 195 15.99 -18.65 20.10
N GLN A 196 16.81 -17.76 19.55
CA GLN A 196 16.36 -16.89 18.48
C GLN A 196 17.26 -17.06 17.27
N ASP A 197 16.65 -16.93 16.08
CA ASP A 197 17.37 -16.87 14.81
C ASP A 197 17.64 -15.39 14.51
N LYS A 198 18.18 -15.06 13.35
CA LYS A 198 18.54 -13.69 12.99
C LYS A 198 17.37 -12.74 13.09
N SER A 199 16.22 -13.12 12.53
CA SER A 199 15.06 -12.24 12.57
C SER A 199 14.52 -12.10 14.00
N GLY A 200 14.68 -13.14 14.80
CA GLY A 200 14.36 -13.09 16.22
C GLY A 200 15.27 -12.17 17.00
N LEU A 201 16.55 -12.15 16.66
CA LEU A 201 17.45 -11.19 17.30
C LEU A 201 17.05 -9.77 16.95
N LEU A 202 16.68 -9.54 15.68
CA LEU A 202 16.23 -8.20 15.27
C LEU A 202 14.97 -7.77 15.99
N MET A 203 13.99 -8.67 16.11
CA MET A 203 12.75 -8.35 16.84
C MET A 203 13.05 -8.11 18.32
N LYS A 204 13.97 -8.90 18.89
CA LYS A 204 14.41 -8.70 20.28
C LYS A 204 15.12 -7.36 20.49
N LEU A 205 15.95 -6.95 19.53
CA LEU A 205 16.59 -5.63 19.60
C LEU A 205 15.58 -4.46 19.52
N GLN A 206 14.54 -4.61 18.69
CA GLN A 206 13.47 -3.63 18.63
C GLN A 206 12.70 -3.55 19.96
N ASN A 207 12.50 -4.69 20.59
CA ASN A 207 11.90 -4.76 21.92
C ASN A 207 12.78 -4.13 23.03
N LEU A 208 14.09 -4.36 22.94
CA LEU A 208 15.03 -3.80 23.90
C LEU A 208 15.06 -2.29 23.83
N CYS A 209 14.97 -1.72 22.63
CA CYS A 209 14.89 -0.26 22.51
C CYS A 209 13.69 0.29 23.30
N THR A 210 12.53 -0.33 23.15
CA THR A 210 11.33 0.09 23.86
C THR A 210 11.53 -0.03 25.40
N ARG A 211 12.19 -1.09 25.82
CA ARG A 211 12.39 -1.37 27.25
C ARG A 211 13.15 -0.27 27.98
N LEU A 212 14.01 0.45 27.27
CA LEU A 212 14.81 1.51 27.87
C LEU A 212 14.08 2.85 27.91
N ASP A 213 12.89 2.92 27.33
CA ASP A 213 12.08 4.15 27.30
C ASP A 213 10.65 3.80 27.75
N GLN A 214 10.51 3.53 29.04
CA GLN A 214 9.22 3.03 29.54
C GLN A 214 8.15 4.13 29.46
N ASP A 215 8.56 5.40 29.58
CA ASP A 215 7.60 6.52 29.59
C ASP A 215 7.40 7.16 28.23
N GLU A 216 7.92 6.54 27.18
CA GLU A 216 7.82 7.03 25.80
C GLU A 216 8.30 8.48 25.60
N SER A 217 9.41 8.84 26.25
CA SER A 217 9.98 10.19 26.15
C SER A 217 10.67 10.47 24.82
N PHE A 218 11.00 9.39 24.10
CA PHE A 218 11.62 9.48 22.77
C PHE A 218 10.62 8.91 21.75
N SER A 219 10.92 9.00 20.46
CA SER A 219 10.02 8.49 19.40
C SER A 219 9.57 7.04 19.60
N GLN A 220 8.32 6.74 19.26
CA GLN A 220 7.77 5.40 19.37
C GLN A 220 8.27 4.49 18.24
N ARG A 221 9.00 5.05 17.30
CA ARG A 221 9.55 4.29 16.19
C ARG A 221 10.71 3.38 16.64
N LEU A 222 10.90 2.30 15.92
CA LEU A 222 11.87 1.28 16.31
C LEU A 222 13.05 1.18 15.35
N PRO A 223 14.18 0.60 15.82
CA PRO A 223 15.34 0.54 14.94
C PRO A 223 14.99 -0.35 13.76
N LEU A 224 15.63 -0.11 12.62
CA LEU A 224 15.29 -0.85 11.39
C LEU A 224 16.22 -2.01 11.10
N ASN A 225 17.36 -2.02 11.74
CA ASN A 225 18.38 -3.05 11.51
C ASN A 225 19.27 -3.19 12.75
N ILE A 226 20.17 -4.16 12.74
CA ILE A 226 20.96 -4.44 13.91
C ILE A 226 21.97 -3.32 14.26
N GLU A 227 22.60 -2.75 13.24
CA GLU A 227 23.59 -1.70 13.42
C GLU A 227 22.97 -0.49 14.12
N GLU A 228 21.78 -0.09 13.65
CA GLU A 228 21.03 0.99 14.29
C GLU A 228 20.59 0.69 15.72
N ALA A 229 20.10 -0.53 15.94
CA ALA A 229 19.71 -0.96 17.28
C ALA A 229 20.88 -0.92 18.26
N LYS A 230 22.06 -1.34 17.79
CA LYS A 230 23.27 -1.30 18.59
C LYS A 230 23.53 0.14 19.07
N ASP A 231 23.49 1.06 18.12
CA ASP A 231 23.64 2.48 18.40
C ASP A 231 22.59 3.08 19.36
N ARG A 232 21.32 2.77 19.14
CA ARG A 232 20.29 3.32 20.00
C ARG A 232 20.42 2.79 21.44
N LEU A 233 20.73 1.53 21.58
CA LEU A 233 20.83 0.91 22.90
C LEU A 233 22.02 1.48 23.63
N ARG A 234 23.11 1.68 22.90
CA ARG A 234 24.33 2.25 23.45
C ARG A 234 24.08 3.64 24.02
N ILE A 235 23.42 4.48 23.24
CA ILE A 235 23.13 5.87 23.65
C ILE A 235 22.25 5.89 24.92
N LEU A 236 21.21 5.06 24.94
CA LEU A 236 20.31 5.03 26.10
C LEU A 236 21.02 4.42 27.33
N MET A 237 21.88 3.43 27.14
CA MET A 237 22.62 2.82 28.26
C MET A 237 23.77 3.68 28.72
N LEU A 238 24.19 4.55 27.83
CA LEU A 238 25.26 5.49 28.11
C LEU A 238 24.73 6.67 28.95
N ARG A 239 23.60 7.24 28.52
CA ARG A 239 23.11 8.46 29.12
C ARG A 239 21.98 8.29 30.11
N LYS A 240 21.11 7.30 29.92
CA LYS A 240 19.94 7.16 30.77
C LYS A 240 20.01 5.99 31.69
N HIS A 241 20.70 4.95 31.27
CA HIS A 241 20.81 3.74 32.07
C HIS A 241 22.23 3.27 32.26
N PRO A 242 23.15 4.21 32.58
CA PRO A 242 24.51 3.78 32.83
C PRO A 242 24.59 3.09 34.18
N ARG A 243 25.61 2.26 34.37
CA ARG A 243 25.82 1.53 35.64
C ARG A 243 24.68 0.57 36.06
N SER A 244 24.25 -0.25 35.11
CA SER A 244 23.15 -1.18 35.29
C SER A 244 23.44 -2.49 34.63
N LEU A 245 22.70 -3.52 35.03
CA LEU A 245 22.96 -4.85 34.55
C LEU A 245 21.76 -5.39 33.75
N LEU A 246 22.06 -5.80 32.51
CA LEU A 246 21.10 -6.47 31.64
C LEU A 246 21.46 -7.96 31.63
N ILE A 247 20.55 -8.79 32.13
CA ILE A 247 20.77 -10.21 32.19
C ILE A 247 20.07 -10.92 31.03
N LEU A 248 20.83 -11.72 30.28
CA LEU A 248 20.34 -12.46 29.12
C LEU A 248 19.97 -13.89 29.53
N ASP A 249 18.68 -14.15 29.62
CA ASP A 249 18.22 -15.47 30.06
C ASP A 249 18.12 -16.41 28.88
N ASP A 250 18.67 -17.62 29.05
CA ASP A 250 18.66 -18.68 28.05
C ASP A 250 19.34 -18.34 26.71
N VAL A 251 20.66 -18.23 26.76
CA VAL A 251 21.48 -17.99 25.61
C VAL A 251 21.74 -19.35 24.99
N TRP A 252 21.49 -19.48 23.68
CA TRP A 252 21.70 -20.76 22.96
C TRP A 252 22.61 -20.64 21.75
N ASP A 253 22.66 -19.46 21.15
CA ASP A 253 23.37 -19.32 19.88
C ASP A 253 24.41 -18.22 19.92
N SER A 254 25.61 -18.54 19.44
CA SER A 254 26.72 -17.60 19.44
C SER A 254 26.48 -16.39 18.48
N TRP A 255 25.58 -16.57 17.51
CA TRP A 255 25.16 -15.47 16.63
C TRP A 255 24.63 -14.32 17.46
N VAL A 256 23.88 -14.62 18.51
CA VAL A 256 23.37 -13.54 19.38
C VAL A 256 24.51 -12.88 20.14
N LEU A 257 25.40 -13.68 20.72
CA LEU A 257 26.51 -13.21 21.52
C LEU A 257 27.48 -12.31 20.75
N LYS A 258 27.56 -12.51 19.43
CA LYS A 258 28.34 -11.66 18.52
C LYS A 258 28.07 -10.16 18.71
N ALA A 259 26.83 -9.82 19.07
CA ALA A 259 26.41 -8.42 19.20
C ALA A 259 26.63 -7.86 20.61
N PHE A 260 27.05 -8.73 21.52
CA PHE A 260 27.26 -8.42 22.95
C PHE A 260 28.69 -8.57 23.43
N ASP A 261 29.52 -9.23 22.65
CA ASP A 261 30.91 -9.45 23.03
C ASP A 261 31.71 -8.15 22.93
N SER A 262 31.65 -7.33 23.98
CA SER A 262 32.31 -6.03 23.98
C SER A 262 33.09 -5.75 25.27
N GLN A 263 33.49 -6.83 25.94
CA GLN A 263 34.31 -6.76 27.18
C GLN A 263 33.65 -5.88 28.26
N CYS A 264 32.37 -6.16 28.54
CA CYS A 264 31.57 -5.49 29.59
C CYS A 264 31.13 -6.48 30.64
N GLN A 265 30.68 -5.93 31.77
CA GLN A 265 30.16 -6.73 32.86
C GLN A 265 28.83 -7.30 32.44
N ILE A 266 28.85 -8.58 32.10
CA ILE A 266 27.63 -9.25 31.63
C ILE A 266 27.33 -10.53 32.39
N LEU A 267 26.10 -10.62 32.88
CA LEU A 267 25.62 -11.80 33.57
C LEU A 267 24.60 -12.42 32.63
N LEU A 268 24.73 -13.71 32.38
CA LEU A 268 23.79 -14.42 31.52
C LEU A 268 23.66 -15.86 31.95
N THR A 269 22.57 -16.48 31.52
CA THR A 269 22.29 -17.88 31.82
C THR A 269 22.25 -18.63 30.52
N THR A 270 22.72 -19.87 30.57
CA THR A 270 22.90 -20.69 29.37
C THR A 270 22.91 -22.16 29.70
N ARG A 271 23.18 -22.98 28.68
CA ARG A 271 23.21 -24.45 28.89
C ARG A 271 24.51 -24.88 29.55
N ASP A 272 25.60 -24.15 29.30
CA ASP A 272 26.95 -24.55 29.76
C ASP A 272 27.78 -23.31 30.13
N LYS A 273 28.31 -23.32 31.36
CA LYS A 273 29.24 -22.28 31.80
C LYS A 273 30.42 -22.02 30.87
N SER A 274 30.75 -22.98 29.99
CA SER A 274 31.83 -22.79 29.02
C SER A 274 31.59 -21.64 28.04
N VAL A 275 30.36 -21.14 27.94
CA VAL A 275 30.07 -20.00 27.04
C VAL A 275 31.01 -18.81 27.24
N THR A 276 31.51 -18.64 28.46
CA THR A 276 32.41 -17.54 28.77
C THR A 276 33.69 -17.52 27.89
N ASP A 277 34.05 -18.69 27.35
CA ASP A 277 35.23 -18.81 26.45
C ASP A 277 35.08 -18.15 25.08
N SER A 278 33.85 -18.01 24.61
CA SER A 278 33.62 -17.43 23.27
C SER A 278 33.60 -15.90 23.28
N VAL A 279 33.69 -15.33 24.48
CA VAL A 279 33.60 -13.91 24.67
C VAL A 279 34.87 -13.46 25.41
N MET A 280 35.16 -12.16 25.32
CA MET A 280 36.36 -11.59 25.91
C MET A 280 36.08 -10.84 27.17
N GLY A 281 36.97 -11.03 28.14
CA GLY A 281 36.85 -10.39 29.46
C GLY A 281 37.03 -11.47 30.51
N PRO A 282 37.36 -11.08 31.75
CA PRO A 282 37.54 -12.02 32.87
C PRO A 282 36.31 -12.89 33.06
N LYS A 283 36.52 -14.20 33.14
CA LYS A 283 35.45 -15.18 33.13
C LYS A 283 35.25 -15.70 34.54
N TYR A 284 33.99 -15.79 34.95
CA TYR A 284 33.61 -16.33 36.25
C TYR A 284 32.44 -17.26 36.05
N VAL A 285 32.55 -18.45 36.62
CA VAL A 285 31.55 -19.49 36.47
C VAL A 285 31.28 -20.16 37.80
N VAL A 286 30.17 -20.90 37.85
CA VAL A 286 29.78 -21.68 39.02
C VAL A 286 29.68 -23.14 38.60
N PRO A 287 30.41 -23.90 39.34
CA PRO A 287 30.60 -25.31 39.12
C PRO A 287 29.48 -26.11 39.65
N VAL A 288 28.77 -25.51 40.62
CA VAL A 288 27.62 -25.90 41.41
C VAL A 288 27.82 -27.17 42.18
N GLU A 289 28.89 -27.09 42.97
CA GLU A 289 29.30 -28.19 43.73
C GLU A 289 28.70 -28.06 45.05
N SER A 290 27.45 -28.55 45.06
CA SER A 290 26.59 -28.66 46.19
C SER A 290 25.41 -29.49 45.79
N SER A 291 24.87 -30.22 46.78
CA SER A 291 23.70 -31.01 46.59
C SER A 291 23.02 -31.06 47.90
N LEU A 292 21.80 -31.57 47.90
CA LEU A 292 21.11 -31.55 49.15
C LEU A 292 21.15 -32.96 49.60
N GLY A 293 21.09 -33.14 50.93
CA GLY A 293 21.19 -34.41 51.58
C GLY A 293 19.84 -34.80 52.11
N LYS A 294 19.87 -35.75 53.06
CA LYS A 294 18.64 -36.30 53.65
C LYS A 294 17.78 -35.29 54.39
N GLU A 295 18.36 -34.67 55.42
CA GLU A 295 17.59 -33.73 56.24
C GLU A 295 17.16 -32.51 55.48
N LYS A 296 17.95 -32.11 54.50
CA LYS A 296 17.59 -31.00 53.63
C LYS A 296 16.40 -31.36 52.74
N GLY A 297 16.39 -32.59 52.23
CA GLY A 297 15.26 -33.11 51.49
C GLY A 297 14.04 -33.28 52.36
N LEU A 298 14.26 -33.62 53.63
CA LEU A 298 13.15 -33.73 54.61
C LEU A 298 12.54 -32.37 54.95
N GLU A 299 13.37 -31.32 54.97
CA GLU A 299 12.88 -29.95 55.11
C GLU A 299 12.05 -29.55 53.89
N ILE A 300 12.49 -29.95 52.70
CA ILE A 300 11.69 -29.70 51.50
C ILE A 300 10.33 -30.37 51.63
N LEU A 301 10.31 -31.65 51.99
CA LEU A 301 9.07 -32.39 52.19
C LEU A 301 8.17 -31.73 53.23
N SER A 302 8.72 -31.40 54.40
CA SER A 302 7.97 -30.80 55.48
C SER A 302 7.19 -29.58 55.00
N LEU A 303 7.83 -28.74 54.18
CA LEU A 303 7.17 -27.54 53.70
C LEU A 303 6.08 -27.88 52.69
N PHE A 304 6.27 -28.94 51.93
CA PHE A 304 5.29 -29.34 50.91
C PHE A 304 4.02 -29.93 51.55
N VAL A 305 4.17 -30.78 52.57
CA VAL A 305 3.01 -31.53 53.12
C VAL A 305 2.63 -31.11 54.56
N ASN A 306 3.49 -30.23 55.11
CA ASN A 306 3.35 -29.66 56.41
C ASN A 306 3.33 -30.76 57.43
N MET A 307 4.29 -31.71 57.35
CA MET A 307 4.38 -32.78 58.30
C MET A 307 5.73 -32.64 58.94
N LYS A 308 5.94 -33.05 60.22
CA LYS A 308 7.31 -32.87 60.64
C LYS A 308 8.10 -33.94 59.98
N LYS A 309 9.41 -33.74 59.82
CA LYS A 309 10.10 -34.85 59.18
C LYS A 309 9.92 -36.14 60.00
N ALA A 310 9.81 -36.00 61.32
CA ALA A 310 9.52 -37.10 62.25
C ALA A 310 8.16 -37.77 62.03
N ASP A 311 7.21 -37.03 61.45
CA ASP A 311 5.88 -37.54 61.14
C ASP A 311 5.82 -38.29 59.84
N LEU A 312 6.89 -38.18 59.02
CA LEU A 312 6.91 -38.83 57.75
C LEU A 312 7.24 -40.27 57.95
N PRO A 313 6.48 -41.03 57.24
CA PRO A 313 6.62 -42.44 57.09
C PRO A 313 7.96 -42.80 56.64
N GLU A 314 8.32 -44.00 57.06
CA GLU A 314 9.55 -44.75 56.75
C GLU A 314 9.88 -44.79 55.27
N GLN A 315 8.85 -44.93 54.45
CA GLN A 315 8.98 -44.94 52.99
C GLN A 315 9.50 -43.61 52.47
N ALA A 316 9.11 -42.51 53.10
CA ALA A 316 9.60 -41.20 52.75
C ALA A 316 11.11 -41.04 53.02
N HIS A 317 11.61 -41.73 54.03
CA HIS A 317 13.05 -41.77 54.38
C HIS A 317 13.83 -42.75 53.50
N SER A 318 13.19 -43.87 53.17
CA SER A 318 13.74 -44.87 52.28
C SER A 318 13.98 -44.38 50.84
N ILE A 319 12.99 -43.70 50.28
CA ILE A 319 13.07 -43.16 48.95
C ILE A 319 14.10 -42.05 48.86
N ILE A 320 14.35 -41.39 49.99
CA ILE A 320 15.46 -40.44 50.08
C ILE A 320 16.80 -41.14 50.07
N LYS A 321 16.91 -42.25 50.79
CA LYS A 321 18.10 -43.10 50.75
C LYS A 321 18.36 -43.64 49.33
N GLU A 322 17.29 -43.88 48.56
CA GLU A 322 17.42 -44.32 47.16
C GLU A 322 17.77 -43.20 46.17
N CYS A 323 17.17 -42.03 46.32
CA CYS A 323 17.43 -40.92 45.42
C CYS A 323 18.51 -39.95 45.90
N LYS A 324 18.97 -40.14 47.13
CA LYS A 324 20.00 -39.33 47.80
C LYS A 324 19.56 -37.88 48.04
N GLY A 325 18.26 -37.67 48.16
CA GLY A 325 17.73 -36.36 48.50
C GLY A 325 17.72 -35.25 47.44
N SER A 326 17.71 -35.59 46.15
CA SER A 326 17.67 -34.54 45.11
C SER A 326 16.39 -33.69 45.17
N PRO A 327 16.51 -32.34 45.20
CA PRO A 327 15.31 -31.50 45.25
C PRO A 327 14.35 -31.59 44.05
N LEU A 328 14.84 -31.90 42.86
CA LEU A 328 13.94 -32.02 41.69
C LEU A 328 13.04 -33.25 41.82
N VAL A 329 13.55 -34.33 42.40
CA VAL A 329 12.78 -35.55 42.61
C VAL A 329 11.81 -35.34 43.80
N VAL A 330 12.30 -34.72 44.87
CA VAL A 330 11.46 -34.56 46.05
C VAL A 330 10.25 -33.74 45.71
N SER A 331 10.42 -32.65 44.98
CA SER A 331 9.29 -31.80 44.55
C SER A 331 8.19 -32.53 43.77
N LEU A 332 8.61 -33.33 42.81
CA LEU A 332 7.68 -34.12 41.98
C LEU A 332 6.89 -35.16 42.75
N ILE A 333 7.62 -36.01 43.48
CA ILE A 333 7.06 -37.09 44.26
C ILE A 333 6.05 -36.57 45.31
N GLY A 334 6.36 -35.46 45.93
CA GLY A 334 5.46 -34.82 46.90
C GLY A 334 4.11 -34.46 46.30
N ALA A 335 4.15 -33.82 45.15
CA ALA A 335 2.92 -33.45 44.39
C ALA A 335 2.18 -34.68 43.91
N LEU A 336 2.92 -35.72 43.51
CA LEU A 336 2.30 -37.01 43.11
C LEU A 336 1.58 -37.74 44.23
N LEU A 337 2.23 -37.81 45.40
CA LEU A 337 1.67 -38.51 46.54
C LEU A 337 0.74 -37.59 47.34
N ARG A 338 0.69 -36.29 47.01
CA ARG A 338 -0.34 -35.42 47.53
C ARG A 338 -1.75 -35.98 47.25
N ASP A 339 -2.01 -36.22 45.97
CA ASP A 339 -3.25 -36.85 45.50
C ASP A 339 -3.29 -38.35 45.57
N PHE A 340 -2.25 -39.05 45.05
CA PHE A 340 -2.15 -40.50 45.04
C PHE A 340 -1.97 -40.96 46.49
N PRO A 341 -2.60 -42.04 46.93
CA PRO A 341 -2.46 -42.51 48.30
C PRO A 341 -0.99 -42.61 48.58
N ASN A 342 -0.52 -42.35 49.83
CA ASN A 342 0.91 -42.25 50.05
C ASN A 342 1.56 -43.60 49.99
N ARG A 343 1.91 -44.00 48.74
CA ARG A 343 2.61 -45.22 48.46
C ARG A 343 3.77 -44.83 47.60
N TRP A 344 4.97 -44.67 48.21
CA TRP A 344 6.19 -44.25 47.58
C TRP A 344 6.59 -45.34 46.64
N GLU A 345 6.25 -46.59 47.03
CA GLU A 345 6.55 -47.75 46.25
C GLU A 345 5.97 -47.64 44.87
N TYR A 346 4.79 -47.00 44.73
CA TYR A 346 4.15 -47.03 43.44
C TYR A 346 5.03 -46.30 42.47
N TYR A 347 5.41 -45.05 42.79
CA TYR A 347 6.05 -44.21 41.83
C TYR A 347 7.50 -44.55 41.79
N LEU A 348 8.03 -45.15 42.88
CA LEU A 348 9.40 -45.54 42.94
C LEU A 348 9.64 -46.66 41.99
N LYS A 349 8.89 -47.77 42.14
CA LYS A 349 9.14 -48.89 41.29
C LYS A 349 8.77 -48.52 39.89
N GLN A 350 7.74 -47.66 39.74
CA GLN A 350 7.38 -47.21 38.43
C GLN A 350 8.54 -46.51 37.79
N LEU A 351 9.19 -45.57 38.50
CA LEU A 351 10.21 -44.80 37.84
C LEU A 351 11.43 -45.64 37.60
N GLN A 352 11.62 -46.73 38.36
CA GLN A 352 12.77 -47.55 38.08
C GLN A 352 12.62 -48.23 36.76
N ASN A 353 11.39 -48.23 36.22
CA ASN A 353 11.12 -48.88 34.97
C ASN A 353 11.47 -48.12 33.74
N LYS A 354 11.42 -46.78 33.93
CA LYS A 354 11.53 -45.72 32.94
C LYS A 354 10.84 -44.46 33.52
N GLN A 355 11.51 -43.77 34.44
CA GLN A 355 10.96 -42.63 35.21
C GLN A 355 10.10 -41.63 34.42
N PHE A 356 9.65 -40.54 35.06
CA PHE A 356 8.79 -39.62 34.34
C PHE A 356 9.59 -38.60 33.54
N LYS A 357 10.92 -38.76 33.54
CA LYS A 357 11.75 -38.06 32.57
C LYS A 357 11.67 -38.73 31.20
N ARG A 358 11.22 -39.98 31.18
CA ARG A 358 11.06 -40.71 29.93
C ARG A 358 9.63 -40.57 29.39
N ILE A 359 8.63 -40.50 30.32
CA ILE A 359 7.21 -40.43 30.04
C ILE A 359 6.80 -39.05 30.47
N ARG A 360 6.44 -38.14 29.54
CA ARG A 360 6.09 -36.80 29.94
C ARG A 360 4.78 -36.80 30.70
N LYS A 361 4.76 -36.13 31.86
CA LYS A 361 3.60 -35.98 32.71
C LYS A 361 3.33 -34.51 32.86
N SER A 362 2.27 -34.17 33.63
CA SER A 362 1.99 -32.79 33.93
C SER A 362 3.08 -32.34 34.84
N SER A 363 3.60 -31.11 34.64
CA SER A 363 4.67 -30.58 35.47
C SER A 363 4.72 -29.06 35.40
N SER A 364 5.29 -28.44 36.44
CA SER A 364 5.41 -27.02 36.49
C SER A 364 6.62 -26.67 35.70
N TYR A 365 7.47 -27.69 35.44
CA TYR A 365 8.66 -27.54 34.66
C TYR A 365 8.20 -27.23 33.28
N ASP A 366 8.97 -26.40 32.55
CA ASP A 366 8.56 -25.93 31.27
C ASP A 366 8.50 -27.09 30.33
N TYR A 367 9.41 -28.04 30.51
CA TYR A 367 9.46 -29.24 29.68
C TYR A 367 9.59 -30.48 30.55
N GLU A 368 9.01 -31.61 30.11
CA GLU A 368 9.18 -32.75 30.97
C GLU A 368 10.10 -33.67 30.27
N ALA A 369 10.59 -33.24 29.10
CA ALA A 369 11.58 -34.06 28.51
C ALA A 369 12.82 -33.27 28.32
N LEU A 370 13.94 -33.96 28.58
CA LEU A 370 15.30 -33.52 28.50
C LEU A 370 15.63 -33.22 27.08
N ASP A 371 14.99 -33.95 26.15
CA ASP A 371 15.30 -33.80 24.76
C ASP A 371 14.87 -32.45 24.30
N GLU A 372 13.89 -31.83 24.98
CA GLU A 372 13.38 -30.59 24.45
C GLU A 372 14.48 -29.57 24.40
N ALA A 373 15.10 -29.28 25.56
CA ALA A 373 16.16 -28.29 25.61
C ALA A 373 17.44 -28.82 25.04
N MET A 374 17.73 -30.11 25.27
CA MET A 374 18.96 -30.74 24.89
C MET A 374 19.11 -30.75 23.41
N SER A 375 17.99 -30.94 22.69
CA SER A 375 18.04 -31.08 21.27
C SER A 375 18.57 -29.83 20.63
N ILE A 376 18.54 -28.70 21.34
CA ILE A 376 19.08 -27.50 20.78
C ILE A 376 20.56 -27.62 20.58
N SER A 377 21.27 -28.24 21.54
CA SER A 377 22.69 -28.31 21.49
C SER A 377 23.13 -29.51 20.70
N VAL A 378 22.27 -30.56 20.64
CA VAL A 378 22.66 -31.76 19.95
C VAL A 378 22.45 -31.58 18.48
N GLU A 379 21.30 -31.01 18.09
CA GLU A 379 21.02 -30.86 16.69
C GLU A 379 21.94 -29.81 16.15
N MET A 380 22.47 -28.87 16.98
CA MET A 380 23.33 -27.86 16.38
C MET A 380 24.70 -28.53 16.42
N LEU A 381 24.90 -29.61 15.60
CA LEU A 381 26.20 -30.26 15.60
C LEU A 381 26.36 -30.77 14.19
N ARG A 382 27.10 -31.89 13.97
CA ARG A 382 27.29 -32.51 12.68
C ARG A 382 26.98 -34.00 12.77
N GLU A 383 26.41 -34.59 11.68
CA GLU A 383 25.94 -35.96 11.72
C GLU A 383 26.87 -36.94 12.41
N ASP A 384 28.15 -36.93 12.09
CA ASP A 384 29.09 -37.85 12.75
C ASP A 384 29.17 -37.69 14.28
N ILE A 385 29.30 -36.45 14.79
CA ILE A 385 29.35 -36.24 16.26
C ILE A 385 28.00 -36.21 16.98
N LYS A 386 26.89 -36.04 16.24
CA LYS A 386 25.53 -36.31 16.74
C LYS A 386 25.27 -37.79 17.02
N ASP A 387 25.72 -38.65 16.12
CA ASP A 387 25.73 -40.08 16.40
C ASP A 387 26.69 -40.45 17.51
N TYR A 388 27.89 -39.88 17.50
CA TYR A 388 28.81 -40.16 18.59
C TYR A 388 28.19 -39.81 19.95
N TYR A 389 27.53 -38.67 20.06
CA TYR A 389 26.87 -38.33 21.34
C TYR A 389 25.91 -39.42 21.83
N THR A 390 25.12 -39.94 20.92
CA THR A 390 24.12 -40.94 21.26
C THR A 390 24.80 -42.30 21.44
N ASP A 391 25.97 -42.47 20.86
CA ASP A 391 26.68 -43.75 20.96
C ASP A 391 27.29 -43.96 22.35
N LEU A 392 27.36 -42.92 23.15
CA LEU A 392 27.99 -43.01 24.46
C LEU A 392 27.17 -43.83 25.46
N SER A 393 25.92 -44.10 25.14
CA SER A 393 25.00 -44.77 26.09
C SER A 393 25.27 -46.27 26.25
N ILE A 394 26.21 -46.83 25.49
CA ILE A 394 26.55 -48.26 25.59
C ILE A 394 27.43 -48.60 26.79
N LEU A 395 27.92 -47.55 27.44
CA LEU A 395 28.80 -47.69 28.54
C LEU A 395 27.92 -47.88 29.74
N GLN A 396 28.27 -48.88 30.58
CA GLN A 396 27.66 -49.21 31.85
C GLN A 396 28.10 -48.16 32.81
N LYS A 397 27.15 -47.38 33.36
CA LYS A 397 27.42 -46.32 34.30
C LYS A 397 27.73 -47.03 35.57
N ASP A 398 28.45 -46.34 36.48
CA ASP A 398 28.75 -44.96 36.18
C ASP A 398 30.21 -44.83 36.40
N VAL A 399 30.93 -44.95 35.25
CA VAL A 399 32.36 -45.01 35.14
C VAL A 399 32.95 -43.97 34.24
N LYS A 400 34.04 -43.45 34.80
CA LYS A 400 34.94 -42.45 34.37
C LYS A 400 35.99 -43.12 33.52
N VAL A 401 35.86 -42.91 32.19
CA VAL A 401 36.70 -43.69 31.37
C VAL A 401 37.60 -42.74 30.67
N PRO A 402 38.72 -43.33 30.43
CA PRO A 402 39.83 -42.65 29.83
C PRO A 402 39.44 -42.54 28.41
N THR A 403 40.22 -41.74 27.59
CA THR A 403 39.81 -41.45 26.22
C THR A 403 39.88 -42.64 25.26
N LYS A 404 41.01 -43.36 25.33
CA LYS A 404 41.33 -44.44 24.39
C LYS A 404 40.13 -45.34 24.10
N VAL A 405 39.27 -45.51 25.11
CA VAL A 405 38.25 -46.58 25.07
C VAL A 405 37.24 -46.32 23.95
N LEU A 406 37.14 -45.08 23.49
CA LEU A 406 36.11 -44.69 22.51
C LEU A 406 36.64 -44.67 21.07
N CYS A 407 37.90 -44.98 20.88
CA CYS A 407 38.48 -45.01 19.55
C CYS A 407 37.82 -46.05 18.66
N ILE A 408 37.66 -47.25 19.22
CA ILE A 408 37.05 -48.37 18.50
C ILE A 408 35.61 -48.04 18.14
N LEU A 409 34.88 -47.48 19.10
CA LEU A 409 33.45 -47.16 18.94
C LEU A 409 33.26 -46.17 17.78
N TRP A 410 34.01 -45.08 17.82
CA TRP A 410 33.82 -44.00 16.85
C TRP A 410 34.54 -44.23 15.52
N ASP A 411 35.57 -45.12 15.54
CA ASP A 411 36.44 -45.40 14.45
C ASP A 411 37.29 -44.23 14.23
N MET A 412 37.57 -43.54 15.35
CA MET A 412 38.32 -42.34 15.28
C MET A 412 39.66 -42.53 15.94
N GLU A 413 40.60 -41.70 15.48
CA GLU A 413 41.94 -41.62 15.95
C GLU A 413 41.95 -40.93 17.26
N THR A 414 42.94 -41.30 18.12
CA THR A 414 42.99 -40.71 19.44
C THR A 414 42.80 -39.20 19.51
N GLU A 415 43.46 -38.45 18.64
CA GLU A 415 43.34 -36.99 18.64
C GLU A 415 41.94 -36.55 18.24
N GLU A 416 41.34 -37.29 17.30
CA GLU A 416 39.96 -37.05 16.85
C GLU A 416 38.94 -37.30 17.95
N VAL A 417 39.12 -38.38 18.70
CA VAL A 417 38.26 -38.72 19.83
C VAL A 417 38.38 -37.66 20.93
N GLU A 418 39.60 -37.25 21.22
CA GLU A 418 39.86 -36.27 22.26
C GLU A 418 39.18 -34.94 21.96
N ASP A 419 39.34 -34.42 20.74
CA ASP A 419 38.72 -33.16 20.34
C ASP A 419 37.19 -33.19 20.40
N ILE A 420 36.60 -34.27 19.92
CA ILE A 420 35.15 -34.43 19.94
C ILE A 420 34.61 -34.52 21.36
N LEU A 421 35.33 -35.21 22.24
CA LEU A 421 34.97 -35.27 23.66
C LEU A 421 35.05 -33.91 24.38
N GLN A 422 36.07 -33.11 24.08
CA GLN A 422 36.22 -31.75 24.64
C GLN A 422 35.06 -30.86 24.21
N GLU A 423 34.62 -31.03 22.96
CA GLU A 423 33.44 -30.33 22.48
C GLU A 423 32.18 -30.79 23.22
N PHE A 424 32.01 -32.09 23.40
CA PHE A 424 30.84 -32.59 24.15
C PHE A 424 30.76 -31.95 25.53
N VAL A 425 31.90 -31.90 26.20
CA VAL A 425 32.03 -31.25 27.49
C VAL A 425 31.67 -29.78 27.39
N ASN A 426 32.17 -29.13 26.33
CA ASN A 426 31.87 -27.72 26.04
C ASN A 426 30.40 -27.46 25.73
N LYS A 427 29.64 -28.51 25.41
CA LYS A 427 28.19 -28.41 25.14
C LYS A 427 27.28 -28.96 26.28
N SER A 428 27.87 -29.30 27.44
CA SER A 428 27.18 -29.94 28.63
C SER A 428 26.64 -31.34 28.36
N LEU A 429 27.24 -32.02 27.39
CA LEU A 429 26.82 -33.34 26.98
C LEU A 429 27.63 -34.45 27.66
N LEU A 430 28.67 -34.05 28.36
CA LEU A 430 29.68 -34.93 28.89
C LEU A 430 30.35 -34.19 30.04
N PHE A 431 30.66 -34.91 31.12
CA PHE A 431 31.39 -34.38 32.26
C PHE A 431 32.78 -34.93 32.23
N CYS A 432 33.72 -34.16 32.78
CA CYS A 432 35.15 -34.44 32.64
C CYS A 432 35.78 -34.37 33.99
N ASP A 433 36.30 -35.49 34.49
CA ASP A 433 37.13 -35.52 35.73
C ASP A 433 38.59 -35.52 35.25
N ARG A 434 39.20 -34.33 35.28
CA ARG A 434 40.57 -34.15 34.87
C ARG A 434 41.49 -34.79 35.91
N ASN A 435 41.96 -35.98 35.61
CA ASN A 435 42.86 -36.69 36.52
C ASN A 435 44.29 -36.22 36.27
N GLY A 436 44.55 -34.97 36.65
CA GLY A 436 45.85 -34.36 36.45
C GLY A 436 46.09 -34.08 34.98
N LYS A 437 46.99 -34.88 34.40
CA LYS A 437 47.24 -34.83 32.96
C LYS A 437 46.19 -35.64 32.14
N SER A 438 45.50 -36.57 32.78
CA SER A 438 44.46 -37.35 32.10
C SER A 438 43.04 -36.75 32.26
N PHE A 439 42.14 -37.14 31.34
CA PHE A 439 40.75 -36.65 31.30
C PHE A 439 39.78 -37.83 31.32
N ARG A 440 39.32 -38.21 32.51
CA ARG A 440 38.37 -39.31 32.65
C ARG A 440 36.93 -38.80 32.57
N TYR A 441 36.27 -39.18 31.47
CA TYR A 441 34.98 -38.62 31.13
C TYR A 441 33.86 -39.50 31.65
N TYR A 442 32.77 -38.84 32.05
CA TYR A 442 31.65 -39.55 32.64
C TYR A 442 30.33 -38.81 32.43
N LEU A 443 29.22 -39.49 32.77
CA LEU A 443 27.92 -38.93 32.59
C LEU A 443 27.24 -39.00 33.93
N HIS A 444 26.24 -38.17 34.21
CA HIS A 444 25.65 -38.43 35.47
C HIS A 444 24.63 -39.49 35.24
N ASP A 445 24.04 -40.02 36.31
CA ASP A 445 23.02 -41.11 36.27
C ASP A 445 21.87 -40.82 35.35
N LEU A 446 21.27 -39.64 35.53
CA LEU A 446 20.16 -39.22 34.69
C LEU A 446 20.60 -38.99 33.23
N GLN A 447 21.78 -38.42 33.05
CA GLN A 447 22.34 -38.17 31.74
C GLN A 447 22.50 -39.45 30.94
N VAL A 448 22.84 -40.55 31.62
CA VAL A 448 22.90 -41.86 30.95
C VAL A 448 21.48 -42.37 30.66
N ASP A 449 20.61 -42.30 31.68
CA ASP A 449 19.22 -42.81 31.58
C ASP A 449 18.46 -42.26 30.38
N PHE A 450 18.70 -40.99 30.06
CA PHE A 450 18.08 -40.37 28.90
C PHE A 450 18.33 -41.13 27.59
N LEU A 451 19.58 -41.41 27.25
CA LEU A 451 19.92 -42.07 25.99
C LEU A 451 19.59 -43.55 26.01
N THR A 452 19.60 -44.10 27.22
CA THR A 452 19.26 -45.50 27.44
C THR A 452 17.89 -45.81 26.84
N GLU A 453 16.96 -44.90 27.08
CA GLU A 453 15.60 -44.97 26.54
C GLU A 453 15.55 -44.46 25.06
N LYS A 454 16.21 -43.34 24.76
CA LYS A 454 16.18 -42.77 23.41
C LYS A 454 16.70 -43.70 22.31
N ASN A 455 17.76 -44.45 22.60
CA ASN A 455 18.36 -45.35 21.65
C ASN A 455 17.74 -46.71 21.77
N CYS A 456 17.64 -47.47 20.64
CA CYS A 456 17.04 -48.79 20.52
C CYS A 456 18.11 -49.79 20.15
N SER A 457 17.82 -50.53 19.07
CA SER A 457 18.54 -51.63 18.45
C SER A 457 19.85 -51.17 17.91
N GLN A 458 20.03 -49.83 17.73
CA GLN A 458 21.33 -49.40 17.32
C GLN A 458 22.33 -49.77 18.36
N LEU A 459 21.92 -49.79 19.64
CA LEU A 459 22.81 -50.16 20.70
C LEU A 459 23.33 -51.56 20.56
N GLN A 460 22.49 -52.54 20.19
CA GLN A 460 23.04 -53.85 20.04
C GLN A 460 23.97 -53.90 18.87
N ASP A 461 23.71 -53.11 17.82
CA ASP A 461 24.59 -53.06 16.69
C ASP A 461 25.91 -52.47 17.10
N LEU A 462 25.90 -51.49 18.03
CA LEU A 462 27.11 -50.87 18.47
C LEU A 462 27.89 -51.87 19.27
N HIS A 463 27.20 -52.69 20.09
CA HIS A 463 27.85 -53.68 20.91
C HIS A 463 28.58 -54.64 20.03
N LYS A 464 27.90 -55.14 18.98
CA LYS A 464 28.45 -56.15 18.13
C LYS A 464 29.56 -55.54 17.32
N LYS A 465 29.38 -54.28 16.89
CA LYS A 465 30.36 -53.64 16.04
C LYS A 465 31.69 -53.57 16.71
N ILE A 466 31.75 -53.09 17.97
CA ILE A 466 33.02 -52.78 18.57
C ILE A 466 33.73 -54.05 18.94
N ILE A 467 32.99 -55.17 19.03
CA ILE A 467 33.60 -56.45 19.27
C ILE A 467 34.45 -56.84 18.10
N THR A 468 33.89 -56.75 16.87
CA THR A 468 34.62 -57.12 15.69
C THR A 468 35.75 -56.15 15.49
N GLN A 469 35.47 -54.84 15.65
CA GLN A 469 36.43 -53.80 15.39
C GLN A 469 37.60 -53.93 16.30
N PHE A 470 37.35 -54.22 17.59
CA PHE A 470 38.39 -54.44 18.53
C PHE A 470 39.29 -55.54 18.05
N GLN A 471 38.71 -56.70 17.69
CA GLN A 471 39.47 -57.85 17.27
C GLN A 471 40.22 -57.54 16.00
N ARG A 472 39.74 -56.59 15.19
CA ARG A 472 40.46 -56.21 14.00
C ARG A 472 41.75 -55.52 14.35
N TYR A 473 41.81 -54.89 15.54
CA TYR A 473 42.99 -54.25 16.08
C TYR A 473 43.66 -54.99 17.20
N HIS A 474 43.13 -55.02 18.43
CA HIS A 474 43.92 -55.78 19.36
C HIS A 474 43.07 -56.83 19.95
N GLN A 475 43.70 -57.97 20.25
CA GLN A 475 42.93 -59.04 20.77
C GLN A 475 42.77 -58.72 22.20
N PRO A 476 41.67 -59.18 22.73
CA PRO A 476 41.28 -58.94 24.09
C PRO A 476 42.18 -59.67 25.06
N HIS A 477 42.97 -60.64 24.56
CA HIS A 477 43.84 -61.40 25.40
C HIS A 477 45.21 -60.82 25.28
N THR A 478 45.45 -60.13 24.13
CA THR A 478 46.66 -59.45 23.77
C THR A 478 46.69 -58.28 24.67
N LEU A 479 45.50 -57.71 24.86
CA LEU A 479 45.28 -56.56 25.65
C LEU A 479 45.92 -56.76 26.98
N SER A 480 47.01 -55.97 27.11
CA SER A 480 48.03 -55.90 28.12
C SER A 480 47.58 -54.83 29.03
N PRO A 481 48.07 -54.79 30.23
CA PRO A 481 47.75 -53.76 31.17
C PRO A 481 48.40 -52.44 30.84
N ASP A 482 49.26 -52.41 29.81
CA ASP A 482 49.97 -51.22 29.44
C ASP A 482 49.01 -50.30 28.74
N GLN A 483 47.83 -50.80 28.34
CA GLN A 483 46.95 -49.86 27.68
C GLN A 483 46.14 -49.00 28.61
N GLU A 484 45.47 -48.01 27.97
CA GLU A 484 44.72 -47.08 28.76
C GLU A 484 43.42 -47.72 29.04
N ASP A 485 42.93 -48.49 28.02
CA ASP A 485 41.65 -49.16 27.93
C ASP A 485 41.81 -50.56 28.33
N CYS A 486 42.99 -50.84 28.89
CA CYS A 486 43.31 -52.19 29.31
C CYS A 486 42.25 -52.83 30.18
N MET A 487 41.80 -52.16 31.25
CA MET A 487 40.79 -52.74 32.10
C MET A 487 39.43 -52.44 31.57
N TYR A 488 39.33 -51.46 30.65
CA TYR A 488 38.04 -51.11 30.13
C TYR A 488 37.40 -52.36 29.61
N TRP A 489 38.06 -53.05 28.67
CA TRP A 489 37.47 -54.13 27.93
C TRP A 489 37.19 -55.31 28.82
N TYR A 490 37.84 -55.40 30.00
CA TYR A 490 37.54 -56.52 30.85
C TYR A 490 36.38 -56.16 31.70
N ASN A 491 36.18 -54.85 31.93
CA ASN A 491 35.10 -54.45 32.79
C ASN A 491 33.77 -54.42 32.05
N PHE A 492 33.81 -54.17 30.73
CA PHE A 492 32.69 -53.97 29.83
C PHE A 492 32.46 -54.85 28.63
N LEU A 493 33.45 -55.64 28.14
CA LEU A 493 33.20 -56.42 26.95
C LEU A 493 32.13 -57.45 27.15
N ALA A 494 32.10 -58.09 28.33
CA ALA A 494 31.09 -59.06 28.62
C ALA A 494 29.77 -58.38 28.68
N TYR A 495 29.75 -57.14 29.22
CA TYR A 495 28.56 -56.35 29.28
C TYR A 495 28.05 -56.08 27.90
N HIS A 496 28.94 -55.79 26.94
CA HIS A 496 28.54 -55.50 25.60
C HIS A 496 27.88 -56.70 24.97
N MET A 497 28.48 -57.89 25.14
CA MET A 497 27.97 -59.08 24.51
C MET A 497 26.64 -59.42 25.11
N ALA A 498 26.51 -59.26 26.44
CA ALA A 498 25.30 -59.57 27.15
C ALA A 498 24.21 -58.65 26.71
N SER A 499 24.52 -57.36 26.54
CA SER A 499 23.53 -56.38 26.19
C SER A 499 23.05 -56.69 24.80
N ALA A 500 23.98 -57.13 23.94
CA ALA A 500 23.79 -57.46 22.56
C ALA A 500 22.98 -58.72 22.45
N LYS A 501 22.87 -59.48 23.56
CA LYS A 501 22.12 -60.71 23.59
C LYS A 501 22.79 -61.68 22.65
N MET A 502 24.12 -61.62 22.56
CA MET A 502 24.84 -62.55 21.75
C MET A 502 25.39 -63.59 22.68
N HIS A 503 24.53 -64.49 23.17
CA HIS A 503 24.94 -65.47 24.15
C HIS A 503 25.97 -66.39 23.59
N LYS A 504 26.04 -66.56 22.26
CA LYS A 504 27.06 -67.42 21.73
C LYS A 504 28.41 -66.77 21.84
N GLU A 505 28.46 -65.43 21.69
CA GLU A 505 29.72 -64.74 21.81
C GLU A 505 30.09 -64.59 23.26
N LEU A 506 29.10 -64.43 24.15
CA LEU A 506 29.38 -64.28 25.55
C LEU A 506 29.93 -65.58 26.06
N CYS A 507 29.39 -66.71 25.57
CA CYS A 507 29.90 -67.99 25.96
C CYS A 507 31.31 -68.13 25.51
N ALA A 508 31.60 -67.77 24.26
CA ALA A 508 32.92 -67.98 23.74
C ALA A 508 33.88 -67.12 24.51
N LEU A 509 33.45 -65.91 24.91
CA LEU A 509 34.37 -65.02 25.57
C LEU A 509 34.73 -65.51 26.96
N MET A 510 33.72 -65.65 27.85
CA MET A 510 33.92 -65.97 29.24
C MET A 510 34.25 -67.40 29.52
N PHE A 511 33.92 -68.35 28.62
CA PHE A 511 34.35 -69.69 28.93
C PHE A 511 35.74 -69.80 28.44
N SER A 512 36.68 -69.16 29.16
CA SER A 512 38.04 -69.19 28.70
C SER A 512 38.93 -68.88 29.85
N LEU A 513 39.95 -69.73 30.05
CA LEU A 513 40.88 -69.64 31.14
C LEU A 513 41.87 -68.57 30.83
N ASP A 514 42.00 -68.21 29.54
CA ASP A 514 42.84 -67.10 29.14
C ASP A 514 42.15 -65.82 29.47
N TRP A 515 40.85 -65.71 29.13
CA TRP A 515 40.08 -64.56 29.47
C TRP A 515 40.06 -64.38 30.96
N ILE A 516 39.87 -65.48 31.72
CA ILE A 516 39.80 -65.34 33.15
C ILE A 516 41.13 -64.87 33.65
N LYS A 517 42.22 -65.50 33.17
CA LYS A 517 43.54 -65.18 33.65
C LYS A 517 43.78 -63.70 33.53
N ALA A 518 43.55 -63.12 32.34
CA ALA A 518 43.85 -61.73 32.10
C ALA A 518 43.01 -60.83 32.96
N LYS A 519 41.70 -61.13 33.07
CA LYS A 519 40.76 -60.32 33.77
C LYS A 519 41.06 -60.30 35.23
N THR A 520 41.55 -61.43 35.78
CA THR A 520 41.86 -61.53 37.18
C THR A 520 43.20 -60.97 37.48
N GLU A 521 44.07 -60.79 36.47
CA GLU A 521 45.34 -60.23 36.77
C GLU A 521 45.27 -58.74 36.56
N LEU A 522 44.27 -58.26 35.79
CA LEU A 522 44.20 -56.84 35.55
C LEU A 522 43.16 -56.17 36.42
N VAL A 523 41.97 -56.79 36.53
CA VAL A 523 40.82 -56.35 37.28
C VAL A 523 40.54 -57.01 38.60
N GLY A 524 40.42 -58.35 38.66
CA GLY A 524 40.23 -58.99 39.93
C GLY A 524 39.08 -59.94 39.74
N PRO A 525 39.03 -60.95 40.57
CA PRO A 525 38.02 -62.00 40.47
C PRO A 525 36.64 -61.76 41.01
N ALA A 526 36.40 -60.77 41.87
CA ALA A 526 35.06 -60.56 42.39
C ALA A 526 34.06 -60.16 41.35
N HIS A 527 34.41 -59.22 40.47
CA HIS A 527 33.51 -58.79 39.42
C HIS A 527 33.22 -59.96 38.52
N LEU A 528 34.24 -60.76 38.23
CA LEU A 528 34.10 -61.89 37.37
C LEU A 528 33.06 -62.81 37.94
N ILE A 529 33.18 -63.16 39.24
CA ILE A 529 32.28 -64.10 39.84
C ILE A 529 30.89 -63.55 39.74
N HIS A 530 30.73 -62.25 39.97
CA HIS A 530 29.44 -61.59 39.97
C HIS A 530 28.78 -61.76 38.64
N GLU A 531 29.58 -61.82 37.56
CA GLU A 531 29.06 -61.92 36.22
C GLU A 531 28.63 -63.33 35.95
N PHE A 532 29.43 -64.31 36.42
CA PHE A 532 29.07 -65.67 36.18
C PHE A 532 27.77 -65.96 36.87
N VAL A 533 27.51 -65.27 37.99
CA VAL A 533 26.24 -65.42 38.65
C VAL A 533 25.14 -64.68 37.91
N GLU A 534 25.34 -63.39 37.57
CA GLU A 534 24.27 -62.60 37.00
C GLU A 534 23.85 -63.10 35.65
N TYR A 535 24.79 -63.65 34.87
CA TYR A 535 24.63 -64.16 33.52
C TYR A 535 24.03 -65.54 33.43
N ARG A 536 23.79 -66.20 34.57
CA ARG A 536 23.10 -67.48 34.64
C ARG A 536 21.73 -67.42 33.99
N HIS A 537 21.01 -66.28 34.09
CA HIS A 537 19.73 -66.09 33.44
C HIS A 537 19.85 -65.60 32.02
N ILE A 538 21.08 -65.24 31.57
CA ILE A 538 21.35 -64.74 30.25
C ILE A 538 21.71 -65.85 29.29
N LEU A 539 22.52 -66.82 29.73
CA LEU A 539 23.02 -67.90 28.92
C LEU A 539 22.03 -69.00 28.70
N ASP A 540 22.39 -69.88 27.76
CA ASP A 540 21.60 -70.97 27.29
C ASP A 540 21.71 -72.04 28.34
N GLU A 541 20.87 -73.11 28.23
CA GLU A 541 20.79 -74.12 29.24
C GLU A 541 22.13 -74.79 29.44
N LYS A 542 22.71 -75.38 28.38
CA LYS A 542 23.99 -76.03 28.50
C LYS A 542 25.02 -75.07 29.03
N ASP A 543 24.96 -73.79 28.57
CA ASP A 543 25.93 -72.78 28.87
C ASP A 543 25.89 -72.48 30.34
N CYS A 544 24.68 -72.49 30.92
CA CYS A 544 24.50 -72.21 32.31
C CYS A 544 25.11 -73.31 33.11
N ALA A 545 24.95 -74.57 32.65
CA ALA A 545 25.53 -75.69 33.33
C ALA A 545 27.02 -75.56 33.33
N VAL A 546 27.61 -75.03 32.23
CA VAL A 546 29.03 -74.87 32.18
C VAL A 546 29.42 -73.75 33.08
N SER A 547 28.62 -72.67 33.09
CA SER A 547 29.00 -71.51 33.80
C SER A 547 28.99 -71.82 35.27
N GLU A 548 28.15 -72.79 35.68
CA GLU A 548 28.10 -73.21 37.05
C GLU A 548 29.37 -73.90 37.41
N ASN A 549 30.00 -74.60 36.44
CA ASN A 549 31.29 -75.21 36.69
C ASN A 549 32.29 -74.11 36.90
N PHE A 550 32.12 -72.98 36.21
CA PHE A 550 33.01 -71.87 36.38
C PHE A 550 32.77 -71.19 37.69
N GLN A 551 31.51 -71.17 38.17
CA GLN A 551 31.21 -70.58 39.44
C GLN A 551 31.93 -71.29 40.54
N GLU A 552 32.06 -72.63 40.44
CA GLU A 552 32.78 -73.38 41.44
C GLU A 552 34.25 -73.30 41.18
N PHE A 553 34.65 -73.25 39.89
CA PHE A 553 36.03 -73.19 39.51
C PHE A 553 36.67 -72.03 40.21
N LEU A 554 36.02 -70.86 40.16
CA LEU A 554 36.59 -69.63 40.63
C LEU A 554 36.79 -69.60 42.13
N SER A 555 36.29 -70.62 42.84
CA SER A 555 36.42 -70.62 44.27
C SER A 555 37.80 -71.10 44.64
N LEU A 556 38.50 -71.66 43.64
CA LEU A 556 39.80 -72.26 43.80
C LEU A 556 40.82 -71.19 43.95
N ASN A 557 40.58 -70.03 43.33
CA ASN A 557 41.55 -68.98 43.25
C ASN A 557 41.04 -67.93 44.16
N GLY A 558 41.75 -66.80 44.25
CA GLY A 558 41.30 -65.75 45.11
C GLY A 558 42.12 -65.97 46.32
N HIS A 559 43.15 -66.81 46.15
CA HIS A 559 43.96 -67.08 47.28
C HIS A 559 45.24 -66.40 46.86
N LEU A 560 45.72 -66.80 45.67
CA LEU A 560 46.92 -66.35 45.04
C LEU A 560 46.69 -65.09 44.27
N LEU A 561 45.42 -64.83 43.91
CA LEU A 561 45.16 -63.62 43.21
C LEU A 561 45.31 -62.40 44.08
N GLY A 562 46.05 -61.42 43.52
CA GLY A 562 46.42 -60.20 44.17
C GLY A 562 47.67 -60.37 44.96
N ARG A 563 48.26 -61.58 44.92
CA ARG A 563 49.44 -61.80 45.71
C ARG A 563 50.39 -62.58 44.85
N GLN A 564 51.60 -62.90 45.37
CA GLN A 564 52.51 -63.71 44.64
C GLN A 564 52.65 -65.00 45.40
N PRO A 565 52.76 -66.11 44.73
CA PRO A 565 52.76 -66.16 43.30
C PRO A 565 51.36 -66.07 42.78
N PHE A 566 51.21 -66.00 41.44
CA PHE A 566 49.90 -65.97 40.86
C PHE A 566 49.58 -67.30 40.33
N PRO A 567 48.31 -67.52 40.31
CA PRO A 567 47.83 -68.80 39.88
C PRO A 567 47.92 -68.83 38.40
N ASN A 568 48.00 -70.05 37.86
CA ASN A 568 48.07 -70.26 36.46
C ASN A 568 46.64 -70.67 36.30
N ILE A 569 45.80 -69.80 35.70
CA ILE A 569 44.41 -70.17 35.65
C ILE A 569 44.22 -71.34 34.74
N VAL A 570 45.07 -71.46 33.71
CA VAL A 570 44.94 -72.50 32.73
C VAL A 570 45.11 -73.84 33.39
N GLN A 571 46.19 -74.00 34.17
CA GLN A 571 46.52 -75.27 34.77
C GLN A 571 45.58 -75.51 35.92
N LEU A 572 45.00 -74.44 36.49
CA LEU A 572 44.12 -74.56 37.62
C LEU A 572 42.97 -75.43 37.26
N GLY A 573 42.57 -75.43 35.98
CA GLY A 573 41.42 -76.13 35.49
C GLY A 573 41.57 -77.60 35.72
N LEU A 574 42.82 -78.07 35.81
CA LEU A 574 43.13 -79.47 35.84
C LEU A 574 42.78 -80.04 37.19
N CYS A 575 42.56 -79.17 38.18
CA CYS A 575 42.17 -79.52 39.52
C CYS A 575 40.68 -79.74 39.63
N GLU A 576 39.89 -79.37 38.61
CA GLU A 576 38.46 -79.55 38.66
C GLU A 576 38.11 -80.99 38.49
N PRO A 577 36.95 -81.35 38.98
CA PRO A 577 36.47 -82.70 38.88
C PRO A 577 36.36 -83.08 37.44
N GLU A 578 36.45 -84.39 37.15
CA GLU A 578 36.34 -84.88 35.81
C GLU A 578 35.01 -84.49 35.26
N THR A 579 33.99 -84.45 36.14
CA THR A 579 32.67 -84.13 35.68
C THR A 579 32.66 -82.73 35.14
N SER A 580 33.39 -81.82 35.81
CA SER A 580 33.43 -80.43 35.44
C SER A 580 33.93 -80.22 34.04
N GLU A 581 33.20 -79.35 33.30
CA GLU A 581 33.51 -78.93 31.95
C GLU A 581 34.82 -78.20 31.95
N VAL A 582 35.16 -77.53 33.06
CA VAL A 582 36.40 -76.79 33.06
C VAL A 582 37.55 -77.73 32.99
N TYR A 583 37.45 -78.87 33.71
CA TYR A 583 38.48 -79.88 33.67
C TYR A 583 38.57 -80.47 32.30
N GLN A 584 37.42 -80.87 31.74
CA GLN A 584 37.44 -81.63 30.52
C GLN A 584 38.01 -80.78 29.43
N GLN A 585 37.71 -79.47 29.49
CA GLN A 585 38.21 -78.55 28.51
C GLN A 585 39.69 -78.39 28.70
N ALA A 586 40.15 -78.11 29.94
CA ALA A 586 41.53 -77.84 30.19
C ALA A 586 42.34 -79.09 29.97
N LYS A 587 41.79 -80.26 30.36
CA LYS A 587 42.53 -81.48 30.22
C LYS A 587 42.67 -81.85 28.78
N LEU A 588 41.59 -81.71 27.99
CA LEU A 588 41.69 -82.04 26.59
C LEU A 588 42.67 -81.12 25.93
N GLN A 589 42.64 -79.82 26.30
CA GLN A 589 43.53 -78.84 25.76
C GLN A 589 44.94 -79.17 26.14
N ALA A 590 45.15 -79.72 27.36
CA ALA A 590 46.49 -80.04 27.75
C ALA A 590 46.95 -81.15 26.87
N LYS A 591 46.03 -82.06 26.51
CA LYS A 591 46.39 -83.17 25.68
C LYS A 591 46.67 -82.70 24.27
N GLN A 592 45.95 -81.68 23.84
CA GLN A 592 46.12 -81.13 22.50
C GLN A 592 47.46 -80.42 22.35
N GLU A 593 47.79 -79.59 23.33
CA GLU A 593 49.05 -78.85 23.32
C GLU A 593 50.24 -79.78 23.53
N VAL A 594 51.12 -79.84 22.53
CA VAL A 594 52.30 -80.69 22.60
C VAL A 594 53.34 -80.10 23.56
N ASP A 595 54.19 -81.19 23.66
CA ASP A 595 55.35 -81.17 24.55
C ASP A 595 55.43 -79.85 25.32
N ASN A 596 54.81 -79.82 26.50
CA ASN A 596 54.82 -78.63 27.33
C ASN A 596 55.47 -78.88 28.69
N GLY A 597 56.59 -79.59 28.68
CA GLY A 597 57.30 -79.89 29.91
C GLY A 597 56.50 -79.56 31.15
N MET A 598 55.60 -78.58 31.03
CA MET A 598 54.78 -78.17 32.13
C MET A 598 54.62 -79.21 33.20
N LEU A 599 54.43 -80.51 32.86
CA LEU A 599 54.35 -81.55 33.86
C LEU A 599 53.14 -81.37 34.73
N TYR A 600 52.19 -82.32 34.67
CA TYR A 600 51.07 -82.23 35.57
C TYR A 600 50.91 -83.55 36.25
N LEU A 601 50.20 -83.56 37.41
CA LEU A 601 50.03 -84.79 38.14
C LEU A 601 48.57 -85.09 38.09
N GLU A 602 48.18 -86.39 38.02
CA GLU A 602 46.78 -86.68 38.14
C GLU A 602 46.47 -87.16 39.54
N TRP A 603 45.54 -86.48 40.23
CA TRP A 603 45.18 -86.84 41.57
C TRP A 603 44.11 -87.89 41.50
N ILE A 604 44.48 -89.15 41.81
CA ILE A 604 43.65 -90.31 41.58
C ILE A 604 42.38 -90.28 42.38
N ASN A 605 42.47 -90.02 43.71
CA ASN A 605 41.26 -90.12 44.48
C ASN A 605 40.78 -88.74 44.81
N LYS A 606 40.91 -87.83 43.84
CA LYS A 606 40.57 -86.45 44.05
C LYS A 606 39.13 -86.44 44.41
N LYS A 607 38.36 -87.36 43.80
CA LYS A 607 36.93 -87.35 43.94
C LYS A 607 36.49 -87.80 45.31
N ASN A 608 37.38 -88.46 46.09
CA ASN A 608 36.95 -89.02 47.35
C ASN A 608 37.31 -88.13 48.50
N ILE A 609 38.25 -87.18 48.27
CA ILE A 609 38.86 -86.31 49.24
C ILE A 609 38.33 -84.92 49.02
N THR A 610 38.73 -83.97 49.90
CA THR A 610 38.38 -82.56 49.91
C THR A 610 36.91 -82.32 49.99
N ASN A 611 36.44 -82.09 51.26
CA ASN A 611 35.10 -81.62 51.48
C ASN A 611 35.08 -80.14 51.33
N LEU A 612 35.02 -79.70 50.05
CA LEU A 612 35.14 -78.33 49.69
C LEU A 612 34.04 -77.54 50.29
N SER A 613 34.44 -76.50 51.04
CA SER A 613 33.51 -75.58 51.63
C SER A 613 33.05 -74.64 50.56
N ARG A 614 32.04 -73.82 50.91
CA ARG A 614 31.39 -73.03 49.90
C ARG A 614 32.26 -71.86 49.56
N LEU A 615 32.97 -71.28 50.53
CA LEU A 615 33.74 -70.11 50.18
C LEU A 615 34.89 -69.91 51.12
N VAL A 616 36.06 -69.51 50.56
CA VAL A 616 37.23 -69.27 51.37
C VAL A 616 37.54 -67.80 51.35
N VAL A 617 37.55 -67.15 52.52
CA VAL A 617 37.80 -65.72 52.58
C VAL A 617 38.95 -65.44 53.52
N ARG A 618 39.94 -64.62 53.08
CA ARG A 618 41.00 -64.21 53.97
C ARG A 618 41.13 -62.69 53.94
N PRO A 619 40.45 -62.04 54.84
CA PRO A 619 40.34 -60.59 54.88
C PRO A 619 41.49 -59.84 55.48
N HIS A 620 42.37 -60.48 56.28
CA HIS A 620 43.44 -59.71 56.87
C HIS A 620 44.74 -60.44 56.74
N THR A 621 45.82 -59.63 56.66
CA THR A 621 47.17 -60.11 56.65
C THR A 621 47.61 -60.39 58.06
N ASP A 622 46.91 -59.76 59.04
CA ASP A 622 47.16 -59.98 60.44
C ASP A 622 46.04 -60.74 61.07
N ALA A 623 46.17 -60.97 62.40
CA ALA A 623 45.23 -61.74 63.14
C ALA A 623 43.88 -61.12 63.05
N VAL A 624 42.84 -61.96 62.85
CA VAL A 624 41.51 -61.43 62.77
C VAL A 624 40.89 -61.57 64.14
N TYR A 625 40.31 -60.47 64.64
CA TYR A 625 39.75 -60.46 65.97
C TYR A 625 38.25 -60.48 66.01
N HIS A 626 37.58 -59.82 65.05
CA HIS A 626 36.14 -59.81 65.06
C HIS A 626 35.66 -59.55 63.66
N ALA A 627 34.48 -60.12 63.31
CA ALA A 627 33.89 -59.95 62.01
C ALA A 627 32.41 -60.10 62.18
N CYS A 628 31.61 -59.45 61.30
CA CYS A 628 30.18 -59.59 61.44
C CYS A 628 29.50 -59.16 60.17
N PHE A 629 28.19 -59.52 60.03
CA PHE A 629 27.38 -59.20 58.88
C PHE A 629 26.68 -57.89 59.09
N SER A 630 26.50 -57.14 57.98
CA SER A 630 25.73 -55.94 58.02
C SER A 630 24.32 -56.38 58.23
N GLU A 631 23.45 -55.50 58.75
CA GLU A 631 22.11 -55.90 59.10
C GLU A 631 21.40 -56.31 57.85
N ASP A 632 21.69 -55.59 56.76
CA ASP A 632 21.18 -55.78 55.43
C ASP A 632 21.66 -57.09 54.87
N GLY A 633 22.85 -57.56 55.27
CA GLY A 633 23.37 -58.80 54.78
C GLY A 633 24.11 -58.53 53.50
N GLN A 634 24.29 -57.23 53.21
CA GLN A 634 24.93 -56.79 52.00
C GLN A 634 26.42 -56.83 52.15
N ARG A 635 26.97 -56.58 53.36
CA ARG A 635 28.40 -56.51 53.44
C ARG A 635 28.91 -57.06 54.73
N ILE A 636 30.20 -57.40 54.76
CA ILE A 636 30.83 -57.98 55.93
C ILE A 636 31.93 -57.08 56.39
N ALA A 637 31.93 -56.75 57.70
CA ALA A 637 32.97 -55.92 58.25
C ALA A 637 33.83 -56.83 59.06
N SER A 638 35.16 -56.59 59.04
CA SER A 638 36.03 -57.34 59.90
C SER A 638 37.12 -56.43 60.37
N CYS A 639 37.70 -56.74 61.55
CA CYS A 639 38.71 -55.91 62.12
C CYS A 639 39.65 -56.76 62.93
N GLY A 640 40.87 -56.25 63.19
CA GLY A 640 41.86 -57.11 63.79
C GLY A 640 43.09 -56.34 64.16
N ALA A 641 44.22 -57.07 64.17
CA ALA A 641 45.52 -56.68 64.64
C ALA A 641 46.21 -55.79 63.64
N ASP A 642 45.59 -55.57 62.46
CA ASP A 642 46.17 -54.73 61.45
C ASP A 642 45.83 -53.28 61.71
N LYS A 643 45.07 -53.02 62.78
CA LYS A 643 44.74 -51.70 63.26
C LYS A 643 43.78 -50.98 62.36
N THR A 644 43.17 -51.67 61.37
CA THR A 644 42.26 -50.98 60.49
C THR A 644 40.94 -51.70 60.44
N LEU A 645 39.97 -51.09 59.74
CA LEU A 645 38.64 -51.63 59.61
C LEU A 645 38.53 -51.98 58.15
N GLN A 646 38.26 -53.26 57.83
CA GLN A 646 38.11 -53.61 56.44
C GLN A 646 36.73 -54.13 56.20
N VAL A 647 36.01 -53.47 55.26
CA VAL A 647 34.66 -53.89 54.98
C VAL A 647 34.58 -54.21 53.53
N PHE A 648 33.95 -55.36 53.21
CA PHE A 648 33.90 -55.84 51.85
C PHE A 648 32.53 -56.38 51.56
N LYS A 649 32.15 -56.42 50.26
CA LYS A 649 30.82 -56.83 49.89
C LYS A 649 30.70 -58.31 50.13
N ALA A 650 29.57 -58.72 50.72
CA ALA A 650 29.37 -60.11 51.05
C ALA A 650 29.18 -60.89 49.79
N GLU A 651 28.57 -60.26 48.76
CA GLU A 651 28.34 -60.99 47.55
C GLU A 651 29.61 -61.35 46.83
N THR A 652 30.42 -60.33 46.50
CA THR A 652 31.60 -60.44 45.67
C THR A 652 32.93 -60.46 46.35
N GLY A 653 33.04 -59.84 47.55
CA GLY A 653 34.31 -59.86 48.23
C GLY A 653 35.01 -58.60 47.84
N GLU A 654 34.35 -57.75 47.02
CA GLU A 654 34.99 -56.52 46.60
C GLU A 654 35.12 -55.66 47.81
N LYS A 655 36.34 -55.13 48.06
CA LYS A 655 36.56 -54.25 49.16
C LYS A 655 35.86 -52.94 49.02
N LEU A 656 35.07 -52.58 50.05
CA LEU A 656 34.26 -51.39 50.10
C LEU A 656 34.84 -50.29 50.97
N LEU A 657 35.35 -50.63 52.18
CA LEU A 657 35.86 -49.59 53.04
C LEU A 657 37.25 -49.96 53.51
N GLU A 658 38.19 -49.00 53.42
CA GLU A 658 39.51 -49.20 53.94
C GLU A 658 39.75 -48.07 54.90
N ILE A 659 39.39 -48.28 56.18
CA ILE A 659 39.38 -47.19 57.12
C ILE A 659 40.42 -47.46 58.16
N LYS A 660 41.41 -46.54 58.29
CA LYS A 660 42.48 -46.72 59.24
C LYS A 660 41.94 -46.23 60.55
N ALA A 661 41.10 -47.06 61.18
CA ALA A 661 40.38 -46.75 62.40
C ALA A 661 41.25 -46.48 63.61
N HIS A 662 42.21 -47.36 63.95
CA HIS A 662 42.90 -47.10 65.20
C HIS A 662 44.40 -47.14 65.04
N GLU A 663 45.05 -46.61 66.09
CA GLU A 663 46.47 -46.57 66.32
C GLU A 663 46.93 -47.82 67.01
N ASP A 664 46.00 -48.73 67.37
CA ASP A 664 46.39 -49.96 68.03
C ASP A 664 45.43 -51.03 67.59
N GLU A 665 45.70 -52.29 67.95
CA GLU A 665 44.96 -53.45 67.51
C GLU A 665 43.50 -53.34 67.87
N VAL A 666 42.63 -53.56 66.84
CA VAL A 666 41.22 -53.38 66.96
C VAL A 666 40.60 -54.68 67.39
N LEU A 667 40.14 -54.71 68.66
CA LEU A 667 39.58 -55.84 69.37
C LEU A 667 38.19 -56.25 68.94
N CYS A 668 37.28 -55.29 68.66
CA CYS A 668 36.01 -55.72 68.10
C CYS A 668 35.40 -54.58 67.34
N CYS A 669 34.33 -54.86 66.57
CA CYS A 669 33.71 -53.85 65.74
C CYS A 669 32.33 -54.32 65.36
N ALA A 670 31.38 -53.38 65.15
CA ALA A 670 30.01 -53.78 64.95
C ALA A 670 29.26 -52.73 64.18
N PHE A 671 28.14 -53.14 63.57
CA PHE A 671 27.32 -52.30 62.73
C PHE A 671 26.33 -51.62 63.63
N SER A 672 25.87 -50.41 63.23
CA SER A 672 24.75 -49.78 63.87
C SER A 672 23.48 -50.35 63.28
N THR A 673 22.32 -49.94 63.82
CA THR A 673 21.04 -50.45 63.42
C THR A 673 20.88 -50.37 61.93
N ASP A 674 21.10 -49.18 61.36
CA ASP A 674 20.88 -48.80 59.99
C ASP A 674 22.04 -49.11 59.09
N ASP A 675 23.17 -49.62 59.61
CA ASP A 675 24.33 -49.88 58.79
C ASP A 675 24.82 -48.54 58.32
N ARG A 676 24.45 -47.47 59.04
CA ARG A 676 24.90 -46.16 58.68
C ARG A 676 26.18 -45.88 59.42
N PHE A 677 26.35 -46.50 60.61
CA PHE A 677 27.61 -46.35 61.30
C PHE A 677 28.19 -47.69 61.63
N ILE A 678 29.53 -47.70 61.79
CA ILE A 678 30.27 -48.86 62.23
C ILE A 678 31.13 -48.38 63.35
N ALA A 679 31.04 -49.02 64.52
CA ALA A 679 31.83 -48.60 65.64
C ALA A 679 32.92 -49.61 65.83
N THR A 680 34.10 -49.13 66.26
CA THR A 680 35.20 -50.01 66.51
C THR A 680 35.66 -49.72 67.90
N CYS A 681 36.12 -50.75 68.63
CA CYS A 681 36.65 -50.53 69.95
C CYS A 681 37.92 -51.30 70.04
N SER A 682 38.97 -50.71 70.66
CA SER A 682 40.27 -51.30 70.50
C SER A 682 41.08 -51.21 71.77
N VAL A 683 42.35 -51.63 71.64
CA VAL A 683 43.35 -51.68 72.67
C VAL A 683 43.65 -50.30 73.16
N ASP A 684 43.41 -49.28 72.32
CA ASP A 684 43.76 -47.92 72.64
C ASP A 684 42.72 -47.36 73.56
N LYS A 685 41.72 -48.21 73.92
CA LYS A 685 40.76 -47.89 74.94
C LYS A 685 39.87 -46.78 74.48
N LYS A 686 39.72 -46.61 73.15
CA LYS A 686 38.81 -45.62 72.64
C LYS A 686 37.70 -46.30 71.90
N VAL A 687 36.48 -45.73 72.01
CA VAL A 687 35.31 -46.21 71.34
C VAL A 687 35.08 -45.24 70.22
N LYS A 688 35.19 -45.67 68.94
CA LYS A 688 35.02 -44.70 67.89
C LYS A 688 33.96 -45.13 66.93
N ILE A 689 33.00 -44.21 66.68
CA ILE A 689 31.91 -44.52 65.79
C ILE A 689 32.22 -43.85 64.48
N TRP A 690 32.30 -44.62 63.39
CA TRP A 690 32.67 -44.03 62.14
C TRP A 690 31.49 -44.03 61.22
N ASN A 691 31.44 -43.03 60.31
CA ASN A 691 30.38 -43.01 59.33
C ASN A 691 30.74 -44.11 58.40
N SER A 692 29.80 -45.03 58.16
CA SER A 692 30.10 -46.14 57.30
C SER A 692 30.27 -45.67 55.90
N MET A 693 29.73 -44.48 55.57
CA MET A 693 29.87 -43.97 54.22
C MET A 693 31.27 -43.54 53.87
N THR A 694 31.83 -42.58 54.65
CA THR A 694 33.12 -41.99 54.40
C THR A 694 34.20 -42.51 55.29
N GLY A 695 33.82 -42.99 56.49
CA GLY A 695 34.79 -43.53 57.40
C GLY A 695 35.33 -42.43 58.27
N GLU A 696 34.60 -41.29 58.37
CA GLU A 696 35.06 -40.21 59.20
C GLU A 696 34.53 -40.42 60.59
N LEU A 697 35.27 -39.90 61.60
CA LEU A 697 34.90 -40.03 62.99
C LEU A 697 33.70 -39.15 63.20
N VAL A 698 32.62 -39.74 63.75
CA VAL A 698 31.33 -39.18 64.07
C VAL A 698 31.13 -38.94 65.54
N HIS A 699 31.31 -39.96 66.41
CA HIS A 699 31.20 -39.92 67.86
C HIS A 699 32.43 -40.59 68.40
N THR A 700 32.90 -40.15 69.58
CA THR A 700 34.00 -40.87 70.19
C THR A 700 33.84 -40.83 71.69
N TYR A 701 34.14 -41.97 72.36
CA TYR A 701 33.89 -42.09 73.76
C TYR A 701 35.10 -42.72 74.40
N ASP A 702 35.45 -42.32 75.64
CA ASP A 702 36.56 -42.97 76.30
C ASP A 702 36.48 -42.73 77.79
N GLU A 703 35.89 -43.68 78.53
CA GLU A 703 35.93 -43.67 79.98
C GLU A 703 36.56 -44.88 80.61
N HIS A 704 36.62 -46.02 79.90
CA HIS A 704 37.13 -47.24 80.48
C HIS A 704 38.58 -47.15 80.80
N SER A 705 38.99 -47.87 81.86
CA SER A 705 40.34 -47.82 82.36
C SER A 705 41.17 -48.83 81.62
N GLU A 706 40.58 -50.02 81.36
CA GLU A 706 41.24 -51.08 80.66
C GLU A 706 40.81 -51.12 79.24
N GLN A 707 41.38 -52.06 78.47
CA GLN A 707 41.04 -52.21 77.08
C GLN A 707 39.61 -52.65 77.00
N VAL A 708 38.89 -52.19 75.96
CA VAL A 708 37.47 -52.47 75.89
C VAL A 708 37.25 -53.82 75.28
N ASN A 709 36.40 -54.63 75.95
CA ASN A 709 36.05 -55.98 75.60
C ASN A 709 34.76 -56.11 74.81
N CYS A 710 33.71 -55.32 75.17
CA CYS A 710 32.43 -55.47 74.52
C CYS A 710 31.92 -54.13 74.11
N CYS A 711 31.51 -54.02 72.82
CA CYS A 711 30.83 -52.85 72.31
C CYS A 711 29.70 -53.31 71.45
N HIS A 712 28.47 -52.78 71.70
CA HIS A 712 27.31 -53.19 70.96
C HIS A 712 26.35 -52.03 70.87
N PHE A 713 25.78 -51.79 69.66
CA PHE A 713 24.75 -50.81 69.44
C PHE A 713 23.43 -51.32 69.92
N THR A 714 22.56 -50.39 70.39
CA THR A 714 21.16 -50.67 70.56
C THR A 714 20.67 -51.28 69.28
N ASN A 715 19.70 -52.22 69.37
CA ASN A 715 19.13 -52.89 68.23
C ASN A 715 18.07 -52.09 67.54
N SER A 716 17.05 -51.63 68.30
CA SER A 716 16.03 -50.80 67.73
C SER A 716 16.56 -49.41 67.53
N SER A 717 15.96 -48.68 66.57
CA SER A 717 16.38 -47.36 66.22
C SER A 717 15.68 -46.38 67.12
N HIS A 718 14.75 -46.88 67.95
CA HIS A 718 14.01 -46.00 68.82
C HIS A 718 14.90 -45.33 69.84
N HIS A 719 15.51 -46.10 70.75
CA HIS A 719 16.45 -45.56 71.68
C HIS A 719 17.83 -45.63 71.09
N LEU A 720 18.66 -44.59 71.32
CA LEU A 720 19.98 -44.59 70.75
C LEU A 720 20.99 -44.68 71.85
N LEU A 721 21.34 -45.92 72.28
CA LEU A 721 22.29 -46.08 73.36
C LEU A 721 23.41 -46.95 72.87
N LEU A 722 24.60 -46.81 73.48
CA LEU A 722 25.72 -47.64 73.13
C LEU A 722 26.18 -48.29 74.40
N ALA A 723 26.30 -49.63 74.42
CA ALA A 723 26.73 -50.31 75.61
C ALA A 723 28.15 -50.71 75.44
N THR A 724 28.99 -50.44 76.46
CA THR A 724 30.33 -50.97 76.43
C THR A 724 30.66 -51.58 77.76
N GLY A 725 31.64 -52.50 77.76
CA GLY A 725 32.05 -53.16 78.98
C GLY A 725 33.48 -53.54 78.75
N SER A 726 34.25 -53.80 79.83
CA SER A 726 35.65 -54.05 79.65
C SER A 726 36.21 -54.85 80.79
N SER A 727 37.55 -54.95 80.84
CA SER A 727 38.26 -55.76 81.78
C SER A 727 38.29 -55.03 83.10
N ASP A 728 37.90 -53.75 83.09
CA ASP A 728 37.94 -52.88 84.24
C ASP A 728 36.75 -53.13 85.11
N CYS A 729 35.89 -54.09 84.70
CA CYS A 729 34.73 -54.61 85.40
C CYS A 729 33.62 -53.62 85.50
N PHE A 730 33.70 -52.48 84.78
CA PHE A 730 32.60 -51.57 84.78
C PHE A 730 31.93 -51.66 83.43
N LEU A 731 30.65 -51.21 83.40
CA LEU A 731 29.81 -51.14 82.24
C LEU A 731 29.58 -49.68 82.03
N LYS A 732 29.49 -49.22 80.76
CA LYS A 732 29.18 -47.84 80.55
C LYS A 732 28.09 -47.72 79.53
N LEU A 733 27.04 -46.96 79.88
CA LEU A 733 25.92 -46.78 78.99
C LEU A 733 26.12 -45.42 78.42
N TRP A 734 26.28 -45.33 77.09
CA TRP A 734 26.56 -44.05 76.50
C TRP A 734 25.31 -43.63 75.80
N ASP A 735 25.04 -42.31 75.81
CA ASP A 735 23.92 -41.76 75.10
C ASP A 735 24.52 -41.38 73.79
N LEU A 736 23.99 -41.91 72.68
CA LEU A 736 24.54 -41.62 71.38
C LEU A 736 24.22 -40.22 71.03
N ASN A 737 23.21 -39.65 71.68
CA ASN A 737 22.85 -38.30 71.43
C ASN A 737 23.86 -37.38 72.05
N GLN A 738 24.65 -37.87 73.02
CA GLN A 738 25.62 -37.04 73.69
C GLN A 738 27.03 -37.51 73.43
N LYS A 739 28.00 -36.72 73.95
CA LYS A 739 29.40 -37.01 73.95
C LYS A 739 29.76 -37.70 75.23
N GLU A 740 28.81 -37.81 76.19
CA GLU A 740 29.11 -38.40 77.46
C GLU A 740 28.33 -39.65 77.77
N CYS A 741 28.80 -40.33 78.84
CA CYS A 741 28.24 -41.55 79.34
C CYS A 741 26.95 -41.21 80.02
N ARG A 742 25.86 -41.89 79.61
CA ARG A 742 24.57 -41.79 80.24
C ARG A 742 24.55 -42.28 81.66
N ASN A 743 25.25 -43.40 81.93
CA ASN A 743 25.36 -43.83 83.30
C ASN A 743 26.43 -44.87 83.39
N THR A 744 27.24 -44.80 84.46
CA THR A 744 28.24 -45.80 84.70
C THR A 744 27.58 -46.86 85.53
N MET A 745 27.70 -48.14 85.13
CA MET A 745 27.04 -49.18 85.86
C MET A 745 28.10 -50.05 86.47
N PHE A 746 28.01 -50.29 87.79
CA PHE A 746 29.01 -51.08 88.46
C PHE A 746 28.28 -52.22 89.09
N GLY A 747 29.00 -53.25 89.57
CA GLY A 747 28.27 -54.37 90.13
C GLY A 747 28.78 -55.72 89.72
N HIS A 748 29.63 -55.86 88.68
CA HIS A 748 30.20 -57.17 88.46
C HIS A 748 31.35 -57.41 89.39
N THR A 749 31.60 -58.70 89.69
CA THR A 749 32.68 -59.03 90.61
C THR A 749 33.93 -59.33 89.84
N ASN A 750 33.83 -59.66 88.54
CA ASN A 750 35.02 -59.85 87.75
C ASN A 750 34.94 -59.04 86.48
N SER A 751 35.84 -59.34 85.51
CA SER A 751 35.91 -58.64 84.27
C SER A 751 34.74 -58.98 83.41
N VAL A 752 34.33 -58.03 82.54
CA VAL A 752 33.18 -58.23 81.70
C VAL A 752 33.69 -58.69 80.37
N ASN A 753 33.12 -59.80 79.86
CA ASN A 753 33.49 -60.44 78.64
C ASN A 753 32.59 -60.16 77.47
N HIS A 754 31.27 -59.95 77.68
CA HIS A 754 30.44 -59.75 76.53
C HIS A 754 29.17 -59.06 76.95
N CYS A 755 28.51 -58.38 76.00
CA CYS A 755 27.33 -57.64 76.33
C CYS A 755 26.45 -57.55 75.12
N ARG A 756 25.12 -57.65 75.30
CA ARG A 756 24.29 -57.56 74.13
C ARG A 756 23.00 -56.88 74.48
N PHE A 757 22.51 -56.05 73.55
CA PHE A 757 21.19 -55.49 73.70
C PHE A 757 20.22 -56.53 73.28
N SER A 758 19.08 -56.61 74.00
CA SER A 758 18.02 -57.47 73.59
C SER A 758 17.33 -56.78 72.45
N PRO A 759 16.48 -57.46 71.72
CA PRO A 759 15.78 -56.84 70.63
C PRO A 759 14.95 -55.75 71.22
N ASP A 760 14.60 -55.89 72.51
CA ASP A 760 13.85 -54.86 73.13
C ASP A 760 14.95 -53.97 73.59
N ASP A 761 15.01 -52.75 73.02
CA ASP A 761 16.00 -51.73 73.27
C ASP A 761 16.05 -51.28 74.70
N LYS A 762 15.04 -51.62 75.50
CA LYS A 762 15.02 -51.31 76.91
C LYS A 762 15.83 -52.26 77.76
N LEU A 763 16.17 -53.48 77.28
CA LEU A 763 16.93 -54.39 78.14
C LEU A 763 18.31 -54.64 77.63
N LEU A 764 19.31 -54.61 78.56
CA LEU A 764 20.68 -54.83 78.21
C LEU A 764 21.16 -55.99 79.05
N ALA A 765 21.68 -57.05 78.41
CA ALA A 765 22.15 -58.18 79.16
C ALA A 765 23.65 -58.11 79.22
N SER A 766 24.24 -58.44 80.38
CA SER A 766 25.66 -58.39 80.49
C SER A 766 26.17 -59.75 80.89
N CYS A 767 27.21 -60.22 80.18
CA CYS A 767 27.82 -61.48 80.55
C CYS A 767 29.23 -61.23 81.01
N SER A 768 29.64 -61.94 82.09
CA SER A 768 30.95 -61.73 82.64
C SER A 768 31.54 -63.02 83.17
N ALA A 769 32.83 -62.94 83.52
CA ALA A 769 33.75 -63.98 83.88
C ALA A 769 33.31 -64.65 85.14
N ASP A 770 32.56 -63.91 85.98
CA ASP A 770 32.20 -64.28 87.32
C ASP A 770 31.01 -65.20 87.30
N GLY A 771 30.49 -65.55 86.12
CA GLY A 771 29.51 -66.60 86.06
C GLY A 771 28.16 -66.04 86.40
N THR A 772 27.99 -64.71 86.32
CA THR A 772 26.67 -64.18 86.46
C THR A 772 26.22 -63.50 85.20
N LEU A 773 24.90 -63.54 84.98
CA LEU A 773 24.23 -62.93 83.87
C LEU A 773 23.58 -61.76 84.55
N LYS A 774 23.67 -60.53 83.98
CA LYS A 774 22.90 -59.50 84.63
C LYS A 774 21.97 -58.86 83.67
N LEU A 775 20.76 -58.51 84.17
CA LEU A 775 19.80 -57.85 83.35
C LEU A 775 19.70 -56.41 83.77
N TRP A 776 19.99 -55.47 82.86
CA TRP A 776 20.01 -54.09 83.22
C TRP A 776 18.84 -53.41 82.54
N ASP A 777 18.18 -52.49 83.26
CA ASP A 777 17.07 -51.76 82.71
C ASP A 777 17.65 -50.51 82.13
N ALA A 778 17.66 -50.36 80.79
CA ALA A 778 18.25 -49.20 80.19
C ALA A 778 17.46 -47.96 80.44
N THR A 779 16.16 -48.09 80.76
CA THR A 779 15.37 -46.91 80.96
C THR A 779 15.85 -46.16 82.17
N SER A 780 15.99 -46.85 83.32
CA SER A 780 16.53 -46.29 84.52
C SER A 780 18.02 -46.48 84.74
N ALA A 781 18.70 -47.27 83.90
CA ALA A 781 20.10 -47.54 84.06
C ALA A 781 20.34 -48.17 85.40
N ASN A 782 19.41 -49.02 85.89
CA ASN A 782 19.55 -49.65 87.18
C ASN A 782 19.57 -51.14 86.99
N GLU A 783 20.27 -51.86 87.89
CA GLU A 783 20.28 -53.30 87.82
C GLU A 783 18.92 -53.81 88.17
N ARG A 784 18.35 -54.63 87.25
CA ARG A 784 17.03 -55.21 87.42
C ARG A 784 17.10 -56.55 88.08
N LYS A 785 17.80 -57.53 87.47
CA LYS A 785 17.91 -58.80 88.13
C LYS A 785 19.27 -59.37 87.85
N SER A 786 19.69 -60.34 88.70
CA SER A 786 20.98 -60.93 88.59
C SER A 786 20.78 -62.42 88.58
N ILE A 787 21.34 -63.11 87.56
CA ILE A 787 21.21 -64.54 87.54
C ILE A 787 22.55 -65.15 87.85
N ASN A 788 22.64 -65.85 89.00
CA ASN A 788 23.84 -66.56 89.37
C ASN A 788 23.84 -67.91 88.73
N VAL A 789 24.75 -68.14 87.76
CA VAL A 789 24.74 -69.37 87.02
C VAL A 789 25.49 -70.39 87.83
N LYS A 790 24.74 -71.02 88.76
CA LYS A 790 25.01 -72.13 89.64
C LYS A 790 24.43 -73.45 89.21
N GLN A 791 23.74 -73.48 88.07
CA GLN A 791 23.08 -74.64 87.50
C GLN A 791 24.02 -75.73 87.09
N PHE A 792 25.29 -75.43 86.78
CA PHE A 792 26.16 -76.56 86.57
C PHE A 792 26.64 -77.07 87.89
N PHE A 793 26.24 -78.31 88.22
CA PHE A 793 26.58 -78.87 89.50
C PHE A 793 27.61 -79.91 89.25
N LEU A 794 28.84 -79.69 89.74
CA LEU A 794 29.84 -80.70 89.60
C LEU A 794 30.61 -80.76 90.87
N ASN A 795 30.52 -81.90 91.57
CA ASN A 795 31.21 -82.00 92.82
C ASN A 795 32.41 -82.84 92.57
N LEU A 796 33.60 -82.21 92.56
CA LEU A 796 34.80 -82.94 92.32
C LEU A 796 35.44 -83.25 93.63
N GLU A 797 36.42 -84.18 93.60
CA GLU A 797 37.16 -84.53 94.77
C GLU A 797 37.95 -83.33 95.19
N ASP A 798 38.29 -82.48 94.20
CA ASP A 798 38.92 -81.21 94.44
C ASP A 798 38.27 -80.57 95.63
N PRO A 799 39.11 -80.40 96.61
CA PRO A 799 38.77 -79.82 97.86
C PRO A 799 38.07 -78.50 97.69
N GLN A 800 38.31 -77.81 96.57
CA GLN A 800 37.68 -76.53 96.42
C GLN A 800 36.21 -76.72 96.24
N GLU A 801 35.47 -75.60 96.33
CA GLU A 801 34.04 -75.60 96.22
C GLU A 801 33.66 -76.16 94.89
N ASP A 802 32.35 -76.41 94.71
CA ASP A 802 31.82 -76.99 93.52
C ASP A 802 32.34 -76.25 92.34
N MET A 803 32.44 -76.96 91.21
CA MET A 803 33.07 -76.40 90.05
C MET A 803 32.50 -75.06 89.77
N GLU A 804 33.41 -74.06 89.76
CA GLU A 804 33.05 -72.70 89.52
C GLU A 804 32.64 -72.63 88.09
N VAL A 805 31.60 -71.81 87.80
CA VAL A 805 31.05 -71.80 86.48
C VAL A 805 31.48 -70.54 85.79
N ILE A 806 32.15 -70.69 84.62
CA ILE A 806 32.55 -69.54 83.86
C ILE A 806 31.73 -69.52 82.62
N VAL A 807 30.88 -68.48 82.46
CA VAL A 807 30.00 -68.42 81.33
C VAL A 807 30.77 -67.82 80.19
N LYS A 808 30.54 -68.33 78.97
CA LYS A 808 31.24 -67.89 77.78
C LYS A 808 30.25 -67.23 76.87
N CYS A 809 30.02 -67.84 75.68
CA CYS A 809 29.16 -67.33 74.63
C CYS A 809 27.84 -66.99 75.25
N CYS A 810 27.28 -65.80 74.91
CA CYS A 810 25.99 -65.47 75.45
C CYS A 810 25.16 -64.90 74.33
N SER A 811 24.20 -65.70 73.82
CA SER A 811 23.40 -65.24 72.72
C SER A 811 21.95 -65.23 73.10
N TRP A 812 21.18 -64.37 72.41
CA TRP A 812 19.79 -64.13 72.65
C TRP A 812 18.95 -65.12 71.90
N SER A 813 17.78 -65.48 72.49
CA SER A 813 16.82 -66.33 71.84
C SER A 813 16.15 -65.51 70.79
N ALA A 814 15.29 -66.16 69.98
CA ALA A 814 14.53 -65.45 68.98
C ALA A 814 13.59 -64.51 69.67
N ASP A 815 13.11 -64.89 70.86
CA ASP A 815 12.18 -64.12 71.62
C ASP A 815 12.81 -62.88 72.15
N GLY A 816 13.99 -62.98 72.81
CA GLY A 816 14.65 -61.82 73.31
C GLY A 816 14.48 -61.81 74.79
N ALA A 817 13.54 -62.65 75.27
CA ALA A 817 13.28 -62.91 76.67
C ALA A 817 14.17 -63.98 77.22
N ARG A 818 14.91 -64.71 76.36
CA ARG A 818 15.73 -65.76 76.90
C ARG A 818 17.12 -65.64 76.38
N ILE A 819 18.11 -66.14 77.17
CA ILE A 819 19.48 -66.11 76.72
C ILE A 819 20.01 -67.52 76.70
N MET A 820 20.59 -67.95 75.57
CA MET A 820 21.18 -69.26 75.53
C MET A 820 22.63 -69.09 75.85
N VAL A 821 23.10 -69.72 76.94
CA VAL A 821 24.48 -69.57 77.34
C VAL A 821 25.09 -70.93 77.40
N ALA A 822 26.45 -70.98 77.41
CA ALA A 822 27.11 -72.22 77.63
C ALA A 822 28.21 -72.01 78.61
N ALA A 823 28.51 -73.04 79.42
CA ALA A 823 29.56 -72.91 80.37
C ALA A 823 29.91 -74.30 80.80
N LYS A 824 31.17 -74.52 81.22
CA LYS A 824 31.58 -75.82 81.66
C LYS A 824 31.29 -76.81 80.57
N ASN A 825 30.55 -77.86 80.98
CA ASN A 825 30.04 -78.94 80.19
C ASN A 825 28.60 -78.78 79.82
N LYS A 826 27.94 -77.65 80.13
CA LYS A 826 26.56 -77.65 79.75
C LYS A 826 26.07 -76.37 79.14
N ILE A 827 25.01 -76.51 78.32
CA ILE A 827 24.35 -75.45 77.61
C ILE A 827 23.17 -75.16 78.47
N PHE A 828 22.95 -73.87 78.84
CA PHE A 828 21.81 -73.58 79.67
C PHE A 828 20.93 -72.59 78.98
N LEU A 829 19.61 -72.69 79.23
CA LEU A 829 18.70 -71.69 78.71
C LEU A 829 18.10 -70.96 79.87
N PHE A 830 18.40 -69.65 79.97
CA PHE A 830 17.89 -68.86 81.07
C PHE A 830 16.86 -67.91 80.57
N ASP A 831 15.84 -67.69 81.42
CA ASP A 831 14.82 -66.71 81.14
C ASP A 831 15.22 -65.51 81.93
N ILE A 832 15.34 -64.36 81.26
CA ILE A 832 15.80 -63.17 81.93
C ILE A 832 14.70 -62.59 82.75
N HIS A 833 13.43 -63.00 82.51
CA HIS A 833 12.34 -62.41 83.23
C HIS A 833 12.03 -63.11 84.53
N THR A 834 12.26 -64.43 84.58
CA THR A 834 12.00 -65.24 85.74
C THR A 834 13.29 -65.56 86.42
N SER A 835 14.39 -65.46 85.67
CA SER A 835 15.69 -65.74 86.19
C SER A 835 15.75 -67.19 86.54
N GLY A 836 14.96 -68.02 85.82
CA GLY A 836 14.93 -69.42 86.10
C GLY A 836 15.58 -70.16 84.97
N LEU A 837 15.65 -71.50 85.10
CA LEU A 837 16.31 -72.31 84.12
C LEU A 837 15.25 -73.07 83.39
N LEU A 838 15.33 -73.03 82.04
CA LEU A 838 14.39 -73.68 81.18
C LEU A 838 14.98 -74.90 80.52
N GLY A 839 16.32 -74.94 80.30
CA GLY A 839 16.81 -76.12 79.63
C GLY A 839 18.25 -76.37 79.97
N GLU A 840 18.67 -77.64 79.86
CA GLU A 840 19.97 -78.04 80.31
C GLU A 840 20.46 -79.14 79.41
N ILE A 841 21.52 -78.86 78.63
CA ILE A 841 21.96 -79.83 77.68
C ILE A 841 23.37 -80.15 78.05
N HIS A 842 23.72 -81.45 78.10
CA HIS A 842 25.07 -81.83 78.38
C HIS A 842 25.80 -81.90 77.06
N THR A 843 27.06 -81.43 77.04
CA THR A 843 27.81 -81.43 75.81
C THR A 843 28.87 -82.49 75.85
N GLY A 844 29.78 -82.42 74.86
CA GLY A 844 30.78 -83.43 74.66
C GLY A 844 31.62 -83.59 75.87
N HIS A 845 31.83 -84.87 76.25
CA HIS A 845 32.63 -85.35 77.34
C HIS A 845 32.71 -84.33 78.43
N HIS A 846 33.91 -84.20 79.01
CA HIS A 846 34.09 -83.33 80.13
C HIS A 846 35.34 -82.53 79.89
N SER A 847 35.14 -81.25 79.52
CA SER A 847 36.17 -80.32 79.17
C SER A 847 35.56 -79.01 79.50
N THR A 848 36.10 -77.91 78.94
CA THR A 848 35.50 -76.63 79.17
C THR A 848 35.17 -76.01 77.85
N ILE A 849 33.89 -75.63 77.64
CA ILE A 849 33.50 -75.03 76.40
C ILE A 849 34.13 -73.67 76.36
N GLN A 850 35.01 -73.45 75.35
CA GLN A 850 35.64 -72.18 75.13
C GLN A 850 34.83 -71.24 74.28
N TYR A 851 34.14 -71.73 73.22
CA TYR A 851 33.35 -70.80 72.44
C TYR A 851 32.17 -71.53 71.87
N CYS A 852 31.07 -70.82 71.58
CA CYS A 852 29.84 -71.46 71.16
C CYS A 852 28.87 -70.45 70.60
N ASP A 853 27.82 -70.94 69.90
CA ASP A 853 26.75 -70.08 69.48
C ASP A 853 25.56 -70.94 69.16
N PHE A 854 24.36 -70.32 69.12
CA PHE A 854 23.12 -71.06 68.97
C PHE A 854 22.54 -70.74 67.62
N SER A 855 22.16 -71.79 66.87
CA SER A 855 21.59 -71.64 65.55
C SER A 855 20.11 -71.38 65.67
N PRO A 856 19.63 -70.47 64.86
CA PRO A 856 18.23 -70.14 64.83
C PRO A 856 17.37 -71.25 64.30
N GLN A 857 17.97 -72.27 63.66
CA GLN A 857 17.16 -73.28 63.02
C GLN A 857 17.48 -74.61 63.62
N ASN A 858 16.42 -75.44 63.77
CA ASN A 858 16.55 -76.82 64.12
C ASN A 858 17.12 -76.93 65.51
N HIS A 859 17.06 -75.83 66.29
CA HIS A 859 17.50 -75.85 67.65
C HIS A 859 18.91 -76.35 67.70
N LEU A 860 19.72 -76.07 66.66
CA LEU A 860 21.08 -76.53 66.64
C LEU A 860 21.94 -75.61 67.43
N ALA A 861 23.05 -76.16 67.97
CA ALA A 861 23.99 -75.35 68.67
C ALA A 861 25.35 -75.73 68.17
N VAL A 862 26.21 -74.73 67.92
CA VAL A 862 27.54 -75.03 67.46
C VAL A 862 28.45 -74.81 68.63
N VAL A 863 29.12 -75.88 69.08
CA VAL A 863 29.92 -75.73 70.25
C VAL A 863 31.35 -75.94 69.87
N ALA A 864 32.17 -74.88 69.97
CA ALA A 864 33.57 -75.06 69.71
C ALA A 864 34.10 -75.43 71.05
N LEU A 865 34.25 -76.74 71.31
CA LEU A 865 34.60 -77.14 72.65
C LEU A 865 35.98 -76.70 73.04
N SER A 866 37.01 -77.17 72.31
CA SER A 866 38.34 -76.84 72.70
C SER A 866 39.22 -77.42 71.66
N GLN A 867 40.38 -76.77 71.44
CA GLN A 867 41.34 -77.20 70.46
C GLN A 867 40.73 -77.56 69.13
N TYR A 868 40.01 -76.57 68.54
CA TYR A 868 39.29 -76.64 67.30
C TYR A 868 38.46 -77.88 67.17
N CYS A 869 37.95 -78.43 68.27
CA CYS A 869 37.02 -79.51 68.11
C CYS A 869 35.67 -78.85 68.11
N VAL A 870 34.94 -78.93 66.99
CA VAL A 870 33.66 -78.28 66.97
C VAL A 870 32.61 -79.32 66.82
N GLU A 871 31.63 -79.34 67.75
CA GLU A 871 30.63 -80.35 67.70
C GLU A 871 29.32 -79.69 67.43
N LEU A 872 28.55 -80.25 66.48
CA LEU A 872 27.23 -79.75 66.25
C LEU A 872 26.27 -80.59 67.03
N TRP A 873 25.43 -79.94 67.86
CA TRP A 873 24.49 -80.60 68.70
C TRP A 873 23.11 -80.09 68.46
N ASN A 874 22.12 -80.98 68.66
CA ASN A 874 20.74 -80.59 68.58
C ASN A 874 20.23 -80.47 69.99
N THR A 875 19.92 -79.23 70.43
CA THR A 875 19.59 -79.04 71.81
C THR A 875 18.16 -79.48 71.90
N ASP A 876 17.67 -79.71 73.11
CA ASP A 876 16.34 -80.19 73.33
C ASP A 876 16.32 -81.66 73.04
N SER A 877 16.75 -82.07 71.84
CA SER A 877 16.88 -83.46 71.50
C SER A 877 18.05 -83.98 72.26
N ARG A 878 18.98 -83.04 72.58
CA ARG A 878 20.15 -83.28 73.35
C ARG A 878 20.99 -84.34 72.72
N SER A 879 21.17 -84.31 71.39
CA SER A 879 21.89 -85.38 70.75
C SER A 879 22.94 -84.80 69.84
N LYS A 880 24.12 -85.43 69.79
CA LYS A 880 25.17 -84.95 68.93
C LYS A 880 24.81 -85.27 67.51
N VAL A 881 24.95 -84.29 66.61
CA VAL A 881 24.62 -84.36 65.21
C VAL A 881 25.80 -84.60 64.31
N ALA A 882 26.92 -83.86 64.50
CA ALA A 882 28.01 -84.06 63.59
C ALA A 882 29.27 -83.48 64.15
N ASP A 883 30.41 -84.03 63.68
CA ASP A 883 31.70 -83.51 64.02
C ASP A 883 32.09 -82.57 62.93
N CYS A 884 32.14 -81.26 63.25
CA CYS A 884 32.40 -80.28 62.24
C CYS A 884 33.87 -80.10 62.12
N ARG A 885 34.43 -80.55 60.99
CA ARG A 885 35.85 -80.40 60.78
C ARG A 885 36.00 -79.29 59.80
N GLY A 886 37.17 -78.60 59.79
CA GLY A 886 37.31 -77.53 58.85
C GLY A 886 38.62 -76.84 59.06
N HIS A 887 39.11 -76.71 60.30
CA HIS A 887 40.37 -76.06 60.48
C HIS A 887 41.26 -76.90 61.36
N LEU A 888 42.57 -76.87 61.06
CA LEU A 888 43.65 -77.43 61.83
C LEU A 888 43.98 -76.57 63.02
N SER A 889 43.96 -75.24 62.84
CA SER A 889 44.28 -74.33 63.92
C SER A 889 43.06 -74.13 64.77
N TRP A 890 43.25 -73.52 65.96
CA TRP A 890 42.24 -73.21 66.94
C TRP A 890 41.22 -72.24 66.39
N VAL A 891 39.92 -72.60 66.48
CA VAL A 891 38.88 -71.80 65.91
C VAL A 891 38.67 -70.60 66.80
N HIS A 892 38.72 -69.40 66.21
CA HIS A 892 38.56 -68.16 66.91
C HIS A 892 37.13 -67.70 67.01
N GLY A 893 36.35 -67.77 65.91
CA GLY A 893 34.99 -67.34 66.02
C GLY A 893 34.13 -68.06 65.04
N VAL A 894 32.81 -68.08 65.30
CA VAL A 894 31.89 -68.70 64.39
C VAL A 894 30.67 -67.83 64.33
N MET A 895 30.15 -67.54 63.12
CA MET A 895 28.96 -66.72 63.11
C MET A 895 28.06 -67.09 61.97
N PHE A 896 26.76 -66.73 62.11
CA PHE A 896 25.74 -67.18 61.20
C PHE A 896 25.44 -66.11 60.20
N SER A 897 24.95 -66.55 59.03
CA SER A 897 24.65 -65.70 57.91
C SER A 897 23.43 -64.95 58.37
N PRO A 898 23.10 -63.85 57.78
CA PRO A 898 21.98 -63.09 58.28
C PRO A 898 20.67 -63.79 58.07
N ASP A 899 20.63 -64.81 57.20
CA ASP A 899 19.46 -65.59 56.97
C ASP A 899 19.40 -66.70 57.96
N GLY A 900 20.57 -67.19 58.41
CA GLY A 900 20.60 -68.26 59.36
C GLY A 900 20.57 -69.54 58.60
N SER A 901 20.69 -69.43 57.27
CA SER A 901 20.66 -70.55 56.38
C SER A 901 22.03 -71.12 56.26
N SER A 902 23.06 -70.34 56.63
CA SER A 902 24.40 -70.83 56.55
C SER A 902 25.20 -70.18 57.63
N PHE A 903 26.47 -70.60 57.81
CA PHE A 903 27.34 -69.94 58.74
C PHE A 903 28.77 -70.17 58.34
N LEU A 904 29.71 -69.42 58.96
CA LEU A 904 31.10 -69.52 58.60
C LEU A 904 31.93 -69.63 59.84
N THR A 905 33.10 -70.30 59.73
CA THR A 905 33.98 -70.45 60.84
C THR A 905 35.26 -69.71 60.53
N SER A 906 35.97 -69.18 61.56
CA SER A 906 37.19 -68.47 61.29
C SER A 906 38.22 -68.91 62.30
N SER A 907 39.40 -69.39 61.85
CA SER A 907 40.38 -69.72 62.85
C SER A 907 41.63 -68.89 62.77
N ASP A 908 42.62 -69.33 63.59
CA ASP A 908 43.95 -68.80 63.76
C ASP A 908 44.71 -68.93 62.48
N ASP A 909 44.21 -69.75 61.54
CA ASP A 909 44.80 -69.92 60.24
C ASP A 909 44.29 -68.83 59.34
N GLN A 910 43.52 -67.89 59.93
CA GLN A 910 43.04 -66.67 59.34
C GLN A 910 42.27 -66.99 58.10
N THR A 911 41.63 -68.17 58.11
CA THR A 911 40.86 -68.59 56.99
C THR A 911 39.44 -68.64 57.44
N ILE A 912 38.55 -68.01 56.65
CA ILE A 912 37.14 -67.98 56.92
C ILE A 912 36.61 -69.03 55.98
N ARG A 913 35.86 -70.03 56.49
CA ARG A 913 35.29 -70.97 55.57
C ARG A 913 33.79 -70.94 55.70
N LEU A 914 33.08 -70.79 54.56
CA LEU A 914 31.64 -70.73 54.56
C LEU A 914 31.12 -72.11 54.47
N TRP A 915 30.17 -72.45 55.38
CA TRP A 915 29.63 -73.78 55.43
C TRP A 915 28.14 -73.66 55.33
N GLU A 916 27.49 -74.66 54.70
CA GLU A 916 26.05 -74.72 54.62
C GLU A 916 25.64 -75.52 55.82
N THR A 917 24.75 -74.99 56.66
CA THR A 917 24.35 -75.71 57.83
C THR A 917 23.85 -77.09 57.47
N LYS A 918 23.11 -77.24 56.37
CA LYS A 918 22.50 -78.50 56.05
C LYS A 918 23.56 -79.51 55.77
N LYS A 919 24.71 -79.05 55.25
CA LYS A 919 25.80 -79.92 54.90
C LYS A 919 26.58 -80.26 56.13
N VAL A 920 26.71 -79.32 57.07
CA VAL A 920 27.44 -79.55 58.29
C VAL A 920 26.80 -80.60 59.15
N CYS A 921 25.47 -80.66 59.16
CA CYS A 921 24.70 -81.66 59.86
C CYS A 921 24.96 -83.03 59.33
N LYS A 922 25.54 -83.16 58.13
CA LYS A 922 25.76 -84.48 57.60
C LYS A 922 27.12 -84.97 58.01
N ASN A 923 27.25 -86.31 58.14
CA ASN A 923 28.48 -86.95 58.50
C ASN A 923 29.30 -87.16 57.26
N SER A 924 30.63 -87.25 57.43
CA SER A 924 31.46 -87.41 56.25
C SER A 924 32.80 -87.99 56.61
N ALA A 925 33.21 -88.95 55.75
CA ALA A 925 34.45 -89.68 55.64
C ALA A 925 35.33 -89.11 54.57
N VAL A 926 34.92 -87.98 53.96
CA VAL A 926 35.68 -87.44 52.86
C VAL A 926 37.05 -87.05 53.30
N MET A 927 37.20 -86.30 54.41
CA MET A 927 38.53 -85.85 54.77
C MET A 927 39.07 -86.71 55.86
N LEU A 928 40.41 -86.74 55.98
CA LEU A 928 41.03 -87.56 56.99
C LEU A 928 41.56 -86.64 58.04
N LYS A 929 41.95 -87.23 59.19
CA LYS A 929 42.58 -86.50 60.24
C LYS A 929 44.00 -86.33 59.83
N GLN A 930 44.67 -85.29 60.37
CA GLN A 930 46.02 -84.95 60.03
C GLN A 930 46.98 -86.04 60.41
N GLU A 931 46.61 -86.93 61.36
CA GLU A 931 47.54 -87.95 61.75
C GLU A 931 47.50 -89.08 60.76
N VAL A 932 48.36 -89.03 59.73
CA VAL A 932 48.43 -90.09 58.77
C VAL A 932 49.88 -90.42 58.52
N ASP A 933 50.14 -91.58 57.86
CA ASP A 933 51.48 -91.97 57.50
C ASP A 933 51.36 -92.87 56.29
N VAL A 934 52.51 -93.16 55.63
CA VAL A 934 52.47 -93.90 54.39
C VAL A 934 53.51 -94.98 54.38
N VAL A 935 53.12 -96.20 53.92
CA VAL A 935 54.04 -97.29 53.80
C VAL A 935 53.99 -97.78 52.38
N PHE A 936 55.15 -97.77 51.68
CA PHE A 936 55.17 -98.30 50.33
C PHE A 936 55.65 -99.71 50.39
N GLN A 937 54.79 -100.68 50.01
CA GLN A 937 55.21 -102.04 49.93
C GLN A 937 55.51 -102.40 48.51
N GLU A 938 56.62 -101.90 47.94
CA GLU A 938 56.98 -102.27 46.60
C GLU A 938 55.93 -101.86 45.61
N ASN A 939 55.16 -102.84 45.12
CA ASN A 939 54.19 -102.63 44.09
C ASN A 939 52.98 -101.94 44.65
N GLU A 940 52.75 -102.02 45.97
CA GLU A 940 51.56 -101.42 46.48
C GLU A 940 51.88 -100.36 47.50
N VAL A 941 50.89 -99.47 47.78
CA VAL A 941 51.04 -98.42 48.75
C VAL A 941 49.90 -98.51 49.73
N MET A 942 50.19 -98.37 51.05
CA MET A 942 49.16 -98.35 52.04
C MET A 942 49.20 -97.05 52.80
N VAL A 943 48.00 -96.51 53.13
CA VAL A 943 47.94 -95.29 53.88
C VAL A 943 47.39 -95.58 55.25
N LEU A 944 48.13 -95.18 56.31
CA LEU A 944 47.74 -95.45 57.66
C LEU A 944 47.01 -94.21 58.06
N ALA A 945 45.74 -94.32 58.52
CA ALA A 945 45.11 -93.09 58.91
C ALA A 945 44.23 -93.29 60.11
N VAL A 946 44.29 -92.32 61.04
CA VAL A 946 43.56 -92.38 62.27
C VAL A 946 42.10 -92.31 61.88
N ASP A 947 41.29 -93.19 62.48
CA ASP A 947 39.89 -93.32 62.22
C ASP A 947 39.17 -92.14 62.78
N HIS A 948 37.98 -91.88 62.23
CA HIS A 948 37.18 -90.80 62.67
C HIS A 948 36.95 -90.94 64.14
N ILE A 949 36.70 -92.18 64.63
CA ILE A 949 36.38 -92.24 66.03
C ILE A 949 37.38 -92.91 66.95
N ARG A 950 37.44 -94.27 66.89
CA ARG A 950 38.21 -95.06 67.83
C ARG A 950 39.66 -95.34 67.60
N ARG A 951 39.96 -96.24 66.63
CA ARG A 951 41.37 -96.43 66.39
C ARG A 951 41.75 -96.01 65.02
N LEU A 952 42.09 -96.92 64.07
CA LEU A 952 42.62 -96.43 62.82
C LEU A 952 42.29 -97.36 61.69
N GLN A 953 42.40 -96.86 60.44
CA GLN A 953 42.20 -97.67 59.27
C GLN A 953 43.48 -97.74 58.49
N LEU A 954 43.92 -98.97 58.17
CA LEU A 954 45.02 -99.14 57.26
C LEU A 954 44.36 -99.38 55.94
N ILE A 955 44.46 -98.40 55.01
CA ILE A 955 43.77 -98.46 53.76
C ILE A 955 44.74 -98.76 52.66
N ASN A 956 44.57 -99.93 52.02
CA ASN A 956 45.43 -100.29 50.92
C ASN A 956 44.99 -99.45 49.77
N GLY A 957 45.89 -98.63 49.19
CA GLY A 957 45.45 -97.72 48.18
C GLY A 957 45.31 -98.51 46.92
N ARG A 958 44.68 -97.91 45.89
CA ARG A 958 44.54 -98.53 44.60
C ARG A 958 43.67 -99.74 44.71
N THR A 959 42.84 -99.82 45.76
CA THR A 959 41.86 -100.85 45.99
C THR A 959 41.01 -100.36 47.12
N GLY A 960 39.93 -101.06 47.47
CA GLY A 960 39.10 -100.54 48.53
C GLY A 960 39.73 -100.87 49.85
N GLN A 961 40.23 -102.13 49.98
CA GLN A 961 40.71 -102.80 51.15
C GLN A 961 40.96 -101.87 52.30
N ILE A 962 39.89 -101.58 53.07
CA ILE A 962 40.03 -100.84 54.29
C ILE A 962 40.13 -101.85 55.39
N ASP A 963 41.31 -101.91 56.04
CA ASP A 963 41.49 -102.81 57.15
C ASP A 963 41.55 -102.00 58.40
N TYR A 964 40.43 -101.97 59.14
CA TYR A 964 40.31 -101.32 60.41
C TYR A 964 40.89 -102.17 61.50
N LEU A 965 41.70 -101.54 62.37
CA LEU A 965 42.30 -102.23 63.48
C LEU A 965 41.61 -101.65 64.65
N THR A 966 41.49 -102.39 65.77
CA THR A 966 40.74 -101.90 66.89
C THR A 966 41.58 -101.92 68.12
N GLU A 967 41.37 -100.93 69.02
CA GLU A 967 42.22 -100.81 70.17
C GLU A 967 41.71 -99.72 71.07
N ALA A 968 42.39 -99.62 72.23
CA ALA A 968 42.32 -98.70 73.33
C ALA A 968 42.80 -97.35 72.90
N GLN A 969 43.06 -97.20 71.60
CA GLN A 969 43.29 -95.90 71.00
C GLN A 969 44.76 -95.73 71.15
N VAL A 970 45.48 -96.14 70.10
CA VAL A 970 46.91 -96.05 70.03
C VAL A 970 47.31 -94.68 69.62
N SER A 971 48.55 -94.31 69.95
CA SER A 971 49.10 -93.02 69.62
C SER A 971 49.99 -93.06 68.40
N CYS A 972 50.68 -94.19 68.13
CA CYS A 972 51.52 -94.23 66.95
C CYS A 972 51.88 -95.66 66.66
N CYS A 973 52.24 -95.98 65.39
CA CYS A 973 52.53 -97.35 65.10
C CYS A 973 53.87 -97.48 64.45
N CYS A 974 54.45 -98.71 64.50
CA CYS A 974 55.72 -98.97 63.88
C CYS A 974 55.75 -100.39 63.39
N LEU A 975 56.26 -100.61 62.15
CA LEU A 975 56.34 -101.93 61.58
C LEU A 975 57.75 -102.45 61.73
N SER A 976 57.88 -103.75 62.05
CA SER A 976 59.18 -104.30 62.28
C SER A 976 59.70 -104.70 60.95
N PRO A 977 61.01 -104.83 60.86
CA PRO A 977 61.64 -105.35 59.69
C PRO A 977 61.09 -106.71 59.42
N HIS A 978 60.85 -107.03 58.14
CA HIS A 978 60.30 -108.29 57.73
C HIS A 978 58.89 -108.40 58.22
N LEU A 979 58.30 -107.28 58.68
CA LEU A 979 56.99 -107.26 59.29
C LEU A 979 56.90 -108.37 60.27
N GLN A 980 55.76 -109.09 60.22
CA GLN A 980 55.35 -110.17 61.09
C GLN A 980 55.07 -109.63 62.45
N TYR A 981 55.28 -108.32 62.67
CA TYR A 981 55.02 -107.79 63.98
C TYR A 981 54.58 -106.36 63.80
N ILE A 982 53.59 -105.92 64.61
CA ILE A 982 53.12 -104.56 64.57
C ILE A 982 53.30 -104.02 65.95
N ALA A 983 53.87 -102.80 66.09
CA ALA A 983 54.11 -102.27 67.40
C ALA A 983 53.34 -100.98 67.53
N PHE A 984 52.81 -100.69 68.76
CA PHE A 984 52.19 -99.40 68.88
C PHE A 984 52.36 -98.81 70.25
N GLY A 985 52.46 -97.46 70.26
CA GLY A 985 52.76 -96.70 71.45
C GLY A 985 51.47 -96.17 71.99
N ASP A 986 51.53 -95.54 73.17
CA ASP A 986 50.35 -95.06 73.83
C ASP A 986 50.73 -93.91 74.72
N GLU A 987 49.73 -93.23 75.29
CA GLU A 987 50.00 -92.07 76.08
C GLU A 987 50.72 -92.49 77.34
N ASN A 988 50.50 -93.75 77.76
CA ASN A 988 51.08 -94.35 78.93
C ASN A 988 52.56 -94.46 78.80
N GLY A 989 53.09 -94.48 77.56
CA GLY A 989 54.51 -94.60 77.38
C GLY A 989 54.88 -96.01 77.04
N ALA A 990 54.14 -97.00 77.58
CA ALA A 990 54.43 -98.38 77.30
C ALA A 990 54.09 -98.69 75.87
N ILE A 991 54.84 -99.65 75.26
CA ILE A 991 54.62 -100.02 73.89
C ILE A 991 54.16 -101.45 73.88
N GLU A 992 53.17 -101.78 73.00
CA GLU A 992 52.82 -103.15 72.89
C GLU A 992 53.07 -103.65 71.50
N ILE A 993 53.63 -104.88 71.40
CA ILE A 993 53.95 -105.44 70.13
C ILE A 993 53.07 -106.63 69.96
N LEU A 994 52.30 -106.66 68.85
CA LEU A 994 51.40 -107.75 68.61
C LEU A 994 52.00 -108.56 67.51
N GLU A 995 52.12 -109.90 67.71
CA GLU A 995 52.59 -110.75 66.65
C GLU A 995 51.50 -110.85 65.62
N LEU A 996 51.86 -110.71 64.32
CA LEU A 996 50.94 -110.78 63.24
C LEU A 996 50.70 -112.16 62.73
N VAL A 997 51.61 -113.13 63.02
CA VAL A 997 51.41 -114.49 62.61
C VAL A 997 50.35 -115.07 63.48
N ASN A 998 50.43 -114.77 64.79
CA ASN A 998 49.45 -115.30 65.70
C ASN A 998 49.05 -114.12 66.50
N ASN A 999 47.86 -113.57 66.23
CA ASN A 999 47.32 -112.40 66.84
C ASN A 999 46.91 -112.61 68.27
N ARG A 1000 47.09 -113.81 68.85
CA ARG A 1000 46.91 -113.90 70.27
C ARG A 1000 48.15 -113.64 71.12
N ILE A 1001 49.35 -113.62 70.50
CA ILE A 1001 50.59 -113.42 71.19
C ILE A 1001 51.05 -112.00 71.10
N PHE A 1002 51.30 -111.35 72.26
CA PHE A 1002 51.74 -109.98 72.28
C PHE A 1002 52.63 -109.78 73.46
N GLN A 1003 53.49 -108.73 73.42
CA GLN A 1003 54.39 -108.46 74.51
C GLN A 1003 54.31 -106.99 74.83
N SER A 1004 54.53 -106.62 76.11
CA SER A 1004 54.54 -105.23 76.43
C SER A 1004 55.29 -105.02 77.71
N ARG A 1005 56.34 -104.17 77.71
CA ARG A 1005 56.93 -103.96 79.00
C ARG A 1005 56.91 -102.52 79.36
N PHE A 1006 56.22 -102.25 80.50
CA PHE A 1006 55.99 -100.94 81.00
C PHE A 1006 57.23 -100.15 81.24
N GLN A 1007 57.26 -98.93 80.67
CA GLN A 1007 58.34 -97.99 80.74
C GLN A 1007 57.91 -96.64 80.18
N HIS A 1008 58.56 -95.56 80.68
CA HIS A 1008 58.34 -94.18 80.30
C HIS A 1008 57.22 -93.53 81.04
N LYS A 1009 57.44 -92.27 81.49
CA LYS A 1009 56.41 -91.52 82.17
C LYS A 1009 55.52 -90.73 81.25
N LYS A 1010 56.12 -89.98 80.30
CA LYS A 1010 55.36 -89.16 79.38
C LYS A 1010 55.01 -89.98 78.18
N THR A 1011 54.23 -89.40 77.24
CA THR A 1011 53.89 -90.11 76.04
C THR A 1011 55.16 -90.50 75.35
N VAL A 1012 55.24 -91.76 74.88
CA VAL A 1012 56.38 -92.22 74.14
C VAL A 1012 56.53 -91.43 72.89
N TRP A 1013 57.80 -91.23 72.46
CA TRP A 1013 58.14 -90.39 71.36
C TRP A 1013 58.60 -91.28 70.23
N HIS A 1014 59.92 -91.35 69.97
CA HIS A 1014 60.44 -92.03 68.81
C HIS A 1014 60.39 -93.51 69.08
N ILE A 1015 59.94 -94.32 68.08
CA ILE A 1015 59.91 -95.76 68.22
C ILE A 1015 60.55 -96.43 67.03
N GLN A 1016 61.52 -97.34 67.25
CA GLN A 1016 62.14 -97.95 66.09
C GLN A 1016 62.84 -99.23 66.45
N PHE A 1017 62.63 -100.28 65.62
CA PHE A 1017 63.20 -101.59 65.78
C PHE A 1017 64.65 -101.54 65.42
N THR A 1018 65.42 -102.53 65.89
CA THR A 1018 66.80 -102.65 65.52
C THR A 1018 66.78 -103.11 64.09
N ALA A 1019 67.96 -103.38 63.50
CA ALA A 1019 68.03 -103.80 62.13
C ALA A 1019 67.31 -105.11 62.08
N ASP A 1020 67.46 -105.91 63.14
CA ASP A 1020 66.82 -107.19 63.21
C ASP A 1020 65.38 -106.95 63.56
N GLU A 1021 64.53 -107.94 63.25
CA GLU A 1021 63.12 -107.98 63.48
C GLU A 1021 62.81 -108.05 64.94
N LYS A 1022 63.82 -108.31 65.79
CA LYS A 1022 63.56 -108.32 67.20
C LYS A 1022 64.27 -107.19 67.89
N THR A 1023 63.82 -106.91 69.14
CA THR A 1023 64.33 -105.84 69.96
C THR A 1023 63.81 -104.52 69.46
N LEU A 1024 63.17 -103.74 70.35
CA LEU A 1024 62.59 -102.46 70.00
C LEU A 1024 63.21 -101.37 70.80
N ILE A 1025 63.65 -100.28 70.14
CA ILE A 1025 64.28 -99.20 70.84
C ILE A 1025 63.28 -98.09 70.89
N SER A 1026 63.16 -97.41 72.05
CA SER A 1026 62.18 -96.37 72.13
C SER A 1026 62.72 -95.26 72.99
N SER A 1027 62.16 -94.05 72.83
CA SER A 1027 62.58 -92.94 73.64
C SER A 1027 61.37 -92.14 73.99
N SER A 1028 61.52 -91.23 74.96
CA SER A 1028 60.47 -90.36 75.37
C SER A 1028 61.11 -89.11 75.89
N ASP A 1029 60.31 -88.35 76.66
CA ASP A 1029 60.63 -87.11 77.31
C ASP A 1029 61.70 -87.25 78.35
N ASP A 1030 62.03 -88.47 78.83
CA ASP A 1030 63.05 -88.58 79.84
C ASP A 1030 64.42 -88.63 79.22
N ALA A 1031 65.43 -88.80 80.10
CA ALA A 1031 66.87 -88.87 79.90
C ALA A 1031 67.42 -90.20 79.44
N GLU A 1032 66.60 -91.23 79.19
CA GLU A 1032 67.19 -92.50 78.81
C GLU A 1032 66.51 -93.12 77.62
N ILE A 1033 67.28 -93.88 76.79
CA ILE A 1033 66.72 -94.55 75.66
C ILE A 1033 66.52 -96.00 76.02
N GLN A 1034 65.29 -96.50 75.86
CA GLN A 1034 64.95 -97.84 76.25
C GLN A 1034 65.26 -98.81 75.15
N VAL A 1035 66.06 -99.85 75.47
CA VAL A 1035 66.21 -100.97 74.58
C VAL A 1035 65.37 -102.07 75.16
N TRP A 1036 64.21 -102.33 74.53
CA TRP A 1036 63.29 -103.30 75.01
C TRP A 1036 63.37 -104.56 74.22
N ASN A 1037 63.97 -105.59 74.83
CA ASN A 1037 64.09 -106.86 74.18
C ASN A 1037 62.82 -107.58 74.50
N TRP A 1038 61.80 -107.35 73.65
CA TRP A 1038 60.51 -107.97 73.81
C TRP A 1038 60.67 -109.43 73.58
N GLN A 1039 59.66 -110.19 74.07
CA GLN A 1039 59.62 -111.61 74.15
C GLN A 1039 60.31 -112.03 75.42
N LEU A 1040 61.35 -111.31 75.84
CA LEU A 1040 62.07 -111.55 77.07
C LEU A 1040 61.81 -110.44 78.05
N ASP A 1041 61.34 -109.29 77.51
CA ASP A 1041 61.05 -108.07 78.24
C ASP A 1041 62.27 -107.61 79.01
N LYS A 1042 63.48 -107.71 78.41
CA LYS A 1042 64.67 -107.23 79.08
C LYS A 1042 64.84 -105.76 78.79
N CYS A 1043 65.19 -104.97 79.83
CA CYS A 1043 65.31 -103.55 79.64
C CYS A 1043 66.73 -103.13 79.83
N ILE A 1044 67.35 -102.63 78.75
CA ILE A 1044 68.69 -102.14 78.80
C ILE A 1044 68.56 -100.67 78.52
N PHE A 1045 69.16 -99.82 79.37
CA PHE A 1045 68.90 -98.42 79.20
C PHE A 1045 70.16 -97.73 78.77
N LEU A 1046 70.02 -96.78 77.83
CA LEU A 1046 71.12 -95.94 77.45
C LEU A 1046 71.09 -94.75 78.36
N ARG A 1047 71.99 -94.70 79.36
CA ARG A 1047 71.87 -93.67 80.34
C ARG A 1047 72.62 -92.49 79.83
N GLY A 1048 71.95 -91.70 78.98
CA GLY A 1048 72.49 -90.52 78.38
C GLY A 1048 72.56 -89.46 79.43
N HIS A 1049 71.52 -89.37 80.26
CA HIS A 1049 71.48 -88.45 81.35
C HIS A 1049 71.54 -87.07 80.77
N GLN A 1050 70.71 -86.85 79.73
CA GLN A 1050 70.61 -85.61 79.02
C GLN A 1050 69.33 -85.02 79.50
N GLU A 1051 69.05 -83.75 79.18
CA GLU A 1051 67.82 -83.19 79.68
C GLU A 1051 66.66 -84.06 79.25
N THR A 1052 66.64 -84.40 77.95
CA THR A 1052 65.61 -85.25 77.38
C THR A 1052 66.14 -85.78 76.10
N VAL A 1053 65.79 -87.03 75.77
CA VAL A 1053 66.17 -87.56 74.49
C VAL A 1053 65.27 -86.92 73.48
N LYS A 1054 65.86 -86.21 72.51
CA LYS A 1054 65.04 -85.48 71.59
C LYS A 1054 64.57 -86.47 70.57
N ASP A 1055 65.51 -87.26 70.00
CA ASP A 1055 65.14 -88.18 68.96
C ASP A 1055 66.33 -89.09 68.73
N PHE A 1056 66.13 -90.18 67.95
CA PHE A 1056 67.24 -91.01 67.59
C PHE A 1056 66.92 -91.69 66.29
N ARG A 1057 67.93 -92.34 65.69
CA ARG A 1057 67.73 -93.07 64.47
C ARG A 1057 68.79 -94.12 64.37
N LEU A 1058 68.42 -95.29 63.79
CA LEU A 1058 69.37 -96.36 63.69
C LEU A 1058 70.33 -96.03 62.60
N LEU A 1059 71.63 -96.20 62.86
CA LEU A 1059 72.63 -96.02 61.85
C LEU A 1059 72.81 -97.30 61.09
N LYS A 1060 73.50 -97.26 59.92
CA LYS A 1060 73.72 -98.47 59.17
C LYS A 1060 74.41 -99.56 59.94
N ASN A 1061 75.45 -99.24 60.73
CA ASN A 1061 76.11 -100.31 61.41
C ASN A 1061 75.27 -100.53 62.61
N SER A 1062 75.76 -101.21 63.64
CA SER A 1062 74.95 -101.41 64.80
C SER A 1062 74.99 -100.19 65.71
N ARG A 1063 75.52 -99.03 65.24
CA ARG A 1063 75.62 -97.81 65.99
C ARG A 1063 74.27 -97.14 66.05
N LEU A 1064 74.04 -96.26 67.05
CA LEU A 1064 72.75 -95.64 67.22
C LEU A 1064 72.90 -94.16 67.44
N LEU A 1065 72.29 -93.34 66.54
CA LEU A 1065 72.47 -91.90 66.53
C LEU A 1065 71.37 -91.26 67.33
N SER A 1066 71.73 -90.46 68.37
CA SER A 1066 70.70 -89.81 69.13
C SER A 1066 71.14 -88.43 69.53
N TRP A 1067 70.15 -87.54 69.81
CA TRP A 1067 70.40 -86.18 70.16
C TRP A 1067 69.31 -85.67 71.04
N SER A 1068 69.61 -84.55 71.74
CA SER A 1068 68.85 -84.01 72.84
C SER A 1068 68.71 -82.56 72.54
N PHE A 1069 68.18 -81.75 73.47
CA PHE A 1069 68.15 -80.36 73.11
C PHE A 1069 69.35 -79.63 73.62
N ASP A 1070 70.25 -80.41 74.25
CA ASP A 1070 71.40 -79.99 74.99
C ASP A 1070 72.48 -79.55 74.04
N GLY A 1071 72.31 -79.83 72.74
CA GLY A 1071 73.25 -79.38 71.76
C GLY A 1071 74.19 -80.52 71.55
N THR A 1072 73.79 -81.71 72.05
CA THR A 1072 74.62 -82.87 71.99
C THR A 1072 74.05 -83.90 71.06
N VAL A 1073 74.95 -84.71 70.47
CA VAL A 1073 74.61 -85.78 69.57
C VAL A 1073 75.47 -86.93 70.01
N LYS A 1074 74.88 -88.01 70.53
CA LYS A 1074 75.69 -89.12 70.97
C LYS A 1074 75.51 -90.29 70.06
N VAL A 1075 76.53 -91.19 70.02
CA VAL A 1075 76.47 -92.38 69.21
C VAL A 1075 76.62 -93.58 70.10
N TRP A 1076 75.55 -94.37 70.25
CA TRP A 1076 75.52 -95.52 71.11
C TRP A 1076 75.61 -96.77 70.30
N ASN A 1077 75.60 -97.93 71.01
CA ASN A 1077 75.48 -99.21 70.40
C ASN A 1077 74.09 -99.67 70.69
N ILE A 1078 73.48 -100.44 69.78
CA ILE A 1078 72.15 -100.95 69.98
C ILE A 1078 72.31 -102.19 70.80
N ILE A 1079 71.21 -102.67 71.42
CA ILE A 1079 71.21 -103.88 72.21
C ILE A 1079 71.80 -103.46 73.49
N THR A 1080 73.12 -103.24 73.45
CA THR A 1080 73.81 -102.89 74.65
C THR A 1080 74.23 -101.47 74.51
N GLY A 1081 73.75 -100.57 75.41
CA GLY A 1081 74.06 -99.18 75.31
C GLY A 1081 75.53 -99.00 75.52
N ASN A 1082 76.18 -98.22 74.64
CA ASN A 1082 77.57 -97.94 74.79
C ASN A 1082 77.85 -96.74 73.95
N LYS A 1083 78.02 -95.58 74.61
CA LYS A 1083 78.21 -94.39 73.83
C LYS A 1083 79.61 -94.34 73.36
N GLU A 1084 79.82 -94.73 72.09
CA GLU A 1084 81.14 -94.79 71.53
C GLU A 1084 81.60 -93.39 71.22
N LYS A 1085 80.74 -92.59 70.55
CA LYS A 1085 81.16 -91.27 70.16
C LYS A 1085 80.25 -90.26 70.79
N ASP A 1086 80.75 -89.02 70.97
CA ASP A 1086 80.04 -88.02 71.72
C ASP A 1086 80.33 -86.67 71.12
N PHE A 1087 79.36 -86.10 70.35
CA PHE A 1087 79.59 -84.84 69.71
C PHE A 1087 78.84 -83.77 70.46
N VAL A 1088 79.44 -82.57 70.59
CA VAL A 1088 78.76 -81.43 71.18
C VAL A 1088 78.85 -80.33 70.16
N CYS A 1089 77.82 -80.28 69.29
CA CYS A 1089 77.72 -79.47 68.11
C CYS A 1089 77.04 -78.14 68.32
N HIS A 1090 76.00 -78.08 69.18
CA HIS A 1090 75.27 -76.83 69.29
C HIS A 1090 75.34 -76.32 70.69
N GLN A 1091 74.84 -75.08 70.86
CA GLN A 1091 74.66 -74.36 72.09
C GLN A 1091 73.24 -74.44 72.56
N GLY A 1092 72.37 -75.16 71.81
CA GLY A 1092 70.98 -75.22 72.18
C GLY A 1092 70.32 -76.32 71.43
N THR A 1093 68.97 -76.23 71.28
CA THR A 1093 68.06 -77.18 70.69
C THR A 1093 68.64 -77.82 69.48
N VAL A 1094 68.48 -79.15 69.38
CA VAL A 1094 68.91 -79.87 68.23
C VAL A 1094 67.67 -80.34 67.55
N LEU A 1095 67.49 -79.92 66.28
CA LEU A 1095 66.32 -80.30 65.54
C LEU A 1095 66.77 -81.23 64.45
N SER A 1096 66.75 -82.55 64.73
CA SER A 1096 67.06 -83.53 63.71
C SER A 1096 68.53 -83.58 63.42
N CYS A 1097 68.94 -84.65 62.70
CA CYS A 1097 70.30 -84.90 62.31
C CYS A 1097 70.22 -85.87 61.18
N ASP A 1098 71.15 -85.80 60.21
CA ASP A 1098 71.06 -86.66 59.06
C ASP A 1098 72.37 -87.30 58.78
N ILE A 1099 72.32 -88.36 57.94
CA ILE A 1099 73.46 -89.16 57.59
C ILE A 1099 73.67 -89.11 56.11
N SER A 1100 74.89 -89.46 55.67
CA SER A 1100 75.32 -89.45 54.30
C SER A 1100 74.71 -90.59 53.58
N HIS A 1101 73.98 -91.48 54.28
CA HIS A 1101 73.25 -92.52 53.60
C HIS A 1101 74.21 -93.58 53.19
N ASP A 1102 75.04 -93.25 52.18
CA ASP A 1102 76.02 -94.17 51.68
C ASP A 1102 76.84 -94.53 52.87
N ALA A 1103 76.85 -95.83 53.23
CA ALA A 1103 77.67 -96.18 54.34
C ALA A 1103 77.16 -95.32 55.43
N THR A 1104 78.05 -94.50 56.01
CA THR A 1104 77.69 -93.64 57.09
C THR A 1104 78.92 -92.85 57.32
N LYS A 1105 79.66 -92.63 56.23
CA LYS A 1105 80.94 -92.03 56.31
C LYS A 1105 80.74 -90.70 56.95
N PHE A 1106 79.72 -89.95 56.49
CA PHE A 1106 79.49 -88.68 57.09
C PHE A 1106 78.11 -88.60 57.70
N SER A 1107 77.95 -87.66 58.66
CA SER A 1107 76.70 -87.36 59.29
C SER A 1107 76.80 -85.93 59.75
N SER A 1108 75.69 -85.18 59.76
CA SER A 1108 75.78 -83.79 60.11
C SER A 1108 74.55 -83.33 60.81
N THR A 1109 74.59 -82.06 61.26
CA THR A 1109 73.53 -81.42 61.98
C THR A 1109 73.40 -79.98 61.56
N SER A 1110 72.27 -79.36 61.94
CA SER A 1110 71.96 -77.98 61.66
C SER A 1110 70.91 -77.64 62.66
N ALA A 1111 71.14 -76.67 63.57
CA ALA A 1111 70.02 -76.37 64.40
C ALA A 1111 70.24 -75.08 65.13
N ASP A 1112 69.37 -74.08 64.86
CA ASP A 1112 69.32 -72.77 65.47
C ASP A 1112 70.69 -72.22 65.64
N LYS A 1113 71.56 -72.39 64.63
CA LYS A 1113 72.92 -71.96 64.76
C LYS A 1113 73.52 -72.19 63.42
N THR A 1114 74.42 -73.21 63.35
CA THR A 1114 75.16 -73.44 62.16
C THR A 1114 75.03 -74.90 61.82
N ALA A 1115 75.68 -75.34 60.72
CA ALA A 1115 75.58 -76.73 60.34
C ALA A 1115 76.95 -77.34 60.43
N LYS A 1116 77.16 -78.24 61.41
CA LYS A 1116 78.44 -78.87 61.57
C LYS A 1116 78.35 -80.25 61.02
N ILE A 1117 79.45 -80.77 60.42
CA ILE A 1117 79.46 -82.08 59.82
C ILE A 1117 80.59 -82.88 60.40
N TRP A 1118 80.42 -84.22 60.49
CA TRP A 1118 81.46 -85.08 61.01
C TRP A 1118 81.53 -86.45 60.36
N SER A 1119 82.66 -87.15 60.59
CA SER A 1119 83.03 -88.50 60.19
C SER A 1119 82.90 -89.62 61.21
N PHE A 1120 82.52 -89.33 62.47
CA PHE A 1120 82.33 -90.28 63.54
C PHE A 1120 83.66 -90.63 64.16
N ASP A 1121 84.76 -90.70 63.37
CA ASP A 1121 86.01 -91.12 63.96
C ASP A 1121 86.47 -90.22 65.05
N LEU A 1122 86.41 -88.89 64.79
CA LEU A 1122 86.80 -87.94 65.77
C LEU A 1122 85.59 -87.59 66.57
N LEU A 1123 85.81 -87.22 67.83
CA LEU A 1123 84.81 -86.80 68.76
C LEU A 1123 84.36 -85.42 68.42
N LEU A 1124 85.17 -84.65 67.66
CA LEU A 1124 84.74 -83.33 67.29
C LEU A 1124 84.43 -83.28 65.81
N PRO A 1125 83.56 -82.37 65.44
CA PRO A 1125 83.18 -82.18 64.07
C PRO A 1125 84.30 -81.71 63.18
N LEU A 1126 84.20 -82.00 61.86
CA LEU A 1126 85.28 -81.77 60.95
C LEU A 1126 85.17 -80.38 60.41
N HIS A 1127 83.93 -79.87 60.21
CA HIS A 1127 83.84 -78.56 59.61
C HIS A 1127 82.54 -77.92 59.97
N GLU A 1128 82.57 -76.57 60.18
CA GLU A 1128 81.39 -75.84 60.53
C GLU A 1128 80.99 -74.96 59.41
N LEU A 1129 79.77 -75.18 58.88
CA LEU A 1129 79.23 -74.29 57.89
C LEU A 1129 78.51 -73.18 58.61
N ARG A 1130 79.14 -71.99 58.62
CA ARG A 1130 78.75 -70.75 59.24
C ARG A 1130 77.97 -69.84 58.34
N GLY A 1131 77.52 -70.32 57.16
CA GLY A 1131 76.88 -69.46 56.20
C GLY A 1131 75.69 -68.64 56.64
N HIS A 1132 74.79 -69.16 57.50
CA HIS A 1132 73.63 -68.38 57.90
C HIS A 1132 73.77 -67.81 59.28
N ASN A 1133 73.64 -66.46 59.36
CA ASN A 1133 73.73 -65.72 60.59
C ASN A 1133 72.42 -65.77 61.34
N GLY A 1134 71.30 -65.89 60.59
CA GLY A 1134 69.95 -65.94 61.14
C GLY A 1134 69.60 -67.25 61.78
N CYS A 1135 70.51 -68.25 61.69
CA CYS A 1135 70.48 -69.53 62.37
C CYS A 1135 69.83 -70.52 61.46
N VAL A 1136 70.51 -71.65 61.16
CA VAL A 1136 69.93 -72.65 60.31
C VAL A 1136 68.96 -73.51 61.08
N ARG A 1137 67.84 -73.85 60.43
CA ARG A 1137 66.70 -74.58 60.92
C ARG A 1137 66.70 -76.06 60.64
N CYS A 1138 67.05 -76.50 59.41
CA CYS A 1138 67.02 -77.93 59.17
C CYS A 1138 67.99 -78.25 58.07
N SER A 1139 68.21 -79.57 57.78
CA SER A 1139 69.15 -79.94 56.75
C SER A 1139 68.93 -81.39 56.36
N ALA A 1140 69.46 -81.78 55.18
CA ALA A 1140 69.37 -83.14 54.75
C ALA A 1140 70.42 -83.39 53.70
N PHE A 1141 71.00 -84.61 53.70
CA PHE A 1141 72.02 -84.96 52.75
C PHE A 1141 71.36 -85.25 51.45
N SER A 1142 72.14 -85.14 50.35
CA SER A 1142 71.59 -85.47 49.07
C SER A 1142 71.58 -86.95 49.04
N VAL A 1143 70.91 -87.57 48.04
CA VAL A 1143 70.84 -89.01 48.01
C VAL A 1143 72.11 -89.49 47.39
N ASP A 1144 73.11 -89.61 48.26
CA ASP A 1144 74.39 -90.21 48.06
C ASP A 1144 75.30 -89.33 47.28
N SER A 1145 74.80 -88.29 46.55
CA SER A 1145 75.55 -87.56 45.55
C SER A 1145 76.81 -86.98 46.11
N THR A 1146 76.74 -85.83 46.81
CA THR A 1146 77.90 -85.25 47.42
C THR A 1146 77.44 -83.94 47.96
N LEU A 1147 76.13 -83.78 48.16
CA LEU A 1147 75.64 -82.48 48.51
C LEU A 1147 74.96 -82.53 49.84
N LEU A 1148 74.91 -81.37 50.50
CA LEU A 1148 74.23 -81.24 51.76
C LEU A 1148 73.37 -80.01 51.65
N ALA A 1149 72.03 -80.17 51.80
CA ALA A 1149 71.17 -79.02 51.67
C ALA A 1149 70.78 -78.56 53.04
N THR A 1150 70.69 -77.23 53.23
CA THR A 1150 70.23 -76.70 54.49
C THR A 1150 69.12 -75.71 54.30
N GLY A 1151 68.24 -75.60 55.31
CA GLY A 1151 67.10 -74.72 55.24
C GLY A 1151 67.19 -73.64 56.27
N ASP A 1152 66.89 -72.40 55.85
CA ASP A 1152 67.01 -71.22 56.67
C ASP A 1152 65.69 -70.89 57.29
N ASP A 1153 65.68 -69.83 58.11
CA ASP A 1153 64.52 -69.42 58.84
C ASP A 1153 63.44 -69.12 57.86
N ASN A 1154 63.79 -68.52 56.70
CA ASN A 1154 62.74 -68.13 55.79
C ASN A 1154 62.52 -69.18 54.74
N GLY A 1155 63.21 -70.32 54.87
CA GLY A 1155 63.09 -71.37 53.91
C GLY A 1155 64.08 -71.27 52.79
N GLU A 1156 64.97 -70.27 52.83
CA GLU A 1156 66.00 -70.21 51.83
C GLU A 1156 66.74 -71.51 51.91
N ILE A 1157 66.86 -72.23 50.77
CA ILE A 1157 67.59 -73.47 50.77
C ILE A 1157 68.95 -73.21 50.20
N ARG A 1158 70.00 -73.62 50.91
CA ARG A 1158 71.33 -73.42 50.40
C ARG A 1158 71.89 -74.79 50.14
N ILE A 1159 72.57 -74.96 48.99
CA ILE A 1159 73.16 -76.22 48.66
C ILE A 1159 74.62 -76.09 48.95
N TRP A 1160 75.17 -77.01 49.77
CA TRP A 1160 76.56 -76.92 50.12
C TRP A 1160 77.20 -78.14 49.53
N ASN A 1161 78.46 -78.05 49.05
CA ASN A 1161 79.08 -79.26 48.60
C ASN A 1161 79.95 -79.88 49.66
N VAL A 1162 79.75 -81.19 49.90
CA VAL A 1162 80.41 -81.91 50.93
C VAL A 1162 81.76 -82.30 50.43
N SER A 1163 82.69 -81.33 50.44
CA SER A 1163 84.06 -81.62 50.19
C SER A 1163 84.87 -80.80 51.14
N ASN A 1164 84.87 -81.22 52.42
CA ASN A 1164 85.44 -80.52 53.53
C ASN A 1164 84.62 -79.31 53.88
N GLY A 1165 84.22 -78.52 52.88
CA GLY A 1165 83.35 -77.41 53.18
C GLY A 1165 83.70 -76.22 52.33
N GLU A 1166 82.66 -75.54 51.82
CA GLU A 1166 82.77 -74.41 50.93
C GLU A 1166 81.51 -73.59 51.06
N LEU A 1167 81.44 -72.56 50.21
CA LEU A 1167 80.39 -71.60 49.93
C LEU A 1167 79.41 -71.71 48.76
N LEU A 1168 79.04 -72.91 48.25
CA LEU A 1168 78.14 -73.21 47.13
C LEU A 1168 76.78 -72.52 47.10
N HIS A 1169 76.24 -72.30 45.87
CA HIS A 1169 75.08 -71.50 45.57
C HIS A 1169 73.87 -71.78 46.45
N LEU A 1170 73.23 -70.65 46.78
CA LEU A 1170 72.06 -70.26 47.56
C LEU A 1170 70.71 -70.45 46.91
N CYS A 1171 70.53 -71.33 45.90
CA CYS A 1171 69.29 -71.43 45.14
C CYS A 1171 68.04 -71.34 45.99
N ALA A 1172 67.32 -70.19 45.89
CA ALA A 1172 66.03 -70.10 46.53
C ALA A 1172 65.12 -69.24 45.70
N PRO A 1173 64.65 -69.78 44.61
CA PRO A 1173 63.78 -69.02 43.75
C PRO A 1173 62.59 -68.49 44.48
N LEU A 1174 62.47 -67.15 44.51
CA LEU A 1174 61.38 -66.44 45.09
C LEU A 1174 61.15 -65.34 44.10
N SER A 1175 60.01 -64.66 44.22
CA SER A 1175 59.82 -63.36 43.57
C SER A 1175 58.43 -62.75 43.78
N GLU A 1176 57.50 -63.07 42.88
CA GLU A 1176 57.80 -63.94 41.75
C GLU A 1176 56.54 -64.60 41.22
N GLU A 1177 55.50 -63.80 41.01
CA GLU A 1177 54.23 -64.31 40.50
C GLU A 1177 54.35 -64.73 39.04
N GLY A 1178 55.31 -64.14 38.32
CA GLY A 1178 55.54 -64.46 36.93
C GLY A 1178 55.43 -65.94 36.65
N ALA A 1179 55.58 -66.75 37.70
CA ALA A 1179 55.51 -68.20 37.56
C ALA A 1179 55.28 -68.87 38.91
N ALA A 1180 55.03 -68.05 39.94
CA ALA A 1180 54.80 -68.57 41.28
C ALA A 1180 56.04 -68.42 42.15
N THR A 1181 55.90 -67.70 43.26
CA THR A 1181 56.99 -67.49 44.17
C THR A 1181 56.91 -68.69 45.02
N HIS A 1182 58.00 -69.30 45.53
CA HIS A 1182 57.38 -70.22 46.43
C HIS A 1182 56.91 -69.35 47.56
N GLY A 1183 55.86 -69.84 48.22
CA GLY A 1183 55.15 -69.24 49.32
C GLY A 1183 56.07 -68.86 50.42
N GLY A 1184 57.12 -69.66 50.64
CA GLY A 1184 58.10 -69.33 51.62
C GLY A 1184 58.14 -70.47 52.58
N TRP A 1185 59.30 -70.63 53.28
CA TRP A 1185 59.47 -71.73 54.17
C TRP A 1185 59.46 -73.01 53.37
N VAL A 1186 60.05 -74.08 53.95
CA VAL A 1186 60.13 -75.37 53.34
C VAL A 1186 59.96 -76.32 54.49
N THR A 1187 59.09 -77.32 54.29
CA THR A 1187 58.86 -78.42 55.18
C THR A 1187 59.49 -79.71 54.73
N ASP A 1188 59.79 -79.92 53.44
CA ASP A 1188 60.50 -81.15 53.16
C ASP A 1188 61.29 -81.02 51.90
N LEU A 1189 62.35 -81.87 51.76
CA LEU A 1189 63.25 -81.84 50.66
C LEU A 1189 63.35 -83.24 50.11
N CYS A 1190 63.35 -83.39 48.76
CA CYS A 1190 63.58 -84.68 48.18
C CYS A 1190 64.34 -84.50 46.90
N PHE A 1191 65.59 -85.01 46.86
CA PHE A 1191 66.40 -84.86 45.69
C PHE A 1191 65.88 -85.82 44.67
N SER A 1192 65.94 -85.43 43.37
CA SER A 1192 65.44 -86.26 42.32
C SER A 1192 66.43 -87.37 42.12
N PRO A 1193 66.04 -88.49 41.57
CA PRO A 1193 66.95 -89.59 41.41
C PRO A 1193 68.12 -89.16 40.58
N ASP A 1194 67.92 -88.20 39.66
CA ASP A 1194 68.96 -87.74 38.79
C ASP A 1194 70.02 -87.04 39.58
N GLY A 1195 69.63 -86.36 40.67
CA GLY A 1195 70.57 -85.61 41.47
C GLY A 1195 70.59 -84.18 41.00
N LYS A 1196 69.86 -83.91 39.90
CA LYS A 1196 69.79 -82.61 39.30
C LYS A 1196 68.72 -81.69 39.86
N MET A 1197 67.56 -82.23 40.27
CA MET A 1197 66.55 -81.35 40.80
C MET A 1197 66.36 -81.61 42.26
N LEU A 1198 65.88 -80.58 42.97
CA LEU A 1198 65.57 -80.69 44.37
C LEU A 1198 64.12 -80.38 44.54
N ILE A 1199 63.30 -81.39 44.90
CA ILE A 1199 61.90 -81.10 45.08
C ILE A 1199 61.76 -80.44 46.43
N SER A 1200 61.15 -79.24 46.44
CA SER A 1200 60.91 -78.55 47.68
C SER A 1200 59.44 -78.58 48.01
N ALA A 1201 59.11 -78.93 49.27
CA ALA A 1201 57.74 -78.99 49.66
C ALA A 1201 57.53 -78.07 50.83
N GLY A 1202 56.29 -77.53 50.97
CA GLY A 1202 56.00 -76.52 51.95
C GLY A 1202 54.59 -76.09 51.72
N GLY A 1203 54.32 -74.84 51.27
CA GLY A 1203 52.96 -74.44 51.04
C GLY A 1203 52.44 -75.35 49.98
N TYR A 1204 53.31 -75.60 48.99
CA TYR A 1204 53.01 -76.48 47.90
C TYR A 1204 54.31 -77.02 47.38
N ILE A 1205 54.25 -77.99 46.46
CA ILE A 1205 55.42 -78.65 45.95
C ILE A 1205 55.92 -77.87 44.77
N LYS A 1206 57.20 -77.42 44.81
CA LYS A 1206 57.78 -76.77 43.66
C LYS A 1206 59.15 -77.35 43.42
N TRP A 1207 59.46 -77.75 42.17
CA TRP A 1207 60.71 -78.40 41.86
C TRP A 1207 61.76 -77.35 41.61
N TRP A 1208 62.87 -77.35 42.41
CA TRP A 1208 63.94 -76.42 42.16
C TRP A 1208 65.09 -77.12 41.48
N ASN A 1209 65.99 -76.33 40.87
CA ASN A 1209 67.16 -76.84 40.19
C ASN A 1209 68.34 -76.69 41.11
N VAL A 1210 69.13 -77.76 41.27
CA VAL A 1210 70.26 -77.66 42.16
C VAL A 1210 71.21 -76.67 41.58
N VAL A 1211 71.72 -75.77 42.45
CA VAL A 1211 72.58 -74.70 42.03
C VAL A 1211 72.01 -73.92 40.88
N THR A 1212 71.19 -72.90 41.22
CA THR A 1212 70.65 -71.93 40.32
C THR A 1212 69.55 -72.52 39.48
N GLY A 1213 68.38 -71.85 39.51
CA GLY A 1213 67.28 -72.20 38.68
C GLY A 1213 66.25 -72.94 39.48
N GLU A 1214 65.06 -73.10 38.87
CA GLU A 1214 63.98 -73.87 39.42
C GLU A 1214 63.63 -74.87 38.36
N SER A 1215 62.42 -75.46 38.43
CA SER A 1215 62.01 -76.37 37.41
C SER A 1215 60.52 -76.35 37.28
N SER A 1216 59.87 -77.49 37.60
CA SER A 1216 58.43 -77.58 37.63
C SER A 1216 57.95 -76.61 38.66
N GLN A 1217 57.35 -75.54 38.15
CA GLN A 1217 56.70 -74.44 38.79
C GLN A 1217 55.28 -74.84 39.07
N THR A 1218 54.84 -75.88 38.37
CA THR A 1218 53.50 -76.42 38.36
C THR A 1218 53.19 -77.30 39.56
N PHE A 1219 51.94 -77.80 39.58
CA PHE A 1219 51.21 -78.50 40.62
C PHE A 1219 51.11 -77.80 41.95
N TYR A 1220 50.11 -76.91 42.07
CA TYR A 1220 49.83 -76.25 43.31
C TYR A 1220 48.95 -77.18 44.10
N THR A 1221 49.31 -77.40 45.39
CA THR A 1221 48.54 -78.27 46.24
C THR A 1221 47.35 -77.49 46.71
N ASN A 1222 46.34 -78.21 47.25
CA ASN A 1222 45.12 -77.57 47.62
C ASN A 1222 45.36 -76.88 48.93
N GLY A 1223 45.96 -77.59 49.90
CA GLY A 1223 46.21 -77.01 51.19
C GLY A 1223 47.63 -76.57 51.29
N THR A 1224 48.07 -76.33 52.54
CA THR A 1224 49.40 -75.85 52.79
C THR A 1224 50.01 -76.73 53.84
N ASN A 1225 51.26 -76.39 54.23
CA ASN A 1225 52.01 -77.03 55.26
C ASN A 1225 52.02 -78.51 55.08
N LEU A 1226 52.59 -78.96 53.94
CA LEU A 1226 52.66 -80.35 53.62
C LEU A 1226 53.52 -80.97 54.67
N LYS A 1227 53.11 -82.15 55.17
CA LYS A 1227 53.84 -82.78 56.21
C LYS A 1227 54.37 -84.07 55.67
N LYS A 1228 55.70 -84.12 55.45
CA LYS A 1228 56.36 -85.30 54.96
C LYS A 1228 55.89 -85.65 53.59
N ILE A 1229 56.86 -85.79 52.66
CA ILE A 1229 56.57 -86.14 51.31
C ILE A 1229 56.98 -87.59 51.21
N HIS A 1230 56.06 -88.47 50.77
CA HIS A 1230 56.45 -89.85 50.61
C HIS A 1230 56.40 -90.23 49.16
N VAL A 1231 57.59 -90.35 48.54
CA VAL A 1231 57.70 -90.57 47.13
C VAL A 1231 57.76 -92.05 46.94
N SER A 1232 57.06 -92.58 45.93
CA SER A 1232 57.07 -93.99 45.71
C SER A 1232 58.42 -94.39 45.22
N PRO A 1233 58.80 -95.62 45.46
CA PRO A 1233 60.09 -96.08 45.01
C PRO A 1233 60.25 -96.12 43.52
N ASP A 1234 59.14 -96.04 42.78
CA ASP A 1234 59.16 -95.98 41.35
C ASP A 1234 59.41 -94.58 40.90
N PHE A 1235 59.13 -93.58 41.77
CA PHE A 1235 59.35 -92.20 41.44
C PHE A 1235 58.41 -91.87 40.33
N LYS A 1236 57.24 -92.55 40.36
CA LYS A 1236 56.11 -92.38 39.50
C LYS A 1236 54.86 -91.98 40.23
N THR A 1237 54.70 -92.29 41.54
CA THR A 1237 53.53 -91.82 42.25
C THR A 1237 53.96 -91.11 43.51
N TYR A 1238 53.08 -90.25 44.08
CA TYR A 1238 53.44 -89.47 45.23
C TYR A 1238 52.31 -89.50 46.22
N VAL A 1239 52.62 -89.66 47.53
CA VAL A 1239 51.59 -89.63 48.52
C VAL A 1239 52.02 -88.66 49.58
N THR A 1240 51.12 -87.72 49.96
CA THR A 1240 51.44 -86.81 51.01
C THR A 1240 50.16 -86.31 51.63
N VAL A 1241 50.28 -85.37 52.60
CA VAL A 1241 49.11 -84.90 53.30
C VAL A 1241 49.32 -83.45 53.66
N ASP A 1242 48.28 -82.62 53.46
CA ASP A 1242 48.36 -81.22 53.78
C ASP A 1242 47.80 -80.98 55.15
N ASN A 1243 47.68 -79.69 55.52
CA ASN A 1243 47.34 -79.26 56.85
C ASN A 1243 45.88 -79.51 57.09
N LEU A 1244 45.15 -79.87 56.02
CA LEU A 1244 43.73 -80.08 56.11
C LEU A 1244 43.45 -81.54 56.28
N GLY A 1245 44.47 -82.40 56.14
CA GLY A 1245 44.25 -83.80 56.31
C GLY A 1245 43.66 -84.34 55.05
N ILE A 1246 44.07 -83.74 53.92
CA ILE A 1246 43.60 -84.19 52.64
C ILE A 1246 44.63 -85.13 52.08
N LEU A 1247 44.19 -86.32 51.63
CA LEU A 1247 45.12 -87.33 51.18
C LEU A 1247 45.43 -87.10 49.72
N TYR A 1248 46.73 -86.91 49.41
CA TYR A 1248 47.14 -86.75 48.05
C TYR A 1248 47.63 -88.06 47.50
N ILE A 1249 46.87 -88.62 46.53
CA ILE A 1249 47.33 -89.80 45.84
C ILE A 1249 47.59 -89.36 44.43
N LEU A 1250 48.87 -89.13 44.11
CA LEU A 1250 49.26 -88.50 42.88
C LEU A 1250 49.92 -89.50 41.98
N GLN A 1251 49.57 -89.49 40.68
CA GLN A 1251 50.26 -90.32 39.73
C GLN A 1251 50.71 -89.42 38.62
N THR A 1252 52.00 -89.49 38.23
CA THR A 1252 52.50 -88.66 37.16
C THR A 1252 51.64 -88.88 35.95
N LEU A 1253 51.17 -87.77 35.36
CA LEU A 1253 50.32 -87.80 34.22
C LEU A 1253 51.10 -88.25 33.03
N GLU A 1254 50.59 -89.32 32.39
CA GLU A 1254 51.18 -89.90 31.21
C GLU A 1254 50.93 -88.92 30.08
N GLY B 111 -15.43 0.04 57.40
CA GLY B 111 -16.06 1.28 56.91
C GLY B 111 -15.85 1.36 55.46
N ILE B 112 -16.95 1.19 54.71
CA ILE B 112 -16.90 1.26 53.28
C ILE B 112 -16.69 2.68 53.01
N THR B 113 -15.67 3.06 52.23
CA THR B 113 -15.53 4.48 52.11
C THR B 113 -16.55 5.03 51.10
N SER B 114 -16.84 6.33 51.23
CA SER B 114 -17.85 7.01 50.41
C SER B 114 -17.53 6.88 48.92
N TYR B 115 -16.23 6.88 48.64
CA TYR B 115 -15.73 6.57 47.28
C TYR B 115 -16.29 5.25 46.70
N VAL B 116 -16.26 4.16 47.47
CA VAL B 116 -16.82 2.90 47.00
C VAL B 116 -18.34 2.97 46.99
N ARG B 117 -18.93 3.59 48.01
CA ARG B 117 -20.36 3.70 48.09
C ARG B 117 -20.95 4.33 46.80
N THR B 118 -20.25 5.29 46.20
CA THR B 118 -20.66 5.89 44.92
C THR B 118 -20.24 5.08 43.68
N VAL B 119 -19.00 4.62 43.65
CA VAL B 119 -18.51 3.87 42.50
C VAL B 119 -19.29 2.58 42.24
N LEU B 120 -19.85 1.95 43.28
CA LEU B 120 -20.58 0.68 43.08
C LEU B 120 -21.76 0.84 42.16
N CYS B 121 -22.25 2.07 42.04
CA CYS B 121 -23.37 2.34 41.14
C CYS B 121 -23.02 2.09 39.69
N GLU B 122 -21.75 2.29 39.32
CA GLU B 122 -21.25 1.98 37.97
C GLU B 122 -20.69 0.57 37.86
N GLY B 123 -19.86 0.19 38.85
CA GLY B 123 -19.34 -1.14 38.96
C GLY B 123 -17.98 -1.20 38.36
N GLY B 124 -17.02 -1.66 39.18
CA GLY B 124 -15.74 -1.88 38.59
C GLY B 124 -15.77 -3.33 38.32
N VAL B 125 -16.64 -4.00 39.10
CA VAL B 125 -16.93 -5.39 39.04
C VAL B 125 -18.42 -5.59 38.96
N PRO B 126 -18.94 -6.73 38.51
CA PRO B 126 -20.37 -6.88 38.42
C PRO B 126 -20.99 -6.94 39.77
N GLN B 127 -22.27 -6.55 39.89
CA GLN B 127 -22.90 -6.50 41.15
C GLN B 127 -23.96 -7.54 41.18
N ARG B 128 -24.46 -7.73 42.41
CA ARG B 128 -25.47 -8.67 42.78
C ARG B 128 -26.74 -8.30 42.10
N PRO B 129 -27.45 -9.37 41.89
CA PRO B 129 -28.78 -9.43 41.38
C PRO B 129 -29.71 -8.48 42.07
N VAL B 130 -30.87 -8.26 41.39
CA VAL B 130 -32.10 -7.65 41.81
C VAL B 130 -32.85 -8.60 42.71
N VAL B 131 -32.86 -9.90 42.38
CA VAL B 131 -33.45 -10.86 43.29
C VAL B 131 -32.43 -11.84 43.75
N PHE B 132 -32.10 -11.79 45.05
CA PHE B 132 -31.11 -12.63 45.75
C PHE B 132 -31.37 -12.79 47.17
N VAL B 133 -30.64 -13.85 47.55
CA VAL B 133 -30.41 -14.45 48.84
C VAL B 133 -28.93 -14.49 49.03
N THR B 134 -28.51 -13.89 50.15
CA THR B 134 -27.15 -13.79 50.55
C THR B 134 -26.78 -15.14 50.95
N ARG B 135 -25.63 -15.59 50.45
CA ARG B 135 -25.25 -16.89 50.82
C ARG B 135 -24.52 -16.73 52.10
N LYS B 136 -25.26 -16.71 53.24
CA LYS B 136 -24.60 -16.39 54.50
C LYS B 136 -23.50 -17.37 54.89
N LYS B 137 -23.62 -18.61 54.45
CA LYS B 137 -22.63 -19.63 54.79
C LYS B 137 -21.28 -19.34 54.14
N LEU B 138 -21.27 -18.63 53.02
CA LEU B 138 -20.02 -18.41 52.26
C LEU B 138 -19.47 -16.98 52.48
N VAL B 139 -20.33 -15.99 52.68
CA VAL B 139 -19.88 -14.60 52.73
C VAL B 139 -18.80 -14.42 53.79
N ASN B 140 -19.08 -14.80 55.04
CA ASN B 140 -18.10 -14.70 56.14
C ASN B 140 -16.83 -15.55 55.95
N ALA B 141 -16.96 -16.81 55.56
CA ALA B 141 -15.79 -17.65 55.36
C ALA B 141 -14.85 -17.17 54.21
N ILE B 142 -15.44 -16.70 53.12
CA ILE B 142 -14.65 -16.24 51.97
C ILE B 142 -13.84 -14.99 52.37
N GLN B 143 -14.48 -14.13 53.15
CA GLN B 143 -13.83 -12.91 53.67
C GLN B 143 -12.65 -13.27 54.58
N GLN B 144 -12.87 -14.23 55.46
CA GLN B 144 -11.84 -14.74 56.34
C GLN B 144 -10.71 -15.45 55.60
N LYS B 145 -11.01 -16.10 54.47
CA LYS B 145 -9.97 -16.75 53.63
C LYS B 145 -9.20 -15.73 52.78
N LEU B 146 -9.87 -14.66 52.36
CA LEU B 146 -9.19 -13.60 51.57
C LEU B 146 -8.13 -12.89 52.40
N SER B 147 -8.40 -12.72 53.69
CA SER B 147 -7.45 -12.11 54.60
C SER B 147 -6.21 -12.99 54.81
N LYS B 148 -6.27 -14.25 54.45
CA LYS B 148 -5.08 -15.11 54.60
C LYS B 148 -3.93 -14.75 53.65
N LEU B 149 -4.18 -13.92 52.64
CA LEU B 149 -3.10 -13.42 51.81
C LEU B 149 -2.11 -12.60 52.64
N LYS B 150 -2.62 -11.84 53.61
CA LYS B 150 -1.82 -10.98 54.50
C LYS B 150 -0.87 -10.04 53.75
N GLY B 151 -1.28 -9.54 52.58
CA GLY B 151 -0.43 -8.66 51.78
C GLY B 151 0.60 -9.38 50.91
N GLU B 152 0.58 -10.72 50.93
CA GLU B 152 1.51 -11.53 50.16
C GLU B 152 0.82 -11.99 48.89
N PRO B 153 1.59 -12.35 47.84
CA PRO B 153 1.02 -12.86 46.61
C PRO B 153 0.12 -14.10 46.79
N GLY B 154 -0.74 -14.32 45.80
CA GLY B 154 -1.57 -15.51 45.80
C GLY B 154 -2.55 -15.47 44.68
N TRP B 155 -3.13 -16.63 44.42
CA TRP B 155 -4.06 -16.83 43.33
C TRP B 155 -5.42 -17.22 43.87
N VAL B 156 -6.41 -16.37 43.66
CA VAL B 156 -7.76 -16.63 44.16
C VAL B 156 -8.59 -16.96 42.91
N THR B 157 -9.21 -18.12 42.93
CA THR B 157 -9.99 -18.58 41.78
C THR B 157 -11.42 -18.95 42.17
N ILE B 158 -12.38 -18.42 41.40
CA ILE B 158 -13.78 -18.69 41.56
C ILE B 158 -14.23 -19.40 40.31
N HIS B 159 -15.06 -20.42 40.47
CA HIS B 159 -15.42 -21.24 39.31
C HIS B 159 -16.92 -21.31 39.05
N GLY B 160 -17.25 -21.55 37.78
CA GLY B 160 -18.62 -21.69 37.32
C GLY B 160 -18.77 -21.28 35.87
N MET B 161 -19.98 -21.44 35.36
CA MET B 161 -20.28 -21.10 33.99
C MET B 161 -21.21 -19.88 33.88
N ALA B 162 -21.19 -19.28 32.69
CA ALA B 162 -22.03 -18.15 32.36
C ALA B 162 -23.51 -18.45 32.64
N GLY B 163 -24.14 -17.60 33.45
CA GLY B 163 -25.51 -17.81 33.88
C GLY B 163 -25.77 -18.70 35.08
N CYS B 164 -24.74 -19.09 35.82
CA CYS B 164 -24.95 -19.98 36.95
C CYS B 164 -24.63 -19.36 38.31
N GLY B 165 -24.49 -18.03 38.34
CA GLY B 165 -24.28 -17.25 39.55
C GLY B 165 -22.83 -17.15 40.01
N LYS B 166 -21.87 -17.26 39.09
CA LYS B 166 -20.45 -17.14 39.43
C LYS B 166 -20.07 -15.71 39.93
N SER B 167 -20.57 -14.70 39.27
CA SER B 167 -20.34 -13.35 39.73
C SER B 167 -21.28 -13.03 40.91
N VAL B 168 -22.43 -13.70 40.95
CA VAL B 168 -23.37 -13.46 42.05
C VAL B 168 -22.74 -13.81 43.40
N LEU B 169 -22.05 -14.95 43.46
CA LEU B 169 -21.33 -15.36 44.66
C LEU B 169 -20.37 -14.28 45.17
N ALA B 170 -19.48 -13.83 44.31
CA ALA B 170 -18.47 -12.83 44.68
C ALA B 170 -19.08 -11.51 45.14
N ALA B 171 -20.16 -11.11 44.49
CA ALA B 171 -20.85 -9.85 44.81
C ALA B 171 -21.27 -9.77 46.29
N GLU B 172 -21.86 -10.82 46.85
CA GLU B 172 -22.23 -10.83 48.27
C GLU B 172 -21.09 -11.16 49.20
N ALA B 173 -20.21 -12.05 48.76
CA ALA B 173 -19.12 -12.49 49.59
C ALA B 173 -18.14 -11.38 49.98
N VAL B 174 -17.82 -10.48 49.04
CA VAL B 174 -16.84 -9.41 49.26
C VAL B 174 -17.45 -8.06 49.61
N ARG B 175 -18.61 -8.00 50.30
CA ARG B 175 -19.21 -6.73 50.59
C ARG B 175 -18.40 -5.98 51.58
N ASP B 176 -17.49 -6.62 52.35
CA ASP B 176 -16.55 -6.05 53.32
C ASP B 176 -15.50 -5.26 52.60
N HIS B 177 -15.51 -3.91 52.69
CA HIS B 177 -14.46 -3.09 52.06
C HIS B 177 -13.08 -3.18 52.76
N SER B 178 -13.08 -3.03 54.08
CA SER B 178 -11.84 -3.02 54.86
C SER B 178 -11.00 -4.27 54.63
N LEU B 179 -11.67 -5.37 54.28
CA LEU B 179 -10.97 -6.59 53.88
C LEU B 179 -9.90 -6.33 52.82
N LEU B 180 -10.27 -5.62 51.76
CA LEU B 180 -9.36 -5.44 50.63
C LEU B 180 -8.90 -4.00 50.52
N GLU B 181 -9.38 -3.17 51.44
CA GLU B 181 -9.01 -1.76 51.48
C GLU B 181 -7.48 -1.61 51.46
N GLY B 182 -6.79 -2.38 52.30
CA GLY B 182 -5.34 -2.33 52.33
C GLY B 182 -4.61 -3.20 51.33
N CYS B 183 -5.36 -3.95 50.52
CA CYS B 183 -4.76 -4.79 49.51
C CYS B 183 -4.66 -4.17 48.15
N PHE B 184 -5.72 -3.49 47.69
CA PHE B 184 -5.71 -2.82 46.40
C PHE B 184 -6.24 -1.40 46.40
N PRO B 185 -5.47 -0.48 47.01
CA PRO B 185 -5.84 0.96 47.01
C PRO B 185 -6.08 1.58 45.61
N GLY B 186 -5.47 1.01 44.57
CA GLY B 186 -5.54 1.53 43.23
C GLY B 186 -6.77 1.10 42.44
N GLY B 187 -7.62 0.27 43.06
CA GLY B 187 -8.89 -0.14 42.47
C GLY B 187 -8.91 -1.54 41.95
N VAL B 188 -10.11 -1.99 41.60
CA VAL B 188 -10.34 -3.35 41.12
C VAL B 188 -11.03 -3.21 39.79
N HIS B 189 -10.54 -3.91 38.78
CA HIS B 189 -11.10 -3.82 37.43
C HIS B 189 -11.42 -5.23 36.96
N TRP B 190 -12.67 -5.43 36.54
CA TRP B 190 -13.11 -6.67 36.00
C TRP B 190 -13.11 -6.66 34.49
N VAL B 191 -12.21 -7.42 33.88
CA VAL B 191 -12.02 -7.41 32.45
C VAL B 191 -12.37 -8.79 31.88
N SER B 192 -13.29 -8.81 30.92
CA SER B 192 -13.71 -10.05 30.27
C SER B 192 -12.56 -10.54 29.37
N VAL B 193 -12.22 -11.81 29.48
CA VAL B 193 -11.19 -12.38 28.64
C VAL B 193 -11.83 -13.39 27.67
N GLY B 194 -12.48 -14.41 28.22
CA GLY B 194 -13.10 -15.45 27.43
C GLY B 194 -12.12 -16.40 26.78
N LYS B 195 -12.65 -17.25 25.91
CA LYS B 195 -11.84 -18.24 25.17
C LYS B 195 -11.15 -17.53 24.01
N GLN B 196 -9.83 -17.38 24.11
CA GLN B 196 -9.06 -16.75 23.06
C GLN B 196 -7.94 -17.69 22.60
N ASP B 197 -7.64 -17.61 21.30
CA ASP B 197 -6.50 -18.30 20.71
C ASP B 197 -5.32 -17.31 20.75
N LYS B 198 -4.19 -17.66 20.16
CA LYS B 198 -2.98 -16.83 20.20
C LYS B 198 -3.23 -15.43 19.66
N SER B 199 -3.87 -15.32 18.52
CA SER B 199 -4.12 -14.00 17.93
C SER B 199 -5.12 -13.21 18.78
N GLY B 200 -6.03 -13.91 19.44
CA GLY B 200 -6.95 -13.29 20.39
C GLY B 200 -6.26 -12.79 21.64
N LEU B 201 -5.25 -13.52 22.11
CA LEU B 201 -4.47 -13.01 23.23
C LEU B 201 -3.70 -11.76 22.84
N LEU B 202 -3.16 -11.73 21.61
CA LEU B 202 -2.45 -10.55 21.13
C LEU B 202 -3.38 -9.34 21.01
N MET B 203 -4.57 -9.55 20.46
CA MET B 203 -5.55 -8.45 20.34
C MET B 203 -6.00 -7.98 21.73
N LYS B 204 -6.17 -8.92 22.66
CA LYS B 204 -6.50 -8.59 24.05
C LYS B 204 -5.38 -7.80 24.75
N LEU B 205 -4.12 -8.17 24.50
CA LEU B 205 -3.00 -7.40 25.05
C LEU B 205 -2.91 -5.96 24.49
N GLN B 206 -3.23 -5.79 23.19
CA GLN B 206 -3.30 -4.46 22.60
C GLN B 206 -4.44 -3.63 23.23
N ASN B 207 -5.55 -4.28 23.52
CA ASN B 207 -6.66 -3.64 24.23
C ASN B 207 -6.32 -3.26 25.70
N LEU B 208 -5.58 -4.15 26.38
CA LEU B 208 -5.16 -3.89 27.74
C LEU B 208 -4.24 -2.70 27.83
N CYS B 209 -3.34 -2.53 26.86
CA CYS B 209 -2.48 -1.34 26.84
C CYS B 209 -3.33 -0.06 26.83
N THR B 210 -4.34 -0.01 25.96
CA THR B 210 -5.23 1.14 25.87
C THR B 210 -5.96 1.39 27.21
N ARG B 211 -6.39 0.30 27.85
CA ARG B 211 -7.17 0.39 29.09
C ARG B 211 -6.44 1.10 30.21
N LEU B 212 -5.11 1.04 30.22
CA LEU B 212 -4.31 1.67 31.25
C LEU B 212 -4.02 3.15 30.97
N ASP B 213 -4.42 3.64 29.81
CA ASP B 213 -4.21 5.04 29.42
C ASP B 213 -5.54 5.61 28.92
N GLN B 214 -6.46 5.83 29.84
CA GLN B 214 -7.81 6.22 29.45
C GLN B 214 -7.81 7.64 28.85
N ASP B 215 -6.89 8.49 29.29
CA ASP B 215 -6.85 9.90 28.83
C ASP B 215 -5.90 10.13 27.66
N GLU B 216 -5.39 9.06 27.08
CA GLU B 216 -4.45 9.12 25.95
C GLU B 216 -3.20 9.99 26.19
N SER B 217 -2.63 9.91 27.40
CA SER B 217 -1.45 10.69 27.77
C SER B 217 -0.16 10.18 27.12
N PHE B 218 -0.19 8.93 26.65
CA PHE B 218 0.94 8.31 25.95
C PHE B 218 0.51 8.06 24.49
N SER B 219 1.43 7.61 23.64
CA SER B 219 1.11 7.35 22.21
C SER B 219 -0.11 6.46 22.00
N GLN B 220 -0.89 6.76 20.95
CA GLN B 220 -2.08 5.97 20.61
C GLN B 220 -1.70 4.67 19.91
N ARG B 221 -0.42 4.48 19.63
CA ARG B 221 0.07 3.26 19.00
C ARG B 221 0.03 2.07 19.96
N LEU B 222 -0.10 0.88 19.42
CA LEU B 222 -0.28 -0.33 20.21
C LEU B 222 0.91 -1.28 20.12
N PRO B 223 1.05 -2.19 21.11
CA PRO B 223 2.20 -3.08 21.09
C PRO B 223 2.08 -3.96 19.85
N LEU B 224 3.21 -4.42 19.33
CA LEU B 224 3.21 -5.20 18.08
C LEU B 224 3.28 -6.69 18.29
N ASN B 225 3.66 -7.11 19.48
CA ASN B 225 3.82 -8.51 19.81
C ASN B 225 3.66 -8.73 21.31
N ILE B 226 3.68 -9.98 21.75
CA ILE B 226 3.40 -10.28 23.15
C ILE B 226 4.49 -9.78 24.10
N GLU B 227 5.75 -9.93 23.71
CA GLU B 227 6.89 -9.53 24.53
C GLU B 227 6.83 -8.02 24.82
N GLU B 228 6.56 -7.23 23.78
CA GLU B 228 6.37 -5.78 23.94
C GLU B 228 5.19 -5.40 24.81
N ALA B 229 4.05 -6.08 24.60
CA ALA B 229 2.87 -5.85 25.40
C ALA B 229 3.12 -6.13 26.89
N LYS B 230 3.86 -7.20 27.17
CA LYS B 230 4.24 -7.56 28.53
C LYS B 230 4.98 -6.38 29.18
N ASP B 231 5.98 -5.88 28.47
CA ASP B 231 6.75 -4.74 28.92
C ASP B 231 5.94 -3.43 29.11
N ARG B 232 5.06 -3.11 28.17
CA ARG B 232 4.28 -1.89 28.30
C ARG B 232 3.32 -1.97 29.49
N LEU B 233 2.69 -3.12 29.68
CA LEU B 233 1.73 -3.29 30.74
C LEU B 233 2.43 -3.22 32.08
N ARG B 234 3.61 -3.82 32.15
CA ARG B 234 4.42 -3.83 33.36
C ARG B 234 4.77 -2.41 33.79
N ILE B 235 5.24 -1.60 32.84
CA ILE B 235 5.64 -0.21 33.12
C ILE B 235 4.44 0.61 33.63
N LEU B 236 3.29 0.47 32.96
CA LEU B 236 2.11 1.23 33.37
C LEU B 236 1.56 0.72 34.72
N MET B 237 1.64 -0.57 34.99
CA MET B 237 1.16 -1.11 36.27
C MET B 237 2.15 -0.87 37.39
N LEU B 238 3.38 -0.63 36.99
CA LEU B 238 4.45 -0.33 37.93
C LEU B 238 4.36 1.14 38.39
N ARG B 239 4.19 2.05 37.43
CA ARG B 239 4.28 3.47 37.72
C ARG B 239 2.95 4.19 37.84
N LYS B 240 1.94 3.76 37.10
CA LYS B 240 0.67 4.49 37.08
C LYS B 240 -0.43 3.76 37.77
N HIS B 241 -0.38 2.44 37.75
CA HIS B 241 -1.42 1.63 38.35
C HIS B 241 -0.89 0.58 39.30
N PRO B 242 0.05 0.97 40.18
CA PRO B 242 0.53 0.00 41.14
C PRO B 242 -0.51 -0.21 42.21
N ARG B 243 -0.45 -1.34 42.90
CA ARG B 243 -1.40 -1.68 43.99
C ARG B 243 -2.89 -1.77 43.57
N SER B 244 -3.14 -2.47 42.48
CA SER B 244 -4.47 -2.62 41.90
C SER B 244 -4.70 -4.03 41.43
N LEU B 245 -5.95 -4.38 41.24
CA LEU B 245 -6.33 -5.73 40.89
C LEU B 245 -6.97 -5.78 39.49
N LEU B 246 -6.37 -6.62 38.64
CA LEU B 246 -6.90 -6.93 37.32
C LEU B 246 -7.54 -8.31 37.38
N ILE B 247 -8.84 -8.40 37.19
CA ILE B 247 -9.55 -9.65 37.25
C ILE B 247 -9.81 -10.19 35.84
N LEU B 248 -9.39 -11.44 35.62
CA LEU B 248 -9.54 -12.13 34.34
C LEU B 248 -10.79 -12.99 34.33
N ASP B 249 -11.82 -12.52 33.63
CA ASP B 249 -13.08 -13.23 33.59
C ASP B 249 -13.08 -14.29 32.51
N ASP B 250 -13.51 -15.49 32.87
CA ASP B 250 -13.62 -16.64 31.97
C ASP B 250 -12.29 -17.09 31.31
N VAL B 251 -11.44 -17.66 32.14
CA VAL B 251 -10.17 -18.21 31.72
C VAL B 251 -10.47 -19.62 31.26
N TRP B 252 -10.02 -19.97 30.05
CA TRP B 252 -10.25 -21.33 29.49
C TRP B 252 -8.98 -22.03 29.05
N ASP B 253 -7.97 -21.28 28.69
CA ASP B 253 -6.77 -21.88 28.10
C ASP B 253 -5.50 -21.51 28.84
N SER B 254 -4.68 -22.52 29.13
CA SER B 254 -3.44 -22.31 29.85
C SER B 254 -2.39 -21.49 29.05
N TRP B 255 -2.55 -21.45 27.72
CA TRP B 255 -1.73 -20.60 26.87
C TRP B 255 -1.83 -19.16 27.32
N VAL B 256 -3.02 -18.72 27.70
CA VAL B 256 -3.18 -17.34 28.19
C VAL B 256 -2.47 -17.15 29.52
N LEU B 257 -2.68 -18.09 30.44
CA LEU B 257 -2.12 -18.04 31.78
C LEU B 257 -0.60 -18.03 31.82
N LYS B 258 0.03 -18.61 30.78
CA LYS B 258 1.49 -18.58 30.58
C LYS B 258 2.09 -17.17 30.70
N ALA B 259 1.30 -16.15 30.28
CA ALA B 259 1.78 -14.77 30.26
C ALA B 259 1.51 -14.02 31.57
N PHE B 260 0.80 -14.69 32.49
CA PHE B 260 0.36 -14.13 33.78
C PHE B 260 0.92 -14.84 34.99
N ASP B 261 1.48 -16.02 34.80
CA ASP B 261 2.03 -16.80 35.91
C ASP B 261 3.34 -16.18 36.40
N SER B 262 3.23 -15.18 37.28
CA SER B 262 4.39 -14.46 37.78
C SER B 262 4.37 -14.26 39.29
N GLN B 263 3.66 -15.15 39.99
CA GLN B 263 3.56 -15.15 41.47
C GLN B 263 3.10 -13.79 42.03
N CYS B 264 1.98 -13.28 41.47
CA CYS B 264 1.32 -12.03 41.90
C CYS B 264 -0.07 -12.32 42.40
N GLN B 265 -0.63 -11.33 43.10
CA GLN B 265 -1.99 -11.39 43.60
C GLN B 265 -2.93 -11.30 42.44
N ILE B 266 -3.48 -12.45 42.06
CA ILE B 266 -4.39 -12.51 40.91
C ILE B 266 -5.71 -13.18 41.24
N LEU B 267 -6.80 -12.49 40.91
CA LEU B 267 -8.14 -13.01 41.08
C LEU B 267 -8.65 -13.26 39.67
N LEU B 268 -9.17 -14.44 39.43
CA LEU B 268 -9.74 -14.79 38.14
C LEU B 268 -10.88 -15.77 38.28
N THR B 269 -11.70 -15.84 37.24
CA THR B 269 -12.83 -16.75 37.20
C THR B 269 -12.61 -17.72 36.07
N THR B 270 -13.06 -18.94 36.28
CA THR B 270 -12.79 -20.04 35.35
C THR B 270 -13.80 -21.16 35.49
N ARG B 271 -13.58 -22.25 34.77
CA ARG B 271 -14.52 -23.39 34.83
C ARG B 271 -14.29 -24.22 36.09
N ASP B 272 -13.05 -24.26 36.59
CA ASP B 272 -12.67 -25.12 37.71
C ASP B 272 -11.63 -24.44 38.62
N LYS B 273 -11.93 -24.36 39.90
CA LYS B 273 -10.98 -23.86 40.89
C LYS B 273 -9.60 -24.52 40.86
N SER B 274 -9.50 -25.71 40.27
CA SER B 274 -8.20 -26.39 40.14
C SER B 274 -7.19 -25.61 39.30
N VAL B 275 -7.61 -24.60 38.54
CA VAL B 275 -6.67 -23.80 37.75
C VAL B 275 -5.50 -23.25 38.56
N THR B 276 -5.71 -23.01 39.85
CA THR B 276 -4.68 -22.49 40.72
C THR B 276 -3.40 -23.38 40.77
N ASP B 277 -3.57 -24.66 40.44
CA ASP B 277 -2.42 -25.61 40.41
C ASP B 277 -1.44 -25.40 39.27
N SER B 278 -1.88 -24.79 38.18
CA SER B 278 -1.00 -24.59 37.02
C SER B 278 -0.13 -23.33 37.14
N VAL B 279 -0.37 -22.57 38.20
CA VAL B 279 0.30 -21.32 38.42
C VAL B 279 0.98 -21.38 39.80
N MET B 280 1.96 -20.50 40.01
CA MET B 280 2.74 -20.48 41.24
C MET B 280 2.34 -19.37 42.16
N GLY B 281 2.27 -19.69 43.45
CA GLY B 281 1.89 -18.74 44.49
C GLY B 281 0.83 -19.41 45.34
N PRO B 282 0.61 -18.90 46.57
CA PRO B 282 -0.40 -19.43 47.50
C PRO B 282 -1.77 -19.47 46.85
N LYS B 283 -2.43 -20.61 46.93
CA LYS B 283 -3.67 -20.86 46.21
C LYS B 283 -4.83 -20.79 47.18
N TYR B 284 -5.89 -20.10 46.77
CA TYR B 284 -7.11 -19.98 47.55
C TYR B 284 -8.29 -20.20 46.62
N VAL B 285 -9.20 -21.05 47.05
CA VAL B 285 -10.34 -21.44 46.25
C VAL B 285 -11.61 -21.46 47.10
N VAL B 286 -12.76 -21.49 46.43
CA VAL B 286 -14.05 -21.59 47.08
C VAL B 286 -14.73 -22.84 46.55
N PRO B 287 -15.11 -23.62 47.52
CA PRO B 287 -15.67 -24.93 47.33
C PRO B 287 -17.12 -24.85 47.03
N VAL B 288 -17.73 -23.73 47.44
CA VAL B 288 -19.09 -23.24 47.36
C VAL B 288 -20.10 -24.14 48.00
N GLU B 289 -19.78 -24.41 49.28
CA GLU B 289 -20.56 -25.29 50.04
C GLU B 289 -21.55 -24.50 50.76
N SER B 290 -22.63 -24.26 49.99
CA SER B 290 -23.81 -23.59 50.39
C SER B 290 -24.83 -23.77 49.29
N SER B 291 -26.10 -23.82 49.71
CA SER B 291 -27.20 -23.92 48.81
C SER B 291 -28.34 -23.24 49.46
N LEU B 292 -29.40 -23.03 48.69
CA LEU B 292 -30.48 -22.32 49.31
C LEU B 292 -31.50 -23.34 49.56
N GLY B 293 -32.32 -23.08 50.59
CA GLY B 293 -33.34 -23.98 51.06
C GLY B 293 -34.69 -23.46 50.67
N LYS B 294 -35.72 -23.97 51.36
CA LYS B 294 -37.12 -23.63 51.07
C LYS B 294 -37.45 -22.16 51.25
N GLU B 295 -37.28 -21.66 52.47
CA GLU B 295 -37.64 -20.27 52.76
C GLU B 295 -36.81 -19.26 51.98
N LYS B 296 -35.57 -19.62 51.70
CA LYS B 296 -34.71 -18.79 50.89
C LYS B 296 -35.21 -18.73 49.44
N GLY B 297 -35.66 -19.88 48.92
CA GLY B 297 -36.28 -19.93 47.61
C GLY B 297 -37.60 -19.20 47.58
N LEU B 298 -38.33 -19.22 48.70
CA LEU B 298 -39.59 -18.47 48.83
C LEU B 298 -39.37 -16.95 48.86
N GLU B 299 -38.25 -16.53 49.45
CA GLU B 299 -37.83 -15.12 49.39
C GLU B 299 -37.50 -14.72 47.96
N ILE B 300 -36.83 -15.61 47.22
CA ILE B 300 -36.56 -15.35 45.81
C ILE B 300 -37.88 -15.16 45.06
N LEU B 301 -38.81 -16.10 45.24
CA LEU B 301 -40.13 -16.01 44.60
C LEU B 301 -40.85 -14.71 44.96
N SER B 302 -40.92 -14.40 46.26
CA SER B 302 -41.62 -13.22 46.74
C SER B 302 -41.15 -11.96 45.99
N LEU B 303 -39.84 -11.84 45.78
CA LEU B 303 -39.30 -10.66 45.10
C LEU B 303 -39.67 -10.67 43.62
N PHE B 304 -39.77 -11.86 43.03
CA PHE B 304 -40.08 -11.97 41.60
C PHE B 304 -41.55 -11.62 41.32
N VAL B 305 -42.48 -12.09 42.16
CA VAL B 305 -43.93 -11.96 41.86
C VAL B 305 -44.68 -11.02 42.83
N ASN B 306 -43.91 -10.58 43.86
CA ASN B 306 -44.35 -9.67 44.86
C ASN B 306 -45.53 -10.26 45.58
N MET B 307 -45.42 -11.55 46.00
CA MET B 307 -46.49 -12.19 46.73
C MET B 307 -45.89 -12.58 48.05
N LYS B 308 -46.66 -12.66 49.17
CA LYS B 308 -45.91 -13.08 50.32
C LYS B 308 -45.68 -14.54 50.17
N LYS B 309 -44.67 -15.09 50.82
CA LYS B 309 -44.54 -16.53 50.62
C LYS B 309 -45.81 -17.25 51.06
N ALA B 310 -46.49 -16.70 52.08
CA ALA B 310 -47.79 -17.18 52.56
C ALA B 310 -48.92 -17.09 51.52
N ASP B 311 -48.78 -16.18 50.57
CA ASP B 311 -49.76 -16.01 49.49
C ASP B 311 -49.56 -16.96 48.35
N LEU B 312 -48.39 -17.64 48.32
CA LEU B 312 -48.10 -18.55 47.27
C LEU B 312 -48.82 -19.83 47.50
N PRO B 313 -49.37 -20.26 46.41
CA PRO B 313 -50.02 -21.53 46.25
C PRO B 313 -49.14 -22.62 46.65
N GLU B 314 -49.83 -23.66 47.10
CA GLU B 314 -49.32 -24.99 47.51
C GLU B 314 -48.38 -25.61 46.51
N GLN B 315 -48.67 -25.43 45.24
CA GLN B 315 -47.83 -25.92 44.14
C GLN B 315 -46.47 -25.26 44.13
N ALA B 316 -46.41 -23.98 44.50
CA ALA B 316 -45.15 -23.27 44.62
C ALA B 316 -44.25 -23.83 45.73
N HIS B 317 -44.87 -24.35 46.78
CA HIS B 317 -44.18 -25.01 47.91
C HIS B 317 -43.78 -26.46 47.58
N SER B 318 -44.66 -27.14 46.84
CA SER B 318 -44.43 -28.49 46.37
C SER B 318 -43.25 -28.63 45.38
N ILE B 319 -43.19 -27.73 44.41
CA ILE B 319 -42.13 -27.71 43.44
C ILE B 319 -40.79 -27.36 44.07
N ILE B 320 -40.84 -26.63 45.17
CA ILE B 320 -39.65 -26.39 45.97
C ILE B 320 -39.20 -27.64 46.70
N LYS B 321 -40.14 -28.40 47.25
CA LYS B 321 -39.87 -29.70 47.85
C LYS B 321 -39.28 -30.69 46.81
N GLU B 322 -39.69 -30.55 45.53
CA GLU B 322 -39.13 -31.37 44.45
C GLU B 322 -37.75 -30.93 43.96
N CYS B 323 -37.53 -29.64 43.82
CA CYS B 323 -36.26 -29.11 43.34
C CYS B 323 -35.26 -28.74 44.44
N LYS B 324 -35.74 -28.77 45.69
CA LYS B 324 -34.96 -28.45 46.91
C LYS B 324 -34.52 -26.98 46.97
N GLY B 325 -35.28 -26.11 46.31
CA GLY B 325 -35.04 -24.68 46.38
C GLY B 325 -33.87 -24.07 45.61
N SER B 326 -33.38 -24.72 44.54
CA SER B 326 -32.26 -24.14 43.78
C SER B 326 -32.62 -22.78 43.14
N PRO B 327 -31.78 -21.74 43.35
CA PRO B 327 -32.08 -20.44 42.76
C PRO B 327 -32.10 -20.36 41.22
N LEU B 328 -31.35 -21.20 40.52
CA LEU B 328 -31.38 -21.18 39.04
C LEU B 328 -32.73 -21.68 38.51
N VAL B 329 -33.33 -22.65 39.20
CA VAL B 329 -34.63 -23.19 38.80
C VAL B 329 -35.73 -22.20 39.21
N VAL B 330 -35.63 -21.63 40.41
CA VAL B 330 -36.68 -20.74 40.88
C VAL B 330 -36.79 -19.55 39.96
N SER B 331 -35.68 -18.96 39.57
CA SER B 331 -35.67 -17.82 38.63
C SER B 331 -36.37 -18.08 37.29
N LEU B 332 -36.07 -19.22 36.70
CA LEU B 332 -36.69 -19.62 35.42
C LEU B 332 -38.19 -19.85 35.50
N ILE B 333 -38.59 -20.70 36.44
CA ILE B 333 -39.97 -21.07 36.64
C ILE B 333 -40.85 -19.84 36.94
N GLY B 334 -40.34 -18.91 37.71
CA GLY B 334 -41.05 -17.66 38.01
C GLY B 334 -41.38 -16.85 36.77
N ALA B 335 -40.38 -16.67 35.91
CA ALA B 335 -40.55 -15.97 34.62
C ALA B 335 -41.48 -16.73 33.69
N LEU B 336 -41.41 -18.06 33.72
CA LEU B 336 -42.32 -18.91 32.93
C LEU B 336 -43.78 -18.82 33.35
N LEU B 337 -44.02 -18.87 34.65
CA LEU B 337 -45.38 -18.83 35.18
C LEU B 337 -45.85 -17.38 35.36
N ARG B 338 -44.96 -16.40 35.17
CA ARG B 338 -45.38 -15.01 35.06
C ARG B 338 -46.43 -14.84 33.96
N ASP B 339 -46.07 -15.27 32.76
CA ASP B 339 -46.98 -15.28 31.59
C ASP B 339 -47.90 -16.46 31.50
N PHE B 340 -47.38 -17.71 31.64
CA PHE B 340 -48.15 -18.94 31.58
C PHE B 340 -49.05 -18.99 32.80
N PRO B 341 -50.30 -19.42 32.69
CA PRO B 341 -51.20 -19.48 33.83
C PRO B 341 -50.48 -20.23 34.92
N ASN B 342 -50.68 -19.89 36.22
CA ASN B 342 -49.84 -20.48 37.25
C ASN B 342 -50.18 -21.93 37.46
N ARG B 343 -49.54 -22.79 36.64
CA ARG B 343 -49.65 -24.21 36.72
C ARG B 343 -48.24 -24.73 36.74
N TRP B 344 -47.72 -25.04 37.95
CA TRP B 344 -46.39 -25.50 38.20
C TRP B 344 -46.27 -26.85 37.59
N GLU B 345 -47.40 -27.58 37.59
CA GLU B 345 -47.48 -28.90 37.04
C GLU B 345 -47.07 -28.92 35.61
N TYR B 346 -47.36 -27.84 34.85
CA TYR B 346 -47.11 -27.90 33.44
C TYR B 346 -45.64 -28.03 33.23
N TYR B 347 -44.84 -27.11 33.81
CA TYR B 347 -43.45 -27.04 33.49
C TYR B 347 -42.71 -28.06 34.28
N LEU B 348 -43.29 -28.50 35.42
CA LEU B 348 -42.70 -29.50 36.25
C LEU B 348 -42.69 -30.80 35.52
N LYS B 349 -43.88 -31.28 35.11
CA LYS B 349 -43.93 -32.55 34.47
C LYS B 349 -43.23 -32.47 33.16
N GLN B 350 -43.29 -31.30 32.51
CA GLN B 350 -42.58 -31.12 31.28
C GLN B 350 -41.11 -31.32 31.51
N LEU B 351 -40.53 -30.69 32.54
CA LEU B 351 -39.10 -30.77 32.68
C LEU B 351 -38.69 -32.14 33.13
N GLN B 352 -39.60 -32.90 33.75
CA GLN B 352 -39.20 -34.23 34.14
C GLN B 352 -39.00 -35.09 32.93
N ASN B 353 -39.50 -34.62 31.78
CA ASN B 353 -39.39 -35.36 30.56
C ASN B 353 -38.08 -35.27 29.83
N LYS B 354 -37.45 -34.12 30.08
CA LYS B 354 -36.24 -33.59 29.43
C LYS B 354 -36.26 -32.05 29.60
N GLN B 355 -35.91 -31.57 30.79
CA GLN B 355 -36.00 -30.14 31.19
C GLN B 355 -35.56 -29.12 30.13
N PHE B 356 -35.54 -27.82 30.47
CA PHE B 356 -35.18 -26.83 29.46
C PHE B 356 -33.67 -26.65 29.38
N LYS B 357 -32.93 -27.45 30.14
CA LYS B 357 -31.50 -27.59 29.92
C LYS B 357 -31.22 -28.48 28.71
N ARG B 358 -32.21 -29.27 28.32
CA ARG B 358 -32.09 -30.14 27.15
C ARG B 358 -32.63 -29.46 25.89
N ILE B 359 -33.70 -28.61 26.05
CA ILE B 359 -34.40 -27.92 25.00
C ILE B 359 -34.10 -26.47 25.23
N ARG B 360 -33.31 -25.82 24.33
CA ARG B 360 -32.97 -24.44 24.58
C ARG B 360 -34.19 -23.56 24.41
N LYS B 361 -34.41 -22.66 25.39
CA LYS B 361 -35.50 -21.71 25.40
C LYS B 361 -34.91 -20.34 25.50
N SER B 362 -35.77 -19.30 25.52
CA SER B 362 -35.31 -17.95 25.71
C SER B 362 -34.84 -17.88 27.12
N SER B 363 -33.69 -17.20 27.37
CA SER B 363 -33.15 -17.08 28.71
C SER B 363 -32.21 -15.88 28.82
N SER B 364 -32.04 -15.37 30.04
CA SER B 364 -31.16 -14.27 30.27
C SER B 364 -29.79 -14.83 30.37
N TYR B 365 -29.71 -16.16 30.58
CA TYR B 365 -28.47 -16.86 30.66
C TYR B 365 -27.85 -16.77 29.30
N ASP B 366 -26.52 -16.70 29.24
CA ASP B 366 -25.83 -16.48 28.01
C ASP B 366 -26.05 -17.66 27.12
N TYR B 367 -26.12 -18.84 27.72
CA TYR B 367 -26.34 -20.08 26.98
C TYR B 367 -27.43 -20.90 27.65
N GLU B 368 -28.22 -21.65 26.86
CA GLU B 368 -29.21 -22.42 27.56
C GLU B 368 -28.81 -23.83 27.45
N ALA B 369 -27.64 -24.06 26.84
CA ALA B 369 -27.19 -25.40 26.88
C ALA B 369 -25.85 -25.44 27.52
N LEU B 370 -25.68 -26.50 28.33
CA LEU B 370 -24.53 -26.86 29.10
C LEU B 370 -23.42 -27.19 28.18
N ASP B 371 -23.75 -27.73 27.00
CA ASP B 371 -22.75 -28.16 26.07
C ASP B 371 -22.00 -26.97 25.56
N GLU B 372 -22.60 -25.77 25.58
CA GLU B 372 -21.94 -24.66 24.96
C GLU B 372 -20.63 -24.40 25.64
N ALA B 373 -20.67 -24.16 26.98
CA ALA B 373 -19.47 -23.88 27.72
C ALA B 373 -18.67 -25.11 27.97
N MET B 374 -19.36 -26.25 28.22
CA MET B 374 -18.74 -27.49 28.58
C MET B 374 -17.88 -28.00 27.48
N SER B 375 -18.32 -27.79 26.22
CA SER B 375 -17.62 -28.34 25.10
C SER B 375 -16.24 -27.78 25.01
N ILE B 376 -15.98 -26.64 25.65
CA ILE B 376 -14.66 -26.09 25.61
C ILE B 376 -13.70 -26.99 26.31
N SER B 377 -14.11 -27.58 27.45
CA SER B 377 -13.22 -28.39 28.24
C SER B 377 -13.23 -29.81 27.76
N VAL B 378 -14.33 -30.25 27.13
CA VAL B 378 -14.43 -31.60 26.69
C VAL B 378 -13.70 -31.78 25.41
N GLU B 379 -13.88 -30.85 24.46
CA GLU B 379 -13.25 -30.98 23.18
C GLU B 379 -11.78 -30.75 23.38
N MET B 380 -11.34 -30.02 24.44
CA MET B 380 -9.90 -29.81 24.55
C MET B 380 -9.44 -31.03 25.32
N LEU B 381 -9.52 -32.25 24.69
CA LEU B 381 -9.07 -33.43 25.40
C LEU B 381 -8.52 -34.33 24.32
N ARG B 382 -8.60 -35.69 24.49
CA ARG B 382 -8.16 -36.65 23.50
C ARG B 382 -9.27 -37.67 23.27
N GLU B 383 -9.40 -38.18 22.01
CA GLU B 383 -10.49 -39.05 21.64
C GLU B 383 -10.85 -40.11 22.66
N ASP B 384 -9.86 -40.85 23.16
CA ASP B 384 -10.14 -41.88 24.17
C ASP B 384 -10.79 -41.36 25.46
N ILE B 385 -10.27 -40.28 26.05
CA ILE B 385 -10.87 -39.71 27.28
C ILE B 385 -12.09 -38.79 27.06
N LYS B 386 -12.31 -38.30 25.83
CA LYS B 386 -13.58 -37.69 25.43
C LYS B 386 -14.74 -38.67 25.37
N ASP B 387 -14.48 -39.86 24.83
CA ASP B 387 -15.45 -40.95 24.94
C ASP B 387 -15.63 -41.42 26.38
N TYR B 388 -14.55 -41.57 27.12
CA TYR B 388 -14.70 -41.95 28.50
C TYR B 388 -15.59 -40.97 29.28
N TYR B 389 -15.41 -39.67 29.07
CA TYR B 389 -16.29 -38.69 29.73
C TYR B 389 -17.78 -38.96 29.48
N THR B 390 -18.10 -39.23 28.23
CA THR B 390 -19.48 -39.44 27.84
C THR B 390 -19.94 -40.83 28.26
N ASP B 391 -18.99 -41.73 28.47
CA ASP B 391 -19.34 -43.10 28.86
C ASP B 391 -19.81 -43.20 30.32
N LEU B 392 -19.57 -42.15 31.09
CA LEU B 392 -19.92 -42.17 32.51
C LEU B 392 -21.41 -42.14 32.77
N SER B 393 -22.20 -41.81 31.75
CA SER B 393 -23.65 -41.62 31.92
C SER B 393 -24.43 -42.93 32.07
N ILE B 394 -23.77 -44.08 31.97
CA ILE B 394 -24.44 -45.39 32.14
C ILE B 394 -24.69 -45.77 33.58
N LEU B 395 -24.11 -44.98 34.48
CA LEU B 395 -24.22 -45.22 35.88
C LEU B 395 -25.51 -44.58 36.31
N GLN B 396 -26.30 -45.33 37.11
CA GLN B 396 -27.54 -44.93 37.74
C GLN B 396 -27.16 -44.03 38.86
N LYS B 397 -27.59 -42.75 38.81
CA LYS B 397 -27.30 -41.76 39.82
C LYS B 397 -28.17 -42.12 40.96
N ASP B 398 -27.79 -41.67 42.17
CA ASP B 398 -26.65 -40.79 42.23
C ASP B 398 -25.78 -41.37 43.27
N VAL B 399 -24.78 -42.16 42.76
CA VAL B 399 -23.87 -42.96 43.51
C VAL B 399 -22.42 -42.68 43.21
N LYS B 400 -21.73 -42.65 44.35
CA LYS B 400 -20.37 -42.42 44.62
C LYS B 400 -19.65 -43.73 44.49
N VAL B 401 -18.92 -43.88 43.36
CA VAL B 401 -18.41 -45.17 43.14
C VAL B 401 -16.93 -45.05 43.17
N PRO B 402 -16.44 -46.18 43.60
CA PRO B 402 -15.04 -46.36 43.82
C PRO B 402 -14.48 -46.48 42.45
N THR B 403 -13.11 -46.46 42.32
CA THR B 403 -12.48 -46.41 41.00
C THR B 403 -12.61 -47.68 40.17
N LYS B 404 -12.37 -48.82 40.83
CA LYS B 404 -12.29 -50.12 40.17
C LYS B 404 -13.42 -50.34 39.17
N VAL B 405 -14.59 -49.75 39.45
CA VAL B 405 -15.82 -50.10 38.72
C VAL B 405 -15.73 -49.70 37.25
N LEU B 406 -14.83 -48.78 36.93
CA LEU B 406 -14.74 -48.22 35.57
C LEU B 406 -13.66 -48.88 34.72
N CYS B 407 -12.94 -49.83 35.29
CA CYS B 407 -11.90 -50.53 34.55
C CYS B 407 -12.46 -51.29 33.36
N ILE B 408 -13.54 -52.02 33.61
CA ILE B 408 -14.19 -52.83 32.59
C ILE B 408 -14.72 -51.94 31.47
N LEU B 409 -15.36 -50.84 31.86
CA LEU B 409 -15.99 -49.89 30.93
C LEU B 409 -14.94 -49.32 29.97
N TRP B 410 -13.85 -48.81 30.52
CA TRP B 410 -12.84 -48.12 29.73
C TRP B 410 -11.83 -49.05 29.06
N ASP B 411 -11.72 -50.28 29.61
CA ASP B 411 -10.75 -51.27 29.21
C ASP B 411 -9.44 -50.80 29.64
N MET B 412 -9.44 -50.07 30.76
CA MET B 412 -8.24 -49.50 31.25
C MET B 412 -7.85 -50.14 32.54
N GLU B 413 -6.54 -50.08 32.81
CA GLU B 413 -5.89 -50.56 33.98
C GLU B 413 -6.17 -49.63 35.10
N THR B 414 -6.20 -50.19 36.34
CA THR B 414 -6.52 -49.35 37.48
C THR B 414 -5.81 -48.01 37.56
N GLU B 415 -4.51 -47.98 37.30
CA GLU B 415 -3.74 -46.74 37.35
C GLU B 415 -4.17 -45.79 36.24
N GLU B 416 -4.48 -46.36 35.08
CA GLU B 416 -4.96 -45.59 33.92
C GLU B 416 -6.34 -44.95 34.17
N VAL B 417 -7.24 -45.71 34.80
CA VAL B 417 -8.56 -45.23 35.18
C VAL B 417 -8.44 -44.12 36.22
N GLU B 418 -7.58 -44.32 37.21
CA GLU B 418 -7.40 -43.36 38.28
C GLU B 418 -6.90 -42.01 37.75
N ASP B 419 -5.87 -42.02 36.91
CA ASP B 419 -5.32 -40.80 36.33
C ASP B 419 -6.34 -40.03 35.48
N ILE B 420 -7.08 -40.74 34.65
CA ILE B 420 -8.09 -40.13 33.80
C ILE B 420 -9.22 -39.53 34.62
N LEU B 421 -9.63 -40.20 35.69
CA LEU B 421 -10.63 -39.66 36.62
C LEU B 421 -10.18 -38.39 37.35
N GLN B 422 -8.92 -38.34 37.79
CA GLN B 422 -8.33 -37.15 38.45
C GLN B 422 -8.33 -35.95 37.48
N GLU B 423 -8.04 -36.23 36.21
CA GLU B 423 -8.13 -35.21 35.18
C GLU B 423 -9.57 -34.73 35.00
N PHE B 424 -10.53 -35.64 34.94
CA PHE B 424 -11.95 -35.24 34.82
C PHE B 424 -12.34 -34.28 35.93
N VAL B 425 -11.94 -34.63 37.14
CA VAL B 425 -12.17 -33.80 38.31
C VAL B 425 -11.48 -32.46 38.14
N ASN B 426 -10.24 -32.48 37.63
CA ASN B 426 -9.46 -31.27 37.35
C ASN B 426 -10.09 -30.40 36.26
N LYS B 427 -11.00 -30.96 35.47
CA LYS B 427 -11.71 -30.22 34.41
C LYS B 427 -13.19 -29.87 34.74
N SER B 428 -13.62 -30.12 35.99
CA SER B 428 -15.05 -29.96 36.50
C SER B 428 -16.05 -30.89 35.84
N LEU B 429 -15.57 -32.01 35.35
CA LEU B 429 -16.38 -32.99 34.66
C LEU B 429 -16.86 -34.12 35.59
N LEU B 430 -16.34 -34.12 36.81
CA LEU B 430 -16.48 -35.20 37.75
C LEU B 430 -16.24 -34.61 39.13
N PHE B 431 -17.02 -35.05 40.12
CA PHE B 431 -16.85 -34.65 41.51
C PHE B 431 -16.28 -35.82 42.26
N CYS B 432 -15.52 -35.51 43.31
CA CYS B 432 -14.71 -36.51 44.02
C CYS B 432 -14.97 -36.38 45.48
N ASP B 433 -15.56 -37.41 46.09
CA ASP B 433 -15.70 -37.51 47.58
C ASP B 433 -14.52 -38.38 48.05
N ARG B 434 -13.47 -37.72 48.53
CA ARG B 434 -12.29 -38.39 49.02
C ARG B 434 -12.62 -39.07 50.34
N ASN B 435 -12.86 -40.37 50.29
CA ASN B 435 -13.17 -41.14 51.48
C ASN B 435 -11.88 -41.55 52.16
N GLY B 436 -11.19 -40.57 52.73
CA GLY B 436 -9.92 -40.79 53.38
C GLY B 436 -8.83 -41.11 52.37
N LYS B 437 -8.43 -42.37 52.35
CA LYS B 437 -7.49 -42.87 51.35
C LYS B 437 -8.19 -43.23 50.01
N SER B 438 -9.50 -43.45 50.04
CA SER B 438 -10.25 -43.75 48.82
C SER B 438 -10.87 -42.50 48.16
N PHE B 439 -11.20 -42.62 46.86
CA PHE B 439 -11.76 -41.53 46.05
C PHE B 439 -13.07 -41.99 45.39
N ARG B 440 -14.20 -41.73 46.06
CA ARG B 440 -15.50 -42.10 45.51
C ARG B 440 -16.06 -40.98 44.64
N TYR B 441 -16.14 -41.26 43.34
CA TYR B 441 -16.44 -40.25 42.35
C TYR B 441 -17.92 -40.24 42.04
N TYR B 442 -18.44 -39.04 41.78
CA TYR B 442 -19.86 -38.88 41.53
C TYR B 442 -20.16 -37.67 40.66
N LEU B 443 -21.43 -37.56 40.22
CA LEU B 443 -21.83 -36.50 39.35
C LEU B 443 -22.99 -35.83 40.03
N HIS B 444 -23.28 -34.56 39.73
CA HIS B 444 -24.47 -34.11 40.39
C HIS B 444 -25.60 -34.52 39.50
N ASP B 445 -26.84 -34.35 39.98
CA ASP B 445 -28.09 -34.72 39.25
C ASP B 445 -28.17 -34.16 37.86
N LEU B 446 -27.97 -32.85 37.75
CA LEU B 446 -27.97 -32.19 36.45
C LEU B 446 -26.81 -32.64 35.56
N GLN B 447 -25.65 -32.84 36.16
CA GLN B 447 -24.46 -33.29 35.46
C GLN B 447 -24.69 -34.64 34.80
N VAL B 448 -25.46 -35.50 35.45
CA VAL B 448 -25.83 -36.81 34.84
C VAL B 448 -26.86 -36.57 33.73
N ASP B 449 -27.91 -35.78 34.04
CA ASP B 449 -29.02 -35.52 33.10
C ASP B 449 -28.56 -35.03 31.73
N PHE B 450 -27.51 -34.21 31.73
CA PHE B 450 -26.93 -33.73 30.48
C PHE B 450 -26.53 -34.84 29.51
N LEU B 451 -25.72 -35.80 29.95
CA LEU B 451 -25.24 -36.87 29.08
C LEU B 451 -26.32 -37.90 28.78
N THR B 452 -27.26 -38.00 29.70
CA THR B 452 -28.39 -38.90 29.56
C THR B 452 -29.11 -38.63 28.25
N GLU B 453 -29.31 -37.35 27.98
CA GLU B 453 -29.93 -36.87 26.74
C GLU B 453 -28.90 -36.86 25.57
N LYS B 454 -27.68 -36.36 25.80
CA LYS B 454 -26.66 -36.27 24.73
C LYS B 454 -26.29 -37.62 24.09
N ASN B 455 -26.21 -38.68 24.88
CA ASN B 455 -25.86 -39.99 24.39
C ASN B 455 -27.09 -40.74 24.01
N CYS B 456 -27.01 -41.63 22.98
CA CYS B 456 -28.09 -42.43 22.41
C CYS B 456 -27.79 -43.89 22.66
N SER B 457 -27.85 -44.66 21.56
CA SER B 457 -27.70 -46.09 21.39
C SER B 457 -26.33 -46.53 21.77
N GLN B 458 -25.36 -45.59 21.84
CA GLN B 458 -24.07 -46.02 22.31
C GLN B 458 -24.19 -46.53 23.71
N LEU B 459 -25.13 -45.97 24.49
CA LEU B 459 -25.34 -46.42 25.84
C LEU B 459 -25.75 -47.86 25.92
N GLN B 460 -26.65 -48.34 25.04
CA GLN B 460 -26.98 -49.73 25.13
C GLN B 460 -25.81 -50.58 24.74
N ASP B 461 -24.97 -50.11 23.79
CA ASP B 461 -23.80 -50.84 23.42
C ASP B 461 -22.85 -50.91 24.56
N LEU B 462 -22.77 -49.84 25.39
CA LEU B 462 -21.88 -49.83 26.51
C LEU B 462 -22.38 -50.81 27.53
N HIS B 463 -23.72 -50.88 27.71
CA HIS B 463 -24.30 -51.78 28.67
C HIS B 463 -23.94 -53.18 28.30
N LYS B 464 -24.11 -53.55 27.02
CA LYS B 464 -23.90 -54.90 26.59
C LYS B 464 -22.44 -55.19 26.63
N LYS B 465 -21.59 -54.20 26.29
CA LYS B 465 -20.17 -54.42 26.23
C LYS B 465 -19.63 -54.85 27.56
N ILE B 466 -19.97 -54.13 28.65
CA ILE B 466 -19.31 -54.35 29.90
C ILE B 466 -19.79 -55.63 30.51
N ILE B 467 -20.94 -56.14 30.05
CA ILE B 467 -21.43 -57.42 30.49
C ILE B 467 -20.51 -58.50 30.01
N THR B 468 -20.17 -58.50 28.71
CA THR B 468 -19.31 -59.51 28.17
C THR B 468 -17.94 -59.35 28.74
N GLN B 469 -17.43 -58.10 28.82
CA GLN B 469 -16.09 -57.81 29.25
C GLN B 469 -15.91 -58.26 30.67
N PHE B 470 -16.91 -57.99 31.54
CA PHE B 470 -16.87 -58.44 32.90
C PHE B 470 -16.68 -59.93 32.93
N GLN B 471 -17.52 -60.67 32.21
CA GLN B 471 -17.49 -62.11 32.22
C GLN B 471 -16.19 -62.61 31.68
N ARG B 472 -15.52 -61.83 30.81
CA ARG B 472 -14.23 -62.22 30.31
C ARG B 472 -13.20 -62.22 31.41
N TYR B 473 -13.42 -61.40 32.46
CA TYR B 473 -12.59 -61.32 33.63
C TYR B 473 -13.18 -61.94 34.87
N HIS B 474 -14.16 -61.35 35.54
CA HIS B 474 -14.59 -62.11 36.70
C HIS B 474 -16.04 -62.36 36.58
N GLN B 475 -16.46 -63.51 37.10
CA GLN B 475 -17.82 -63.84 36.97
C GLN B 475 -18.49 -63.09 38.05
N PRO B 476 -19.72 -62.75 37.79
CA PRO B 476 -20.53 -61.97 38.68
C PRO B 476 -20.89 -62.75 39.93
N HIS B 477 -20.69 -64.08 39.91
CA HIS B 477 -21.02 -64.90 41.02
C HIS B 477 -19.76 -65.16 41.79
N THR B 478 -18.62 -65.05 41.06
CA THR B 478 -17.28 -65.21 41.54
C THR B 478 -17.04 -64.02 42.38
N LEU B 479 -17.57 -62.89 41.88
CA LEU B 479 -17.45 -61.63 42.50
C LEU B 479 -17.85 -61.73 43.92
N SER B 480 -16.79 -61.60 44.73
CA SER B 480 -16.62 -61.78 46.14
C SER B 480 -16.76 -60.42 46.70
N PRO B 481 -17.05 -60.29 47.96
CA PRO B 481 -17.16 -59.02 48.61
C PRO B 481 -15.82 -58.37 48.84
N ASP B 482 -14.72 -59.08 48.52
CA ASP B 482 -13.39 -58.58 48.75
C ASP B 482 -13.10 -57.55 47.70
N GLN B 483 -13.92 -57.47 46.63
CA GLN B 483 -13.59 -56.45 45.67
C GLN B 483 -14.09 -55.07 46.02
N GLU B 484 -13.61 -54.11 45.19
CA GLU B 484 -13.96 -52.75 45.46
C GLU B 484 -15.29 -52.53 44.86
N ASP B 485 -15.50 -53.19 43.69
CA ASP B 485 -16.66 -53.11 42.81
C ASP B 485 -17.57 -54.21 43.10
N CYS B 486 -17.28 -54.89 44.23
CA CYS B 486 -18.08 -56.02 44.64
C CYS B 486 -19.56 -55.76 44.66
N MET B 487 -20.03 -54.68 45.32
CA MET B 487 -21.44 -54.39 45.36
C MET B 487 -21.83 -53.61 44.16
N TYR B 488 -20.86 -53.03 43.44
CA TYR B 488 -21.20 -52.24 42.30
C TYR B 488 -22.06 -53.08 41.39
N TRP B 489 -21.54 -54.24 40.97
CA TRP B 489 -22.16 -55.03 39.94
C TRP B 489 -23.48 -55.59 40.39
N TYR B 490 -23.74 -55.66 41.70
CA TYR B 490 -25.01 -56.17 42.12
C TYR B 490 -25.99 -55.04 42.16
N ASN B 491 -25.48 -53.81 42.33
CA ASN B 491 -26.36 -52.69 42.42
C ASN B 491 -26.79 -52.20 41.05
N PHE B 492 -25.95 -52.41 40.04
CA PHE B 492 -26.06 -51.93 38.68
C PHE B 492 -26.09 -52.88 37.50
N LEU B 493 -25.66 -54.15 37.61
CA LEU B 493 -25.65 -55.00 36.45
C LEU B 493 -27.03 -55.23 35.89
N ALA B 494 -28.03 -55.40 36.77
CA ALA B 494 -29.37 -55.60 36.32
C ALA B 494 -29.86 -54.35 35.66
N TYR B 495 -29.43 -53.19 36.19
CA TYR B 495 -29.75 -51.92 35.60
C TYR B 495 -29.20 -51.84 34.21
N HIS B 496 -27.97 -52.33 33.99
CA HIS B 496 -27.36 -52.27 32.69
C HIS B 496 -28.14 -53.09 31.70
N MET B 497 -28.54 -54.32 32.09
CA MET B 497 -29.22 -55.20 31.18
C MET B 497 -30.57 -54.64 30.86
N ALA B 498 -31.24 -54.06 31.87
CA ALA B 498 -32.55 -53.49 31.70
C ALA B 498 -32.49 -52.32 30.78
N SER B 499 -31.46 -51.47 30.93
CA SER B 499 -31.34 -50.28 30.15
C SER B 499 -31.08 -50.67 28.72
N ALA B 500 -30.30 -51.75 28.54
CA ALA B 500 -29.90 -52.32 27.29
C ALA B 500 -31.08 -52.97 26.63
N LYS B 501 -32.16 -53.20 27.39
CA LYS B 501 -33.36 -53.83 26.88
C LYS B 501 -33.01 -55.21 26.43
N MET B 502 -32.09 -55.87 27.14
CA MET B 502 -31.75 -57.22 26.83
C MET B 502 -32.48 -58.08 27.82
N HIS B 503 -33.81 -58.23 27.62
CA HIS B 503 -34.61 -58.95 28.57
C HIS B 503 -34.22 -60.39 28.66
N LYS B 504 -33.58 -60.94 27.61
CA LYS B 504 -33.15 -62.31 27.71
C LYS B 504 -31.98 -62.43 28.64
N GLU B 505 -31.09 -61.42 28.66
CA GLU B 505 -29.97 -61.46 29.56
C GLU B 505 -30.41 -61.12 30.96
N LEU B 506 -31.40 -60.23 31.10
CA LEU B 506 -31.87 -59.86 32.41
C LEU B 506 -32.53 -61.04 33.04
N CYS B 507 -33.26 -61.83 32.23
CA CYS B 507 -33.90 -63.00 32.73
C CYS B 507 -32.86 -63.97 33.19
N ALA B 508 -31.80 -64.18 32.38
CA ALA B 508 -30.83 -65.17 32.72
C ALA B 508 -30.13 -64.74 33.98
N LEU B 509 -29.91 -63.42 34.15
CA LEU B 509 -29.17 -62.98 35.30
C LEU B 509 -29.94 -63.16 36.58
N MET B 510 -31.11 -62.51 36.70
CA MET B 510 -31.90 -62.48 37.91
C MET B 510 -32.66 -63.73 38.22
N PHE B 511 -32.96 -64.58 37.21
CA PHE B 511 -33.62 -65.80 37.59
C PHE B 511 -32.55 -66.74 38.02
N SER B 512 -31.96 -66.50 39.20
CA SER B 512 -30.89 -67.33 39.62
C SER B 512 -30.75 -67.21 41.10
N LEU B 513 -30.69 -68.36 41.79
CA LEU B 513 -30.63 -68.45 43.22
C LEU B 513 -29.22 -68.17 43.64
N ASP B 514 -28.26 -68.30 42.71
CA ASP B 514 -26.89 -67.95 42.97
C ASP B 514 -26.75 -66.46 42.94
N TRP B 515 -27.33 -65.82 41.91
CA TRP B 515 -27.33 -64.38 41.83
C TRP B 515 -28.01 -63.82 43.04
N ILE B 516 -29.16 -64.38 43.44
CA ILE B 516 -29.87 -63.83 44.56
C ILE B 516 -29.02 -63.98 45.78
N LYS B 517 -28.44 -65.18 45.98
CA LYS B 517 -27.69 -65.46 47.17
C LYS B 517 -26.61 -64.41 47.35
N ALA B 518 -25.81 -64.16 46.29
CA ALA B 518 -24.69 -63.25 46.40
C ALA B 518 -25.14 -61.84 46.67
N LYS B 519 -26.20 -61.41 45.97
CA LYS B 519 -26.69 -60.06 46.05
C LYS B 519 -27.26 -59.77 47.40
N THR B 520 -27.89 -60.79 48.04
CA THR B 520 -28.48 -60.63 49.34
C THR B 520 -27.46 -60.77 50.42
N GLU B 521 -26.29 -61.35 50.13
CA GLU B 521 -25.32 -61.46 51.16
C GLU B 521 -24.39 -60.26 51.07
N LEU B 522 -24.34 -59.60 49.91
CA LEU B 522 -23.45 -58.47 49.79
C LEU B 522 -24.17 -57.15 49.94
N VAL B 523 -25.33 -57.02 49.28
CA VAL B 523 -26.19 -55.86 49.24
C VAL B 523 -27.43 -55.88 50.09
N GLY B 524 -28.31 -56.89 49.94
CA GLY B 524 -29.46 -56.95 50.80
C GLY B 524 -30.64 -57.19 49.90
N PRO B 525 -31.69 -57.75 50.46
CA PRO B 525 -32.87 -58.12 49.70
C PRO B 525 -33.88 -57.06 49.32
N ALA B 526 -33.92 -55.90 49.97
CA ALA B 526 -34.90 -54.89 49.62
C ALA B 526 -34.76 -54.36 48.22
N HIS B 527 -33.54 -54.02 47.79
CA HIS B 527 -33.32 -53.52 46.47
C HIS B 527 -33.71 -54.57 45.46
N LEU B 528 -33.37 -55.84 45.77
CA LEU B 528 -33.68 -56.92 44.90
C LEU B 528 -35.15 -56.98 44.67
N ILE B 529 -35.95 -56.95 45.76
CA ILE B 529 -37.37 -57.09 45.63
C ILE B 529 -37.89 -55.97 44.78
N HIS B 530 -37.35 -54.75 44.97
CA HIS B 530 -37.79 -53.58 44.28
C HIS B 530 -37.60 -53.76 42.81
N GLU B 531 -36.56 -54.52 42.40
CA GLU B 531 -36.25 -54.72 41.01
C GLU B 531 -37.20 -55.72 40.43
N PHE B 532 -37.51 -56.79 41.18
CA PHE B 532 -38.40 -57.78 40.66
C PHE B 532 -39.73 -57.16 40.43
N VAL B 533 -40.09 -56.15 41.24
CA VAL B 533 -41.31 -55.43 41.01
C VAL B 533 -41.20 -54.48 39.83
N GLU B 534 -40.15 -53.64 39.78
CA GLU B 534 -40.07 -52.61 38.77
C GLU B 534 -39.93 -53.19 37.38
N TYR B 535 -39.25 -54.34 37.26
CA TYR B 535 -38.94 -55.06 36.05
C TYR B 535 -40.07 -55.90 35.50
N ARG B 536 -41.20 -55.99 36.23
CA ARG B 536 -42.40 -56.66 35.76
C ARG B 536 -42.90 -56.10 34.44
N HIS B 537 -42.73 -54.78 34.20
CA HIS B 537 -43.10 -54.16 32.94
C HIS B 537 -41.99 -54.24 31.91
N ILE B 538 -40.78 -54.69 32.29
CA ILE B 538 -39.64 -54.80 31.44
C ILE B 538 -39.55 -56.15 30.78
N LEU B 539 -39.82 -57.24 31.54
CA LEU B 539 -39.71 -58.60 31.09
C LEU B 539 -40.86 -59.04 30.23
N ASP B 540 -40.65 -60.21 29.61
CA ASP B 540 -41.53 -60.83 28.68
C ASP B 540 -42.63 -61.46 29.49
N GLU B 541 -43.71 -61.94 28.83
CA GLU B 541 -44.87 -62.44 29.51
C GLU B 541 -44.52 -63.59 30.40
N LYS B 542 -43.94 -64.68 29.84
CA LYS B 542 -43.57 -65.82 30.63
C LYS B 542 -42.65 -65.40 31.74
N ASP B 543 -41.71 -64.47 31.45
CA ASP B 543 -40.67 -64.06 32.34
C ASP B 543 -41.28 -63.36 33.52
N CYS B 544 -42.36 -62.59 33.28
CA CYS B 544 -43.03 -61.88 34.32
C CYS B 544 -43.69 -62.86 35.23
N ALA B 545 -44.28 -63.93 34.66
CA ALA B 545 -44.92 -64.94 35.45
C ALA B 545 -43.90 -65.60 36.33
N VAL B 546 -42.66 -65.77 35.84
CA VAL B 546 -41.64 -66.38 36.64
C VAL B 546 -41.23 -65.41 37.69
N SER B 547 -41.11 -64.13 37.33
CA SER B 547 -40.56 -63.17 38.22
C SER B 547 -41.53 -62.99 39.36
N GLU B 548 -42.83 -63.24 39.12
CA GLU B 548 -43.81 -63.16 40.16
C GLU B 548 -43.59 -64.28 41.14
N ASN B 549 -43.10 -65.44 40.67
CA ASN B 549 -42.77 -66.50 41.58
C ASN B 549 -41.61 -66.07 42.43
N PHE B 550 -40.71 -65.26 41.87
CA PHE B 550 -39.60 -64.76 42.62
C PHE B 550 -40.03 -63.71 43.59
N GLN B 551 -41.07 -62.93 43.25
CA GLN B 551 -41.57 -61.93 44.13
C GLN B 551 -42.11 -62.56 45.38
N GLU B 552 -42.75 -63.74 45.26
CA GLU B 552 -43.25 -64.42 46.43
C GLU B 552 -42.14 -65.18 47.09
N PHE B 553 -41.18 -65.71 46.29
CA PHE B 553 -40.08 -66.47 46.80
C PHE B 553 -39.37 -65.66 47.84
N LEU B 554 -39.09 -64.39 47.52
CA LEU B 554 -38.26 -63.54 48.34
C LEU B 554 -38.90 -63.20 49.66
N SER B 555 -40.17 -63.57 49.86
CA SER B 555 -40.83 -63.22 51.08
C SER B 555 -40.43 -64.21 52.14
N LEU B 556 -39.80 -65.31 51.71
CA LEU B 556 -39.40 -66.41 52.54
C LEU B 556 -38.21 -66.01 53.36
N ASN B 557 -37.38 -65.12 52.81
CA ASN B 557 -36.12 -64.79 53.41
C ASN B 557 -36.30 -63.42 53.93
N GLY B 558 -35.26 -62.84 54.52
CA GLY B 558 -35.38 -61.50 55.03
C GLY B 558 -35.62 -61.75 56.47
N HIS B 559 -35.37 -63.01 56.87
CA HIS B 559 -35.61 -63.31 58.23
C HIS B 559 -34.20 -63.54 58.70
N LEU B 560 -33.50 -64.44 57.99
CA LEU B 560 -32.15 -64.87 58.23
C LEU B 560 -31.18 -63.95 57.58
N LEU B 561 -31.64 -63.19 56.57
CA LEU B 561 -30.74 -62.27 55.95
C LEU B 561 -30.39 -61.11 56.84
N GLY B 562 -29.07 -60.85 56.91
CA GLY B 562 -28.47 -59.86 57.74
C GLY B 562 -28.20 -60.41 59.11
N ARG B 563 -28.50 -61.71 59.32
CA ARG B 563 -28.30 -62.26 60.63
C ARG B 563 -27.69 -63.62 60.43
N GLN B 564 -27.40 -64.34 61.53
CA GLN B 564 -26.91 -65.68 61.41
C GLN B 564 -27.95 -66.58 62.00
N PRO B 565 -28.18 -67.72 61.43
CA PRO B 565 -27.46 -68.17 60.27
C PRO B 565 -28.02 -67.55 59.04
N PHE B 566 -27.38 -67.78 57.88
CA PHE B 566 -27.88 -67.27 56.65
C PHE B 566 -28.58 -68.34 55.92
N PRO B 567 -29.49 -67.87 55.14
CA PRO B 567 -30.31 -68.79 54.40
C PRO B 567 -29.50 -69.29 53.27
N ASN B 568 -29.88 -70.48 52.78
CA ASN B 568 -29.22 -71.08 51.67
C ASN B 568 -30.27 -70.73 50.66
N ILE B 569 -30.00 -69.77 49.76
CA ILE B 569 -31.06 -69.38 48.88
C ILE B 569 -31.37 -70.50 47.93
N VAL B 570 -30.37 -71.32 47.60
CA VAL B 570 -30.54 -72.37 46.64
C VAL B 570 -31.56 -73.36 47.16
N GLN B 571 -31.37 -73.82 48.40
CA GLN B 571 -32.21 -74.85 48.97
C GLN B 571 -33.54 -74.24 49.33
N LEU B 572 -33.58 -72.91 49.54
CA LEU B 572 -34.80 -72.23 49.92
C LEU B 572 -35.84 -72.46 48.88
N GLY B 573 -35.41 -72.63 47.62
CA GLY B 573 -36.29 -72.74 46.49
C GLY B 573 -37.16 -73.95 46.63
N LEU B 574 -36.70 -74.95 47.40
CA LEU B 574 -37.32 -76.24 47.49
C LEU B 574 -38.57 -76.14 48.33
N CYS B 575 -38.73 -75.02 49.07
CA CYS B 575 -39.88 -74.73 49.89
C CYS B 575 -41.00 -74.12 49.09
N GLU B 576 -40.74 -73.71 47.83
CA GLU B 576 -41.77 -73.12 47.01
C GLU B 576 -42.74 -74.16 46.55
N PRO B 577 -43.93 -73.73 46.23
CA PRO B 577 -44.96 -74.61 45.75
C PRO B 577 -44.50 -75.27 44.50
N GLU B 578 -45.04 -76.47 44.21
CA GLU B 578 -44.71 -77.19 43.02
C GLU B 578 -45.04 -76.35 41.83
N THR B 579 -46.11 -75.55 41.94
CA THR B 579 -46.52 -74.76 40.83
C THR B 579 -45.43 -73.77 40.51
N SER B 580 -44.80 -73.20 41.55
CA SER B 580 -43.79 -72.20 41.39
C SER B 580 -42.61 -72.68 40.58
N GLU B 581 -42.18 -71.81 39.63
CA GLU B 581 -41.05 -72.02 38.76
C GLU B 581 -39.79 -72.09 39.58
N VAL B 582 -39.77 -71.41 40.74
CA VAL B 582 -38.58 -71.43 41.53
C VAL B 582 -38.35 -72.80 42.07
N TYR B 583 -39.44 -73.47 42.50
CA TYR B 583 -39.35 -74.82 42.98
C TYR B 583 -38.92 -75.74 41.87
N GLN B 584 -39.59 -75.64 40.72
CA GLN B 584 -39.39 -76.62 39.69
C GLN B 584 -37.98 -76.53 39.22
N GLN B 585 -37.43 -75.30 39.20
CA GLN B 585 -36.08 -75.08 38.79
C GLN B 585 -35.14 -75.65 39.81
N ALA B 586 -35.35 -75.30 41.10
CA ALA B 586 -34.45 -75.71 42.14
C ALA B 586 -34.54 -77.20 42.33
N LYS B 587 -35.76 -77.76 42.23
CA LYS B 587 -35.93 -79.16 42.45
C LYS B 587 -35.32 -79.95 41.34
N LEU B 588 -35.49 -79.52 40.08
CA LEU B 588 -34.90 -80.23 38.99
C LEU B 588 -33.41 -80.17 39.11
N GLN B 589 -32.87 -78.99 39.49
CA GLN B 589 -31.46 -78.81 39.67
C GLN B 589 -30.97 -79.68 40.78
N ALA B 590 -31.77 -79.89 41.83
CA ALA B 590 -31.33 -80.72 42.91
C ALA B 590 -31.21 -82.10 42.37
N LYS B 591 -32.15 -82.48 41.48
CA LYS B 591 -32.11 -83.80 40.92
C LYS B 591 -30.94 -83.96 39.98
N GLN B 592 -30.58 -82.88 39.31
CA GLN B 592 -29.45 -82.91 38.37
C GLN B 592 -28.13 -83.06 39.10
N GLU B 593 -27.95 -82.28 40.15
CA GLU B 593 -26.72 -82.32 40.95
C GLU B 593 -26.61 -83.62 41.74
N VAL B 594 -25.58 -84.39 41.45
CA VAL B 594 -25.36 -85.67 42.13
C VAL B 594 -24.86 -85.45 43.56
N ASP B 595 -25.01 -86.73 44.04
CA ASP B 595 -24.74 -87.05 45.44
C ASP B 595 -24.32 -85.80 46.22
N ASN B 596 -25.31 -85.13 46.82
CA ASN B 596 -25.05 -83.92 47.58
C ASN B 596 -25.50 -84.06 49.03
N GLY B 597 -25.20 -85.21 49.63
CA GLY B 597 -25.55 -85.47 51.02
C GLY B 597 -26.51 -84.44 51.57
N MET B 598 -26.46 -83.23 51.03
CA MET B 598 -27.31 -82.16 51.46
C MET B 598 -28.57 -82.61 52.15
N LEU B 599 -29.26 -83.66 51.65
CA LEU B 599 -30.42 -84.19 52.32
C LEU B 599 -31.54 -83.18 52.33
N TYR B 600 -32.66 -83.48 51.63
CA TYR B 600 -33.78 -82.59 51.71
C TYR B 600 -35.00 -83.38 52.06
N LEU B 601 -36.04 -82.70 52.56
CA LEU B 601 -37.24 -83.40 52.95
C LEU B 601 -38.32 -82.92 52.03
N GLU B 602 -39.27 -83.79 51.62
CA GLU B 602 -40.38 -83.28 50.87
C GLU B 602 -41.58 -83.12 51.78
N TRP B 603 -42.13 -81.90 51.85
CA TRP B 603 -43.27 -81.62 52.69
C TRP B 603 -44.51 -81.95 51.91
N ILE B 604 -45.17 -83.07 52.27
CA ILE B 604 -46.24 -83.66 51.50
C ILE B 604 -47.45 -82.77 51.40
N ASN B 605 -47.92 -82.22 52.55
CA ASN B 605 -49.14 -81.46 52.45
C ASN B 605 -48.81 -80.01 52.55
N LYS B 606 -47.70 -79.61 51.92
CA LYS B 606 -47.23 -78.26 52.01
C LYS B 606 -48.32 -77.41 51.44
N LYS B 607 -49.02 -77.94 50.42
CA LYS B 607 -49.98 -77.17 49.70
C LYS B 607 -51.23 -76.93 50.51
N ASN B 608 -51.47 -77.68 51.60
CA ASN B 608 -52.70 -77.57 52.31
C ASN B 608 -52.57 -76.70 53.53
N ILE B 609 -51.31 -76.47 53.97
CA ILE B 609 -50.94 -75.79 55.19
C ILE B 609 -50.35 -74.45 54.82
N THR B 610 -50.00 -73.63 55.84
CA THR B 610 -49.42 -72.31 55.76
C THR B 610 -50.25 -71.34 54.99
N ASN B 611 -51.06 -70.56 55.75
CA ASN B 611 -51.75 -69.43 55.18
C ASN B 611 -50.84 -68.25 55.17
N LEU B 612 -49.97 -68.24 54.15
CA LEU B 612 -48.90 -67.29 54.04
C LEU B 612 -49.46 -65.92 53.94
N SER B 613 -48.99 -65.05 54.86
CA SER B 613 -49.35 -63.67 54.87
C SER B 613 -48.55 -62.98 53.83
N ARG B 614 -48.89 -61.70 53.58
CA ARG B 614 -48.33 -61.01 52.45
C ARG B 614 -46.92 -60.60 52.78
N LEU B 615 -46.64 -60.22 54.04
CA LEU B 615 -45.30 -59.75 54.29
C LEU B 615 -44.95 -59.91 55.75
N VAL B 616 -43.69 -60.34 56.02
CA VAL B 616 -43.24 -60.51 57.38
C VAL B 616 -42.18 -59.48 57.67
N VAL B 617 -42.41 -58.62 58.68
CA VAL B 617 -41.46 -57.57 59.00
C VAL B 617 -41.07 -57.66 60.45
N ARG B 618 -39.74 -57.62 60.74
CA ARG B 618 -39.30 -57.57 62.12
C ARG B 618 -38.32 -56.41 62.30
N PRO B 619 -38.85 -55.27 62.67
CA PRO B 619 -38.10 -54.04 62.77
C PRO B 619 -37.25 -53.83 63.99
N HIS B 620 -37.47 -54.57 65.09
CA HIS B 620 -36.67 -54.33 66.26
C HIS B 620 -36.20 -55.62 66.86
N THR B 621 -35.03 -55.53 67.50
CA THR B 621 -34.44 -56.61 68.25
C THR B 621 -35.05 -56.65 69.61
N ASP B 622 -35.64 -55.51 70.05
CA ASP B 622 -36.34 -55.41 71.30
C ASP B 622 -37.81 -55.28 71.08
N ALA B 623 -38.55 -55.15 72.21
CA ALA B 623 -39.98 -55.09 72.19
C ALA B 623 -40.43 -53.92 71.37
N VAL B 624 -41.46 -54.13 70.53
CA VAL B 624 -41.96 -53.05 69.73
C VAL B 624 -43.13 -52.46 70.46
N TYR B 625 -43.13 -51.13 70.61
CA TYR B 625 -44.16 -50.46 71.36
C TYR B 625 -45.14 -49.70 70.51
N HIS B 626 -44.69 -49.10 69.39
CA HIS B 626 -45.59 -48.36 68.55
C HIS B 626 -45.02 -48.30 67.17
N ALA B 627 -45.91 -48.27 66.14
CA ALA B 627 -45.50 -48.20 64.77
C ALA B 627 -46.61 -47.52 64.03
N CYS B 628 -46.29 -46.83 62.90
CA CYS B 628 -47.33 -46.18 62.16
C CYS B 628 -46.86 -45.85 60.77
N PHE B 629 -47.82 -45.53 59.87
CA PHE B 629 -47.54 -45.18 58.49
C PHE B 629 -47.33 -43.70 58.35
N SER B 630 -46.44 -43.31 57.41
CA SER B 630 -46.25 -41.93 57.09
C SER B 630 -47.51 -41.51 56.40
N GLU B 631 -47.81 -40.21 56.38
CA GLU B 631 -49.07 -39.75 55.84
C GLU B 631 -49.10 -40.08 54.38
N ASP B 632 -47.94 -39.96 53.74
CA ASP B 632 -47.68 -40.23 52.35
C ASP B 632 -47.84 -41.70 52.07
N GLY B 633 -47.57 -42.57 53.05
CA GLY B 633 -47.70 -43.99 52.87
C GLY B 633 -46.42 -44.50 52.29
N GLN B 634 -45.39 -43.63 52.27
CA GLN B 634 -44.11 -43.94 51.71
C GLN B 634 -43.27 -44.69 52.70
N ARG B 635 -43.41 -44.42 54.02
CA ARG B 635 -42.51 -45.06 54.92
C ARG B 635 -43.19 -45.40 56.22
N ILE B 636 -42.58 -46.33 56.99
CA ILE B 636 -43.13 -46.78 58.24
C ILE B 636 -42.16 -46.47 59.33
N ALA B 637 -42.65 -45.84 60.42
CA ALA B 637 -41.80 -45.52 61.54
C ALA B 637 -42.20 -46.47 62.62
N SER B 638 -41.22 -46.96 63.40
CA SER B 638 -41.56 -47.76 64.55
C SER B 638 -40.58 -47.45 65.65
N CYS B 639 -41.00 -47.66 66.90
CA CYS B 639 -40.19 -47.34 68.03
C CYS B 639 -40.51 -48.26 69.16
N GLY B 640 -39.59 -48.40 70.13
CA GLY B 640 -39.77 -49.43 71.11
C GLY B 640 -38.74 -49.33 72.21
N ALA B 641 -38.47 -50.49 72.82
CA ALA B 641 -37.66 -50.70 74.00
C ALA B 641 -36.19 -50.60 73.67
N ASP B 642 -35.85 -50.46 72.38
CA ASP B 642 -34.47 -50.35 71.97
C ASP B 642 -33.98 -48.93 72.10
N LYS B 643 -34.86 -48.02 72.55
CA LYS B 643 -34.56 -46.64 72.84
C LYS B 643 -34.28 -45.83 71.61
N THR B 644 -34.54 -46.36 70.40
CA THR B 644 -34.26 -45.60 69.22
C THR B 644 -35.48 -45.52 68.34
N LEU B 645 -35.38 -44.73 67.25
CA LEU B 645 -36.47 -44.53 66.32
C LEU B 645 -35.98 -45.18 65.06
N GLN B 646 -36.71 -46.18 64.54
CA GLN B 646 -36.29 -46.78 63.29
C GLN B 646 -37.32 -46.57 62.25
N VAL B 647 -36.92 -45.94 61.13
CA VAL B 647 -37.86 -45.67 60.07
C VAL B 647 -37.34 -46.30 58.83
N PHE B 648 -38.23 -47.01 58.10
CA PHE B 648 -37.84 -47.77 56.94
C PHE B 648 -38.87 -47.60 55.86
N LYS B 649 -38.45 -47.79 54.58
CA LYS B 649 -39.33 -47.58 53.47
C LYS B 649 -40.37 -48.64 53.47
N ALA B 650 -41.64 -48.23 53.25
CA ALA B 650 -42.74 -49.16 53.28
C ALA B 650 -42.65 -50.06 52.09
N GLU B 651 -42.13 -49.54 50.96
CA GLU B 651 -42.08 -50.36 49.78
C GLU B 651 -41.11 -51.50 49.92
N THR B 652 -39.84 -51.18 50.22
CA THR B 652 -38.73 -52.10 50.23
C THR B 652 -38.25 -52.60 51.56
N GLY B 653 -38.45 -51.82 52.64
CA GLY B 653 -38.02 -52.28 53.93
C GLY B 653 -36.64 -51.72 54.13
N GLU B 654 -36.14 -50.92 53.16
CA GLU B 654 -34.82 -50.37 53.30
C GLU B 654 -34.86 -49.39 54.42
N LYS B 655 -33.92 -49.51 55.38
CA LYS B 655 -33.85 -48.60 56.48
C LYS B 655 -33.45 -47.21 56.06
N LEU B 656 -34.28 -46.23 56.46
CA LEU B 656 -34.14 -44.83 56.12
C LEU B 656 -33.59 -43.98 57.25
N LEU B 657 -34.10 -44.17 58.49
CA LEU B 657 -33.61 -43.35 59.58
C LEU B 657 -33.20 -44.22 60.74
N GLU B 658 -32.00 -43.94 61.30
CA GLU B 658 -31.56 -44.63 62.48
C GLU B 658 -31.26 -43.56 63.49
N ILE B 659 -32.27 -43.18 64.29
CA ILE B 659 -32.14 -42.02 65.14
C ILE B 659 -32.18 -42.47 66.56
N LYS B 660 -31.09 -42.18 67.32
CA LYS B 660 -31.02 -42.59 68.69
C LYS B 660 -31.76 -41.56 69.47
N ALA B 661 -33.10 -41.62 69.43
CA ALA B 661 -33.99 -40.66 70.01
C ALA B 661 -33.93 -40.53 71.51
N HIS B 662 -34.00 -41.63 72.28
CA HIS B 662 -34.07 -41.41 73.71
C HIS B 662 -33.07 -42.26 74.45
N GLU B 663 -32.91 -41.86 75.74
CA GLU B 663 -32.10 -42.48 76.75
C GLU B 663 -32.90 -43.54 77.47
N ASP B 664 -34.19 -43.70 77.14
CA ASP B 664 -35.00 -44.70 77.79
C ASP B 664 -35.99 -45.21 76.79
N GLU B 665 -36.73 -46.28 77.14
CA GLU B 665 -37.63 -46.96 76.24
C GLU B 665 -38.68 -46.03 75.69
N VAL B 666 -38.82 -46.06 74.33
CA VAL B 666 -39.67 -45.17 73.61
C VAL B 666 -41.04 -45.79 73.48
N LEU B 667 -42.01 -45.20 74.22
CA LEU B 667 -43.38 -45.64 74.37
C LEU B 667 -44.26 -45.40 73.18
N CYS B 668 -44.15 -44.23 72.50
CA CYS B 668 -44.90 -44.09 71.27
C CYS B 668 -44.22 -43.07 70.39
N CYS B 669 -44.65 -42.98 69.11
CA CYS B 669 -44.04 -42.08 68.17
C CYS B 669 -44.98 -41.87 67.02
N ALA B 670 -44.92 -40.68 66.37
CA ALA B 670 -45.92 -40.37 65.38
C ALA B 670 -45.38 -39.36 64.40
N PHE B 671 -46.02 -39.29 63.21
CA PHE B 671 -45.61 -38.44 62.13
C PHE B 671 -46.30 -37.12 62.33
N SER B 672 -45.69 -36.02 61.84
CA SER B 672 -46.36 -34.76 61.74
C SER B 672 -47.18 -34.75 60.48
N THR B 673 -47.96 -33.66 60.27
CA THR B 673 -48.85 -33.55 59.15
C THR B 673 -48.13 -33.83 57.86
N ASP B 674 -47.00 -33.14 57.64
CA ASP B 674 -46.21 -33.11 56.44
C ASP B 674 -45.19 -34.20 56.36
N ASP B 675 -45.06 -35.04 57.41
CA ASP B 675 -44.04 -36.07 57.40
C ASP B 675 -42.72 -35.37 57.42
N ARG B 676 -42.71 -34.10 57.87
CA ARG B 676 -41.47 -33.39 57.97
C ARG B 676 -40.90 -33.59 59.34
N PHE B 677 -41.76 -33.84 60.35
CA PHE B 677 -41.25 -34.16 61.64
C PHE B 677 -41.82 -35.44 62.14
N ILE B 678 -41.07 -36.09 63.06
CA ILE B 678 -41.50 -37.28 63.74
C ILE B 678 -41.26 -37.01 65.19
N ALA B 679 -42.30 -37.15 66.03
CA ALA B 679 -42.14 -36.89 67.43
C ALA B 679 -42.14 -38.21 68.14
N THR B 680 -41.34 -38.30 69.22
CA THR B 680 -41.28 -39.50 69.99
C THR B 680 -41.55 -39.10 71.41
N CYS B 681 -42.23 -39.96 72.18
CA CYS B 681 -42.45 -39.67 73.57
C CYS B 681 -42.15 -40.92 74.33
N SER B 682 -41.47 -40.80 75.50
CA SER B 682 -40.91 -41.98 76.08
C SER B 682 -41.01 -41.95 77.58
N VAL B 683 -40.39 -42.99 78.19
CA VAL B 683 -40.31 -43.24 79.60
C VAL B 683 -39.59 -42.13 80.29
N ASP B 684 -38.72 -41.41 79.56
CA ASP B 684 -37.88 -40.39 80.13
C ASP B 684 -38.70 -39.15 80.31
N LYS B 685 -39.99 -39.22 79.94
CA LYS B 685 -40.94 -38.19 80.23
C LYS B 685 -40.63 -36.97 79.42
N LYS B 686 -39.93 -37.13 78.28
CA LYS B 686 -39.66 -36.02 77.42
C LYS B 686 -40.38 -36.21 76.11
N VAL B 687 -40.86 -35.09 75.53
CA VAL B 687 -41.54 -35.08 74.26
C VAL B 687 -40.53 -34.50 73.31
N LYS B 688 -40.05 -35.28 72.31
CA LYS B 688 -39.06 -34.70 71.45
C LYS B 688 -39.47 -34.78 70.01
N ILE B 689 -39.42 -33.62 69.32
CA ILE B 689 -39.81 -33.57 67.95
C ILE B 689 -38.55 -33.56 67.13
N TRP B 690 -38.39 -34.54 66.23
CA TRP B 690 -37.15 -34.61 65.49
C TRP B 690 -37.42 -34.27 64.06
N ASN B 691 -36.41 -33.69 63.38
CA ASN B 691 -36.55 -33.42 61.98
C ASN B 691 -36.47 -34.76 61.35
N SER B 692 -37.47 -35.10 60.52
CA SER B 692 -37.47 -36.39 59.91
C SER B 692 -36.36 -36.50 58.92
N MET B 693 -35.84 -35.36 58.44
CA MET B 693 -34.76 -35.40 57.48
C MET B 693 -33.45 -35.86 58.06
N THR B 694 -32.95 -35.14 59.09
CA THR B 694 -31.67 -35.39 59.70
C THR B 694 -31.75 -36.10 61.01
N GLY B 695 -32.89 -35.96 61.71
CA GLY B 695 -33.07 -36.63 62.96
C GLY B 695 -32.55 -35.76 64.07
N GLU B 696 -32.40 -34.43 63.83
CA GLU B 696 -31.92 -33.55 64.86
C GLU B 696 -33.10 -33.05 65.65
N LEU B 697 -32.86 -32.72 66.94
CA LEU B 697 -33.88 -32.24 67.82
C LEU B 697 -34.24 -30.85 67.36
N VAL B 698 -35.55 -30.64 67.12
CA VAL B 698 -36.20 -29.43 66.66
C VAL B 698 -36.95 -28.72 67.76
N HIS B 699 -37.88 -29.39 68.47
CA HIS B 699 -38.68 -28.88 69.57
C HIS B 699 -38.58 -29.89 70.67
N THR B 700 -38.64 -29.45 71.95
CA THR B 700 -38.68 -30.41 73.02
C THR B 700 -39.53 -29.87 74.13
N TYR B 701 -40.36 -30.75 74.75
CA TYR B 701 -41.32 -30.32 75.73
C TYR B 701 -41.24 -31.26 76.89
N ASP B 702 -41.45 -30.77 78.14
CA ASP B 702 -41.46 -31.66 79.26
C ASP B 702 -42.15 -31.01 80.43
N GLU B 703 -43.46 -31.26 80.61
CA GLU B 703 -44.18 -30.86 81.79
C GLU B 703 -44.80 -31.99 82.58
N HIS B 704 -45.06 -33.15 81.94
CA HIS B 704 -45.74 -34.24 82.60
C HIS B 704 -44.93 -34.80 83.72
N SER B 705 -45.65 -35.30 84.76
CA SER B 705 -45.03 -35.80 85.96
C SER B 705 -44.70 -37.25 85.76
N GLU B 706 -45.62 -37.99 85.10
CA GLU B 706 -45.46 -39.39 84.85
C GLU B 706 -45.01 -39.61 83.44
N GLN B 707 -44.79 -40.89 83.07
CA GLN B 707 -44.37 -41.23 81.75
C GLN B 707 -45.49 -40.89 80.81
N VAL B 708 -45.15 -40.44 79.58
CA VAL B 708 -46.15 -39.97 78.67
C VAL B 708 -46.75 -41.12 77.93
N ASN B 709 -48.10 -41.16 77.90
CA ASN B 709 -48.93 -42.18 77.30
C ASN B 709 -49.40 -41.86 75.90
N CYS B 710 -49.80 -40.59 75.64
CA CYS B 710 -50.34 -40.24 74.35
C CYS B 710 -49.68 -39.00 73.83
N CYS B 711 -49.19 -39.08 72.56
CA CYS B 711 -48.70 -37.93 71.85
C CYS B 711 -49.22 -37.97 70.45
N HIS B 712 -49.81 -36.85 69.98
CA HIS B 712 -50.39 -36.80 68.67
C HIS B 712 -50.29 -35.40 68.13
N PHE B 713 -49.88 -35.26 66.85
CA PHE B 713 -49.84 -34.00 66.14
C PHE B 713 -51.22 -33.61 65.71
N THR B 714 -51.49 -32.28 65.65
CA THR B 714 -52.61 -31.75 64.95
C THR B 714 -52.61 -32.35 63.57
N ASN B 715 -53.81 -32.60 63.00
CA ASN B 715 -53.96 -33.19 61.69
C ASN B 715 -53.80 -32.19 60.57
N SER B 716 -54.57 -31.09 60.63
CA SER B 716 -54.44 -30.05 59.64
C SER B 716 -53.21 -29.25 59.91
N SER B 717 -52.67 -28.63 58.85
CA SER B 717 -51.46 -27.87 58.92
C SER B 717 -51.81 -26.46 59.33
N HIS B 718 -53.11 -26.16 59.40
CA HIS B 718 -53.52 -24.82 59.74
C HIS B 718 -53.10 -24.43 61.13
N HIS B 719 -53.64 -25.11 62.16
CA HIS B 719 -53.22 -24.89 63.51
C HIS B 719 -52.08 -25.81 63.84
N LEU B 720 -51.08 -25.32 64.61
CA LEU B 720 -49.95 -26.15 64.91
C LEU B 720 -49.94 -26.42 66.39
N LEU B 721 -50.65 -27.48 66.84
CA LEU B 721 -50.71 -27.79 68.25
C LEU B 721 -50.26 -29.21 68.44
N LEU B 722 -49.74 -29.52 69.64
CA LEU B 722 -49.33 -30.86 69.95
C LEU B 722 -50.08 -31.27 71.19
N ALA B 723 -50.78 -32.41 71.16
CA ALA B 723 -51.54 -32.83 72.31
C ALA B 723 -50.77 -33.94 72.98
N THR B 724 -50.61 -33.85 74.32
CA THR B 724 -50.07 -34.97 75.03
C THR B 724 -50.90 -35.25 76.24
N GLY B 725 -50.83 -36.50 76.75
CA GLY B 725 -51.57 -36.90 77.91
C GLY B 725 -50.78 -38.00 78.54
N SER B 726 -51.00 -38.29 79.83
CA SER B 726 -50.16 -39.25 80.49
C SER B 726 -50.87 -39.86 81.67
N SER B 727 -50.11 -40.61 82.48
CA SER B 727 -50.62 -41.36 83.60
C SER B 727 -50.87 -40.41 84.74
N ASP B 728 -50.36 -39.17 84.60
CA ASP B 728 -50.44 -38.16 85.63
C ASP B 728 -51.79 -37.51 85.61
N CYS B 729 -52.68 -37.96 84.69
CA CYS B 729 -54.06 -37.60 84.54
C CYS B 729 -54.24 -36.20 84.04
N PHE B 730 -53.16 -35.52 83.61
CA PHE B 730 -53.33 -34.22 83.03
C PHE B 730 -53.10 -34.33 81.54
N LEU B 731 -53.63 -33.34 80.81
CA LEU B 731 -53.51 -33.18 79.39
C LEU B 731 -52.70 -31.93 79.20
N LYS B 732 -51.84 -31.89 78.18
CA LYS B 732 -51.13 -30.66 77.93
C LYS B 732 -51.22 -30.30 76.49
N LEU B 733 -51.62 -29.05 76.21
CA LEU B 733 -51.76 -28.59 74.86
C LEU B 733 -50.55 -27.74 74.63
N TRP B 734 -49.71 -28.13 73.66
CA TRP B 734 -48.49 -27.41 73.46
C TRP B 734 -48.66 -26.63 72.19
N ASP B 735 -48.08 -25.42 72.15
CA ASP B 735 -48.10 -24.62 70.98
C ASP B 735 -46.81 -24.98 70.30
N LEU B 736 -46.88 -25.46 69.05
CA LEU B 736 -45.70 -25.88 68.36
C LEU B 736 -44.90 -24.67 68.00
N ASN B 737 -45.55 -23.51 67.99
CA ASN B 737 -44.87 -22.30 67.67
C ASN B 737 -44.02 -21.90 68.86
N GLN B 738 -44.31 -22.42 70.06
CA GLN B 738 -43.57 -22.04 71.24
C GLN B 738 -42.83 -23.21 71.82
N LYS B 739 -42.03 -22.91 72.87
CA LYS B 739 -41.32 -23.86 73.67
C LYS B 739 -42.15 -24.24 74.85
N GLU B 740 -43.30 -23.57 75.05
CA GLU B 740 -44.12 -23.84 76.21
C GLU B 740 -45.49 -24.37 75.89
N CYS B 741 -46.14 -24.85 76.96
CA CYS B 741 -47.46 -25.42 76.94
C CYS B 741 -48.43 -24.30 76.77
N ARG B 742 -49.29 -24.41 75.73
CA ARG B 742 -50.38 -23.49 75.48
C ARG B 742 -51.41 -23.48 76.57
N ASN B 743 -51.77 -24.67 77.12
CA ASN B 743 -52.66 -24.68 78.24
C ASN B 743 -52.62 -26.04 78.85
N THR B 744 -52.63 -26.09 80.20
CA THR B 744 -52.71 -27.35 80.89
C THR B 744 -54.17 -27.63 81.09
N MET B 745 -54.62 -28.84 80.73
CA MET B 745 -56.01 -29.15 80.84
C MET B 745 -56.16 -30.21 81.88
N PHE B 746 -57.05 -29.99 82.87
CA PHE B 746 -57.22 -30.94 83.92
C PHE B 746 -58.67 -31.32 83.91
N GLY B 747 -59.05 -32.40 84.64
CA GLY B 747 -60.45 -32.77 84.57
C GLY B 747 -60.70 -34.24 84.42
N HIS B 748 -59.70 -35.08 84.07
CA HIS B 748 -59.99 -36.49 84.11
C HIS B 748 -59.88 -37.02 85.52
N THR B 749 -60.62 -38.11 85.80
CA THR B 749 -60.62 -38.65 87.14
C THR B 749 -59.60 -39.75 87.24
N ASN B 750 -59.17 -40.34 86.10
CA ASN B 750 -58.13 -41.33 86.15
C ASN B 750 -57.05 -41.00 85.15
N SER B 751 -56.15 -41.97 84.87
CA SER B 751 -55.05 -41.79 83.97
C SER B 751 -55.54 -41.72 82.56
N VAL B 752 -54.80 -40.98 81.71
CA VAL B 752 -55.20 -40.81 80.33
C VAL B 752 -54.45 -41.82 79.53
N ASN B 753 -55.20 -42.58 78.70
CA ASN B 753 -54.69 -43.64 77.87
C ASN B 753 -54.48 -43.29 76.42
N HIS B 754 -55.31 -42.39 75.84
CA HIS B 754 -55.11 -42.13 74.44
C HIS B 754 -55.73 -40.81 74.09
N CYS B 755 -55.26 -40.19 72.99
CA CYS B 755 -55.75 -38.89 72.63
C CYS B 755 -55.62 -38.72 71.14
N ARG B 756 -56.62 -38.07 70.50
CA ARG B 756 -56.48 -37.91 69.08
C ARG B 756 -57.07 -36.61 68.66
N PHE B 757 -56.42 -35.94 67.69
CA PHE B 757 -57.00 -34.78 67.08
C PHE B 757 -58.00 -35.25 66.10
N SER B 758 -59.14 -34.54 66.00
CA SER B 758 -60.09 -34.80 64.96
C SER B 758 -59.53 -34.22 63.70
N PRO B 759 -60.08 -34.55 62.55
CA PRO B 759 -59.59 -34.00 61.32
C PRO B 759 -59.80 -32.53 61.40
N ASP B 760 -60.77 -32.10 62.22
CA ASP B 760 -60.97 -30.70 62.36
C ASP B 760 -60.01 -30.39 63.45
N ASP B 761 -58.96 -29.61 63.14
CA ASP B 761 -57.89 -29.22 64.00
C ASP B 761 -58.33 -28.47 65.22
N LYS B 762 -59.59 -27.99 65.24
CA LYS B 762 -60.16 -27.33 66.39
C LYS B 762 -60.63 -28.28 67.47
N LEU B 763 -60.87 -29.58 67.19
CA LEU B 763 -61.37 -30.44 68.24
C LEU B 763 -60.37 -31.50 68.63
N LEU B 764 -60.21 -31.72 69.96
CA LEU B 764 -59.30 -32.70 70.48
C LEU B 764 -60.11 -33.64 71.33
N ALA B 765 -60.06 -34.95 71.03
CA ALA B 765 -60.79 -35.90 71.81
C ALA B 765 -59.84 -36.58 72.75
N SER B 766 -60.27 -36.81 74.00
CA SER B 766 -59.39 -37.47 74.93
C SER B 766 -60.07 -38.71 75.43
N CYS B 767 -59.33 -39.84 75.45
CA CYS B 767 -59.85 -41.06 75.99
C CYS B 767 -59.06 -41.43 77.20
N SER B 768 -59.77 -41.91 78.26
CA SER B 768 -59.11 -42.25 79.49
C SER B 768 -59.76 -43.44 80.15
N ALA B 769 -59.08 -43.94 81.21
CA ALA B 769 -59.29 -45.15 81.94
C ALA B 769 -60.61 -45.11 82.64
N ASP B 770 -61.10 -43.89 82.94
CA ASP B 770 -62.23 -43.62 83.78
C ASP B 770 -63.50 -43.77 82.99
N GLY B 771 -63.42 -44.14 81.70
CA GLY B 771 -64.61 -44.50 80.98
C GLY B 771 -65.31 -43.26 80.51
N THR B 772 -64.60 -42.12 80.46
CA THR B 772 -65.21 -40.97 79.84
C THR B 772 -64.45 -40.56 78.62
N LEU B 773 -65.19 -39.98 77.66
CA LEU B 773 -64.68 -39.45 76.43
C LEU B 773 -64.76 -37.98 76.69
N LYS B 774 -63.70 -37.19 76.39
CA LYS B 774 -63.93 -35.78 76.55
C LYS B 774 -63.65 -35.06 75.28
N LEU B 775 -64.47 -34.02 75.01
CA LEU B 775 -64.27 -33.22 73.82
C LEU B 775 -63.73 -31.90 74.24
N TRP B 776 -62.52 -31.54 73.75
CA TRP B 776 -61.90 -30.31 74.17
C TRP B 776 -61.89 -29.37 73.00
N ASP B 777 -62.16 -28.08 73.26
CA ASP B 777 -62.14 -27.08 72.23
C ASP B 777 -60.75 -26.52 72.20
N ALA B 778 -59.97 -26.79 71.15
CA ALA B 778 -58.61 -26.33 71.12
C ALA B 778 -58.52 -24.84 70.95
N THR B 779 -59.58 -24.19 70.43
CA THR B 779 -59.51 -22.77 70.23
C THR B 779 -59.40 -22.06 71.55
N SER B 780 -60.31 -22.37 72.50
CA SER B 780 -60.27 -21.84 73.84
C SER B 780 -59.56 -22.69 74.86
N ALA B 781 -59.14 -23.92 74.52
CA ALA B 781 -58.50 -24.80 75.45
C ALA B 781 -59.41 -25.06 76.62
N ASN B 782 -60.74 -25.13 76.39
CA ASN B 782 -61.68 -25.34 77.45
C ASN B 782 -62.44 -26.62 77.19
N GLU B 783 -62.87 -27.31 78.27
CA GLU B 783 -63.67 -28.50 78.10
C GLU B 783 -65.00 -28.13 77.53
N ARG B 784 -65.36 -28.76 76.39
CA ARG B 784 -66.60 -28.52 75.71
C ARG B 784 -67.68 -29.45 76.17
N LYS B 785 -67.49 -30.77 75.99
CA LYS B 785 -68.48 -31.68 76.49
C LYS B 785 -67.82 -32.91 77.02
N SER B 786 -68.56 -33.66 77.87
CA SER B 786 -68.02 -34.83 78.49
C SER B 786 -69.00 -35.94 78.23
N ILE B 787 -68.53 -37.09 77.68
CA ILE B 787 -69.42 -38.19 77.48
C ILE B 787 -69.09 -39.27 78.46
N ASN B 788 -70.04 -39.56 79.38
CA ASN B 788 -69.88 -40.64 80.32
C ASN B 788 -70.33 -41.92 79.68
N VAL B 789 -69.38 -42.85 79.43
CA VAL B 789 -69.70 -44.05 78.72
C VAL B 789 -70.25 -45.03 79.73
N LYS B 790 -71.56 -44.90 79.98
CA LYS B 790 -72.49 -45.68 80.76
C LYS B 790 -73.40 -46.59 79.96
N GLN B 791 -73.26 -46.58 78.63
CA GLN B 791 -74.04 -47.35 77.69
C GLN B 791 -73.86 -48.84 77.82
N PHE B 792 -72.73 -49.33 78.34
CA PHE B 792 -72.72 -50.75 78.59
C PHE B 792 -73.41 -51.02 79.89
N PHE B 793 -74.54 -51.74 79.81
CA PHE B 793 -75.31 -51.99 80.99
C PHE B 793 -75.15 -53.44 81.32
N LEU B 794 -74.50 -53.74 82.45
CA LEU B 794 -74.38 -55.11 82.84
C LEU B 794 -74.59 -55.18 84.30
N ASN B 795 -75.67 -55.87 84.73
CA ASN B 795 -75.95 -55.94 86.13
C ASN B 795 -75.54 -57.31 86.56
N LEU B 796 -74.42 -57.40 87.30
CA LEU B 796 -73.96 -58.67 87.75
C LEU B 796 -74.42 -58.88 89.16
N GLU B 797 -74.31 -60.14 89.63
CA GLU B 797 -74.66 -60.47 90.98
C GLU B 797 -73.69 -59.77 91.88
N ASP B 798 -72.47 -59.53 91.36
CA ASP B 798 -71.47 -58.75 92.03
C ASP B 798 -72.13 -57.57 92.66
N PRO B 799 -72.01 -57.58 93.95
CA PRO B 799 -72.55 -56.56 94.81
C PRO B 799 -72.13 -55.20 94.38
N GLN B 800 -71.00 -55.07 93.67
CA GLN B 800 -70.57 -53.75 93.28
C GLN B 800 -71.52 -53.21 92.26
N GLU B 801 -71.39 -51.90 91.99
CA GLU B 801 -72.23 -51.21 91.07
C GLU B 801 -72.10 -51.85 89.72
N ASP B 802 -72.98 -51.44 88.79
CA ASP B 802 -73.03 -51.99 87.47
C ASP B 802 -71.66 -51.98 86.89
N MET B 803 -71.42 -52.93 85.97
CA MET B 803 -70.10 -53.12 85.46
C MET B 803 -69.53 -51.83 85.01
N GLU B 804 -68.38 -51.48 85.62
CA GLU B 804 -67.70 -50.26 85.34
C GLU B 804 -67.18 -50.40 83.94
N VAL B 805 -67.20 -49.30 83.18
CA VAL B 805 -66.86 -49.39 81.79
C VAL B 805 -65.50 -48.78 81.60
N ILE B 806 -64.56 -49.57 81.04
CA ILE B 806 -63.24 -49.06 80.76
C ILE B 806 -63.10 -48.98 79.27
N VAL B 807 -62.96 -47.75 78.73
CA VAL B 807 -62.89 -47.57 77.31
C VAL B 807 -61.46 -47.81 76.90
N LYS B 808 -61.26 -48.46 75.74
CA LYS B 808 -59.95 -48.79 75.23
C LYS B 808 -59.72 -48.01 73.97
N CYS B 809 -59.61 -48.73 72.82
CA CYS B 809 -59.30 -48.18 71.51
C CYS B 809 -60.26 -47.05 71.27
N CYS B 810 -59.75 -45.91 70.77
CA CYS B 810 -60.65 -44.82 70.47
C CYS B 810 -60.27 -44.27 69.14
N SER B 811 -61.06 -44.57 68.09
CA SER B 811 -60.73 -44.11 66.77
C SER B 811 -61.84 -43.26 66.24
N TRP B 812 -61.47 -42.36 65.30
CA TRP B 812 -62.33 -41.38 64.69
C TRP B 812 -63.04 -41.98 63.51
N SER B 813 -64.29 -41.51 63.26
CA SER B 813 -65.05 -41.91 62.11
C SER B 813 -64.45 -41.19 60.94
N ALA B 814 -64.94 -41.51 59.72
CA ALA B 814 -64.50 -40.84 58.54
C ALA B 814 -64.89 -39.40 58.61
N ASP B 815 -66.04 -39.13 59.27
CA ASP B 815 -66.58 -37.81 59.39
C ASP B 815 -65.74 -36.97 60.29
N GLY B 816 -65.40 -37.47 61.50
CA GLY B 816 -64.57 -36.71 62.39
C GLY B 816 -65.46 -36.20 63.49
N ALA B 817 -66.77 -36.26 63.25
CA ALA B 817 -67.81 -35.94 64.20
C ALA B 817 -68.16 -37.10 65.08
N ARG B 818 -67.67 -38.32 64.76
CA ARG B 818 -68.04 -39.43 65.59
C ARG B 818 -66.82 -40.20 66.00
N ILE B 819 -66.89 -40.88 67.17
CA ILE B 819 -65.78 -41.68 67.62
C ILE B 819 -66.25 -43.09 67.79
N MET B 820 -65.54 -44.07 67.19
CA MET B 820 -65.91 -45.44 67.39
C MET B 820 -65.06 -45.95 68.51
N VAL B 821 -65.69 -46.39 69.62
CA VAL B 821 -64.95 -46.85 70.76
C VAL B 821 -65.37 -48.25 71.06
N ALA B 822 -64.56 -48.98 71.85
CA ALA B 822 -64.98 -50.26 72.32
C ALA B 822 -64.67 -50.36 73.77
N ALA B 823 -65.49 -51.13 74.51
CA ALA B 823 -65.26 -51.28 75.91
C ALA B 823 -66.06 -52.46 76.33
N LYS B 824 -65.61 -53.16 77.40
CA LYS B 824 -66.33 -54.30 77.88
C LYS B 824 -66.52 -55.26 76.75
N ASN B 825 -67.80 -55.62 76.56
CA ASN B 825 -68.33 -56.48 75.54
C ASN B 825 -68.96 -55.72 74.41
N LYS B 826 -68.88 -54.37 74.36
CA LYS B 826 -69.55 -53.78 73.23
C LYS B 826 -68.80 -52.67 72.57
N ILE B 827 -69.13 -52.48 71.28
CA ILE B 827 -68.56 -51.49 70.41
C ILE B 827 -69.58 -50.40 70.44
N PHE B 828 -69.18 -49.14 70.72
CA PHE B 828 -70.16 -48.09 70.73
C PHE B 828 -69.79 -47.03 69.74
N LEU B 829 -70.80 -46.37 69.15
CA LEU B 829 -70.53 -45.25 68.29
C LEU B 829 -71.09 -44.02 68.93
N PHE B 830 -70.19 -43.07 69.30
CA PHE B 830 -70.63 -41.86 69.95
C PHE B 830 -70.48 -40.70 69.02
N ASP B 831 -71.43 -39.76 69.12
CA ASP B 831 -71.37 -38.53 68.39
C ASP B 831 -70.84 -37.53 69.35
N ILE B 832 -69.73 -36.85 68.99
CA ILE B 832 -69.12 -35.93 69.89
C ILE B 832 -69.90 -34.66 69.95
N HIS B 833 -70.81 -34.41 68.98
CA HIS B 833 -71.54 -33.18 68.97
C HIS B 833 -72.81 -33.22 69.77
N THR B 834 -73.45 -34.40 69.84
CA THR B 834 -74.69 -34.59 70.55
C THR B 834 -74.40 -35.30 71.82
N SER B 835 -73.26 -36.01 71.88
CA SER B 835 -72.88 -36.75 73.04
C SER B 835 -73.87 -37.85 73.23
N GLY B 836 -74.46 -38.32 72.12
CA GLY B 836 -75.44 -39.37 72.21
C GLY B 836 -74.87 -40.63 71.62
N LEU B 837 -75.67 -41.72 71.66
CA LEU B 837 -75.20 -42.99 71.19
C LEU B 837 -75.93 -43.27 69.91
N LEU B 838 -75.17 -43.67 68.88
CA LEU B 838 -75.67 -43.97 67.57
C LEU B 838 -75.66 -45.45 67.30
N GLY B 839 -74.72 -46.22 67.89
CA GLY B 839 -74.75 -47.62 67.54
C GLY B 839 -74.17 -48.45 68.64
N GLU B 840 -74.58 -49.73 68.69
CA GLU B 840 -74.24 -50.59 69.79
C GLU B 840 -74.08 -51.99 69.26
N ILE B 841 -72.85 -52.53 69.28
CA ILE B 841 -72.63 -53.81 68.69
C ILE B 841 -72.12 -54.68 69.78
N HIS B 842 -72.67 -55.90 69.92
CA HIS B 842 -72.19 -56.81 70.91
C HIS B 842 -71.09 -57.61 70.27
N THR B 843 -70.01 -57.88 71.03
CA THR B 843 -68.90 -58.61 70.49
C THR B 843 -68.86 -60.00 71.05
N GLY B 844 -67.73 -60.69 70.80
CA GLY B 844 -67.59 -62.08 71.14
C GLY B 844 -67.79 -62.28 72.59
N HIS B 845 -68.58 -63.33 72.92
CA HIS B 845 -68.92 -63.81 74.22
C HIS B 845 -68.85 -62.72 75.23
N HIS B 846 -68.32 -63.05 76.42
CA HIS B 846 -68.28 -62.11 77.49
C HIS B 846 -66.92 -62.16 78.10
N SER B 847 -66.11 -61.14 77.80
CA SER B 847 -64.74 -61.00 78.20
C SER B 847 -64.54 -59.53 78.21
N THR B 848 -63.28 -59.07 78.17
CA THR B 848 -63.04 -57.66 78.12
C THR B 848 -62.20 -57.37 76.91
N ILE B 849 -62.68 -56.47 76.03
CA ILE B 849 -61.93 -56.13 74.85
C ILE B 849 -60.72 -55.37 75.30
N GLN B 850 -59.52 -55.93 75.03
CA GLN B 850 -58.28 -55.27 75.32
C GLN B 850 -57.81 -54.34 74.24
N TYR B 851 -57.97 -54.69 72.94
CA TYR B 851 -57.52 -53.76 71.92
C TYR B 851 -58.40 -53.91 70.71
N CYS B 852 -58.52 -52.86 69.89
CA CYS B 852 -59.45 -52.87 68.78
C CYS B 852 -59.20 -51.72 67.84
N ASP B 853 -59.77 -51.78 66.62
CA ASP B 853 -59.73 -50.66 65.72
C ASP B 853 -60.80 -50.84 64.69
N PHE B 854 -61.18 -49.75 64.01
CA PHE B 854 -62.31 -49.77 63.10
C PHE B 854 -61.79 -49.60 61.71
N SER B 855 -62.24 -50.47 60.78
CA SER B 855 -61.84 -50.43 59.40
C SER B 855 -62.68 -49.43 58.65
N PRO B 856 -62.03 -48.69 57.79
CA PRO B 856 -62.71 -47.71 56.97
C PRO B 856 -63.61 -48.33 55.95
N GLN B 857 -63.49 -49.65 55.70
CA GLN B 857 -64.24 -50.24 54.63
C GLN B 857 -65.12 -51.31 55.18
N ASN B 858 -66.34 -51.41 54.62
CA ASN B 858 -67.25 -52.49 54.85
C ASN B 858 -67.67 -52.47 56.29
N HIS B 859 -67.49 -51.33 56.98
CA HIS B 859 -67.93 -51.18 58.34
C HIS B 859 -67.36 -52.29 59.16
N LEU B 860 -66.14 -52.77 58.82
CA LEU B 860 -65.55 -53.84 59.57
C LEU B 860 -64.86 -53.30 60.78
N ALA B 861 -64.77 -54.15 61.82
CA ALA B 861 -64.09 -53.78 63.01
C ALA B 861 -63.19 -54.92 63.38
N VAL B 862 -61.94 -54.62 63.76
CA VAL B 862 -61.04 -55.66 64.16
C VAL B 862 -60.94 -55.61 65.64
N VAL B 863 -61.38 -56.70 66.31
CA VAL B 863 -61.39 -56.65 67.74
C VAL B 863 -60.42 -57.65 68.25
N ALA B 864 -59.33 -57.18 68.91
CA ALA B 864 -58.43 -58.11 69.50
C ALA B 864 -59.00 -58.29 70.86
N LEU B 865 -59.80 -59.37 71.05
CA LEU B 865 -60.50 -59.48 72.30
C LEU B 865 -59.59 -59.71 73.46
N SER B 866 -58.83 -60.83 73.43
CA SER B 866 -58.01 -61.12 74.56
C SER B 866 -57.24 -62.34 74.19
N GLN B 867 -56.02 -62.46 74.75
CA GLN B 867 -55.15 -63.58 74.49
C GLN B 867 -55.06 -63.94 73.03
N TYR B 868 -54.63 -62.95 72.22
CA TYR B 868 -54.47 -62.99 70.79
C TYR B 868 -55.64 -63.61 70.09
N CYS B 869 -56.86 -63.48 70.63
CA CYS B 869 -57.98 -63.94 69.86
C CYS B 869 -58.45 -62.72 69.14
N VAL B 870 -58.39 -62.72 67.79
CA VAL B 870 -58.80 -61.55 67.08
C VAL B 870 -59.98 -61.91 66.24
N GLU B 871 -61.09 -61.17 66.43
CA GLU B 871 -62.28 -61.49 65.71
C GLU B 871 -62.58 -60.36 64.77
N LEU B 872 -62.90 -60.69 63.51
CA LEU B 872 -63.32 -59.68 62.59
C LEU B 872 -64.82 -59.67 62.59
N TRP B 873 -65.40 -58.46 62.81
CA TRP B 873 -66.82 -58.29 62.88
C TRP B 873 -67.26 -57.24 61.92
N ASN B 874 -68.50 -57.40 61.42
CA ASN B 874 -69.11 -56.41 60.59
C ASN B 874 -70.09 -55.65 61.43
N THR B 875 -69.80 -54.37 61.71
CA THR B 875 -70.62 -53.64 62.63
C THR B 875 -71.81 -53.25 61.83
N ASP B 876 -72.89 -52.83 62.50
CA ASP B 876 -74.12 -52.49 61.85
C ASP B 876 -74.83 -53.75 61.48
N SER B 877 -74.16 -54.66 60.74
CA SER B 877 -74.71 -55.95 60.43
C SER B 877 -74.66 -56.75 61.69
N ARG B 878 -73.71 -56.36 62.56
CA ARG B 878 -73.51 -56.93 63.85
C ARG B 878 -73.26 -58.40 63.75
N SER B 879 -72.44 -58.85 62.78
CA SER B 879 -72.27 -60.27 62.60
C SER B 879 -70.81 -60.58 62.53
N LYS B 880 -70.39 -61.71 63.14
CA LYS B 880 -69.01 -62.10 63.10
C LYS B 880 -68.69 -62.59 61.73
N VAL B 881 -67.56 -62.12 61.16
CA VAL B 881 -67.08 -62.41 59.84
C VAL B 881 -66.02 -63.46 59.79
N ALA B 882 -64.98 -63.38 60.66
CA ALA B 882 -63.93 -64.35 60.55
C ALA B 882 -63.09 -64.36 61.79
N ASP B 883 -62.45 -65.51 62.03
CA ASP B 883 -61.51 -65.66 63.11
C ASP B 883 -60.15 -65.40 62.55
N CYS B 884 -59.54 -64.27 62.94
CA CYS B 884 -58.29 -63.88 62.36
C CYS B 884 -57.20 -64.53 63.14
N ARG B 885 -56.50 -65.50 62.52
CA ARG B 885 -55.44 -66.16 63.20
C ARG B 885 -54.18 -65.62 62.60
N GLY B 886 -53.04 -65.64 63.34
CA GLY B 886 -51.84 -65.12 62.75
C GLY B 886 -50.73 -65.16 63.74
N HIS B 887 -50.99 -64.95 65.04
CA HIS B 887 -49.91 -65.02 65.99
C HIS B 887 -50.30 -65.89 67.15
N LEU B 888 -49.30 -66.63 67.68
CA LEU B 888 -49.34 -67.40 68.88
C LEU B 888 -49.26 -66.54 70.11
N SER B 889 -48.41 -65.50 70.07
CA SER B 889 -48.25 -64.62 71.20
C SER B 889 -49.35 -63.58 71.18
N TRP B 890 -49.49 -62.85 72.30
CA TRP B 890 -50.45 -61.80 72.52
C TRP B 890 -50.25 -60.66 71.56
N VAL B 891 -51.32 -60.26 70.84
CA VAL B 891 -51.23 -59.24 69.83
C VAL B 891 -51.14 -57.91 70.53
N HIS B 892 -50.09 -57.13 70.19
CA HIS B 892 -49.84 -55.84 70.76
C HIS B 892 -50.52 -54.71 70.04
N GLY B 893 -50.50 -54.69 68.70
CA GLY B 893 -51.16 -53.61 68.02
C GLY B 893 -51.60 -54.04 66.66
N VAL B 894 -52.59 -53.32 66.10
CA VAL B 894 -53.05 -53.61 64.77
C VAL B 894 -53.28 -52.30 64.08
N MET B 895 -52.81 -52.14 62.82
CA MET B 895 -53.08 -50.88 62.19
C MET B 895 -53.26 -51.05 60.71
N PHE B 896 -53.95 -50.06 60.08
CA PHE B 896 -54.39 -50.16 58.71
C PHE B 896 -53.43 -49.42 57.82
N SER B 897 -53.39 -49.87 56.56
CA SER B 897 -52.51 -49.34 55.55
C SER B 897 -53.08 -47.99 55.28
N PRO B 898 -52.35 -47.09 54.69
CA PRO B 898 -52.87 -45.77 54.51
C PRO B 898 -53.99 -45.73 53.50
N ASP B 899 -54.14 -46.78 52.70
CA ASP B 899 -55.21 -46.89 51.75
C ASP B 899 -56.41 -47.48 52.42
N GLY B 900 -56.19 -48.34 53.43
CA GLY B 900 -57.29 -48.95 54.12
C GLY B 900 -57.65 -50.20 53.39
N SER B 901 -56.82 -50.55 52.40
CA SER B 901 -57.02 -51.70 51.56
C SER B 901 -56.42 -52.89 52.22
N SER B 902 -55.51 -52.67 53.20
CA SER B 902 -54.91 -53.78 53.87
C SER B 902 -54.59 -53.34 55.27
N PHE B 903 -54.12 -54.28 56.13
CA PHE B 903 -53.69 -53.92 57.45
C PHE B 903 -52.71 -54.95 57.94
N LEU B 904 -52.01 -54.64 59.05
CA LEU B 904 -51.00 -55.53 59.57
C LEU B 904 -51.19 -55.69 61.06
N THR B 905 -50.78 -56.86 61.59
CA THR B 905 -50.89 -57.11 63.00
C THR B 905 -49.49 -57.25 63.56
N SER B 906 -49.29 -56.88 64.84
CA SER B 906 -47.96 -57.00 65.41
C SER B 906 -48.09 -57.59 66.78
N SER B 907 -47.39 -58.71 67.08
CA SER B 907 -47.48 -59.19 68.44
C SER B 907 -46.18 -59.18 69.18
N ASP B 908 -46.23 -59.81 70.38
CA ASP B 908 -45.19 -59.99 71.34
C ASP B 908 -44.11 -60.85 70.74
N ASP B 909 -44.41 -61.53 69.62
CA ASP B 909 -43.46 -62.35 68.91
C ASP B 909 -42.68 -61.45 67.98
N GLN B 910 -42.93 -60.14 68.08
CA GLN B 910 -42.23 -59.07 67.42
C GLN B 910 -42.25 -59.29 65.95
N THR B 911 -43.34 -59.92 65.48
CA THR B 911 -43.48 -60.19 64.09
C THR B 911 -44.64 -59.38 63.61
N ILE B 912 -44.43 -58.64 62.51
CA ILE B 912 -45.44 -57.83 61.90
C ILE B 912 -45.89 -58.68 60.75
N ARG B 913 -47.21 -58.97 60.64
CA ARG B 913 -47.63 -59.70 59.48
C ARG B 913 -48.62 -58.88 58.70
N LEU B 914 -48.39 -58.73 57.38
CA LEU B 914 -49.26 -57.94 56.54
C LEU B 914 -50.35 -58.83 56.04
N TRP B 915 -51.60 -58.36 56.19
CA TRP B 915 -52.74 -59.15 55.79
C TRP B 915 -53.56 -58.32 54.86
N GLU B 916 -54.22 -58.99 53.88
CA GLU B 916 -55.11 -58.33 52.97
C GLU B 916 -56.46 -58.43 53.62
N THR B 917 -57.14 -57.30 53.82
CA THR B 917 -58.43 -57.34 54.46
C THR B 917 -59.34 -58.33 53.77
N LYS B 918 -59.32 -58.38 52.43
CA LYS B 918 -60.27 -59.18 51.71
C LYS B 918 -60.04 -60.63 52.03
N LYS B 919 -58.78 -60.99 52.32
CA LYS B 919 -58.41 -62.34 52.60
C LYS B 919 -58.76 -62.67 54.03
N VAL B 920 -58.63 -61.70 54.94
CA VAL B 920 -58.93 -61.90 56.33
C VAL B 920 -60.39 -62.19 56.56
N CYS B 921 -61.26 -61.56 55.78
CA CYS B 921 -62.69 -61.78 55.81
C CYS B 921 -63.04 -63.18 55.42
N LYS B 922 -62.13 -63.92 54.78
CA LYS B 922 -62.48 -65.26 54.38
C LYS B 922 -62.12 -66.23 55.46
N ASN B 923 -62.86 -67.35 55.53
CA ASN B 923 -62.66 -68.40 56.49
C ASN B 923 -61.62 -69.33 55.96
N SER B 924 -60.91 -70.04 56.86
CA SER B 924 -59.88 -70.93 56.40
C SER B 924 -59.55 -71.97 57.42
N ALA B 925 -59.40 -73.21 56.89
CA ALA B 925 -58.98 -74.46 57.47
C ALA B 925 -57.54 -74.75 57.17
N VAL B 926 -56.83 -73.81 56.54
CA VAL B 926 -55.48 -74.06 56.14
C VAL B 926 -54.61 -74.32 57.34
N MET B 927 -54.66 -73.46 58.38
CA MET B 927 -53.76 -73.67 59.49
C MET B 927 -54.47 -74.33 60.61
N LEU B 928 -53.71 -75.00 61.49
CA LEU B 928 -54.32 -75.70 62.60
C LEU B 928 -54.00 -74.92 63.83
N LYS B 929 -54.69 -75.26 64.93
CA LYS B 929 -54.42 -74.68 66.21
C LYS B 929 -53.20 -75.39 66.73
N GLN B 930 -52.47 -74.74 67.64
CA GLN B 930 -51.25 -75.23 68.19
C GLN B 930 -51.47 -76.50 68.97
N GLU B 931 -52.70 -76.77 69.45
CA GLU B 931 -52.91 -77.95 70.22
C GLU B 931 -53.09 -79.13 69.30
N VAL B 932 -51.97 -79.82 68.99
CA VAL B 932 -52.04 -81.00 68.17
C VAL B 932 -51.19 -82.07 68.79
N ASP B 933 -51.35 -83.34 68.31
CA ASP B 933 -50.55 -84.44 68.78
C ASP B 933 -50.50 -85.45 67.66
N VAL B 934 -49.61 -86.47 67.78
CA VAL B 934 -49.42 -87.40 66.69
C VAL B 934 -49.38 -88.81 67.21
N VAL B 935 -50.08 -89.72 66.50
CA VAL B 935 -50.08 -91.12 66.85
C VAL B 935 -49.65 -91.90 65.64
N PHE B 936 -48.56 -92.68 65.75
CA PHE B 936 -48.14 -93.49 64.64
C PHE B 936 -48.68 -94.88 64.85
N GLN B 937 -49.58 -95.33 63.96
CA GLN B 937 -50.06 -96.68 64.03
C GLN B 937 -49.35 -97.53 63.03
N GLU B 938 -48.07 -97.85 63.26
CA GLU B 938 -47.35 -98.72 62.37
C GLU B 938 -47.26 -98.13 61.00
N ASN B 939 -48.06 -98.68 60.06
CA ASN B 939 -48.01 -98.31 58.68
C ASN B 939 -48.66 -96.98 58.48
N GLU B 940 -49.54 -96.55 59.40
CA GLU B 940 -50.21 -95.30 59.15
C GLU B 940 -49.94 -94.32 60.26
N VAL B 941 -50.18 -93.02 59.98
CA VAL B 941 -49.99 -91.96 60.94
C VAL B 941 -51.27 -91.18 61.05
N MET B 942 -51.69 -90.84 62.29
CA MET B 942 -52.84 -90.01 62.49
C MET B 942 -52.47 -88.75 63.22
N VAL B 943 -53.08 -87.61 62.83
CA VAL B 943 -52.80 -86.37 63.50
C VAL B 943 -54.04 -85.94 64.26
N LEU B 944 -53.88 -85.69 65.57
CA LEU B 944 -55.00 -85.32 66.41
C LEU B 944 -54.95 -83.83 66.41
N ALA B 945 -56.04 -83.15 66.03
CA ALA B 945 -55.94 -81.71 66.07
C ALA B 945 -57.23 -81.07 66.50
N VAL B 946 -57.11 -80.06 67.37
CA VAL B 946 -58.25 -79.39 67.92
C VAL B 946 -58.93 -78.70 66.77
N ASP B 947 -60.26 -78.83 66.70
CA ASP B 947 -61.08 -78.30 65.65
C ASP B 947 -61.14 -76.83 65.79
N HIS B 948 -61.45 -76.16 64.65
CA HIS B 948 -61.56 -74.74 64.63
C HIS B 948 -62.56 -74.32 65.67
N ILE B 949 -63.69 -75.06 65.81
CA ILE B 949 -64.65 -74.55 66.75
C ILE B 949 -64.88 -75.34 68.02
N ARG B 950 -65.60 -76.50 67.89
CA ARG B 950 -66.06 -77.26 69.03
C ARG B 950 -65.19 -78.29 69.68
N ARG B 951 -65.01 -79.45 68.99
CA ARG B 951 -64.12 -80.38 69.61
C ARG B 951 -62.91 -80.63 68.77
N LEU B 952 -62.73 -81.81 68.12
CA LEU B 952 -61.46 -82.03 67.47
C LEU B 952 -61.62 -82.96 66.30
N GLN B 953 -60.61 -82.96 65.40
CA GLN B 953 -60.60 -83.86 64.27
C GLN B 953 -59.43 -84.78 64.38
N LEU B 954 -59.69 -86.09 64.29
CA LEU B 954 -58.62 -87.05 64.18
C LEU B 954 -58.49 -87.29 62.70
N ILE B 955 -57.38 -86.81 62.11
CA ILE B 955 -57.19 -86.86 60.69
C ILE B 955 -56.19 -87.92 60.35
N ASN B 956 -56.63 -88.96 59.63
CA ASN B 956 -55.73 -90.00 59.22
C ASN B 956 -54.93 -89.42 58.11
N GLY B 957 -53.59 -89.39 58.25
CA GLY B 957 -52.81 -88.72 57.25
C GLY B 957 -52.70 -89.65 56.09
N ARG B 958 -52.21 -89.13 54.94
CA ARG B 958 -51.99 -89.93 53.77
C ARG B 958 -53.28 -90.45 53.24
N THR B 959 -54.41 -89.79 53.60
CA THR B 959 -55.74 -90.07 53.12
C THR B 959 -56.58 -88.91 53.57
N GLY B 960 -57.85 -88.82 53.15
CA GLY B 960 -58.61 -87.68 53.57
C GLY B 960 -59.10 -87.89 54.97
N GLN B 961 -59.57 -89.12 55.25
CA GLN B 961 -60.27 -89.58 56.43
C GLN B 961 -60.17 -88.63 57.58
N ILE B 962 -61.07 -87.63 57.59
CA ILE B 962 -61.19 -86.75 58.72
C ILE B 962 -62.29 -87.30 59.57
N ASP B 963 -61.93 -87.76 60.78
CA ASP B 963 -62.90 -88.27 61.72
C ASP B 963 -63.05 -87.28 62.82
N TYR B 964 -64.13 -86.48 62.76
CA TYR B 964 -64.49 -85.53 63.76
C TYR B 964 -65.17 -86.20 64.91
N LEU B 965 -64.75 -85.86 66.15
CA LEU B 965 -65.35 -86.40 67.32
C LEU B 965 -66.07 -85.24 67.92
N THR B 966 -67.16 -85.47 68.68
CA THR B 966 -67.93 -84.37 69.18
C THR B 966 -68.04 -84.46 70.67
N GLU B 967 -68.07 -83.29 71.35
CA GLU B 967 -68.07 -83.29 72.79
C GLU B 967 -68.23 -81.90 73.31
N ALA B 968 -68.34 -81.83 74.64
CA ALA B 968 -68.44 -80.73 75.57
C ALA B 968 -67.14 -80.00 75.62
N GLN B 969 -66.19 -80.38 74.73
CA GLN B 969 -65.00 -79.62 74.50
C GLN B 969 -64.05 -80.18 75.50
N VAL B 970 -63.28 -81.18 75.04
CA VAL B 970 -62.30 -81.85 75.83
C VAL B 970 -61.04 -81.06 75.85
N SER B 971 -60.22 -81.30 76.88
CA SER B 971 -58.96 -80.63 77.04
C SER B 971 -57.78 -81.45 76.59
N CYS B 972 -57.85 -82.79 76.68
CA CYS B 972 -56.74 -83.59 76.21
C CYS B 972 -57.19 -85.01 76.07
N CYS B 973 -56.49 -85.82 75.23
CA CYS B 973 -56.95 -87.17 75.05
C CYS B 973 -55.83 -88.15 75.31
N CYS B 974 -56.20 -89.42 75.58
CA CYS B 974 -55.23 -90.45 75.80
C CYS B 974 -55.78 -91.76 75.32
N LEU B 975 -54.94 -92.56 74.60
CA LEU B 975 -55.34 -93.84 74.08
C LEU B 975 -54.85 -94.92 74.98
N SER B 976 -55.69 -95.96 75.20
CA SER B 976 -55.30 -97.00 76.11
C SER B 976 -54.51 -97.97 75.31
N PRO B 977 -53.71 -98.76 76.00
CA PRO B 977 -52.99 -99.84 75.38
C PRO B 977 -54.00 -100.74 74.73
N HIS B 978 -53.66 -101.25 73.53
CA HIS B 978 -54.53 -102.11 72.76
C HIS B 978 -55.73 -101.35 72.33
N LEU B 979 -55.69 -100.00 72.44
CA LEU B 979 -56.82 -99.14 72.17
C LEU B 979 -58.04 -99.72 72.81
N GLN B 980 -59.15 -99.74 72.04
CA GLN B 980 -60.47 -100.16 72.40
C GLN B 980 -61.05 -99.19 73.38
N TYR B 981 -60.26 -98.17 73.79
CA TYR B 981 -60.81 -97.23 74.73
C TYR B 981 -60.17 -95.91 74.46
N ILE B 982 -60.95 -94.81 74.56
CA ILE B 982 -60.45 -93.48 74.37
C ILE B 982 -60.75 -92.73 75.63
N ALA B 983 -59.76 -91.99 76.18
CA ALA B 983 -59.99 -91.30 77.42
C ALA B 983 -59.80 -89.84 77.18
N PHE B 984 -60.59 -88.98 77.88
CA PHE B 984 -60.32 -87.58 77.73
C PHE B 984 -60.57 -86.80 78.98
N GLY B 985 -59.74 -85.75 79.16
CA GLY B 985 -59.72 -84.94 80.36
C GLY B 985 -60.52 -83.71 80.08
N ASP B 986 -60.72 -82.88 81.12
CA ASP B 986 -61.53 -81.70 80.99
C ASP B 986 -61.09 -80.72 82.03
N GLU B 987 -61.63 -79.49 81.96
CA GLU B 987 -61.20 -78.46 82.86
C GLU B 987 -61.65 -78.80 84.25
N ASN B 988 -62.73 -79.60 84.35
CA ASN B 988 -63.33 -80.03 85.58
C ASN B 988 -62.39 -80.92 86.34
N GLY B 989 -61.41 -81.57 85.66
CA GLY B 989 -60.49 -82.43 86.34
C GLY B 989 -60.90 -83.86 86.16
N ALA B 990 -62.22 -84.14 86.08
CA ALA B 990 -62.68 -85.48 85.90
C ALA B 990 -62.34 -85.97 84.52
N ILE B 991 -62.10 -87.30 84.39
CA ILE B 991 -61.74 -87.89 83.14
C ILE B 991 -62.85 -88.81 82.73
N GLU B 992 -63.19 -88.83 81.41
CA GLU B 992 -64.16 -89.80 81.00
C GLU B 992 -63.56 -90.74 80.00
N ILE B 993 -63.87 -92.05 80.14
CA ILE B 993 -63.33 -93.03 79.25
C ILE B 993 -64.49 -93.59 78.50
N LEU B 994 -64.41 -93.55 77.16
CA LEU B 994 -65.48 -94.05 76.34
C LEU B 994 -65.00 -95.32 75.74
N GLU B 995 -65.79 -96.41 75.86
CA GLU B 995 -65.44 -97.64 75.21
C GLU B 995 -65.65 -97.47 73.73
N LEU B 996 -64.66 -97.91 72.92
CA LEU B 996 -64.72 -97.80 71.49
C LEU B 996 -65.41 -98.95 70.83
N VAL B 997 -65.53 -100.12 71.51
CA VAL B 997 -66.23 -101.25 70.95
C VAL B 997 -67.69 -100.92 70.98
N ASN B 998 -68.15 -100.35 72.10
CA ASN B 998 -69.54 -100.02 72.22
C ASN B 998 -69.54 -98.63 72.72
N ASN B 999 -69.82 -97.65 71.85
CA ASN B 999 -69.81 -96.25 72.13
C ASN B 999 -70.94 -95.80 73.02
N ARG B 1000 -71.81 -96.71 73.49
CA ARG B 1000 -72.72 -96.28 74.52
C ARG B 1000 -72.23 -96.46 75.95
N ILE B 1001 -71.14 -97.23 76.16
CA ILE B 1001 -70.60 -97.50 77.46
C ILE B 1001 -69.45 -96.60 77.77
N PHE B 1002 -69.52 -95.87 78.92
CA PHE B 1002 -68.45 -94.99 79.31
C PHE B 1002 -68.39 -94.93 80.80
N GLN B 1003 -67.23 -94.53 81.36
CA GLN B 1003 -67.07 -94.45 82.78
C GLN B 1003 -66.44 -93.13 83.12
N SER B 1004 -66.76 -92.57 84.31
CA SER B 1004 -66.10 -91.35 84.69
C SER B 1004 -66.19 -91.19 86.17
N ARG B 1005 -65.03 -91.05 86.87
CA ARG B 1005 -65.21 -90.80 88.27
C ARG B 1005 -64.59 -89.52 88.67
N PHE B 1006 -65.45 -88.63 89.21
CA PHE B 1006 -65.11 -87.29 89.58
C PHE B 1006 -63.99 -87.22 90.57
N GLN B 1007 -62.97 -86.40 90.23
CA GLN B 1007 -61.78 -86.17 91.00
C GLN B 1007 -60.99 -85.02 90.41
N HIS B 1008 -60.22 -84.32 91.29
CA HIS B 1008 -59.36 -83.20 90.96
C HIS B 1008 -60.08 -81.89 90.95
N LYS B 1009 -59.45 -80.85 91.56
CA LYS B 1009 -60.02 -79.52 91.57
C LYS B 1009 -59.64 -78.69 90.36
N LYS B 1010 -58.34 -78.66 90.02
CA LYS B 1010 -57.87 -77.87 88.90
C LYS B 1010 -57.93 -78.70 87.65
N THR B 1011 -57.60 -78.10 86.50
CA THR B 1011 -57.60 -78.85 85.26
C THR B 1011 -56.66 -80.00 85.42
N VAL B 1012 -57.10 -81.21 84.99
CA VAL B 1012 -56.26 -82.37 85.03
C VAL B 1012 -55.06 -82.16 84.17
N TRP B 1013 -53.93 -82.77 84.59
CA TRP B 1013 -52.65 -82.58 83.98
C TRP B 1013 -52.30 -83.86 83.26
N HIS B 1014 -51.36 -84.65 83.82
CA HIS B 1014 -50.82 -85.80 83.13
C HIS B 1014 -51.84 -86.90 83.20
N ILE B 1015 -52.07 -87.63 82.07
CA ILE B 1015 -53.01 -88.74 82.03
C ILE B 1015 -52.36 -89.94 81.40
N GLN B 1016 -52.39 -91.12 82.07
CA GLN B 1016 -51.75 -92.25 81.45
C GLN B 1016 -52.24 -93.55 82.05
N PHE B 1017 -52.53 -94.54 81.16
CA PHE B 1017 -53.03 -95.84 81.52
C PHE B 1017 -51.88 -96.64 82.08
N THR B 1018 -52.22 -97.70 82.83
CA THR B 1018 -51.23 -98.61 83.34
C THR B 1018 -50.76 -99.38 82.13
N ALA B 1019 -49.87 -100.37 82.33
CA ALA B 1019 -49.36 -101.14 81.23
C ALA B 1019 -50.54 -101.84 80.66
N ASP B 1020 -51.45 -102.28 81.53
CA ASP B 1020 -52.64 -102.96 81.10
C ASP B 1020 -53.59 -101.94 80.56
N GLU B 1021 -54.53 -102.41 79.73
CA GLU B 1021 -55.56 -101.65 79.08
C GLU B 1021 -56.55 -101.13 80.07
N LYS B 1022 -56.52 -101.62 81.32
CA LYS B 1022 -57.42 -101.09 82.31
C LYS B 1022 -56.68 -100.33 83.37
N THR B 1023 -57.45 -99.52 84.14
CA THR B 1023 -56.93 -98.67 85.18
C THR B 1023 -56.24 -97.49 84.59
N LEU B 1024 -56.66 -96.26 84.99
CA LEU B 1024 -56.10 -95.03 84.48
C LEU B 1024 -55.50 -94.23 85.59
N ILE B 1025 -54.25 -93.75 85.40
CA ILE B 1025 -53.61 -93.00 86.43
C ILE B 1025 -53.60 -91.58 85.97
N SER B 1026 -53.89 -90.63 86.89
CA SER B 1026 -53.95 -89.27 86.47
C SER B 1026 -53.42 -88.39 87.57
N SER B 1027 -53.00 -87.16 87.21
CA SER B 1027 -52.51 -86.25 88.21
C SER B 1027 -53.00 -84.88 87.84
N SER B 1028 -52.87 -83.95 88.80
CA SER B 1028 -53.25 -82.59 88.57
C SER B 1028 -52.41 -81.75 89.47
N ASP B 1029 -52.86 -80.51 89.69
CA ASP B 1029 -52.29 -79.48 90.50
C ASP B 1029 -52.24 -79.82 91.96
N ASP B 1030 -52.98 -80.85 92.43
CA ASP B 1030 -52.93 -81.18 93.84
C ASP B 1030 -51.77 -82.09 94.14
N ALA B 1031 -51.69 -82.49 95.43
CA ALA B 1031 -50.72 -83.33 96.11
C ALA B 1031 -50.90 -84.83 95.95
N GLU B 1032 -51.89 -85.32 95.18
CA GLU B 1032 -52.04 -86.76 95.11
C GLU B 1032 -52.21 -87.25 93.70
N ILE B 1033 -51.74 -88.50 93.43
CA ILE B 1033 -51.89 -89.09 92.13
C ILE B 1033 -53.03 -90.05 92.18
N GLN B 1034 -54.03 -89.88 91.29
CA GLN B 1034 -55.21 -90.69 91.28
C GLN B 1034 -55.01 -91.96 90.51
N VAL B 1035 -55.27 -93.12 91.15
CA VAL B 1035 -55.35 -94.35 90.42
C VAL B 1035 -56.81 -94.64 90.30
N TRP B 1036 -57.36 -94.46 89.09
CA TRP B 1036 -58.76 -94.64 88.85
C TRP B 1036 -59.01 -95.93 88.16
N ASN B 1037 -59.56 -96.90 88.92
CA ASN B 1037 -59.87 -98.18 88.35
C ASN B 1037 -61.25 -98.02 87.80
N TRP B 1038 -61.33 -97.57 86.54
CA TRP B 1038 -62.57 -97.37 85.86
C TRP B 1038 -63.20 -98.70 85.64
N GLN B 1039 -64.52 -98.66 85.38
CA GLN B 1039 -65.41 -99.78 85.31
C GLN B 1039 -65.89 -100.11 86.70
N LEU B 1040 -65.03 -99.92 87.71
CA LEU B 1040 -65.36 -100.13 89.10
C LEU B 1040 -65.38 -98.81 89.82
N ASP B 1041 -64.74 -97.80 89.21
CA ASP B 1041 -64.59 -96.46 89.74
C ASP B 1041 -63.96 -96.47 91.11
N LYS B 1042 -62.96 -97.34 91.33
CA LYS B 1042 -62.27 -97.36 92.61
C LYS B 1042 -61.17 -96.34 92.60
N CYS B 1043 -61.02 -95.58 93.71
CA CYS B 1043 -60.04 -94.54 93.75
C CYS B 1043 -59.00 -94.87 94.77
N ILE B 1044 -57.76 -95.08 94.30
CA ILE B 1044 -56.65 -95.35 95.18
C ILE B 1044 -55.74 -94.18 95.00
N PHE B 1045 -55.31 -93.55 96.11
CA PHE B 1045 -54.57 -92.32 95.93
C PHE B 1045 -53.17 -92.52 96.38
N LEU B 1046 -52.22 -91.96 95.63
CA LEU B 1046 -50.86 -91.94 96.04
C LEU B 1046 -50.65 -90.69 96.85
N ARG B 1047 -50.58 -90.82 98.19
CA ARG B 1047 -50.57 -89.64 98.99
C ARG B 1047 -49.15 -89.21 99.12
N GLY B 1048 -48.68 -88.48 98.12
CA GLY B 1048 -47.34 -87.96 98.05
C GLY B 1048 -47.23 -86.84 99.02
N HIS B 1049 -48.28 -86.00 99.08
CA HIS B 1049 -48.34 -84.91 100.01
C HIS B 1049 -47.20 -83.99 99.70
N GLN B 1050 -47.04 -83.69 98.40
CA GLN B 1050 -46.02 -82.84 97.88
C GLN B 1050 -46.75 -81.57 97.56
N GLU B 1051 -46.02 -80.48 97.24
CA GLU B 1051 -46.73 -79.27 96.97
C GLU B 1051 -47.74 -79.50 95.87
N THR B 1052 -47.28 -80.14 94.77
CA THR B 1052 -48.11 -80.47 93.64
C THR B 1052 -47.42 -81.54 92.88
N VAL B 1053 -48.18 -82.47 92.31
CA VAL B 1053 -47.60 -83.45 91.45
C VAL B 1053 -47.28 -82.77 90.16
N LYS B 1054 -45.97 -82.77 89.79
CA LYS B 1054 -45.59 -82.02 88.63
C LYS B 1054 -45.93 -82.88 87.45
N ASP B 1055 -45.49 -84.17 87.48
CA ASP B 1055 -45.71 -85.02 86.35
C ASP B 1055 -45.38 -86.43 86.77
N PHE B 1056 -45.72 -87.43 85.95
CA PHE B 1056 -45.32 -88.78 86.24
C PHE B 1056 -45.23 -89.54 84.95
N ARG B 1057 -44.66 -90.76 85.01
CA ARG B 1057 -44.57 -91.59 83.84
C ARG B 1057 -44.46 -93.01 84.29
N LEU B 1058 -45.07 -93.94 83.52
CA LEU B 1058 -45.03 -95.32 83.90
C LEU B 1058 -43.67 -95.86 83.62
N LEU B 1059 -43.09 -96.58 84.58
CA LEU B 1059 -41.82 -97.23 84.36
C LEU B 1059 -42.06 -98.58 83.75
N LYS B 1060 -40.98 -99.23 83.22
CA LYS B 1060 -41.17 -100.54 82.64
C LYS B 1060 -41.75 -101.56 83.58
N ASN B 1061 -41.33 -101.59 84.85
CA ASN B 1061 -41.87 -102.61 85.70
C ASN B 1061 -43.15 -102.02 86.15
N SER B 1062 -43.78 -102.52 87.21
CA SER B 1062 -45.01 -101.94 87.64
C SER B 1062 -44.75 -100.71 88.50
N ARG B 1063 -43.51 -100.17 88.53
CA ARG B 1063 -43.13 -99.02 89.30
C ARG B 1063 -43.62 -97.77 88.61
N LEU B 1064 -43.78 -96.65 89.37
CA LEU B 1064 -44.33 -95.44 88.79
C LEU B 1064 -43.49 -94.25 89.18
N LEU B 1065 -42.93 -93.53 88.17
CA LEU B 1065 -41.99 -92.46 88.39
C LEU B 1065 -42.73 -91.15 88.44
N SER B 1066 -42.58 -90.38 89.54
CA SER B 1066 -43.25 -89.12 89.62
C SER B 1066 -42.39 -88.11 90.31
N TRP B 1067 -42.64 -86.81 90.03
CA TRP B 1067 -41.87 -85.73 90.57
C TRP B 1067 -42.74 -84.50 90.69
N SER B 1068 -42.26 -83.55 91.51
CA SER B 1068 -43.00 -82.41 92.00
C SER B 1068 -42.09 -81.24 91.79
N PHE B 1069 -42.44 -80.04 92.31
CA PHE B 1069 -41.48 -79.00 92.11
C PHE B 1069 -40.57 -78.89 93.30
N ASP B 1070 -40.78 -79.79 94.26
CA ASP B 1070 -40.19 -79.83 95.57
C ASP B 1070 -38.77 -80.29 95.47
N GLY B 1071 -38.35 -80.79 94.30
CA GLY B 1071 -36.99 -81.18 94.10
C GLY B 1071 -36.96 -82.65 94.40
N THR B 1072 -38.15 -83.28 94.46
CA THR B 1072 -38.26 -84.66 94.81
C THR B 1072 -38.74 -85.46 93.63
N VAL B 1073 -38.33 -86.75 93.62
CA VAL B 1073 -38.69 -87.71 92.61
C VAL B 1073 -39.04 -88.96 93.37
N LYS B 1074 -40.31 -89.38 93.35
CA LYS B 1074 -40.66 -90.57 94.09
C LYS B 1074 -40.98 -91.69 93.15
N VAL B 1075 -40.84 -92.95 93.65
CA VAL B 1075 -41.13 -94.11 92.85
C VAL B 1075 -42.19 -94.92 93.55
N TRP B 1076 -43.41 -94.96 92.98
CA TRP B 1076 -44.53 -95.64 93.56
C TRP B 1076 -44.78 -96.94 92.86
N ASN B 1077 -45.82 -97.67 93.32
CA ASN B 1077 -46.32 -98.83 92.65
C ASN B 1077 -47.62 -98.40 92.03
N ILE B 1078 -47.97 -98.99 90.88
CA ILE B 1078 -49.20 -98.67 90.21
C ILE B 1078 -50.24 -99.52 90.86
N ILE B 1079 -51.53 -99.17 90.67
CA ILE B 1079 -52.64 -99.92 91.20
C ILE B 1079 -52.70 -99.52 92.62
N THR B 1080 -51.72 -100.03 93.38
CA THR B 1080 -51.71 -99.75 94.78
C THR B 1080 -50.55 -98.85 95.03
N GLY B 1081 -50.80 -97.62 95.55
CA GLY B 1081 -49.76 -96.67 95.77
C GLY B 1081 -48.84 -97.22 96.82
N ASN B 1082 -47.52 -97.16 96.56
CA ASN B 1082 -46.56 -97.60 97.52
C ASN B 1082 -45.26 -97.01 97.12
N LYS B 1083 -44.82 -95.96 97.84
CA LYS B 1083 -43.61 -95.31 97.43
C LYS B 1083 -42.45 -96.12 97.88
N GLU B 1084 -41.88 -96.90 96.94
CA GLU B 1084 -40.80 -97.78 97.26
C GLU B 1084 -39.54 -96.97 97.40
N LYS B 1085 -39.27 -96.07 96.43
CA LYS B 1085 -38.04 -95.33 96.48
C LYS B 1085 -38.35 -93.87 96.52
N ASP B 1086 -37.42 -93.06 97.07
CA ASP B 1086 -37.68 -91.67 97.34
C ASP B 1086 -36.40 -90.89 97.13
N PHE B 1087 -36.29 -90.16 96.00
CA PHE B 1087 -35.08 -89.43 95.72
C PHE B 1087 -35.33 -87.96 95.97
N VAL B 1088 -34.33 -87.25 96.53
CA VAL B 1088 -34.40 -85.83 96.71
C VAL B 1088 -33.18 -85.26 96.03
N CYS B 1089 -33.35 -84.94 94.73
CA CYS B 1089 -32.33 -84.57 93.78
C CYS B 1089 -32.10 -83.09 93.67
N HIS B 1090 -33.17 -82.26 93.76
CA HIS B 1090 -32.97 -80.86 93.52
C HIS B 1090 -33.36 -80.06 94.73
N GLN B 1091 -33.04 -78.76 94.68
CA GLN B 1091 -33.38 -77.73 95.63
C GLN B 1091 -34.57 -76.95 95.16
N GLY B 1092 -35.15 -77.31 93.99
CA GLY B 1092 -36.24 -76.53 93.46
C GLY B 1092 -36.90 -77.31 92.38
N THR B 1093 -37.62 -76.59 91.47
CA THR B 1093 -38.43 -77.07 90.38
C THR B 1093 -37.81 -78.23 89.69
N VAL B 1094 -38.63 -79.26 89.42
CA VAL B 1094 -38.17 -80.39 88.68
C VAL B 1094 -38.87 -80.34 87.36
N LEU B 1095 -38.08 -80.27 86.26
CA LEU B 1095 -38.65 -80.20 84.95
C LEU B 1095 -38.34 -81.49 84.26
N SER B 1096 -39.26 -82.47 84.36
CA SER B 1096 -39.10 -83.72 83.64
C SER B 1096 -38.06 -84.59 84.27
N CYS B 1097 -38.03 -85.87 83.84
CA CYS B 1097 -37.12 -86.88 84.30
C CYS B 1097 -37.14 -87.95 83.26
N ASP B 1098 -36.00 -88.65 83.04
CA ASP B 1098 -35.96 -89.62 81.99
C ASP B 1098 -35.35 -90.90 82.48
N ILE B 1099 -35.57 -91.97 81.69
CA ILE B 1099 -35.12 -93.29 82.01
C ILE B 1099 -34.20 -93.78 80.94
N SER B 1100 -33.40 -94.81 81.28
CA SER B 1100 -32.41 -95.41 80.42
C SER B 1100 -33.09 -96.24 79.39
N HIS B 1101 -34.42 -96.40 79.46
CA HIS B 1101 -35.12 -97.06 78.38
C HIS B 1101 -34.91 -98.52 78.53
N ASP B 1102 -33.68 -98.97 78.24
CA ASP B 1102 -33.32 -100.35 78.33
C ASP B 1102 -33.63 -100.73 79.74
N ALA B 1103 -34.57 -101.68 79.92
CA ALA B 1103 -34.83 -102.07 81.27
C ALA B 1103 -35.23 -100.80 81.92
N THR B 1104 -34.49 -100.42 82.98
CA THR B 1104 -34.79 -99.23 83.71
C THR B 1104 -33.68 -99.14 84.69
N LYS B 1105 -32.52 -99.66 84.26
CA LYS B 1105 -31.40 -99.80 85.13
C LYS B 1105 -31.10 -98.43 85.64
N PHE B 1106 -31.08 -97.43 84.73
CA PHE B 1106 -30.79 -96.10 85.18
C PHE B 1106 -31.92 -95.17 84.87
N SER B 1107 -31.98 -94.05 85.63
CA SER B 1107 -32.94 -92.99 85.42
C SER B 1107 -32.28 -91.75 85.98
N SER B 1108 -32.56 -90.57 85.39
CA SER B 1108 -31.88 -89.38 85.84
C SER B 1108 -32.76 -88.19 85.72
N THR B 1109 -32.23 -87.05 86.22
CA THR B 1109 -32.90 -85.78 86.23
C THR B 1109 -31.93 -84.67 85.93
N SER B 1110 -32.48 -83.48 85.62
CA SER B 1110 -31.75 -82.29 85.34
C SER B 1110 -32.73 -81.18 85.55
N ALA B 1111 -32.49 -80.26 86.51
CA ALA B 1111 -33.47 -79.21 86.54
C ALA B 1111 -32.97 -78.06 87.36
N ASP B 1112 -32.79 -76.89 86.72
CA ASP B 1112 -32.38 -75.62 87.29
C ASP B 1112 -31.29 -75.83 88.29
N LYS B 1113 -30.32 -76.69 87.97
CA LYS B 1113 -29.28 -77.00 88.91
C LYS B 1113 -28.33 -77.87 88.15
N THR B 1114 -28.32 -79.17 88.54
CA THR B 1114 -27.36 -80.08 88.00
C THR B 1114 -28.12 -81.30 87.53
N ALA B 1115 -27.40 -82.30 87.00
CA ALA B 1115 -28.06 -83.48 86.51
C ALA B 1115 -27.59 -84.65 87.33
N LYS B 1116 -28.48 -85.21 88.17
CA LYS B 1116 -28.12 -86.33 89.00
C LYS B 1116 -28.70 -87.56 88.39
N ILE B 1117 -27.99 -88.70 88.50
CA ILE B 1117 -28.43 -89.95 87.92
C ILE B 1117 -28.48 -91.01 88.99
N TRP B 1118 -29.40 -91.99 88.85
CA TRP B 1118 -29.51 -93.07 89.80
C TRP B 1118 -29.92 -94.40 89.20
N SER B 1119 -29.74 -95.48 90.00
CA SER B 1119 -30.07 -96.88 89.78
C SER B 1119 -31.33 -97.43 90.43
N PHE B 1120 -32.06 -96.64 91.24
CA PHE B 1120 -33.28 -97.01 91.91
C PHE B 1120 -32.98 -97.79 93.16
N ASP B 1121 -31.91 -98.64 93.16
CA ASP B 1121 -31.67 -99.44 94.33
C ASP B 1121 -31.43 -98.63 95.56
N LEU B 1122 -30.57 -97.60 95.43
CA LEU B 1122 -30.28 -96.74 96.53
C LEU B 1122 -31.26 -95.62 96.49
N LEU B 1123 -31.55 -95.06 97.67
CA LEU B 1123 -32.44 -93.95 97.86
C LEU B 1123 -31.75 -92.70 97.43
N LEU B 1124 -30.39 -92.70 97.37
CA LEU B 1124 -29.71 -91.52 96.93
C LEU B 1124 -29.11 -91.74 95.56
N PRO B 1125 -28.95 -90.66 94.83
CA PRO B 1125 -28.35 -90.71 93.52
C PRO B 1125 -26.92 -91.15 93.50
N LEU B 1126 -26.46 -91.71 92.36
CA LEU B 1126 -25.18 -92.33 92.28
C LEU B 1126 -24.16 -91.30 91.89
N HIS B 1127 -24.54 -90.31 91.04
CA HIS B 1127 -23.52 -89.38 90.63
C HIS B 1127 -24.16 -88.09 90.21
N GLU B 1128 -23.48 -86.96 90.51
CA GLU B 1128 -23.99 -85.66 90.15
C GLU B 1128 -23.14 -85.06 89.09
N LEU B 1129 -23.77 -84.76 87.92
CA LEU B 1129 -23.08 -84.05 86.89
C LEU B 1129 -23.26 -82.58 87.14
N ARG B 1130 -22.18 -81.94 87.62
CA ARG B 1130 -22.05 -80.55 88.00
C ARG B 1130 -21.55 -79.67 86.88
N GLY B 1131 -21.48 -80.17 85.62
CA GLY B 1131 -20.89 -79.42 84.55
C GLY B 1131 -21.40 -78.02 84.28
N HIS B 1132 -22.72 -77.75 84.40
CA HIS B 1132 -23.21 -76.41 84.11
C HIS B 1132 -23.50 -75.61 85.34
N ASN B 1133 -22.84 -74.44 85.45
CA ASN B 1133 -23.00 -73.52 86.54
C ASN B 1133 -24.23 -72.69 86.38
N GLY B 1134 -24.64 -72.43 85.11
CA GLY B 1134 -25.78 -71.63 84.76
C GLY B 1134 -27.10 -72.33 84.95
N CYS B 1135 -27.06 -73.63 85.33
CA CYS B 1135 -28.17 -74.47 85.76
C CYS B 1135 -28.68 -75.20 84.56
N VAL B 1136 -28.74 -76.55 84.62
CA VAL B 1136 -29.24 -77.30 83.50
C VAL B 1136 -30.74 -77.29 83.49
N ARG B 1137 -31.31 -77.19 82.27
CA ARG B 1137 -32.71 -77.06 81.94
C ARG B 1137 -33.41 -78.35 81.59
N CYS B 1138 -32.81 -79.23 80.76
CA CYS B 1138 -33.51 -80.45 80.44
C CYS B 1138 -32.52 -81.52 80.09
N SER B 1139 -33.00 -82.78 79.88
CA SER B 1139 -32.09 -83.86 79.57
C SER B 1139 -32.85 -85.03 79.00
N ALA B 1140 -32.13 -85.95 78.33
CA ALA B 1140 -32.75 -87.14 77.81
C ALA B 1140 -31.69 -88.18 77.57
N PHE B 1141 -32.03 -89.46 77.81
CA PHE B 1141 -31.10 -90.54 77.62
C PHE B 1141 -31.00 -90.80 76.16
N SER B 1142 -29.89 -91.43 75.74
CA SER B 1142 -29.75 -91.78 74.36
C SER B 1142 -30.60 -92.99 74.21
N VAL B 1143 -30.85 -93.44 72.96
CA VAL B 1143 -31.71 -94.57 72.76
C VAL B 1143 -30.86 -95.79 72.97
N ASP B 1144 -30.75 -96.15 74.25
CA ASP B 1144 -30.19 -97.35 74.79
C ASP B 1144 -28.70 -97.31 74.77
N SER B 1145 -28.04 -96.42 73.98
CA SER B 1145 -26.62 -96.50 73.68
C SER B 1145 -25.78 -96.51 74.92
N THR B 1146 -25.54 -95.34 75.54
CA THR B 1146 -24.78 -95.28 76.76
C THR B 1146 -24.60 -93.83 77.04
N LEU B 1147 -25.45 -92.98 76.44
CA LEU B 1147 -25.17 -91.57 76.54
C LEU B 1147 -26.32 -90.88 77.20
N LEU B 1148 -26.04 -89.73 77.81
CA LEU B 1148 -27.04 -88.91 78.43
C LEU B 1148 -26.82 -87.51 77.94
N ALA B 1149 -27.84 -86.92 77.27
CA ALA B 1149 -27.64 -85.59 76.75
C ALA B 1149 -28.33 -84.61 77.66
N THR B 1150 -27.72 -83.43 77.86
CA THR B 1150 -28.36 -82.41 78.66
C THR B 1150 -28.39 -81.10 77.93
N GLY B 1151 -29.41 -80.28 78.24
CA GLY B 1151 -29.58 -79.00 77.59
C GLY B 1151 -29.44 -77.88 78.57
N ASP B 1152 -28.69 -76.84 78.15
CA ASP B 1152 -28.37 -75.71 78.99
C ASP B 1152 -29.32 -74.59 78.73
N ASP B 1153 -29.15 -73.49 79.48
CA ASP B 1153 -30.03 -72.36 79.42
C ASP B 1153 -30.02 -71.84 78.02
N ASN B 1154 -28.85 -71.86 77.34
CA ASN B 1154 -28.81 -71.28 76.03
C ASN B 1154 -29.01 -72.32 74.97
N GLY B 1155 -29.30 -73.55 75.38
CA GLY B 1155 -29.49 -74.63 74.45
C GLY B 1155 -28.22 -75.35 74.13
N GLU B 1156 -27.10 -74.99 74.78
CA GLU B 1156 -25.91 -75.76 74.59
C GLU B 1156 -26.22 -77.16 74.97
N ILE B 1157 -25.97 -78.14 74.07
CA ILE B 1157 -26.23 -79.51 74.39
C ILE B 1157 -24.92 -80.15 74.74
N ARG B 1158 -24.87 -80.83 75.91
CA ARG B 1158 -23.66 -81.48 76.30
C ARG B 1158 -23.95 -82.95 76.29
N ILE B 1159 -23.02 -83.76 75.75
CA ILE B 1159 -23.22 -85.18 75.73
C ILE B 1159 -22.36 -85.73 76.84
N TRP B 1160 -22.98 -86.52 77.73
CA TRP B 1160 -22.23 -87.06 78.85
C TRP B 1160 -22.22 -88.54 78.65
N ASN B 1161 -21.14 -89.25 79.01
CA ASN B 1161 -21.20 -90.68 78.91
C ASN B 1161 -21.56 -91.32 80.22
N VAL B 1162 -22.56 -92.21 80.18
CA VAL B 1162 -23.11 -92.84 81.34
C VAL B 1162 -22.22 -93.98 81.70
N SER B 1163 -21.08 -93.66 82.34
CA SER B 1163 -20.25 -94.67 82.91
C SER B 1163 -19.77 -94.14 84.22
N ASN B 1164 -20.68 -94.11 85.21
CA ASN B 1164 -20.49 -93.52 86.51
C ASN B 1164 -20.49 -92.02 86.41
N GLY B 1165 -19.77 -91.45 85.43
CA GLY B 1165 -19.83 -90.03 85.26
C GLY B 1165 -18.49 -89.49 84.89
N GLU B 1166 -18.48 -88.55 83.91
CA GLU B 1166 -17.30 -87.94 83.36
C GLU B 1166 -17.68 -86.61 82.80
N LEU B 1167 -16.69 -85.97 82.15
CA LEU B 1167 -16.65 -84.74 81.39
C LEU B 1167 -16.72 -84.67 79.88
N LEU B 1168 -17.38 -85.59 79.13
CA LEU B 1168 -17.54 -85.70 77.68
C LEU B 1168 -17.98 -84.46 76.91
N HIS B 1169 -17.56 -84.36 75.63
CA HIS B 1169 -17.68 -83.20 74.77
C HIS B 1169 -19.05 -82.57 74.75
N LEU B 1170 -18.98 -81.22 74.73
CA LEU B 1170 -19.89 -80.09 74.70
C LEU B 1170 -20.51 -79.75 73.37
N CYS B 1171 -20.62 -80.66 72.37
CA CYS B 1171 -21.05 -80.32 71.03
C CYS B 1171 -22.22 -79.37 70.98
N ALA B 1172 -21.97 -78.10 70.58
CA ALA B 1172 -23.06 -77.19 70.34
C ALA B 1172 -22.70 -76.27 69.21
N PRO B 1173 -22.75 -76.78 68.02
CA PRO B 1173 -22.41 -75.97 66.88
C PRO B 1173 -23.23 -74.72 66.81
N LEU B 1174 -22.54 -73.57 66.87
CA LEU B 1174 -23.13 -72.26 66.75
C LEU B 1174 -22.12 -71.54 65.92
N SER B 1175 -22.50 -70.37 65.40
CA SER B 1175 -21.54 -69.41 64.89
C SER B 1175 -22.18 -68.15 64.28
N GLU B 1176 -22.48 -68.20 62.98
CA GLU B 1176 -22.21 -69.38 62.18
C GLU B 1176 -23.11 -69.42 60.95
N GLU B 1177 -23.19 -68.31 60.25
CA GLU B 1177 -24.01 -68.22 59.04
C GLU B 1177 -23.42 -69.05 57.90
N GLY B 1178 -22.10 -69.25 57.94
CA GLY B 1178 -21.42 -70.02 56.92
C GLY B 1178 -22.20 -71.26 56.52
N ALA B 1179 -23.11 -71.69 57.38
CA ALA B 1179 -23.93 -72.87 57.10
C ALA B 1179 -25.16 -72.91 57.99
N ALA B 1180 -25.38 -71.83 58.75
CA ALA B 1180 -26.52 -71.74 59.65
C ALA B 1180 -26.10 -72.00 61.09
N THR B 1181 -26.36 -71.04 61.97
CA THR B 1181 -26.02 -71.16 63.35
C THR B 1181 -27.21 -71.84 63.89
N HIS B 1182 -27.15 -72.75 64.88
CA HIS B 1182 -28.52 -72.93 65.17
C HIS B 1182 -28.91 -71.66 65.88
N GLY B 1183 -30.19 -71.33 65.74
CA GLY B 1183 -30.87 -70.17 66.26
C GLY B 1183 -30.65 -70.02 67.72
N GLY B 1184 -30.56 -71.15 68.45
CA GLY B 1184 -30.25 -71.09 69.85
C GLY B 1184 -31.39 -71.76 70.55
N TRP B 1185 -31.12 -72.28 71.77
CA TRP B 1185 -32.11 -73.01 72.50
C TRP B 1185 -32.44 -74.27 71.75
N VAL B 1186 -32.98 -75.27 72.47
CA VAL B 1186 -33.36 -76.53 71.91
C VAL B 1186 -34.61 -76.89 72.65
N THR B 1187 -35.63 -77.32 71.91
CA THR B 1187 -36.87 -77.85 72.39
C THR B 1187 -36.99 -79.34 72.29
N ASP B 1188 -36.25 -80.03 71.40
CA ASP B 1188 -36.36 -81.46 71.49
C ASP B 1188 -35.13 -82.12 70.96
N LEU B 1189 -34.90 -83.39 71.40
CA LEU B 1189 -33.72 -84.14 71.04
C LEU B 1189 -34.19 -85.49 70.54
N CYS B 1190 -33.58 -85.99 69.44
CA CYS B 1190 -33.87 -87.33 69.01
C CYS B 1190 -32.63 -87.93 68.44
N PHE B 1191 -32.11 -88.99 69.09
CA PHE B 1191 -30.90 -89.62 68.65
C PHE B 1191 -31.24 -90.43 67.43
N SER B 1192 -30.32 -90.51 66.46
CA SER B 1192 -30.56 -91.22 65.25
C SER B 1192 -30.48 -92.68 65.57
N PRO B 1193 -31.08 -93.56 64.80
CA PRO B 1193 -31.06 -94.96 65.12
C PRO B 1193 -29.64 -95.45 65.19
N ASP B 1194 -28.74 -94.83 64.40
CA ASP B 1194 -27.37 -95.23 64.35
C ASP B 1194 -26.71 -94.97 65.66
N GLY B 1195 -27.12 -93.91 66.37
CA GLY B 1195 -26.51 -93.54 67.63
C GLY B 1195 -25.44 -92.54 67.38
N LYS B 1196 -25.16 -92.26 66.10
CA LYS B 1196 -24.14 -91.33 65.68
C LYS B 1196 -24.58 -89.89 65.58
N MET B 1197 -25.84 -89.62 65.18
CA MET B 1197 -26.24 -88.25 65.09
C MET B 1197 -27.27 -87.94 66.14
N LEU B 1198 -27.34 -86.65 66.51
CA LEU B 1198 -28.33 -86.18 67.44
C LEU B 1198 -29.16 -85.15 66.75
N ILE B 1199 -30.45 -85.44 66.47
CA ILE B 1199 -31.26 -84.44 65.82
C ILE B 1199 -31.66 -83.46 66.88
N SER B 1200 -31.37 -82.16 66.64
CA SER B 1200 -31.76 -81.13 67.54
C SER B 1200 -32.86 -80.31 66.94
N ALA B 1201 -33.93 -80.07 67.74
CA ALA B 1201 -35.03 -79.30 67.24
C ALA B 1201 -35.25 -78.13 68.14
N GLY B 1202 -35.78 -77.02 67.57
CA GLY B 1202 -35.90 -75.77 68.27
C GLY B 1202 -36.42 -74.77 67.29
N GLY B 1203 -35.64 -73.75 66.88
CA GLY B 1203 -36.13 -72.79 65.92
C GLY B 1203 -36.44 -73.57 64.69
N TYR B 1204 -35.52 -74.50 64.39
CA TYR B 1204 -35.65 -75.37 63.25
C TYR B 1204 -34.88 -76.62 63.56
N ILE B 1205 -35.00 -77.65 62.70
CA ILE B 1205 -34.37 -78.93 62.92
C ILE B 1205 -32.99 -78.88 62.33
N LYS B 1206 -31.95 -79.16 63.16
CA LYS B 1206 -30.61 -79.25 62.62
C LYS B 1206 -29.97 -80.48 63.19
N TRP B 1207 -29.34 -81.32 62.33
CA TRP B 1207 -28.77 -82.57 62.76
C TRP B 1207 -27.37 -82.33 63.26
N TRP B 1208 -27.09 -82.65 64.55
CA TRP B 1208 -25.75 -82.51 65.06
C TRP B 1208 -25.08 -83.87 65.13
N ASN B 1209 -23.73 -83.85 65.24
CA ASN B 1209 -22.94 -85.06 65.33
C ASN B 1209 -22.58 -85.27 66.78
N VAL B 1210 -22.78 -86.50 67.29
CA VAL B 1210 -22.48 -86.73 68.67
C VAL B 1210 -21.02 -86.58 68.85
N VAL B 1211 -20.62 -85.85 69.92
CA VAL B 1211 -19.25 -85.54 70.18
C VAL B 1211 -18.56 -84.95 68.99
N THR B 1212 -18.67 -83.61 68.87
CA THR B 1212 -17.98 -82.81 67.91
C THR B 1212 -18.57 -82.96 66.53
N GLY B 1213 -18.94 -81.82 65.93
CA GLY B 1213 -19.40 -81.78 64.58
C GLY B 1213 -20.88 -81.62 64.56
N GLU B 1214 -21.42 -81.32 63.35
CA GLU B 1214 -22.83 -81.25 63.10
C GLU B 1214 -23.07 -82.19 61.95
N SER B 1215 -24.21 -82.03 61.25
CA SER B 1215 -24.46 -82.86 60.11
C SER B 1215 -25.33 -82.11 59.13
N SER B 1216 -26.56 -82.62 58.91
CA SER B 1216 -27.52 -81.95 58.08
C SER B 1216 -27.81 -80.63 58.72
N GLN B 1217 -27.30 -79.60 58.03
CA GLN B 1217 -27.41 -78.20 58.27
C GLN B 1217 -28.67 -77.73 57.62
N THR B 1218 -29.20 -78.55 56.71
CA THR B 1218 -30.34 -78.31 55.88
C THR B 1218 -31.68 -78.51 56.58
N PHE B 1219 -32.77 -78.28 55.82
CA PHE B 1219 -34.16 -78.18 56.17
C PHE B 1219 -34.51 -77.19 57.24
N TYR B 1220 -34.69 -75.91 56.82
CA TYR B 1220 -35.13 -74.89 57.71
C TYR B 1220 -36.64 -74.97 57.76
N THR B 1221 -37.21 -74.96 58.98
CA THR B 1221 -38.64 -75.03 59.14
C THR B 1221 -39.18 -73.67 58.89
N ASN B 1222 -40.51 -73.58 58.67
CA ASN B 1222 -41.10 -72.33 58.30
C ASN B 1222 -41.24 -71.52 59.56
N GLY B 1223 -41.76 -72.13 60.63
CA GLY B 1223 -41.95 -71.41 61.86
C GLY B 1223 -40.85 -71.74 62.81
N THR B 1224 -41.08 -71.42 64.10
CA THR B 1224 -40.11 -71.63 65.13
C THR B 1224 -40.77 -72.35 66.25
N ASN B 1225 -39.99 -72.60 67.32
CA ASN B 1225 -40.42 -73.21 68.55
C ASN B 1225 -41.18 -74.47 68.28
N LEU B 1226 -40.49 -75.45 67.66
CA LEU B 1226 -41.09 -76.70 67.32
C LEU B 1226 -41.45 -77.34 68.62
N LYS B 1227 -42.65 -77.95 68.69
CA LYS B 1227 -43.09 -78.54 69.91
C LYS B 1227 -43.22 -80.01 69.67
N LYS B 1228 -42.29 -80.78 70.26
CA LYS B 1228 -42.31 -82.23 70.17
C LYS B 1228 -42.09 -82.66 68.75
N ILE B 1229 -41.08 -83.53 68.57
CA ILE B 1229 -40.76 -84.05 67.27
C ILE B 1229 -41.28 -85.47 67.32
N HIS B 1230 -42.14 -85.85 66.35
CA HIS B 1230 -42.61 -87.21 66.33
C HIS B 1230 -42.10 -87.92 65.11
N VAL B 1231 -41.10 -88.79 65.30
CA VAL B 1231 -40.42 -89.42 64.20
C VAL B 1231 -41.14 -90.71 63.97
N SER B 1232 -41.36 -91.07 62.69
CA SER B 1232 -42.06 -92.29 62.41
C SER B 1232 -41.18 -93.44 62.77
N PRO B 1233 -41.77 -94.57 63.08
CA PRO B 1233 -40.99 -95.73 63.44
C PRO B 1233 -40.14 -96.26 62.33
N ASP B 1234 -40.41 -95.84 61.09
CA ASP B 1234 -39.62 -96.22 59.95
C ASP B 1234 -38.42 -95.33 59.86
N PHE B 1235 -38.47 -94.14 60.48
CA PHE B 1235 -37.37 -93.21 60.46
C PHE B 1235 -37.19 -92.78 59.03
N LYS B 1236 -38.33 -92.74 58.32
CA LYS B 1236 -38.50 -92.26 56.97
C LYS B 1236 -39.44 -91.10 56.87
N THR B 1237 -40.40 -90.90 57.80
CA THR B 1237 -41.23 -89.72 57.73
C THR B 1237 -41.20 -89.00 59.05
N TYR B 1238 -41.57 -87.69 59.06
CA TYR B 1238 -41.49 -86.91 60.27
C TYR B 1238 -42.73 -86.08 60.39
N VAL B 1239 -43.31 -85.99 61.61
CA VAL B 1239 -44.46 -85.17 61.82
C VAL B 1239 -44.19 -84.28 63.00
N THR B 1240 -44.40 -82.96 62.85
CA THR B 1240 -44.21 -82.08 63.96
C THR B 1240 -45.05 -80.85 63.76
N VAL B 1241 -44.94 -79.86 64.68
CA VAL B 1241 -45.77 -78.69 64.60
C VAL B 1241 -44.99 -77.52 65.13
N ASP B 1242 -45.07 -76.37 64.43
CA ASP B 1242 -44.38 -75.18 64.85
C ASP B 1242 -45.30 -74.31 65.65
N ASN B 1243 -44.82 -73.10 65.99
CA ASN B 1243 -45.48 -72.19 66.89
C ASN B 1243 -46.66 -71.58 66.20
N LEU B 1244 -46.78 -71.81 64.88
CA LEU B 1244 -47.85 -71.23 64.10
C LEU B 1244 -48.96 -72.23 63.96
N GLY B 1245 -48.73 -73.49 64.36
CA GLY B 1245 -49.78 -74.47 64.26
C GLY B 1245 -49.78 -74.97 62.86
N ILE B 1246 -48.60 -75.01 62.23
CA ILE B 1246 -48.49 -75.51 60.89
C ILE B 1246 -48.08 -76.95 60.97
N LEU B 1247 -48.82 -77.83 60.25
CA LEU B 1247 -48.59 -79.24 60.34
C LEU B 1247 -47.50 -79.63 59.37
N TYR B 1248 -46.41 -80.23 59.90
CA TYR B 1248 -45.34 -80.70 59.06
C TYR B 1248 -45.51 -82.16 58.80
N ILE B 1249 -45.81 -82.52 57.53
CA ILE B 1249 -45.85 -83.90 57.13
C ILE B 1249 -44.69 -84.07 56.19
N LEU B 1250 -43.58 -84.64 56.71
CA LEU B 1250 -42.33 -84.66 55.99
C LEU B 1250 -42.03 -86.08 55.58
N GLN B 1251 -41.57 -86.26 54.33
CA GLN B 1251 -41.11 -87.56 53.90
C GLN B 1251 -39.73 -87.37 53.35
N THR B 1252 -38.76 -88.20 53.78
CA THR B 1252 -37.42 -88.07 53.28
C THR B 1252 -37.44 -88.17 51.79
N LEU B 1253 -36.80 -87.19 51.13
CA LEU B 1253 -36.76 -87.11 49.70
C LEU B 1253 -35.91 -88.21 49.17
N GLU B 1254 -36.51 -89.02 48.28
CA GLU B 1254 -35.85 -90.12 47.62
C GLU B 1254 -34.87 -89.52 46.64
N GLY C 111 -39.57 24.28 37.13
CA GLY C 111 -39.00 25.47 36.46
C GLY C 111 -38.05 25.02 35.42
N ILE C 112 -38.46 25.22 34.16
CA ILE C 112 -37.64 24.84 33.04
C ILE C 112 -36.55 25.82 33.07
N THR C 113 -35.27 25.38 33.08
CA THR C 113 -34.31 26.43 33.18
C THR C 113 -34.10 27.10 31.82
N SER C 114 -33.62 28.34 31.86
CA SER C 114 -33.42 29.17 30.66
C SER C 114 -32.53 28.48 29.65
N TYR C 115 -31.56 27.74 30.17
CA TYR C 115 -30.72 26.85 29.36
C TYR C 115 -31.53 25.90 28.45
N VAL C 116 -32.53 25.21 28.99
CA VAL C 116 -33.37 24.34 28.17
C VAL C 116 -34.29 25.16 27.28
N ARG C 117 -34.83 26.26 27.82
CA ARG C 117 -35.70 27.10 27.05
C ARG C 117 -35.04 27.54 25.71
N THR C 118 -33.75 27.79 25.73
CA THR C 118 -32.98 28.13 24.50
C THR C 118 -32.54 26.90 23.68
N VAL C 119 -32.01 25.89 24.34
CA VAL C 119 -31.53 24.70 23.65
C VAL C 119 -32.63 23.97 22.86
N LEU C 120 -33.89 24.04 23.32
CA LEU C 120 -34.98 23.32 22.62
C LEU C 120 -35.16 23.79 21.22
N CYS C 121 -34.69 25.00 20.93
CA CYS C 121 -34.77 25.54 19.57
C CYS C 121 -33.94 24.73 18.59
N GLU C 122 -32.84 24.15 19.05
CA GLU C 122 -32.00 23.25 18.24
C GLU C 122 -32.39 21.79 18.36
N GLY C 123 -32.62 21.35 19.60
CA GLY C 123 -33.10 20.03 19.89
C GLY C 123 -31.98 19.12 20.20
N GLY C 124 -32.06 18.50 21.38
CA GLY C 124 -31.08 17.51 21.64
C GLY C 124 -31.80 16.26 21.29
N VAL C 125 -33.13 16.38 21.35
CA VAL C 125 -34.09 15.38 21.02
C VAL C 125 -35.10 15.95 20.06
N PRO C 126 -35.84 15.16 19.29
CA PRO C 126 -36.79 15.74 18.37
C PRO C 126 -37.91 16.39 19.09
N GLN C 127 -38.55 17.40 18.46
CA GLN C 127 -39.58 18.13 19.10
C GLN C 127 -40.87 17.82 18.41
N ARG C 128 -41.93 18.27 19.11
CA ARG C 128 -43.30 18.12 18.73
C ARG C 128 -43.53 18.88 17.47
N PRO C 129 -44.48 18.31 16.79
CA PRO C 129 -45.10 18.79 15.59
C PRO C 129 -45.50 20.23 15.68
N VAL C 130 -45.73 20.80 14.47
CA VAL C 130 -46.39 22.04 14.13
C VAL C 130 -47.86 21.91 14.34
N VAL C 131 -48.46 20.76 13.95
CA VAL C 131 -49.86 20.55 14.26
C VAL C 131 -50.01 19.36 15.16
N PHE C 132 -50.45 19.60 16.40
CA PHE C 132 -50.69 18.62 17.46
C PHE C 132 -51.67 19.03 18.44
N VAL C 133 -52.03 17.90 19.10
CA VAL C 133 -52.90 17.67 20.21
C VAL C 133 -52.10 16.94 21.23
N THR C 134 -52.07 17.54 22.43
CA THR C 134 -51.35 17.04 23.55
C THR C 134 -52.11 15.87 23.99
N ARG C 135 -51.38 14.78 24.21
CA ARG C 135 -52.09 13.63 24.63
C ARG C 135 -52.20 13.76 26.10
N LYS C 136 -53.25 14.47 26.59
CA LYS C 136 -53.30 14.76 28.02
C LYS C 136 -53.37 13.52 28.90
N LYS C 137 -53.94 12.44 28.37
CA LYS C 137 -54.08 11.21 29.13
C LYS C 137 -52.73 10.58 29.43
N LEU C 138 -51.73 10.83 28.60
CA LEU C 138 -50.42 10.15 28.74
C LEU C 138 -49.35 11.10 29.35
N VAL C 139 -49.44 12.39 29.10
CA VAL C 139 -48.39 13.32 29.52
C VAL C 139 -48.15 13.21 31.02
N ASN C 140 -49.19 13.40 31.83
CA ASN C 140 -49.08 13.30 33.29
C ASN C 140 -48.68 11.91 33.82
N ALA C 141 -49.29 10.84 33.32
CA ALA C 141 -48.93 9.51 33.78
C ALA C 141 -47.46 9.09 33.45
N ILE C 142 -47.00 9.46 32.26
CA ILE C 142 -45.63 9.11 31.84
C ILE C 142 -44.60 9.82 32.74
N GLN C 143 -44.92 11.07 33.07
CA GLN C 143 -44.09 11.88 33.98
C GLN C 143 -44.01 11.25 35.36
N GLN C 144 -45.16 10.84 35.86
CA GLN C 144 -45.28 10.15 37.14
C GLN C 144 -44.58 8.78 37.14
N LYS C 145 -44.57 8.09 36.00
CA LYS C 145 -43.84 6.79 35.88
C LYS C 145 -42.32 6.98 35.74
N LEU C 146 -41.92 8.08 35.09
CA LEU C 146 -40.46 8.37 34.94
C LEU C 146 -39.82 8.65 36.30
N SER C 147 -40.56 9.28 37.19
CA SER C 147 -40.09 9.56 38.54
C SER C 147 -39.92 8.27 39.37
N LYS C 148 -40.50 7.17 38.94
CA LYS C 148 -40.33 5.92 39.67
C LYS C 148 -38.90 5.35 39.62
N LEU C 149 -38.05 5.87 38.73
CA LEU C 149 -36.65 5.48 38.74
C LEU C 149 -35.99 5.89 40.05
N LYS C 150 -36.38 7.04 40.60
CA LYS C 150 -35.83 7.59 41.86
C LYS C 150 -34.30 7.65 41.89
N GLY C 151 -33.67 7.93 40.75
CA GLY C 151 -32.21 7.99 40.69
C GLY C 151 -31.53 6.63 40.53
N GLU C 152 -32.32 5.57 40.41
CA GLU C 152 -31.79 4.21 40.28
C GLU C 152 -31.84 3.82 38.81
N PRO C 153 -31.01 2.83 38.39
CA PRO C 153 -31.02 2.36 37.02
C PRO C 153 -32.40 1.87 36.52
N GLY C 154 -32.57 1.83 35.22
CA GLY C 154 -33.77 1.29 34.63
C GLY C 154 -33.77 1.49 33.15
N TRP C 155 -34.68 0.78 32.51
CA TRP C 155 -34.81 0.78 31.06
C TRP C 155 -36.17 1.30 30.67
N VAL C 156 -36.20 2.44 29.98
CA VAL C 156 -37.46 3.05 29.57
C VAL C 156 -37.53 2.85 28.05
N THR C 157 -38.60 2.23 27.60
CA THR C 157 -38.75 1.92 26.19
C THR C 157 -40.06 2.46 25.62
N ILE C 158 -39.96 3.15 24.49
CA ILE C 158 -41.09 3.69 23.77
C ILE C 158 -41.12 2.99 22.44
N HIS C 159 -42.32 2.63 21.99
CA HIS C 159 -42.41 1.81 20.78
C HIS C 159 -43.26 2.45 19.68
N GLY C 160 -42.95 2.05 18.45
CA GLY C 160 -43.65 2.51 17.26
C GLY C 160 -42.76 2.50 16.04
N MET C 161 -43.35 2.84 14.91
CA MET C 161 -42.63 2.87 13.66
C MET C 161 -42.45 4.31 13.12
N ALA C 162 -41.48 4.45 12.22
CA ALA C 162 -41.18 5.70 11.56
C ALA C 162 -42.43 6.29 10.90
N GLY C 163 -42.75 7.52 11.25
CA GLY C 163 -43.96 8.17 10.77
C GLY C 163 -45.27 7.92 11.51
N CYS C 164 -45.23 7.30 12.67
CA CYS C 164 -46.47 7.01 13.39
C CYS C 164 -46.61 7.74 14.72
N GLY C 165 -45.77 8.75 14.94
CA GLY C 165 -45.82 9.62 16.10
C GLY C 165 -45.09 9.11 17.33
N LYS C 166 -44.07 8.27 17.14
CA LYS C 166 -43.27 7.74 18.26
C LYS C 166 -42.48 8.85 19.02
N SER C 167 -41.87 9.73 18.27
CA SER C 167 -41.19 10.85 18.89
C SER C 167 -42.21 11.91 19.32
N VAL C 168 -43.32 11.97 18.62
CA VAL C 168 -44.36 12.96 18.97
C VAL C 168 -44.87 12.74 20.40
N LEU C 169 -45.13 11.48 20.75
CA LEU C 169 -45.53 11.13 22.11
C LEU C 169 -44.56 11.66 23.17
N ALA C 170 -43.29 11.33 23.04
CA ALA C 170 -42.28 11.73 24.01
C ALA C 170 -42.15 13.25 24.14
N ALA C 171 -42.25 13.94 23.01
CA ALA C 171 -42.13 15.41 22.98
C ALA C 171 -43.11 16.10 23.93
N GLU C 172 -44.38 15.70 23.94
CA GLU C 172 -45.37 16.30 24.86
C GLU C 172 -45.32 15.71 26.25
N ALA C 173 -45.04 14.42 26.34
CA ALA C 173 -45.05 13.74 27.61
C ALA C 173 -43.99 14.26 28.60
N VAL C 174 -42.78 14.55 28.11
CA VAL C 174 -41.67 14.99 28.95
C VAL C 174 -41.46 16.50 28.98
N ARG C 175 -42.51 17.33 28.86
CA ARG C 175 -42.31 18.76 28.85
C ARG C 175 -41.87 19.23 30.19
N ASP C 176 -42.08 18.48 31.28
CA ASP C 176 -41.66 18.73 32.68
C ASP C 176 -40.17 18.63 32.78
N HIS C 177 -39.44 19.77 32.95
CA HIS C 177 -37.98 19.71 33.14
C HIS C 177 -37.53 19.15 34.50
N SER C 178 -38.11 19.64 35.57
CA SER C 178 -37.74 19.25 36.93
C SER C 178 -37.81 17.74 37.13
N LEU C 179 -38.69 17.07 36.37
CA LEU C 179 -38.75 15.63 36.35
C LEU C 179 -37.36 14.99 36.15
N LEU C 180 -36.65 15.45 35.14
CA LEU C 180 -35.38 14.81 34.78
C LEU C 180 -34.20 15.71 35.08
N GLU C 181 -34.50 16.90 35.62
CA GLU C 181 -33.48 17.87 35.98
C GLU C 181 -32.41 17.20 36.87
N GLY C 182 -32.86 16.47 37.89
CA GLY C 182 -31.94 15.78 38.77
C GLY C 182 -31.45 14.42 38.33
N CYS C 183 -31.94 13.96 37.17
CA CYS C 183 -31.52 12.67 36.65
C CYS C 183 -30.38 12.75 35.65
N PHE C 184 -30.42 13.71 34.72
CA PHE C 184 -29.36 13.88 33.74
C PHE C 184 -28.88 15.30 33.55
N PRO C 185 -28.18 15.84 34.57
CA PRO C 185 -27.58 17.18 34.48
C PRO C 185 -26.65 17.42 33.26
N GLY C 186 -26.05 16.34 32.74
CA GLY C 186 -25.10 16.42 31.65
C GLY C 186 -25.72 16.47 30.27
N GLY C 187 -27.04 16.40 30.19
CA GLY C 187 -27.77 16.55 28.94
C GLY C 187 -28.33 15.27 28.39
N VAL C 188 -29.16 15.41 27.36
CA VAL C 188 -29.84 14.28 26.73
C VAL C 188 -29.50 14.38 25.27
N HIS C 189 -29.07 13.26 24.69
CA HIS C 189 -28.68 13.24 23.28
C HIS C 189 -29.44 12.13 22.58
N TRP C 190 -30.13 12.47 21.50
CA TRP C 190 -30.83 11.53 20.70
C TRP C 190 -30.05 11.11 19.48
N VAL C 191 -29.59 9.86 19.46
CA VAL C 191 -28.73 9.36 18.42
C VAL C 191 -29.45 8.26 17.64
N SER C 192 -29.53 8.43 16.33
CA SER C 192 -30.17 7.46 15.45
C SER C 192 -29.27 6.22 15.36
N VAL C 193 -29.85 5.03 15.54
CA VAL C 193 -29.09 3.81 15.43
C VAL C 193 -29.57 3.04 14.18
N GLY C 194 -30.85 2.70 14.16
CA GLY C 194 -31.43 1.94 13.07
C GLY C 194 -31.03 0.48 13.05
N LYS C 195 -31.39 -0.18 11.96
CA LYS C 195 -31.07 -1.61 11.77
C LYS C 195 -29.62 -1.72 11.29
N GLN C 196 -28.77 -2.23 12.16
CA GLN C 196 -27.36 -2.42 11.83
C GLN C 196 -26.98 -3.87 12.03
N ASP C 197 -26.05 -4.34 11.16
CA ASP C 197 -25.42 -5.64 11.30
C ASP C 197 -24.13 -5.43 12.11
N LYS C 198 -23.31 -6.46 12.27
CA LYS C 198 -22.10 -6.39 13.08
C LYS C 198 -21.16 -5.28 12.63
N SER C 199 -20.91 -5.19 11.33
CA SER C 199 -19.99 -4.15 10.83
C SER C 199 -20.61 -2.76 10.99
N GLY C 200 -21.94 -2.68 10.92
CA GLY C 200 -22.65 -1.44 11.20
C GLY C 200 -22.57 -1.03 12.66
N LEU C 201 -22.61 -1.99 13.56
CA LEU C 201 -22.41 -1.66 14.97
C LEU C 201 -21.00 -1.14 15.20
N LEU C 202 -20.01 -1.75 14.55
CA LEU C 202 -18.62 -1.28 14.67
C LEU C 202 -18.46 0.13 14.14
N MET C 203 -19.04 0.41 12.98
CA MET C 203 -18.95 1.77 12.40
C MET C 203 -19.68 2.77 13.29
N LYS C 204 -20.81 2.36 13.86
CA LYS C 204 -21.55 3.20 14.81
C LYS C 204 -20.77 3.47 16.10
N LEU C 205 -20.06 2.47 16.61
CA LEU C 205 -19.19 2.68 17.77
C LEU C 205 -18.02 3.64 17.49
N GLN C 206 -17.44 3.57 16.28
CA GLN C 206 -16.41 4.51 15.87
C GLN C 206 -16.97 5.95 15.77
N ASN C 207 -18.19 6.06 15.31
CA ASN C 207 -18.90 7.35 15.28
C ASN C 207 -19.22 7.90 16.69
N LEU C 208 -19.63 7.00 17.60
CA LEU C 208 -19.94 7.40 18.96
C LEU C 208 -18.71 7.92 19.67
N CYS C 209 -17.53 7.32 19.44
CA CYS C 209 -16.30 7.85 20.03
C CYS C 209 -16.09 9.32 19.62
N THR C 210 -16.25 9.62 18.34
CA THR C 210 -16.09 10.98 17.84
C THR C 210 -17.12 11.93 18.51
N ARG C 211 -18.34 11.46 18.67
CA ARG C 211 -19.42 12.28 19.22
C ARG C 211 -19.14 12.81 20.62
N LEU C 212 -18.34 12.09 21.39
CA LEU C 212 -18.01 12.49 22.75
C LEU C 212 -16.84 13.46 22.83
N ASP C 213 -16.20 13.73 21.70
CA ASP C 213 -15.05 14.65 21.63
C ASP C 213 -15.30 15.64 20.48
N GLN C 214 -16.23 16.56 20.70
CA GLN C 214 -16.65 17.45 19.62
C GLN C 214 -15.52 18.43 19.26
N ASP C 215 -14.68 18.78 20.23
CA ASP C 215 -13.60 19.77 20.00
C ASP C 215 -12.26 19.13 19.65
N GLU C 216 -12.26 17.84 19.39
CA GLU C 216 -11.04 17.09 19.04
C GLU C 216 -9.88 17.24 20.04
N SER C 217 -10.20 17.22 21.34
CA SER C 217 -9.19 17.36 22.39
C SER C 217 -8.34 16.11 22.59
N PHE C 218 -8.83 14.98 22.08
CA PHE C 218 -8.12 13.69 22.13
C PHE C 218 -7.78 13.29 20.69
N SER C 219 -7.01 12.22 20.51
CA SER C 219 -6.61 11.76 19.14
C SER C 219 -7.79 11.59 18.18
N GLN C 220 -7.56 11.93 16.91
CA GLN C 220 -8.58 11.80 15.87
C GLN C 220 -8.74 10.35 15.42
N ARG C 221 -7.90 9.46 15.93
CA ARG C 221 -7.97 8.05 15.60
C ARG C 221 -9.17 7.37 16.26
N LEU C 222 -9.65 6.31 15.64
CA LEU C 222 -10.88 5.66 16.07
C LEU C 222 -10.64 4.25 16.62
N PRO C 223 -11.60 3.73 17.42
CA PRO C 223 -11.36 2.41 18.00
C PRO C 223 -11.30 1.40 16.86
N LEU C 224 -10.58 0.30 17.07
CA LEU C 224 -10.38 -0.69 16.00
C LEU C 224 -11.31 -1.87 16.08
N ASN C 225 -11.92 -2.07 17.23
CA ASN C 225 -12.81 -3.19 17.47
C ASN C 225 -13.82 -2.87 18.57
N ILE C 226 -14.76 -3.76 18.82
CA ILE C 226 -15.83 -3.46 19.76
C ILE C 226 -15.35 -3.34 21.22
N GLU C 227 -14.44 -4.21 21.62
CA GLU C 227 -13.91 -4.23 22.99
C GLU C 227 -13.24 -2.90 23.31
N GLU C 228 -12.42 -2.41 22.39
CA GLU C 228 -11.78 -1.10 22.53
C GLU C 228 -12.76 0.07 22.56
N ALA C 229 -13.75 0.03 21.67
CA ALA C 229 -14.78 1.05 21.64
C ALA C 229 -15.56 1.12 22.95
N LYS C 230 -15.85 -0.05 23.52
CA LYS C 230 -16.54 -0.14 24.81
C LYS C 230 -15.74 0.63 25.87
N ASP C 231 -14.44 0.32 25.92
CA ASP C 231 -13.53 0.99 26.83
C ASP C 231 -13.39 2.52 26.63
N ARG C 232 -13.26 2.95 25.38
CA ARG C 232 -13.12 4.38 25.12
C ARG C 232 -14.39 5.15 25.51
N LEU C 233 -15.54 4.58 25.21
CA LEU C 233 -16.80 5.24 25.48
C LEU C 233 -17.02 5.31 26.97
N ARG C 234 -16.66 4.25 27.67
CA ARG C 234 -16.79 4.18 29.12
C ARG C 234 -15.96 5.29 29.79
N ILE C 235 -14.71 5.42 29.37
CA ILE C 235 -13.80 6.43 29.94
C ILE C 235 -14.35 7.85 29.72
N LEU C 236 -14.80 8.13 28.50
CA LEU C 236 -15.33 9.46 28.20
C LEU C 236 -16.66 9.72 28.92
N MET C 237 -17.51 8.71 29.07
CA MET C 237 -18.78 8.87 29.78
C MET C 237 -18.60 8.89 31.28
N LEU C 238 -17.48 8.34 31.70
CA LEU C 238 -17.13 8.32 33.10
C LEU C 238 -16.57 9.69 33.55
N ARG C 239 -15.66 10.23 32.76
CA ARG C 239 -14.94 11.43 33.16
C ARG C 239 -15.41 12.72 32.54
N LYS C 240 -15.91 12.68 31.31
CA LYS C 240 -16.28 13.91 30.61
C LYS C 240 -17.75 14.08 30.45
N HIS C 241 -18.47 12.97 30.36
CA HIS C 241 -19.91 13.02 30.16
C HIS C 241 -20.67 12.17 31.15
N PRO C 242 -20.31 12.25 32.45
CA PRO C 242 -21.07 11.49 33.42
C PRO C 242 -22.41 12.16 33.65
N ARG C 243 -23.39 11.41 34.14
CA ARG C 243 -24.74 11.93 34.42
C ARG C 243 -25.51 12.49 33.21
N SER C 244 -25.50 11.73 32.13
CA SER C 244 -26.12 12.12 30.87
C SER C 244 -26.84 10.96 30.24
N LEU C 245 -27.73 11.26 29.31
CA LEU C 245 -28.56 10.25 28.70
C LEU C 245 -28.27 10.13 27.20
N LEU C 246 -27.93 8.91 26.78
CA LEU C 246 -27.77 8.55 25.39
C LEU C 246 -28.99 7.76 24.96
N ILE C 247 -29.76 8.30 24.02
CA ILE C 247 -30.97 7.66 23.55
C ILE C 247 -30.70 6.95 22.22
N LEU C 248 -31.05 5.66 22.18
CA LEU C 248 -30.86 4.81 21.00
C LEU C 248 -32.15 4.75 20.18
N ASP C 249 -32.16 5.45 19.05
CA ASP C 249 -33.35 5.50 18.23
C ASP C 249 -33.39 4.34 17.26
N ASP C 250 -34.55 3.67 17.20
CA ASP C 250 -34.80 2.54 16.32
C ASP C 250 -33.89 1.31 16.54
N VAL C 251 -34.11 0.66 17.65
CA VAL C 251 -33.41 -0.56 18.02
C VAL C 251 -34.18 -1.69 17.35
N TRP C 252 -33.47 -2.55 16.61
CA TRP C 252 -34.09 -3.69 15.90
C TRP C 252 -33.48 -5.04 16.24
N ASP C 253 -32.22 -5.04 16.61
CA ASP C 253 -31.51 -6.30 16.80
C ASP C 253 -30.87 -6.43 18.17
N SER C 254 -31.09 -7.58 18.79
CA SER C 254 -30.56 -7.84 20.12
C SER C 254 -29.02 -7.93 20.16
N TRP C 255 -28.41 -8.21 19.00
CA TRP C 255 -26.95 -8.17 18.87
C TRP C 255 -26.41 -6.82 19.29
N VAL C 256 -27.11 -5.76 18.94
CA VAL C 256 -26.66 -4.42 19.36
C VAL C 256 -26.81 -4.24 20.87
N LEU C 257 -27.96 -4.63 21.39
CA LEU C 257 -28.28 -4.50 22.81
C LEU C 257 -27.33 -5.25 23.74
N LYS C 258 -26.73 -6.34 23.22
CA LYS C 258 -25.70 -7.10 23.91
C LYS C 258 -24.55 -6.23 24.48
N ALA C 259 -24.25 -5.13 23.78
CA ALA C 259 -23.14 -4.25 24.16
C ALA C 259 -23.57 -3.13 25.11
N PHE C 260 -24.87 -3.06 25.37
CA PHE C 260 -25.49 -2.00 26.20
C PHE C 260 -26.18 -2.52 27.45
N ASP C 261 -26.42 -3.81 27.52
CA ASP C 261 -27.09 -4.41 28.67
C ASP C 261 -26.17 -4.43 29.89
N SER C 262 -26.12 -3.32 30.62
CA SER C 262 -25.23 -3.18 31.76
C SER C 262 -25.92 -2.57 32.99
N GLN C 263 -27.24 -2.73 33.05
CA GLN C 263 -28.07 -2.27 34.19
C GLN C 263 -27.87 -0.76 34.47
N CYS C 264 -27.98 0.06 33.41
CA CYS C 264 -27.90 1.53 33.48
C CYS C 264 -29.21 2.15 33.04
N GLN C 265 -29.35 3.44 33.35
CA GLN C 265 -30.51 4.22 32.96
C GLN C 265 -30.45 4.44 31.47
N ILE C 266 -31.26 3.68 30.75
CA ILE C 266 -31.26 3.76 29.29
C ILE C 266 -32.66 3.99 28.71
N LEU C 267 -32.77 5.00 27.87
CA LEU C 267 -34.00 5.31 27.17
C LEU C 267 -33.74 4.96 25.72
N LEU C 268 -34.63 4.20 25.13
CA LEU C 268 -34.51 3.84 23.72
C LEU C 268 -35.87 3.66 23.09
N THR C 269 -35.88 3.72 21.76
CA THR C 269 -37.10 3.54 20.98
C THR C 269 -36.92 2.32 20.12
N THR C 270 -38.03 1.62 19.92
CA THR C 270 -38.01 0.32 19.24
C THR C 270 -39.36 -0.03 18.67
N ARG C 271 -39.48 -1.24 18.12
CA ARG C 271 -40.76 -1.68 17.52
C ARG C 271 -41.75 -2.10 18.60
N ASP C 272 -41.25 -2.62 19.73
CA ASP C 272 -42.09 -3.19 20.79
C ASP C 272 -41.51 -2.91 22.18
N LYS C 273 -42.33 -2.33 23.05
CA LYS C 273 -41.96 -2.12 24.44
C LYS C 273 -41.45 -3.37 25.17
N SER C 274 -41.77 -4.56 24.66
CA SER C 274 -41.27 -5.79 25.25
C SER C 274 -39.75 -5.92 25.24
N VAL C 275 -39.04 -5.10 24.47
CA VAL C 275 -37.57 -5.16 24.45
C VAL C 275 -36.93 -5.07 25.84
N THR C 276 -37.61 -4.40 26.77
CA THR C 276 -37.11 -4.25 28.12
C THR C 276 -36.84 -5.61 28.84
N ASP C 277 -37.51 -6.67 28.37
CA ASP C 277 -37.33 -8.02 28.93
C ASP C 277 -35.99 -8.68 28.62
N SER C 278 -35.35 -8.27 27.53
CA SER C 278 -34.06 -8.89 27.13
C SER C 278 -32.86 -8.27 27.85
N VAL C 279 -33.13 -7.23 28.62
CA VAL C 279 -32.10 -6.49 29.31
C VAL C 279 -32.43 -6.49 30.81
N MET C 280 -31.42 -6.21 31.62
CA MET C 280 -31.55 -6.24 33.07
C MET C 280 -31.64 -4.87 33.66
N GLY C 281 -32.52 -4.73 34.63
CA GLY C 281 -32.76 -3.47 35.33
C GLY C 281 -34.26 -3.22 35.34
N PRO C 282 -34.74 -2.36 36.24
CA PRO C 282 -36.18 -2.01 36.36
C PRO C 282 -36.73 -1.53 35.03
N LYS C 283 -37.85 -2.09 34.60
CA LYS C 283 -38.39 -1.88 33.27
C LYS C 283 -39.58 -0.94 33.37
N TYR C 284 -39.64 0.03 32.48
CA TYR C 284 -40.74 0.97 32.40
C TYR C 284 -41.12 1.12 30.95
N VAL C 285 -42.41 1.01 30.68
CA VAL C 285 -42.94 1.06 29.34
C VAL C 285 -44.19 1.92 29.27
N VAL C 286 -44.58 2.30 28.06
CA VAL C 286 -45.80 3.06 27.81
C VAL C 286 -46.67 2.24 26.88
N PRO C 287 -47.86 2.07 27.37
CA PRO C 287 -48.87 1.24 26.78
C PRO C 287 -49.58 1.96 25.69
N VAL C 288 -49.54 3.29 25.75
CA VAL C 288 -50.07 4.35 24.94
C VAL C 288 -51.56 4.32 24.78
N GLU C 289 -52.17 4.31 25.97
CA GLU C 289 -53.57 4.21 26.05
C GLU C 289 -54.12 5.55 26.12
N SER C 290 -54.25 6.08 24.88
CA SER C 290 -54.82 7.34 24.57
C SER C 290 -54.99 7.39 23.07
N SER C 291 -56.04 8.12 22.65
CA SER C 291 -56.33 8.33 21.28
C SER C 291 -56.98 9.66 21.19
N LEU C 292 -57.13 10.15 19.96
CA LEU C 292 -57.71 11.45 19.88
C LEU C 292 -59.08 11.20 19.41
N GLY C 293 -59.99 12.13 19.77
CA GLY C 293 -61.39 12.05 19.47
C GLY C 293 -61.74 13.04 18.41
N LYS C 294 -63.04 13.35 18.32
CA LYS C 294 -63.57 14.25 17.30
C LYS C 294 -63.03 15.68 17.36
N GLU C 295 -63.26 16.33 18.49
CA GLU C 295 -62.84 17.74 18.62
C GLU C 295 -61.34 17.91 18.57
N LYS C 296 -60.62 16.91 19.04
CA LYS C 296 -59.17 16.91 18.97
C LYS C 296 -58.70 16.79 17.52
N GLY C 297 -59.37 15.95 16.73
CA GLY C 297 -59.11 15.85 15.30
C GLY C 297 -59.51 17.10 14.57
N LEU C 298 -60.56 17.77 15.05
CA LEU C 298 -60.99 19.06 14.47
C LEU C 298 -59.99 20.19 14.75
N GLU C 299 -59.35 20.14 15.92
CA GLU C 299 -58.25 21.05 16.24
C GLU C 299 -57.06 20.79 15.31
N ILE C 300 -56.77 19.52 15.04
CA ILE C 300 -55.71 19.20 14.09
C ILE C 300 -56.03 19.81 12.72
N LEU C 301 -57.26 19.57 12.23
CA LEU C 301 -57.72 20.13 10.95
C LEU C 301 -57.60 21.66 10.93
N SER C 302 -58.15 22.32 11.96
CA SER C 302 -58.15 23.77 12.03
C SER C 302 -56.75 24.33 11.82
N LEU C 303 -55.74 23.71 12.42
CA LEU C 303 -54.37 24.19 12.29
C LEU C 303 -53.84 23.95 10.89
N PHE C 304 -54.27 22.87 10.25
CA PHE C 304 -53.79 22.53 8.92
C PHE C 304 -54.37 23.48 7.85
N VAL C 305 -55.66 23.81 7.94
CA VAL C 305 -56.34 24.57 6.86
C VAL C 305 -56.77 25.99 7.28
N ASN C 306 -56.58 26.25 8.59
CA ASN C 306 -56.86 27.50 9.22
C ASN C 306 -58.31 27.82 9.06
N MET C 307 -59.20 26.84 9.35
CA MET C 307 -60.62 27.07 9.25
C MET C 307 -61.16 26.83 10.63
N LYS C 308 -62.27 27.47 11.08
CA LYS C 308 -62.64 27.08 12.41
C LYS C 308 -63.26 25.74 12.30
N LYS C 309 -63.27 24.95 13.38
CA LYS C 309 -63.92 23.67 13.16
C LYS C 309 -65.37 23.86 12.71
N ALA C 310 -66.01 24.94 13.18
CA ALA C 310 -67.36 25.34 12.76
C ALA C 310 -67.48 25.69 11.27
N ASP C 311 -66.37 26.09 10.66
CA ASP C 311 -66.32 26.42 9.23
C ASP C 311 -66.14 25.22 8.35
N LEU C 312 -65.80 24.07 8.96
CA LEU C 312 -65.58 22.87 8.20
C LEU C 312 -66.90 22.27 7.86
N PRO C 313 -66.93 21.89 6.62
CA PRO C 313 -67.99 21.14 6.01
C PRO C 313 -68.26 19.91 6.75
N GLU C 314 -69.54 19.55 6.63
CA GLU C 314 -70.20 18.34 7.14
C GLU C 314 -69.44 17.06 6.85
N GLN C 315 -68.85 16.99 5.65
CA GLN C 315 -68.04 15.85 5.22
C GLN C 315 -66.79 15.70 6.07
N ALA C 316 -66.22 16.81 6.51
CA ALA C 316 -65.08 16.79 7.40
C ALA C 316 -65.41 16.19 8.78
N HIS C 317 -66.64 16.38 9.23
CA HIS C 317 -67.17 15.81 10.49
C HIS C 317 -67.59 14.35 10.32
N SER C 318 -68.15 14.02 9.16
CA SER C 318 -68.53 12.68 8.80
C SER C 318 -67.36 11.69 8.69
N ILE C 319 -66.30 12.10 8.02
CA ILE C 319 -65.11 11.30 7.86
C ILE C 319 -64.41 11.09 9.18
N ILE C 320 -64.58 12.02 10.10
CA ILE C 320 -64.12 11.85 11.47
C ILE C 320 -64.93 10.80 12.22
N LYS C 321 -66.24 10.83 12.03
CA LYS C 321 -67.14 9.79 12.57
C LYS C 321 -66.79 8.40 11.99
N GLU C 322 -66.30 8.35 10.74
CA GLU C 322 -65.87 7.10 10.13
C GLU C 322 -64.49 6.62 10.58
N CYS C 323 -63.53 7.51 10.71
CA CYS C 323 -62.18 7.15 11.12
C CYS C 323 -61.90 7.27 12.62
N LYS C 324 -62.88 7.84 13.34
CA LYS C 324 -62.83 8.05 14.80
C LYS C 324 -61.74 9.04 15.23
N GLY C 325 -61.37 9.95 14.32
CA GLY C 325 -60.44 11.01 14.65
C GLY C 325 -58.95 10.69 14.78
N SER C 326 -58.46 9.61 14.14
CA SER C 326 -57.02 9.29 14.23
C SER C 326 -56.13 10.40 13.63
N PRO C 327 -55.11 10.88 14.37
CA PRO C 327 -54.24 11.91 13.84
C PRO C 327 -53.41 11.55 12.59
N LEU C 328 -53.05 10.28 12.40
CA LEU C 328 -52.30 9.90 11.19
C LEU C 328 -53.15 10.01 9.93
N VAL C 329 -54.45 9.73 10.04
CA VAL C 329 -55.38 9.84 8.92
C VAL C 329 -55.71 11.32 8.68
N VAL C 330 -55.94 12.08 9.75
CA VAL C 330 -56.34 13.47 9.59
C VAL C 330 -55.24 14.23 8.89
N SER C 331 -53.99 14.03 9.28
CA SER C 331 -52.84 14.69 8.62
C SER C 331 -52.74 14.45 7.11
N LEU C 332 -52.90 13.21 6.71
CA LEU C 332 -52.85 12.81 5.29
C LEU C 332 -53.97 13.41 4.45
N ILE C 333 -55.20 13.20 4.89
CA ILE C 333 -56.40 13.67 4.21
C ILE C 333 -56.38 15.20 4.04
N GLY C 334 -55.93 15.91 5.05
CA GLY C 334 -55.82 17.37 4.97
C GLY C 334 -54.91 17.84 3.85
N ALA C 335 -53.74 17.23 3.77
CA ALA C 335 -52.76 17.51 2.69
C ALA C 335 -53.30 17.11 1.33
N LEU C 336 -54.04 15.99 1.28
CA LEU C 336 -54.69 15.55 0.03
C LEU C 336 -55.78 16.48 -0.48
N LEU C 337 -56.64 16.94 0.42
CA LEU C 337 -57.75 17.81 0.06
C LEU C 337 -57.30 19.28 0.04
N ARG C 338 -56.08 19.57 0.50
CA ARG C 338 -55.48 20.87 0.28
C ARG C 338 -55.47 21.24 -1.21
N ASP C 339 -54.87 20.36 -2.00
CA ASP C 339 -54.83 20.48 -3.47
C ASP C 339 -56.05 19.96 -4.19
N PHE C 340 -56.51 18.73 -3.88
CA PHE C 340 -57.67 18.10 -4.49
C PHE C 340 -58.90 18.87 -4.04
N PRO C 341 -59.89 19.12 -4.90
CA PRO C 341 -61.09 19.86 -4.51
C PRO C 341 -61.62 19.19 -3.27
N ASN C 342 -62.24 19.93 -2.31
CA ASN C 342 -62.58 19.33 -1.05
C ASN C 342 -63.73 18.38 -1.19
N ARG C 343 -63.40 17.13 -1.55
CA ARG C 343 -64.34 16.04 -1.67
C ARG C 343 -63.77 14.92 -0.87
N TRP C 344 -64.24 14.75 0.38
CA TRP C 344 -63.79 13.77 1.33
C TRP C 344 -64.18 12.44 0.79
N GLU C 345 -65.32 12.41 0.07
CA GLU C 345 -65.85 11.22 -0.53
C GLU C 345 -64.84 10.60 -1.45
N TYR C 346 -64.02 11.40 -2.14
CA TYR C 346 -63.16 10.82 -3.13
C TYR C 346 -62.20 9.90 -2.44
N TYR C 347 -61.47 10.41 -1.43
CA TYR C 347 -60.39 9.68 -0.87
C TYR C 347 -60.91 8.69 0.12
N LEU C 348 -62.13 8.97 0.65
CA LEU C 348 -62.76 8.08 1.59
C LEU C 348 -63.14 6.82 0.90
N LYS C 349 -63.95 6.91 -0.17
CA LYS C 349 -64.38 5.71 -0.81
C LYS C 349 -63.20 5.06 -1.46
N GLN C 350 -62.23 5.85 -1.92
CA GLN C 350 -61.04 5.29 -2.47
C GLN C 350 -60.35 4.44 -1.44
N LEU C 351 -60.16 4.96 -0.22
CA LEU C 351 -59.38 4.20 0.72
C LEU C 351 -60.14 3.01 1.21
N GLN C 352 -61.48 3.03 1.11
CA GLN C 352 -62.20 1.86 1.55
C GLN C 352 -61.93 0.72 0.62
N ASN C 353 -61.37 1.02 -0.56
CA ASN C 353 -61.10 0.01 -1.53
C ASN C 353 -59.85 -0.79 -1.34
N LYS C 354 -58.91 -0.10 -0.68
CA LYS C 354 -57.51 -0.46 -0.45
C LYS C 354 -56.72 0.84 -0.19
N GLN C 355 -56.85 1.40 1.01
CA GLN C 355 -56.29 2.71 1.39
C GLN C 355 -54.86 3.02 0.89
N PHE C 356 -54.29 4.16 1.29
CA PHE C 356 -52.97 4.49 0.76
C PHE C 356 -51.86 3.85 1.61
N LYS C 357 -52.25 3.04 2.58
CA LYS C 357 -51.32 2.14 3.23
C LYS C 357 -51.03 0.93 2.36
N ARG C 358 -51.90 0.68 1.39
CA ARG C 358 -51.71 -0.43 0.45
C ARG C 358 -51.01 0.04 -0.82
N ILE C 359 -51.28 1.32 -1.25
CA ILE C 359 -50.78 1.94 -2.45
C ILE C 359 -49.86 3.03 -1.97
N ARG C 360 -48.53 2.90 -2.17
CA ARG C 360 -47.65 3.92 -1.66
C ARG C 360 -47.81 5.21 -2.44
N LYS C 361 -47.95 6.33 -1.70
CA LYS C 361 -48.10 7.66 -2.25
C LYS C 361 -46.98 8.50 -1.72
N SER C 362 -46.94 9.78 -2.11
CA SER C 362 -45.96 10.70 -1.58
C SER C 362 -46.37 10.92 -0.16
N SER C 363 -45.38 10.96 0.78
CA SER C 363 -45.67 11.17 2.18
C SER C 363 -44.44 11.70 2.92
N SER C 364 -44.66 12.37 4.05
CA SER C 364 -43.60 12.89 4.84
C SER C 364 -43.11 11.77 5.68
N TYR C 365 -43.94 10.71 5.78
CA TYR C 365 -43.60 9.52 6.52
C TYR C 365 -42.46 8.90 5.79
N ASP C 366 -41.55 8.26 6.54
CA ASP C 366 -40.34 7.73 5.97
C ASP C 366 -40.70 6.64 5.02
N TYR C 367 -41.75 5.88 5.37
CA TYR C 367 -42.20 4.78 4.53
C TYR C 367 -43.72 4.86 4.36
N GLU C 368 -44.23 4.42 3.20
CA GLU C 368 -45.67 4.50 3.11
C GLU C 368 -46.18 3.12 3.15
N ALA C 369 -45.25 2.17 3.32
CA ALA C 369 -45.77 0.86 3.51
C ALA C 369 -45.28 0.33 4.81
N LEU C 370 -46.20 -0.39 5.47
CA LEU C 370 -46.08 -1.04 6.74
C LEU C 370 -45.09 -2.14 6.62
N ASP C 371 -44.99 -2.75 5.44
CA ASP C 371 -44.13 -3.88 5.25
C ASP C 371 -42.71 -3.43 5.36
N GLU C 372 -42.41 -2.14 5.13
CA GLU C 372 -41.03 -1.76 5.12
C GLU C 372 -40.41 -2.01 6.45
N ALA C 373 -40.99 -1.42 7.52
CA ALA C 373 -40.45 -1.58 8.85
C ALA C 373 -40.80 -2.93 9.42
N MET C 374 -42.01 -3.43 9.12
CA MET C 374 -42.53 -4.65 9.67
C MET C 374 -41.71 -5.81 9.24
N SER C 375 -41.21 -5.77 7.99
CA SER C 375 -40.51 -6.90 7.46
C SER C 375 -39.26 -7.16 8.23
N ILE C 376 -38.77 -6.19 9.00
CA ILE C 376 -37.61 -6.43 9.80
C ILE C 376 -37.89 -7.46 10.86
N SER C 377 -39.08 -7.40 11.48
CA SER C 377 -39.39 -8.28 12.57
C SER C 377 -39.97 -9.56 12.05
N VAL C 378 -40.59 -9.54 10.86
CA VAL C 378 -41.20 -10.72 10.34
C VAL C 378 -40.17 -11.61 9.72
N GLU C 379 -39.26 -11.02 8.93
CA GLU C 379 -38.28 -11.82 8.26
C GLU C 379 -37.32 -12.31 9.30
N MET C 380 -37.16 -11.65 10.48
CA MET C 380 -36.20 -12.17 11.42
C MET C 380 -37.02 -13.18 12.21
N LEU C 381 -37.44 -14.31 11.56
CA LEU C 381 -38.21 -15.30 12.30
C LEU C 381 -37.82 -16.62 11.67
N ARG C 382 -38.73 -17.63 11.64
CA ARG C 382 -38.51 -18.91 11.03
C ARG C 382 -39.67 -19.25 10.10
N GLU C 383 -39.39 -19.96 8.97
CA GLU C 383 -40.39 -20.21 7.96
C GLU C 383 -41.77 -20.61 8.49
N ASP C 384 -41.82 -21.56 9.40
CA ASP C 384 -43.12 -21.97 9.96
C ASP C 384 -43.90 -20.84 10.66
N ILE C 385 -43.25 -20.06 11.54
CA ILE C 385 -43.95 -18.94 12.21
C ILE C 385 -44.06 -17.64 11.40
N LYS C 386 -43.29 -17.49 10.33
CA LYS C 386 -43.52 -16.46 9.31
C LYS C 386 -44.79 -16.69 8.49
N ASP C 387 -45.03 -17.94 8.11
CA ASP C 387 -46.33 -18.30 7.54
C ASP C 387 -47.46 -18.18 8.55
N TYR C 388 -47.24 -18.64 9.77
CA TYR C 388 -48.28 -18.48 10.77
C TYR C 388 -48.67 -17.00 10.94
N TYR C 389 -47.71 -16.10 11.00
CA TYR C 389 -48.05 -14.66 11.09
C TYR C 389 -49.01 -14.20 9.99
N THR C 390 -48.71 -14.61 8.77
CA THR C 390 -49.50 -14.20 7.63
C THR C 390 -50.82 -14.97 7.58
N ASP C 391 -50.85 -16.12 8.23
CA ASP C 391 -52.05 -16.95 8.22
C ASP C 391 -53.16 -16.37 9.12
N LEU C 392 -52.81 -15.42 9.97
CA LEU C 392 -53.78 -14.85 10.90
C LEU C 392 -54.83 -13.99 10.23
N SER C 393 -54.62 -13.62 8.98
CA SER C 393 -55.51 -12.68 8.28
C SER C 393 -56.84 -13.30 7.83
N ILE C 394 -57.02 -14.60 8.05
CA ILE C 394 -58.29 -15.28 7.68
C ILE C 394 -59.42 -15.04 8.65
N LEU C 395 -59.07 -14.43 9.78
CA LEU C 395 -60.01 -14.18 10.83
C LEU C 395 -60.67 -12.88 10.47
N GLN C 396 -62.02 -12.86 10.59
CA GLN C 396 -62.89 -11.73 10.40
C GLN C 396 -62.71 -10.87 11.60
N LYS C 397 -62.22 -9.62 11.41
CA LYS C 397 -61.99 -8.68 12.48
C LYS C 397 -63.35 -8.21 12.86
N ASP C 398 -63.47 -7.69 14.09
CA ASP C 398 -62.29 -7.53 14.88
C ASP C 398 -62.60 -8.15 16.19
N VAL C 399 -62.17 -9.44 16.29
CA VAL C 399 -62.45 -10.35 17.37
C VAL C 399 -61.22 -10.93 17.99
N LYS C 400 -61.36 -10.93 19.32
CA LYS C 400 -60.51 -11.36 20.36
C LYS C 400 -60.74 -12.83 20.57
N VAL C 401 -59.79 -13.64 20.08
CA VAL C 401 -60.10 -15.02 20.09
C VAL C 401 -59.12 -15.66 20.99
N PRO C 402 -59.66 -16.71 21.53
CA PRO C 402 -59.01 -17.50 22.52
C PRO C 402 -58.01 -18.27 21.74
N THR C 403 -57.07 -18.99 22.44
CA THR C 403 -55.96 -19.64 21.75
C THR C 403 -56.35 -20.85 20.89
N LYS C 404 -57.19 -21.71 21.47
CA LYS C 404 -57.56 -23.00 20.88
C LYS C 404 -57.86 -22.88 19.39
N VAL C 405 -58.40 -21.73 18.98
CA VAL C 405 -59.01 -21.60 17.64
C VAL C 405 -57.95 -21.75 16.54
N LEU C 406 -56.69 -21.54 16.89
CA LEU C 406 -55.60 -21.51 15.89
C LEU C 406 -54.86 -22.85 15.80
N CYS C 407 -55.25 -23.83 16.60
CA CYS C 407 -54.61 -25.13 16.55
C CYS C 407 -54.78 -25.81 15.20
N ILE C 408 -56.02 -25.78 14.71
CA ILE C 408 -56.36 -26.40 13.43
C ILE C 408 -55.60 -25.72 12.30
N LEU C 409 -55.58 -24.39 12.33
CA LEU C 409 -54.94 -23.57 11.29
C LEU C 409 -53.45 -23.92 11.18
N TRP C 410 -52.76 -23.90 12.31
CA TRP C 410 -51.31 -24.07 12.32
C TRP C 410 -50.86 -25.53 12.30
N ASP C 411 -51.79 -26.44 12.70
CA ASP C 411 -51.55 -27.84 12.87
C ASP C 411 -50.67 -28.01 14.02
N MET C 412 -50.84 -27.10 14.99
CA MET C 412 -50.00 -27.10 16.13
C MET C 412 -50.80 -27.45 17.35
N GLU C 413 -50.07 -27.99 18.34
CA GLU C 413 -50.55 -28.38 19.62
C GLU C 413 -50.77 -27.16 20.43
N THR C 414 -51.76 -27.25 21.37
CA THR C 414 -52.07 -26.07 22.17
C THR C 414 -50.89 -25.33 22.76
N GLU C 415 -49.93 -26.03 23.32
CA GLU C 415 -48.75 -25.40 23.93
C GLU C 415 -47.89 -24.72 22.86
N GLU C 416 -47.81 -25.36 21.69
CA GLU C 416 -47.08 -24.82 20.54
C GLU C 416 -47.70 -23.54 20.00
N VAL C 417 -49.03 -23.51 19.90
CA VAL C 417 -49.78 -22.35 19.47
C VAL C 417 -49.61 -21.20 20.47
N GLU C 418 -49.71 -21.52 21.75
CA GLU C 418 -49.59 -20.52 22.80
C GLU C 418 -48.22 -19.83 22.78
N ASP C 419 -47.14 -20.61 22.71
CA ASP C 419 -45.79 -20.05 22.67
C ASP C 419 -45.53 -19.16 21.45
N ILE C 420 -45.99 -19.60 20.29
CA ILE C 420 -45.83 -18.83 19.06
C ILE C 420 -46.62 -17.53 19.11
N LEU C 421 -47.83 -17.57 19.68
CA LEU C 421 -48.62 -16.36 19.88
C LEU C 421 -47.98 -15.34 20.85
N GLN C 422 -47.39 -15.82 21.94
CA GLN C 422 -46.67 -14.96 22.91
C GLN C 422 -45.48 -14.27 22.24
N GLU C 423 -44.81 -15.00 21.36
CA GLU C 423 -43.74 -14.42 20.56
C GLU C 423 -44.26 -13.35 19.61
N PHE C 424 -45.37 -13.62 18.92
CA PHE C 424 -45.97 -12.61 18.03
C PHE C 424 -46.24 -11.31 18.77
N VAL C 425 -46.83 -11.45 19.95
CA VAL C 425 -47.09 -10.33 20.83
C VAL C 425 -45.80 -9.64 21.21
N ASN C 426 -44.77 -10.43 21.53
CA ASN C 426 -43.43 -9.92 21.86
C ASN C 426 -42.75 -9.21 20.69
N LYS C 427 -43.24 -9.42 19.47
CA LYS C 427 -42.71 -8.76 18.26
C LYS C 427 -43.62 -7.64 17.69
N SER C 428 -44.68 -7.26 18.42
CA SER C 428 -45.74 -6.26 18.00
C SER C 428 -46.57 -6.69 16.79
N LEU C 429 -46.67 -8.00 16.60
CA LEU C 429 -47.38 -8.58 15.49
C LEU C 429 -48.81 -8.98 15.85
N LEU C 430 -49.12 -8.90 17.14
CA LEU C 430 -50.32 -9.43 17.72
C LEU C 430 -50.55 -8.68 19.03
N PHE C 431 -51.80 -8.36 19.33
CA PHE C 431 -52.19 -7.73 20.58
C PHE C 431 -52.90 -8.77 21.43
N CYS C 432 -52.79 -8.59 22.74
CA CYS C 432 -53.23 -9.60 23.70
C CYS C 432 -54.08 -8.96 24.74
N ASP C 433 -55.37 -9.31 24.79
CA ASP C 433 -56.28 -8.90 25.90
C ASP C 433 -56.29 -10.07 26.89
N ARG C 434 -55.49 -9.93 27.96
CA ARG C 434 -55.38 -10.93 28.99
C ARG C 434 -56.68 -10.94 29.80
N ASN C 435 -57.55 -11.89 29.51
CA ASN C 435 -58.81 -12.02 30.22
C ASN C 435 -58.58 -12.82 31.50
N GLY C 436 -57.88 -12.20 32.44
CA GLY C 436 -57.55 -12.84 33.69
C GLY C 436 -56.52 -13.94 33.49
N LYS C 437 -56.99 -15.18 33.61
CA LYS C 437 -56.17 -16.34 33.31
C LYS C 437 -56.12 -16.67 31.79
N SER C 438 -57.08 -16.18 31.03
CA SER C 438 -57.09 -16.39 29.58
C SER C 438 -56.41 -15.24 28.78
N PHE C 439 -56.02 -15.55 27.54
CA PHE C 439 -55.32 -14.60 26.64
C PHE C 439 -56.07 -14.50 25.31
N ARG C 440 -56.97 -13.53 25.20
CA ARG C 440 -57.72 -13.32 23.97
C ARG C 440 -56.98 -12.37 23.03
N TYR C 441 -56.51 -12.93 21.92
CA TYR C 441 -55.61 -12.24 21.03
C TYR C 441 -56.38 -11.56 19.90
N TYR C 442 -55.87 -10.41 19.49
CA TYR C 442 -56.54 -9.63 18.47
C TYR C 442 -55.57 -8.74 17.69
N LEU C 443 -56.08 -8.14 16.61
CA LEU C 443 -55.27 -7.31 15.76
C LEU C 443 -55.97 -5.99 15.68
N HIS C 444 -55.27 -4.90 15.38
CA HIS C 444 -56.10 -3.74 15.25
C HIS C 444 -56.59 -3.75 13.84
N ASP C 445 -57.51 -2.85 13.50
CA ASP C 445 -58.14 -2.72 12.15
C ASP C 445 -57.15 -2.63 11.03
N LEU C 446 -56.21 -1.70 11.17
CA LEU C 446 -55.15 -1.53 10.18
C LEU C 446 -54.22 -2.74 10.11
N GLN C 447 -53.91 -3.32 11.27
CA GLN C 447 -53.05 -4.49 11.35
C GLN C 447 -53.63 -5.66 10.58
N VAL C 448 -54.95 -5.79 10.58
CA VAL C 448 -55.62 -6.83 9.76
C VAL C 448 -55.56 -6.43 8.28
N ASP C 449 -55.93 -5.16 7.98
CA ASP C 449 -55.98 -4.65 6.58
C ASP C 449 -54.70 -4.88 5.80
N PHE C 450 -53.56 -4.75 6.48
CA PHE C 450 -52.28 -5.01 5.86
C PHE C 450 -52.15 -6.39 5.21
N LEU C 451 -52.44 -7.46 5.96
CA LEU C 451 -52.29 -8.82 5.46
C LEU C 451 -53.41 -9.20 4.50
N THR C 452 -54.55 -8.54 4.68
CA THR C 452 -55.71 -8.74 3.83
C THR C 452 -55.32 -8.52 2.37
N GLU C 453 -54.57 -7.46 2.14
CA GLU C 453 -54.02 -7.12 0.82
C GLU C 453 -52.76 -7.96 0.48
N LYS C 454 -51.83 -8.11 1.43
CA LYS C 454 -50.58 -8.85 1.18
C LYS C 454 -50.79 -10.32 0.76
N ASN C 455 -51.76 -11.00 1.36
CA ASN C 455 -52.04 -12.39 1.06
C ASN C 455 -53.06 -12.48 -0.03
N CYS C 456 -52.98 -13.54 -0.89
CA CYS C 456 -53.83 -13.80 -2.04
C CYS C 456 -54.61 -15.06 -1.80
N SER C 457 -54.51 -15.97 -2.78
CA SER C 457 -55.16 -17.26 -2.95
C SER C 457 -54.75 -18.21 -1.88
N GLN C 458 -53.62 -17.92 -1.18
CA GLN C 458 -53.31 -18.78 -0.08
C GLN C 458 -54.41 -18.74 0.94
N LEU C 459 -55.09 -17.58 1.06
CA LEU C 459 -56.18 -17.46 1.99
C LEU C 459 -57.31 -18.40 1.69
N GLN C 460 -57.69 -18.58 0.42
CA GLN C 460 -58.75 -19.52 0.18
C GLN C 460 -58.29 -20.92 0.48
N ASP C 461 -57.01 -21.22 0.25
CA ASP C 461 -56.49 -22.52 0.57
C ASP C 461 -56.53 -22.74 2.06
N LEU C 462 -56.30 -21.67 2.85
CA LEU C 462 -56.31 -21.79 4.28
C LEU C 462 -57.73 -22.04 4.72
N HIS C 463 -58.70 -21.38 4.08
CA HIS C 463 -60.09 -21.54 4.43
C HIS C 463 -60.49 -22.96 4.23
N LYS C 464 -60.13 -23.54 3.06
CA LYS C 464 -60.55 -24.86 2.72
C LYS C 464 -59.82 -25.83 3.59
N LYS C 465 -58.53 -25.56 3.90
CA LYS C 465 -57.74 -26.47 4.67
C LYS C 465 -58.34 -26.72 6.02
N ILE C 466 -58.70 -25.64 6.75
CA ILE C 466 -59.06 -25.80 8.13
C ILE C 466 -60.42 -26.43 8.24
N ILE C 467 -61.21 -26.39 7.15
CA ILE C 467 -62.48 -27.06 7.11
C ILE C 467 -62.27 -28.54 7.17
N THR C 468 -61.39 -29.09 6.33
CA THR C 468 -61.14 -30.50 6.31
C THR C 468 -60.48 -30.90 7.59
N GLN C 469 -59.49 -30.11 8.05
CA GLN C 469 -58.70 -30.44 9.21
C GLN C 469 -59.58 -30.49 10.42
N PHE C 470 -60.51 -29.52 10.56
CA PHE C 470 -61.44 -29.51 11.63
C PHE C 470 -62.21 -30.81 11.65
N GLN C 471 -62.79 -31.19 10.51
CA GLN C 471 -63.60 -32.37 10.41
C GLN C 471 -62.79 -33.59 10.70
N ARG C 472 -61.46 -33.54 10.46
CA ARG C 472 -60.62 -34.66 10.79
C ARG C 472 -60.54 -34.87 12.28
N TYR C 473 -60.75 -33.79 13.06
CA TYR C 473 -60.79 -33.81 14.50
C TYR C 473 -62.17 -33.66 15.10
N HIS C 474 -62.80 -32.49 15.12
CA HIS C 474 -64.11 -32.56 15.73
C HIS C 474 -65.10 -32.06 14.75
N GLN C 475 -66.29 -32.63 14.83
CA GLN C 475 -67.28 -32.25 13.90
C GLN C 475 -67.83 -30.99 14.44
N PRO C 476 -68.27 -30.17 13.54
CA PRO C 476 -68.80 -28.86 13.83
C PRO C 476 -70.13 -28.96 14.57
N HIS C 477 -70.75 -30.15 14.56
CA HIS C 477 -72.02 -30.32 15.19
C HIS C 477 -71.76 -30.96 16.52
N THR C 478 -70.61 -31.65 16.62
CA THR C 478 -70.10 -32.33 17.78
C THR C 478 -69.71 -31.24 18.69
N LEU C 479 -69.14 -30.20 18.07
CA LEU C 479 -68.65 -29.06 18.75
C LEU C 479 -69.70 -28.53 19.64
N SER C 480 -69.38 -28.74 20.93
CA SER C 480 -70.11 -28.56 22.15
C SER C 480 -69.71 -27.23 22.64
N PRO C 481 -70.46 -26.61 23.49
CA PRO C 481 -70.14 -25.34 24.06
C PRO C 481 -69.04 -25.43 25.09
N ASP C 482 -68.58 -26.65 25.42
CA ASP C 482 -67.59 -26.85 26.42
C ASP C 482 -66.27 -26.47 25.84
N GLN C 483 -66.18 -26.29 24.50
CA GLN C 483 -64.88 -25.90 24.01
C GLN C 483 -64.57 -24.43 24.11
N GLU C 484 -63.29 -24.13 23.81
CA GLU C 484 -62.87 -22.77 23.93
C GLU C 484 -63.27 -22.09 22.69
N ASP C 485 -63.18 -22.85 21.57
CA ASP C 485 -63.40 -22.46 20.18
C ASP C 485 -64.76 -22.80 19.79
N CYS C 486 -65.56 -23.17 20.81
CA CYS C 486 -66.93 -23.57 20.58
C CYS C 486 -67.72 -22.60 19.75
N MET C 487 -67.72 -21.30 20.09
CA MET C 487 -68.48 -20.34 19.32
C MET C 487 -67.65 -19.84 18.18
N TYR C 488 -66.32 -20.07 18.23
CA TYR C 488 -65.49 -19.58 17.18
C TYR C 488 -66.04 -20.09 15.87
N TRP C 489 -66.16 -21.42 15.74
CA TRP C 489 -66.48 -22.04 14.48
C TRP C 489 -67.86 -21.69 14.02
N TYR C 490 -68.75 -21.24 14.92
CA TYR C 490 -70.07 -20.89 14.46
C TYR C 490 -70.05 -19.48 14.02
N ASN C 491 -69.11 -18.68 14.56
CA ASN C 491 -69.06 -17.30 14.21
C ASN C 491 -68.34 -17.08 12.89
N PHE C 492 -67.40 -17.96 12.56
CA PHE C 492 -66.49 -17.90 11.43
C PHE C 492 -66.44 -18.99 10.39
N LEU C 493 -66.97 -20.21 10.62
CA LEU C 493 -66.84 -21.24 9.61
C LEU C 493 -67.56 -20.89 8.35
N ALA C 494 -68.74 -20.27 8.45
CA ALA C 494 -69.47 -19.88 7.29
C ALA C 494 -68.71 -18.81 6.57
N TYR C 495 -68.03 -17.92 7.34
CA TYR C 495 -67.21 -16.89 6.79
C TYR C 495 -66.09 -17.50 5.99
N HIS C 496 -65.48 -18.59 6.50
CA HIS C 496 -64.39 -19.23 5.82
C HIS C 496 -64.84 -19.78 4.50
N MET C 497 -66.00 -20.46 4.47
CA MET C 497 -66.46 -21.09 3.27
C MET C 497 -66.82 -20.04 2.26
N ALA C 498 -67.44 -18.94 2.73
CA ALA C 498 -67.85 -17.86 1.87
C ALA C 498 -66.65 -17.21 1.27
N SER C 499 -65.60 -17.00 2.07
CA SER C 499 -64.42 -16.31 1.61
C SER C 499 -63.75 -17.17 0.58
N ALA C 500 -63.79 -18.49 0.80
CA ALA C 500 -63.20 -19.52 -0.02
C ALA C 500 -63.97 -19.64 -1.30
N LYS C 501 -65.20 -19.06 -1.35
CA LYS C 501 -66.04 -19.11 -2.51
C LYS C 501 -66.39 -20.54 -2.79
N MET C 502 -66.55 -21.33 -1.73
CA MET C 502 -66.96 -22.70 -1.89
C MET C 502 -68.43 -22.74 -1.59
N HIS C 503 -69.26 -22.24 -2.55
CA HIS C 503 -70.67 -22.15 -2.32
C HIS C 503 -71.29 -23.50 -2.13
N LYS C 504 -70.66 -24.57 -2.65
CA LYS C 504 -71.24 -25.87 -2.44
C LYS C 504 -71.05 -26.29 -1.01
N GLU C 505 -69.93 -25.92 -0.38
CA GLU C 505 -69.70 -26.26 1.00
C GLU C 505 -70.51 -25.36 1.90
N LEU C 506 -70.70 -24.09 1.50
CA LEU C 506 -71.45 -23.18 2.31
C LEU C 506 -72.88 -23.63 2.33
N CYS C 507 -73.38 -24.12 1.18
CA CYS C 507 -74.72 -24.62 1.11
C CYS C 507 -74.85 -25.80 2.01
N ALA C 508 -73.90 -26.74 1.96
CA ALA C 508 -74.04 -27.94 2.72
C ALA C 508 -74.00 -27.58 4.18
N LEU C 509 -73.18 -26.58 4.56
CA LEU C 509 -73.06 -26.26 5.96
C LEU C 509 -74.32 -25.65 6.52
N MET C 510 -74.74 -24.49 5.97
CA MET C 510 -75.85 -23.72 6.49
C MET C 510 -77.21 -24.26 6.18
N PHE C 511 -77.37 -25.10 5.14
CA PHE C 511 -78.69 -25.63 4.95
C PHE C 511 -78.77 -26.82 5.83
N SER C 512 -78.87 -26.59 7.16
CA SER C 512 -78.91 -27.69 8.06
C SER C 512 -79.51 -27.24 9.34
N LEU C 513 -80.50 -28.01 9.83
CA LEU C 513 -81.25 -27.70 11.01
C LEU C 513 -80.43 -28.07 12.20
N ASP C 514 -79.41 -28.93 12.00
CA ASP C 514 -78.49 -29.27 13.05
C ASP C 514 -77.52 -28.14 13.23
N TRP C 515 -76.98 -27.62 12.12
CA TRP C 515 -76.12 -26.47 12.18
C TRP C 515 -76.84 -25.32 12.79
N ILE C 516 -78.10 -25.08 12.39
CA ILE C 516 -78.81 -23.95 12.93
C ILE C 516 -79.00 -24.15 14.40
N LYS C 517 -79.44 -25.36 14.79
CA LYS C 517 -79.73 -25.63 16.17
C LYS C 517 -78.55 -25.28 17.03
N ALA C 518 -77.34 -25.78 16.67
CA ALA C 518 -76.17 -25.59 17.50
C ALA C 518 -75.79 -24.13 17.57
N LYS C 519 -75.83 -23.44 16.42
CA LYS C 519 -75.41 -22.08 16.30
C LYS C 519 -76.31 -21.17 17.09
N THR C 520 -77.61 -21.50 17.15
CA THR C 520 -78.57 -20.70 17.86
C THR C 520 -78.58 -21.02 19.31
N GLU C 521 -78.02 -22.16 19.71
CA GLU C 521 -78.01 -22.45 21.12
C GLU C 521 -76.70 -21.97 21.69
N LEU C 522 -75.67 -21.80 20.84
CA LEU C 522 -74.41 -21.37 21.36
C LEU C 522 -74.16 -19.88 21.17
N VAL C 523 -74.48 -19.37 19.96
CA VAL C 523 -74.33 -18.01 19.53
C VAL C 523 -75.57 -17.15 19.47
N GLY C 524 -76.63 -17.57 18.76
CA GLY C 524 -77.83 -16.78 18.77
C GLY C 524 -78.25 -16.63 17.33
N PRO C 525 -79.51 -16.41 17.11
CA PRO C 525 -80.08 -16.32 15.78
C PRO C 525 -79.91 -15.05 14.97
N ALA C 526 -79.59 -13.90 15.57
CA ALA C 526 -79.47 -12.69 14.79
C ALA C 526 -78.33 -12.72 13.79
N HIS C 527 -77.15 -13.19 14.20
CA HIS C 527 -76.03 -13.27 13.30
C HIS C 527 -76.36 -14.22 12.17
N LEU C 528 -77.04 -15.33 12.51
CA LEU C 528 -77.41 -16.31 11.55
C LEU C 528 -78.25 -15.66 10.48
N ILE C 529 -79.30 -14.93 10.90
CA ILE C 529 -80.21 -14.36 9.95
C ILE C 529 -79.44 -13.42 9.05
N HIS C 530 -78.50 -12.67 9.63
CA HIS C 530 -77.73 -11.68 8.92
C HIS C 530 -76.96 -12.34 7.81
N GLU C 531 -76.54 -13.60 8.04
CA GLU C 531 -75.73 -14.32 7.08
C GLU C 531 -76.60 -14.83 5.98
N PHE C 532 -77.80 -15.32 6.31
CA PHE C 532 -78.67 -15.82 5.28
C PHE C 532 -79.03 -14.70 4.37
N VAL C 533 -79.09 -13.46 4.89
CA VAL C 533 -79.32 -12.33 4.05
C VAL C 533 -78.09 -11.96 3.25
N GLU C 534 -76.93 -11.82 3.90
CA GLU C 534 -75.75 -11.32 3.21
C GLU C 534 -75.27 -12.25 2.13
N TYR C 535 -75.45 -13.56 2.34
CA TYR C 535 -75.04 -14.65 1.49
C TYR C 535 -75.95 -14.91 0.31
N ARG C 536 -77.09 -14.21 0.22
CA ARG C 536 -77.99 -14.28 -0.91
C ARG C 536 -77.29 -13.94 -2.22
N HIS C 537 -76.30 -13.03 -2.22
CA HIS C 537 -75.52 -12.70 -3.38
C HIS C 537 -74.32 -13.62 -3.57
N ILE C 538 -74.04 -14.49 -2.59
CA ILE C 538 -72.93 -15.41 -2.62
C ILE C 538 -73.31 -16.74 -3.21
N LEU C 539 -74.50 -17.26 -2.85
CA LEU C 539 -74.98 -18.55 -3.26
C LEU C 539 -75.51 -18.58 -4.66
N ASP C 540 -75.74 -19.81 -5.13
CA ASP C 540 -76.16 -20.13 -6.46
C ASP C 540 -77.64 -19.85 -6.50
N GLU C 541 -78.24 -19.88 -7.71
CA GLU C 541 -79.62 -19.50 -7.89
C GLU C 541 -80.54 -20.36 -7.07
N LYS C 542 -80.50 -21.70 -7.27
CA LYS C 542 -81.34 -22.59 -6.50
C LYS C 542 -81.09 -22.41 -5.03
N ASP C 543 -79.81 -22.21 -4.64
CA ASP C 543 -79.39 -22.14 -3.27
C ASP C 543 -79.99 -20.93 -2.62
N CYS C 544 -80.10 -19.83 -3.38
CA CYS C 544 -80.64 -18.61 -2.88
C CYS C 544 -82.10 -18.81 -2.62
N ALA C 545 -82.79 -19.54 -3.52
CA ALA C 545 -84.18 -19.82 -3.34
C ALA C 545 -84.39 -20.61 -2.09
N VAL C 546 -83.46 -21.53 -1.77
CA VAL C 546 -83.58 -22.31 -0.57
C VAL C 546 -83.31 -21.43 0.59
N SER C 547 -82.30 -20.55 0.47
CA SER C 547 -81.86 -19.79 1.59
C SER C 547 -82.96 -18.84 1.97
N GLU C 548 -83.80 -18.45 0.98
CA GLU C 548 -84.91 -17.59 1.25
C GLU C 548 -85.93 -18.32 2.07
N ASN C 549 -86.05 -19.66 1.89
CA ASN C 549 -86.92 -20.43 2.72
C ASN C 549 -86.39 -20.41 4.12
N PHE C 550 -85.06 -20.38 4.27
CA PHE C 550 -84.47 -20.32 5.57
C PHE C 550 -84.64 -18.97 6.18
N GLN C 551 -84.66 -17.91 5.36
CA GLN C 551 -84.86 -16.58 5.86
C GLN C 551 -86.21 -16.47 6.50
N GLU C 552 -87.24 -17.13 5.93
CA GLU C 552 -88.55 -17.10 6.51
C GLU C 552 -88.63 -18.10 7.63
N PHE C 553 -87.92 -19.23 7.51
CA PHE C 553 -87.94 -20.27 8.50
C PHE C 553 -87.56 -19.67 9.82
N LEU C 554 -86.48 -18.88 9.85
CA LEU C 554 -85.89 -18.38 11.06
C LEU C 554 -86.79 -17.39 11.78
N SER C 555 -87.91 -16.99 11.16
CA SER C 555 -88.76 -16.03 11.79
C SER C 555 -89.63 -16.73 12.79
N LEU C 556 -89.64 -18.07 12.72
CA LEU C 556 -90.46 -18.92 13.53
C LEU C 556 -89.91 -18.97 14.92
N ASN C 557 -88.58 -18.82 15.04
CA ASN C 557 -87.91 -19.03 16.29
C ASN C 557 -87.51 -17.67 16.72
N GLY C 558 -86.81 -17.56 17.86
CA GLY C 558 -86.40 -16.27 18.31
C GLY C 558 -87.43 -15.93 19.30
N HIS C 559 -88.21 -16.97 19.67
CA HIS C 559 -89.25 -16.70 20.60
C HIS C 559 -88.73 -17.47 21.79
N LEU C 560 -88.44 -18.76 21.54
CA LEU C 560 -87.96 -19.73 22.49
C LEU C 560 -86.47 -19.66 22.62
N LEU C 561 -85.81 -19.11 21.60
CA LEU C 561 -84.39 -18.99 21.71
C LEU C 561 -83.96 -17.96 22.73
N GLY C 562 -83.02 -18.41 23.58
CA GLY C 562 -82.50 -17.66 24.69
C GLY C 562 -83.36 -17.86 25.90
N ARG C 563 -84.41 -18.70 25.79
CA ARG C 563 -85.28 -18.88 26.91
C ARG C 563 -85.58 -20.34 26.99
N GLN C 564 -86.38 -20.77 27.99
CA GLN C 564 -86.78 -22.14 28.07
C GLN C 564 -88.26 -22.17 27.86
N PRO C 565 -88.77 -23.15 27.17
CA PRO C 565 -87.97 -24.22 26.62
C PRO C 565 -87.32 -23.77 25.35
N PHE C 566 -86.46 -24.62 24.78
CA PHE C 566 -85.84 -24.29 23.53
C PHE C 566 -86.51 -25.02 22.44
N PRO C 567 -86.41 -24.40 21.32
CA PRO C 567 -87.08 -24.94 20.16
C PRO C 567 -86.25 -26.09 19.69
N ASN C 568 -86.93 -27.00 18.98
CA ASN C 568 -86.29 -28.14 18.42
C ASN C 568 -86.22 -27.61 17.02
N ILE C 569 -85.03 -27.23 16.54
CA ILE C 569 -85.01 -26.62 15.24
C ILE C 569 -85.35 -27.64 14.19
N VAL C 570 -85.03 -28.92 14.44
CA VAL C 570 -85.25 -29.96 13.48
C VAL C 570 -86.72 -30.10 13.22
N GLN C 571 -87.52 -30.21 14.29
CA GLN C 571 -88.94 -30.45 14.17
C GLN C 571 -89.62 -29.18 13.74
N LEU C 572 -88.98 -28.02 13.99
CA LEU C 572 -89.54 -26.74 13.64
C LEU C 572 -89.80 -26.70 12.17
N GLY C 573 -88.97 -27.41 11.39
CA GLY C 573 -89.00 -27.39 9.95
C GLY C 573 -90.32 -27.88 9.46
N LEU C 574 -91.00 -28.70 10.26
CA LEU C 574 -92.19 -29.40 9.86
C LEU C 574 -93.35 -28.46 9.81
N CYS C 575 -93.19 -27.26 10.40
CA CYS C 575 -94.17 -26.20 10.41
C CYS C 575 -94.11 -25.37 9.16
N GLU C 576 -93.06 -25.53 8.34
CA GLU C 576 -92.93 -24.75 7.12
C GLU C 576 -93.91 -25.24 6.09
N PRO C 577 -94.24 -24.37 5.16
CA PRO C 577 -95.15 -24.70 4.10
C PRO C 577 -94.59 -25.83 3.31
N GLU C 578 -95.48 -26.62 2.66
CA GLU C 578 -95.06 -27.71 1.84
C GLU C 578 -94.17 -27.20 0.76
N THR C 579 -94.44 -25.98 0.29
CA THR C 579 -93.66 -25.44 -0.78
C THR C 579 -92.24 -25.27 -0.32
N SER C 580 -92.05 -24.85 0.94
CA SER C 580 -90.75 -24.59 1.48
C SER C 580 -89.87 -25.81 1.49
N GLU C 581 -88.61 -25.60 1.05
CA GLU C 581 -87.55 -26.58 1.00
C GLU C 581 -87.24 -27.04 2.39
N VAL C 582 -87.43 -26.17 3.39
CA VAL C 582 -87.09 -26.57 4.73
C VAL C 582 -88.04 -27.65 5.18
N TYR C 583 -89.32 -27.51 4.82
CA TYR C 583 -90.30 -28.52 5.16
C TYR C 583 -89.99 -29.80 4.44
N GLN C 584 -89.75 -29.71 3.13
CA GLN C 584 -89.64 -30.89 2.33
C GLN C 584 -88.46 -31.68 2.79
N GLN C 585 -87.40 -30.96 3.20
CA GLN C 585 -86.21 -31.59 3.68
C GLN C 585 -86.48 -32.23 5.01
N ALA C 586 -87.07 -31.47 5.95
CA ALA C 586 -87.30 -31.97 7.29
C ALA C 586 -88.30 -33.07 7.26
N LYS C 587 -89.34 -32.94 6.41
CA LYS C 587 -90.38 -33.93 6.37
C LYS C 587 -89.86 -35.20 5.78
N LEU C 588 -89.07 -35.11 4.69
CA LEU C 588 -88.54 -36.32 4.10
C LEU C 588 -87.63 -36.99 5.08
N GLN C 589 -86.82 -36.20 5.80
CA GLN C 589 -85.91 -36.70 6.79
C GLN C 589 -86.68 -37.36 7.91
N ALA C 590 -87.85 -36.81 8.25
CA ALA C 590 -88.61 -37.40 9.32
C ALA C 590 -89.06 -38.74 8.84
N LYS C 591 -89.40 -38.83 7.54
CA LYS C 591 -89.85 -40.08 6.99
C LYS C 591 -88.72 -41.07 6.92
N GLN C 592 -87.52 -40.58 6.68
CA GLN C 592 -86.34 -41.44 6.59
C GLN C 592 -85.97 -42.03 7.94
N GLU C 593 -85.95 -41.18 8.96
CA GLU C 593 -85.61 -41.61 10.31
C GLU C 593 -86.70 -42.49 10.90
N VAL C 594 -86.35 -43.73 11.21
CA VAL C 594 -87.30 -44.68 11.78
C VAL C 594 -87.60 -44.35 13.24
N ASP C 595 -88.70 -45.18 13.44
CA ASP C 595 -89.43 -45.18 14.70
C ASP C 595 -88.86 -44.15 15.68
N ASN C 596 -89.39 -42.93 15.63
CA ASN C 596 -88.94 -41.86 16.50
C ASN C 596 -90.06 -41.33 17.39
N GLY C 597 -90.84 -42.25 17.95
CA GLY C 597 -91.94 -41.88 18.84
C GLY C 597 -92.23 -40.40 18.80
N MET C 598 -91.21 -39.60 18.50
CA MET C 598 -91.36 -38.17 18.44
C MET C 598 -92.78 -37.70 18.21
N LEU C 599 -93.56 -38.35 17.32
CA LEU C 599 -94.94 -38.00 17.13
C LEU C 599 -95.07 -36.61 16.56
N TYR C 600 -95.59 -36.48 15.32
CA TYR C 600 -95.81 -35.16 14.80
C TYR C 600 -97.21 -35.09 14.30
N LEU C 601 -97.76 -33.86 14.15
CA LEU C 601 -99.11 -33.71 13.70
C LEU C 601 -99.03 -33.04 12.36
N GLU C 602 -99.93 -33.38 11.41
CA GLU C 602 -99.95 -32.61 10.19
C GLU C 602 -101.07 -31.61 10.23
N TRP C 603 -100.75 -30.32 10.06
CA TRP C 603 -101.74 -29.29 10.10
C TRP C 603 -102.31 -29.13 8.71
N ILE C 604 -103.55 -29.61 8.52
CA ILE C 604 -104.16 -29.77 7.22
C ILE C 604 -104.36 -28.46 6.51
N ASN C 605 -104.94 -27.44 7.19
CA ASN C 605 -105.22 -26.24 6.46
C ASN C 605 -104.24 -25.19 6.86
N LYS C 606 -102.97 -25.62 7.04
CA LYS C 606 -101.95 -24.73 7.50
C LYS C 606 -101.85 -23.65 6.48
N LYS C 607 -102.06 -24.01 5.20
CA LYS C 607 -101.85 -23.10 4.12
C LYS C 607 -102.92 -22.04 4.06
N ASN C 608 -104.06 -22.23 4.73
CA ASN C 608 -105.15 -21.29 4.58
C ASN C 608 -105.19 -20.31 5.72
N ILE C 609 -104.50 -20.64 6.84
CA ILE C 609 -104.52 -19.93 8.09
C ILE C 609 -103.18 -19.25 8.26
N THR C 610 -103.01 -18.46 9.34
CA THR C 610 -101.84 -17.71 9.74
C THR C 610 -101.40 -16.72 8.70
N ASN C 611 -101.86 -15.46 8.91
CA ASN C 611 -101.35 -14.35 8.14
C ASN C 611 -100.09 -13.86 8.76
N LEU C 612 -99.00 -14.59 8.46
CA LEU C 612 -97.72 -14.38 9.08
C LEU C 612 -97.23 -13.01 8.78
N SER C 613 -96.93 -12.29 9.87
CA SER C 613 -96.35 -10.99 9.79
C SER C 613 -94.90 -11.13 9.48
N ARG C 614 -94.25 -9.99 9.19
CA ARG C 614 -92.92 -10.03 8.67
C ARG C 614 -91.96 -10.31 9.79
N LEU C 615 -92.22 -9.79 11.00
CA LEU C 615 -91.24 -10.01 12.03
C LEU C 615 -91.86 -9.90 13.40
N VAL C 616 -91.47 -10.81 14.32
CA VAL C 616 -91.99 -10.80 15.66
C VAL C 616 -90.88 -10.41 16.60
N VAL C 617 -91.05 -9.31 17.36
CA VAL C 617 -90.01 -8.86 18.26
C VAL C 617 -90.57 -8.70 19.65
N ARG C 618 -89.86 -9.27 20.67
CA ARG C 618 -90.27 -9.05 22.04
C ARG C 618 -89.09 -8.56 22.86
N PRO C 619 -88.95 -7.26 22.95
CA PRO C 619 -87.82 -6.61 23.57
C PRO C 619 -87.80 -6.52 25.06
N HIS C 620 -88.94 -6.69 25.75
CA HIS C 620 -88.91 -6.57 27.19
C HIS C 620 -89.66 -7.68 27.84
N THR C 621 -89.20 -8.03 29.05
CA THR C 621 -89.84 -8.99 29.91
C THR C 621 -90.97 -8.32 30.65
N ASP C 622 -90.91 -6.97 30.74
CA ASP C 622 -91.95 -6.18 31.35
C ASP C 622 -92.68 -5.38 30.32
N ALA C 623 -93.66 -4.58 30.80
CA ALA C 623 -94.51 -3.81 29.96
C ALA C 623 -93.69 -2.87 29.13
N VAL C 624 -94.03 -2.76 27.83
CA VAL C 624 -93.31 -1.85 26.98
C VAL C 624 -94.08 -0.58 26.93
N TYR C 625 -93.39 0.56 27.16
CA TYR C 625 -94.04 1.84 27.21
C TYR C 625 -93.79 2.71 26.01
N HIS C 626 -92.56 2.64 25.44
CA HIS C 626 -92.27 3.46 24.30
C HIS C 626 -91.15 2.83 23.52
N ALA C 627 -91.17 3.01 22.18
CA ALA C 627 -90.15 2.47 21.32
C ALA C 627 -90.07 3.37 20.13
N CYS C 628 -88.88 3.44 19.47
CA CYS C 628 -88.79 4.29 18.31
C CYS C 628 -87.57 3.92 17.50
N PHE C 629 -87.52 4.41 16.23
CA PHE C 629 -86.43 4.16 15.32
C PHE C 629 -85.38 5.22 15.46
N SER C 630 -84.10 4.81 15.26
CA SER C 630 -83.02 5.75 15.23
C SER C 630 -83.21 6.53 13.96
N GLU C 631 -82.64 7.74 13.88
CA GLU C 631 -82.89 8.59 12.75
C GLU C 631 -82.34 7.93 11.52
N ASP C 632 -81.21 7.25 11.70
CA ASP C 632 -80.47 6.50 10.72
C ASP C 632 -81.27 5.30 10.27
N GLY C 633 -82.13 4.74 11.15
CA GLY C 633 -82.92 3.61 10.80
C GLY C 633 -82.11 2.37 11.05
N GLN C 634 -80.95 2.55 11.71
CA GLN C 634 -80.03 1.49 11.99
C GLN C 634 -80.45 0.74 13.21
N ARG C 635 -81.06 1.41 14.21
CA ARG C 635 -81.34 0.68 15.42
C ARG C 635 -82.63 1.12 16.04
N ILE C 636 -83.19 0.28 16.93
CA ILE C 636 -84.44 0.55 17.58
C ILE C 636 -84.23 0.62 19.05
N ALA C 637 -84.73 1.69 19.69
CA ALA C 637 -84.60 1.84 21.12
C ALA C 637 -85.96 1.58 21.68
N SER C 638 -86.04 0.91 22.84
CA SER C 638 -87.30 0.75 23.50
C SER C 638 -87.08 0.83 24.97
N CYS C 639 -88.13 1.24 25.72
CA CYS C 639 -88.01 1.40 27.14
C CYS C 639 -89.33 1.14 27.77
N GLY C 640 -89.33 0.83 29.09
CA GLY C 640 -90.56 0.37 29.69
C GLY C 640 -90.42 0.25 31.18
N ALA C 641 -91.23 -0.67 31.74
CA ALA C 641 -91.46 -0.91 33.15
C ALA C 641 -90.31 -1.67 33.75
N ASP C 642 -89.33 -2.09 32.92
CA ASP C 642 -88.20 -2.83 33.41
C ASP C 642 -87.14 -1.88 33.93
N LYS C 643 -87.40 -0.57 33.84
CA LYS C 643 -86.57 0.48 34.38
C LYS C 643 -85.29 0.65 33.62
N THR C 644 -85.12 0.01 32.44
CA THR C 644 -83.89 0.14 31.73
C THR C 644 -84.16 0.57 30.31
N LEU C 645 -83.07 0.85 29.56
CA LEU C 645 -83.16 1.30 28.19
C LEU C 645 -82.57 0.17 27.41
N GLN C 646 -83.33 -0.42 26.46
CA GLN C 646 -82.77 -1.48 25.67
C GLN C 646 -82.75 -1.08 24.23
N VAL C 647 -81.55 -1.10 23.62
CA VAL C 647 -81.44 -0.70 22.25
C VAL C 647 -80.83 -1.84 21.49
N PHE C 648 -81.43 -2.17 20.33
CA PHE C 648 -81.01 -3.31 19.56
C PHE C 648 -81.00 -2.96 18.10
N LYS C 649 -80.18 -3.69 17.30
CA LYS C 649 -80.03 -3.39 15.91
C LYS C 649 -81.30 -3.72 15.20
N ALA C 650 -81.75 -2.82 14.32
CA ALA C 650 -82.99 -3.01 13.61
C ALA C 650 -82.83 -4.12 12.64
N GLU C 651 -81.62 -4.28 12.07
CA GLU C 651 -81.45 -5.32 11.09
C GLU C 651 -81.57 -6.70 11.67
N THR C 652 -80.74 -6.99 12.69
CA THR C 652 -80.58 -8.30 13.27
C THR C 652 -81.26 -8.57 14.58
N GLY C 653 -81.49 -7.52 15.40
CA GLY C 653 -82.15 -7.75 16.64
C GLY C 653 -81.07 -7.94 17.67
N GLU C 654 -79.79 -7.82 17.25
CA GLU C 654 -78.71 -8.00 18.18
C GLU C 654 -78.77 -6.86 19.14
N LYS C 655 -78.73 -7.17 20.46
CA LYS C 655 -78.73 -6.14 21.46
C LYS C 655 -77.47 -5.34 21.48
N LEU C 656 -77.63 -4.00 21.39
CA LEU C 656 -76.56 -3.04 21.32
C LEU C 656 -76.31 -2.31 22.63
N LEU C 657 -77.39 -1.85 23.31
CA LEU C 657 -77.17 -1.11 24.54
C LEU C 657 -78.01 -1.70 25.64
N GLU C 658 -77.40 -1.93 26.82
CA GLU C 658 -78.12 -2.37 27.97
C GLU C 658 -77.85 -1.35 29.05
N ILE C 659 -78.68 -0.31 29.13
CA ILE C 659 -78.36 0.81 29.99
C ILE C 659 -79.39 0.87 31.07
N LYS C 660 -78.94 0.76 32.35
CA LYS C 660 -79.85 0.79 33.46
C LYS C 660 -80.12 2.23 33.74
N ALA C 661 -80.98 2.85 32.91
CA ALA C 661 -81.28 4.25 32.93
C ALA C 661 -81.95 4.75 34.19
N HIS C 662 -83.04 4.11 34.67
CA HIS C 662 -83.70 4.73 35.80
C HIS C 662 -83.94 3.76 36.91
N GLU C 663 -84.28 4.36 38.08
CA GLU C 663 -84.66 3.73 39.32
C GLU C 663 -86.14 3.48 39.35
N ASP C 664 -86.88 3.92 38.30
CA ASP C 664 -88.31 3.70 38.27
C ASP C 664 -88.69 3.50 36.83
N GLU C 665 -89.96 3.12 36.58
CA GLU C 665 -90.46 2.76 35.28
C GLU C 665 -90.29 3.88 34.30
N VAL C 666 -89.70 3.54 33.12
CA VAL C 666 -89.33 4.50 32.11
C VAL C 666 -90.49 4.65 31.16
N LEU C 667 -91.15 5.82 31.24
CA LEU C 667 -92.34 6.22 30.51
C LEU C 667 -92.13 6.52 29.05
N CYS C 668 -91.04 7.22 28.67
CA CYS C 668 -90.79 7.36 27.25
C CYS C 668 -89.32 7.60 27.03
N CYS C 669 -88.88 7.52 25.75
CA CYS C 669 -87.48 7.67 25.43
C CYS C 669 -87.35 7.99 23.97
N ALA C 670 -86.29 8.74 23.58
CA ALA C 670 -86.22 9.22 22.21
C ALA C 670 -84.79 9.48 21.84
N PHE C 671 -84.54 9.52 20.51
CA PHE C 671 -83.22 9.70 19.95
C PHE C 671 -83.00 11.18 19.82
N SER C 672 -81.73 11.61 19.88
CA SER C 672 -81.37 12.96 19.51
C SER C 672 -81.22 13.02 18.02
N THR C 673 -80.97 14.24 17.48
CA THR C 673 -80.89 14.47 16.06
C THR C 673 -79.93 13.50 15.43
N ASP C 674 -78.70 13.43 15.97
CA ASP C 674 -77.56 12.71 15.47
C ASP C 674 -77.51 11.28 15.91
N ASP C 675 -78.45 10.82 16.76
CA ASP C 675 -78.41 9.47 17.27
C ASP C 675 -77.18 9.37 18.12
N ARG C 676 -76.68 10.53 18.60
CA ARG C 676 -75.54 10.52 19.46
C ARG C 676 -76.00 10.45 20.88
N PHE C 677 -77.22 10.97 21.17
CA PHE C 677 -77.75 10.82 22.49
C PHE C 677 -79.11 10.21 22.44
N ILE C 678 -79.49 9.56 23.56
CA ILE C 678 -80.80 9.02 23.76
C ILE C 678 -81.25 9.53 25.09
N ALA C 679 -82.42 10.18 25.14
CA ALA C 679 -82.90 10.71 26.38
C ALA C 679 -84.03 9.84 26.85
N THR C 680 -84.14 9.68 28.18
CA THR C 680 -85.20 8.88 28.74
C THR C 680 -85.87 9.75 29.75
N CYS C 681 -87.20 9.62 29.90
CA CYS C 681 -87.89 10.37 30.91
C CYS C 681 -88.81 9.41 31.59
N SER C 682 -88.93 9.50 32.93
CA SER C 682 -89.57 8.42 33.64
C SER C 682 -90.39 8.92 34.79
N VAL C 683 -90.91 7.94 35.56
CA VAL C 683 -91.75 8.11 36.72
C VAL C 683 -91.00 8.84 37.79
N ASP C 684 -89.66 8.77 37.77
CA ASP C 684 -88.85 9.33 38.82
C ASP C 684 -88.73 10.81 38.59
N LYS C 685 -89.41 11.30 37.52
CA LYS C 685 -89.55 12.70 37.28
C LYS C 685 -88.23 13.31 36.92
N LYS C 686 -87.30 12.49 36.40
CA LYS C 686 -86.04 13.02 35.95
C LYS C 686 -85.92 12.85 34.46
N VAL C 687 -85.27 13.84 33.81
CA VAL C 687 -85.03 13.83 32.39
C VAL C 687 -83.57 13.52 32.26
N LYS C 688 -83.20 12.36 31.68
CA LYS C 688 -81.79 12.08 31.62
C LYS C 688 -81.35 11.80 30.21
N ILE C 689 -80.28 12.52 29.78
CA ILE C 689 -79.79 12.37 28.45
C ILE C 689 -78.56 11.51 28.54
N TRP C 690 -78.56 10.37 27.83
CA TRP C 690 -77.44 9.48 27.95
C TRP C 690 -76.67 9.48 26.67
N ASN C 691 -75.34 9.25 26.76
CA ASN C 691 -74.54 9.13 25.58
C ASN C 691 -74.93 7.82 25.00
N SER C 692 -75.33 7.82 23.72
CA SER C 692 -75.76 6.59 23.12
C SER C 692 -74.61 5.66 22.97
N MET C 693 -73.38 6.18 22.98
CA MET C 693 -72.22 5.33 22.85
C MET C 693 -71.96 4.45 24.04
N THR C 694 -71.77 5.08 25.23
CA THR C 694 -71.41 4.40 26.45
C THR C 694 -72.56 4.24 27.40
N GLY C 695 -73.56 5.13 27.30
CA GLY C 695 -74.72 5.04 28.15
C GLY C 695 -74.46 5.80 29.42
N GLU C 696 -73.47 6.73 29.42
CA GLU C 696 -73.20 7.50 30.60
C GLU C 696 -74.07 8.72 30.59
N LEU C 697 -74.39 9.24 31.80
CA LEU C 697 -75.22 10.40 31.94
C LEU C 697 -74.41 11.58 31.48
N VAL C 698 -74.98 12.36 30.54
CA VAL C 698 -74.46 13.54 29.89
C VAL C 698 -75.09 14.82 30.38
N HIS C 699 -76.44 14.94 30.36
CA HIS C 699 -77.22 16.08 30.82
C HIS C 699 -78.31 15.52 31.68
N THR C 700 -78.76 16.27 32.71
CA THR C 700 -79.90 15.83 33.46
C THR C 700 -80.70 17.01 33.89
N TYR C 701 -82.05 16.89 33.84
CA TYR C 701 -82.91 18.00 34.11
C TYR C 701 -84.02 17.54 35.00
N ASP C 702 -84.51 18.40 35.92
CA ASP C 702 -85.62 17.99 36.75
C ASP C 702 -86.28 19.21 37.34
N GLU C 703 -87.35 19.72 36.69
CA GLU C 703 -88.18 20.75 37.25
C GLU C 703 -89.64 20.38 37.42
N HIS C 704 -90.13 19.38 36.66
CA HIS C 704 -91.53 19.03 36.71
C HIS C 704 -91.93 18.48 38.03
N SER C 705 -93.20 18.74 38.40
CA SER C 705 -93.73 18.36 39.68
C SER C 705 -94.26 16.96 39.60
N GLU C 706 -94.92 16.64 38.46
CA GLU C 706 -95.50 15.34 38.24
C GLU C 706 -94.60 14.54 37.35
N GLN C 707 -95.01 13.28 37.08
CA GLN C 707 -94.26 12.41 36.23
C GLN C 707 -94.28 12.99 34.85
N VAL C 708 -93.17 12.83 34.10
CA VAL C 708 -93.05 13.46 32.81
C VAL C 708 -93.71 12.61 31.77
N ASN C 709 -94.57 13.26 30.95
CA ASN C 709 -95.35 12.68 29.89
C ASN C 709 -94.75 12.78 28.52
N CYS C 710 -94.12 13.94 28.19
CA CYS C 710 -93.60 14.14 26.85
C CYS C 710 -92.20 14.66 26.92
N CYS C 711 -91.28 13.99 26.18
CA CYS C 711 -89.93 14.46 26.01
C CYS C 711 -89.56 14.29 24.57
N HIS C 712 -89.03 15.37 23.93
CA HIS C 712 -88.69 15.33 22.54
C HIS C 712 -87.54 16.27 22.28
N PHE C 713 -86.54 15.80 21.50
CA PHE C 713 -85.41 16.60 21.07
C PHE C 713 -85.83 17.50 19.94
N THR C 714 -85.20 18.69 19.86
CA THR C 714 -85.24 19.50 18.67
C THR C 714 -84.88 18.62 17.51
N ASN C 715 -85.47 18.86 16.32
CA ASN C 715 -85.22 18.08 15.14
C ASN C 715 -83.97 18.49 14.41
N SER C 716 -83.85 19.80 14.09
CA SER C 716 -82.65 20.29 13.47
C SER C 716 -81.55 20.39 14.48
N SER C 717 -80.30 20.31 13.99
CA SER C 717 -79.14 20.34 14.83
C SER C 717 -78.76 21.77 15.07
N HIS C 718 -79.44 22.71 14.37
CA HIS C 718 -79.09 24.09 14.53
C HIS C 718 -79.34 24.60 15.93
N HIS C 719 -80.61 24.61 16.38
CA HIS C 719 -80.91 24.97 17.73
C HIS C 719 -80.90 23.74 18.58
N LEU C 720 -80.38 23.85 19.83
CA LEU C 720 -80.31 22.69 20.68
C LEU C 720 -81.24 22.88 21.85
N LEU C 721 -82.53 22.51 21.71
CA LEU C 721 -83.47 22.69 22.77
C LEU C 721 -84.11 21.36 23.08
N LEU C 722 -84.59 21.19 24.32
CA LEU C 722 -85.26 19.98 24.69
C LEU C 722 -86.61 20.39 25.22
N ALA C 723 -87.70 19.81 24.69
CA ALA C 723 -89.02 20.17 25.14
C ALA C 723 -89.52 19.08 26.02
N THR C 724 -90.07 19.46 27.20
CA THR C 724 -90.74 18.47 28.01
C THR C 724 -92.05 19.02 28.47
N GLY C 725 -92.99 18.10 28.81
CA GLY C 725 -94.30 18.49 29.28
C GLY C 725 -94.76 17.38 30.16
N SER C 726 -95.75 17.62 31.04
CA SER C 726 -96.11 16.60 31.98
C SER C 726 -97.52 16.80 32.46
N SER C 727 -97.90 16.04 33.50
CA SER C 727 -99.23 16.01 34.04
C SER C 727 -99.43 17.23 34.89
N ASP C 728 -98.33 17.94 35.18
CA ASP C 728 -98.32 19.10 36.05
C ASP C 728 -98.79 20.31 35.29
N CYS C 729 -99.13 20.12 34.00
CA CYS C 729 -99.72 21.08 33.09
C CYS C 729 -98.77 22.17 32.70
N PHE C 730 -97.48 22.04 33.05
CA PHE C 730 -96.53 23.03 32.58
C PHE C 730 -95.67 22.39 31.52
N LEU C 731 -95.05 23.26 30.70
CA LEU C 731 -94.15 22.92 29.64
C LEU C 731 -92.82 23.47 30.07
N LYS C 732 -91.72 22.78 29.75
CA LYS C 732 -90.43 23.34 30.08
C LYS C 732 -89.54 23.27 28.89
N LEU C 733 -88.91 24.41 28.54
CA LEU C 733 -88.04 24.46 27.41
C LEU C 733 -86.67 24.48 28.00
N TRP C 734 -85.85 23.45 27.69
CA TRP C 734 -84.57 23.36 28.31
C TRP C 734 -83.57 23.72 27.25
N ASP C 735 -82.49 24.40 27.66
CA ASP C 735 -81.42 24.73 26.77
C ASP C 735 -80.46 23.58 26.95
N LEU C 736 -80.14 22.87 25.86
CA LEU C 736 -79.28 21.73 25.97
C LEU C 736 -77.89 22.20 26.26
N ASN C 737 -77.61 23.48 25.96
CA ASN C 737 -76.33 24.03 26.21
C ASN C 737 -76.18 24.26 27.69
N GLN C 738 -77.30 24.33 28.44
CA GLN C 738 -77.22 24.59 29.86
C GLN C 738 -77.72 23.43 30.67
N LYS C 739 -77.59 23.57 32.00
CA LYS C 739 -78.11 22.66 32.99
C LYS C 739 -79.47 23.11 33.42
N GLU C 740 -79.92 24.30 32.96
CA GLU C 740 -81.19 24.83 33.39
C GLU C 740 -82.19 25.00 32.28
N CYS C 741 -83.44 25.25 32.72
CA CYS C 741 -84.58 25.45 31.88
C CYS C 741 -84.46 26.81 31.26
N ARG C 742 -84.53 26.86 29.91
CA ARG C 742 -84.55 28.08 29.16
C ARG C 742 -85.76 28.94 29.42
N ASN C 743 -86.94 28.30 29.55
CA ASN C 743 -88.11 29.06 29.94
C ASN C 743 -89.19 28.12 30.33
N THR C 744 -89.93 28.46 31.41
CA THR C 744 -91.06 27.68 31.82
C THR C 744 -92.24 28.25 31.09
N MET C 745 -93.03 27.39 30.43
CA MET C 745 -94.15 27.88 29.68
C MET C 745 -95.40 27.39 30.34
N PHE C 746 -96.34 28.31 30.63
CA PHE C 746 -97.55 27.91 31.30
C PHE C 746 -98.67 28.34 30.41
N GLY C 747 -99.91 27.87 30.67
CA GLY C 747 -100.97 28.26 29.77
C GLY C 747 -101.90 27.14 29.38
N HIS C 748 -101.57 25.86 29.60
CA HIS C 748 -102.59 24.86 29.36
C HIS C 748 -103.55 24.79 30.50
N THR C 749 -104.80 24.36 30.21
CA THR C 749 -105.81 24.30 31.24
C THR C 749 -105.85 22.91 31.83
N ASN C 750 -105.33 21.90 31.11
CA ASN C 750 -105.27 20.57 31.68
C ASN C 750 -103.88 20.01 31.54
N SER C 751 -103.73 18.69 31.75
CA SER C 751 -102.46 18.02 31.69
C SER C 751 -102.00 17.92 30.28
N VAL C 752 -100.66 17.90 30.09
CA VAL C 752 -100.10 17.85 28.76
C VAL C 752 -99.79 16.41 28.47
N ASN C 753 -100.27 15.94 27.30
CA ASN C 753 -100.13 14.58 26.84
C ASN C 753 -99.04 14.35 25.83
N HIS C 754 -98.74 15.33 24.95
CA HIS C 754 -97.73 15.04 23.97
C HIS C 754 -97.19 16.33 23.43
N CYS C 755 -95.96 16.29 22.87
CA CYS C 755 -95.34 17.48 22.40
C CYS C 755 -94.38 17.13 21.30
N ARG C 756 -94.29 17.98 20.25
CA ARG C 756 -93.37 17.63 19.20
C ARG C 756 -92.78 18.88 18.63
N PHE C 757 -91.48 18.81 18.28
CA PHE C 757 -90.86 19.88 17.55
C PHE C 757 -91.25 19.72 16.13
N SER C 758 -91.50 20.84 15.44
CA SER C 758 -91.72 20.82 14.02
C SER C 758 -90.37 20.65 13.39
N PRO C 759 -90.31 20.33 12.11
CA PRO C 759 -89.05 20.18 11.46
C PRO C 759 -88.37 21.50 11.52
N ASP C 760 -89.15 22.58 11.65
CA ASP C 760 -88.55 23.86 11.76
C ASP C 760 -88.34 23.92 13.24
N ASP C 761 -87.07 23.94 13.66
CA ASP C 761 -86.60 23.96 15.02
C ASP C 761 -87.08 25.15 15.80
N LYS C 762 -87.61 26.18 15.12
CA LYS C 762 -88.19 27.33 15.77
C LYS C 762 -89.60 27.12 16.28
N LEU C 763 -90.36 26.10 15.80
CA LEU C 763 -91.71 25.94 16.28
C LEU C 763 -91.89 24.70 17.09
N LEU C 764 -92.62 24.82 18.24
CA LEU C 764 -92.87 23.70 19.11
C LEU C 764 -94.36 23.59 19.24
N ALA C 765 -94.94 22.42 18.92
CA ALA C 765 -96.36 22.24 19.04
C ALA C 765 -96.63 21.48 20.29
N SER C 766 -97.69 21.86 21.03
CA SER C 766 -98.00 21.15 22.23
C SER C 766 -99.41 20.63 22.14
N CYS C 767 -99.59 19.34 22.49
CA CYS C 767 -100.91 18.77 22.51
C CYS C 767 -101.26 18.41 23.93
N SER C 768 -102.53 18.68 24.31
CA SER C 768 -102.96 18.42 25.67
C SER C 768 -104.39 17.97 25.72
N ALA C 769 -104.80 17.53 26.93
CA ALA C 769 -106.01 16.86 27.29
C ALA C 769 -107.19 17.77 27.07
N ASP C 770 -106.94 19.09 27.14
CA ASP C 770 -107.93 20.12 27.16
C ASP C 770 -108.42 20.42 25.77
N GLY C 771 -107.90 19.71 24.75
CA GLY C 771 -108.48 19.81 23.45
C GLY C 771 -107.97 21.04 22.76
N THR C 772 -106.84 21.60 23.23
CA THR C 772 -106.25 22.66 22.47
C THR C 772 -104.89 22.26 21.97
N LEU C 773 -104.52 22.83 20.82
CA LEU C 773 -103.25 22.65 20.17
C LEU C 773 -102.59 23.96 20.45
N LYS C 774 -101.32 23.98 20.89
CA LYS C 774 -100.73 25.28 21.01
C LYS C 774 -99.48 25.37 20.22
N LEU C 775 -99.25 26.55 19.60
CA LEU C 775 -98.05 26.76 18.84
C LEU C 775 -97.16 27.68 19.60
N TRP C 776 -95.94 27.22 19.94
CA TRP C 776 -95.05 28.02 20.75
C TRP C 776 -93.90 28.44 19.89
N ASP C 777 -93.46 29.71 20.05
CA ASP C 777 -92.33 30.21 19.32
C ASP C 777 -91.13 29.96 20.16
N ALA C 778 -90.24 29.04 19.75
CA ALA C 778 -89.10 28.71 20.57
C ALA C 778 -88.09 29.84 20.60
N THR C 779 -88.12 30.75 19.62
CA THR C 779 -87.15 31.80 19.63
C THR C 779 -87.36 32.70 20.81
N SER C 780 -88.60 33.18 21.01
CA SER C 780 -88.96 33.98 22.15
C SER C 780 -89.54 33.22 23.32
N ALA C 781 -89.81 31.92 23.19
CA ALA C 781 -90.40 31.13 24.25
C ALA C 781 -91.73 31.72 24.63
N ASN C 782 -92.49 32.27 23.66
CA ASN C 782 -93.76 32.89 23.94
C ASN C 782 -94.84 32.15 23.18
N GLU C 783 -96.07 32.13 23.73
CA GLU C 783 -97.17 31.51 23.03
C GLU C 783 -97.50 32.33 21.82
N ARG C 784 -97.49 31.67 20.64
CA ARG C 784 -97.78 32.30 19.38
C ARG C 784 -99.24 32.23 19.03
N LYS C 785 -99.80 31.01 18.90
CA LYS C 785 -101.20 30.91 18.64
C LYS C 785 -101.77 29.73 19.34
N SER C 786 -103.11 29.74 19.53
CA SER C 786 -103.77 28.69 20.24
C SER C 786 -104.89 28.21 19.38
N ILE C 787 -104.96 26.88 19.11
CA ILE C 787 -106.05 26.38 18.33
C ILE C 787 -106.98 25.62 19.23
N ASN C 788 -108.22 26.13 19.38
CA ASN C 788 -109.24 25.44 20.14
C ASN C 788 -109.93 24.45 19.25
N VAL C 789 -109.73 23.14 19.53
CA VAL C 789 -110.26 22.11 18.67
C VAL C 789 -111.69 21.89 19.08
N LYS C 790 -112.58 22.74 18.52
CA LYS C 790 -114.02 22.80 18.53
C LYS C 790 -114.70 22.29 17.28
N GLN C 791 -113.91 21.85 16.29
CA GLN C 791 -114.37 21.35 15.01
C GLN C 791 -115.17 20.09 15.10
N PHE C 792 -115.01 19.26 16.14
CA PHE C 792 -115.96 18.18 16.23
C PHE C 792 -117.22 18.68 16.84
N PHE C 793 -118.32 18.65 16.06
CA PHE C 793 -119.56 19.16 16.54
C PHE C 793 -120.46 18.00 16.77
N LEU C 794 -120.82 17.75 18.04
CA LEU C 794 -121.72 16.68 18.31
C LEU C 794 -122.67 17.15 19.36
N ASN C 795 -123.96 17.27 19.00
CA ASN C 795 -124.91 17.75 19.96
C ASN C 795 -125.66 16.55 20.43
N LEU C 796 -125.40 16.13 21.68
CA LEU C 796 -126.08 14.99 22.20
C LEU C 796 -127.21 15.45 23.05
N GLU C 797 -128.12 14.51 23.38
CA GLU C 797 -129.23 14.80 24.25
C GLU C 797 -128.69 15.14 25.59
N ASP C 798 -127.51 14.56 25.90
CA ASP C 798 -126.78 14.88 27.10
C ASP C 798 -126.84 16.35 27.32
N PRO C 799 -127.44 16.66 28.43
CA PRO C 799 -127.64 18.00 28.89
C PRO C 799 -126.37 18.77 28.90
N GLN C 800 -125.21 18.11 29.00
CA GLN C 800 -123.99 18.85 29.06
C GLN C 800 -123.74 19.47 27.72
N GLU C 801 -122.76 20.39 27.70
CA GLU C 801 -122.41 21.12 26.51
C GLU C 801 -121.99 20.15 25.46
N ASP C 802 -121.83 20.66 24.22
CA ASP C 802 -121.49 19.87 23.08
C ASP C 802 -120.32 19.01 23.42
N MET C 803 -120.24 17.85 22.75
CA MET C 803 -119.26 16.87 23.10
C MET C 803 -117.92 17.51 23.18
N GLU C 804 -117.31 17.39 24.38
CA GLU C 804 -116.02 17.95 24.64
C GLU C 804 -115.05 17.16 23.82
N VAL C 805 -114.02 17.86 23.28
CA VAL C 805 -113.15 17.22 22.36
C VAL C 805 -111.84 16.97 23.06
N ILE C 806 -111.41 15.68 23.09
CA ILE C 806 -110.14 15.36 23.68
C ILE C 806 -109.24 14.91 22.58
N VAL C 807 -108.16 15.69 22.33
CA VAL C 807 -107.27 15.40 21.24
C VAL C 807 -106.30 14.36 21.73
N LYS C 808 -105.94 13.40 20.86
CA LYS C 808 -105.03 12.31 21.19
C LYS C 808 -103.80 12.48 20.38
N CYS C 809 -103.54 11.50 19.47
CA CYS C 809 -102.35 11.42 18.64
C CYS C 809 -102.17 12.76 17.97
N CYS C 810 -100.93 13.29 17.97
CA CYS C 810 -100.71 14.54 17.28
C CYS C 810 -99.46 14.41 16.48
N SER C 811 -99.59 14.27 15.15
CA SER C 811 -98.43 14.10 14.32
C SER C 811 -98.36 15.21 13.31
N TRP C 812 -97.12 15.47 12.85
CA TRP C 812 -96.78 16.53 11.94
C TRP C 812 -96.95 16.07 10.52
N SER C 813 -97.34 17.01 9.63
CA SER C 813 -97.45 16.75 8.21
C SER C 813 -96.05 16.69 7.69
N ALA C 814 -95.92 16.34 6.39
CA ALA C 814 -94.62 16.31 5.76
C ALA C 814 -94.09 17.71 5.70
N ASP C 815 -94.99 18.70 5.58
CA ASP C 815 -94.64 20.08 5.47
C ASP C 815 -94.09 20.59 6.77
N GLY C 816 -94.80 20.37 7.90
CA GLY C 816 -94.30 20.81 9.16
C GLY C 816 -95.13 21.99 9.57
N ALA C 817 -95.88 22.54 8.60
CA ALA C 817 -96.84 23.59 8.78
C ALA C 817 -98.19 23.08 9.18
N ARG C 818 -98.41 21.75 9.12
CA ARG C 818 -99.72 21.27 9.47
C ARG C 818 -99.61 20.15 10.45
N ILE C 819 -100.65 19.97 11.29
CA ILE C 819 -100.65 18.88 12.24
C ILE C 819 -101.85 18.02 11.99
N MET C 820 -101.65 16.70 11.84
CA MET C 820 -102.78 15.82 11.67
C MET C 820 -103.12 15.31 13.02
N VAL C 821 -104.35 15.59 13.50
CA VAL C 821 -104.74 15.16 14.82
C VAL C 821 -105.97 14.32 14.69
N ALA C 822 -106.29 13.54 15.75
CA ALA C 822 -107.54 12.85 15.77
C ALA C 822 -108.16 13.02 17.12
N ALA C 823 -109.50 13.03 17.16
CA ALA C 823 -110.17 13.18 18.41
C ALA C 823 -111.57 12.76 18.18
N LYS C 824 -112.25 12.27 19.24
CA LYS C 824 -113.62 11.84 19.11
C LYS C 824 -113.70 10.83 18.01
N ASN C 825 -114.62 11.13 17.07
CA ASN C 825 -114.92 10.43 15.86
C ASN C 825 -114.28 11.03 14.65
N LYS C 826 -113.43 12.07 14.78
CA LYS C 826 -112.93 12.57 13.52
C LYS C 826 -111.47 12.90 13.53
N ILE C 827 -110.89 12.85 12.30
CA ILE C 827 -109.51 13.13 12.03
C ILE C 827 -109.54 14.53 11.53
N PHE C 828 -108.70 15.43 12.10
CA PHE C 828 -108.72 16.78 11.64
C PHE C 828 -107.36 17.17 11.14
N LEU C 829 -107.31 18.06 10.12
CA LEU C 829 -106.05 18.58 9.69
C LEU C 829 -106.02 20.05 9.99
N PHE C 830 -105.11 20.47 10.89
CA PHE C 830 -105.02 21.86 11.25
C PHE C 830 -103.77 22.46 10.69
N ASP C 831 -103.88 23.74 10.29
CA ASP C 831 -102.75 24.50 9.84
C ASP C 831 -102.34 25.31 11.02
N ILE C 832 -101.07 25.21 11.43
CA ILE C 832 -100.61 25.90 12.59
C ILE C 832 -100.42 27.35 12.29
N HIS C 833 -100.34 27.73 10.99
CA HIS C 833 -100.07 29.10 10.66
C HIS C 833 -101.31 29.94 10.56
N THR C 834 -102.43 29.33 10.13
CA THR C 834 -103.69 30.01 9.96
C THR C 834 -104.59 29.65 11.09
N SER C 835 -104.30 28.51 11.75
CA SER C 835 -105.10 28.05 12.84
C SER C 835 -106.46 27.70 12.33
N GLY C 836 -106.53 27.31 11.04
CA GLY C 836 -107.78 26.98 10.45
C GLY C 836 -107.85 25.50 10.21
N LEU C 837 -109.00 25.02 9.68
CA LEU C 837 -109.19 23.62 9.46
C LEU C 837 -109.16 23.39 7.99
N LEU C 838 -108.36 22.39 7.57
CA LEU C 838 -108.17 22.03 6.20
C LEU C 838 -108.88 20.74 5.86
N GLY C 839 -109.04 19.82 6.82
CA GLY C 839 -109.68 18.59 6.41
C GLY C 839 -110.37 17.94 7.56
N GLU C 840 -111.39 17.11 7.26
CA GLU C 840 -112.24 16.55 8.27
C GLU C 840 -112.67 15.19 7.81
N ILE C 841 -112.22 14.13 8.51
CA ILE C 841 -112.52 12.81 8.05
C ILE C 841 -113.27 12.15 9.17
N HIS C 842 -114.39 11.48 8.85
CA HIS C 842 -115.13 10.78 9.85
C HIS C 842 -114.56 9.39 9.91
N THR C 843 -114.44 8.84 11.14
CA THR C 843 -113.87 7.53 11.29
C THR C 843 -114.94 6.54 11.65
N GLY C 844 -114.50 5.33 12.06
CA GLY C 844 -115.38 4.22 12.30
C GLY C 844 -116.39 4.58 13.33
N HIS C 845 -117.65 4.23 13.03
CA HIS C 845 -118.82 4.38 13.84
C HIS C 845 -118.67 5.52 14.79
N HIS C 846 -119.16 5.32 16.02
CA HIS C 846 -119.15 6.37 17.00
C HIS C 846 -118.64 5.81 18.28
N SER C 847 -117.36 6.15 18.60
CA SER C 847 -116.64 5.68 19.73
C SER C 847 -115.67 6.78 19.98
N THR C 848 -114.60 6.49 20.74
CA THR C 848 -113.60 7.51 20.95
C THR C 848 -112.28 6.97 20.50
N ILE C 849 -111.60 7.70 19.58
CA ILE C 849 -110.32 7.25 19.10
C ILE C 849 -109.35 7.38 20.24
N GLN C 850 -108.78 6.24 20.68
CA GLN C 850 -107.78 6.23 21.70
C GLN C 850 -106.37 6.44 21.19
N TYR C 851 -106.00 5.87 20.02
CA TYR C 851 -104.66 6.10 19.54
C TYR C 851 -104.67 6.07 18.04
N CYS C 852 -103.70 6.77 17.38
CA CYS C 852 -103.72 6.90 15.95
C CYS C 852 -102.42 7.44 15.45
N ASP C 853 -102.17 7.33 14.12
CA ASP C 853 -101.03 7.97 13.52
C ASP C 853 -101.28 8.07 12.05
N PHE C 854 -100.53 8.96 11.36
CA PHE C 854 -100.78 9.25 9.97
C PHE C 854 -99.63 8.73 9.16
N SER C 855 -99.94 7.98 8.08
CA SER C 855 -98.94 7.41 7.21
C SER C 855 -98.50 8.43 6.20
N PRO C 856 -97.21 8.48 5.94
CA PRO C 856 -96.65 9.37 4.97
C PRO C 856 -97.05 9.04 3.57
N GLN C 857 -97.60 7.84 3.32
CA GLN C 857 -97.86 7.43 1.97
C GLN C 857 -99.32 7.17 1.81
N ASN C 858 -99.85 7.54 0.62
CA ASN C 858 -101.17 7.19 0.19
C ASN C 858 -102.18 7.84 1.10
N HIS C 859 -101.76 8.87 1.86
CA HIS C 859 -102.65 9.60 2.71
C HIS C 859 -103.36 8.64 3.61
N LEU C 860 -102.70 7.54 4.01
CA LEU C 860 -103.32 6.58 4.88
C LEU C 860 -103.22 7.02 6.30
N ALA C 861 -104.19 6.58 7.12
CA ALA C 861 -104.16 6.88 8.51
C ALA C 861 -104.44 5.60 9.23
N VAL C 862 -103.69 5.31 10.31
CA VAL C 862 -103.92 4.12 11.06
C VAL C 862 -104.60 4.53 12.32
N VAL C 863 -105.85 4.07 12.51
CA VAL C 863 -106.58 4.53 13.65
C VAL C 863 -106.81 3.36 14.56
N ALA C 864 -106.21 3.38 15.76
CA ALA C 864 -106.48 2.34 16.69
C ALA C 864 -107.66 2.87 17.43
N LEU C 865 -108.87 2.46 17.03
CA LEU C 865 -110.02 3.07 17.61
C LEU C 865 -110.19 2.75 19.07
N SER C 866 -110.34 1.45 19.39
CA SER C 866 -110.58 1.12 20.76
C SER C 866 -110.61 -0.36 20.81
N GLN C 867 -110.19 -0.92 21.96
CA GLN C 867 -110.16 -2.34 22.17
C GLN C 867 -109.55 -3.11 21.02
N TYR C 868 -108.29 -2.75 20.71
CA TYR C 868 -107.48 -3.27 19.65
C TYR C 868 -108.20 -3.38 18.34
N CYS C 869 -109.18 -2.50 18.07
CA CYS C 869 -109.75 -2.52 16.76
C CYS C 869 -108.96 -1.50 16.00
N VAL C 870 -108.22 -1.93 14.96
CA VAL C 870 -107.43 -0.97 14.24
C VAL C 870 -107.96 -0.89 12.84
N GLU C 871 -108.32 0.32 12.40
CA GLU C 871 -108.88 0.47 11.09
C GLU C 871 -107.94 1.26 10.26
N LEU C 872 -107.67 0.79 9.03
CA LEU C 872 -106.87 1.56 8.13
C LEU C 872 -107.80 2.34 7.25
N TRP C 873 -107.59 3.67 7.19
CA TRP C 873 -108.43 4.56 6.42
C TRP C 873 -107.60 5.36 5.48
N ASN C 874 -108.20 5.72 4.33
CA ASN C 874 -107.58 6.59 3.38
C ASN C 874 -108.20 7.95 3.55
N THR C 875 -107.42 8.92 4.05
CA THR C 875 -108.00 10.19 4.38
C THR C 875 -108.11 10.89 3.07
N ASP C 876 -108.90 11.97 3.01
CA ASP C 876 -109.14 12.68 1.79
C ASP C 876 -110.12 11.91 0.97
N SER C 877 -109.83 10.63 0.69
CA SER C 877 -110.75 9.77 0.00
C SER C 877 -111.84 9.46 0.97
N ARG C 878 -111.48 9.53 2.28
CA ARG C 878 -112.36 9.34 3.38
C ARG C 878 -113.00 7.98 3.33
N SER C 879 -112.22 6.93 2.99
CA SER C 879 -112.85 5.64 2.82
C SER C 879 -112.07 4.62 3.60
N LYS C 880 -112.78 3.67 4.24
CA LYS C 880 -112.11 2.64 4.99
C LYS C 880 -111.48 1.68 4.03
N VAL C 881 -110.20 1.33 4.28
CA VAL C 881 -109.38 0.47 3.47
C VAL C 881 -109.29 -0.94 3.97
N ALA C 882 -109.04 -1.14 5.28
CA ALA C 882 -108.88 -2.50 5.73
C ALA C 882 -109.00 -2.58 7.22
N ASP C 883 -109.39 -3.78 7.69
CA ASP C 883 -109.45 -4.06 9.10
C ASP C 883 -108.15 -4.70 9.47
N CYS C 884 -107.32 -3.99 10.24
CA CYS C 884 -106.00 -4.47 10.54
C CYS C 884 -106.09 -5.33 11.76
N ARG C 885 -105.90 -6.64 11.58
CA ARG C 885 -105.95 -7.53 12.70
C ARG C 885 -104.54 -7.90 13.00
N GLY C 886 -104.23 -8.29 14.26
CA GLY C 886 -102.86 -8.64 14.54
C GLY C 886 -102.70 -8.96 15.99
N HIS C 887 -103.42 -8.28 16.90
CA HIS C 887 -103.27 -8.60 18.29
C HIS C 887 -104.62 -8.79 18.92
N LEU C 888 -104.69 -9.74 19.88
CA LEU C 888 -105.79 -10.01 20.75
C LEU C 888 -105.88 -9.00 21.86
N SER C 889 -104.72 -8.60 22.41
CA SER C 889 -104.70 -7.64 23.49
C SER C 889 -104.78 -6.25 22.92
N TRP C 890 -105.04 -5.25 23.80
CA TRP C 890 -105.16 -3.85 23.50
C TRP C 890 -103.87 -3.30 22.95
N VAL C 891 -103.94 -2.64 21.76
CA VAL C 891 -102.76 -2.15 21.10
C VAL C 891 -102.30 -0.91 21.82
N HIS C 892 -101.02 -0.90 22.23
CA HIS C 892 -100.41 0.18 22.94
C HIS C 892 -99.82 1.24 22.05
N GLY C 893 -99.09 0.85 21.00
CA GLY C 893 -98.52 1.88 20.15
C GLY C 893 -98.35 1.36 18.76
N VAL C 894 -98.26 2.29 17.79
CA VAL C 894 -98.02 1.90 16.43
C VAL C 894 -97.07 2.89 15.85
N MET C 895 -96.02 2.42 15.12
CA MET C 895 -95.13 3.40 14.56
C MET C 895 -94.58 2.94 13.25
N PHE C 896 -94.11 3.91 12.43
CA PHE C 896 -93.73 3.66 11.05
C PHE C 896 -92.24 3.52 10.96
N SER C 897 -91.81 2.76 9.94
CA SER C 897 -90.43 2.46 9.69
C SER C 897 -89.87 3.77 9.24
N PRO C 898 -88.58 3.96 9.28
CA PRO C 898 -88.05 5.26 8.93
C PRO C 898 -88.21 5.57 7.47
N ASP C 899 -88.50 4.56 6.64
CA ASP C 899 -88.75 4.75 5.24
C ASP C 899 -90.19 5.06 5.03
N GLY C 900 -91.07 4.54 5.89
CA GLY C 900 -92.47 4.80 5.76
C GLY C 900 -93.04 3.76 4.85
N SER C 901 -92.20 2.77 4.51
CA SER C 901 -92.56 1.70 3.63
C SER C 901 -93.21 0.61 4.41
N SER C 902 -93.02 0.61 5.74
CA SER C 902 -93.62 -0.40 6.55
C SER C 902 -93.90 0.19 7.90
N PHE C 903 -94.60 -0.56 8.78
CA PHE C 903 -94.81 -0.11 10.13
C PHE C 903 -95.03 -1.31 11.02
N LEU C 904 -95.00 -1.09 12.35
CA LEU C 904 -95.14 -2.18 13.29
C LEU C 904 -96.13 -1.79 14.35
N THR C 905 -96.82 -2.79 14.93
CA THR C 905 -97.78 -2.54 15.98
C THR C 905 -97.25 -3.20 17.23
N SER C 906 -97.58 -2.65 18.43
CA SER C 906 -97.12 -3.25 19.65
C SER C 906 -98.25 -3.27 20.63
N SER C 907 -98.61 -4.45 21.18
CA SER C 907 -99.65 -4.40 22.18
C SER C 907 -99.21 -4.85 23.55
N ASP C 908 -100.23 -4.99 24.42
CA ASP C 908 -100.17 -5.40 25.80
C ASP C 908 -99.68 -6.81 25.88
N ASP C 909 -99.68 -7.53 24.74
CA ASP C 909 -99.18 -8.88 24.66
C ASP C 909 -97.70 -8.82 24.45
N GLN C 910 -97.14 -7.59 24.49
CA GLN C 910 -95.74 -7.27 24.46
C GLN C 910 -95.12 -7.85 23.24
N THR C 911 -95.92 -7.95 22.18
CA THR C 911 -95.45 -8.50 20.95
C THR C 911 -95.46 -7.39 19.95
N ILE C 912 -94.32 -7.21 19.25
CA ILE C 912 -94.17 -6.21 18.23
C ILE C 912 -94.36 -7.00 16.97
N ARG C 913 -95.29 -6.60 16.09
CA ARG C 913 -95.38 -7.31 14.84
C ARG C 913 -95.12 -6.36 13.70
N LEU C 914 -94.21 -6.74 12.79
CA LEU C 914 -93.86 -5.90 11.67
C LEU C 914 -94.80 -6.20 10.56
N TRP C 915 -95.39 -5.14 9.97
CA TRP C 915 -96.36 -5.32 8.92
C TRP C 915 -95.91 -4.50 7.76
N GLU C 916 -96.20 -4.98 6.53
CA GLU C 916 -95.91 -4.25 5.33
C GLU C 916 -97.16 -3.47 5.05
N THR C 917 -97.04 -2.14 4.90
CA THR C 917 -98.21 -1.35 4.66
C THR C 917 -99.00 -1.87 3.48
N LYS C 918 -98.31 -2.31 2.41
CA LYS C 918 -99.00 -2.69 1.20
C LYS C 918 -99.85 -3.89 1.48
N LYS C 919 -99.42 -4.73 2.42
CA LYS C 919 -100.11 -5.95 2.75
C LYS C 919 -101.26 -5.63 3.66
N VAL C 920 -101.09 -4.64 4.56
CA VAL C 920 -102.13 -4.26 5.49
C VAL C 920 -103.33 -3.69 4.79
N CYS C 921 -103.11 -2.95 3.69
CA CYS C 921 -104.15 -2.40 2.86
C CYS C 921 -104.98 -3.47 2.22
N LYS C 922 -104.50 -4.72 2.18
CA LYS C 922 -105.28 -5.74 1.54
C LYS C 922 -106.18 -6.41 2.55
N ASN C 923 -107.33 -6.91 2.06
CA ASN C 923 -108.30 -7.60 2.87
C ASN C 923 -107.91 -9.04 2.97
N SER C 924 -108.35 -9.71 4.06
CA SER C 924 -107.96 -11.09 4.21
C SER C 924 -108.89 -11.82 5.15
N ALA C 925 -109.23 -13.04 4.70
CA ALA C 925 -109.99 -14.11 5.31
C ALA C 925 -109.10 -15.16 5.89
N VAL C 926 -107.78 -14.94 5.88
CA VAL C 926 -106.87 -15.95 6.34
C VAL C 926 -107.09 -16.25 7.78
N MET C 927 -107.17 -15.24 8.66
CA MET C 927 -107.29 -15.55 10.07
C MET C 927 -108.71 -15.39 10.49
N LEU C 928 -109.08 -16.07 11.59
CA LEU C 928 -110.43 -16.02 12.07
C LEU C 928 -110.43 -15.19 13.32
N LYS C 929 -111.64 -14.81 13.77
CA LYS C 929 -111.80 -14.11 15.01
C LYS C 929 -111.72 -15.15 16.08
N GLN C 930 -111.35 -14.73 17.30
CA GLN C 930 -111.15 -15.60 18.41
C GLN C 930 -112.43 -16.29 18.81
N GLU C 931 -113.60 -15.75 18.44
CA GLU C 931 -114.83 -16.39 18.85
C GLU C 931 -115.13 -17.51 17.90
N VAL C 932 -114.67 -18.73 18.24
CA VAL C 932 -114.96 -19.89 17.45
C VAL C 932 -115.36 -21.02 18.36
N ASP C 933 -115.95 -22.10 17.77
CA ASP C 933 -116.32 -23.26 18.52
C ASP C 933 -116.30 -24.44 17.57
N VAL C 934 -116.39 -25.68 18.10
CA VAL C 934 -116.24 -26.84 17.26
C VAL C 934 -117.29 -27.86 17.58
N VAL C 935 -117.90 -28.45 16.51
CA VAL C 935 -118.88 -29.49 16.69
C VAL C 935 -118.42 -30.69 15.90
N PHE C 936 -118.25 -31.84 16.57
CA PHE C 936 -117.88 -33.03 15.85
C PHE C 936 -119.13 -33.82 15.59
N GLN C 937 -119.49 -33.99 14.29
CA GLN C 937 -120.62 -34.82 13.95
C GLN C 937 -120.13 -36.16 13.50
N GLU C 938 -119.63 -37.01 14.42
CA GLU C 938 -119.20 -38.32 14.04
C GLU C 938 -118.10 -38.29 13.04
N ASN C 939 -118.43 -38.59 11.77
CA ASN C 939 -117.47 -38.72 10.72
C ASN C 939 -117.01 -37.36 10.29
N GLU C 940 -117.79 -36.30 10.55
CA GLU C 940 -117.37 -35.01 10.06
C GLU C 940 -117.20 -34.04 11.20
N VAL C 941 -116.46 -32.94 10.93
CA VAL C 941 -116.23 -31.90 11.91
C VAL C 941 -116.64 -30.58 11.31
N MET C 942 -117.35 -29.74 12.09
CA MET C 942 -117.72 -28.42 11.64
C MET C 942 -117.12 -27.39 12.56
N VAL C 943 -116.65 -26.26 11.99
CA VAL C 943 -116.12 -25.20 12.79
C VAL C 943 -117.03 -24.01 12.71
N LEU C 944 -117.48 -23.51 13.88
CA LEU C 944 -118.40 -22.40 13.94
C LEU C 944 -117.51 -21.22 14.09
N ALA C 945 -117.60 -20.22 13.20
CA ALA C 945 -116.73 -19.09 13.41
C ALA C 945 -117.41 -17.79 13.05
N VAL C 946 -117.20 -16.78 13.90
CA VAL C 946 -117.82 -15.49 13.73
C VAL C 946 -117.25 -14.92 12.47
N ASP C 947 -118.12 -14.37 11.62
CA ASP C 947 -117.78 -13.82 10.33
C ASP C 947 -117.04 -12.56 10.53
N HIS C 948 -116.26 -12.19 9.50
CA HIS C 948 -115.51 -10.98 9.53
C HIS C 948 -116.43 -9.84 9.81
N ILE C 949 -117.64 -9.82 9.21
CA ILE C 949 -118.45 -8.65 9.44
C ILE C 949 -119.70 -8.81 10.25
N ARG C 950 -120.75 -9.42 9.63
CA ARG C 950 -122.08 -9.48 10.22
C ARG C 950 -122.45 -10.58 11.16
N ARG C 951 -122.66 -11.81 10.62
CA ARG C 951 -122.96 -12.84 11.56
C ARG C 951 -121.91 -13.89 11.57
N LEU C 952 -122.14 -15.13 11.06
CA LEU C 952 -121.13 -16.14 11.26
C LEU C 952 -121.14 -17.14 10.14
N GLN C 953 -120.05 -17.93 10.01
CA GLN C 953 -119.97 -18.97 9.04
C GLN C 953 -119.83 -20.29 9.74
N LEU C 954 -120.69 -21.26 9.40
CA LEU C 954 -120.52 -22.60 9.86
C LEU C 954 -119.82 -23.28 8.73
N ILE C 955 -118.53 -23.63 8.94
CA ILE C 955 -117.70 -24.17 7.90
C ILE C 955 -117.50 -25.64 8.14
N ASN C 956 -118.00 -26.47 7.20
CA ASN C 956 -117.83 -27.88 7.32
C ASN C 956 -116.40 -28.15 6.95
N GLY C 957 -115.61 -28.76 7.84
CA GLY C 957 -114.21 -28.89 7.56
C GLY C 957 -114.08 -30.04 6.61
N ARG C 958 -112.88 -30.19 6.02
CA ARG C 958 -112.59 -31.29 5.14
C ARG C 958 -113.43 -31.20 3.90
N THR C 959 -113.93 -29.99 3.58
CA THR C 959 -114.69 -29.68 2.40
C THR C 959 -114.78 -28.19 2.37
N GLY C 960 -115.32 -27.59 1.29
CA GLY C 960 -115.35 -26.16 1.27
C GLY C 960 -116.51 -25.68 2.10
N GLN C 961 -117.67 -26.36 1.94
CA GLN C 961 -118.99 -26.04 2.44
C GLN C 961 -118.98 -24.98 3.50
N ILE C 962 -118.97 -23.71 3.06
CA ILE C 962 -119.13 -22.61 3.98
C ILE C 962 -120.58 -22.27 3.98
N ASP C 963 -121.25 -22.47 5.12
CA ASP C 963 -122.63 -22.12 5.25
C ASP C 963 -122.73 -20.93 6.14
N TYR C 964 -122.92 -19.75 5.52
CA TYR C 964 -123.12 -18.51 6.21
C TYR C 964 -124.53 -18.38 6.67
N LEU C 965 -124.72 -17.96 7.94
CA LEU C 965 -126.02 -17.76 8.49
C LEU C 965 -126.11 -16.28 8.64
N THR C 966 -127.32 -15.70 8.60
CA THR C 966 -127.44 -14.27 8.64
C THR C 966 -128.34 -13.85 9.76
N GLU C 967 -128.03 -12.69 10.39
CA GLU C 967 -128.79 -12.29 11.55
C GLU C 967 -128.35 -10.92 11.99
N ALA C 968 -129.08 -10.43 13.00
CA ALA C 968 -128.98 -9.23 13.79
C ALA C 968 -127.76 -9.28 14.66
N GLN C 969 -126.93 -10.32 14.47
CA GLN C 969 -125.62 -10.38 15.05
C GLN C 969 -125.86 -11.03 16.36
N VAL C 970 -125.72 -12.36 16.35
CA VAL C 970 -125.90 -13.18 17.51
C VAL C 970 -124.66 -13.17 18.34
N SER C 971 -124.82 -13.49 19.63
CA SER C 971 -123.72 -13.54 20.56
C SER C 971 -123.21 -14.93 20.80
N CYS C 972 -124.09 -15.96 20.72
CA CYS C 972 -123.60 -17.31 20.95
C CYS C 972 -124.62 -18.28 20.44
N CYS C 973 -124.22 -19.53 20.11
CA CYS C 973 -125.20 -20.44 19.58
C CYS C 973 -125.19 -21.73 20.36
N CYS C 974 -126.30 -22.50 20.26
CA CYS C 974 -126.40 -23.76 20.92
C CYS C 974 -127.25 -24.69 20.10
N LEU C 975 -126.79 -25.97 19.95
CA LEU C 975 -127.52 -26.95 19.18
C LEU C 975 -128.31 -27.83 20.11
N SER C 976 -129.55 -28.18 19.70
CA SER C 976 -130.38 -28.97 20.57
C SER C 976 -130.03 -30.39 20.32
N PRO C 977 -130.33 -31.23 21.27
CA PRO C 977 -130.18 -32.65 21.10
C PRO C 977 -131.00 -33.06 19.91
N HIS C 978 -130.45 -33.99 19.11
CA HIS C 978 -131.09 -34.47 17.91
C HIS C 978 -131.19 -33.36 16.91
N LEU C 979 -130.44 -32.25 17.14
CA LEU C 979 -130.52 -31.07 16.33
C LEU C 979 -131.95 -30.73 16.08
N GLN C 980 -132.26 -30.41 14.81
CA GLN C 980 -133.53 -29.97 14.29
C GLN C 980 -133.85 -28.61 14.81
N TYR C 981 -132.97 -28.06 15.69
CA TYR C 981 -133.26 -26.75 16.21
C TYR C 981 -131.95 -26.07 16.47
N ILE C 982 -131.87 -24.76 16.19
CA ILE C 982 -130.67 -23.99 16.44
C ILE C 982 -131.10 -22.87 17.35
N ALA C 983 -130.33 -22.62 18.43
CA ALA C 983 -130.72 -21.58 19.35
C ALA C 983 -129.63 -20.55 19.39
N PHE C 984 -130.01 -19.25 19.57
CA PHE C 984 -128.94 -18.30 19.72
C PHE C 984 -129.30 -17.18 20.65
N GLY C 985 -128.27 -16.69 21.37
CA GLY C 985 -128.41 -15.71 22.41
C GLY C 985 -128.06 -14.38 21.82
N ASP C 986 -128.25 -13.30 22.60
CA ASP C 986 -128.01 -11.98 22.13
C ASP C 986 -127.71 -11.09 23.30
N GLU C 987 -127.31 -9.85 23.03
CA GLU C 987 -126.90 -8.97 24.10
C GLU C 987 -128.11 -8.63 24.92
N ASN C 988 -129.30 -8.70 24.31
CA ASN C 988 -130.57 -8.40 24.91
C ASN C 988 -130.89 -9.37 26.00
N GLY C 989 -130.29 -10.59 25.96
CA GLY C 989 -130.56 -11.56 26.98
C GLY C 989 -131.55 -12.56 26.47
N ALA C 990 -132.50 -12.15 25.61
CA ALA C 990 -133.47 -13.06 25.08
C ALA C 990 -132.82 -14.03 24.14
N ILE C 991 -133.38 -15.26 24.06
CA ILE C 991 -132.83 -16.28 23.21
C ILE C 991 -133.85 -16.59 22.15
N GLU C 992 -133.40 -16.80 20.90
CA GLU C 992 -134.35 -17.22 19.91
C GLU C 992 -133.99 -18.57 19.38
N ILE C 993 -135.01 -19.44 19.20
CA ILE C 993 -134.77 -20.76 18.72
C ILE C 993 -135.44 -20.85 17.39
N LEU C 994 -134.67 -21.23 16.35
CA LEU C 994 -135.21 -21.33 15.03
C LEU C 994 -135.33 -22.78 14.71
N GLU C 995 -136.51 -23.23 14.26
CA GLU C 995 -136.66 -24.59 13.83
C GLU C 995 -135.93 -24.77 12.53
N LEU C 996 -135.14 -25.86 12.42
CA LEU C 996 -134.37 -26.16 11.25
C LEU C 996 -135.12 -26.93 10.22
N VAL C 997 -136.23 -27.62 10.60
CA VAL C 997 -137.02 -28.34 9.63
C VAL C 997 -137.77 -27.33 8.83
N ASN C 998 -138.32 -26.30 9.51
CA ASN C 998 -139.06 -25.29 8.81
C ASN C 998 -138.51 -24.02 9.34
N ASN C 999 -137.68 -23.34 8.56
CA ASN C 999 -137.01 -22.13 8.91
C ASN C 999 -137.93 -20.94 9.00
N ARG C 1000 -139.23 -21.09 8.78
CA ARG C 1000 -140.10 -19.99 9.12
C ARG C 1000 -140.65 -19.97 10.54
N ILE C 1001 -140.51 -21.09 11.29
CA ILE C 1001 -141.00 -21.22 12.63
C ILE C 1001 -139.92 -20.98 13.63
N PHE C 1002 -140.14 -20.02 14.56
CA PHE C 1002 -139.16 -19.73 15.58
C PHE C 1002 -139.86 -19.29 16.82
N GLN C 1003 -139.19 -19.40 17.99
CA GLN C 1003 -139.79 -19.00 19.24
C GLN C 1003 -138.81 -18.15 19.99
N SER C 1004 -139.31 -17.20 20.81
CA SER C 1004 -138.38 -16.43 21.60
C SER C 1004 -139.12 -15.84 22.76
N ARG C 1005 -138.67 -16.10 24.01
CA ARG C 1005 -139.37 -15.42 25.06
C ARG C 1005 -138.44 -14.58 25.85
N PHE C 1006 -138.76 -13.26 25.85
CA PHE C 1006 -137.96 -12.24 26.47
C PHE C 1006 -137.74 -12.46 27.92
N GLN C 1007 -136.44 -12.41 28.32
CA GLN C 1007 -135.95 -12.61 29.66
C GLN C 1007 -134.49 -12.25 29.75
N HIS C 1008 -134.06 -11.83 30.97
CA HIS C 1008 -132.71 -11.44 31.30
C HIS C 1008 -132.39 -10.01 30.98
N LYS C 1009 -131.70 -9.32 31.93
CA LYS C 1009 -131.31 -7.95 31.72
C LYS C 1009 -129.97 -7.81 31.03
N LYS C 1010 -128.94 -8.55 31.52
CA LYS C 1010 -127.61 -8.46 30.97
C LYS C 1010 -127.49 -9.46 29.86
N THR C 1011 -126.32 -9.47 29.17
CA THR C 1011 -126.11 -10.43 28.12
C THR C 1011 -126.28 -11.80 28.70
N VAL C 1012 -127.02 -12.68 27.99
CA VAL C 1012 -127.19 -14.04 28.42
C VAL C 1012 -125.86 -14.73 28.46
N TRP C 1013 -125.72 -15.68 29.40
CA TRP C 1013 -124.47 -16.34 29.67
C TRP C 1013 -124.62 -17.77 29.20
N HIS C 1014 -124.78 -18.72 30.13
CA HIS C 1014 -124.75 -20.13 29.80
C HIS C 1014 -126.07 -20.49 29.16
N ILE C 1015 -126.04 -21.28 28.05
CA ILE C 1015 -127.25 -21.72 27.38
C ILE C 1015 -127.20 -23.21 27.15
N GLN C 1016 -128.24 -23.96 27.58
CA GLN C 1016 -128.18 -25.38 27.36
C GLN C 1016 -129.54 -26.02 27.44
N PHE C 1017 -129.83 -26.92 26.47
CA PHE C 1017 -131.09 -27.63 26.36
C PHE C 1017 -131.12 -28.70 27.41
N THR C 1018 -132.34 -29.18 27.73
CA THR C 1018 -132.50 -30.27 28.65
C THR C 1018 -132.02 -31.48 27.89
N ALA C 1019 -132.13 -32.68 28.49
CA ALA C 1019 -131.68 -33.87 27.83
C ALA C 1019 -132.54 -34.02 26.62
N ASP C 1020 -133.82 -33.65 26.75
CA ASP C 1020 -134.73 -33.74 25.65
C ASP C 1020 -134.47 -32.58 24.75
N GLU C 1021 -134.89 -32.71 23.48
CA GLU C 1021 -134.76 -31.76 22.42
C GLU C 1021 -135.61 -30.55 22.67
N LYS C 1022 -136.51 -30.61 23.67
CA LYS C 1022 -137.30 -29.44 23.97
C LYS C 1022 -136.95 -28.89 25.32
N THR C 1023 -137.36 -27.62 25.56
CA THR C 1023 -137.09 -26.90 26.77
C THR C 1023 -135.66 -26.46 26.81
N LEU C 1024 -135.43 -25.13 26.98
CA LEU C 1024 -134.10 -24.57 27.01
C LEU C 1024 -133.83 -23.90 28.31
N ILE C 1025 -132.68 -24.21 28.94
CA ILE C 1025 -132.37 -23.63 30.21
C ILE C 1025 -131.31 -22.60 29.96
N SER C 1026 -131.42 -21.42 30.60
CA SER C 1026 -130.45 -20.40 30.35
C SER C 1026 -130.19 -19.64 31.62
N SER C 1027 -129.02 -18.97 31.69
CA SER C 1027 -128.71 -18.19 32.85
C SER C 1027 -128.04 -16.93 32.38
N SER C 1028 -127.92 -15.97 33.31
CA SER C 1028 -127.27 -14.73 33.02
C SER C 1028 -126.71 -14.23 34.32
N ASP C 1029 -126.39 -12.92 34.32
CA ASP C 1029 -125.86 -12.14 35.40
C ASP C 1029 -126.79 -12.03 36.57
N ASP C 1030 -128.09 -12.35 36.43
CA ASP C 1030 -128.99 -12.24 37.57
C ASP C 1030 -128.94 -13.49 38.42
N ALA C 1031 -129.79 -13.48 39.46
CA ALA C 1031 -130.01 -14.46 40.50
C ALA C 1031 -130.90 -15.64 40.15
N GLU C 1032 -131.41 -15.75 38.91
CA GLU C 1032 -132.30 -16.86 38.64
C GLU C 1032 -131.96 -17.58 37.37
N ILE C 1033 -132.23 -18.92 37.32
CA ILE C 1033 -132.00 -19.69 36.14
C ILE C 1033 -133.30 -19.88 35.42
N GLN C 1034 -133.36 -19.49 34.14
CA GLN C 1034 -134.58 -19.55 33.37
C GLN C 1034 -134.77 -20.90 32.75
N VAL C 1035 -135.93 -21.52 33.02
CA VAL C 1035 -136.33 -22.69 32.28
C VAL C 1035 -137.35 -22.23 31.31
N TRP C 1036 -136.96 -22.14 30.02
CA TRP C 1036 -137.82 -21.64 28.99
C TRP C 1036 -138.37 -22.76 28.18
N ASN C 1037 -139.67 -23.06 28.39
CA ASN C 1037 -140.30 -24.10 27.64
C ASN C 1037 -140.80 -23.43 26.40
N TRP C 1038 -139.92 -23.38 25.38
CA TRP C 1038 -140.24 -22.78 24.12
C TRP C 1038 -141.30 -23.61 23.46
N GLN C 1039 -141.97 -22.98 22.48
CA GLN C 1039 -143.13 -23.45 21.79
C GLN C 1039 -144.34 -23.08 22.61
N LEU C 1040 -144.22 -23.08 23.94
CA LEU C 1040 -145.27 -22.68 24.86
C LEU C 1040 -144.90 -21.40 25.53
N ASP C 1041 -143.60 -21.07 25.50
CA ASP C 1041 -143.00 -19.90 26.12
C ASP C 1041 -143.33 -19.85 27.59
N LYS C 1042 -143.31 -21.00 28.30
CA LYS C 1042 -143.56 -21.00 29.72
C LYS C 1042 -142.28 -20.73 30.45
N CYS C 1043 -142.32 -19.87 31.49
CA CYS C 1043 -141.12 -19.51 32.19
C CYS C 1043 -141.19 -20.02 33.59
N ILE C 1044 -140.29 -20.96 33.93
CA ILE C 1044 -140.19 -21.49 35.26
C ILE C 1044 -138.85 -21.05 35.75
N PHE C 1045 -138.79 -20.43 36.95
CA PHE C 1045 -137.54 -19.86 37.34
C PHE C 1045 -137.00 -20.61 38.51
N LEU C 1046 -135.68 -20.85 38.51
CA LEU C 1046 -135.02 -21.42 39.66
C LEU C 1046 -134.60 -20.27 40.53
N ARG C 1047 -135.33 -20.04 41.64
CA ARG C 1047 -135.07 -18.85 42.39
C ARG C 1047 -133.99 -19.18 43.36
N GLY C 1048 -132.74 -19.11 42.89
CA GLY C 1048 -131.57 -19.39 43.67
C GLY C 1048 -131.36 -18.26 44.61
N HIS C 1049 -131.56 -17.03 44.12
CA HIS C 1049 -131.46 -15.85 44.93
C HIS C 1049 -130.05 -15.77 45.42
N GLN C 1050 -129.10 -15.97 44.49
CA GLN C 1050 -127.69 -15.95 44.74
C GLN C 1050 -127.25 -14.64 44.16
N GLU C 1051 -126.00 -14.22 44.43
CA GLU C 1051 -125.60 -12.94 43.88
C GLU C 1051 -125.80 -12.95 42.39
N THR C 1052 -125.31 -14.00 41.72
CA THR C 1052 -125.44 -14.17 40.29
C THR C 1052 -125.22 -15.61 40.00
N VAL C 1053 -125.94 -16.14 39.01
CA VAL C 1053 -125.70 -17.48 38.59
C VAL C 1053 -124.42 -17.46 37.80
N LYS C 1054 -123.42 -18.22 38.26
CA LYS C 1054 -122.14 -18.15 37.62
C LYS C 1054 -122.23 -19.01 36.40
N ASP C 1055 -122.71 -20.26 36.57
CA ASP C 1055 -122.77 -21.17 35.46
C ASP C 1055 -123.58 -22.36 35.88
N PHE C 1056 -123.94 -23.25 34.93
CA PHE C 1056 -124.61 -24.46 35.28
C PHE C 1056 -124.33 -25.49 34.23
N ARG C 1057 -124.70 -26.76 34.52
CA ARG C 1057 -124.52 -27.81 33.56
C ARG C 1057 -125.50 -28.89 33.86
N LEU C 1058 -126.02 -29.56 32.81
CA LEU C 1058 -127.00 -30.59 33.03
C LEU C 1058 -126.29 -31.80 33.54
N LEU C 1059 -126.85 -32.41 34.61
CA LEU C 1059 -126.31 -33.64 35.11
C LEU C 1059 -126.92 -34.79 34.37
N LYS C 1060 -126.35 -36.01 34.52
CA LYS C 1060 -126.92 -37.15 33.84
C LYS C 1060 -128.36 -37.42 34.16
N ASN C 1061 -128.77 -37.30 35.43
CA ASN C 1061 -130.15 -37.60 35.71
C ASN C 1061 -130.84 -36.34 35.37
N SER C 1062 -132.08 -36.13 35.81
CA SER C 1062 -132.74 -34.90 35.48
C SER C 1062 -132.32 -33.80 36.44
N ARG C 1063 -131.24 -33.99 37.24
CA ARG C 1063 -130.74 -33.01 38.17
C ARG C 1063 -129.97 -31.95 37.42
N LEU C 1064 -129.81 -30.74 38.04
CA LEU C 1064 -129.17 -29.64 37.36
C LEU C 1064 -128.15 -28.99 38.26
N LEU C 1065 -126.86 -28.98 37.84
CA LEU C 1065 -125.77 -28.53 38.66
C LEU C 1065 -125.49 -27.07 38.37
N SER C 1066 -125.53 -26.21 39.42
CA SER C 1066 -125.27 -24.82 39.19
C SER C 1066 -124.50 -24.24 40.34
N TRP C 1067 -123.77 -23.14 40.07
CA TRP C 1067 -122.95 -22.49 41.04
C TRP C 1067 -122.84 -21.02 40.74
N SER C 1068 -122.42 -20.25 41.76
CA SER C 1068 -122.48 -18.81 41.82
C SER C 1068 -121.13 -18.38 42.28
N PHE C 1069 -120.93 -17.09 42.60
CA PHE C 1069 -119.61 -16.79 43.09
C PHE C 1069 -119.59 -16.81 44.58
N ASP C 1070 -120.74 -17.17 45.16
CA ASP C 1070 -121.07 -17.12 46.56
C ASP C 1070 -120.40 -18.24 47.28
N GLY C 1071 -119.82 -19.20 46.54
CA GLY C 1071 -119.09 -20.27 47.14
C GLY C 1071 -120.06 -21.40 47.28
N THR C 1072 -121.21 -21.28 46.58
CA THR C 1072 -122.26 -22.25 46.67
C THR C 1072 -122.41 -22.99 45.38
N VAL C 1073 -122.88 -24.25 45.50
CA VAL C 1073 -123.14 -25.14 44.39
C VAL C 1073 -124.47 -25.76 44.70
N LYS C 1074 -125.51 -25.46 43.89
CA LYS C 1074 -126.81 -26.04 44.19
C LYS C 1074 -127.17 -27.06 43.15
N VAL C 1075 -128.06 -28.01 43.53
CA VAL C 1075 -128.50 -29.03 42.62
C VAL C 1075 -130.00 -28.94 42.49
N TRP C 1076 -130.49 -28.53 41.31
CA TRP C 1076 -131.89 -28.34 41.06
C TRP C 1076 -132.43 -29.47 40.23
N ASN C 1077 -133.75 -29.41 39.94
CA ASN C 1077 -134.38 -30.29 39.01
C ASN C 1077 -134.63 -29.46 37.78
N ILE C 1078 -134.58 -30.09 36.60
CA ILE C 1078 -134.83 -29.38 35.36
C ILE C 1078 -136.31 -29.36 35.20
N ILE C 1079 -136.83 -28.48 34.32
CA ILE C 1079 -138.24 -28.38 34.03
C ILE C 1079 -138.78 -27.62 35.18
N THR C 1080 -138.86 -28.30 36.32
CA THR C 1080 -139.41 -27.68 37.48
C THR C 1080 -138.29 -27.47 38.43
N GLY C 1081 -138.02 -26.19 38.81
CA GLY C 1081 -136.92 -25.89 39.68
C GLY C 1081 -137.21 -26.50 41.02
N ASN C 1082 -136.20 -27.20 41.59
CA ASN C 1082 -136.35 -27.77 42.89
C ASN C 1082 -134.98 -28.07 43.38
N LYS C 1083 -134.48 -27.23 44.31
CA LYS C 1083 -133.14 -27.44 44.74
C LYS C 1083 -133.10 -28.56 45.72
N GLU C 1084 -132.71 -29.75 45.23
CA GLU C 1084 -132.70 -30.92 46.05
C GLU C 1084 -131.51 -30.86 46.96
N LYS C 1085 -130.32 -30.55 46.43
CA LYS C 1085 -129.13 -30.55 47.25
C LYS C 1085 -128.52 -29.19 47.22
N ASP C 1086 -127.74 -28.86 48.28
CA ASP C 1086 -127.24 -27.51 48.46
C ASP C 1086 -125.89 -27.59 49.11
N PHE C 1087 -124.81 -27.37 48.33
CA PHE C 1087 -123.48 -27.48 48.88
C PHE C 1087 -122.93 -26.09 49.06
N VAL C 1088 -122.17 -25.86 50.15
CA VAL C 1088 -121.48 -24.61 50.37
C VAL C 1088 -120.04 -24.96 50.58
N CYS C 1089 -119.29 -25.00 49.48
CA CYS C 1089 -117.94 -25.48 49.34
C CYS C 1089 -116.89 -24.43 49.51
N HIS C 1090 -117.11 -23.19 49.02
CA HIS C 1090 -116.05 -22.22 49.07
C HIS C 1090 -116.49 -21.02 49.88
N GLN C 1091 -115.50 -20.14 50.13
CA GLN C 1091 -115.62 -18.86 50.78
C GLN C 1091 -115.66 -17.75 49.77
N GLY C 1092 -115.62 -18.09 48.46
CA GLY C 1092 -115.60 -17.05 47.46
C GLY C 1092 -115.90 -17.66 46.13
N THR C 1093 -115.47 -16.97 45.05
CA THR C 1093 -115.68 -17.25 43.65
C THR C 1093 -115.60 -18.72 43.37
N VAL C 1094 -116.56 -19.21 42.57
CA VAL C 1094 -116.54 -20.57 42.15
C VAL C 1094 -116.27 -20.55 40.68
N LEU C 1095 -115.17 -21.22 40.28
CA LEU C 1095 -114.79 -21.24 38.89
C LEU C 1095 -114.99 -22.65 38.40
N SER C 1096 -116.18 -22.95 37.87
CA SER C 1096 -116.43 -24.24 37.27
C SER C 1096 -116.60 -25.31 38.32
N CYS C 1097 -117.10 -26.48 37.88
CA CYS C 1097 -117.34 -27.63 38.70
C CYS C 1097 -117.43 -28.79 37.76
N ASP C 1098 -117.01 -29.99 38.20
CA ASP C 1098 -116.99 -31.11 37.29
C ASP C 1098 -117.62 -32.31 37.94
N ILE C 1099 -117.95 -33.31 37.08
CA ILE C 1099 -118.60 -34.51 37.49
C ILE C 1099 -117.74 -35.69 37.13
N SER C 1100 -118.01 -36.84 37.79
CA SER C 1100 -117.29 -38.07 37.63
C SER C 1100 -117.65 -38.70 36.34
N HIS C 1101 -118.62 -38.13 35.59
CA HIS C 1101 -118.88 -38.62 34.26
C HIS C 1101 -119.67 -39.87 34.37
N ASP C 1102 -119.00 -40.94 34.83
CA ASP C 1102 -119.62 -42.22 34.99
C ASP C 1102 -120.76 -41.96 35.91
N ALA C 1103 -122.00 -42.20 35.42
CA ALA C 1103 -123.09 -42.01 36.33
C ALA C 1103 -122.95 -40.59 36.73
N THR C 1104 -122.82 -40.35 38.04
CA THR C 1104 -122.70 -39.02 38.56
C THR C 1104 -122.46 -39.24 40.00
N LYS C 1105 -121.80 -40.37 40.30
CA LYS C 1105 -121.63 -40.80 41.64
C LYS C 1105 -120.91 -39.69 42.34
N PHE C 1106 -119.85 -39.16 41.71
CA PHE C 1106 -119.15 -38.10 42.36
C PHE C 1106 -119.16 -36.84 41.51
N SER C 1107 -118.95 -35.69 42.19
CA SER C 1107 -118.82 -34.40 41.55
C SER C 1107 -117.99 -33.57 42.49
N SER C 1108 -117.18 -32.64 41.95
CA SER C 1108 -116.30 -31.90 42.82
C SER C 1108 -116.10 -30.51 42.30
N THR C 1109 -115.37 -29.70 43.10
CA THR C 1109 -115.06 -28.33 42.82
C THR C 1109 -113.66 -28.00 43.25
N SER C 1110 -113.16 -26.85 42.77
CA SER C 1110 -111.86 -26.34 43.09
C SER C 1110 -111.95 -24.88 42.77
N ALA C 1111 -111.77 -23.97 43.75
CA ALA C 1111 -111.78 -22.62 43.30
C ALA C 1111 -111.24 -21.71 44.35
N ASP C 1112 -110.11 -21.02 44.03
CA ASP C 1112 -109.42 -20.04 44.84
C ASP C 1112 -109.37 -20.48 46.27
N LYS C 1113 -109.09 -21.76 46.51
CA LYS C 1113 -109.11 -22.26 47.84
C LYS C 1113 -108.62 -23.68 47.73
N THR C 1114 -109.56 -24.63 47.93
CA THR C 1114 -109.22 -26.02 47.99
C THR C 1114 -110.15 -26.75 47.06
N ALA C 1115 -109.98 -28.08 46.98
CA ALA C 1115 -110.83 -28.84 46.09
C ALA C 1115 -111.63 -29.80 46.93
N LYS C 1116 -112.97 -29.56 47.03
CA LYS C 1116 -113.81 -30.41 47.81
C LYS C 1116 -114.57 -31.29 46.88
N ILE C 1117 -114.84 -32.55 47.29
CA ILE C 1117 -115.52 -33.51 46.47
C ILE C 1117 -116.72 -34.04 47.21
N TRP C 1118 -117.80 -34.41 46.47
CA TRP C 1118 -118.99 -34.96 47.08
C TRP C 1118 -119.70 -36.00 46.24
N SER C 1119 -120.63 -36.74 46.90
CA SER C 1119 -121.53 -37.77 46.40
C SER C 1119 -122.98 -37.39 46.14
N PHE C 1120 -123.40 -36.15 46.44
CA PHE C 1120 -124.74 -35.63 46.23
C PHE C 1120 -125.65 -36.07 47.35
N ASP C 1121 -125.46 -37.29 47.90
CA ASP C 1121 -126.38 -37.74 48.92
C ASP C 1121 -126.40 -36.86 50.12
N LEU C 1122 -125.20 -36.48 50.60
CA LEU C 1122 -125.10 -35.62 51.73
C LEU C 1122 -125.04 -34.22 51.22
N LEU C 1123 -125.52 -33.29 52.04
CA LEU C 1123 -125.53 -31.89 51.77
C LEU C 1123 -124.15 -31.34 51.94
N LEU C 1124 -123.28 -32.05 52.69
CA LEU C 1124 -121.92 -31.56 52.83
C LEU C 1124 -120.97 -32.43 52.06
N PRO C 1125 -119.86 -31.85 51.66
CA PRO C 1125 -118.83 -32.57 50.95
C PRO C 1125 -118.18 -33.65 51.74
N LEU C 1126 -117.61 -34.67 51.04
CA LEU C 1126 -117.13 -35.85 51.69
C LEU C 1126 -115.69 -35.64 52.05
N HIS C 1127 -114.92 -34.88 51.23
CA HIS C 1127 -113.53 -34.77 51.57
C HIS C 1127 -112.97 -33.51 50.96
N GLU C 1128 -112.03 -32.85 51.70
CA GLU C 1128 -111.42 -31.64 51.23
C GLU C 1128 -109.99 -31.89 50.92
N LEU C 1129 -109.61 -31.67 49.64
CA LEU C 1129 -108.22 -31.73 49.28
C LEU C 1129 -107.62 -30.37 49.49
N ARG C 1130 -106.82 -30.25 50.56
CA ARG C 1130 -106.13 -29.10 51.07
C ARG C 1130 -104.72 -28.95 50.54
N GLY C 1131 -104.32 -29.75 49.52
CA GLY C 1131 -102.95 -29.75 49.07
C GLY C 1131 -102.33 -28.43 48.67
N HIS C 1132 -103.06 -27.50 48.02
CA HIS C 1132 -102.45 -26.25 47.61
C HIS C 1132 -102.82 -25.10 48.49
N ASN C 1133 -101.78 -24.45 49.06
CA ASN C 1133 -101.92 -23.32 49.93
C ASN C 1133 -102.13 -22.05 49.14
N GLY C 1134 -101.58 -22.00 47.90
CA GLY C 1134 -101.65 -20.87 47.01
C GLY C 1134 -102.99 -20.72 46.34
N CYS C 1135 -103.91 -21.68 46.56
CA CYS C 1135 -105.32 -21.68 46.18
C CYS C 1135 -105.43 -22.36 44.85
N VAL C 1136 -106.28 -23.40 44.75
CA VAL C 1136 -106.45 -24.09 43.50
C VAL C 1136 -107.39 -23.32 42.60
N ARG C 1137 -107.05 -23.29 41.30
CA ARG C 1137 -107.68 -22.57 40.22
C ARG C 1137 -108.68 -23.35 39.41
N CYS C 1138 -108.38 -24.62 39.03
CA CYS C 1138 -109.36 -25.34 38.25
C CYS C 1138 -109.18 -26.82 38.47
N SER C 1139 -110.09 -27.66 37.91
CA SER C 1139 -109.99 -29.08 38.11
C SER C 1139 -110.84 -29.81 37.10
N ALA C 1140 -110.58 -31.12 36.91
CA ALA C 1140 -111.38 -31.92 36.03
C ALA C 1140 -111.18 -33.37 36.36
N PHE C 1141 -112.26 -34.17 36.26
CA PHE C 1141 -112.19 -35.58 36.56
C PHE C 1141 -111.52 -36.26 35.41
N SER C 1142 -110.96 -37.45 35.68
CA SER C 1142 -110.37 -38.21 34.63
C SER C 1142 -111.52 -38.80 33.90
N VAL C 1143 -111.29 -39.39 32.70
CA VAL C 1143 -112.39 -39.94 31.95
C VAL C 1143 -112.65 -41.29 32.51
N ASP C 1144 -113.46 -41.28 33.58
CA ASP C 1144 -114.07 -42.37 34.24
C ASP C 1144 -113.10 -43.12 35.10
N SER C 1145 -111.77 -42.95 34.93
CA SER C 1145 -110.76 -43.82 35.51
C SER C 1145 -110.89 -43.90 37.00
N THR C 1146 -110.37 -42.90 37.75
CA THR C 1146 -110.51 -42.88 39.18
C THR C 1146 -109.70 -41.72 39.63
N LEU C 1147 -109.43 -40.77 38.72
CA LEU C 1147 -108.50 -39.73 39.08
C LEU C 1147 -109.17 -38.40 39.00
N LEU C 1148 -108.63 -37.43 39.75
CA LEU C 1148 -109.13 -36.08 39.74
C LEU C 1148 -107.92 -35.19 39.58
N ALA C 1149 -107.87 -34.39 38.49
CA ALA C 1149 -106.71 -33.55 38.30
C ALA C 1149 -107.05 -32.16 38.71
N THR C 1150 -106.10 -31.45 39.34
CA THR C 1150 -106.32 -30.07 39.69
C THR C 1150 -105.21 -29.19 39.19
N GLY C 1151 -105.54 -27.92 38.92
CA GLY C 1151 -104.57 -26.99 38.40
C GLY C 1151 -104.34 -25.86 39.36
N ASP C 1152 -103.05 -25.52 39.56
CA ASP C 1152 -102.63 -24.52 40.51
C ASP C 1152 -102.46 -23.20 39.84
N ASP C 1153 -102.09 -22.19 40.63
CA ASP C 1153 -101.97 -20.83 40.16
C ASP C 1153 -100.94 -20.82 39.08
N ASN C 1154 -99.86 -21.63 39.23
CA ASN C 1154 -98.82 -21.54 38.25
C ASN C 1154 -98.99 -22.59 37.18
N GLY C 1155 -100.10 -23.33 37.24
CA GLY C 1155 -100.35 -24.37 36.29
C GLY C 1155 -99.81 -25.70 36.72
N GLU C 1156 -99.22 -25.78 37.92
CA GLU C 1156 -98.82 -27.07 38.42
C GLU C 1156 -100.03 -27.94 38.42
N ILE C 1157 -99.96 -29.12 37.75
CA ILE C 1157 -101.09 -30.02 37.75
C ILE C 1157 -100.81 -31.10 38.75
N ARG C 1158 -101.78 -31.33 39.65
CA ARG C 1158 -101.59 -32.37 40.63
C ARG C 1158 -102.62 -33.42 40.33
N ILE C 1159 -102.23 -34.70 40.37
CA ILE C 1159 -103.16 -35.77 40.12
C ILE C 1159 -103.51 -36.33 41.46
N TRP C 1160 -104.83 -36.41 41.76
CA TRP C 1160 -105.24 -36.90 43.05
C TRP C 1160 -105.99 -38.16 42.76
N ASN C 1161 -105.90 -39.20 43.64
CA ASN C 1161 -106.72 -40.35 43.40
C ASN C 1161 -107.99 -40.31 44.19
N VAL C 1162 -109.11 -40.53 43.49
CA VAL C 1162 -110.42 -40.44 44.05
C VAL C 1162 -110.71 -41.72 44.77
N SER C 1163 -110.14 -41.85 45.97
CA SER C 1163 -110.50 -42.93 46.84
C SER C 1163 -110.56 -42.37 48.22
N ASN C 1164 -111.64 -41.60 48.49
CA ASN C 1164 -111.86 -40.85 49.69
C ASN C 1164 -110.94 -39.65 49.73
N GLY C 1165 -109.65 -39.85 49.43
CA GLY C 1165 -108.78 -38.70 49.36
C GLY C 1165 -107.43 -39.05 49.90
N GLU C 1166 -106.37 -38.57 49.20
CA GLU C 1166 -104.99 -38.84 49.51
C GLU C 1166 -104.17 -37.72 48.94
N LEU C 1167 -102.83 -37.89 49.05
CA LEU C 1167 -101.71 -37.12 48.57
C LEU C 1167 -100.92 -37.46 47.32
N LEU C 1168 -101.49 -38.09 46.25
CA LEU C 1168 -100.89 -38.51 44.98
C LEU C 1168 -100.06 -37.50 44.21
N HIS C 1169 -99.07 -38.00 43.43
CA HIS C 1169 -98.03 -37.25 42.77
C HIS C 1169 -98.51 -36.04 42.00
N LEU C 1170 -97.69 -34.99 42.14
CA LEU C 1170 -97.59 -33.62 41.68
C LEU C 1170 -97.10 -33.41 40.27
N CYS C 1171 -97.16 -34.38 39.33
CA CYS C 1171 -96.54 -34.27 38.02
C CYS C 1171 -96.71 -32.91 37.37
N ALA C 1172 -95.61 -32.12 37.30
CA ALA C 1172 -95.65 -30.90 36.54
C ALA C 1172 -94.30 -30.65 35.93
N PRO C 1173 -94.00 -31.39 34.90
CA PRO C 1173 -92.73 -31.22 34.24
C PRO C 1173 -92.49 -29.82 33.82
N LEU C 1174 -91.43 -29.21 34.37
CA LEU C 1174 -90.97 -27.88 34.04
C LEU C 1174 -89.49 -28.04 34.01
N SER C 1175 -88.80 -27.05 33.47
CA SER C 1175 -87.35 -26.91 33.71
C SER C 1175 -86.73 -25.73 32.95
N GLU C 1176 -86.27 -25.99 31.73
CA GLU C 1176 -86.36 -27.32 31.14
C GLU C 1176 -86.31 -27.24 29.62
N GLU C 1177 -85.35 -26.50 29.10
CA GLU C 1177 -85.19 -26.35 27.65
C GLU C 1177 -84.70 -27.65 27.01
N GLY C 1178 -84.02 -28.47 27.80
CA GLY C 1178 -83.49 -29.74 27.32
C GLY C 1178 -84.48 -30.47 26.43
N ALA C 1179 -85.76 -30.11 26.55
CA ALA C 1179 -86.81 -30.73 25.75
C ALA C 1179 -88.08 -29.88 25.74
N ALA C 1180 -87.98 -28.68 26.31
CA ALA C 1180 -89.11 -27.77 26.37
C ALA C 1180 -89.76 -27.78 27.75
N THR C 1181 -89.81 -26.61 28.39
CA THR C 1181 -90.39 -26.49 29.69
C THR C 1181 -91.81 -26.29 29.37
N HIS C 1182 -92.82 -26.77 30.13
CA HIS C 1182 -93.93 -26.14 29.54
C HIS C 1182 -93.81 -24.71 29.98
N GLY C 1183 -94.37 -23.82 29.15
CA GLY C 1183 -94.39 -22.40 29.27
C GLY C 1183 -94.93 -21.96 30.59
N GLY C 1184 -95.89 -22.72 31.13
CA GLY C 1184 -96.40 -22.42 32.43
C GLY C 1184 -97.87 -22.19 32.27
N TRP C 1185 -98.63 -22.40 33.38
CA TRP C 1185 -100.05 -22.28 33.32
C TRP C 1185 -100.59 -23.35 32.41
N VAL C 1186 -101.90 -23.69 32.59
CA VAL C 1186 -102.56 -24.68 31.81
C VAL C 1186 -103.95 -24.12 31.64
N THR C 1187 -104.45 -24.16 30.41
CA THR C 1187 -105.79 -23.83 30.03
C THR C 1187 -106.67 -25.01 29.75
N ASP C 1188 -106.14 -26.20 29.41
CA ASP C 1188 -107.09 -27.28 29.30
C ASP C 1188 -106.41 -28.59 29.53
N LEU C 1189 -107.21 -29.62 29.92
CA LEU C 1189 -106.72 -30.93 30.26
C LEU C 1189 -107.54 -31.92 29.47
N CYS C 1190 -106.87 -32.96 28.90
CA CYS C 1190 -107.60 -34.02 28.27
C CYS C 1190 -106.88 -35.31 28.49
N PHE C 1191 -107.50 -36.24 29.23
CA PHE C 1191 -106.87 -37.50 29.53
C PHE C 1191 -106.93 -38.32 28.28
N SER C 1192 -105.87 -39.14 28.04
CA SER C 1192 -105.81 -39.94 26.86
C SER C 1192 -106.78 -41.08 27.05
N PRO C 1193 -107.26 -41.70 26.00
CA PRO C 1193 -108.21 -42.76 26.15
C PRO C 1193 -107.64 -43.86 26.99
N ASP C 1194 -106.31 -44.05 26.95
CA ASP C 1194 -105.64 -45.08 27.68
C ASP C 1194 -105.76 -44.83 29.14
N GLY C 1195 -105.78 -43.55 29.56
CA GLY C 1195 -105.85 -43.20 30.96
C GLY C 1195 -104.46 -43.00 31.48
N LYS C 1196 -103.45 -43.29 30.63
CA LYS C 1196 -102.05 -43.17 30.97
C LYS C 1196 -101.45 -41.80 30.76
N MET C 1197 -101.88 -41.05 29.71
CA MET C 1197 -101.29 -39.77 29.53
C MET C 1197 -102.30 -38.70 29.79
N LEU C 1198 -101.81 -37.50 30.15
CA LEU C 1198 -102.64 -36.35 30.35
C LEU C 1198 -102.20 -35.29 29.41
N ILE C 1199 -103.04 -34.95 28.39
CA ILE C 1199 -102.63 -33.92 27.48
C ILE C 1199 -102.87 -32.61 28.17
N SER C 1200 -101.82 -31.78 28.27
CA SER C 1200 -101.94 -30.48 28.86
C SER C 1200 -101.86 -29.43 27.79
N ALA C 1201 -102.80 -28.45 27.82
CA ALA C 1201 -102.80 -27.41 26.83
C ALA C 1201 -102.71 -26.09 27.53
N GLY C 1202 -102.12 -25.08 26.85
CA GLY C 1202 -101.84 -23.81 27.46
C GLY C 1202 -101.07 -23.01 26.44
N GLY C 1203 -99.78 -22.70 26.66
CA GLY C 1203 -99.04 -21.94 25.68
C GLY C 1203 -99.05 -22.78 24.44
N TYR C 1204 -98.84 -24.08 24.66
CA TYR C 1204 -98.84 -25.05 23.60
C TYR C 1204 -99.23 -26.37 24.20
N ILE C 1205 -99.44 -27.39 23.35
CA ILE C 1205 -99.91 -28.68 23.78
C ILE C 1205 -98.70 -29.52 24.13
N LYS C 1206 -98.63 -30.03 25.38
CA LYS C 1206 -97.57 -30.93 25.72
C LYS C 1206 -98.17 -32.10 26.45
N TRP C 1207 -97.81 -33.35 26.06
CA TRP C 1207 -98.40 -34.53 26.64
C TRP C 1207 -97.64 -34.90 27.89
N TRP C 1208 -98.32 -34.94 29.06
CA TRP C 1208 -97.67 -35.37 30.27
C TRP C 1208 -98.06 -36.78 30.61
N ASN C 1209 -97.26 -37.43 31.49
CA ASN C 1209 -97.50 -38.78 31.93
C ASN C 1209 -98.14 -38.72 33.28
N VAL C 1210 -99.25 -39.47 33.47
CA VAL C 1210 -99.92 -39.42 34.74
C VAL C 1210 -98.99 -39.99 35.76
N VAL C 1211 -98.89 -39.29 36.91
CA VAL C 1211 -97.98 -39.66 37.95
C VAL C 1211 -96.58 -39.87 37.45
N THR C 1212 -95.82 -38.76 37.40
CA THR C 1212 -94.42 -38.74 37.10
C THR C 1212 -94.17 -38.96 35.64
N GLY C 1213 -93.42 -38.01 35.03
CA GLY C 1213 -92.98 -38.13 33.68
C GLY C 1213 -93.82 -37.26 32.80
N GLU C 1214 -93.36 -37.09 31.54
CA GLU C 1214 -94.07 -36.39 30.52
C GLU C 1214 -94.17 -37.35 29.37
N SER C 1215 -94.43 -36.84 28.15
CA SER C 1215 -94.47 -37.71 27.01
C SER C 1215 -94.08 -36.95 25.78
N SER C 1216 -95.04 -36.79 24.84
CA SER C 1216 -94.82 -36.00 23.66
C SER C 1216 -94.57 -34.60 24.11
N GLN C 1217 -93.30 -34.22 23.95
CA GLN C 1217 -92.68 -32.96 24.19
C GLN C 1217 -92.87 -32.11 22.97
N THR C 1218 -93.20 -32.77 21.86
CA THR C 1218 -93.35 -32.24 20.53
C THR C 1218 -94.68 -31.53 20.30
N PHE C 1219 -94.83 -31.00 19.07
CA PHE C 1219 -95.83 -30.11 18.53
C PHE C 1219 -96.04 -28.82 19.28
N TYR C 1220 -95.20 -27.81 18.94
CA TYR C 1220 -95.35 -26.50 19.48
C TYR C 1220 -96.37 -25.79 18.63
N THR C 1221 -97.35 -25.14 19.28
CA THR C 1221 -98.38 -24.44 18.56
C THR C 1221 -97.81 -23.11 18.16
N ASN C 1222 -98.48 -22.43 17.20
CA ASN C 1222 -97.94 -21.22 16.66
C ASN C 1222 -98.20 -20.14 17.67
N GLY C 1223 -99.45 -20.06 18.17
CA GLY C 1223 -99.79 -19.03 19.11
C GLY C 1223 -99.79 -19.58 20.50
N THR C 1224 -100.41 -18.83 21.42
CA THR C 1224 -100.45 -19.21 22.81
C THR C 1224 -101.88 -19.14 23.26
N ASN C 1225 -102.09 -19.43 24.56
CA ASN C 1225 -103.36 -19.36 25.24
C ASN C 1225 -104.42 -20.07 24.46
N LEU C 1226 -104.22 -21.39 24.29
CA LEU C 1226 -105.14 -22.21 23.57
C LEU C 1226 -106.42 -22.17 24.34
N LYS C 1227 -107.55 -22.04 23.64
CA LYS C 1227 -108.81 -21.95 24.31
C LYS C 1227 -109.62 -23.14 23.92
N LYS C 1228 -109.78 -24.07 24.88
CA LYS C 1228 -110.57 -25.26 24.67
C LYS C 1228 -109.96 -26.13 23.62
N ILE C 1229 -109.72 -27.40 24.00
CA ILE C 1229 -109.16 -28.35 23.10
C ILE C 1229 -110.32 -29.22 22.70
N HIS C 1230 -110.58 -29.38 21.39
CA HIS C 1230 -111.64 -30.25 20.99
C HIS C 1230 -111.10 -31.43 20.24
N VAL C 1231 -111.07 -32.60 20.91
CA VAL C 1231 -110.44 -33.77 20.38
C VAL C 1231 -111.52 -34.52 19.65
N SER C 1232 -111.20 -35.07 18.47
CA SER C 1232 -112.19 -35.78 17.72
C SER C 1232 -112.49 -37.07 18.44
N PRO C 1233 -113.67 -37.59 18.24
CA PRO C 1233 -114.04 -38.82 18.90
C PRO C 1233 -113.23 -40.01 18.46
N ASP C 1234 -112.51 -39.89 17.34
CA ASP C 1234 -111.64 -40.91 16.85
C ASP C 1234 -110.32 -40.83 17.57
N PHE C 1235 -109.99 -39.65 18.12
CA PHE C 1235 -108.75 -39.47 18.83
C PHE C 1235 -107.65 -39.62 17.83
N LYS C 1236 -107.97 -39.21 16.59
CA LYS C 1236 -107.11 -39.12 15.45
C LYS C 1236 -106.97 -37.73 14.91
N THR C 1237 -107.95 -36.82 15.11
CA THR C 1237 -107.75 -35.45 14.66
C THR C 1237 -108.01 -34.51 15.80
N TYR C 1238 -107.49 -33.25 15.71
CA TYR C 1238 -107.62 -32.31 16.79
C TYR C 1238 -107.98 -30.97 16.23
N VAL C 1239 -108.93 -30.26 16.88
CA VAL C 1239 -109.28 -28.94 16.44
C VAL C 1239 -109.22 -28.03 17.63
N THR C 1240 -108.52 -26.88 17.49
CA THR C 1240 -108.46 -25.95 18.57
C THR C 1240 -108.18 -24.58 18.02
N VAL C 1241 -108.02 -23.57 18.91
CA VAL C 1241 -107.82 -22.22 18.46
C VAL C 1241 -106.94 -21.51 19.44
N ASP C 1242 -105.96 -20.74 18.93
CA ASP C 1242 -105.06 -20.01 19.77
C ASP C 1242 -105.55 -18.60 19.94
N ASN C 1243 -104.73 -17.76 20.61
CA ASN C 1243 -105.08 -16.43 21.01
C ASN C 1243 -105.12 -15.54 19.82
N LEU C 1244 -104.64 -16.04 18.67
CA LEU C 1244 -104.58 -15.25 17.46
C LEU C 1244 -105.77 -15.54 16.61
N GLY C 1245 -106.56 -16.56 16.97
CA GLY C 1245 -107.73 -16.85 16.19
C GLY C 1245 -107.31 -17.65 15.00
N ILE C 1246 -106.25 -18.47 15.20
CA ILE C 1246 -105.77 -19.31 14.14
C ILE C 1246 -106.39 -20.67 14.32
N LEU C 1247 -106.98 -21.21 13.23
CA LEU C 1247 -107.70 -22.45 13.32
C LEU C 1247 -106.73 -23.60 13.14
N TYR C 1248 -106.66 -24.48 14.17
CA TYR C 1248 -105.83 -25.65 14.08
C TYR C 1248 -106.64 -26.83 13.65
N ILE C 1249 -106.37 -27.33 12.42
CA ILE C 1249 -106.99 -28.55 11.96
C ILE C 1249 -105.88 -29.55 11.87
N LEU C 1250 -105.77 -30.42 12.88
CA LEU C 1250 -104.63 -31.28 13.05
C LEU C 1250 -105.04 -32.70 12.77
N GLN C 1251 -104.20 -33.44 12.02
CA GLN C 1251 -104.43 -34.85 11.83
C GLN C 1251 -103.17 -35.56 12.22
N THR C 1252 -103.26 -36.60 13.07
CA THR C 1252 -102.09 -37.32 13.47
C THR C 1252 -101.38 -37.82 12.25
N LEU C 1253 -100.07 -37.53 12.17
CA LEU C 1253 -99.26 -37.90 11.06
C LEU C 1253 -99.09 -39.37 11.03
N GLU C 1254 -99.46 -39.98 9.89
CA GLU C 1254 -99.34 -41.40 9.65
C GLU C 1254 -97.85 -41.69 9.49
N GLY D 111 -30.23 50.44 8.67
CA GLY D 111 -28.84 50.93 8.56
C GLY D 111 -27.97 49.78 8.25
N ILE D 112 -27.44 49.79 7.02
CA ILE D 112 -26.57 48.75 6.56
C ILE D 112 -25.34 49.00 7.30
N THR D 113 -24.79 48.00 8.02
CA THR D 113 -23.63 48.39 8.76
C THR D 113 -22.40 48.44 7.85
N SER D 114 -21.40 49.22 8.27
CA SER D 114 -20.17 49.45 7.48
C SER D 114 -19.49 48.14 7.14
N TYR D 115 -19.58 47.20 8.07
CA TYR D 115 -19.13 45.82 7.83
C TYR D 115 -19.72 45.19 6.55
N VAL D 116 -21.03 45.30 6.33
CA VAL D 116 -21.64 44.79 5.11
C VAL D 116 -21.27 45.66 3.92
N ARG D 117 -21.26 46.98 4.13
CA ARG D 117 -20.93 47.89 3.06
C ARG D 117 -19.56 47.53 2.41
N THR D 118 -18.60 47.08 3.21
CA THR D 118 -17.29 46.61 2.70
C THR D 118 -17.30 45.16 2.19
N VAL D 119 -17.90 44.26 2.95
CA VAL D 119 -17.92 42.85 2.58
C VAL D 119 -18.62 42.59 1.24
N LEU D 120 -19.61 43.41 0.88
CA LEU D 120 -20.35 43.19 -0.39
C LEU D 120 -19.46 43.26 -1.59
N CYS D 121 -18.32 43.92 -1.44
CA CYS D 121 -17.35 44.01 -2.53
C CYS D 121 -16.78 42.65 -2.91
N GLU D 122 -16.66 41.75 -1.94
CA GLU D 122 -16.22 40.36 -2.18
C GLU D 122 -17.38 39.41 -2.43
N GLY D 123 -18.43 39.52 -1.59
CA GLY D 123 -19.64 38.78 -1.77
C GLY D 123 -19.62 37.56 -0.93
N GLY D 124 -20.64 37.43 -0.07
CA GLY D 124 -20.73 36.19 0.63
C GLY D 124 -21.72 35.45 -0.18
N VAL D 125 -22.52 36.24 -0.91
CA VAL D 125 -23.53 35.82 -1.83
C VAL D 125 -23.33 36.53 -3.15
N PRO D 126 -23.86 36.04 -4.27
CA PRO D 126 -23.64 36.73 -5.52
C PRO D 126 -24.35 38.03 -5.54
N GLN D 127 -23.84 38.99 -6.34
CA GLN D 127 -24.41 40.30 -6.37
C GLN D 127 -25.05 40.50 -7.69
N ARG D 128 -25.82 41.61 -7.73
CA ARG D 128 -26.56 42.08 -8.85
C ARG D 128 -25.61 42.45 -9.94
N PRO D 129 -26.19 42.27 -11.09
CA PRO D 129 -25.67 42.63 -12.38
C PRO D 129 -25.14 44.02 -12.42
N VAL D 130 -24.34 44.27 -13.48
CA VAL D 130 -23.86 45.51 -14.03
C VAL D 130 -24.96 46.21 -14.74
N VAL D 131 -25.80 45.47 -15.50
CA VAL D 131 -26.96 46.10 -16.10
C VAL D 131 -28.22 45.47 -15.57
N PHE D 132 -29.01 46.25 -14.81
CA PHE D 132 -30.27 45.86 -14.16
C PHE D 132 -31.16 46.98 -13.93
N VAL D 133 -32.38 46.43 -13.70
CA VAL D 133 -33.64 47.01 -13.34
C VAL D 133 -34.08 46.29 -12.10
N THR D 134 -34.34 47.11 -11.08
CA THR D 134 -34.76 46.67 -9.80
C THR D 134 -36.15 46.22 -9.99
N ARG D 135 -36.43 45.03 -9.47
CA ARG D 135 -37.75 44.58 -9.64
C ARG D 135 -38.52 45.16 -8.52
N LYS D 136 -39.02 46.41 -8.68
CA LYS D 136 -39.63 47.08 -7.53
C LYS D 136 -40.85 46.36 -6.98
N LYS D 137 -41.55 45.62 -7.83
CA LYS D 137 -42.74 44.91 -7.40
C LYS D 137 -42.42 43.79 -6.41
N LEU D 138 -41.20 43.25 -6.48
CA LEU D 138 -40.85 42.08 -5.65
C LEU D 138 -39.95 42.48 -4.45
N VAL D 139 -39.12 43.50 -4.59
CA VAL D 139 -38.15 43.83 -3.56
C VAL D 139 -38.84 44.06 -2.22
N ASN D 140 -39.81 44.98 -2.17
CA ASN D 140 -40.57 45.26 -0.93
C ASN D 140 -41.38 44.07 -0.40
N ALA D 141 -42.12 43.38 -1.24
CA ALA D 141 -42.90 42.23 -0.77
C ALA D 141 -42.05 41.06 -0.22
N ILE D 142 -40.92 40.78 -0.86
CA ILE D 142 -40.05 39.68 -0.42
C ILE D 142 -39.46 40.00 0.96
N GLN D 143 -39.11 41.27 1.14
CA GLN D 143 -38.59 41.76 2.43
C GLN D 143 -39.63 41.61 3.54
N GLN D 144 -40.86 42.00 3.23
CA GLN D 144 -41.99 41.87 4.12
C GLN D 144 -42.34 40.41 4.42
N LYS D 145 -42.14 39.51 3.46
CA LYS D 145 -42.37 38.04 3.68
C LYS D 145 -41.23 37.39 4.47
N LEU D 146 -40.00 37.89 4.28
CA LEU D 146 -38.84 37.34 5.04
C LEU D 146 -38.97 37.63 6.54
N SER D 147 -39.53 38.78 6.87
CA SER D 147 -39.79 39.15 8.26
C SER D 147 -40.86 38.25 8.91
N LYS D 148 -41.63 37.53 8.13
CA LYS D 148 -42.63 36.64 8.72
C LYS D 148 -42.02 35.43 9.48
N LEU D 149 -40.74 35.17 9.30
CA LEU D 149 -40.07 34.15 10.09
C LEU D 149 -40.11 34.52 11.58
N LYS D 150 -39.97 35.81 11.88
CA LYS D 150 -39.97 36.33 13.26
C LYS D 150 -38.99 35.62 14.19
N GLY D 151 -37.84 35.20 13.67
CA GLY D 151 -36.85 34.48 14.48
C GLY D 151 -37.11 32.99 14.64
N GLU D 152 -38.17 32.49 13.99
CA GLU D 152 -38.56 31.08 14.08
C GLU D 152 -38.04 30.37 12.84
N PRO D 153 -37.87 29.04 12.90
CA PRO D 153 -37.44 28.26 11.75
C PRO D 153 -38.34 28.41 10.51
N GLY D 154 -37.77 28.10 9.36
CA GLY D 154 -38.53 28.10 8.13
C GLY D 154 -37.66 27.85 6.95
N TRP D 155 -38.30 27.54 5.85
CA TRP D 155 -37.63 27.19 4.60
C TRP D 155 -37.99 28.20 3.53
N VAL D 156 -36.99 28.94 3.06
CA VAL D 156 -37.21 29.96 2.04
C VAL D 156 -36.59 29.39 0.76
N THR D 157 -37.38 29.31 -0.29
CA THR D 157 -36.91 28.73 -1.54
C THR D 157 -37.14 29.68 -2.72
N ILE D 158 -36.08 29.87 -3.52
CA ILE D 158 -36.11 30.67 -4.71
C ILE D 158 -35.85 29.73 -5.86
N HIS D 159 -36.58 29.92 -6.95
CA HIS D 159 -36.48 28.95 -8.04
C HIS D 159 -36.07 29.59 -9.38
N GLY D 160 -35.46 28.76 -10.23
CA GLY D 160 -35.03 29.15 -11.56
C GLY D 160 -33.83 28.33 -12.01
N MET D 161 -33.41 28.58 -13.24
CA MET D 161 -32.29 27.89 -13.82
C MET D 161 -31.07 28.81 -14.02
N ALA D 162 -29.92 28.18 -14.17
CA ALA D 162 -28.66 28.86 -14.42
C ALA D 162 -28.76 29.77 -15.64
N GLY D 163 -28.43 31.04 -15.44
CA GLY D 163 -28.57 32.05 -16.48
C GLY D 163 -29.92 32.72 -16.68
N CYS D 164 -30.87 32.53 -15.77
CA CYS D 164 -32.19 33.13 -15.95
C CYS D 164 -32.54 34.17 -14.89
N GLY D 165 -31.55 34.64 -14.15
CA GLY D 165 -31.69 35.70 -13.17
C GLY D 165 -32.16 35.25 -11.78
N LYS D 166 -31.91 34.01 -11.40
CA LYS D 166 -32.29 33.50 -10.09
C LYS D 166 -31.54 34.20 -8.92
N SER D 167 -30.26 34.40 -9.08
CA SER D 167 -29.51 35.14 -8.09
C SER D 167 -29.76 36.64 -8.25
N VAL D 168 -30.06 37.05 -9.47
CA VAL D 168 -30.33 38.48 -9.71
C VAL D 168 -31.52 38.97 -8.88
N LEU D 169 -32.60 38.18 -8.85
CA LEU D 169 -33.76 38.49 -8.03
C LEU D 169 -33.40 38.73 -6.56
N ALA D 170 -32.72 37.78 -5.94
CA ALA D 170 -32.35 37.87 -4.53
C ALA D 170 -31.46 39.08 -4.22
N ALA D 171 -30.55 39.36 -5.14
CA ALA D 171 -29.60 40.48 -4.97
C ALA D 171 -30.31 41.82 -4.72
N GLU D 172 -31.35 42.15 -5.50
CA GLU D 172 -32.11 43.39 -5.28
C GLU D 172 -33.14 43.30 -4.19
N ALA D 173 -33.75 42.13 -4.06
CA ALA D 173 -34.81 41.95 -3.10
C ALA D 173 -34.37 42.11 -1.64
N VAL D 174 -33.17 41.60 -1.31
CA VAL D 174 -32.66 41.62 0.08
C VAL D 174 -31.67 42.75 0.35
N ARG D 175 -31.79 43.92 -0.29
CA ARG D 175 -30.84 44.98 -0.07
C ARG D 175 -30.97 45.52 1.31
N ASP D 176 -32.12 45.33 2.01
CA ASP D 176 -32.43 45.73 3.39
C ASP D 176 -31.60 44.91 4.34
N HIS D 177 -30.57 45.52 5.00
CA HIS D 177 -29.78 44.79 6.00
C HIS D 177 -30.54 44.48 7.32
N SER D 178 -31.18 45.49 7.88
CA SER D 178 -31.89 45.37 9.16
C SER D 178 -32.90 44.24 9.15
N LEU D 179 -33.44 43.93 7.97
CA LEU D 179 -34.30 42.77 7.80
C LEU D 179 -33.70 41.50 8.39
N LEU D 180 -32.45 41.21 8.05
CA LEU D 180 -31.83 39.95 8.45
C LEU D 180 -30.73 40.17 9.45
N GLU D 181 -30.50 41.44 9.80
CA GLU D 181 -29.49 41.81 10.78
C GLU D 181 -29.68 40.99 12.07
N GLY D 182 -30.91 40.90 12.57
CA GLY D 182 -31.19 40.13 13.76
C GLY D 182 -31.44 38.65 13.57
N CYS D 183 -31.40 38.19 12.32
CA CYS D 183 -31.60 36.79 12.03
C CYS D 183 -30.33 35.99 11.90
N PHE D 184 -29.32 36.51 11.21
CA PHE D 184 -28.04 35.84 11.06
C PHE D 184 -26.83 36.69 11.32
N PRO D 185 -26.60 37.06 12.60
CA PRO D 185 -25.40 37.83 12.99
C PRO D 185 -24.05 37.20 12.57
N GLY D 186 -24.01 35.87 12.41
CA GLY D 186 -22.81 35.15 12.10
C GLY D 186 -22.45 35.10 10.62
N GLY D 187 -23.28 35.70 9.78
CA GLY D 187 -23.01 35.83 8.36
C GLY D 187 -23.80 34.91 7.48
N VAL D 188 -23.71 35.16 6.18
CA VAL D 188 -24.46 34.40 5.18
C VAL D 188 -23.43 33.89 4.21
N HIS D 189 -23.50 32.60 3.90
CA HIS D 189 -22.53 31.97 3.00
C HIS D 189 -23.29 31.26 1.90
N TRP D 190 -22.96 31.58 0.65
CA TRP D 190 -23.53 30.95 -0.50
C TRP D 190 -22.65 29.86 -1.05
N VAL D 191 -23.08 28.61 -0.90
CA VAL D 191 -22.28 27.47 -1.27
C VAL D 191 -22.96 26.72 -2.42
N SER D 192 -22.23 26.52 -3.51
CA SER D 192 -22.74 25.80 -4.67
C SER D 192 -22.84 24.31 -4.32
N VAL D 193 -23.98 23.70 -4.61
CA VAL D 193 -24.15 22.28 -4.36
C VAL D 193 -24.25 21.55 -5.71
N GLY D 194 -25.24 21.92 -6.51
CA GLY D 194 -25.47 21.28 -7.79
C GLY D 194 -26.05 19.88 -7.69
N LYS D 195 -26.10 19.22 -8.84
CA LYS D 195 -26.62 17.84 -8.94
C LYS D 195 -25.52 16.88 -8.47
N GLN D 196 -25.73 16.27 -7.31
CA GLN D 196 -24.78 15.31 -6.77
C GLN D 196 -25.48 13.99 -6.50
N ASP D 197 -24.72 12.90 -6.70
CA ASP D 197 -25.15 11.56 -6.32
C ASP D 197 -24.63 11.30 -4.89
N LYS D 198 -24.79 10.10 -4.37
CA LYS D 198 -24.40 9.77 -3.00
C LYS D 198 -22.94 10.07 -2.72
N SER D 199 -22.06 9.65 -3.61
CA SER D 199 -20.63 9.88 -3.39
C SER D 199 -20.29 11.37 -3.50
N GLY D 200 -21.04 12.09 -4.33
CA GLY D 200 -20.92 13.54 -4.42
C GLY D 200 -21.39 14.25 -3.17
N LEU D 201 -22.45 13.75 -2.54
CA LEU D 201 -22.86 14.31 -1.26
C LEU D 201 -21.79 14.09 -0.20
N LEU D 202 -21.18 12.89 -0.19
CA LEU D 202 -20.10 12.61 0.76
C LEU D 202 -18.90 13.52 0.54
N MET D 203 -18.50 13.71 -0.71
CA MET D 203 -17.37 14.61 -1.02
C MET D 203 -17.71 16.05 -0.64
N LYS D 204 -18.96 16.45 -0.88
CA LYS D 204 -19.43 17.78 -0.48
C LYS D 204 -19.45 17.98 1.04
N LEU D 205 -19.84 16.94 1.78
CA LEU D 205 -19.79 17.01 3.25
C LEU D 205 -18.34 17.11 3.79
N GLN D 206 -17.40 16.41 3.15
CA GLN D 206 -15.99 16.54 3.50
C GLN D 206 -15.46 17.96 3.22
N ASN D 207 -15.92 18.55 2.14
CA ASN D 207 -15.61 19.95 1.80
C ASN D 207 -16.23 20.96 2.80
N LEU D 208 -17.48 20.69 3.22
CA LEU D 208 -18.16 21.55 4.17
C LEU D 208 -17.45 21.57 5.51
N CYS D 209 -16.94 20.42 5.95
CA CYS D 209 -16.15 20.38 7.19
C CYS D 209 -14.97 21.35 7.13
N THR D 210 -14.23 21.31 6.02
CA THR D 210 -13.09 22.19 5.83
C THR D 210 -13.53 23.68 5.84
N ARG D 211 -14.66 23.97 5.21
CA ARG D 211 -15.15 25.34 5.09
C ARG D 211 -15.39 26.02 6.42
N LEU D 212 -15.71 25.25 7.46
CA LEU D 212 -15.98 25.80 8.78
C LEU D 212 -14.71 26.01 9.61
N ASP D 213 -13.57 25.58 9.10
CA ASP D 213 -12.28 25.73 9.79
C ASP D 213 -11.28 26.34 8.81
N GLN D 214 -11.45 27.61 8.52
CA GLN D 214 -10.64 28.24 7.48
C GLN D 214 -9.17 28.37 7.93
N ASP D 215 -8.94 28.50 9.24
CA ASP D 215 -7.58 28.69 9.77
C ASP D 215 -6.91 27.40 10.21
N GLU D 216 -7.52 26.27 9.90
CA GLU D 216 -7.00 24.94 10.27
C GLU D 216 -6.71 24.76 11.76
N SER D 217 -7.59 25.28 12.63
CA SER D 217 -7.43 25.18 14.08
C SER D 217 -7.71 23.78 14.64
N PHE D 218 -8.42 22.97 13.84
CA PHE D 218 -8.73 21.58 14.19
C PHE D 218 -8.00 20.67 13.19
N SER D 219 -8.03 19.36 13.41
CA SER D 219 -7.35 18.39 12.51
C SER D 219 -7.68 18.57 11.03
N GLN D 220 -6.67 18.37 10.17
CA GLN D 220 -6.85 18.48 8.72
C GLN D 220 -7.56 17.26 8.14
N ARG D 221 -7.81 16.26 8.98
CA ARG D 221 -8.49 15.05 8.55
C ARG D 221 -9.98 15.30 8.32
N LEU D 222 -10.58 14.50 7.45
CA LEU D 222 -11.95 14.72 7.01
C LEU D 222 -12.90 13.61 7.48
N PRO D 223 -14.21 13.90 7.52
CA PRO D 223 -15.13 12.88 8.01
C PRO D 223 -15.09 11.70 7.05
N LEU D 224 -15.37 10.50 7.54
CA LEU D 224 -15.26 9.29 6.71
C LEU D 224 -16.57 8.82 6.14
N ASN D 225 -17.67 9.31 6.68
CA ASN D 225 -19.00 8.91 6.26
C ASN D 225 -20.01 10.00 6.58
N ILE D 226 -21.25 9.82 6.16
CA ILE D 226 -22.25 10.88 6.30
C ILE D 226 -22.64 11.15 7.77
N GLU D 227 -22.77 10.09 8.56
CA GLU D 227 -23.16 10.20 9.96
C GLU D 227 -22.14 11.03 10.73
N GLU D 228 -20.86 10.75 10.52
CA GLU D 228 -19.77 11.53 11.11
C GLU D 228 -19.74 12.98 10.66
N ALA D 229 -19.92 13.20 9.36
CA ALA D 229 -19.96 14.55 8.81
C ALA D 229 -21.10 15.38 9.42
N LYS D 230 -22.26 14.74 9.61
CA LYS D 230 -23.41 15.38 10.23
C LYS D 230 -23.01 15.90 11.62
N ASP D 231 -22.40 15.01 12.40
CA ASP D 231 -21.92 15.35 13.72
C ASP D 231 -20.83 16.47 13.77
N ARG D 232 -19.85 16.39 12.88
CA ARG D 232 -18.81 17.40 12.88
C ARG D 232 -19.37 18.79 12.50
N LEU D 233 -20.26 18.82 11.54
CA LEU D 233 -20.81 20.07 11.07
C LEU D 233 -21.68 20.67 12.15
N ARG D 234 -22.44 19.83 12.83
CA ARG D 234 -23.30 20.25 13.92
C ARG D 234 -22.51 20.92 15.03
N ILE D 235 -21.42 20.28 15.45
CA ILE D 235 -20.57 20.80 16.53
C ILE D 235 -19.97 22.17 16.14
N LEU D 236 -19.47 22.28 14.91
CA LEU D 236 -18.86 23.54 14.48
C LEU D 236 -19.93 24.63 14.30
N MET D 237 -21.13 24.28 13.84
CA MET D 237 -22.21 25.26 13.67
C MET D 237 -22.86 25.61 14.99
N LEU D 238 -22.69 24.72 15.94
CA LEU D 238 -23.21 24.92 17.28
C LEU D 238 -22.30 25.88 18.07
N ARG D 239 -21.00 25.64 18.02
CA ARG D 239 -20.06 26.35 18.87
C ARG D 239 -19.30 27.47 18.20
N LYS D 240 -19.00 27.34 16.91
CA LYS D 240 -18.16 28.32 16.24
C LYS D 240 -18.90 29.17 15.25
N HIS D 241 -19.95 28.60 14.67
CA HIS D 241 -20.72 29.32 13.67
C HIS D 241 -22.21 29.29 13.94
N PRO D 242 -22.61 29.55 15.20
CA PRO D 242 -24.04 29.60 15.48
C PRO D 242 -24.60 30.88 14.93
N ARG D 243 -25.91 30.91 14.69
CA ARG D 243 -26.61 32.10 14.16
C ARG D 243 -26.14 32.60 12.79
N SER D 244 -26.01 31.67 11.85
CA SER D 244 -25.53 31.94 10.51
C SER D 244 -26.31 31.19 9.48
N LEU D 245 -26.22 31.62 8.24
CA LEU D 245 -27.01 31.04 7.18
C LEU D 245 -26.11 30.36 6.13
N LEU D 246 -26.40 29.08 5.89
CA LEU D 246 -25.76 28.31 4.84
C LEU D 246 -26.77 28.16 3.70
N ILE D 247 -26.45 28.73 2.54
CA ILE D 247 -27.33 28.69 1.39
C ILE D 247 -26.90 27.60 0.42
N LEU D 248 -27.84 26.71 0.07
CA LEU D 248 -27.60 25.58 -0.83
C LEU D 248 -28.00 25.96 -2.25
N ASP D 249 -27.02 26.21 -3.11
CA ASP D 249 -27.32 26.62 -4.47
C ASP D 249 -27.51 25.42 -5.37
N ASP D 250 -28.59 25.46 -6.16
CA ASP D 250 -28.94 24.41 -7.11
C ASP D 250 -29.19 23.01 -6.50
N VAL D 251 -30.29 22.91 -5.79
CA VAL D 251 -30.74 21.67 -5.19
C VAL D 251 -31.53 20.95 -6.27
N TRP D 252 -31.19 19.68 -6.52
CA TRP D 252 -31.87 18.87 -7.55
C TRP D 252 -32.44 17.56 -7.04
N ASP D 253 -31.84 17.02 -5.99
CA ASP D 253 -32.22 15.69 -5.53
C ASP D 253 -32.60 15.65 -4.07
N SER D 254 -33.73 15.00 -3.79
CA SER D 254 -34.25 14.90 -2.43
C SER D 254 -33.34 14.05 -1.50
N TRP D 255 -32.51 13.19 -2.10
CA TRP D 255 -31.51 12.44 -1.35
C TRP D 255 -30.60 13.39 -0.57
N VAL D 256 -30.24 14.51 -1.18
CA VAL D 256 -29.42 15.49 -0.47
C VAL D 256 -30.19 16.14 0.68
N LEU D 257 -31.42 16.55 0.40
CA LEU D 257 -32.27 17.23 1.36
C LEU D 257 -32.59 16.40 2.60
N LYS D 258 -32.57 15.06 2.44
CA LYS D 258 -32.72 14.12 3.54
C LYS D 258 -31.80 14.41 4.74
N ALA D 259 -30.61 14.95 4.45
CA ALA D 259 -29.59 15.21 5.48
C ALA D 259 -29.71 16.60 6.09
N PHE D 260 -30.62 17.40 5.55
CA PHE D 260 -30.84 18.82 5.93
C PHE D 260 -32.22 19.10 6.49
N ASP D 261 -33.16 18.19 6.30
CA ASP D 261 -34.52 18.37 6.78
C ASP D 261 -34.58 18.24 8.30
N SER D 262 -34.29 19.33 9.00
CA SER D 262 -34.25 19.32 10.46
C SER D 262 -34.97 20.51 11.10
N GLN D 263 -35.93 21.07 10.35
CA GLN D 263 -36.77 22.19 10.82
C GLN D 263 -35.92 23.40 11.29
N CYS D 264 -34.98 23.82 10.44
CA CYS D 264 -34.11 24.99 10.67
C CYS D 264 -34.34 26.03 9.60
N GLN D 265 -33.85 27.24 9.88
CA GLN D 265 -33.92 28.35 8.94
C GLN D 265 -32.99 28.07 7.80
N ILE D 266 -33.56 27.66 6.68
CA ILE D 266 -32.76 27.31 5.51
C ILE D 266 -33.21 28.04 4.24
N LEU D 267 -32.26 28.68 3.59
CA LEU D 267 -32.49 29.35 2.34
C LEU D 267 -31.77 28.52 1.29
N LEU D 268 -32.46 28.19 0.22
CA LEU D 268 -31.86 27.42 -0.87
C LEU D 268 -32.49 27.79 -2.19
N THR D 269 -31.77 27.47 -3.27
CA THR D 269 -32.24 27.72 -4.62
C THR D 269 -32.38 26.39 -5.31
N THR D 270 -33.38 26.33 -6.19
CA THR D 270 -33.76 25.06 -6.83
C THR D 270 -34.53 25.31 -8.12
N ARG D 271 -35.00 24.23 -8.73
CA ARG D 271 -35.75 24.35 -9.99
C ARG D 271 -37.18 24.81 -9.74
N ASP D 272 -37.75 24.46 -8.59
CA ASP D 272 -39.16 24.74 -8.29
C ASP D 272 -39.36 25.07 -6.80
N LYS D 273 -39.99 26.20 -6.53
CA LYS D 273 -40.36 26.58 -5.17
C LYS D 273 -41.14 25.52 -4.39
N SER D 274 -41.76 24.56 -5.08
CA SER D 274 -42.48 23.48 -4.42
C SER D 274 -41.58 22.60 -3.55
N VAL D 275 -40.26 22.68 -3.69
CA VAL D 275 -39.36 21.88 -2.84
C VAL D 275 -39.63 22.03 -1.34
N THR D 276 -40.15 23.18 -0.93
CA THR D 276 -40.46 23.44 0.46
C THR D 276 -41.44 22.40 1.08
N ASP D 277 -42.23 21.75 0.22
CA ASP D 277 -43.19 20.72 0.67
C ASP D 277 -42.55 19.41 1.15
N SER D 278 -41.35 19.11 0.68
CA SER D 278 -40.69 17.84 1.06
C SER D 278 -39.96 17.94 2.40
N VAL D 279 -39.93 19.14 2.95
CA VAL D 279 -39.20 19.41 4.17
C VAL D 279 -40.19 20.01 5.19
N MET D 280 -39.82 19.95 6.46
CA MET D 280 -40.67 20.42 7.54
C MET D 280 -40.25 21.74 8.08
N GLY D 281 -41.23 22.59 8.35
CA GLY D 281 -41.01 23.93 8.88
C GLY D 281 -41.83 24.89 8.03
N PRO D 282 -42.09 26.10 8.54
CA PRO D 282 -42.85 27.14 7.82
C PRO D 282 -42.23 27.43 6.47
N LYS D 283 -43.04 27.42 5.43
CA LYS D 283 -42.57 27.50 4.05
C LYS D 283 -42.84 28.89 3.51
N TYR D 284 -41.85 29.44 2.85
CA TYR D 284 -41.95 30.75 2.20
C TYR D 284 -41.35 30.65 0.82
N VAL D 285 -42.09 31.14 -0.15
CA VAL D 285 -41.70 31.06 -1.54
C VAL D 285 -41.95 32.38 -2.25
N VAL D 286 -41.36 32.54 -3.43
CA VAL D 286 -41.54 33.69 -4.28
C VAL D 286 -42.08 33.21 -5.61
N PRO D 287 -43.19 33.82 -5.93
CA PRO D 287 -44.00 33.49 -7.07
C PRO D 287 -43.47 34.12 -8.30
N VAL D 288 -42.70 35.20 -8.11
CA VAL D 288 -41.99 36.11 -8.99
C VAL D 288 -42.87 36.78 -9.99
N GLU D 289 -43.89 37.43 -9.41
CA GLU D 289 -44.86 38.07 -10.17
C GLU D 289 -44.46 39.47 -10.32
N SER D 290 -43.61 39.62 -11.35
CA SER D 290 -43.07 40.83 -11.83
C SER D 290 -42.38 40.54 -13.13
N SER D 291 -42.39 41.54 -14.02
CA SER D 291 -41.73 41.47 -15.28
C SER D 291 -41.34 42.85 -15.63
N LEU D 292 -40.52 42.98 -16.66
CA LEU D 292 -40.09 44.31 -16.96
C LEU D 292 -40.85 44.66 -18.16
N GLY D 293 -41.07 45.98 -18.33
CA GLY D 293 -41.84 46.55 -19.40
C GLY D 293 -40.94 47.22 -20.37
N LYS D 294 -41.53 48.11 -21.18
CA LYS D 294 -40.81 48.82 -22.24
C LYS D 294 -39.69 49.72 -21.76
N GLU D 295 -40.04 50.70 -20.93
CA GLU D 295 -39.04 51.66 -20.46
C GLU D 295 -37.96 51.02 -19.60
N LYS D 296 -38.34 49.97 -18.88
CA LYS D 296 -37.38 49.22 -18.09
C LYS D 296 -36.39 48.47 -18.99
N GLY D 297 -36.90 47.90 -20.08
CA GLY D 297 -36.05 47.28 -21.09
C GLY D 297 -35.20 48.29 -21.81
N LEU D 298 -35.72 49.51 -21.99
CA LEU D 298 -34.95 50.61 -22.60
C LEU D 298 -33.81 51.09 -21.68
N GLU D 299 -34.05 51.06 -20.37
CA GLU D 299 -32.99 51.34 -19.39
C GLU D 299 -31.90 50.26 -19.46
N ILE D 300 -32.31 49.00 -19.62
CA ILE D 300 -31.34 47.93 -19.79
C ILE D 300 -30.48 48.19 -21.02
N LEU D 301 -31.13 48.48 -22.16
CA LEU D 301 -30.44 48.80 -23.40
C LEU D 301 -29.47 49.98 -23.23
N SER D 302 -29.96 51.08 -22.67
CA SER D 302 -29.18 52.29 -22.49
C SER D 302 -27.84 51.97 -21.79
N LEU D 303 -27.89 51.13 -20.76
CA LEU D 303 -26.68 50.79 -20.02
C LEU D 303 -25.76 49.92 -20.86
N PHE D 304 -26.32 49.09 -21.72
CA PHE D 304 -25.52 48.18 -22.54
C PHE D 304 -24.78 48.94 -23.66
N VAL D 305 -25.45 49.89 -24.32
CA VAL D 305 -24.88 50.54 -25.53
C VAL D 305 -24.55 52.04 -25.32
N ASN D 306 -24.96 52.52 -24.13
CA ASN D 306 -24.74 53.86 -23.68
C ASN D 306 -25.39 54.81 -24.63
N MET D 307 -26.66 54.56 -25.01
CA MET D 307 -27.38 55.43 -25.90
C MET D 307 -28.58 55.91 -25.12
N LYS D 308 -29.12 57.12 -25.36
CA LYS D 308 -30.28 57.37 -24.55
C LYS D 308 -31.40 56.56 -25.11
N LYS D 309 -32.41 56.24 -24.32
CA LYS D 309 -33.46 55.47 -24.98
C LYS D 309 -34.02 56.23 -26.19
N ALA D 310 -34.04 57.56 -26.09
CA ALA D 310 -34.44 58.45 -27.18
C ALA D 310 -33.54 58.37 -28.42
N ASP D 311 -32.29 57.95 -28.23
CA ASP D 311 -31.33 57.80 -29.33
C ASP D 311 -31.46 56.47 -30.02
N LEU D 312 -32.22 55.54 -29.44
CA LEU D 312 -32.37 54.24 -30.02
C LEU D 312 -33.38 54.31 -31.11
N PRO D 313 -32.97 53.68 -32.17
CA PRO D 313 -33.74 53.43 -33.34
C PRO D 313 -35.01 52.78 -33.01
N GLU D 314 -35.97 53.10 -33.89
CA GLU D 314 -37.34 52.60 -33.97
C GLU D 314 -37.45 51.09 -33.87
N GLN D 315 -36.51 50.40 -34.49
CA GLN D 315 -36.42 48.94 -34.45
C GLN D 315 -36.17 48.42 -33.04
N ALA D 316 -35.39 49.16 -32.26
CA ALA D 316 -35.15 48.81 -30.87
C ALA D 316 -36.42 48.89 -30.01
N HIS D 317 -37.33 49.80 -30.36
CA HIS D 317 -38.64 49.96 -29.71
C HIS D 317 -39.66 48.94 -30.20
N SER D 318 -39.60 48.62 -31.49
CA SER D 318 -40.43 47.63 -32.13
C SER D 318 -40.20 46.20 -31.61
N ILE D 319 -38.95 45.81 -31.49
CA ILE D 319 -38.58 44.51 -30.99
C ILE D 319 -38.94 44.35 -29.53
N ILE D 320 -38.99 45.47 -28.81
CA ILE D 320 -39.50 45.47 -27.45
C ILE D 320 -41.02 45.25 -27.42
N LYS D 321 -41.73 45.89 -28.34
CA LYS D 321 -43.18 45.66 -28.52
C LYS D 321 -43.46 44.18 -28.89
N GLU D 322 -42.53 43.54 -29.62
CA GLU D 322 -42.65 42.12 -29.96
C GLU D 322 -42.31 41.16 -28.83
N CYS D 323 -41.24 41.44 -28.08
CA CYS D 323 -40.81 40.57 -27.00
C CYS D 323 -41.35 40.96 -25.61
N LYS D 324 -42.02 42.12 -25.56
CA LYS D 324 -42.62 42.69 -24.34
C LYS D 324 -41.59 43.06 -23.26
N GLY D 325 -40.37 43.36 -23.71
CA GLY D 325 -39.33 43.83 -22.80
C GLY D 325 -38.65 42.85 -21.85
N SER D 326 -38.63 41.54 -22.16
CA SER D 326 -37.96 40.58 -21.28
C SER D 326 -36.44 40.86 -21.15
N PRO D 327 -35.91 40.94 -19.90
CA PRO D 327 -34.48 41.18 -19.74
C PRO D 327 -33.53 40.11 -20.28
N LEU D 328 -33.93 38.85 -20.34
CA LEU D 328 -33.05 37.81 -20.90
C LEU D 328 -32.87 37.98 -22.41
N VAL D 329 -33.90 38.44 -23.10
CA VAL D 329 -33.84 38.68 -24.54
C VAL D 329 -33.07 39.98 -24.80
N VAL D 330 -33.33 41.02 -24.01
CA VAL D 330 -32.70 42.30 -24.25
C VAL D 330 -31.20 42.16 -24.12
N SER D 331 -30.74 41.47 -23.08
CA SER D 331 -29.30 41.24 -22.88
C SER D 331 -28.59 40.57 -24.06
N LEU D 332 -29.18 39.52 -24.58
CA LEU D 332 -28.64 38.77 -25.73
C LEU D 332 -28.56 39.58 -27.01
N ILE D 333 -29.70 40.17 -27.39
CA ILE D 333 -29.82 40.95 -28.60
C ILE D 333 -28.85 42.15 -28.61
N GLY D 334 -28.67 42.78 -27.47
CA GLY D 334 -27.71 43.89 -27.34
C GLY D 334 -26.30 43.49 -27.67
N ALA D 335 -25.86 42.38 -27.11
CA ALA D 335 -24.52 41.80 -27.37
C ALA D 335 -24.38 41.35 -28.81
N LEU D 336 -25.47 40.81 -29.38
CA LEU D 336 -25.49 40.42 -30.81
C LEU D 336 -25.37 41.59 -31.78
N LEU D 337 -26.12 42.66 -31.52
CA LEU D 337 -26.12 43.82 -32.39
C LEU D 337 -24.99 44.78 -32.01
N ARG D 338 -24.29 44.52 -30.90
CA ARG D 338 -23.04 45.22 -30.62
C ARG D 338 -22.05 45.09 -31.78
N ASP D 339 -21.77 43.84 -32.14
CA ASP D 339 -20.91 43.50 -33.30
C ASP D 339 -21.60 43.50 -34.63
N PHE D 340 -22.77 42.81 -34.75
CA PHE D 340 -23.56 42.72 -35.98
C PHE D 340 -24.12 44.10 -36.28
N PRO D 341 -24.15 44.56 -37.53
CA PRO D 341 -24.67 45.87 -37.85
C PRO D 341 -26.04 45.95 -37.23
N ASN D 342 -26.49 47.15 -36.76
CA ASN D 342 -27.72 47.20 -35.99
C ASN D 342 -28.92 46.97 -36.87
N ARG D 343 -29.25 45.68 -37.07
CA ARG D 343 -30.39 45.24 -37.81
C ARG D 343 -31.10 44.26 -36.92
N TRP D 344 -32.15 44.72 -36.20
CA TRP D 344 -32.92 43.97 -35.26
C TRP D 344 -33.65 42.94 -36.04
N GLU D 345 -34.01 43.29 -37.29
CA GLU D 345 -34.71 42.42 -38.18
C GLU D 345 -33.97 41.13 -38.38
N TYR D 346 -32.62 41.17 -38.38
CA TYR D 346 -31.90 39.98 -38.73
C TYR D 346 -32.19 38.94 -37.69
N TYR D 347 -31.96 39.28 -36.40
CA TYR D 347 -32.00 38.29 -35.37
C TYR D 347 -33.42 38.05 -34.97
N LEU D 348 -34.29 39.03 -35.23
CA LEU D 348 -35.69 38.90 -34.93
C LEU D 348 -36.30 37.87 -35.81
N LYS D 349 -36.20 38.05 -37.14
CA LYS D 349 -36.83 37.11 -38.01
C LYS D 349 -36.13 35.80 -37.89
N GLN D 350 -34.82 35.82 -37.62
CA GLN D 350 -34.10 34.59 -37.42
C GLN D 350 -34.70 33.85 -36.26
N LEU D 351 -34.90 34.52 -35.12
CA LEU D 351 -35.34 33.78 -33.96
C LEU D 351 -36.77 33.34 -34.11
N GLN D 352 -37.55 34.01 -34.98
CA GLN D 352 -38.91 33.55 -35.16
C GLN D 352 -38.92 32.22 -35.84
N ASN D 353 -37.78 31.85 -36.43
CA ASN D 353 -37.68 30.61 -37.14
C ASN D 353 -37.45 29.38 -36.32
N LYS D 354 -36.80 29.65 -35.17
CA LYS D 354 -36.25 28.71 -34.20
C LYS D 354 -35.14 29.44 -33.42
N GLN D 355 -35.52 30.30 -32.47
CA GLN D 355 -34.60 31.19 -31.73
C GLN D 355 -33.27 30.58 -31.27
N PHE D 356 -32.45 31.32 -30.52
CA PHE D 356 -31.16 30.77 -30.13
C PHE D 356 -31.28 29.93 -28.86
N LYS D 357 -32.50 29.75 -28.37
CA LYS D 357 -32.77 28.73 -27.38
C LYS D 357 -32.82 27.34 -28.01
N ARG D 358 -33.01 27.32 -29.33
CA ARG D 358 -33.05 26.06 -30.07
C ARG D 358 -31.68 25.71 -30.63
N ILE D 359 -30.88 26.76 -31.03
CA ILE D 359 -29.59 26.66 -31.65
C ILE D 359 -28.63 27.23 -30.63
N ARG D 360 -27.76 26.39 -30.02
CA ARG D 360 -26.88 26.91 -29.01
C ARG D 360 -25.85 27.82 -29.63
N LYS D 361 -25.67 29.02 -29.02
CA LYS D 361 -24.70 30.01 -29.43
C LYS D 361 -23.79 30.27 -28.27
N SER D 362 -22.82 31.19 -28.46
CA SER D 362 -21.95 31.59 -27.38
C SER D 362 -22.82 32.39 -26.46
N SER D 363 -22.67 32.18 -25.13
CA SER D 363 -23.45 32.90 -24.14
C SER D 363 -22.75 32.91 -22.78
N SER D 364 -23.10 33.90 -21.95
CA SER D 364 -22.54 34.01 -20.64
C SER D 364 -23.32 33.09 -19.77
N TYR D 365 -24.50 32.67 -20.27
CA TYR D 365 -25.36 31.75 -19.57
C TYR D 365 -24.62 30.46 -19.54
N ASP D 366 -24.80 29.69 -18.46
CA ASP D 366 -24.05 28.48 -18.25
C ASP D 366 -24.42 27.51 -19.32
N TYR D 367 -25.69 27.52 -19.71
CA TYR D 367 -26.18 26.62 -20.75
C TYR D 367 -27.00 27.41 -21.78
N GLU D 368 -26.98 26.98 -23.05
CA GLU D 368 -27.79 27.75 -23.95
C GLU D 368 -28.92 26.89 -24.33
N ALA D 369 -28.97 25.70 -23.74
CA ALA D 369 -30.14 24.94 -24.00
C ALA D 369 -30.83 24.64 -22.71
N LEU D 370 -32.16 24.71 -22.78
CA LEU D 370 -33.13 24.49 -21.75
C LEU D 370 -33.08 23.06 -21.35
N ASP D 371 -32.74 22.18 -22.30
CA ASP D 371 -32.75 20.76 -22.04
C ASP D 371 -31.67 20.44 -21.07
N GLU D 372 -30.62 21.27 -20.98
CA GLU D 372 -29.52 20.88 -20.14
C GLU D 372 -29.98 20.74 -18.73
N ALA D 373 -30.54 21.82 -18.15
CA ALA D 373 -31.00 21.79 -16.78
C ALA D 373 -32.28 21.03 -16.64
N MET D 374 -33.18 21.16 -17.64
CA MET D 374 -34.49 20.59 -17.61
C MET D 374 -34.43 19.11 -17.57
N SER D 375 -33.44 18.53 -18.27
CA SER D 375 -33.36 17.10 -18.39
C SER D 375 -33.14 16.47 -17.05
N ILE D 376 -32.67 17.24 -16.06
CA ILE D 376 -32.49 16.68 -14.76
C ILE D 376 -33.81 16.29 -14.16
N SER D 377 -34.84 17.12 -14.35
CA SER D 377 -36.11 16.87 -13.74
C SER D 377 -36.95 15.98 -14.60
N VAL D 378 -36.72 15.97 -15.92
CA VAL D 378 -37.51 15.18 -16.80
C VAL D 378 -37.05 13.76 -16.76
N GLU D 379 -35.73 13.54 -16.82
CA GLU D 379 -35.22 12.21 -16.85
C GLU D 379 -35.44 11.61 -15.49
N MET D 380 -35.57 12.41 -14.40
CA MET D 380 -35.76 11.76 -13.10
C MET D 380 -37.27 11.59 -13.04
N LEU D 381 -37.85 10.70 -13.91
CA LEU D 381 -39.29 10.49 -13.85
C LEU D 381 -39.47 9.05 -14.25
N ARG D 382 -40.62 8.68 -14.88
CA ARG D 382 -40.90 7.35 -15.35
C ARG D 382 -41.34 7.40 -16.81
N GLU D 383 -40.99 6.36 -17.62
CA GLU D 383 -41.23 6.37 -19.04
C GLU D 383 -42.60 6.90 -19.45
N ASP D 384 -43.66 6.41 -18.82
CA ASP D 384 -45.02 6.90 -19.17
C ASP D 384 -45.22 8.41 -18.98
N ILE D 385 -44.81 8.97 -17.83
CA ILE D 385 -44.96 10.42 -17.60
C ILE D 385 -43.85 11.32 -18.21
N LYS D 386 -42.71 10.73 -18.60
CA LYS D 386 -41.74 11.39 -19.47
C LYS D 386 -42.25 11.61 -20.89
N ASP D 387 -42.92 10.62 -21.45
CA ASP D 387 -43.66 10.82 -22.70
C ASP D 387 -44.82 11.79 -22.55
N TYR D 388 -45.58 11.65 -21.47
CA TYR D 388 -46.66 12.60 -21.27
C TYR D 388 -46.15 14.04 -21.23
N TYR D 389 -45.05 14.30 -20.54
CA TYR D 389 -44.48 15.66 -20.54
C TYR D 389 -44.25 16.21 -21.96
N THR D 390 -43.66 15.38 -22.80
CA THR D 390 -43.33 15.79 -24.15
C THR D 390 -44.58 15.82 -25.02
N ASP D 391 -45.61 15.09 -24.62
CA ASP D 391 -46.84 15.02 -25.40
C ASP D 391 -47.67 16.31 -25.28
N LEU D 392 -47.34 17.15 -24.32
CA LEU D 392 -48.11 18.36 -24.08
C LEU D 392 -47.92 19.41 -25.17
N SER D 393 -46.92 19.24 -26.02
CA SER D 393 -46.58 20.26 -27.02
C SER D 393 -47.54 20.30 -28.22
N ILE D 394 -48.52 19.40 -28.27
CA ILE D 394 -49.51 19.39 -29.37
C ILE D 394 -50.60 20.44 -29.23
N LEU D 395 -50.62 21.08 -28.06
CA LEU D 395 -51.60 22.05 -27.75
C LEU D 395 -51.09 23.34 -28.32
N GLN D 396 -51.98 24.08 -29.01
CA GLN D 396 -51.77 25.39 -29.58
C GLN D 396 -51.80 26.34 -28.43
N LYS D 397 -50.67 27.05 -28.20
CA LYS D 397 -50.53 28.01 -27.12
C LYS D 397 -51.32 29.18 -27.58
N ASP D 398 -51.74 30.03 -26.61
CA ASP D 398 -51.31 29.77 -25.26
C ASP D 398 -52.55 29.81 -24.45
N VAL D 399 -53.07 28.57 -24.23
CA VAL D 399 -54.33 28.28 -23.60
C VAL D 399 -54.21 27.36 -22.42
N LYS D 400 -55.00 27.81 -21.44
CA LYS D 400 -55.25 27.32 -20.13
C LYS D 400 -56.36 26.30 -20.22
N VAL D 401 -55.96 25.03 -20.13
CA VAL D 401 -56.95 24.06 -20.42
C VAL D 401 -57.19 23.31 -19.17
N PRO D 402 -58.41 22.89 -19.15
CA PRO D 402 -58.97 22.19 -18.03
C PRO D 402 -58.39 20.84 -18.14
N THR D 403 -58.58 19.98 -17.08
CA THR D 403 -57.88 18.68 -17.04
C THR D 403 -58.39 17.65 -18.06
N LYS D 404 -59.71 17.55 -18.16
CA LYS D 404 -60.38 16.52 -18.97
C LYS D 404 -59.73 16.34 -20.33
N VAL D 405 -59.19 17.43 -20.88
CA VAL D 405 -58.80 17.47 -22.31
C VAL D 405 -57.65 16.50 -22.58
N LEU D 406 -56.92 16.12 -21.54
CA LEU D 406 -55.70 15.31 -21.70
C LEU D 406 -55.95 13.82 -21.45
N CYS D 407 -57.18 13.45 -21.13
CA CYS D 407 -57.50 12.05 -20.89
C CYS D 407 -57.30 11.20 -22.13
N ILE D 408 -57.81 11.71 -23.26
CA ILE D 408 -57.72 11.02 -24.54
C ILE D 408 -56.25 10.86 -24.95
N LEU D 409 -55.48 11.94 -24.80
CA LEU D 409 -54.06 11.97 -25.19
C LEU D 409 -53.27 10.91 -24.43
N TRP D 410 -53.41 10.90 -23.11
CA TRP D 410 -52.61 10.03 -22.27
C TRP D 410 -53.16 8.61 -22.15
N ASP D 411 -54.47 8.46 -22.44
CA ASP D 411 -55.22 7.24 -22.28
C ASP D 411 -55.36 6.98 -20.85
N MET D 412 -55.44 8.09 -20.10
CA MET D 412 -55.51 7.99 -18.68
C MET D 412 -56.85 8.46 -18.20
N GLU D 413 -57.23 7.94 -17.03
CA GLU D 413 -58.41 8.23 -16.31
C GLU D 413 -58.28 9.56 -15.68
N THR D 414 -59.43 10.26 -15.52
CA THR D 414 -59.37 11.60 -14.96
C THR D 414 -58.50 11.78 -13.73
N GLU D 415 -58.59 10.87 -12.77
CA GLU D 415 -57.80 10.97 -11.54
C GLU D 415 -56.32 10.77 -11.83
N GLU D 416 -56.03 9.88 -12.78
CA GLU D 416 -54.65 9.62 -13.23
C GLU D 416 -54.02 10.82 -13.92
N VAL D 417 -54.79 11.49 -14.78
CA VAL D 417 -54.37 12.69 -15.47
C VAL D 417 -54.12 13.83 -14.47
N GLU D 418 -55.03 13.98 -13.52
CA GLU D 418 -54.92 15.03 -12.52
C GLU D 418 -53.67 14.90 -11.68
N ASP D 419 -53.39 13.69 -11.17
CA ASP D 419 -52.19 13.44 -10.35
C ASP D 419 -50.89 13.69 -11.11
N ILE D 420 -50.82 13.23 -12.35
CA ILE D 420 -49.64 13.43 -13.18
C ILE D 420 -49.41 14.90 -13.50
N LEU D 421 -50.49 15.64 -13.75
CA LEU D 421 -50.40 17.09 -13.95
C LEU D 421 -49.91 17.87 -12.72
N GLN D 422 -50.38 17.50 -11.53
CA GLN D 422 -49.95 18.10 -10.25
C GLN D 422 -48.45 17.87 -10.04
N GLU D 423 -47.98 16.68 -10.40
CA GLU D 423 -46.56 16.38 -10.37
C GLU D 423 -45.78 17.25 -11.35
N PHE D 424 -46.27 17.39 -12.59
CA PHE D 424 -45.60 18.25 -13.57
C PHE D 424 -45.41 19.67 -13.03
N VAL D 425 -46.47 20.19 -12.42
CA VAL D 425 -46.45 21.49 -11.78
C VAL D 425 -45.44 21.50 -10.66
N ASN D 426 -45.41 20.42 -9.86
CA ASN D 426 -44.44 20.25 -8.77
C ASN D 426 -43.00 20.14 -9.25
N LYS D 427 -42.79 19.87 -10.54
CA LYS D 427 -41.45 19.80 -11.14
C LYS D 427 -41.07 21.00 -12.04
N SER D 428 -41.91 22.06 -12.04
CA SER D 428 -41.79 23.29 -12.92
C SER D 428 -41.94 23.02 -14.42
N LEU D 429 -42.65 21.95 -14.74
CA LEU D 429 -42.84 21.52 -16.11
C LEU D 429 -44.17 22.03 -16.69
N LEU D 430 -44.98 22.62 -15.82
CA LEU D 430 -46.35 22.96 -16.11
C LEU D 430 -46.75 24.06 -15.13
N PHE D 431 -47.50 25.05 -15.60
CA PHE D 431 -48.04 26.12 -14.77
C PHE D 431 -49.51 25.88 -14.59
N CYS D 432 -50.03 26.34 -13.45
CA CYS D 432 -51.39 26.00 -13.01
C CYS D 432 -52.10 27.27 -12.63
N ASP D 433 -53.13 27.64 -13.37
CA ASP D 433 -54.05 28.76 -12.98
C ASP D 433 -55.25 28.10 -12.29
N ARG D 434 -55.21 28.12 -10.96
CA ARG D 434 -56.27 27.54 -10.15
C ARG D 434 -57.51 28.42 -10.25
N ASN D 435 -58.46 28.00 -11.07
CA ASN D 435 -59.69 28.75 -11.26
C ASN D 435 -60.68 28.35 -10.16
N GLY D 436 -60.37 28.77 -8.95
CA GLY D 436 -61.18 28.43 -7.79
C GLY D 436 -61.06 26.96 -7.45
N LYS D 437 -62.13 26.22 -7.72
CA LYS D 437 -62.12 24.78 -7.59
C LYS D 437 -61.49 24.05 -8.80
N SER D 438 -61.42 24.72 -9.94
CA SER D 438 -60.79 24.14 -11.13
C SER D 438 -59.29 24.50 -11.28
N PHE D 439 -58.57 23.69 -12.07
CA PHE D 439 -57.12 23.85 -12.30
C PHE D 439 -56.84 23.93 -13.81
N ARG D 440 -56.79 25.16 -14.34
CA ARG D 440 -56.51 25.35 -15.76
C ARG D 440 -55.00 25.47 -16.00
N TYR D 441 -54.46 24.47 -16.67
CA TYR D 441 -53.02 24.31 -16.79
C TYR D 441 -52.53 24.93 -18.09
N TYR D 442 -51.33 25.49 -18.02
CA TYR D 442 -50.77 26.18 -19.18
C TYR D 442 -49.25 26.18 -19.16
N LEU D 443 -48.66 26.62 -20.28
CA LEU D 443 -47.23 26.64 -20.42
C LEU D 443 -46.87 28.05 -20.79
N HIS D 444 -45.63 28.49 -20.52
CA HIS D 444 -45.42 29.82 -21.02
C HIS D 444 -45.00 29.65 -22.44
N ASP D 445 -44.88 30.76 -23.18
CA ASP D 445 -44.51 30.79 -24.62
C ASP D 445 -43.24 30.04 -24.93
N LEU D 446 -42.19 30.37 -24.19
CA LEU D 446 -40.92 29.68 -24.34
C LEU D 446 -40.98 28.21 -23.96
N GLN D 447 -41.72 27.91 -22.90
CA GLN D 447 -41.91 26.55 -22.42
C GLN D 447 -42.54 25.67 -23.48
N VAL D 448 -43.45 26.24 -24.27
CA VAL D 448 -44.04 25.50 -25.41
C VAL D 448 -43.01 25.37 -26.54
N ASP D 449 -42.34 26.49 -26.88
CA ASP D 449 -41.36 26.54 -28.00
C ASP D 449 -40.28 25.48 -27.89
N PHE D 450 -39.85 25.20 -26.66
CA PHE D 450 -38.86 24.15 -26.43
C PHE D 450 -39.25 22.79 -27.00
N LEU D 451 -40.43 22.28 -26.64
CA LEU D 451 -40.86 20.95 -27.08
C LEU D 451 -41.28 20.94 -28.55
N THR D 452 -41.71 22.11 -29.01
CA THR D 452 -42.11 22.29 -30.39
C THR D 452 -40.99 21.85 -31.32
N GLU D 453 -39.77 22.27 -30.98
CA GLU D 453 -38.55 21.89 -31.69
C GLU D 453 -38.07 20.47 -31.29
N LYS D 454 -38.06 20.14 -29.99
CA LYS D 454 -37.57 18.83 -29.52
C LYS D 454 -38.33 17.63 -30.11
N ASN D 455 -39.64 17.74 -30.25
CA ASN D 455 -40.47 16.67 -30.77
C ASN D 455 -40.60 16.80 -32.26
N CYS D 456 -40.70 15.66 -32.99
CA CYS D 456 -40.80 15.54 -34.44
C CYS D 456 -42.15 14.98 -34.81
N SER D 457 -42.10 13.92 -35.62
CA SER D 457 -43.16 13.15 -36.24
C SER D 457 -44.00 12.48 -35.22
N GLN D 458 -43.50 12.34 -33.97
CA GLN D 458 -44.37 11.79 -32.97
C GLN D 458 -45.57 12.68 -32.80
N LEU D 459 -45.39 14.00 -33.00
CA LEU D 459 -46.49 14.91 -32.88
C LEU D 459 -47.58 14.64 -33.87
N GLN D 460 -47.27 14.33 -35.14
CA GLN D 460 -48.35 14.03 -36.03
C GLN D 460 -49.03 12.75 -35.64
N ASP D 461 -48.27 11.79 -35.09
CA ASP D 461 -48.87 10.56 -34.64
C ASP D 461 -49.78 10.83 -33.49
N LEU D 462 -49.43 11.80 -32.62
CA LEU D 462 -50.26 12.12 -31.49
C LEU D 462 -51.52 12.76 -31.99
N HIS D 463 -51.42 13.62 -33.02
CA HIS D 463 -52.56 14.29 -33.57
C HIS D 463 -53.53 13.27 -34.07
N LYS D 464 -53.04 12.30 -34.86
CA LYS D 464 -53.88 11.33 -35.49
C LYS D 464 -54.44 10.42 -34.44
N LYS D 465 -53.63 10.08 -33.42
CA LYS D 465 -54.06 9.15 -32.41
C LYS D 465 -55.28 9.65 -31.70
N ILE D 466 -55.27 10.91 -31.23
CA ILE D 466 -56.31 11.36 -30.34
C ILE D 466 -57.58 11.58 -31.12
N ILE D 467 -57.49 11.69 -32.45
CA ILE D 467 -58.66 11.79 -33.28
C ILE D 467 -59.41 10.49 -33.23
N THR D 468 -58.72 9.36 -33.44
CA THR D 468 -59.37 8.08 -33.42
C THR D 468 -59.86 7.78 -32.04
N GLN D 469 -59.02 8.05 -31.02
CA GLN D 469 -59.32 7.72 -29.65
C GLN D 469 -60.53 8.47 -29.20
N PHE D 470 -60.62 9.76 -29.55
CA PHE D 470 -61.77 10.56 -29.24
C PHE D 470 -63.01 9.90 -29.78
N GLN D 471 -63.00 9.56 -31.08
CA GLN D 471 -64.15 8.98 -31.73
C GLN D 471 -64.49 7.65 -31.12
N ARG D 472 -63.49 6.95 -30.53
CA ARG D 472 -63.78 5.71 -29.87
C ARG D 472 -64.62 5.93 -28.64
N TYR D 473 -64.55 7.14 -28.04
CA TYR D 473 -65.33 7.55 -26.90
C TYR D 473 -66.42 8.54 -27.22
N HIS D 474 -66.16 9.82 -27.49
CA HIS D 474 -67.33 10.61 -27.76
C HIS D 474 -67.16 11.24 -29.09
N GLN D 475 -68.29 11.40 -29.78
CA GLN D 475 -68.20 11.95 -31.08
C GLN D 475 -68.11 13.41 -30.86
N PRO D 476 -67.44 14.04 -31.77
CA PRO D 476 -67.18 15.45 -31.74
C PRO D 476 -68.44 16.25 -31.93
N HIS D 477 -69.52 15.61 -32.41
CA HIS D 477 -70.75 16.28 -32.66
C HIS D 477 -71.65 16.03 -31.49
N THR D 478 -71.37 14.89 -30.79
CA THR D 478 -72.05 14.42 -29.62
C THR D 478 -71.64 15.37 -28.56
N LEU D 479 -70.37 15.75 -28.63
CA LEU D 479 -69.74 16.61 -27.70
C LEU D 479 -70.57 17.84 -27.56
N SER D 480 -71.15 17.87 -26.35
CA SER D 480 -72.15 18.74 -25.78
C SER D 480 -71.38 19.76 -25.04
N PRO D 481 -71.94 20.89 -24.76
CA PRO D 481 -71.31 21.92 -24.00
C PRO D 481 -71.21 21.58 -22.53
N ASP D 482 -71.80 20.45 -22.10
CA ASP D 482 -71.80 20.06 -20.72
C ASP D 482 -70.44 19.54 -20.38
N GLN D 483 -69.59 19.26 -21.39
CA GLN D 483 -68.29 18.77 -21.00
C GLN D 483 -67.30 19.84 -20.61
N GLU D 484 -66.17 19.35 -20.07
CA GLU D 484 -65.17 20.28 -19.61
C GLU D 484 -64.39 20.68 -20.78
N ASP D 485 -64.18 19.70 -21.71
CA ASP D 485 -63.38 19.73 -22.91
C ASP D 485 -64.24 20.03 -24.06
N CYS D 486 -65.48 20.42 -23.74
CA CYS D 486 -66.45 20.73 -24.76
C CYS D 486 -65.95 21.68 -25.81
N MET D 487 -65.39 22.84 -25.43
CA MET D 487 -64.91 23.78 -26.41
C MET D 487 -63.51 23.44 -26.80
N TYR D 488 -62.83 22.60 -26.00
CA TYR D 488 -61.48 22.26 -26.32
C TYR D 488 -61.44 21.76 -27.73
N TRP D 489 -62.21 20.71 -28.03
CA TRP D 489 -62.11 20.00 -29.27
C TRP D 489 -62.54 20.85 -30.43
N TYR D 490 -63.31 21.93 -30.19
CA TYR D 490 -63.71 22.75 -31.30
C TYR D 490 -62.64 23.76 -31.53
N ASN D 491 -61.88 24.09 -30.47
CA ASN D 491 -60.86 25.09 -30.61
C ASN D 491 -59.60 24.53 -31.23
N PHE D 492 -59.33 23.23 -31.02
CA PHE D 492 -58.14 22.50 -31.38
C PHE D 492 -58.20 21.29 -32.29
N LEU D 493 -59.36 20.64 -32.51
CA LEU D 493 -59.35 19.45 -33.33
C LEU D 493 -58.94 19.73 -34.75
N ALA D 494 -59.37 20.86 -35.31
CA ALA D 494 -59.00 21.22 -36.64
C ALA D 494 -57.53 21.50 -36.68
N TYR D 495 -57.00 22.09 -35.58
CA TYR D 495 -55.60 22.35 -35.46
C TYR D 495 -54.83 21.06 -35.49
N HIS D 496 -55.35 20.01 -34.81
CA HIS D 496 -54.66 18.75 -34.77
C HIS D 496 -54.58 18.15 -36.15
N MET D 497 -55.69 18.17 -36.91
CA MET D 497 -55.72 17.56 -38.21
C MET D 497 -54.82 18.30 -39.13
N ALA D 498 -54.81 19.64 -39.03
CA ALA D 498 -54.01 20.48 -39.87
C ALA D 498 -52.56 20.23 -39.59
N SER D 499 -52.19 20.10 -38.31
CA SER D 499 -50.82 19.93 -37.93
C SER D 499 -50.36 18.60 -38.45
N ALA D 500 -51.26 17.60 -38.40
CA ALA D 500 -51.06 16.24 -38.80
C ALA D 500 -50.94 16.17 -40.30
N LYS D 501 -51.36 17.25 -41.01
CA LYS D 501 -51.31 17.30 -42.44
C LYS D 501 -52.19 16.23 -42.99
N MET D 502 -53.33 15.98 -42.30
CA MET D 502 -54.28 15.03 -42.78
C MET D 502 -55.38 15.83 -43.42
N HIS D 503 -55.11 16.37 -44.62
CA HIS D 503 -56.08 17.23 -45.26
C HIS D 503 -57.34 16.51 -45.60
N LYS D 504 -57.29 15.17 -45.73
CA LYS D 504 -58.51 14.47 -46.01
C LYS D 504 -59.39 14.44 -44.79
N GLU D 505 -58.78 14.35 -43.59
CA GLU D 505 -59.56 14.35 -42.37
C GLU D 505 -60.02 15.75 -42.05
N LEU D 506 -59.20 16.76 -42.37
CA LEU D 506 -59.57 18.12 -42.09
C LEU D 506 -60.74 18.48 -42.95
N CYS D 507 -60.74 18.01 -44.21
CA CYS D 507 -61.83 18.27 -45.09
C CYS D 507 -63.07 17.64 -44.54
N ALA D 508 -62.98 16.37 -44.11
CA ALA D 508 -64.15 15.68 -43.67
C ALA D 508 -64.68 16.37 -42.45
N LEU D 509 -63.79 16.88 -41.58
CA LEU D 509 -64.26 17.47 -40.35
C LEU D 509 -64.99 18.77 -40.59
N MET D 510 -64.30 19.77 -41.18
CA MET D 510 -64.82 21.11 -41.35
C MET D 510 -65.83 21.27 -42.44
N PHE D 511 -65.87 20.37 -43.45
CA PHE D 511 -66.91 20.55 -44.42
C PHE D 511 -68.12 19.89 -43.86
N SER D 512 -68.73 20.51 -42.84
CA SER D 512 -69.85 19.88 -42.22
C SER D 512 -70.64 20.93 -41.51
N LEU D 513 -71.96 20.95 -41.76
CA LEU D 513 -72.88 21.92 -41.23
C LEU D 513 -73.19 21.53 -39.81
N ASP D 514 -72.95 20.26 -39.45
CA ASP D 514 -73.10 19.82 -38.09
C ASP D 514 -71.93 20.30 -37.29
N TRP D 515 -70.72 20.13 -37.81
CA TRP D 515 -69.54 20.63 -37.16
C TRP D 515 -69.65 22.11 -36.99
N ILE D 516 -70.10 22.83 -38.04
CA ILE D 516 -70.17 24.27 -37.93
C ILE D 516 -71.17 24.62 -36.88
N LYS D 517 -72.35 23.97 -36.92
CA LYS D 517 -73.41 24.30 -36.01
C LYS D 517 -72.91 24.22 -34.58
N ALA D 518 -72.26 23.11 -34.21
CA ALA D 518 -71.83 22.91 -32.85
C ALA D 518 -70.79 23.91 -32.44
N LYS D 519 -69.82 24.17 -33.33
CA LYS D 519 -68.71 25.03 -33.06
C LYS D 519 -69.16 26.45 -32.88
N THR D 520 -70.20 26.86 -33.63
CA THR D 520 -70.71 28.20 -33.55
C THR D 520 -71.66 28.36 -32.41
N GLU D 521 -72.17 27.26 -31.86
CA GLU D 521 -73.06 27.42 -30.74
C GLU D 521 -72.26 27.31 -29.48
N LEU D 522 -71.06 26.68 -29.54
CA LEU D 522 -70.29 26.54 -28.34
C LEU D 522 -69.19 27.57 -28.23
N VAL D 523 -68.46 27.80 -29.35
CA VAL D 523 -67.35 28.71 -29.49
C VAL D 523 -67.61 30.02 -30.19
N GLY D 524 -68.14 30.02 -31.43
CA GLY D 524 -68.46 31.26 -32.05
C GLY D 524 -67.88 31.18 -33.45
N PRO D 525 -68.45 31.95 -34.34
CA PRO D 525 -68.06 31.93 -35.75
C PRO D 525 -66.80 32.64 -36.19
N ALA D 526 -66.24 33.58 -35.42
CA ALA D 526 -65.05 34.28 -35.86
C ALA D 526 -63.85 33.40 -36.01
N HIS D 527 -63.58 32.53 -35.03
CA HIS D 527 -62.46 31.63 -35.10
C HIS D 527 -62.63 30.71 -36.27
N LEU D 528 -63.86 30.25 -36.50
CA LEU D 528 -64.15 29.37 -37.57
C LEU D 528 -63.77 30.01 -38.87
N ILE D 529 -64.22 31.26 -39.09
CA ILE D 529 -63.97 31.92 -40.34
C ILE D 529 -62.48 32.03 -40.53
N HIS D 530 -61.75 32.33 -39.45
CA HIS D 530 -60.34 32.55 -39.50
C HIS D 530 -59.65 31.29 -39.98
N GLU D 531 -60.22 30.13 -39.66
CA GLU D 531 -59.63 28.86 -40.01
C GLU D 531 -59.89 28.57 -41.46
N PHE D 532 -61.12 28.89 -41.94
CA PHE D 532 -61.42 28.62 -43.31
C PHE D 532 -60.52 29.45 -44.17
N VAL D 533 -60.11 30.63 -43.68
CA VAL D 533 -59.17 31.43 -44.40
C VAL D 533 -57.77 30.89 -44.29
N GLU D 534 -57.29 30.59 -43.06
CA GLU D 534 -55.90 30.20 -42.89
C GLU D 534 -55.58 28.89 -43.55
N TYR D 535 -56.55 27.97 -43.60
CA TYR D 535 -56.48 26.64 -44.14
C TYR D 535 -56.59 26.55 -45.64
N ARG D 536 -56.86 27.67 -46.32
CA ARG D 536 -56.88 27.75 -47.77
C ARG D 536 -55.56 27.29 -48.38
N HIS D 537 -54.41 27.54 -47.72
CA HIS D 537 -53.13 27.07 -48.17
C HIS D 537 -52.80 25.67 -47.70
N ILE D 538 -53.64 25.10 -46.81
CA ILE D 538 -53.45 23.78 -46.26
C ILE D 538 -54.15 22.72 -47.08
N LEU D 539 -55.39 23.01 -47.54
CA LEU D 539 -56.23 22.08 -48.25
C LEU D 539 -55.84 21.93 -49.70
N ASP D 540 -56.45 20.90 -50.31
CA ASP D 540 -56.22 20.48 -51.65
C ASP D 540 -56.96 21.45 -52.53
N GLU D 541 -56.73 21.39 -53.87
CA GLU D 541 -57.29 22.34 -54.78
C GLU D 541 -58.79 22.34 -54.73
N LYS D 542 -59.44 21.18 -54.98
CA LYS D 542 -60.87 21.10 -54.94
C LYS D 542 -61.37 21.55 -53.60
N ASP D 543 -60.66 21.17 -52.51
CA ASP D 543 -61.06 21.41 -51.16
C ASP D 543 -61.08 22.88 -50.89
N CYS D 544 -60.12 23.60 -51.46
CA CYS D 544 -60.02 25.02 -51.28
C CYS D 544 -61.19 25.67 -51.95
N ALA D 545 -61.57 25.17 -53.14
CA ALA D 545 -62.71 25.71 -53.84
C ALA D 545 -63.95 25.52 -53.01
N VAL D 546 -64.04 24.39 -52.29
CA VAL D 546 -65.21 24.17 -51.47
C VAL D 546 -65.13 25.07 -50.29
N SER D 547 -63.93 25.24 -49.72
CA SER D 547 -63.80 25.96 -48.50
C SER D 547 -64.13 27.40 -48.77
N GLU D 548 -63.92 27.85 -50.01
CA GLU D 548 -64.27 29.20 -50.38
C GLU D 548 -65.76 29.36 -50.38
N ASN D 549 -66.51 28.28 -50.71
CA ASN D 549 -67.94 28.33 -50.61
C ASN D 549 -68.33 28.48 -49.18
N PHE D 550 -67.54 27.87 -48.27
CA PHE D 550 -67.82 27.98 -46.86
C PHE D 550 -67.46 29.35 -46.36
N GLN D 551 -66.43 29.98 -46.95
CA GLN D 551 -66.05 31.31 -46.56
C GLN D 551 -67.17 32.27 -46.82
N GLU D 552 -67.91 32.09 -47.94
CA GLU D 552 -69.02 32.95 -48.24
C GLU D 552 -70.23 32.50 -47.48
N PHE D 553 -70.37 31.18 -47.25
CA PHE D 553 -71.50 30.63 -46.55
C PHE D 553 -71.61 31.30 -45.21
N LEU D 554 -70.48 31.40 -44.49
CA LEU D 554 -70.44 31.86 -43.13
C LEU D 554 -70.81 33.32 -42.99
N SER D 555 -70.97 34.03 -44.12
CA SER D 555 -71.27 35.43 -44.03
C SER D 555 -72.75 35.59 -43.79
N LEU D 556 -73.49 34.49 -43.97
CA LEU D 556 -74.92 34.44 -43.87
C LEU D 556 -75.32 34.52 -42.43
N ASN D 557 -74.47 34.00 -41.54
CA ASN D 557 -74.82 33.85 -40.16
C ASN D 557 -73.99 34.87 -39.46
N GLY D 558 -74.09 34.94 -38.13
CA GLY D 558 -73.31 35.90 -37.41
C GLY D 558 -74.30 36.98 -37.19
N HIS D 559 -75.57 36.64 -37.44
CA HIS D 559 -76.56 37.65 -37.28
C HIS D 559 -77.29 37.10 -36.08
N LEU D 560 -77.73 35.83 -36.22
CA LEU D 560 -78.48 35.08 -35.25
C LEU D 560 -77.56 34.42 -34.27
N LEU D 561 -76.30 34.24 -34.66
CA LEU D 561 -75.38 33.64 -33.72
C LEU D 561 -75.06 34.56 -32.57
N GLY D 562 -75.17 33.96 -31.36
CA GLY D 562 -74.99 34.61 -30.11
C GLY D 562 -76.28 35.23 -29.65
N ARG D 563 -77.36 35.05 -30.43
CA ARG D 563 -78.60 35.67 -30.05
C ARG D 563 -79.67 34.66 -30.29
N GLN D 564 -80.95 35.01 -29.99
CA GLN D 564 -82.03 34.12 -30.28
C GLN D 564 -82.87 34.79 -31.33
N PRO D 565 -83.40 34.04 -32.26
CA PRO D 565 -83.22 32.62 -32.32
C PRO D 565 -81.90 32.29 -32.92
N PHE D 566 -81.54 30.99 -32.95
CA PHE D 566 -80.31 30.59 -33.56
C PHE D 566 -80.59 30.03 -34.89
N PRO D 567 -79.59 30.16 -35.69
CA PRO D 567 -79.71 29.72 -37.05
C PRO D 567 -79.61 28.25 -37.05
N ASN D 568 -80.19 27.64 -38.09
CA ASN D 568 -80.15 26.23 -38.26
C ASN D 568 -79.08 26.23 -39.30
N ILE D 569 -77.85 25.80 -38.96
CA ILE D 569 -76.82 25.90 -39.94
C ILE D 569 -77.08 24.95 -41.07
N VAL D 570 -77.74 23.82 -40.78
CA VAL D 570 -77.98 22.82 -41.77
C VAL D 570 -78.85 23.37 -42.86
N GLN D 571 -79.98 24.00 -42.48
CA GLN D 571 -80.95 24.49 -43.43
C GLN D 571 -80.41 25.74 -44.07
N LEU D 572 -79.47 26.43 -43.40
CA LEU D 572 -78.91 27.66 -43.91
C LEU D 572 -78.28 27.40 -45.23
N GLY D 573 -77.76 26.17 -45.43
CA GLY D 573 -77.02 25.80 -46.60
C GLY D 573 -77.88 25.93 -47.83
N LEU D 574 -79.20 25.84 -47.65
CA LEU D 574 -80.14 25.75 -48.72
C LEU D 574 -80.30 27.10 -49.37
N CYS D 575 -79.82 28.17 -48.70
CA CYS D 575 -79.84 29.52 -49.17
C CYS D 575 -78.67 29.81 -50.07
N GLU D 576 -77.66 28.91 -50.14
CA GLU D 576 -76.51 29.13 -50.98
C GLU D 576 -76.87 28.94 -52.42
N PRO D 577 -76.09 29.54 -53.28
CA PRO D 577 -76.31 29.43 -54.69
C PRO D 577 -76.20 28.00 -55.10
N GLU D 578 -76.86 27.63 -56.21
CA GLU D 578 -76.81 26.29 -56.71
C GLU D 578 -75.38 25.95 -57.02
N THR D 579 -74.61 26.94 -57.45
CA THR D 579 -73.25 26.68 -57.81
C THR D 579 -72.50 26.22 -56.59
N SER D 580 -72.79 26.84 -55.44
CA SER D 580 -72.10 26.54 -54.21
C SER D 580 -72.26 25.11 -53.80
N GLU D 581 -71.11 24.51 -53.39
CA GLU D 581 -70.99 23.16 -52.89
C GLU D 581 -71.78 23.02 -51.63
N VAL D 582 -71.92 24.11 -50.86
CA VAL D 582 -72.64 24.01 -49.62
C VAL D 582 -74.08 23.74 -49.90
N TYR D 583 -74.63 24.40 -50.93
CA TYR D 583 -76.00 24.17 -51.32
C TYR D 583 -76.17 22.76 -51.82
N GLN D 584 -75.28 22.34 -52.73
CA GLN D 584 -75.49 21.09 -53.41
C GLN D 584 -75.43 19.99 -52.41
N GLN D 585 -74.56 20.15 -51.39
CA GLN D 585 -74.43 19.17 -50.36
C GLN D 585 -75.66 19.17 -49.51
N ALA D 586 -76.09 20.36 -49.03
CA ALA D 586 -77.21 20.45 -48.13
C ALA D 586 -78.46 20.06 -48.84
N LYS D 587 -78.60 20.45 -50.13
CA LYS D 587 -79.81 20.16 -50.85
C LYS D 587 -79.90 18.70 -51.13
N LEU D 588 -78.79 18.05 -51.53
CA LEU D 588 -78.84 16.64 -51.79
C LEU D 588 -79.16 15.90 -50.52
N GLN D 589 -78.57 16.35 -49.40
CA GLN D 589 -78.81 15.75 -48.12
C GLN D 589 -80.24 15.93 -47.73
N ALA D 590 -80.85 17.07 -48.09
CA ALA D 590 -82.23 17.28 -47.73
C ALA D 590 -83.03 16.29 -48.50
N LYS D 591 -82.62 16.01 -49.74
CA LYS D 591 -83.34 15.07 -50.55
C LYS D 591 -83.16 13.67 -50.03
N GLN D 592 -81.99 13.39 -49.48
CA GLN D 592 -81.69 12.07 -48.94
C GLN D 592 -82.50 11.79 -47.68
N GLU D 593 -82.54 12.76 -46.77
CA GLU D 593 -83.27 12.63 -45.52
C GLU D 593 -84.78 12.63 -45.76
N VAL D 594 -85.43 11.53 -45.41
CA VAL D 594 -86.87 11.41 -45.59
C VAL D 594 -87.64 12.25 -44.57
N ASP D 595 -88.91 12.19 -45.12
CA ASP D 595 -90.02 12.92 -44.53
C ASP D 595 -89.57 13.75 -43.33
N ASN D 596 -89.19 14.99 -43.57
CA ASN D 596 -88.74 15.88 -42.52
C ASN D 596 -89.60 17.13 -42.41
N GLY D 597 -90.92 16.94 -42.49
CA GLY D 597 -91.85 18.05 -42.40
C GLY D 597 -91.16 19.41 -42.49
N MET D 598 -89.91 19.45 -42.05
CA MET D 598 -89.14 20.66 -42.07
C MET D 598 -89.65 21.70 -43.05
N LEU D 599 -90.05 21.31 -44.28
CA LEU D 599 -90.62 22.25 -45.22
C LEU D 599 -89.60 23.28 -45.63
N TYR D 600 -89.20 23.29 -46.92
CA TYR D 600 -88.32 24.33 -47.36
C TYR D 600 -88.90 24.96 -48.59
N LEU D 601 -88.45 26.19 -48.92
CA LEU D 601 -88.99 26.87 -50.07
C LEU D 601 -87.85 26.99 -51.04
N GLU D 602 -88.12 26.89 -52.36
CA GLU D 602 -87.05 27.18 -53.28
C GLU D 602 -87.21 28.58 -53.83
N TRP D 603 -86.18 29.42 -53.67
CA TRP D 603 -86.22 30.77 -54.14
C TRP D 603 -85.77 30.79 -55.58
N ILE D 604 -86.73 30.98 -56.50
CA ILE D 604 -86.52 30.79 -57.91
C ILE D 604 -85.52 31.75 -58.49
N ASN D 605 -85.65 33.06 -58.19
CA ASN D 605 -84.76 33.98 -58.85
C ASN D 605 -83.74 34.44 -57.86
N LYS D 606 -83.29 33.50 -57.01
CA LYS D 606 -82.37 33.84 -55.97
C LYS D 606 -81.15 34.37 -56.64
N LYS D 607 -80.83 33.82 -57.82
CA LYS D 607 -79.60 34.14 -58.49
C LYS D 607 -79.63 35.53 -59.08
N ASN D 608 -80.82 36.15 -59.22
CA ASN D 608 -80.89 37.42 -59.90
C ASN D 608 -80.94 38.57 -58.93
N ILE D 609 -81.27 38.27 -57.65
CA ILE D 609 -81.52 39.20 -56.59
C ILE D 609 -80.37 39.13 -55.61
N THR D 610 -80.38 40.00 -54.58
CA THR D 610 -79.42 40.12 -53.51
C THR D 610 -78.04 40.41 -53.99
N ASN D 611 -77.70 41.73 -54.00
CA ASN D 611 -76.34 42.16 -54.22
C ASN D 611 -75.59 42.09 -52.94
N LEU D 612 -75.16 40.85 -52.60
CA LEU D 612 -74.57 40.55 -51.34
C LEU D 612 -73.31 41.33 -51.17
N SER D 613 -73.26 42.07 -50.05
CA SER D 613 -72.11 42.82 -49.68
C SER D 613 -71.11 41.88 -49.09
N ARG D 614 -69.89 42.39 -48.84
CA ARG D 614 -68.81 41.52 -48.48
C ARG D 614 -68.96 41.13 -47.04
N LEU D 615 -69.44 42.04 -46.17
CA LEU D 615 -69.50 41.65 -44.78
C LEU D 615 -70.54 42.45 -44.04
N VAL D 616 -71.29 41.77 -43.15
CA VAL D 616 -72.31 42.43 -42.37
C VAL D 616 -71.87 42.44 -40.92
N VAL D 617 -71.74 43.65 -40.33
CA VAL D 617 -71.29 43.75 -38.95
C VAL D 617 -72.28 44.55 -38.15
N ARG D 618 -72.69 44.03 -36.96
CA ARG D 618 -73.54 44.80 -36.08
C ARG D 618 -72.93 44.83 -34.69
N PRO D 619 -72.14 45.85 -34.43
CA PRO D 619 -71.37 45.98 -33.21
C PRO D 619 -72.09 46.47 -31.99
N HIS D 620 -73.27 47.11 -32.12
CA HIS D 620 -73.92 47.60 -30.92
C HIS D 620 -75.38 47.26 -30.94
N THR D 621 -75.93 47.10 -29.72
CA THR D 621 -77.33 46.89 -29.50
C THR D 621 -78.04 48.21 -29.50
N ASP D 622 -77.27 49.31 -29.28
CA ASP D 622 -77.78 50.65 -29.33
C ASP D 622 -77.25 51.37 -30.52
N ALA D 623 -77.65 52.66 -30.64
CA ALA D 623 -77.31 53.48 -31.76
C ALA D 623 -75.82 53.59 -31.86
N VAL D 624 -75.29 53.48 -33.10
CA VAL D 624 -73.87 53.60 -33.28
C VAL D 624 -73.59 55.02 -33.67
N TYR D 625 -72.63 55.65 -32.98
CA TYR D 625 -72.32 57.04 -33.21
C TYR D 625 -71.03 57.27 -33.95
N HIS D 626 -70.01 56.44 -33.71
CA HIS D 626 -68.75 56.63 -34.38
C HIS D 626 -68.02 55.32 -34.41
N ALA D 627 -67.21 55.10 -35.48
CA ALA D 627 -66.44 53.89 -35.62
C ALA D 627 -65.25 54.24 -36.46
N CYS D 628 -64.12 53.52 -36.28
CA CYS D 628 -62.96 53.83 -37.09
C CYS D 628 -61.99 52.67 -37.06
N PHE D 629 -61.02 52.69 -38.00
CA PHE D 629 -60.00 51.66 -38.11
C PHE D 629 -58.80 52.03 -37.30
N SER D 630 -58.12 51.00 -36.74
CA SER D 630 -56.89 51.20 -36.05
C SER D 630 -55.90 51.57 -37.12
N GLU D 631 -54.80 52.23 -36.75
CA GLU D 631 -53.88 52.73 -37.73
C GLU D 631 -53.29 51.56 -38.45
N ASP D 632 -53.04 50.48 -37.69
CA ASP D 632 -52.51 49.22 -38.12
C ASP D 632 -53.46 48.53 -39.05
N GLY D 633 -54.79 48.76 -38.89
CA GLY D 633 -55.76 48.14 -39.74
C GLY D 633 -56.09 46.79 -39.17
N GLN D 634 -55.59 46.54 -37.94
CA GLN D 634 -55.77 45.29 -37.26
C GLN D 634 -57.11 45.24 -36.59
N ARG D 635 -57.64 46.38 -36.08
CA ARG D 635 -58.85 46.28 -35.34
C ARG D 635 -59.73 47.47 -35.57
N ILE D 636 -61.04 47.32 -35.24
CA ILE D 636 -62.01 48.37 -35.44
C ILE D 636 -62.61 48.73 -34.12
N ALA D 637 -62.63 50.05 -33.81
CA ALA D 637 -63.21 50.51 -32.57
C ALA D 637 -64.50 51.15 -32.94
N SER D 638 -65.55 50.97 -32.11
CA SER D 638 -66.77 51.68 -32.34
C SER D 638 -67.36 52.05 -31.01
N CYS D 639 -68.17 53.12 -30.99
CA CYS D 639 -68.73 53.61 -29.77
C CYS D 639 -70.06 54.24 -30.05
N GLY D 640 -70.91 54.37 -29.02
CA GLY D 640 -72.26 54.79 -29.30
C GLY D 640 -73.03 55.04 -28.03
N ALA D 641 -74.35 54.88 -28.14
CA ALA D 641 -75.36 55.19 -27.16
C ALA D 641 -75.39 54.16 -26.06
N ASP D 642 -74.60 53.08 -26.18
CA ASP D 642 -74.56 52.05 -25.18
C ASP D 642 -73.62 52.43 -24.07
N LYS D 643 -72.98 53.61 -24.18
CA LYS D 643 -72.13 54.19 -23.17
C LYS D 643 -70.83 53.46 -23.02
N THR D 644 -70.49 52.52 -23.92
CA THR D 644 -69.25 51.80 -23.76
C THR D 644 -68.44 51.88 -25.03
N LEU D 645 -67.20 51.34 -24.97
CA LEU D 645 -66.29 51.36 -26.08
C LEU D 645 -66.16 49.91 -26.46
N GLN D 646 -66.50 49.55 -27.71
CA GLN D 646 -66.33 48.18 -28.12
C GLN D 646 -65.34 48.08 -29.23
N VAL D 647 -64.28 47.29 -29.01
CA VAL D 647 -63.26 47.16 -30.02
C VAL D 647 -63.15 45.71 -30.37
N PHE D 648 -63.11 45.41 -31.68
CA PHE D 648 -63.10 44.05 -32.15
C PHE D 648 -62.13 43.91 -33.29
N LYS D 649 -61.63 42.67 -33.51
CA LYS D 649 -60.63 42.44 -34.52
C LYS D 649 -61.26 42.62 -35.86
N ALA D 650 -60.55 43.33 -36.76
CA ALA D 650 -61.08 43.60 -38.07
C ALA D 650 -61.11 42.34 -38.86
N GLU D 651 -60.15 41.44 -38.62
CA GLU D 651 -60.13 40.22 -39.39
C GLU D 651 -61.29 39.33 -39.11
N THR D 652 -61.48 38.96 -37.83
CA THR D 652 -62.43 37.98 -37.37
C THR D 652 -63.69 38.48 -36.75
N GLY D 653 -63.67 39.68 -36.13
CA GLY D 653 -64.87 40.19 -35.54
C GLY D 653 -64.82 39.79 -34.09
N GLU D 654 -63.73 39.11 -33.68
CA GLU D 654 -63.64 38.67 -32.30
C GLU D 654 -63.52 39.91 -31.47
N LYS D 655 -64.36 40.02 -30.41
CA LYS D 655 -64.30 41.13 -29.51
C LYS D 655 -63.04 41.15 -28.70
N LEU D 656 -62.32 42.29 -28.75
CA LEU D 656 -61.06 42.51 -28.10
C LEU D 656 -61.16 43.36 -26.84
N LEU D 657 -61.93 44.47 -26.88
CA LEU D 657 -62.01 45.31 -25.70
C LEU D 657 -63.44 45.58 -25.36
N GLU D 658 -63.80 45.42 -24.07
CA GLU D 658 -65.12 45.76 -23.61
C GLU D 658 -64.93 46.75 -22.49
N ILE D 659 -64.88 48.05 -22.83
CA ILE D 659 -64.49 49.04 -21.85
C ILE D 659 -65.66 49.92 -21.58
N LYS D 660 -66.10 49.97 -20.30
CA LYS D 660 -67.24 50.76 -19.93
C LYS D 660 -66.73 52.16 -19.75
N ALA D 661 -66.47 52.85 -20.87
CA ALA D 661 -65.87 54.15 -20.91
C ALA D 661 -66.65 55.26 -20.25
N HIS D 662 -67.96 55.43 -20.56
CA HIS D 662 -68.61 56.59 -19.98
C HIS D 662 -69.90 56.24 -19.31
N GLU D 663 -70.38 57.23 -18.52
CA GLU D 663 -71.62 57.28 -17.80
C GLU D 663 -72.71 57.84 -18.67
N ASP D 664 -72.39 58.27 -19.91
CA ASP D 664 -73.39 58.80 -20.79
C ASP D 664 -73.00 58.43 -22.19
N GLU D 665 -73.90 58.69 -23.17
CA GLU D 665 -73.74 58.28 -24.54
C GLU D 665 -72.47 58.83 -25.14
N VAL D 666 -71.67 57.91 -25.76
CA VAL D 666 -70.38 58.22 -26.29
C VAL D 666 -70.52 58.65 -27.71
N LEU D 667 -70.29 59.97 -27.94
CA LEU D 667 -70.44 60.68 -29.19
C LEU D 667 -69.37 60.40 -30.22
N CYS D 668 -68.08 60.30 -29.83
CA CYS D 668 -67.11 59.89 -30.81
C CYS D 668 -65.94 59.27 -30.10
N CYS D 669 -65.03 58.62 -30.88
CA CYS D 669 -63.89 57.93 -30.30
C CYS D 669 -62.87 57.71 -31.37
N ALA D 670 -61.57 57.68 -31.01
CA ALA D 670 -60.54 57.63 -32.02
C ALA D 670 -59.29 57.01 -31.46
N PHE D 671 -58.42 56.54 -32.37
CA PHE D 671 -57.20 55.85 -32.03
C PHE D 671 -56.13 56.90 -31.89
N SER D 672 -55.11 56.64 -31.06
CA SER D 672 -53.92 57.44 -31.03
C SER D 672 -53.02 56.99 -32.14
N THR D 673 -51.88 57.70 -32.33
CA THR D 673 -50.96 57.44 -33.40
C THR D 673 -50.58 55.98 -33.42
N ASP D 674 -50.12 55.46 -32.28
CA ASP D 674 -49.56 54.15 -32.07
C ASP D 674 -50.59 53.09 -31.80
N ASP D 675 -51.88 53.44 -31.71
CA ASP D 675 -52.90 52.46 -31.38
C ASP D 675 -52.62 52.00 -29.99
N ARG D 676 -51.90 52.82 -29.21
CA ARG D 676 -51.62 52.48 -27.84
C ARG D 676 -52.70 53.07 -26.98
N PHE D 677 -53.32 54.19 -27.42
CA PHE D 677 -54.42 54.72 -26.69
C PHE D 677 -55.61 54.90 -27.57
N ILE D 678 -56.81 54.89 -26.95
CA ILE D 678 -58.05 55.17 -27.61
C ILE D 678 -58.73 56.19 -26.76
N ALA D 679 -59.12 57.32 -27.35
CA ALA D 679 -59.76 58.36 -26.59
C ALA D 679 -61.21 58.35 -26.95
N THR D 680 -62.08 58.66 -25.96
CA THR D 680 -63.48 58.71 -26.20
C THR D 680 -63.93 60.05 -25.71
N CYS D 681 -64.92 60.66 -26.38
CA CYS D 681 -65.45 61.91 -25.91
C CYS D 681 -66.95 61.80 -25.98
N SER D 682 -67.67 62.31 -24.96
CA SER D 682 -69.05 61.96 -24.87
C SER D 682 -69.88 63.11 -24.38
N VAL D 683 -71.17 62.80 -24.15
CA VAL D 683 -72.21 63.69 -23.69
C VAL D 683 -71.88 64.21 -22.33
N ASP D 684 -71.07 63.47 -21.56
CA ASP D 684 -70.77 63.81 -20.19
C ASP D 684 -69.72 64.88 -20.19
N LYS D 685 -69.31 65.32 -21.40
CA LYS D 685 -68.46 66.47 -21.57
C LYS D 685 -67.10 66.19 -21.03
N LYS D 686 -66.71 64.89 -20.96
CA LYS D 686 -65.38 64.56 -20.53
C LYS D 686 -64.63 63.94 -21.69
N VAL D 687 -63.31 64.23 -21.75
CA VAL D 687 -62.43 63.69 -22.74
C VAL D 687 -61.62 62.66 -22.01
N LYS D 688 -61.75 61.36 -22.36
CA LYS D 688 -60.99 60.40 -21.61
C LYS D 688 -60.13 59.55 -22.51
N ILE D 689 -58.83 59.47 -22.16
CA ILE D 689 -57.91 58.71 -22.96
C ILE D 689 -57.69 57.42 -22.24
N TRP D 690 -57.96 56.29 -22.90
CA TRP D 690 -57.85 55.03 -22.21
C TRP D 690 -56.69 54.27 -22.79
N ASN D 691 -56.04 53.43 -21.96
CA ASN D 691 -54.98 52.60 -22.45
C ASN D 691 -55.69 51.57 -23.27
N SER D 692 -55.27 51.40 -24.53
CA SER D 692 -55.94 50.45 -25.36
C SER D 692 -55.68 49.06 -24.89
N MET D 693 -54.59 48.86 -24.11
CA MET D 693 -54.29 47.55 -23.61
C MET D 693 -55.26 47.04 -22.57
N THR D 694 -55.39 47.80 -21.46
CA THR D 694 -56.20 47.41 -20.32
C THR D 694 -57.50 48.13 -20.24
N GLY D 695 -57.56 49.34 -20.83
CA GLY D 695 -58.79 50.09 -20.83
C GLY D 695 -58.86 50.94 -19.60
N GLU D 696 -57.70 51.20 -18.94
CA GLU D 696 -57.69 52.03 -17.77
C GLU D 696 -57.53 53.46 -18.18
N LEU D 697 -58.06 54.39 -17.36
CA LEU D 697 -57.99 55.80 -17.63
C LEU D 697 -56.56 56.21 -17.42
N VAL D 698 -55.98 56.86 -18.45
CA VAL D 698 -54.64 57.37 -18.57
C VAL D 698 -54.55 58.86 -18.43
N HIS D 699 -55.31 59.65 -19.23
CA HIS D 699 -55.39 61.10 -19.23
C HIS D 699 -56.84 61.44 -19.22
N THR D 700 -57.23 62.58 -18.60
CA THR D 700 -58.60 63.01 -18.70
C THR D 700 -58.65 64.50 -18.72
N TYR D 701 -59.53 65.07 -19.56
CA TYR D 701 -59.57 66.49 -19.77
C TYR D 701 -61.01 66.93 -19.73
N ASP D 702 -61.30 68.14 -19.20
CA ASP D 702 -62.66 68.62 -19.23
C ASP D 702 -62.69 70.12 -19.04
N GLU D 703 -62.73 70.88 -20.15
CA GLU D 703 -62.95 72.30 -20.10
C GLU D 703 -64.17 72.79 -20.85
N HIS D 704 -64.65 72.01 -21.84
CA HIS D 704 -65.76 72.45 -22.65
C HIS D 704 -67.02 72.59 -21.87
N SER D 705 -67.87 73.56 -22.30
CA SER D 705 -69.08 73.88 -21.60
C SER D 705 -70.18 72.98 -22.10
N GLU D 706 -70.20 72.73 -23.43
CA GLU D 706 -71.18 71.91 -24.06
C GLU D 706 -70.62 70.55 -24.32
N GLN D 707 -71.47 69.66 -24.88
CA GLN D 707 -71.05 68.32 -25.19
C GLN D 707 -70.01 68.40 -26.27
N VAL D 708 -69.01 67.50 -26.23
CA VAL D 708 -67.91 67.58 -27.15
C VAL D 708 -68.27 66.94 -28.45
N ASN D 709 -68.02 67.67 -29.56
CA ASN D 709 -68.30 67.28 -30.92
C ASN D 709 -67.13 66.67 -31.66
N CYS D 710 -65.90 67.19 -31.46
CA CYS D 710 -64.76 66.71 -32.21
C CYS D 710 -63.62 66.44 -31.29
N CYS D 711 -63.04 65.21 -31.39
CA CYS D 711 -61.82 64.87 -30.71
C CYS D 711 -60.94 64.13 -31.66
N HIS D 712 -59.65 64.56 -31.78
CA HIS D 712 -58.74 63.96 -32.70
C HIS D 712 -57.35 64.05 -32.15
N PHE D 713 -56.58 62.94 -32.22
CA PHE D 713 -55.18 62.90 -31.85
C PHE D 713 -54.34 63.52 -32.92
N THR D 714 -53.21 64.14 -32.52
CA THR D 714 -52.15 64.48 -33.44
C THR D 714 -51.82 63.24 -34.22
N ASN D 715 -51.44 63.40 -35.51
CA ASN D 715 -51.12 62.31 -36.38
C ASN D 715 -49.71 61.80 -36.19
N SER D 716 -48.72 62.70 -36.27
CA SER D 716 -47.35 62.32 -36.02
C SER D 716 -47.13 62.13 -34.56
N SER D 717 -46.13 61.29 -34.23
CA SER D 717 -45.82 60.96 -32.86
C SER D 717 -44.87 62.00 -32.33
N HIS D 718 -44.41 62.92 -33.20
CA HIS D 718 -43.48 63.91 -32.77
C HIS D 718 -44.06 64.84 -31.74
N HIS D 719 -45.09 65.64 -32.12
CA HIS D 719 -45.78 66.46 -31.18
C HIS D 719 -46.93 65.69 -30.58
N LEU D 720 -47.18 65.88 -29.27
CA LEU D 720 -48.25 65.14 -28.65
C LEU D 720 -49.33 66.10 -28.23
N LEU D 721 -50.27 66.41 -29.14
CA LEU D 721 -51.33 67.35 -28.82
C LEU D 721 -52.65 66.68 -29.06
N LEU D 722 -53.70 67.14 -28.36
CA LEU D 722 -55.02 66.60 -28.56
C LEU D 722 -55.90 67.77 -28.89
N ALA D 723 -56.65 67.70 -30.01
CA ALA D 723 -57.50 68.79 -30.39
C ALA D 723 -58.91 68.42 -30.06
N THR D 724 -59.66 69.34 -29.40
CA THR D 724 -61.06 69.11 -29.24
C THR D 724 -61.82 70.35 -29.59
N GLY D 725 -63.11 70.18 -29.94
CA GLY D 725 -63.95 71.29 -30.30
C GLY D 725 -65.35 70.87 -29.96
N SER D 726 -66.28 71.83 -29.81
CA SER D 726 -67.59 71.45 -29.35
C SER D 726 -68.61 72.47 -29.77
N SER D 727 -69.83 72.34 -29.22
CA SER D 727 -70.97 73.15 -29.58
C SER D 727 -70.82 74.48 -28.91
N ASP D 728 -69.87 74.59 -27.97
CA ASP D 728 -69.66 75.77 -27.17
C ASP D 728 -68.87 76.77 -27.95
N CYS D 729 -68.51 76.43 -29.20
CA CYS D 729 -67.86 77.24 -30.20
C CYS D 729 -66.43 77.53 -29.86
N PHE D 730 -65.87 76.87 -28.84
CA PHE D 730 -64.46 77.05 -28.57
C PHE D 730 -63.74 75.80 -28.98
N LEU D 731 -62.42 75.96 -29.20
CA LEU D 731 -61.49 74.92 -29.54
C LEU D 731 -60.56 74.82 -28.38
N LYS D 732 -60.10 73.60 -28.04
CA LYS D 732 -59.14 73.51 -26.98
C LYS D 732 -57.99 72.64 -27.41
N LEU D 733 -56.77 73.16 -27.23
CA LEU D 733 -55.59 72.43 -27.63
C LEU D 733 -55.04 71.92 -26.34
N TRP D 734 -54.95 70.58 -26.20
CA TRP D 734 -54.50 70.03 -24.96
C TRP D 734 -53.13 69.51 -25.19
N ASP D 735 -52.27 69.63 -24.16
CA ASP D 735 -50.94 69.10 -24.22
C ASP D 735 -51.09 67.74 -23.62
N LEU D 736 -50.73 66.68 -24.36
CA LEU D 736 -50.89 65.35 -23.86
C LEU D 736 -49.91 65.11 -22.78
N ASN D 737 -48.85 65.92 -22.75
CA ASN D 737 -47.84 65.78 -21.74
C ASN D 737 -48.39 66.32 -20.45
N GLN D 738 -49.44 67.16 -20.49
CA GLN D 738 -49.98 67.75 -19.29
C GLN D 738 -51.40 67.29 -19.03
N LYS D 739 -51.92 67.71 -17.87
CA LYS D 739 -53.28 67.52 -17.45
C LYS D 739 -54.11 68.70 -17.87
N GLU D 740 -53.46 69.76 -18.39
CA GLU D 740 -54.18 70.96 -18.76
C GLU D 740 -54.13 71.29 -20.22
N CYS D 741 -55.01 72.26 -20.58
CA CYS D 741 -55.17 72.76 -21.92
C CYS D 741 -53.99 73.62 -22.22
N ARG D 742 -53.31 73.32 -23.35
CA ARG D 742 -52.22 74.11 -23.86
C ARG D 742 -52.63 75.48 -24.29
N ASN D 743 -53.81 75.61 -24.93
CA ASN D 743 -54.30 76.93 -25.24
C ASN D 743 -55.73 76.82 -25.64
N THR D 744 -56.56 77.78 -25.17
CA THR D 744 -57.93 77.84 -25.58
C THR D 744 -57.97 78.70 -26.81
N MET D 745 -58.63 78.21 -27.88
CA MET D 745 -58.65 78.97 -29.11
C MET D 745 -60.07 79.39 -29.35
N PHE D 746 -60.28 80.70 -29.59
CA PHE D 746 -61.61 81.19 -29.80
C PHE D 746 -61.61 81.85 -31.14
N GLY D 747 -62.80 82.17 -31.69
CA GLY D 747 -62.77 82.76 -33.01
C GLY D 747 -63.81 82.22 -33.96
N HIS D 748 -64.45 81.07 -33.70
CA HIS D 748 -65.54 80.71 -34.58
C HIS D 748 -66.79 81.47 -34.23
N THR D 749 -67.66 81.67 -35.23
CA THR D 749 -68.88 82.42 -35.00
C THR D 749 -70.00 81.48 -34.67
N ASN D 750 -69.89 80.19 -35.03
CA ASN D 750 -70.91 79.25 -34.64
C ASN D 750 -70.28 78.05 -33.99
N SER D 751 -71.07 76.95 -33.84
CA SER D 751 -70.63 75.75 -33.20
C SER D 751 -69.65 75.03 -34.07
N VAL D 752 -68.72 74.28 -33.44
CA VAL D 752 -67.72 73.57 -34.18
C VAL D 752 -68.19 72.16 -34.35
N ASN D 753 -68.15 71.68 -35.61
CA ASN D 753 -68.61 70.39 -36.02
C ASN D 753 -67.53 69.35 -36.21
N HIS D 754 -66.32 69.75 -36.65
CA HIS D 754 -65.34 68.72 -36.88
C HIS D 754 -63.98 69.33 -36.88
N CYS D 755 -62.94 68.52 -36.62
CA CYS D 755 -61.60 69.04 -36.54
C CYS D 755 -60.63 67.95 -36.89
N ARG D 756 -59.54 68.30 -37.60
CA ARG D 756 -58.63 67.25 -37.94
C ARG D 756 -57.23 67.79 -37.95
N PHE D 757 -56.28 66.98 -37.47
CA PHE D 757 -54.89 67.32 -37.60
C PHE D 757 -54.48 66.99 -38.99
N SER D 758 -53.63 67.83 -39.60
CA SER D 758 -53.05 67.52 -40.87
C SER D 758 -51.97 66.50 -40.60
N PRO D 759 -51.46 65.86 -41.61
CA PRO D 759 -50.40 64.91 -41.42
C PRO D 759 -49.25 65.65 -40.85
N ASP D 760 -49.19 66.96 -41.12
CA ASP D 760 -48.12 67.73 -40.57
C ASP D 760 -48.72 68.10 -39.25
N ASP D 761 -48.12 67.58 -38.16
CA ASP D 761 -48.53 67.76 -36.80
C ASP D 761 -48.56 69.19 -36.35
N LYS D 762 -47.95 70.10 -37.11
CA LYS D 762 -47.98 71.51 -36.84
C LYS D 762 -49.26 72.20 -37.27
N LEU D 763 -50.08 71.62 -38.19
CA LEU D 763 -51.26 72.32 -38.61
C LEU D 763 -52.52 71.63 -38.18
N LEU D 764 -53.50 72.42 -37.67
CA LEU D 764 -54.76 71.90 -37.21
C LEU D 764 -55.83 72.60 -37.99
N ALA D 765 -56.70 71.85 -38.69
CA ALA D 765 -57.76 72.46 -39.43
C ALA D 765 -59.02 72.34 -38.66
N SER D 766 -59.85 73.40 -38.65
CA SER D 766 -61.09 73.32 -37.92
C SER D 766 -62.22 73.58 -38.87
N CYS D 767 -63.27 72.73 -38.80
CA CYS D 767 -64.43 72.94 -39.61
C CYS D 767 -65.60 73.24 -38.71
N SER D 768 -66.45 74.21 -39.12
CA SER D 768 -67.57 74.61 -38.30
C SER D 768 -68.75 74.99 -39.15
N ALA D 769 -69.90 75.18 -38.45
CA ALA D 769 -71.24 75.35 -38.93
C ALA D 769 -71.35 76.63 -39.71
N ASP D 770 -70.46 77.59 -39.40
CA ASP D 770 -70.50 78.94 -39.88
C ASP D 770 -69.90 79.03 -41.26
N GLY D 771 -69.46 77.90 -41.83
CA GLY D 771 -69.09 77.91 -43.22
C GLY D 771 -67.70 78.45 -43.37
N THR D 772 -66.92 78.46 -42.28
CA THR D 772 -65.53 78.80 -42.45
C THR D 772 -64.65 77.65 -42.09
N LEU D 773 -63.49 77.60 -42.75
CA LEU D 773 -62.45 76.62 -42.55
C LEU D 773 -61.43 77.43 -41.82
N LYS D 774 -60.85 76.92 -40.71
CA LYS D 774 -59.78 77.72 -40.16
C LYS D 774 -58.53 76.93 -40.06
N LEU D 775 -57.39 77.59 -40.32
CA LEU D 775 -56.12 76.93 -40.21
C LEU D 775 -55.41 77.45 -39.00
N TRP D 776 -55.09 76.55 -38.04
CA TRP D 776 -54.49 76.99 -36.81
C TRP D 776 -53.09 76.49 -36.78
N ASP D 777 -52.16 77.35 -36.28
CA ASP D 777 -50.77 76.97 -36.17
C ASP D 777 -50.60 76.39 -34.80
N ALA D 778 -50.35 75.08 -34.69
CA ALA D 778 -50.24 74.46 -33.39
C ALA D 778 -48.99 74.88 -32.68
N THR D 779 -47.97 75.36 -33.41
CA THR D 779 -46.75 75.72 -32.74
C THR D 779 -46.97 76.90 -31.84
N SER D 780 -47.59 77.98 -32.37
CA SER D 780 -47.96 79.14 -31.60
C SER D 780 -49.37 79.15 -31.06
N ALA D 781 -50.22 78.19 -31.43
CA ALA D 781 -51.59 78.15 -30.99
C ALA D 781 -52.29 79.41 -31.42
N ASN D 782 -51.94 79.97 -32.61
CA ASN D 782 -52.54 81.20 -33.07
C ASN D 782 -53.24 80.93 -34.38
N GLU D 783 -54.31 81.69 -34.66
CA GLU D 783 -55.00 81.55 -35.92
C GLU D 783 -54.11 82.04 -37.02
N ARG D 784 -53.86 81.16 -38.03
CA ARG D 784 -53.03 81.46 -39.15
C ARG D 784 -53.81 82.04 -40.29
N LYS D 785 -54.79 81.29 -40.83
CA LYS D 785 -55.60 81.85 -41.87
C LYS D 785 -57.01 81.38 -41.74
N SER D 786 -57.94 82.12 -42.38
CA SER D 786 -59.34 81.81 -42.28
C SER D 786 -59.86 81.74 -43.68
N ILE D 787 -60.53 80.62 -44.04
CA ILE D 787 -61.11 80.55 -45.36
C ILE D 787 -62.60 80.66 -45.25
N ASN D 788 -63.18 81.75 -45.81
CA ASN D 788 -64.59 81.92 -45.85
C ASN D 788 -65.14 81.21 -47.05
N VAL D 789 -65.92 80.12 -46.82
CA VAL D 789 -66.39 79.32 -47.92
C VAL D 789 -67.64 79.98 -48.45
N LYS D 790 -67.41 80.96 -49.35
CA LYS D 790 -68.30 81.74 -50.18
C LYS D 790 -68.37 81.31 -51.62
N GLN D 791 -67.62 80.27 -51.99
CA GLN D 791 -67.52 79.73 -53.33
C GLN D 791 -68.79 79.14 -53.85
N PHE D 792 -69.72 78.69 -52.99
CA PHE D 792 -70.99 78.31 -53.56
C PHE D 792 -71.82 79.53 -53.76
N PHE D 793 -72.11 79.84 -55.04
CA PHE D 793 -72.84 81.04 -55.35
C PHE D 793 -74.20 80.60 -55.78
N LEU D 794 -75.23 80.95 -54.99
CA LEU D 794 -76.56 80.62 -55.40
C LEU D 794 -77.43 81.78 -55.07
N ASN D 795 -77.99 82.43 -56.11
CA ASN D 795 -78.81 83.58 -55.86
C ASN D 795 -80.22 83.12 -56.02
N LEU D 796 -80.95 83.00 -54.90
CA LEU D 796 -82.31 82.57 -54.97
C LEU D 796 -83.20 83.76 -54.91
N GLU D 797 -84.48 83.55 -55.25
CA GLU D 797 -85.46 84.60 -55.19
C GLU D 797 -85.63 84.99 -53.76
N ASP D 798 -85.38 84.00 -52.86
CA ASP D 798 -85.36 84.24 -51.45
C ASP D 798 -84.66 85.53 -51.18
N PRO D 799 -85.44 86.40 -50.62
CA PRO D 799 -85.03 87.72 -50.25
C PRO D 799 -83.79 87.71 -49.43
N GLN D 800 -83.50 86.61 -48.72
CA GLN D 800 -82.33 86.61 -47.90
C GLN D 800 -81.12 86.61 -48.77
N GLU D 801 -79.95 86.84 -48.14
CA GLU D 801 -78.71 86.92 -48.82
C GLU D 801 -78.45 85.62 -49.51
N ASP D 802 -77.41 85.60 -50.37
CA ASP D 802 -77.06 84.45 -51.15
C ASP D 802 -77.00 83.26 -50.26
N MET D 803 -77.27 82.08 -50.85
CA MET D 803 -77.38 80.90 -50.08
C MET D 803 -76.22 80.75 -49.17
N GLU D 804 -76.53 80.68 -47.86
CA GLU D 804 -75.54 80.57 -46.84
C GLU D 804 -74.95 79.20 -47.00
N VAL D 805 -73.62 79.09 -46.77
CA VAL D 805 -72.96 77.85 -47.04
C VAL D 805 -72.64 77.19 -45.75
N ILE D 806 -73.13 75.94 -45.58
CA ILE D 806 -72.83 75.20 -44.38
C ILE D 806 -71.93 74.06 -44.77
N VAL D 807 -70.68 74.08 -44.27
CA VAL D 807 -69.73 73.07 -44.65
C VAL D 807 -69.97 71.87 -43.77
N LYS D 808 -69.84 70.66 -44.35
CA LYS D 808 -70.07 69.43 -43.64
C LYS D 808 -68.77 68.69 -43.55
N CYS D 809 -68.70 67.51 -44.22
CA CYS D 809 -67.56 66.59 -44.19
C CYS D 809 -66.34 67.40 -44.51
N CYS D 810 -65.24 67.20 -43.74
CA CYS D 810 -64.03 67.91 -44.06
C CYS D 810 -62.89 66.95 -43.98
N SER D 811 -62.37 66.52 -45.14
CA SER D 811 -61.30 65.56 -45.14
C SER D 811 -60.09 66.12 -45.82
N TRP D 812 -58.92 65.57 -45.43
CA TRP D 812 -57.62 66.00 -45.88
C TRP D 812 -57.26 65.31 -47.16
N SER D 813 -56.50 66.02 -48.02
CA SER D 813 -55.98 65.46 -49.25
C SER D 813 -54.86 64.55 -48.86
N ALA D 814 -54.31 63.82 -49.85
CA ALA D 814 -53.18 62.97 -49.60
C ALA D 814 -52.00 63.81 -49.21
N ASP D 815 -51.95 65.04 -49.75
CA ASP D 815 -50.86 65.95 -49.52
C ASP D 815 -50.90 66.46 -48.11
N GLY D 816 -52.06 66.96 -47.64
CA GLY D 816 -52.15 67.43 -46.30
C GLY D 816 -52.20 68.93 -46.36
N ALA D 817 -51.86 69.48 -47.53
CA ALA D 817 -51.94 70.87 -47.85
C ALA D 817 -53.30 71.25 -48.37
N ARG D 818 -54.18 70.27 -48.67
CA ARG D 818 -55.46 70.65 -49.19
C ARG D 818 -56.54 69.95 -48.43
N ILE D 819 -57.74 70.58 -48.38
CA ILE D 819 -58.86 69.97 -47.71
C ILE D 819 -59.98 69.80 -48.69
N MET D 820 -60.54 68.59 -48.81
CA MET D 820 -61.67 68.40 -49.69
C MET D 820 -62.89 68.54 -48.83
N VAL D 821 -63.76 69.53 -49.15
CA VAL D 821 -64.92 69.76 -48.36
C VAL D 821 -66.12 69.66 -49.25
N ALA D 822 -67.32 69.50 -48.65
CA ALA D 822 -68.52 69.57 -49.43
C ALA D 822 -69.51 70.42 -48.70
N ALA D 823 -70.37 71.11 -49.45
CA ALA D 823 -71.36 71.94 -48.82
C ALA D 823 -72.36 72.24 -49.87
N LYS D 824 -73.63 72.48 -49.45
CA LYS D 824 -74.66 72.79 -50.40
C LYS D 824 -74.72 71.71 -51.42
N ASN D 825 -74.64 72.14 -52.68
CA ASN D 825 -74.61 71.38 -53.89
C ASN D 825 -73.23 71.20 -54.44
N LYS D 826 -72.16 71.65 -53.76
CA LYS D 826 -70.90 71.44 -54.43
C LYS D 826 -69.79 70.97 -53.54
N ILE D 827 -68.82 70.29 -54.19
CA ILE D 827 -67.66 69.73 -53.57
C ILE D 827 -66.60 70.75 -53.87
N PHE D 828 -65.85 71.22 -52.85
CA PHE D 828 -64.84 72.19 -53.12
C PHE D 828 -63.50 71.67 -52.68
N LEU D 829 -62.43 72.08 -53.40
CA LEU D 829 -61.11 71.74 -52.96
C LEU D 829 -60.40 73.00 -52.58
N PHE D 830 -60.04 73.14 -51.29
CA PHE D 830 -59.38 74.33 -50.83
C PHE D 830 -57.96 74.02 -50.49
N ASP D 831 -57.08 75.00 -50.77
CA ASP D 831 -55.70 74.91 -50.41
C ASP D 831 -55.59 75.71 -49.15
N ILE D 832 -55.06 75.08 -48.08
CA ILE D 832 -54.98 75.75 -46.81
C ILE D 832 -53.86 76.74 -46.82
N HIS D 833 -52.91 76.63 -47.78
CA HIS D 833 -51.79 77.53 -47.78
C HIS D 833 -52.03 78.81 -48.53
N THR D 834 -52.87 78.76 -49.57
CA THR D 834 -53.18 79.90 -50.39
C THR D 834 -54.54 80.39 -50.05
N SER D 835 -55.35 79.51 -49.44
CA SER D 835 -56.69 79.85 -49.07
C SER D 835 -57.47 80.10 -50.31
N GLY D 836 -57.08 79.45 -51.42
CA GLY D 836 -57.76 79.66 -52.66
C GLY D 836 -58.52 78.42 -53.02
N LEU D 837 -59.24 78.46 -54.16
CA LEU D 837 -60.07 77.37 -54.57
C LEU D 837 -59.41 76.74 -55.75
N LEU D 838 -59.27 75.40 -55.70
CA LEU D 838 -58.64 74.62 -56.73
C LEU D 838 -59.65 73.83 -57.53
N GLY D 839 -60.79 73.44 -56.92
CA GLY D 839 -61.69 72.65 -57.74
C GLY D 839 -63.10 72.80 -57.27
N GLU D 840 -64.06 72.56 -58.19
CA GLU D 840 -65.44 72.83 -57.92
C GLU D 840 -66.26 71.81 -58.65
N ILE D 841 -66.95 70.92 -57.92
CA ILE D 841 -67.66 69.86 -58.57
C ILE D 841 -69.09 70.03 -58.17
N HIS D 842 -70.01 69.96 -59.14
CA HIS D 842 -71.41 70.05 -58.83
C HIS D 842 -71.89 68.65 -58.56
N THR D 843 -72.76 68.49 -57.54
CA THR D 843 -73.25 67.19 -57.20
C THR D 843 -74.67 67.03 -57.62
N GLY D 844 -75.31 65.94 -57.15
CA GLY D 844 -76.62 65.56 -57.56
C GLY D 844 -77.59 66.65 -57.29
N HIS D 845 -78.44 66.93 -58.30
CA HIS D 845 -79.51 67.88 -58.33
C HIS D 845 -79.24 69.00 -57.37
N HIS D 846 -80.31 69.44 -56.69
CA HIS D 846 -80.21 70.57 -55.81
C HIS D 846 -80.87 70.21 -54.52
N SER D 847 -80.05 69.93 -53.49
CA SER D 847 -80.45 69.50 -52.19
C SER D 847 -79.33 69.98 -51.33
N THR D 848 -79.21 69.41 -50.11
CA THR D 848 -78.11 69.79 -49.27
C THR D 848 -77.35 68.56 -48.90
N ILE D 849 -76.03 68.54 -49.19
CA ILE D 849 -75.23 67.39 -48.85
C ILE D 849 -75.14 67.34 -47.36
N GLN D 850 -75.66 66.24 -46.77
CA GLN D 850 -75.57 66.01 -45.35
C GLN D 850 -74.30 65.32 -44.92
N TYR D 851 -73.78 64.33 -45.70
CA TYR D 851 -72.56 63.71 -45.27
C TYR D 851 -71.80 63.26 -46.48
N CYS D 852 -70.45 63.15 -46.39
CA CYS D 852 -69.64 62.86 -47.54
C CYS D 852 -68.24 62.49 -47.13
N ASP D 853 -67.47 61.89 -48.07
CA ASP D 853 -66.07 61.66 -47.83
C ASP D 853 -65.39 61.45 -49.15
N PHE D 854 -64.05 61.60 -49.19
CA PHE D 854 -63.31 61.56 -50.43
C PHE D 854 -62.47 60.32 -50.44
N SER D 855 -62.53 59.56 -51.56
CA SER D 855 -61.79 58.34 -51.72
C SER D 855 -60.39 58.66 -52.19
N PRO D 856 -59.43 57.96 -51.63
CA PRO D 856 -58.04 58.13 -52.02
C PRO D 856 -57.76 57.66 -53.41
N GLN D 857 -58.68 56.90 -54.03
CA GLN D 857 -58.37 56.31 -55.30
C GLN D 857 -59.36 56.79 -56.31
N ASN D 858 -58.86 57.03 -57.54
CA ASN D 858 -59.67 57.29 -58.70
C ASN D 858 -60.40 58.59 -58.50
N HIS D 859 -59.94 59.43 -57.56
CA HIS D 859 -60.52 60.72 -57.34
C HIS D 859 -61.99 60.56 -57.11
N LEU D 860 -62.42 59.44 -56.49
CA LEU D 860 -63.81 59.23 -56.25
C LEU D 860 -64.23 59.94 -55.00
N ALA D 861 -65.53 60.31 -54.95
CA ALA D 861 -66.06 60.92 -53.78
C ALA D 861 -67.36 60.24 -53.48
N VAL D 862 -67.59 59.93 -52.19
CA VAL D 862 -68.82 59.30 -51.83
C VAL D 862 -69.67 60.34 -51.18
N VAL D 863 -70.82 60.65 -51.80
CA VAL D 863 -71.62 61.72 -51.27
C VAL D 863 -72.90 61.15 -50.78
N ALA D 864 -73.13 61.20 -49.45
CA ALA D 864 -74.39 60.75 -48.95
C ALA D 864 -75.21 62.00 -49.00
N LEU D 865 -76.01 62.17 -50.07
CA LEU D 865 -76.68 63.42 -50.23
C LEU D 865 -77.72 63.65 -49.19
N SER D 866 -78.74 62.78 -49.12
CA SER D 866 -79.80 63.01 -48.19
C SER D 866 -80.69 61.83 -48.29
N GLN D 867 -81.36 61.51 -47.17
CA GLN D 867 -82.26 60.39 -47.10
C GLN D 867 -81.72 59.13 -47.73
N TYR D 868 -80.55 58.69 -47.21
CA TYR D 868 -79.79 57.55 -47.63
C TYR D 868 -79.63 57.46 -49.11
N CYS D 869 -79.61 58.59 -49.83
CA CYS D 869 -79.29 58.48 -51.22
C CYS D 869 -77.81 58.70 -51.29
N VAL D 870 -77.05 57.68 -51.73
CA VAL D 870 -75.63 57.85 -51.76
C VAL D 870 -75.18 57.78 -53.19
N GLU D 871 -74.48 58.83 -53.65
CA GLU D 871 -74.07 58.85 -55.02
C GLU D 871 -72.58 58.78 -55.07
N LEU D 872 -72.05 57.92 -55.94
CA LEU D 872 -70.63 57.88 -56.14
C LEU D 872 -70.31 58.73 -57.33
N TRP D 873 -69.37 59.69 -57.14
CA TRP D 873 -68.99 60.61 -58.17
C TRP D 873 -67.52 60.57 -58.37
N ASN D 874 -67.10 60.85 -59.63
CA ASN D 874 -65.71 60.97 -59.95
C ASN D 874 -65.40 62.44 -60.06
N THR D 875 -64.62 62.97 -59.11
CA THR D 875 -64.42 64.39 -59.09
C THR D 875 -63.40 64.64 -60.15
N ASP D 876 -63.24 65.90 -60.57
CA ASP D 876 -62.35 66.25 -61.63
C ASP D 876 -62.99 65.89 -62.93
N SER D 877 -63.39 64.62 -63.10
CA SER D 877 -64.11 64.20 -64.26
C SER D 877 -65.49 64.77 -64.15
N ARG D 878 -65.89 65.02 -62.88
CA ARG D 878 -67.13 65.62 -62.52
C ARG D 878 -68.29 64.84 -63.06
N SER D 879 -68.24 63.50 -62.97
CA SER D 879 -69.28 62.71 -63.58
C SER D 879 -69.79 61.72 -62.58
N LYS D 880 -71.12 61.48 -62.56
CA LYS D 880 -71.68 60.52 -61.65
C LYS D 880 -71.32 59.15 -62.13
N VAL D 881 -70.86 58.28 -61.20
CA VAL D 881 -70.41 56.93 -61.45
C VAL D 881 -71.43 55.88 -61.11
N ALA D 882 -72.07 55.97 -59.93
CA ALA D 882 -72.99 54.92 -59.59
C ALA D 882 -73.89 55.34 -58.47
N ASP D 883 -75.07 54.69 -58.41
CA ASP D 883 -76.00 54.90 -57.34
C ASP D 883 -75.75 53.83 -56.34
N CYS D 884 -75.20 54.20 -55.16
CA CYS D 884 -74.82 53.23 -54.20
C CYS D 884 -76.00 52.93 -53.34
N ARG D 885 -76.55 51.70 -53.47
CA ARG D 885 -77.68 51.33 -52.68
C ARG D 885 -77.16 50.39 -51.63
N GLY D 886 -77.84 50.29 -50.47
CA GLY D 886 -77.32 49.39 -49.48
C GLY D 886 -78.16 49.46 -48.24
N HIS D 887 -78.70 50.64 -47.88
CA HIS D 887 -79.52 50.70 -46.70
C HIS D 887 -80.81 51.41 -47.00
N LEU D 888 -81.89 50.94 -46.35
CA LEU D 888 -83.19 51.54 -46.32
C LEU D 888 -83.24 52.72 -45.39
N SER D 889 -82.57 52.62 -44.23
CA SER D 889 -82.56 53.69 -43.27
C SER D 889 -81.51 54.70 -43.66
N TRP D 890 -81.56 55.89 -43.02
CA TRP D 890 -80.67 57.00 -43.21
C TRP D 890 -79.26 56.64 -42.86
N VAL D 891 -78.31 56.88 -43.80
CA VAL D 891 -76.92 56.48 -43.60
C VAL D 891 -76.31 57.46 -42.63
N HIS D 892 -75.70 56.94 -41.56
CA HIS D 892 -75.07 57.71 -40.53
C HIS D 892 -73.63 58.01 -40.81
N GLY D 893 -72.84 57.03 -41.27
CA GLY D 893 -71.46 57.33 -41.53
C GLY D 893 -70.92 56.42 -42.59
N VAL D 894 -69.81 56.86 -43.24
CA VAL D 894 -69.18 56.04 -44.23
C VAL D 894 -67.70 56.18 -44.05
N MET D 895 -66.94 55.07 -44.06
CA MET D 895 -65.52 55.25 -43.91
C MET D 895 -64.75 54.21 -44.68
N PHE D 896 -63.48 54.53 -44.98
CA PHE D 896 -62.67 53.74 -45.88
C PHE D 896 -61.77 52.85 -45.10
N SER D 897 -61.40 51.73 -45.73
CA SER D 897 -60.58 50.71 -45.14
C SER D 897 -59.23 51.35 -45.06
N PRO D 898 -58.32 50.87 -44.26
CA PRO D 898 -57.07 51.55 -44.12
C PRO D 898 -56.22 51.46 -45.36
N ASP D 899 -56.57 50.55 -46.28
CA ASP D 899 -55.87 50.43 -47.54
C ASP D 899 -56.49 51.36 -48.53
N GLY D 900 -57.81 51.64 -48.40
CA GLY D 900 -58.46 52.52 -49.30
C GLY D 900 -58.94 51.70 -50.46
N SER D 901 -58.81 50.37 -50.32
CA SER D 901 -59.20 49.43 -51.33
C SER D 901 -60.65 49.10 -51.18
N SER D 902 -61.21 49.39 -49.99
CA SER D 902 -62.60 49.10 -49.79
C SER D 902 -63.14 50.11 -48.82
N PHE D 903 -64.47 50.10 -48.57
CA PHE D 903 -65.04 50.96 -47.57
C PHE D 903 -66.34 50.36 -47.09
N LEU D 904 -66.89 50.90 -45.98
CA LEU D 904 -68.09 50.35 -45.41
C LEU D 904 -69.03 51.48 -45.10
N THR D 905 -70.35 51.18 -45.12
CA THR D 905 -71.35 52.16 -44.82
C THR D 905 -72.06 51.73 -43.57
N SER D 906 -72.57 52.69 -42.75
CA SER D 906 -73.25 52.31 -41.54
C SER D 906 -74.50 53.15 -41.42
N SER D 907 -75.69 52.53 -41.29
CA SER D 907 -76.83 53.38 -41.09
C SER D 907 -77.53 53.19 -39.77
N ASP D 908 -78.70 53.84 -39.67
CA ASP D 908 -79.62 53.87 -38.57
C ASP D 908 -80.17 52.50 -38.34
N ASP D 909 -79.99 51.59 -39.31
CA ASP D 909 -80.41 50.22 -39.20
C ASP D 909 -79.33 49.45 -38.49
N GLN D 910 -78.29 50.18 -38.03
CA GLN D 910 -77.22 49.72 -37.19
C GLN D 910 -76.52 48.58 -37.86
N THR D 911 -76.54 48.61 -39.20
CA THR D 911 -75.91 47.57 -39.96
C THR D 911 -74.76 48.19 -40.67
N ILE D 912 -73.58 47.56 -40.55
CA ILE D 912 -72.38 48.00 -41.20
C ILE D 912 -72.28 47.09 -42.39
N ARG D 913 -72.18 47.64 -43.61
CA ARG D 913 -72.00 46.75 -44.73
C ARG D 913 -70.71 47.07 -45.41
N LEU D 914 -69.86 46.03 -45.64
CA LEU D 914 -68.59 46.22 -46.26
C LEU D 914 -68.77 46.13 -47.74
N TRP D 915 -68.23 47.13 -48.47
CA TRP D 915 -68.40 47.18 -49.90
C TRP D 915 -67.04 47.28 -50.51
N GLU D 916 -66.85 46.68 -51.70
CA GLU D 916 -65.62 46.79 -52.44
C GLU D 916 -65.82 47.97 -53.33
N THR D 917 -64.89 48.95 -53.27
CA THR D 917 -65.05 50.12 -54.08
C THR D 917 -65.23 49.76 -55.53
N LYS D 918 -64.50 48.75 -56.04
CA LYS D 918 -64.52 48.44 -57.44
C LYS D 918 -65.89 47.99 -57.82
N LYS D 919 -66.60 47.35 -56.88
CA LYS D 919 -67.91 46.81 -57.13
C LYS D 919 -68.92 47.91 -57.04
N VAL D 920 -68.72 48.88 -56.13
CA VAL D 920 -69.63 49.98 -55.97
C VAL D 920 -69.69 50.86 -57.19
N CYS D 921 -68.56 51.03 -57.87
CA CYS D 921 -68.45 51.77 -59.11
C CYS D 921 -69.27 51.15 -60.21
N LYS D 922 -69.67 49.87 -60.06
CA LYS D 922 -70.41 49.25 -61.12
C LYS D 922 -71.88 49.46 -60.89
N ASN D 923 -72.65 49.49 -62.00
CA ASN D 923 -74.08 49.66 -61.98
C ASN D 923 -74.71 48.32 -61.78
N SER D 924 -75.94 48.31 -61.23
CA SER D 924 -76.57 47.04 -61.00
C SER D 924 -78.06 47.18 -60.85
N ALA D 925 -78.76 46.24 -61.52
CA ALA D 925 -80.16 45.93 -61.56
C ALA D 925 -80.52 44.78 -60.65
N VAL D 926 -79.55 44.29 -59.87
CA VAL D 926 -79.79 43.13 -59.05
C VAL D 926 -80.87 43.42 -58.04
N MET D 927 -80.79 44.53 -57.29
CA MET D 927 -81.77 44.74 -56.26
C MET D 927 -82.80 45.72 -56.74
N LEU D 928 -84.00 45.66 -56.13
CA LEU D 928 -85.07 46.53 -56.54
C LEU D 928 -85.23 47.55 -55.46
N LYS D 929 -86.01 48.62 -55.78
CA LYS D 929 -86.35 49.62 -54.82
C LYS D 929 -87.46 49.03 -53.99
N GLN D 930 -87.62 49.54 -52.76
CA GLN D 930 -88.58 49.05 -51.82
C GLN D 930 -89.98 49.24 -52.31
N GLU D 931 -90.21 50.18 -53.25
CA GLU D 931 -91.57 50.40 -53.70
C GLU D 931 -91.92 49.37 -54.73
N VAL D 932 -92.51 48.24 -54.29
CA VAL D 932 -92.95 47.22 -55.20
C VAL D 932 -94.32 46.77 -54.80
N ASP D 933 -95.01 46.02 -55.71
CA ASP D 933 -96.31 45.48 -55.42
C ASP D 933 -96.48 44.25 -56.27
N VAL D 934 -97.52 43.43 -56.00
CA VAL D 934 -97.67 42.17 -56.68
C VAL D 934 -99.08 41.96 -57.13
N VAL D 935 -99.24 41.49 -58.39
CA VAL D 935 -100.56 41.20 -58.92
C VAL D 935 -100.55 39.77 -59.39
N PHE D 936 -101.46 38.93 -58.84
CA PHE D 936 -101.54 37.57 -59.31
C PHE D 936 -102.64 37.48 -60.32
N GLN D 937 -102.29 37.17 -61.58
CA GLN D 937 -103.30 36.96 -62.59
C GLN D 937 -103.54 35.50 -62.78
N GLU D 938 -104.18 34.82 -61.82
CA GLU D 938 -104.49 33.43 -61.99
C GLU D 938 -103.25 32.60 -62.14
N ASN D 939 -102.97 32.17 -63.39
CA ASN D 939 -101.88 31.27 -63.67
C ASN D 939 -100.60 32.02 -63.63
N GLU D 940 -100.61 33.36 -63.80
CA GLU D 940 -99.35 34.05 -63.83
C GLU D 940 -99.27 35.08 -62.74
N VAL D 941 -98.03 35.52 -62.43
CA VAL D 941 -97.80 36.52 -61.42
C VAL D 941 -96.98 37.64 -62.03
N MET D 942 -97.35 38.90 -61.74
CA MET D 942 -96.58 40.02 -62.21
C MET D 942 -96.09 40.83 -61.03
N VAL D 943 -94.84 41.34 -61.13
CA VAL D 943 -94.31 42.16 -60.07
C VAL D 943 -94.16 43.57 -60.57
N LEU D 944 -94.76 44.54 -59.85
CA LEU D 944 -94.74 45.93 -60.26
C LEU D 944 -93.57 46.48 -59.51
N ALA D 945 -92.58 47.08 -60.20
CA ALA D 945 -91.50 47.62 -59.42
C ALA D 945 -90.99 48.90 -59.99
N VAL D 946 -90.72 49.87 -59.10
CA VAL D 946 -90.28 51.19 -59.50
C VAL D 946 -88.93 50.99 -60.13
N ASP D 947 -88.72 51.65 -61.28
CA ASP D 947 -87.52 51.55 -62.07
C ASP D 947 -86.43 52.26 -61.37
N HIS D 948 -85.19 51.88 -61.71
CA HIS D 948 -84.04 52.48 -61.14
C HIS D 948 -84.10 53.95 -61.36
N ILE D 949 -84.54 54.41 -62.56
CA ILE D 949 -84.49 55.84 -62.74
C ILE D 949 -85.81 56.58 -62.84
N ARG D 950 -86.50 56.44 -64.01
CA ARG D 950 -87.66 57.23 -64.33
C ARG D 950 -89.02 56.80 -63.88
N ARG D 951 -89.58 55.75 -64.54
CA ARG D 951 -90.86 55.33 -64.04
C ARG D 951 -90.80 53.95 -63.50
N LEU D 952 -91.39 52.91 -64.15
CA LEU D 952 -91.45 51.63 -63.48
C LEU D 952 -91.46 50.51 -64.48
N GLN D 953 -91.15 49.28 -64.00
CA GLN D 953 -91.21 48.11 -64.83
C GLN D 953 -92.23 47.16 -64.30
N LEU D 954 -93.16 46.72 -65.16
CA LEU D 954 -94.07 45.68 -64.80
C LEU D 954 -93.42 44.43 -65.35
N ILE D 955 -92.92 43.56 -64.45
CA ILE D 955 -92.18 42.40 -64.85
C ILE D 955 -93.01 41.18 -64.67
N ASN D 956 -93.33 40.50 -65.79
CA ASN D 956 -94.09 39.28 -65.70
C ASN D 956 -93.16 38.25 -65.19
N GLY D 957 -93.48 37.60 -64.05
CA GLY D 957 -92.52 36.70 -63.48
C GLY D 957 -92.61 35.43 -64.25
N ARG D 958 -91.63 34.53 -64.04
CA ARG D 958 -91.63 33.23 -64.67
C ARG D 958 -91.46 33.38 -66.15
N THR D 959 -90.92 34.53 -66.60
CA THR D 959 -90.60 34.83 -67.97
C THR D 959 -89.77 36.07 -67.93
N GLY D 960 -89.20 36.53 -69.06
CA GLY D 960 -88.38 37.70 -68.97
C GLY D 960 -89.28 38.92 -68.95
N GLN D 961 -90.31 38.91 -69.82
CA GLN D 961 -91.22 39.98 -70.17
C GLN D 961 -91.16 41.13 -69.20
N ILE D 962 -90.19 42.05 -69.45
CA ILE D 962 -90.14 43.27 -68.71
C ILE D 962 -90.84 44.30 -69.54
N ASP D 963 -91.99 44.79 -69.03
CA ASP D 963 -92.73 45.82 -69.71
C ASP D 963 -92.57 47.10 -68.95
N TYR D 964 -91.68 47.97 -69.46
CA TYR D 964 -91.44 49.28 -68.92
C TYR D 964 -92.50 50.23 -69.37
N LEU D 965 -93.03 51.03 -68.43
CA LEU D 965 -94.02 52.01 -68.73
C LEU D 965 -93.31 53.30 -68.53
N THR D 966 -93.71 54.37 -69.23
CA THR D 966 -92.98 55.62 -69.14
C THR D 966 -93.89 56.72 -68.73
N GLU D 967 -93.35 57.69 -67.95
CA GLU D 967 -94.21 58.73 -67.43
C GLU D 967 -93.37 59.74 -66.70
N ALA D 968 -94.07 60.80 -66.27
CA ALA D 968 -93.72 61.96 -65.49
C ALA D 968 -93.44 61.55 -64.08
N GLN D 969 -93.41 60.23 -63.83
CA GLN D 969 -92.92 59.68 -62.60
C GLN D 969 -94.13 59.65 -61.74
N VAL D 970 -94.81 58.49 -61.76
CA VAL D 970 -96.00 58.25 -61.01
C VAL D 970 -95.64 57.86 -59.61
N SER D 971 -96.59 58.05 -58.69
CA SER D 971 -96.41 57.72 -57.31
C SER D 971 -97.04 56.40 -56.93
N CYS D 972 -98.14 55.99 -57.59
CA CYS D 972 -98.72 54.71 -57.25
C CYS D 972 -99.67 54.29 -58.33
N CYS D 973 -99.95 52.98 -58.47
CA CYS D 973 -100.83 52.58 -59.54
C CYS D 973 -101.96 51.76 -59.02
N CYS D 974 -103.05 51.67 -59.82
CA CYS D 974 -104.19 50.87 -59.45
C CYS D 974 -104.83 50.31 -60.69
N LEU D 975 -105.21 49.01 -60.66
CA LEU D 975 -105.84 48.36 -61.78
C LEU D 975 -107.32 48.31 -61.57
N SER D 976 -108.09 48.54 -62.65
CA SER D 976 -109.52 48.57 -62.51
C SER D 976 -109.98 47.17 -62.63
N PRO D 977 -111.16 46.90 -62.11
CA PRO D 977 -111.80 45.63 -62.28
C PRO D 977 -111.93 45.37 -63.75
N HIS D 978 -111.70 44.11 -64.16
CA HIS D 978 -111.75 43.70 -65.54
C HIS D 978 -110.66 44.37 -66.30
N LEU D 979 -109.67 44.95 -65.59
CA LEU D 979 -108.61 45.73 -66.18
C LEU D 979 -109.18 46.65 -67.19
N GLN D 980 -108.54 46.71 -68.37
CA GLN D 980 -108.81 47.56 -69.50
C GLN D 980 -108.50 48.97 -69.15
N TYR D 981 -108.09 49.23 -67.89
CA TYR D 981 -107.78 50.59 -67.53
C TYR D 981 -106.70 50.55 -66.50
N ILE D 982 -105.74 51.50 -66.56
CA ILE D 982 -104.68 51.59 -65.60
C ILE D 982 -104.78 52.97 -65.01
N ALA D 983 -104.71 53.09 -63.66
CA ALA D 983 -104.84 54.40 -63.07
C ALA D 983 -103.59 54.70 -62.31
N PHE D 984 -103.16 55.98 -62.28
CA PHE D 984 -102.02 56.26 -61.45
C PHE D 984 -102.08 57.62 -60.82
N GLY D 985 -101.52 57.70 -59.60
CA GLY D 985 -101.59 58.87 -58.76
C GLY D 985 -100.29 59.60 -58.91
N ASP D 986 -100.21 60.80 -58.30
CA ASP D 986 -99.03 61.62 -58.44
C ASP D 986 -98.95 62.52 -57.24
N GLU D 987 -97.83 63.25 -57.11
CA GLU D 987 -97.63 64.06 -55.94
C GLU D 987 -98.62 65.19 -55.96
N ASN D 988 -99.09 65.56 -57.17
CA ASN D 988 -100.03 66.62 -57.40
C ASN D 988 -101.36 66.30 -56.79
N GLY D 989 -101.66 65.00 -56.58
CA GLY D 989 -102.93 64.64 -56.00
C GLY D 989 -103.87 64.18 -57.07
N ALA D 990 -103.77 64.76 -58.29
CA ALA D 990 -104.64 64.36 -59.36
C ALA D 990 -104.30 62.97 -59.82
N ILE D 991 -105.31 62.22 -60.31
CA ILE D 991 -105.12 60.88 -60.76
C ILE D 991 -105.39 60.85 -62.24
N GLU D 992 -104.57 60.08 -63.00
CA GLU D 992 -104.90 59.94 -64.39
C GLU D 992 -105.18 58.51 -64.72
N ILE D 993 -106.22 58.27 -65.53
CA ILE D 993 -106.59 56.94 -65.89
C ILE D 993 -106.37 56.83 -67.36
N LEU D 994 -105.56 55.83 -67.77
CA LEU D 994 -105.26 55.64 -69.17
C LEU D 994 -106.02 54.44 -69.61
N GLU D 995 -106.78 54.54 -70.72
CA GLU D 995 -107.45 53.39 -71.26
C GLU D 995 -106.41 52.50 -71.88
N LEU D 996 -106.49 51.18 -71.60
CA LEU D 996 -105.56 50.21 -72.11
C LEU D 996 -105.94 49.68 -73.46
N VAL D 997 -107.23 49.78 -73.86
CA VAL D 997 -107.65 49.33 -75.16
C VAL D 997 -107.12 50.30 -76.17
N ASN D 998 -107.23 51.61 -75.85
CA ASN D 998 -106.75 52.60 -76.77
C ASN D 998 -105.95 53.51 -75.91
N ASN D 999 -104.61 53.41 -75.99
CA ASN D 999 -103.68 54.17 -75.22
C ASN D 999 -103.62 55.62 -75.58
N ARG D 1000 -104.41 56.10 -76.54
CA ARG D 1000 -104.50 57.52 -76.68
C ARG D 1000 -105.57 58.23 -75.86
N ILE D 1001 -106.52 57.46 -75.27
CA ILE D 1001 -107.61 57.99 -74.49
C ILE D 1001 -107.31 57.92 -73.03
N PHE D 1002 -107.39 59.08 -72.32
CA PHE D 1002 -107.12 59.11 -70.91
C PHE D 1002 -107.96 60.19 -70.29
N GLN D 1003 -108.21 60.09 -68.96
CA GLN D 1003 -109.01 61.07 -68.27
C GLN D 1003 -108.29 61.47 -67.02
N SER D 1004 -108.48 62.73 -66.57
CA SER D 1004 -107.87 63.12 -65.33
C SER D 1004 -108.59 64.31 -64.78
N ARG D 1005 -109.11 64.22 -63.53
CA ARG D 1005 -109.70 65.43 -63.04
C ARG D 1005 -109.04 65.87 -61.79
N PHE D 1006 -108.48 67.10 -61.86
CA PHE D 1006 -107.71 67.70 -60.81
C PHE D 1006 -108.46 67.82 -59.53
N GLN D 1007 -107.83 67.32 -58.44
CA GLN D 1007 -108.32 67.29 -57.09
C GLN D 1007 -107.24 66.87 -56.14
N HIS D 1008 -107.36 67.34 -54.86
CA HIS D 1008 -106.46 67.06 -53.77
C HIS D 1008 -105.27 67.97 -53.72
N LYS D 1009 -104.93 68.46 -52.50
CA LYS D 1009 -103.78 69.30 -52.32
C LYS D 1009 -102.50 68.54 -52.06
N LYS D 1010 -102.53 67.57 -51.13
CA LYS D 1010 -101.35 66.80 -50.79
C LYS D 1010 -101.28 65.61 -51.69
N THR D 1011 -100.19 64.81 -51.57
CA THR D 1011 -100.07 63.63 -52.37
C THR D 1011 -101.26 62.76 -52.11
N VAL D 1012 -101.87 62.22 -53.19
CA VAL D 1012 -102.98 61.32 -53.06
C VAL D 1012 -102.57 60.10 -52.31
N TRP D 1013 -103.51 59.52 -51.54
CA TRP D 1013 -103.26 58.43 -50.65
C TRP D 1013 -103.93 57.21 -51.24
N HIS D 1014 -105.06 56.78 -50.66
CA HIS D 1014 -105.67 55.53 -51.03
C HIS D 1014 -106.38 55.72 -52.35
N ILE D 1015 -106.24 54.75 -53.29
CA ILE D 1015 -106.92 54.82 -54.58
C ILE D 1015 -107.62 53.51 -54.86
N GLN D 1016 -108.93 53.57 -55.20
CA GLN D 1016 -109.60 52.31 -55.46
C GLN D 1016 -110.87 52.51 -56.24
N PHE D 1017 -111.07 51.64 -57.27
CA PHE D 1017 -112.21 51.67 -58.15
C PHE D 1017 -113.39 51.13 -57.42
N THR D 1018 -114.60 51.44 -57.92
CA THR D 1018 -115.81 50.89 -57.36
C THR D 1018 -115.81 49.46 -57.80
N ALA D 1019 -116.89 48.71 -57.48
CA ALA D 1019 -116.95 47.32 -57.85
C ALA D 1019 -116.93 47.29 -59.33
N ASP D 1020 -117.60 48.28 -59.95
CA ASP D 1020 -117.65 48.36 -61.38
C ASP D 1020 -116.34 48.91 -61.85
N GLU D 1021 -116.03 48.65 -63.13
CA GLU D 1021 -114.85 49.06 -63.84
C GLU D 1021 -114.82 50.54 -64.02
N LYS D 1022 -115.93 51.24 -63.77
CA LYS D 1022 -115.91 52.67 -63.88
C LYS D 1022 -116.08 53.33 -62.54
N THR D 1023 -115.73 54.64 -62.49
CA THR D 1023 -115.78 55.43 -61.29
C THR D 1023 -114.64 55.07 -60.38
N LEU D 1024 -113.83 56.08 -59.99
CA LEU D 1024 -112.67 55.88 -59.15
C LEU D 1024 -112.80 56.65 -57.88
N ILE D 1025 -112.57 56.00 -56.73
CA ILE D 1025 -112.71 56.68 -55.48
C ILE D 1025 -111.32 56.90 -54.97
N SER D 1026 -111.05 58.10 -54.41
CA SER D 1026 -109.71 58.36 -53.96
C SER D 1026 -109.77 59.20 -52.72
N SER D 1027 -108.68 59.19 -51.93
CA SER D 1027 -108.64 60.00 -50.74
C SER D 1027 -107.26 60.54 -50.61
N SER D 1028 -107.10 61.53 -49.72
CA SER D 1028 -105.82 62.11 -49.46
C SER D 1028 -105.85 62.62 -48.06
N ASP D 1029 -104.91 63.51 -47.75
CA ASP D 1029 -104.68 64.19 -46.51
C ASP D 1029 -105.81 65.08 -46.09
N ASP D 1030 -106.75 65.45 -47.00
CA ASP D 1030 -107.83 66.32 -46.61
C ASP D 1030 -108.97 65.52 -46.00
N ALA D 1031 -110.05 66.25 -45.65
CA ALA D 1031 -111.29 65.87 -45.03
C ALA D 1031 -112.35 65.27 -45.94
N GLU D 1032 -112.09 65.08 -47.25
CA GLU D 1032 -113.15 64.55 -48.08
C GLU D 1032 -112.69 63.43 -48.97
N ILE D 1033 -113.60 62.47 -49.28
CA ILE D 1033 -113.29 61.38 -50.16
C ILE D 1033 -113.84 61.68 -51.51
N GLN D 1034 -112.98 61.67 -52.55
CA GLN D 1034 -113.38 62.02 -53.89
C GLN D 1034 -113.96 60.84 -54.61
N VAL D 1035 -115.20 61.00 -55.13
CA VAL D 1035 -115.74 60.04 -56.05
C VAL D 1035 -115.61 60.66 -57.41
N TRP D 1036 -114.64 60.16 -58.20
CA TRP D 1036 -114.37 60.71 -59.49
C TRP D 1036 -114.93 59.85 -60.56
N ASN D 1037 -116.03 60.32 -61.18
CA ASN D 1037 -116.63 59.59 -62.25
C ASN D 1037 -115.91 60.03 -63.48
N TRP D 1038 -114.81 59.33 -63.78
CA TRP D 1038 -114.01 59.62 -64.93
C TRP D 1038 -114.80 59.30 -66.15
N GLN D 1039 -114.35 59.87 -67.28
CA GLN D 1039 -115.01 59.88 -68.55
C GLN D 1039 -115.98 61.03 -68.58
N LEU D 1040 -116.60 61.35 -67.44
CA LEU D 1040 -117.50 62.47 -67.29
C LEU D 1040 -116.88 63.52 -66.42
N ASP D 1041 -115.85 63.12 -65.65
CA ASP D 1041 -115.13 63.93 -64.70
C ASP D 1041 -116.07 64.56 -63.70
N LYS D 1042 -117.09 63.82 -63.22
CA LYS D 1042 -117.99 64.36 -62.22
C LYS D 1042 -117.40 64.13 -60.86
N CYS D 1043 -117.47 65.16 -59.98
CA CYS D 1043 -116.88 65.03 -58.68
C CYS D 1043 -117.94 65.06 -57.63
N ILE D 1044 -118.09 63.93 -56.91
CA ILE D 1044 -119.03 63.83 -55.83
C ILE D 1044 -118.19 63.65 -54.60
N PHE D 1045 -118.42 64.46 -53.56
CA PHE D 1045 -117.50 64.40 -52.45
C PHE D 1045 -118.21 63.85 -51.26
N LEU D 1046 -117.51 62.99 -50.50
CA LEU D 1046 -118.01 62.53 -49.25
C LEU D 1046 -117.54 63.48 -48.19
N ARG D 1047 -118.45 64.37 -47.72
CA ARG D 1047 -117.98 65.41 -46.85
C ARG D 1047 -118.00 64.88 -45.47
N GLY D 1048 -116.93 64.16 -45.11
CA GLY D 1048 -116.76 63.56 -43.82
C GLY D 1048 -116.46 64.64 -42.83
N HIS D 1049 -115.62 65.60 -43.25
CA HIS D 1049 -115.30 66.74 -42.44
C HIS D 1049 -114.62 66.23 -41.21
N GLN D 1050 -113.66 65.32 -41.42
CA GLN D 1050 -112.88 64.69 -40.39
C GLN D 1050 -111.55 65.37 -40.48
N GLU D 1051 -110.66 65.15 -39.50
CA GLU D 1051 -109.40 65.83 -39.59
C GLU D 1051 -108.74 65.51 -40.91
N THR D 1052 -108.71 64.20 -41.24
CA THR D 1052 -108.14 63.73 -42.49
C THR D 1052 -108.67 62.36 -42.71
N VAL D 1053 -108.92 62.01 -43.98
CA VAL D 1053 -109.32 60.67 -44.29
C VAL D 1053 -108.10 59.82 -44.18
N LYS D 1054 -108.14 58.82 -43.28
CA LYS D 1054 -106.95 58.05 -43.04
C LYS D 1054 -106.88 57.05 -44.15
N ASP D 1055 -107.99 56.32 -44.40
CA ASP D 1055 -107.97 55.29 -45.40
C ASP D 1055 -109.39 54.86 -45.65
N PHE D 1056 -109.64 54.06 -46.70
CA PHE D 1056 -110.94 53.51 -46.91
C PHE D 1056 -110.81 52.23 -47.67
N ARG D 1057 -111.92 51.48 -47.77
CA ARG D 1057 -111.92 50.25 -48.52
C ARG D 1057 -113.32 49.96 -48.95
N LEU D 1058 -113.48 49.38 -50.16
CA LEU D 1058 -114.80 49.09 -50.64
C LEU D 1058 -115.33 47.91 -49.91
N LEU D 1059 -116.58 48.00 -49.44
CA LEU D 1059 -117.22 46.87 -48.81
C LEU D 1059 -117.88 46.03 -49.87
N LYS D 1060 -118.30 44.78 -49.51
CA LYS D 1060 -118.96 43.96 -50.49
C LYS D 1060 -120.18 44.57 -51.10
N ASN D 1061 -121.03 45.24 -50.31
CA ASN D 1061 -122.23 45.77 -50.92
C ASN D 1061 -121.77 47.05 -51.50
N SER D 1062 -122.65 47.96 -51.85
CA SER D 1062 -122.19 49.21 -52.40
C SER D 1062 -121.78 50.17 -51.29
N ARG D 1063 -121.63 49.70 -50.03
CA ARG D 1063 -121.24 50.49 -48.90
C ARG D 1063 -119.75 50.76 -48.96
N LEU D 1064 -119.28 51.83 -48.27
CA LEU D 1064 -117.88 52.20 -48.34
C LEU D 1064 -117.33 52.48 -46.97
N LEU D 1065 -116.30 51.71 -46.55
CA LEU D 1065 -115.77 51.76 -45.21
C LEU D 1065 -114.61 52.72 -45.16
N SER D 1066 -114.69 53.74 -44.27
CA SER D 1066 -113.59 54.67 -44.18
C SER D 1066 -113.37 55.08 -42.75
N TRP D 1067 -112.13 55.53 -42.44
CA TRP D 1067 -111.76 55.91 -41.12
C TRP D 1067 -110.68 56.96 -41.18
N SER D 1068 -110.51 57.67 -40.05
CA SER D 1068 -109.74 58.88 -39.91
C SER D 1068 -108.88 58.68 -38.71
N PHE D 1069 -108.18 59.71 -38.23
CA PHE D 1069 -107.43 59.44 -37.04
C PHE D 1069 -108.21 59.83 -35.82
N ASP D 1070 -109.44 60.30 -36.07
CA ASP D 1070 -110.35 60.90 -35.13
C ASP D 1070 -110.94 59.85 -34.25
N GLY D 1071 -110.74 58.56 -34.58
CA GLY D 1071 -111.21 57.50 -33.76
C GLY D 1071 -112.55 57.12 -34.32
N THR D 1072 -112.84 57.60 -35.55
CA THR D 1072 -114.10 57.36 -36.17
C THR D 1072 -113.96 56.47 -37.36
N VAL D 1073 -115.05 55.73 -37.65
CA VAL D 1073 -115.14 54.82 -38.77
C VAL D 1073 -116.50 55.08 -39.36
N LYS D 1074 -116.56 55.61 -40.58
CA LYS D 1074 -117.86 55.89 -41.16
C LYS D 1074 -118.14 54.95 -42.29
N VAL D 1075 -119.45 54.74 -42.59
CA VAL D 1075 -119.84 53.87 -43.67
C VAL D 1075 -120.67 54.67 -44.65
N TRP D 1076 -120.12 54.91 -45.85
CA TRP D 1076 -120.77 55.71 -46.86
C TRP D 1076 -121.32 54.83 -47.93
N ASN D 1077 -121.97 55.46 -48.94
CA ASN D 1077 -122.39 54.81 -50.14
C ASN D 1077 -121.43 55.25 -51.20
N ILE D 1078 -121.15 54.38 -52.18
CA ILE D 1078 -120.26 54.73 -53.26
C ILE D 1078 -121.10 55.45 -54.26
N ILE D 1079 -120.45 56.18 -55.20
CA ILE D 1079 -121.13 56.89 -56.25
C ILE D 1079 -121.62 58.11 -55.58
N THR D 1080 -122.66 57.92 -54.76
CA THR D 1080 -123.27 59.04 -54.11
C THR D 1080 -122.93 58.91 -52.66
N GLY D 1081 -122.22 59.92 -52.09
CA GLY D 1081 -121.81 59.86 -50.72
C GLY D 1081 -123.04 59.89 -49.86
N ASN D 1082 -123.11 58.98 -48.87
CA ASN D 1082 -124.20 58.96 -47.96
C ASN D 1082 -123.77 58.16 -46.79
N LYS D 1083 -123.45 58.85 -45.68
CA LYS D 1083 -122.94 58.12 -44.56
C LYS D 1083 -124.08 57.48 -43.84
N GLU D 1084 -124.26 56.17 -44.10
CA GLU D 1084 -125.36 55.45 -43.54
C GLU D 1084 -125.06 55.15 -42.09
N LYS D 1085 -123.84 54.64 -41.80
CA LYS D 1085 -123.52 54.28 -40.45
C LYS D 1085 -122.34 55.07 -39.99
N ASP D 1086 -122.21 55.25 -38.65
CA ASP D 1086 -121.22 56.14 -38.11
C ASP D 1086 -120.74 55.57 -36.79
N PHE D 1087 -119.53 54.97 -36.77
CA PHE D 1087 -119.04 54.37 -35.55
C PHE D 1087 -117.98 55.27 -34.97
N VAL D 1088 -117.95 55.39 -33.62
CA VAL D 1088 -116.92 56.12 -32.94
C VAL D 1088 -116.31 55.16 -31.95
N CYS D 1089 -115.28 54.43 -32.40
CA CYS D 1089 -114.65 53.31 -31.75
C CYS D 1089 -113.46 53.68 -30.91
N HIS D 1090 -112.63 54.66 -31.33
CA HIS D 1090 -111.43 54.93 -30.59
C HIS D 1090 -111.43 56.34 -30.09
N GLN D 1091 -110.44 56.64 -29.23
CA GLN D 1091 -110.11 57.92 -28.67
C GLN D 1091 -108.98 58.56 -29.42
N GLY D 1092 -108.47 57.89 -30.47
CA GLY D 1092 -107.33 58.43 -31.18
C GLY D 1092 -107.18 57.71 -32.48
N THR D 1093 -105.94 57.74 -33.04
CA THR D 1093 -105.51 57.22 -34.31
C THR D 1093 -106.16 55.91 -34.62
N VAL D 1094 -106.64 55.77 -35.87
CA VAL D 1094 -107.20 54.53 -36.31
C VAL D 1094 -106.25 53.99 -37.33
N LEU D 1095 -105.72 52.78 -37.06
CA LEU D 1095 -104.78 52.17 -37.96
C LEU D 1095 -105.46 50.99 -38.58
N SER D 1096 -106.11 51.20 -39.74
CA SER D 1096 -106.70 50.10 -40.47
C SER D 1096 -107.97 49.62 -39.82
N CYS D 1097 -108.73 48.80 -40.57
CA CYS D 1097 -109.98 48.22 -40.15
C CYS D 1097 -110.21 47.06 -41.06
N ASP D 1098 -110.86 45.99 -40.56
CA ASP D 1098 -111.03 44.81 -41.37
C ASP D 1098 -112.44 44.33 -41.32
N ILE D 1099 -112.79 43.45 -42.28
CA ILE D 1099 -114.11 42.92 -42.45
C ILE D 1099 -114.05 41.42 -42.33
N SER D 1100 -115.22 40.82 -42.05
CA SER D 1100 -115.40 39.40 -41.86
C SER D 1100 -115.31 38.71 -43.16
N HIS D 1101 -115.21 39.45 -44.29
CA HIS D 1101 -114.97 38.81 -45.55
C HIS D 1101 -116.25 38.22 -46.03
N ASP D 1102 -116.68 37.14 -45.36
CA ASP D 1102 -117.89 36.47 -45.70
C ASP D 1102 -118.94 37.52 -45.61
N ALA D 1103 -119.60 37.80 -46.75
CA ALA D 1103 -120.64 38.78 -46.65
C ALA D 1103 -119.94 39.98 -46.12
N THR D 1104 -120.40 40.48 -44.97
CA THR D 1104 -119.84 41.64 -44.37
C THR D 1104 -120.56 41.76 -43.09
N LYS D 1105 -120.95 40.59 -42.55
CA LYS D 1105 -121.80 40.54 -41.41
C LYS D 1105 -121.07 41.27 -40.33
N PHE D 1106 -119.76 40.99 -40.17
CA PHE D 1106 -119.04 41.67 -39.15
C PHE D 1106 -117.90 42.46 -39.73
N SER D 1107 -117.44 43.48 -38.97
CA SER D 1107 -116.29 44.28 -39.29
C SER D 1107 -115.78 44.81 -37.98
N SER D 1108 -114.45 45.00 -37.86
CA SER D 1108 -113.91 45.40 -36.58
C SER D 1108 -112.72 46.28 -36.76
N THR D 1109 -112.21 46.79 -35.62
CA THR D 1109 -111.09 47.67 -35.55
C THR D 1109 -110.24 47.35 -34.36
N SER D 1110 -109.01 47.89 -34.35
CA SER D 1110 -108.06 47.74 -33.29
C SER D 1110 -107.11 48.88 -33.47
N ALA D 1111 -106.97 49.80 -32.50
CA ALA D 1111 -105.97 50.78 -32.76
C ALA D 1111 -105.65 51.55 -31.51
N ASP D 1112 -104.38 51.44 -31.04
CA ASP D 1112 -103.80 52.12 -29.91
C ASP D 1112 -104.76 52.15 -28.78
N LYS D 1113 -105.46 51.03 -28.53
CA LYS D 1113 -106.45 51.01 -27.49
C LYS D 1113 -106.90 49.59 -27.43
N THR D 1114 -108.15 49.35 -27.89
CA THR D 1114 -108.75 48.06 -27.76
C THR D 1114 -109.28 47.68 -29.11
N ALA D 1115 -109.90 46.48 -29.21
CA ALA D 1115 -110.42 46.04 -30.47
C ALA D 1115 -111.91 45.91 -30.35
N LYS D 1116 -112.66 46.81 -31.04
CA LYS D 1116 -114.09 46.77 -30.97
C LYS D 1116 -114.59 46.18 -32.25
N ILE D 1117 -115.70 45.41 -32.18
CA ILE D 1117 -116.26 44.74 -33.32
C ILE D 1117 -117.70 45.13 -33.48
N TRP D 1118 -118.20 45.17 -34.74
CA TRP D 1118 -119.59 45.50 -34.99
C TRP D 1118 -120.20 44.77 -36.17
N SER D 1119 -121.57 44.83 -36.25
CA SER D 1119 -122.47 44.31 -37.27
C SER D 1119 -123.03 45.28 -38.30
N PHE D 1120 -122.72 46.59 -38.20
CA PHE D 1120 -123.16 47.63 -39.11
C PHE D 1120 -124.56 48.05 -38.78
N ASP D 1121 -125.44 47.13 -38.33
CA ASP D 1121 -126.81 47.52 -38.09
C ASP D 1121 -126.94 48.59 -37.06
N LEU D 1122 -126.22 48.42 -35.93
CA LEU D 1122 -126.24 49.39 -34.89
C LEU D 1122 -125.13 50.35 -35.16
N LEU D 1123 -125.32 51.59 -34.70
CA LEU D 1123 -124.38 52.66 -34.80
C LEU D 1123 -123.29 52.45 -33.80
N LEU D 1124 -123.52 51.64 -32.75
CA LEU D 1124 -122.47 51.40 -31.80
C LEU D 1124 -121.98 49.98 -31.93
N PRO D 1125 -120.74 49.78 -31.55
CA PRO D 1125 -120.13 48.47 -31.58
C PRO D 1125 -120.76 47.47 -30.65
N LEU D 1126 -120.62 46.16 -30.97
CA LEU D 1126 -121.33 45.14 -30.26
C LEU D 1126 -120.49 44.69 -29.11
N HIS D 1127 -119.14 44.68 -29.25
CA HIS D 1127 -118.38 44.17 -28.15
C HIS D 1127 -116.98 44.72 -28.20
N GLU D 1128 -116.40 45.00 -27.00
CA GLU D 1128 -115.08 45.54 -26.92
C GLU D 1128 -114.15 44.52 -26.35
N LEU D 1129 -113.12 44.14 -27.14
CA LEU D 1129 -112.10 43.28 -26.62
C LEU D 1129 -111.05 44.14 -25.98
N ARG D 1130 -111.03 44.14 -24.64
CA ARG D 1130 -110.18 44.87 -23.73
C ARG D 1130 -108.94 44.12 -23.31
N GLY D 1131 -108.62 42.98 -23.97
CA GLY D 1131 -107.53 42.15 -23.52
C GLY D 1131 -106.17 42.80 -23.37
N HIS D 1132 -105.75 43.73 -24.25
CA HIS D 1132 -104.43 44.32 -24.11
C HIS D 1132 -104.46 45.70 -23.52
N ASN D 1133 -103.73 45.86 -22.39
CA ASN D 1133 -103.62 47.10 -21.68
C ASN D 1133 -102.60 48.02 -22.34
N GLY D 1134 -101.58 47.41 -23.00
CA GLY D 1134 -100.52 48.12 -23.67
C GLY D 1134 -100.92 48.73 -24.98
N CYS D 1135 -102.17 48.47 -25.43
CA CYS D 1135 -102.85 49.08 -26.55
C CYS D 1135 -102.63 48.21 -27.75
N VAL D 1136 -103.72 47.76 -28.42
CA VAL D 1136 -103.56 46.94 -29.59
C VAL D 1136 -103.24 47.78 -30.80
N ARG D 1137 -102.34 47.26 -31.64
CA ARG D 1137 -101.75 47.85 -32.81
C ARG D 1137 -102.42 47.50 -34.13
N CYS D 1138 -102.77 46.21 -34.37
CA CYS D 1138 -103.39 45.89 -35.63
C CYS D 1138 -104.24 44.67 -35.47
N SER D 1139 -105.02 44.29 -36.52
CA SER D 1139 -105.86 43.13 -36.42
C SER D 1139 -106.30 42.69 -37.80
N ALA D 1140 -106.79 41.43 -37.90
CA ALA D 1140 -107.30 40.94 -39.15
C ALA D 1140 -108.18 39.76 -38.89
N PHE D 1141 -109.26 39.62 -39.67
CA PHE D 1141 -110.19 38.53 -39.51
C PHE D 1141 -109.57 37.31 -40.09
N SER D 1142 -110.05 36.13 -39.65
CA SER D 1142 -109.56 34.92 -40.22
C SER D 1142 -110.24 34.81 -41.53
N VAL D 1143 -109.82 33.87 -42.40
CA VAL D 1143 -110.43 33.77 -43.70
C VAL D 1143 -111.68 32.96 -43.52
N ASP D 1144 -112.73 33.69 -43.14
CA ASP D 1144 -114.10 33.31 -43.06
C ASP D 1144 -114.37 32.45 -41.85
N SER D 1145 -113.33 31.86 -41.20
CA SER D 1145 -113.51 30.81 -40.21
C SER D 1145 -114.40 31.24 -39.09
N THR D 1146 -113.89 32.00 -38.10
CA THR D 1146 -114.70 32.49 -37.03
C THR D 1146 -113.77 33.15 -36.09
N LEU D 1147 -112.58 33.53 -36.59
CA LEU D 1147 -111.58 34.00 -35.66
C LEU D 1147 -111.19 35.40 -36.01
N LEU D 1148 -110.69 36.13 -35.01
CA LEU D 1148 -110.21 37.47 -35.20
C LEU D 1148 -108.86 37.54 -34.54
N ALA D 1149 -107.79 37.85 -35.32
CA ALA D 1149 -106.48 37.89 -34.71
C ALA D 1149 -106.11 39.32 -34.47
N THR D 1150 -105.42 39.59 -33.35
CA THR D 1150 -104.95 40.92 -33.08
C THR D 1150 -103.48 40.92 -32.75
N GLY D 1151 -102.82 42.05 -33.06
CA GLY D 1151 -101.39 42.17 -32.83
C GLY D 1151 -101.11 43.24 -31.83
N ASP D 1152 -100.20 42.92 -30.88
CA ASP D 1152 -99.85 43.79 -29.78
C ASP D 1152 -98.63 44.59 -30.12
N ASP D 1153 -98.23 45.45 -29.17
CA ASP D 1153 -97.13 46.35 -29.36
C ASP D 1153 -95.90 45.53 -29.63
N ASN D 1154 -95.77 44.37 -28.94
CA ASN D 1154 -94.56 43.62 -29.11
C ASN D 1154 -94.71 42.56 -30.15
N GLY D 1155 -95.88 42.54 -30.83
CA GLY D 1155 -96.14 41.55 -31.83
C GLY D 1155 -96.79 40.32 -31.28
N GLU D 1156 -97.10 40.29 -29.97
CA GLU D 1156 -97.84 39.18 -29.44
C GLU D 1156 -99.10 39.09 -30.23
N ILE D 1157 -99.39 37.91 -30.82
CA ILE D 1157 -100.62 37.76 -31.56
C ILE D 1157 -101.59 37.02 -30.69
N ARG D 1158 -102.80 37.58 -30.54
CA ARG D 1158 -103.79 36.92 -29.74
C ARG D 1158 -104.90 36.51 -30.67
N ILE D 1159 -105.40 35.27 -30.51
CA ILE D 1159 -106.47 34.81 -31.36
C ILE D 1159 -107.71 34.92 -30.53
N TRP D 1160 -108.74 35.60 -31.07
CA TRP D 1160 -109.95 35.79 -30.32
C TRP D 1160 -111.01 35.06 -31.10
N ASN D 1161 -112.01 34.42 -30.42
CA ASN D 1161 -113.06 33.83 -31.20
C ASN D 1161 -114.25 34.73 -31.30
N VAL D 1162 -114.72 34.92 -32.55
CA VAL D 1162 -115.78 35.83 -32.86
C VAL D 1162 -117.07 35.14 -32.56
N SER D 1163 -117.42 35.08 -31.26
CA SER D 1163 -118.71 34.64 -30.87
C SER D 1163 -119.15 35.53 -29.75
N ASN D 1164 -119.53 36.77 -30.10
CA ASN D 1164 -119.86 37.84 -29.19
C ASN D 1164 -118.62 38.35 -28.52
N GLY D 1165 -117.75 37.45 -28.02
CA GLY D 1165 -116.50 37.92 -27.47
C GLY D 1165 -116.14 37.11 -26.27
N GLU D 1166 -114.83 36.76 -26.17
CA GLU D 1166 -114.28 35.93 -25.14
C GLU D 1166 -112.82 36.26 -25.01
N LEU D 1167 -112.14 35.48 -24.16
CA LEU D 1167 -110.74 35.39 -23.82
C LEU D 1167 -109.78 34.35 -24.40
N LEU D 1168 -109.95 33.82 -25.64
CA LEU D 1168 -109.15 32.82 -26.35
C LEU D 1168 -107.63 32.99 -26.39
N HIS D 1169 -106.91 31.86 -26.48
CA HIS D 1169 -105.47 31.76 -26.34
C HIS D 1169 -104.68 32.77 -27.14
N LEU D 1170 -103.62 33.24 -26.45
CA LEU D 1170 -102.54 34.17 -26.65
C LEU D 1170 -101.37 33.69 -27.48
N CYS D 1171 -101.48 32.66 -28.35
CA CYS D 1171 -100.34 32.07 -29.03
C CYS D 1171 -99.33 33.07 -29.54
N ALA D 1172 -98.15 33.12 -28.88
CA ALA D 1172 -97.08 33.93 -29.41
C ALA D 1172 -95.76 33.27 -29.10
N PRO D 1173 -95.47 32.23 -29.81
CA PRO D 1173 -94.23 31.52 -29.57
C PRO D 1173 -93.04 32.42 -29.66
N LEU D 1174 -92.31 32.54 -28.54
CA LEU D 1174 -91.09 33.29 -28.42
C LEU D 1174 -90.23 32.40 -27.59
N SER D 1175 -88.93 32.69 -27.53
CA SER D 1175 -88.07 32.15 -26.48
C SER D 1175 -86.60 32.57 -26.62
N GLU D 1176 -85.82 31.78 -27.36
CA GLU D 1176 -86.34 30.57 -27.99
C GLU D 1176 -85.48 30.18 -29.19
N GLU D 1177 -84.17 30.14 -28.98
CA GLU D 1177 -83.24 29.77 -30.04
C GLU D 1177 -83.35 28.28 -30.37
N GLY D 1178 -83.80 27.48 -29.40
CA GLY D 1178 -83.95 26.06 -29.59
C GLY D 1178 -84.53 25.72 -30.95
N ALA D 1179 -85.19 26.69 -31.57
CA ALA D 1179 -85.79 26.49 -32.88
C ALA D 1179 -86.09 27.81 -33.56
N ALA D 1180 -85.64 28.90 -32.94
CA ALA D 1180 -85.86 30.24 -33.49
C ALA D 1180 -86.99 30.96 -32.76
N THR D 1181 -86.68 32.11 -32.18
CA THR D 1181 -87.65 32.88 -31.46
C THR D 1181 -88.26 33.67 -32.55
N HIS D 1182 -89.57 34.01 -32.56
CA HIS D 1182 -89.60 34.92 -33.64
C HIS D 1182 -88.93 36.15 -33.09
N GLY D 1183 -88.33 36.92 -34.01
CA GLY D 1183 -87.59 38.12 -33.81
C GLY D 1183 -88.36 39.12 -33.03
N GLY D 1184 -89.69 39.15 -33.22
CA GLY D 1184 -90.51 40.02 -32.44
C GLY D 1184 -91.23 40.91 -33.41
N TRP D 1185 -92.40 41.44 -32.99
CA TRP D 1185 -93.20 42.24 -33.86
C TRP D 1185 -93.68 41.39 -35.01
N VAL D 1186 -94.78 41.83 -35.66
CA VAL D 1186 -95.38 41.14 -36.76
C VAL D 1186 -95.84 42.25 -37.66
N THR D 1187 -95.53 42.12 -38.95
CA THR D 1187 -95.99 42.96 -40.02
C THR D 1187 -97.08 42.37 -40.85
N ASP D 1188 -97.26 41.03 -40.91
CA ASP D 1188 -98.41 40.61 -41.66
C ASP D 1188 -98.88 39.27 -41.18
N LEU D 1189 -100.18 38.96 -41.43
CA LEU D 1189 -100.79 37.74 -40.98
C LEU D 1189 -101.47 37.11 -42.17
N CYS D 1190 -101.35 35.77 -42.33
CA CYS D 1190 -102.09 35.10 -43.36
C CYS D 1190 -102.49 33.74 -42.86
N PHE D 1191 -103.81 33.51 -42.71
CA PHE D 1191 -104.29 32.26 -42.20
C PHE D 1191 -104.15 31.26 -43.31
N SER D 1192 -103.84 29.99 -42.96
CA SER D 1192 -103.65 28.97 -43.94
C SER D 1192 -105.01 28.58 -44.44
N PRO D 1193 -105.13 28.03 -45.62
CA PRO D 1193 -106.42 27.70 -46.16
C PRO D 1193 -107.13 26.75 -45.23
N ASP D 1194 -106.37 25.91 -44.50
CA ASP D 1194 -106.93 24.95 -43.61
C ASP D 1194 -107.63 25.63 -42.48
N GLY D 1195 -107.12 26.79 -42.05
CA GLY D 1195 -107.69 27.51 -40.93
C GLY D 1195 -106.96 27.12 -39.68
N LYS D 1196 -106.06 26.13 -39.80
CA LYS D 1196 -105.28 25.62 -38.70
C LYS D 1196 -104.00 26.36 -38.39
N MET D 1197 -103.31 26.89 -39.42
CA MET D 1197 -102.09 27.58 -39.12
C MET D 1197 -102.24 29.04 -39.42
N LEU D 1198 -101.43 29.86 -38.73
CA LEU D 1198 -101.40 31.28 -38.96
C LEU D 1198 -100.01 31.65 -39.38
N ILE D 1199 -99.83 32.06 -40.65
CA ILE D 1199 -98.50 32.43 -41.06
C ILE D 1199 -98.25 33.81 -40.53
N SER D 1200 -97.16 33.98 -39.77
CA SER D 1200 -96.79 35.27 -39.26
C SER D 1200 -95.58 35.77 -39.98
N ALA D 1201 -95.62 37.05 -40.42
CA ALA D 1201 -94.51 37.61 -41.13
C ALA D 1201 -94.05 38.84 -40.41
N GLY D 1202 -92.75 39.17 -40.52
CA GLY D 1202 -92.16 40.23 -39.76
C GLY D 1202 -90.68 40.20 -40.06
N GLY D 1203 -89.80 39.86 -39.10
CA GLY D 1203 -88.39 39.82 -39.39
C GLY D 1203 -88.23 38.79 -40.46
N TYR D 1204 -88.97 37.69 -40.28
CA TYR D 1204 -88.97 36.60 -41.21
C TYR D 1204 -90.29 35.90 -41.07
N ILE D 1205 -90.58 34.93 -41.96
CA ILE D 1205 -91.83 34.24 -41.99
C ILE D 1205 -91.73 33.06 -41.09
N LYS D 1206 -92.64 32.96 -40.08
CA LYS D 1206 -92.67 31.78 -39.25
C LYS D 1206 -94.11 31.34 -39.11
N TRP D 1207 -94.39 30.03 -39.32
CA TRP D 1207 -95.75 29.54 -39.30
C TRP D 1207 -96.13 29.21 -37.88
N TRP D 1208 -97.20 29.86 -37.34
CA TRP D 1208 -97.65 29.52 -36.01
C TRP D 1208 -98.89 28.67 -36.10
N ASN D 1209 -99.23 28.00 -34.97
CA ASN D 1209 -100.38 27.15 -34.88
C ASN D 1209 -101.45 27.91 -34.17
N VAL D 1210 -102.68 27.92 -34.72
CA VAL D 1210 -103.73 28.66 -34.09
C VAL D 1210 -104.02 28.02 -32.77
N VAL D 1211 -104.14 28.86 -31.72
CA VAL D 1211 -104.33 28.40 -30.38
C VAL D 1211 -103.31 27.37 -29.99
N THR D 1212 -102.16 27.87 -29.48
CA THR D 1212 -101.10 27.09 -28.90
C THR D 1212 -100.31 26.36 -29.94
N GLY D 1213 -98.98 26.59 -29.92
CA GLY D 1213 -98.08 25.88 -30.76
C GLY D 1213 -97.65 26.76 -31.88
N GLU D 1214 -96.60 26.31 -32.61
CA GLU D 1214 -96.11 26.95 -33.80
C GLU D 1214 -96.13 25.88 -34.85
N SER D 1215 -95.36 26.08 -35.95
CA SER D 1215 -95.30 25.07 -36.96
C SER D 1215 -93.97 25.14 -37.65
N SER D 1216 -93.99 25.48 -38.97
CA SER D 1216 -92.79 25.68 -39.72
C SER D 1216 -92.06 26.82 -39.09
N GLN D 1217 -90.95 26.43 -38.45
CA GLN D 1217 -89.96 27.21 -37.78
C GLN D 1217 -88.95 27.65 -38.80
N THR D 1218 -88.97 26.97 -39.95
CA THR D 1218 -88.07 27.09 -41.05
C THR D 1218 -88.37 28.28 -41.96
N PHE D 1219 -87.51 28.43 -43.00
CA PHE D 1219 -87.36 29.51 -43.94
C PHE D 1219 -87.13 30.87 -43.36
N TYR D 1220 -85.85 31.17 -43.05
CA TYR D 1220 -85.47 32.47 -42.59
C TYR D 1220 -85.25 33.32 -43.82
N THR D 1221 -85.85 34.54 -43.82
CA THR D 1221 -85.70 35.43 -44.94
C THR D 1221 -84.37 36.09 -44.82
N ASN D 1222 -83.91 36.72 -45.92
CA ASN D 1222 -82.59 37.27 -45.93
C ASN D 1222 -82.65 38.57 -45.19
N GLY D 1223 -83.65 39.41 -45.52
CA GLY D 1223 -83.77 40.69 -44.88
C GLY D 1223 -84.80 40.64 -43.81
N THR D 1224 -85.24 41.82 -43.36
CA THR D 1224 -86.20 41.94 -42.31
C THR D 1224 -87.30 42.85 -42.77
N ASN D 1225 -88.28 43.09 -41.87
CA ASN D 1225 -89.38 43.98 -42.06
C ASN D 1225 -90.06 43.73 -43.37
N LEU D 1226 -90.61 42.50 -43.51
CA LEU D 1226 -91.28 42.10 -44.70
C LEU D 1226 -92.47 43.00 -44.82
N LYS D 1227 -92.75 43.48 -46.04
CA LYS D 1227 -93.83 44.39 -46.24
C LYS D 1227 -94.82 43.72 -47.12
N LYS D 1228 -95.97 43.32 -46.53
CA LYS D 1228 -97.04 42.70 -47.26
C LYS D 1228 -96.61 41.38 -47.81
N ILE D 1229 -97.39 40.33 -47.48
CA ILE D 1229 -97.12 39.01 -47.95
C ILE D 1229 -98.15 38.78 -49.02
N HIS D 1230 -97.71 38.42 -50.25
CA HIS D 1230 -98.68 38.13 -51.28
C HIS D 1230 -98.63 36.68 -51.65
N VAL D 1231 -99.63 35.91 -51.19
CA VAL D 1231 -99.63 34.48 -51.35
C VAL D 1231 -100.36 34.21 -52.63
N SER D 1232 -99.86 33.27 -53.44
CA SER D 1232 -100.51 32.98 -54.69
C SER D 1232 -101.82 32.30 -54.39
N PRO D 1233 -102.76 32.41 -55.29
CA PRO D 1233 -104.04 31.79 -55.09
C PRO D 1233 -103.99 30.29 -55.06
N ASP D 1234 -102.88 29.70 -55.54
CA ASP D 1234 -102.67 28.28 -55.50
C ASP D 1234 -102.17 27.88 -54.14
N PHE D 1235 -101.57 28.84 -53.40
CA PHE D 1235 -101.05 28.55 -52.08
C PHE D 1235 -99.92 27.59 -52.26
N LYS D 1236 -99.24 27.73 -53.40
CA LYS D 1236 -98.05 27.03 -53.81
C LYS D 1236 -96.88 27.94 -54.05
N THR D 1237 -97.08 29.24 -54.38
CA THR D 1237 -95.93 30.12 -54.51
C THR D 1237 -96.15 31.34 -53.67
N TYR D 1238 -95.04 32.07 -53.33
CA TYR D 1238 -95.15 33.20 -52.45
C TYR D 1238 -94.31 34.33 -53.00
N VAL D 1239 -94.84 35.58 -52.98
CA VAL D 1239 -94.07 36.69 -53.43
C VAL D 1239 -94.12 37.75 -52.37
N THR D 1240 -92.94 38.28 -51.96
CA THR D 1240 -92.94 39.33 -50.99
C THR D 1240 -91.68 40.13 -51.14
N VAL D 1241 -91.46 41.13 -50.26
CA VAL D 1241 -90.32 41.99 -50.39
C VAL D 1241 -89.87 42.40 -49.02
N ASP D 1242 -88.54 42.38 -48.78
CA ASP D 1242 -87.99 42.76 -47.51
C ASP D 1242 -87.58 44.20 -47.55
N ASN D 1243 -86.91 44.66 -46.46
CA ASN D 1243 -86.59 46.03 -46.23
C ASN D 1243 -85.47 46.44 -47.14
N LEU D 1244 -84.86 45.46 -47.83
CA LEU D 1244 -83.74 45.73 -48.70
C LEU D 1244 -84.22 45.85 -50.10
N GLY D 1245 -85.49 45.52 -50.37
CA GLY D 1245 -85.99 45.66 -51.71
C GLY D 1245 -85.57 44.45 -52.47
N ILE D 1246 -85.48 43.31 -51.77
CA ILE D 1246 -85.11 42.08 -52.41
C ILE D 1246 -86.36 41.33 -52.74
N LEU D 1247 -86.49 40.89 -54.01
CA LEU D 1247 -87.71 40.27 -54.47
C LEU D 1247 -87.67 38.80 -54.14
N TYR D 1248 -88.66 38.33 -53.35
CA TYR D 1248 -88.77 36.94 -53.03
C TYR D 1248 -89.73 36.27 -53.95
N ILE D 1249 -89.21 35.38 -54.82
CA ILE D 1249 -90.07 34.57 -55.65
C ILE D 1249 -89.89 33.17 -55.16
N LEU D 1250 -90.85 32.69 -54.35
CA LEU D 1250 -90.72 31.46 -53.63
C LEU D 1250 -91.65 30.44 -54.21
N GLN D 1251 -91.17 29.19 -54.38
CA GLN D 1251 -92.03 28.11 -54.79
C GLN D 1251 -91.84 27.01 -53.80
N THR D 1252 -92.94 26.45 -53.25
CA THR D 1252 -92.83 25.38 -52.30
C THR D 1252 -92.03 24.27 -52.91
N LEU D 1253 -91.01 23.82 -52.18
CA LEU D 1253 -90.12 22.79 -52.63
C LEU D 1253 -90.85 21.49 -52.67
N GLU D 1254 -90.84 20.86 -53.86
CA GLU D 1254 -91.46 19.59 -54.10
C GLU D 1254 -90.61 18.54 -53.38
N GLY E 111 5.55 58.82 -6.54
CA GLY E 111 6.76 58.48 -5.77
C GLY E 111 6.81 57.02 -5.61
N ILE E 112 7.79 56.41 -6.29
CA ILE E 112 7.97 54.99 -6.23
C ILE E 112 8.50 54.77 -4.88
N THR E 113 7.91 53.89 -4.07
CA THR E 113 8.47 53.83 -2.76
C THR E 113 9.75 52.98 -2.77
N SER E 114 10.61 53.22 -1.78
CA SER E 114 11.92 52.57 -1.67
C SER E 114 11.77 51.06 -1.65
N TYR E 115 10.69 50.61 -1.04
CA TYR E 115 10.31 49.19 -1.09
C TYR E 115 10.23 48.61 -2.52
N VAL E 116 9.58 49.30 -3.45
CA VAL E 116 9.54 48.84 -4.83
C VAL E 116 10.90 49.03 -5.50
N ARG E 117 11.56 50.15 -5.21
CA ARG E 117 12.85 50.42 -5.80
C ARG E 117 13.84 49.24 -5.55
N THR E 118 13.77 48.62 -4.38
CA THR E 118 14.59 47.43 -4.07
C THR E 118 14.02 46.11 -4.60
N VAL E 119 12.72 45.90 -4.41
CA VAL E 119 12.09 44.65 -4.84
C VAL E 119 12.19 44.42 -6.36
N LEU E 120 12.24 45.49 -7.16
CA LEU E 120 12.29 45.32 -8.64
C LEU E 120 13.52 44.57 -9.06
N CYS E 121 14.55 44.58 -8.23
CA CYS E 121 15.77 43.85 -8.53
C CYS E 121 15.55 42.35 -8.61
N GLU E 122 14.60 41.83 -7.83
CA GLU E 122 14.19 40.41 -7.88
C GLU E 122 13.05 40.16 -8.85
N GLY E 123 12.02 41.02 -8.79
CA GLY E 123 10.92 40.98 -9.70
C GLY E 123 9.78 40.22 -9.11
N GLY E 124 8.63 40.88 -9.04
CA GLY E 124 7.49 40.12 -8.63
C GLY E 124 6.86 39.78 -9.92
N VAL E 125 7.19 40.62 -10.92
CA VAL E 125 6.80 40.53 -12.28
C VAL E 125 8.01 40.63 -13.17
N PRO E 126 7.98 40.19 -14.42
CA PRO E 126 9.17 40.28 -15.24
C PRO E 126 9.48 41.69 -15.57
N GLN E 127 10.77 41.98 -15.83
CA GLN E 127 11.18 43.33 -16.08
C GLN E 127 11.59 43.43 -17.50
N ARG E 128 11.76 44.71 -17.88
CA ARG E 128 12.15 45.15 -19.19
C ARG E 128 13.53 44.66 -19.47
N PRO E 129 13.67 44.48 -20.76
CA PRO E 129 14.86 44.14 -21.46
C PRO E 129 16.01 45.00 -21.06
N VAL E 130 17.23 44.48 -21.42
CA VAL E 130 18.53 45.09 -21.48
C VAL E 130 18.61 46.01 -22.64
N VAL E 131 18.05 45.62 -23.81
CA VAL E 131 17.99 46.55 -24.92
C VAL E 131 16.56 46.82 -25.28
N PHE E 132 16.12 48.08 -25.06
CA PHE E 132 14.77 48.59 -25.33
C PHE E 132 14.72 50.02 -25.57
N VAL E 133 13.52 50.26 -26.15
CA VAL E 133 12.87 51.47 -26.54
C VAL E 133 11.54 51.47 -25.87
N THR E 134 11.31 52.56 -25.13
CA THR E 134 10.12 52.78 -24.38
C THR E 134 9.09 53.06 -25.39
N ARG E 135 7.96 52.39 -25.24
CA ARG E 135 6.96 52.65 -26.19
C ARG E 135 6.22 53.82 -25.69
N LYS E 136 6.71 55.05 -26.01
CA LYS E 136 6.12 56.23 -25.39
C LYS E 136 4.64 56.42 -25.72
N LYS E 137 4.22 55.94 -26.87
CA LYS E 137 2.83 56.09 -27.29
C LYS E 137 1.88 55.29 -26.40
N LEU E 138 2.37 54.22 -25.78
CA LEU E 138 1.49 53.32 -25.01
C LEU E 138 1.66 53.54 -23.48
N VAL E 139 2.85 53.90 -23.03
CA VAL E 139 3.11 53.98 -21.59
C VAL E 139 2.11 54.89 -20.90
N ASN E 140 2.00 56.15 -21.36
CA ASN E 140 1.04 57.11 -20.78
C ASN E 140 -0.43 56.72 -20.92
N ALA E 141 -0.87 56.28 -22.10
CA ALA E 141 -2.26 55.89 -22.28
C ALA E 141 -2.68 54.66 -21.43
N ILE E 142 -1.80 53.68 -21.31
CA ILE E 142 -2.11 52.47 -20.54
C ILE E 142 -2.27 52.83 -19.06
N GLN E 143 -1.41 53.72 -18.59
CA GLN E 143 -1.48 54.23 -17.20
C GLN E 143 -2.80 54.95 -16.93
N GLN E 144 -3.18 55.80 -17.87
CA GLN E 144 -4.44 56.53 -17.83
C GLN E 144 -5.66 55.60 -17.92
N LYS E 145 -5.55 54.49 -18.65
CA LYS E 145 -6.65 53.49 -18.74
C LYS E 145 -6.72 52.60 -17.48
N LEU E 146 -5.57 52.33 -16.87
CA LEU E 146 -5.54 51.52 -15.63
C LEU E 146 -6.24 52.24 -14.47
N SER E 147 -6.11 53.56 -14.44
CA SER E 147 -6.77 54.38 -13.44
C SER E 147 -8.30 54.38 -13.62
N LYS E 148 -8.79 53.97 -14.76
CA LYS E 148 -10.25 53.91 -14.95
C LYS E 148 -10.96 52.85 -14.09
N LEU E 149 -10.21 51.93 -13.49
CA LEU E 149 -10.80 50.99 -12.56
C LEU E 149 -11.37 51.73 -11.34
N LYS E 150 -10.70 52.80 -10.92
CA LYS E 150 -11.12 53.62 -9.76
C LYS E 150 -11.39 52.81 -8.49
N GLY E 151 -10.64 51.73 -8.26
CA GLY E 151 -10.85 50.88 -7.10
C GLY E 151 -11.96 49.84 -7.25
N GLU E 152 -12.58 49.79 -8.44
CA GLU E 152 -13.68 48.87 -8.71
C GLU E 152 -13.11 47.67 -9.47
N PRO E 153 -13.81 46.52 -9.43
CA PRO E 153 -13.40 45.34 -10.16
C PRO E 153 -13.22 45.57 -11.68
N GLY E 154 -12.45 44.70 -12.31
CA GLY E 154 -12.28 44.73 -13.74
C GLY E 154 -11.27 43.74 -14.19
N TRP E 155 -11.28 43.50 -15.49
CA TRP E 155 -10.41 42.53 -16.12
C TRP E 155 -9.49 43.22 -17.11
N VAL E 156 -8.19 43.18 -16.84
CA VAL E 156 -7.21 43.83 -17.70
C VAL E 156 -6.48 42.69 -18.42
N THR E 157 -6.48 42.72 -19.73
CA THR E 157 -5.88 41.66 -20.51
C THR E 157 -4.86 42.20 -21.52
N ILE E 158 -3.67 41.59 -21.52
CA ILE E 158 -2.60 41.92 -22.43
C ILE E 158 -2.38 40.69 -23.28
N HIS E 159 -2.17 40.91 -24.57
CA HIS E 159 -2.08 39.75 -25.47
C HIS E 159 -0.77 39.69 -26.25
N GLY E 160 -0.43 38.46 -26.65
CA GLY E 160 0.77 38.17 -27.43
C GLY E 160 1.29 36.78 -27.17
N MET E 161 2.33 36.42 -27.89
CA MET E 161 2.94 35.12 -27.75
C MET E 161 4.34 35.19 -27.12
N ALA E 162 4.78 34.04 -26.61
CA ALA E 162 6.09 33.88 -26.01
C ALA E 162 7.20 34.33 -26.98
N GLY E 163 8.03 35.26 -26.52
CA GLY E 163 9.06 35.84 -27.35
C GLY E 163 8.71 37.02 -28.25
N CYS E 164 7.53 37.60 -28.09
CA CYS E 164 7.13 38.71 -28.96
C CYS E 164 6.97 40.03 -28.24
N GLY E 165 7.47 40.12 -27.01
CA GLY E 165 7.48 41.34 -26.21
C GLY E 165 6.21 41.61 -25.41
N LYS E 166 5.45 40.57 -25.06
CA LYS E 166 4.23 40.73 -24.27
C LYS E 166 4.50 41.26 -22.83
N SER E 167 5.51 40.73 -22.20
CA SER E 167 5.90 41.23 -20.90
C SER E 167 6.69 42.53 -21.04
N VAL E 168 7.37 42.67 -22.17
CA VAL E 168 8.15 43.90 -22.40
C VAL E 168 7.25 45.14 -22.39
N LEU E 169 6.10 45.06 -23.07
CA LEU E 169 5.12 46.13 -23.06
C LEU E 169 4.72 46.56 -21.64
N ALA E 170 4.28 45.62 -20.83
CA ALA E 170 3.83 45.91 -19.47
C ALA E 170 4.92 46.52 -18.60
N ALA E 171 6.14 46.04 -18.78
CA ALA E 171 7.30 46.51 -17.99
C ALA E 171 7.49 48.03 -18.10
N GLU E 172 7.43 48.60 -19.30
CA GLU E 172 7.56 50.06 -19.47
C GLU E 172 6.28 50.81 -19.20
N ALA E 173 5.16 50.22 -19.56
CA ALA E 173 3.88 50.88 -19.42
C ALA E 173 3.50 51.20 -17.96
N VAL E 174 3.78 50.28 -17.04
CA VAL E 174 3.40 50.43 -15.63
C VAL E 174 4.53 50.93 -14.73
N ARG E 175 5.47 51.75 -15.22
CA ARG E 175 6.56 52.20 -14.39
C ARG E 175 6.07 53.10 -13.32
N ASP E 176 4.88 53.73 -13.45
CA ASP E 176 4.19 54.60 -12.48
C ASP E 176 3.75 53.79 -11.30
N HIS E 177 4.39 53.94 -10.11
CA HIS E 177 3.95 53.24 -8.90
C HIS E 177 2.62 53.75 -8.31
N SER E 178 2.50 55.05 -8.15
CA SER E 178 1.32 55.68 -7.54
C SER E 178 0.03 55.27 -8.24
N LEU E 179 0.13 54.96 -9.54
CA LEU E 179 -0.99 54.40 -10.28
C LEU E 179 -1.65 53.23 -9.55
N LEU E 180 -0.85 52.27 -9.12
CA LEU E 180 -1.40 51.05 -8.55
C LEU E 180 -1.09 50.96 -7.07
N GLU E 181 -0.42 51.97 -6.55
CA GLU E 181 -0.08 52.04 -5.14
C GLU E 181 -1.33 51.83 -4.27
N GLY E 182 -2.41 52.53 -4.60
CA GLY E 182 -3.65 52.39 -3.88
C GLY E 182 -4.57 51.25 -4.29
N CYS E 183 -4.16 50.50 -5.32
CA CYS E 183 -4.95 49.38 -5.79
C CYS E 183 -4.54 48.05 -5.21
N PHE E 184 -3.24 47.77 -5.14
CA PHE E 184 -2.74 46.52 -4.56
C PHE E 184 -1.62 46.67 -3.57
N PRO E 185 -1.93 47.23 -2.38
CA PRO E 185 -0.92 47.35 -1.29
C PRO E 185 -0.22 46.04 -0.89
N GLY E 186 -0.89 44.89 -1.10
CA GLY E 186 -0.39 43.60 -0.70
C GLY E 186 0.58 42.96 -1.68
N GLY E 187 0.84 43.64 -2.81
CA GLY E 187 1.83 43.19 -3.78
C GLY E 187 1.25 42.60 -5.02
N VAL E 188 2.13 42.38 -6.00
CA VAL E 188 1.75 41.86 -7.30
C VAL E 188 2.60 40.64 -7.53
N HIS E 189 1.97 39.54 -7.93
CA HIS E 189 2.70 38.29 -8.14
C HIS E 189 2.38 37.77 -9.53
N TRP E 190 3.42 37.52 -10.32
CA TRP E 190 3.29 36.96 -11.63
C TRP E 190 3.50 35.47 -11.64
N VAL E 191 2.44 34.71 -11.87
CA VAL E 191 2.48 33.27 -11.80
C VAL E 191 2.21 32.68 -13.19
N SER E 192 3.12 31.84 -13.66
CA SER E 192 2.99 31.18 -14.95
C SER E 192 1.88 30.12 -14.85
N VAL E 193 0.97 30.12 -15.81
CA VAL E 193 -0.09 29.13 -15.83
C VAL E 193 0.12 28.19 -17.03
N GLY E 194 0.13 28.77 -18.22
CA GLY E 194 0.29 28.01 -19.45
C GLY E 194 -0.93 27.19 -19.83
N LYS E 195 -0.75 26.34 -20.83
CA LYS E 195 -1.83 25.46 -21.33
C LYS E 195 -1.93 24.26 -20.40
N GLN E 196 -3.02 24.20 -19.63
CA GLN E 196 -3.25 23.10 -18.72
C GLN E 196 -4.59 22.45 -19.02
N ASP E 197 -4.64 21.13 -18.83
CA ASP E 197 -5.88 20.36 -18.89
C ASP E 197 -6.45 20.30 -17.46
N LYS E 198 -7.52 19.55 -17.23
CA LYS E 198 -8.17 19.48 -15.93
C LYS E 198 -7.22 19.06 -14.82
N SER E 199 -6.45 18.01 -15.05
CA SER E 199 -5.53 17.53 -14.01
C SER E 199 -4.40 18.55 -13.79
N GLY E 200 -4.02 19.27 -14.83
CA GLY E 200 -3.07 20.37 -14.71
C GLY E 200 -3.60 21.54 -13.92
N LEU E 201 -4.88 21.84 -14.08
CA LEU E 201 -5.48 22.88 -13.24
C LEU E 201 -5.50 22.46 -11.78
N LEU E 202 -5.80 21.18 -11.52
CA LEU E 202 -5.78 20.68 -10.14
C LEU E 202 -4.39 20.74 -9.53
N MET E 203 -3.38 20.34 -10.29
CA MET E 203 -1.98 20.41 -9.79
C MET E 203 -1.56 21.85 -9.57
N LYS E 204 -2.00 22.75 -10.47
CA LYS E 204 -1.73 24.18 -10.31
C LYS E 204 -2.42 24.78 -9.08
N LEU E 205 -3.65 24.36 -8.80
CA LEU E 205 -4.34 24.80 -7.59
C LEU E 205 -3.65 24.30 -6.29
N GLN E 206 -3.13 23.08 -6.31
CA GLN E 206 -2.36 22.57 -5.18
C GLN E 206 -1.05 23.37 -4.98
N ASN E 207 -0.44 23.77 -6.07
CA ASN E 207 0.73 24.65 -6.04
C ASN E 207 0.41 26.08 -5.53
N LEU E 208 -0.74 26.61 -5.94
CA LEU E 208 -1.17 27.93 -5.50
C LEU E 208 -1.42 27.96 -4.01
N CYS E 209 -1.99 26.89 -3.44
CA CYS E 209 -2.16 26.82 -1.99
C CYS E 209 -0.81 26.99 -1.27
N THR E 210 0.20 26.27 -1.73
CA THR E 210 1.53 26.35 -1.13
C THR E 210 2.10 27.78 -1.25
N ARG E 211 1.88 28.41 -2.40
CA ARG E 211 2.42 29.74 -2.67
C ARG E 211 1.98 30.80 -1.68
N LEU E 212 0.79 30.63 -1.11
CA LEU E 212 0.25 31.59 -0.15
C LEU E 212 0.74 31.36 1.27
N ASP E 213 1.48 30.28 1.50
CA ASP E 213 2.02 29.94 2.83
C ASP E 213 3.51 29.65 2.68
N GLN E 214 4.29 30.69 2.45
CA GLN E 214 5.71 30.49 2.14
C GLN E 214 6.46 29.98 3.38
N ASP E 215 6.00 30.34 4.58
CA ASP E 215 6.70 29.96 5.82
C ASP E 215 6.13 28.69 6.47
N GLU E 216 5.26 27.99 5.76
CA GLU E 216 4.63 26.75 6.25
C GLU E 216 3.93 26.89 7.61
N SER E 217 3.23 28.00 7.83
CA SER E 217 2.52 28.26 9.08
C SER E 217 1.25 27.43 9.24
N PHE E 218 0.75 26.90 8.12
CA PHE E 218 -0.44 26.03 8.10
C PHE E 218 0.03 24.63 7.66
N SER E 219 -0.87 23.64 7.70
CA SER E 219 -0.53 22.25 7.30
C SER E 219 0.14 22.14 5.93
N GLN E 220 1.11 21.23 5.80
CA GLN E 220 1.81 20.99 4.54
C GLN E 220 0.95 20.19 3.56
N ARG E 221 -0.21 19.74 4.01
CA ARG E 221 -1.11 18.98 3.16
C ARG E 221 -1.79 19.88 2.11
N LEU E 222 -2.17 19.29 1.00
CA LEU E 222 -2.69 20.03 -0.14
C LEU E 222 -4.17 19.75 -0.41
N PRO E 223 -4.84 20.66 -1.14
CA PRO E 223 -6.27 20.44 -1.36
C PRO E 223 -6.42 19.19 -2.22
N LEU E 224 -7.54 18.49 -2.08
CA LEU E 224 -7.74 17.22 -2.78
C LEU E 224 -8.54 17.34 -4.06
N ASN E 225 -9.24 18.45 -4.23
CA ASN E 225 -10.08 18.68 -5.38
C ASN E 225 -10.25 20.18 -5.63
N ILE E 226 -10.93 20.54 -6.71
CA ILE E 226 -11.02 21.94 -7.08
C ILE E 226 -11.87 22.78 -6.11
N GLU E 227 -12.97 22.21 -5.65
CA GLU E 227 -13.89 22.91 -4.74
C GLU E 227 -13.16 23.28 -3.45
N GLU E 228 -12.41 22.33 -2.89
CA GLU E 228 -11.58 22.59 -1.70
C GLU E 228 -10.48 23.62 -1.92
N ALA E 229 -9.80 23.52 -3.06
CA ALA E 229 -8.76 24.48 -3.41
C ALA E 229 -9.32 25.91 -3.52
N LYS E 230 -10.51 26.03 -4.10
CA LYS E 230 -11.19 27.31 -4.22
C LYS E 230 -11.37 27.93 -2.83
N ASP E 231 -11.90 27.12 -1.92
CA ASP E 231 -12.09 27.52 -0.54
C ASP E 231 -10.78 27.89 0.22
N ARG E 232 -9.74 27.09 0.08
CA ARG E 232 -8.51 27.38 0.77
C ARG E 232 -7.87 28.68 0.26
N LEU E 233 -7.90 28.89 -1.04
CA LEU E 233 -7.29 30.05 -1.64
C LEU E 233 -8.05 31.29 -1.23
N ARG E 234 -9.38 31.18 -1.18
CA ARG E 234 -10.24 32.27 -0.79
C ARG E 234 -9.93 32.73 0.63
N ILE E 235 -9.83 31.77 1.55
CA ILE E 235 -9.55 32.07 2.97
C ILE E 235 -8.19 32.77 3.12
N LEU E 236 -7.17 32.25 2.44
CA LEU E 236 -5.83 32.84 2.55
C LEU E 236 -5.78 34.22 1.87
N MET E 237 -6.50 34.41 0.77
CA MET E 237 -6.53 35.71 0.08
C MET E 237 -7.42 36.71 0.78
N LEU E 238 -8.33 36.17 1.58
CA LEU E 238 -9.23 36.98 2.36
C LEU E 238 -8.53 37.53 3.61
N ARG E 239 -7.82 36.65 4.32
CA ARG E 239 -7.26 37.00 5.62
C ARG E 239 -5.77 37.33 5.62
N LYS E 240 -5.00 36.70 4.74
CA LYS E 240 -3.54 36.87 4.79
C LYS E 240 -3.02 37.66 3.62
N HIS E 241 -3.70 37.57 2.49
CA HIS E 241 -3.26 38.26 1.29
C HIS E 241 -4.35 39.07 0.63
N PRO E 242 -5.10 39.84 1.44
CA PRO E 242 -6.11 40.68 0.83
C PRO E 242 -5.45 41.86 0.16
N ARG E 243 -6.14 42.48 -0.81
CA ARG E 243 -5.62 43.65 -1.54
C ARG E 243 -4.31 43.42 -2.33
N SER E 244 -4.28 42.34 -3.08
CA SER E 244 -3.13 41.92 -3.86
C SER E 244 -3.52 41.42 -5.21
N LEU E 245 -2.56 41.37 -6.12
CA LEU E 245 -2.84 40.99 -7.49
C LEU E 245 -2.11 39.69 -7.86
N LEU E 246 -2.91 38.72 -8.32
CA LEU E 246 -2.41 37.48 -8.87
C LEU E 246 -2.53 37.54 -10.38
N ILE E 247 -1.41 37.51 -11.08
CA ILE E 247 -1.39 37.59 -12.52
C ILE E 247 -1.24 36.20 -13.14
N LEU E 248 -2.15 35.86 -14.05
CA LEU E 248 -2.18 34.57 -14.74
C LEU E 248 -1.49 34.67 -16.08
N ASP E 249 -0.28 34.14 -16.18
CA ASP E 249 0.48 34.23 -17.41
C ASP E 249 0.13 33.10 -18.35
N ASP E 250 -0.12 33.45 -19.61
CA ASP E 250 -0.45 32.50 -20.68
C ASP E 250 -1.73 31.66 -20.45
N VAL E 251 -2.85 32.34 -20.53
CA VAL E 251 -4.16 31.74 -20.42
C VAL E 251 -4.51 31.24 -21.81
N TRP E 252 -4.90 29.97 -21.91
CA TRP E 252 -5.26 29.36 -23.22
C TRP E 252 -6.64 28.73 -23.24
N ASP E 253 -7.13 28.30 -22.10
CA ASP E 253 -8.36 27.52 -22.06
C ASP E 253 -9.40 28.12 -21.12
N SER E 254 -10.62 28.25 -21.62
CA SER E 254 -11.71 28.82 -20.83
C SER E 254 -12.11 27.93 -19.62
N TRP E 255 -11.77 26.63 -19.68
CA TRP E 255 -11.96 25.73 -18.55
C TRP E 255 -11.25 26.26 -17.32
N VAL E 256 -10.06 26.82 -17.51
CA VAL E 256 -9.34 27.39 -16.36
C VAL E 256 -10.05 28.64 -15.84
N LEU E 257 -10.44 29.52 -16.75
CA LEU E 257 -11.09 30.79 -16.43
C LEU E 257 -12.41 30.62 -15.68
N LYS E 258 -13.09 29.48 -15.90
CA LYS E 258 -14.31 29.10 -15.19
C LYS E 258 -14.18 29.22 -13.66
N ALA E 259 -12.97 28.97 -13.15
CA ALA E 259 -12.71 28.95 -11.70
C ALA E 259 -12.31 30.32 -11.16
N PHE E 260 -12.13 31.28 -12.07
CA PHE E 260 -11.66 32.65 -11.77
C PHE E 260 -12.65 33.74 -12.11
N ASP E 261 -13.67 33.43 -12.89
CA ASP E 261 -14.67 34.41 -13.29
C ASP E 261 -15.58 34.76 -12.11
N SER E 262 -15.13 35.70 -11.28
CA SER E 262 -15.88 36.08 -10.08
C SER E 262 -15.97 37.60 -9.89
N GLN E 263 -15.86 38.33 -11.01
CA GLN E 263 -15.99 39.81 -11.03
C GLN E 263 -15.01 40.49 -10.05
N CYS E 264 -13.72 40.10 -10.14
CA CYS E 264 -12.62 40.68 -9.35
C CYS E 264 -11.61 41.34 -10.26
N GLN E 265 -10.75 42.15 -9.65
CA GLN E 265 -9.67 42.83 -10.35
C GLN E 265 -8.64 41.80 -10.74
N ILE E 266 -8.66 41.44 -12.01
CA ILE E 266 -7.74 40.40 -12.52
C ILE E 266 -6.95 40.87 -13.74
N LEU E 267 -5.63 40.71 -13.65
CA LEU E 267 -4.75 41.02 -14.74
C LEU E 267 -4.23 39.68 -15.23
N LEU E 268 -4.30 39.45 -16.53
CA LEU E 268 -3.79 38.22 -17.11
C LEU E 268 -3.29 38.45 -18.52
N THR E 269 -2.46 37.53 -18.99
CA THR E 269 -1.91 37.58 -20.33
C THR E 269 -2.41 36.38 -21.09
N THR E 270 -2.61 36.58 -22.38
CA THR E 270 -3.25 35.56 -23.22
C THR E 270 -2.93 35.78 -24.69
N ARG E 271 -3.53 34.97 -25.55
CA ARG E 271 -3.27 35.09 -27.01
C ARG E 271 -4.04 36.27 -27.60
N ASP E 272 -5.19 36.60 -27.03
CA ASP E 272 -6.09 37.63 -27.60
C ASP E 272 -6.79 38.42 -26.49
N LYS E 273 -6.68 39.74 -26.55
CA LYS E 273 -7.39 40.62 -25.64
C LYS E 273 -8.90 40.38 -25.57
N SER E 274 -9.48 39.71 -26.56
CA SER E 274 -10.91 39.39 -26.54
C SER E 274 -11.31 38.47 -25.39
N VAL E 275 -10.36 37.82 -24.72
CA VAL E 275 -10.69 36.96 -23.57
C VAL E 275 -11.55 37.65 -22.51
N THR E 276 -11.42 38.96 -22.39
CA THR E 276 -12.20 39.72 -21.43
C THR E 276 -13.74 39.56 -21.59
N ASP E 277 -14.16 39.19 -22.81
CA ASP E 277 -15.60 38.96 -23.10
C ASP E 277 -16.20 37.72 -22.45
N SER E 278 -15.38 36.73 -22.14
CA SER E 278 -15.89 35.47 -21.56
C SER E 278 -16.07 35.55 -20.04
N VAL E 279 -15.64 36.68 -19.48
CA VAL E 279 -15.66 36.87 -18.05
C VAL E 279 -16.47 38.16 -17.76
N MET E 280 -16.93 38.28 -16.52
CA MET E 280 -17.76 39.40 -16.11
C MET E 280 -17.01 40.42 -15.32
N GLY E 281 -17.29 41.69 -15.61
CA GLY E 281 -16.64 42.82 -14.94
C GLY E 281 -16.16 43.76 -16.02
N PRO E 282 -15.90 45.03 -15.66
CA PRO E 282 -15.41 46.06 -16.61
C PRO E 282 -14.14 45.59 -17.30
N LYS E 283 -14.12 45.69 -18.62
CA LYS E 283 -13.06 45.12 -19.44
C LYS E 283 -12.15 46.24 -19.92
N TYR E 284 -10.84 45.99 -19.82
CA TYR E 284 -9.83 46.93 -20.29
C TYR E 284 -8.79 46.15 -21.06
N VAL E 285 -8.47 46.63 -22.23
CA VAL E 285 -7.54 45.97 -23.13
C VAL E 285 -6.56 46.97 -23.74
N VAL E 286 -5.50 46.46 -24.32
CA VAL E 286 -4.50 47.26 -25.02
C VAL E 286 -4.43 46.76 -26.46
N PRO E 287 -4.61 47.72 -27.30
CA PRO E 287 -4.71 47.53 -28.72
C PRO E 287 -3.37 47.43 -29.35
N VAL E 288 -2.36 47.98 -28.66
CA VAL E 288 -0.94 48.10 -28.88
C VAL E 288 -0.58 48.81 -30.14
N GLU E 289 -1.15 50.02 -30.21
CA GLU E 289 -1.00 50.82 -31.35
C GLU E 289 0.13 51.70 -31.11
N SER E 290 1.29 51.09 -31.43
CA SER E 290 2.58 51.68 -31.40
C SER E 290 3.53 50.71 -32.06
N SER E 291 4.56 51.28 -32.70
CA SER E 291 5.59 50.52 -33.33
C SER E 291 6.81 51.35 -33.26
N LEU E 292 7.95 50.74 -33.60
CA LEU E 292 9.13 51.51 -33.47
C LEU E 292 9.49 51.85 -34.86
N GLY E 293 10.20 52.98 -35.01
CA GLY E 293 10.59 53.53 -36.28
C GLY E 293 12.06 53.34 -36.47
N LYS E 294 12.61 54.13 -37.40
CA LYS E 294 14.03 54.04 -37.77
C LYS E 294 15.00 54.34 -36.64
N GLU E 295 14.92 55.55 -36.10
CA GLU E 295 15.85 55.96 -35.05
C GLU E 295 15.71 55.14 -33.78
N LYS E 296 14.51 54.68 -33.51
CA LYS E 296 14.27 53.81 -32.38
C LYS E 296 14.92 52.44 -32.59
N GLY E 297 14.84 51.92 -33.81
CA GLY E 297 15.55 50.69 -34.17
C GLY E 297 17.03 50.88 -34.17
N LEU E 298 17.50 52.09 -34.52
CA LEU E 298 18.94 52.41 -34.46
C LEU E 298 19.46 52.49 -33.02
N GLU E 299 18.61 52.96 -32.10
CA GLU E 299 18.93 52.93 -30.67
C GLU E 299 19.02 51.48 -30.18
N ILE E 300 18.12 50.62 -30.65
CA ILE E 300 18.20 49.20 -30.30
C ILE E 300 19.54 48.63 -30.78
N LEU E 301 19.89 48.87 -32.04
CA LEU E 301 21.16 48.42 -32.61
C LEU E 301 22.36 48.94 -31.80
N SER E 302 22.38 50.25 -31.55
CA SER E 302 23.49 50.87 -30.83
C SER E 302 23.78 50.14 -29.52
N LEU E 303 22.73 49.77 -28.79
CA LEU E 303 22.91 49.10 -27.51
C LEU E 303 23.42 47.68 -27.72
N PHE E 304 23.03 47.05 -28.81
CA PHE E 304 23.44 45.66 -29.08
C PHE E 304 24.93 45.59 -29.48
N VAL E 305 25.40 46.51 -30.32
CA VAL E 305 26.76 46.41 -30.91
C VAL E 305 27.73 47.51 -30.42
N ASN E 306 27.13 48.45 -29.66
CA ASN E 306 27.80 49.56 -29.05
C ASN E 306 28.45 50.39 -30.12
N MET E 307 27.70 50.72 -31.20
CA MET E 307 28.20 51.54 -32.26
C MET E 307 27.32 52.75 -32.30
N LYS E 308 27.80 53.95 -32.72
CA LYS E 308 26.80 54.98 -32.72
C LYS E 308 25.92 54.73 -33.89
N LYS E 309 24.68 55.21 -33.89
CA LYS E 309 23.92 54.92 -35.09
C LYS E 309 24.63 55.48 -36.32
N ALA E 310 25.34 56.61 -36.15
CA ALA E 310 26.17 57.22 -37.19
C ALA E 310 27.33 56.34 -37.66
N ASP E 311 27.78 55.42 -36.81
CA ASP E 311 28.86 54.49 -37.14
C ASP E 311 28.38 53.28 -37.89
N LEU E 312 27.06 53.08 -37.94
CA LEU E 312 26.51 51.94 -38.61
C LEU E 312 26.50 52.19 -40.08
N PRO E 313 26.92 51.17 -40.74
CA PRO E 313 26.92 51.02 -42.16
C PRO E 313 25.57 51.24 -42.69
N GLU E 314 25.61 51.72 -43.93
CA GLU E 314 24.49 51.99 -44.85
C GLU E 314 23.50 50.85 -44.95
N GLN E 315 24.03 49.64 -44.96
CA GLN E 315 23.21 48.41 -45.00
C GLN E 315 22.35 48.27 -43.77
N ALA E 316 22.84 48.70 -42.62
CA ALA E 316 22.08 48.69 -41.39
C ALA E 316 20.87 49.65 -41.43
N HIS E 317 21.01 50.74 -42.17
CA HIS E 317 19.95 51.73 -42.40
C HIS E 317 18.97 51.28 -43.49
N SER E 318 19.50 50.62 -44.52
CA SER E 318 18.73 50.06 -45.60
C SER E 318 17.78 48.92 -45.17
N ILE E 319 18.28 48.00 -44.37
CA ILE E 319 17.50 46.89 -43.86
C ILE E 319 16.42 47.37 -42.91
N ILE E 320 16.66 48.51 -42.27
CA ILE E 320 15.63 49.17 -41.48
C ILE E 320 14.54 49.76 -42.36
N LYS E 321 14.93 50.39 -43.47
CA LYS E 321 13.98 50.88 -44.48
C LYS E 321 13.15 49.71 -45.07
N GLU E 322 13.74 48.51 -45.16
CA GLU E 322 13.03 47.33 -45.63
C GLU E 322 12.10 46.69 -44.60
N CYS E 323 12.55 46.59 -43.35
CA CYS E 323 11.74 45.98 -42.29
C CYS E 323 10.91 46.96 -41.47
N LYS E 324 11.14 48.26 -41.71
CA LYS E 324 10.44 49.38 -41.04
C LYS E 324 10.75 49.47 -39.54
N GLY E 325 11.92 48.96 -39.15
CA GLY E 325 12.38 49.07 -37.77
C GLY E 325 11.75 48.20 -36.68
N SER E 326 11.16 47.04 -37.04
CA SER E 326 10.58 46.17 -36.01
C SER E 326 11.61 45.66 -34.99
N PRO E 327 11.35 45.82 -33.67
CA PRO E 327 12.31 45.33 -32.68
C PRO E 327 12.58 43.82 -32.65
N LEU E 328 11.62 42.98 -33.03
CA LEU E 328 11.87 41.53 -33.05
C LEU E 328 12.86 41.15 -34.14
N VAL E 329 12.83 41.85 -35.27
CA VAL E 329 13.77 41.60 -36.37
C VAL E 329 15.15 42.19 -36.02
N VAL E 330 15.16 43.39 -35.45
CA VAL E 330 16.43 44.05 -35.18
C VAL E 330 17.22 43.21 -34.19
N SER E 331 16.58 42.71 -33.14
CA SER E 331 17.25 41.85 -32.16
C SER E 331 17.92 40.60 -32.73
N LEU E 332 17.20 39.91 -33.60
CA LEU E 332 17.71 38.70 -34.27
C LEU E 332 18.90 38.95 -35.18
N ILE E 333 18.72 39.89 -36.11
CA ILE E 333 19.72 40.24 -37.09
C ILE E 333 21.03 40.72 -36.42
N GLY E 334 20.91 41.47 -35.35
CA GLY E 334 22.08 41.92 -34.59
C GLY E 334 22.92 40.78 -34.06
N ALA E 335 22.26 39.82 -33.44
CA ALA E 335 22.91 38.59 -32.91
C ALA E 335 23.49 37.75 -34.03
N LEU E 336 22.79 37.70 -35.17
CA LEU E 336 23.29 36.99 -36.37
C LEU E 336 24.55 37.59 -36.98
N LEU E 337 24.55 38.91 -37.12
CA LEU E 337 25.67 39.61 -37.73
C LEU E 337 26.75 39.92 -36.67
N ARG E 338 26.47 39.68 -35.39
CA ARG E 338 27.50 39.70 -34.38
C ARG E 338 28.66 38.75 -34.73
N ASP E 339 28.30 37.49 -34.97
CA ASP E 339 29.24 36.45 -35.42
C ASP E 339 29.50 36.41 -36.90
N PHE E 340 28.44 36.42 -37.74
CA PHE E 340 28.53 36.38 -39.20
C PHE E 340 29.13 37.71 -39.65
N PRO E 341 30.02 37.74 -40.63
CA PRO E 341 30.62 38.98 -41.10
C PRO E 341 29.48 39.92 -41.39
N ASN E 342 29.64 41.25 -41.18
CA ASN E 342 28.49 42.14 -41.28
C ASN E 342 28.06 42.31 -42.70
N ARG E 343 27.21 41.37 -43.16
CA ARG E 343 26.63 41.39 -44.48
C ARG E 343 25.15 41.21 -44.26
N TRP E 344 24.38 42.32 -44.26
CA TRP E 344 22.97 42.37 -44.02
C TRP E 344 22.31 41.68 -45.16
N GLU E 345 22.94 41.79 -46.35
CA GLU E 345 22.47 41.18 -47.55
C GLU E 345 22.31 39.71 -47.39
N TYR E 346 23.17 39.05 -46.59
CA TYR E 346 23.12 37.62 -46.54
C TYR E 346 21.80 37.22 -45.96
N TYR E 347 21.47 37.74 -44.77
CA TYR E 347 20.34 37.25 -44.04
C TYR E 347 19.10 37.89 -44.57
N LEU E 348 19.25 39.06 -45.22
CA LEU E 348 18.13 39.75 -45.81
C LEU E 348 17.62 38.97 -46.95
N LYS E 349 18.48 38.68 -47.95
CA LYS E 349 17.99 37.99 -49.10
C LYS E 349 17.61 36.61 -48.71
N GLN E 350 18.32 36.03 -47.72
CA GLN E 350 17.95 34.74 -47.24
C GLN E 350 16.54 34.76 -46.71
N LEU E 351 16.20 35.74 -45.86
CA LEU E 351 14.90 35.70 -45.26
C LEU E 351 13.83 36.02 -46.25
N GLN E 352 14.16 36.71 -47.35
CA GLN E 352 13.14 36.97 -48.32
C GLN E 352 12.72 35.70 -49.00
N ASN E 353 13.53 34.65 -48.83
CA ASN E 353 13.26 33.39 -49.46
C ASN E 353 12.26 32.51 -48.77
N LYS E 354 12.23 32.72 -47.43
CA LYS E 354 11.52 31.96 -46.41
C LYS E 354 12.24 32.22 -45.06
N GLN E 355 12.01 33.38 -44.46
CA GLN E 355 12.71 33.85 -43.24
C GLN E 355 12.95 32.80 -42.14
N PHE E 356 13.51 33.21 -40.99
CA PHE E 356 13.81 32.22 -39.97
C PHE E 356 12.58 31.95 -39.08
N LYS E 357 11.46 32.57 -39.43
CA LYS E 357 10.18 32.16 -38.86
C LYS E 357 9.68 30.88 -39.53
N ARG E 358 10.23 30.58 -40.70
CA ARG E 358 9.86 29.36 -41.42
C ARG E 358 10.82 28.22 -41.10
N ILE E 359 12.13 28.56 -40.87
CA ILE E 359 13.21 27.65 -40.62
C ILE E 359 13.61 27.91 -39.18
N ARG E 360 13.36 26.95 -38.25
CA ARG E 360 13.69 27.23 -36.87
C ARG E 360 15.18 27.27 -36.69
N LYS E 361 15.67 28.31 -35.99
CA LYS E 361 17.06 28.52 -35.68
C LYS E 361 17.19 28.60 -34.18
N SER E 362 18.42 28.79 -33.69
CA SER E 362 18.64 28.99 -32.27
C SER E 362 18.07 30.34 -31.97
N SER E 363 17.37 30.47 -30.82
CA SER E 363 16.78 31.74 -30.44
C SER E 363 16.51 31.79 -28.94
N SER E 364 16.42 33.00 -28.39
CA SER E 364 16.16 33.18 -26.99
C SER E 364 14.68 33.07 -26.83
N TYR E 365 13.96 33.20 -27.96
CA TYR E 365 12.53 33.08 -27.98
C TYR E 365 12.23 31.67 -27.63
N ASP E 366 11.10 31.44 -26.93
CA ASP E 366 10.79 30.14 -26.42
C ASP E 366 10.54 29.23 -27.58
N TYR E 367 9.95 29.78 -28.65
CA TYR E 367 9.66 29.00 -29.85
C TYR E 367 10.14 29.75 -31.08
N GLU E 368 10.57 29.03 -32.12
CA GLU E 368 10.97 29.81 -33.27
C GLU E 368 9.95 29.58 -34.31
N ALA E 369 8.93 28.81 -33.97
CA ALA E 369 7.89 28.72 -34.93
C ALA E 369 6.61 29.19 -34.32
N LEU E 370 5.85 29.90 -35.15
CA LEU E 370 4.57 30.51 -34.91
C LEU E 370 3.58 29.43 -34.68
N ASP E 371 3.77 28.27 -35.32
CA ASP E 371 2.83 27.21 -35.24
C ASP E 371 2.81 26.67 -33.85
N GLU E 372 3.90 26.84 -33.08
CA GLU E 372 3.93 26.19 -31.80
C GLU E 372 2.83 26.73 -30.94
N ALA E 373 2.79 28.05 -30.72
CA ALA E 373 1.79 28.65 -29.89
C ALA E 373 0.46 28.73 -30.59
N MET E 374 0.49 29.00 -31.91
CA MET E 374 -0.68 29.22 -32.70
C MET E 374 -1.52 27.99 -32.76
N SER E 375 -0.87 26.82 -32.79
CA SER E 375 -1.58 25.59 -32.96
C SER E 375 -2.50 25.34 -31.81
N ILE E 376 -2.27 26.02 -30.68
CA ILE E 376 -3.17 25.84 -29.57
C ILE E 376 -4.53 26.36 -29.89
N SER E 377 -4.60 27.51 -30.58
CA SER E 377 -5.86 28.13 -30.86
C SER E 377 -6.45 27.58 -32.12
N VAL E 378 -5.61 27.08 -33.04
CA VAL E 378 -6.12 26.58 -34.29
C VAL E 378 -6.67 25.21 -34.11
N GLU E 379 -5.93 24.34 -33.39
CA GLU E 379 -6.37 22.99 -33.22
C GLU E 379 -7.57 23.01 -32.32
N MET E 380 -7.76 24.04 -31.45
CA MET E 380 -8.92 23.98 -30.57
C MET E 380 -10.00 24.62 -31.42
N LEU E 381 -10.43 23.94 -32.53
CA LEU E 381 -11.48 24.52 -33.35
C LEU E 381 -12.23 23.33 -33.89
N ARG E 382 -12.83 23.44 -35.12
CA ARG E 382 -13.53 22.35 -35.77
C ARG E 382 -13.03 22.20 -37.19
N GLU E 383 -12.98 20.95 -37.73
CA GLU E 383 -12.38 20.68 -39.02
C GLU E 383 -12.73 21.69 -40.11
N ASP E 384 -14.01 22.00 -40.27
CA ASP E 384 -14.39 22.98 -41.29
C ASP E 384 -13.75 24.37 -41.14
N ILE E 385 -13.78 24.96 -39.93
CA ILE E 385 -13.15 26.28 -39.71
C ILE E 385 -11.62 26.26 -39.47
N LYS E 386 -11.03 25.10 -39.17
CA LYS E 386 -9.59 24.89 -39.24
C LYS E 386 -9.03 24.92 -40.66
N ASP E 387 -9.75 24.30 -41.59
CA ASP E 387 -9.43 24.48 -43.01
C ASP E 387 -9.69 25.90 -43.49
N TYR E 388 -10.81 26.48 -43.09
CA TYR E 388 -11.06 27.85 -43.47
C TYR E 388 -9.92 28.78 -43.02
N TYR E 389 -9.43 28.63 -41.81
CA TYR E 389 -8.28 29.45 -41.36
C TYR E 389 -7.09 29.37 -42.30
N THR E 390 -6.76 28.16 -42.71
CA THR E 390 -5.61 27.94 -43.56
C THR E 390 -5.93 28.34 -45.00
N ASP E 391 -7.22 28.39 -45.34
CA ASP E 391 -7.61 28.73 -46.70
C ASP E 391 -7.46 30.24 -46.99
N LEU E 392 -7.27 31.03 -45.94
CA LEU E 392 -7.17 32.47 -46.11
C LEU E 392 -5.88 32.92 -46.79
N SER E 393 -4.91 32.03 -46.89
CA SER E 393 -3.58 32.39 -47.41
C SER E 393 -3.54 32.58 -48.94
N ILE E 394 -4.66 32.33 -49.63
CA ILE E 394 -4.71 32.51 -51.10
C ILE E 394 -4.87 33.95 -51.53
N LEU E 395 -5.12 34.81 -50.55
CA LEU E 395 -5.34 36.19 -50.79
C LEU E 395 -3.97 36.82 -50.84
N GLN E 396 -3.75 37.67 -51.87
CA GLN E 396 -2.57 38.47 -52.09
C GLN E 396 -2.64 39.59 -51.10
N LYS E 397 -1.64 39.66 -50.19
CA LYS E 397 -1.56 40.67 -49.17
C LYS E 397 -1.14 41.89 -49.89
N ASP E 398 -1.42 43.07 -49.29
CA ASP E 398 -2.00 43.03 -47.98
C ASP E 398 -3.17 43.92 -48.05
N VAL E 399 -4.34 43.24 -48.28
CA VAL E 399 -5.63 43.83 -48.54
C VAL E 399 -6.70 43.36 -47.60
N LYS E 400 -7.44 44.40 -47.23
CA LYS E 400 -8.56 44.51 -46.37
C LYS E 400 -9.79 44.22 -47.18
N VAL E 401 -10.33 43.01 -46.98
CA VAL E 401 -11.37 42.64 -47.87
C VAL E 401 -12.60 42.50 -47.07
N PRO E 402 -13.63 42.80 -47.81
CA PRO E 402 -14.96 42.83 -47.30
C PRO E 402 -15.30 41.40 -47.16
N THR E 403 -16.48 41.10 -46.49
CA THR E 403 -16.81 39.71 -46.15
C THR E 403 -17.18 38.84 -47.36
N LYS E 404 -18.03 39.40 -48.22
CA LYS E 404 -18.62 38.66 -49.35
C LYS E 404 -17.62 37.80 -50.08
N VAL E 405 -16.36 38.26 -50.12
CA VAL E 405 -15.35 37.69 -51.04
C VAL E 405 -15.04 36.23 -50.66
N LEU E 406 -15.34 35.85 -49.42
CA LEU E 406 -14.96 34.52 -48.90
C LEU E 406 -16.10 33.51 -48.98
N CYS E 407 -17.26 33.93 -49.47
CA CYS E 407 -18.39 33.03 -49.59
C CYS E 407 -18.11 31.88 -50.55
N ILE E 408 -17.54 32.23 -51.70
CA ILE E 408 -17.22 31.25 -52.74
C ILE E 408 -16.18 30.26 -52.22
N LEU E 409 -15.15 30.79 -51.56
CA LEU E 409 -14.03 29.99 -51.03
C LEU E 409 -14.54 28.94 -50.05
N TRP E 410 -15.33 29.38 -49.07
CA TRP E 410 -15.76 28.51 -48.00
C TRP E 410 -16.99 27.66 -48.34
N ASP E 411 -17.75 28.12 -49.36
CA ASP E 411 -19.00 27.56 -49.77
C ASP E 411 -19.99 27.84 -48.73
N MET E 412 -19.79 28.98 -48.07
CA MET E 412 -20.63 29.34 -46.98
C MET E 412 -21.45 30.55 -47.35
N GLU E 413 -22.60 30.64 -46.66
CA GLU E 413 -23.55 31.69 -46.76
C GLU E 413 -23.02 32.89 -46.06
N THR E 414 -23.43 34.09 -46.55
CA THR E 414 -22.91 35.31 -45.95
C THR E 414 -22.90 35.36 -44.44
N GLU E 415 -23.98 34.94 -43.79
CA GLU E 415 -24.07 34.97 -42.33
C GLU E 415 -23.09 33.97 -41.71
N GLU E 416 -22.93 32.83 -42.38
CA GLU E 416 -21.98 31.79 -41.95
C GLU E 416 -20.53 32.25 -42.04
N VAL E 417 -20.19 32.94 -43.12
CA VAL E 417 -18.86 33.51 -43.33
C VAL E 417 -18.58 34.59 -42.28
N GLU E 418 -19.55 35.45 -42.04
CA GLU E 418 -19.40 36.54 -41.10
C GLU E 418 -19.12 36.02 -39.68
N ASP E 419 -19.92 35.05 -39.21
CA ASP E 419 -19.73 34.47 -37.87
C ASP E 419 -18.36 33.80 -37.70
N ILE E 420 -17.95 33.03 -38.69
CA ILE E 420 -16.66 32.36 -38.65
C ILE E 420 -15.51 33.34 -38.64
N LEU E 421 -15.61 34.42 -39.42
CA LEU E 421 -14.63 35.50 -39.41
C LEU E 421 -14.51 36.24 -38.06
N GLN E 422 -15.65 36.51 -37.41
CA GLN E 422 -15.67 37.15 -36.08
C GLN E 422 -14.99 36.26 -35.04
N GLU E 423 -15.19 34.95 -35.17
CA GLU E 423 -14.47 34.00 -34.33
C GLU E 423 -12.97 34.03 -34.59
N PHE E 424 -12.56 34.03 -35.86
CA PHE E 424 -11.13 34.12 -36.18
C PHE E 424 -10.48 35.32 -35.52
N VAL E 425 -11.16 36.46 -35.61
CA VAL E 425 -10.73 37.68 -34.97
C VAL E 425 -10.66 37.50 -33.46
N ASN E 426 -11.68 36.84 -32.91
CA ASN E 426 -11.75 36.52 -31.47
C ASN E 426 -10.64 35.57 -31.02
N LYS E 427 -10.01 34.87 -31.96
CA LYS E 427 -8.89 33.96 -31.66
C LYS E 427 -7.49 34.49 -32.06
N SER E 428 -7.40 35.77 -32.46
CA SER E 428 -6.16 36.46 -33.00
C SER E 428 -5.63 35.88 -34.31
N LEU E 429 -6.52 35.28 -35.07
CA LEU E 429 -6.19 34.65 -36.33
C LEU E 429 -6.42 35.57 -37.53
N LEU E 430 -7.05 36.71 -37.27
CA LEU E 430 -7.57 37.60 -38.27
C LEU E 430 -7.69 38.97 -37.61
N PHE E 431 -7.35 40.02 -38.36
CA PHE E 431 -7.50 41.40 -37.91
C PHE E 431 -8.66 42.00 -38.66
N CYS E 432 -9.32 42.97 -38.00
CA CYS E 432 -10.59 43.52 -38.49
C CYS E 432 -10.50 45.00 -38.48
N ASP E 433 -10.56 45.63 -39.66
CA ASP E 433 -10.70 47.11 -39.79
C ASP E 433 -12.19 47.38 -39.99
N ARG E 434 -12.86 47.76 -38.90
CA ARG E 434 -14.27 48.06 -38.92
C ARG E 434 -14.49 49.38 -39.66
N ASN E 435 -14.90 49.28 -40.91
CA ASN E 435 -15.15 50.46 -41.72
C ASN E 435 -16.56 50.95 -41.45
N GLY E 436 -16.77 51.48 -40.25
CA GLY E 436 -18.08 51.95 -39.83
C GLY E 436 -19.03 50.79 -39.60
N LYS E 437 -19.98 50.66 -40.52
CA LYS E 437 -20.89 49.52 -40.53
C LYS E 437 -20.28 48.26 -41.20
N SER E 438 -19.24 48.44 -42.01
CA SER E 438 -18.57 47.31 -42.65
C SER E 438 -17.34 46.80 -41.86
N PHE E 439 -16.94 45.55 -42.14
CA PHE E 439 -15.82 44.88 -41.46
C PHE E 439 -14.81 44.38 -42.50
N ARG E 440 -13.79 45.18 -42.80
CA ARG E 440 -12.77 44.79 -43.76
C ARG E 440 -11.62 44.07 -43.05
N TYR E 441 -11.51 42.77 -43.35
CA TYR E 441 -10.63 41.88 -42.62
C TYR E 441 -9.29 41.76 -43.32
N TYR E 442 -8.24 41.63 -42.52
CA TYR E 442 -6.90 41.58 -43.06
C TYR E 442 -5.95 40.81 -42.15
N LEU E 443 -4.73 40.55 -42.68
CA LEU E 443 -3.75 39.79 -41.94
C LEU E 443 -2.52 40.65 -41.90
N HIS E 444 -1.63 40.46 -40.93
CA HIS E 444 -0.47 41.29 -41.09
C HIS E 444 0.44 40.53 -42.00
N ASP E 445 1.54 41.17 -42.44
CA ASP E 445 2.54 40.59 -43.37
C ASP E 445 3.07 39.25 -42.94
N LEU E 446 3.53 39.19 -41.70
CA LEU E 446 4.03 37.94 -41.14
C LEU E 446 2.93 36.88 -40.99
N GLN E 447 1.74 37.32 -40.59
CA GLN E 447 0.58 36.44 -40.43
C GLN E 447 0.24 35.75 -41.74
N VAL E 448 0.41 36.45 -42.86
CA VAL E 448 0.19 35.82 -44.18
C VAL E 448 1.36 34.87 -44.49
N ASP E 449 2.59 35.35 -44.29
CA ASP E 449 3.83 34.57 -44.60
C ASP E 449 3.83 33.19 -43.97
N PHE E 450 3.32 33.09 -42.75
CA PHE E 450 3.21 31.81 -42.07
C PHE E 450 2.47 30.73 -42.87
N LEU E 451 1.25 31.02 -43.32
CA LEU E 451 0.44 30.04 -44.04
C LEU E 451 0.94 29.82 -45.46
N THR E 452 1.58 30.85 -46.00
CA THR E 452 2.15 30.81 -47.33
C THR E 452 3.09 29.62 -47.45
N GLU E 453 3.91 29.44 -46.43
CA GLU E 453 4.84 28.31 -46.31
C GLU E 453 4.11 27.02 -45.82
N LYS E 454 3.25 27.12 -44.80
CA LYS E 454 2.56 25.95 -44.25
C LYS E 454 1.69 25.18 -45.27
N ASN E 455 1.01 25.90 -46.15
CA ASN E 455 0.15 25.31 -47.14
C ASN E 455 0.91 25.05 -48.40
N CYS E 456 0.56 23.97 -49.15
CA CYS E 456 1.19 23.50 -50.38
C CYS E 456 0.21 23.63 -51.52
N SER E 457 0.04 22.51 -52.23
CA SER E 457 -0.74 22.25 -53.42
C SER E 457 -2.19 22.42 -53.15
N GLN E 458 -2.60 22.41 -51.86
CA GLN E 458 -3.98 22.69 -51.61
C GLN E 458 -4.31 24.07 -52.11
N LEU E 459 -3.34 24.99 -52.05
CA LEU E 459 -3.56 26.33 -52.53
C LEU E 459 -3.90 26.38 -53.99
N GLN E 460 -3.22 25.61 -54.85
CA GLN E 460 -3.61 25.66 -56.23
C GLN E 460 -4.98 25.07 -56.41
N ASP E 461 -5.35 24.06 -55.62
CA ASP E 461 -6.66 23.50 -55.70
C ASP E 461 -7.68 24.51 -55.29
N LEU E 462 -7.36 25.37 -54.30
CA LEU E 462 -8.28 26.37 -53.85
C LEU E 462 -8.44 27.39 -54.94
N HIS E 463 -7.34 27.74 -55.64
CA HIS E 463 -7.39 28.71 -56.70
C HIS E 463 -8.32 28.23 -57.76
N LYS E 464 -8.17 26.96 -58.18
CA LYS E 464 -8.93 26.43 -59.27
C LYS E 464 -10.36 26.27 -58.83
N LYS E 465 -10.58 25.88 -57.57
CA LYS E 465 -11.91 25.63 -57.08
C LYS E 465 -12.76 26.86 -57.18
N ILE E 466 -12.26 28.01 -56.69
CA ILE E 466 -13.12 29.16 -56.55
C ILE E 466 -13.40 29.76 -57.91
N ILE E 467 -12.58 29.42 -58.91
CA ILE E 467 -12.82 29.86 -60.26
C ILE E 467 -14.08 29.21 -60.78
N THR E 468 -14.18 27.87 -60.63
CA THR E 468 -15.34 27.16 -61.11
C THR E 468 -16.54 27.57 -60.31
N GLN E 469 -16.39 27.65 -58.97
CA GLN E 469 -17.48 27.93 -58.07
C GLN E 469 -18.04 29.28 -58.35
N PHE E 470 -17.17 30.28 -58.58
CA PHE E 470 -17.59 31.59 -58.94
C PHE E 470 -18.47 31.54 -60.16
N GLN E 471 -17.99 30.88 -61.23
CA GLN E 471 -18.70 30.81 -62.47
C GLN E 471 -20.00 30.08 -62.29
N ARG E 472 -20.09 29.17 -61.30
CA ARG E 472 -21.34 28.50 -61.03
C ARG E 472 -22.38 29.45 -60.52
N TYR E 473 -21.94 30.57 -59.90
CA TYR E 473 -22.78 31.63 -59.41
C TYR E 473 -22.74 32.89 -60.22
N HIS E 474 -21.70 33.72 -60.17
CA HIS E 474 -21.84 34.88 -61.02
C HIS E 474 -20.68 34.93 -61.93
N GLN E 475 -20.94 35.43 -63.13
CA GLN E 475 -19.90 35.47 -64.08
C GLN E 475 -19.11 36.66 -63.72
N PRO E 476 -17.85 36.58 -64.02
CA PRO E 476 -16.88 37.60 -63.71
C PRO E 476 -17.12 38.84 -64.55
N HIS E 477 -17.92 38.72 -65.62
CA HIS E 477 -18.17 39.83 -66.48
C HIS E 477 -19.49 40.42 -66.10
N THR E 478 -20.33 39.55 -65.46
CA THR E 478 -21.65 39.85 -64.96
C THR E 478 -21.40 40.72 -63.79
N LEU E 479 -20.33 40.35 -63.06
CA LEU E 479 -19.92 41.01 -61.88
C LEU E 479 -19.81 42.46 -62.15
N SER E 480 -20.79 43.14 -61.51
CA SER E 480 -21.22 44.51 -61.57
C SER E 480 -20.52 45.15 -60.44
N PRO E 481 -20.38 46.44 -60.44
CA PRO E 481 -19.78 47.17 -59.37
C PRO E 481 -20.67 47.26 -58.16
N ASP E 482 -21.91 46.76 -58.25
CA ASP E 482 -22.87 46.85 -57.18
C ASP E 482 -22.48 45.83 -56.16
N GLN E 483 -21.59 44.88 -56.49
CA GLN E 483 -21.26 43.94 -55.45
C GLN E 483 -20.22 44.42 -54.47
N GLU E 484 -20.07 43.59 -53.41
CA GLU E 484 -19.15 43.97 -52.37
C GLU E 484 -17.81 43.57 -52.83
N ASP E 485 -17.78 42.40 -53.53
CA ASP E 485 -16.61 41.67 -54.02
C ASP E 485 -16.38 42.02 -55.42
N CYS E 486 -17.10 43.07 -55.86
CA CYS E 486 -17.00 43.51 -57.23
C CYS E 486 -15.60 43.74 -57.70
N MET E 487 -14.77 44.50 -56.97
CA MET E 487 -13.42 44.74 -57.39
C MET E 487 -12.53 43.64 -56.91
N TYR E 488 -13.01 42.84 -55.94
CA TYR E 488 -12.18 41.79 -55.43
C TYR E 488 -11.71 40.96 -56.59
N TRP E 489 -12.65 40.41 -57.37
CA TRP E 489 -12.35 39.42 -58.37
C TRP E 489 -11.53 40.01 -59.48
N TYR E 490 -11.51 41.34 -59.65
CA TYR E 490 -10.71 41.89 -60.71
C TYR E 490 -9.34 42.11 -60.18
N ASN E 491 -9.21 42.29 -58.85
CA ASN E 491 -7.93 42.55 -58.29
C ASN E 491 -7.13 41.28 -58.09
N PHE E 492 -7.83 40.15 -57.88
CA PHE E 492 -7.31 38.84 -57.53
C PHE E 492 -7.57 37.63 -58.39
N LEU E 493 -8.56 37.62 -59.31
CA LEU E 493 -8.82 36.42 -60.07
C LEU E 493 -7.66 36.03 -60.94
N ALA E 494 -6.98 37.01 -61.55
CA ALA E 494 -5.85 36.73 -62.37
C ALA E 494 -4.75 36.20 -61.51
N TYR E 495 -4.64 36.73 -60.27
CA TYR E 495 -3.67 36.27 -59.33
C TYR E 495 -3.91 34.82 -59.01
N HIS E 496 -5.19 34.42 -58.86
CA HIS E 496 -5.51 33.06 -58.53
C HIS E 496 -5.09 32.13 -59.64
N MET E 497 -5.39 32.51 -60.90
CA MET E 497 -5.09 31.65 -62.01
C MET E 497 -3.61 31.53 -62.17
N ALA E 498 -2.88 32.64 -61.97
CA ALA E 498 -1.45 32.68 -62.10
C ALA E 498 -0.82 31.81 -61.04
N SER E 499 -1.34 31.89 -59.81
CA SER E 499 -0.77 31.16 -58.71
C SER E 499 -0.98 29.69 -58.97
N ALA E 500 -2.15 29.35 -59.54
CA ALA E 500 -2.60 28.03 -59.86
C ALA E 500 -1.79 27.49 -61.01
N LYS E 501 -1.06 28.37 -61.72
CA LYS E 501 -0.25 27.98 -62.84
C LYS E 501 -1.14 27.41 -63.90
N MET E 502 -2.36 27.98 -64.03
CA MET E 502 -3.26 27.55 -65.06
C MET E 502 -3.15 28.58 -66.15
N HIS E 503 -2.05 28.55 -66.92
CA HIS E 503 -1.82 29.55 -67.93
C HIS E 503 -2.87 29.51 -69.00
N LYS E 504 -3.54 28.36 -69.19
CA LYS E 504 -4.57 28.32 -70.19
C LYS E 504 -5.76 29.09 -69.73
N GLU E 505 -6.06 29.06 -68.41
CA GLU E 505 -7.18 29.80 -67.90
C GLU E 505 -6.83 31.26 -67.78
N LEU E 506 -5.56 31.58 -67.48
CA LEU E 506 -5.16 32.95 -67.35
C LEU E 506 -5.24 33.59 -68.70
N CYS E 507 -4.86 32.84 -69.75
CA CYS E 507 -4.94 33.36 -71.08
C CYS E 507 -6.37 33.63 -71.42
N ALA E 508 -7.26 32.68 -71.12
CA ALA E 508 -8.64 32.84 -71.52
C ALA E 508 -9.20 34.02 -70.79
N LEU E 509 -8.81 34.23 -69.53
CA LEU E 509 -9.40 35.30 -68.77
C LEU E 509 -8.98 36.66 -69.28
N MET E 510 -7.67 36.96 -69.26
CA MET E 510 -7.13 38.26 -69.60
C MET E 510 -7.10 38.59 -71.06
N PHE E 511 -7.12 37.59 -71.96
CA PHE E 511 -7.17 37.99 -73.34
C PHE E 511 -8.61 38.21 -73.64
N SER E 512 -9.17 39.33 -73.14
CA SER E 512 -10.56 39.57 -73.36
C SER E 512 -10.82 41.02 -73.16
N LEU E 513 -11.51 41.64 -74.13
CA LEU E 513 -11.80 43.04 -74.16
C LEU E 513 -12.95 43.29 -73.24
N ASP E 514 -13.73 42.24 -72.91
CA ASP E 514 -14.78 42.34 -71.94
C ASP E 514 -14.19 42.37 -70.56
N TRP E 515 -13.25 41.46 -70.29
CA TRP E 515 -12.56 41.46 -69.03
C TRP E 515 -11.86 42.77 -68.84
N ILE E 516 -11.18 43.29 -69.88
CA ILE E 516 -10.45 44.52 -69.72
C ILE E 516 -11.43 45.61 -69.43
N LYS E 517 -12.53 45.67 -70.21
CA LYS E 517 -13.48 46.74 -70.07
C LYS E 517 -13.95 46.83 -68.63
N ALA E 518 -14.38 45.69 -68.04
CA ALA E 518 -14.94 45.71 -66.71
C ALA E 518 -13.92 46.12 -65.70
N LYS E 519 -12.68 45.58 -65.82
CA LYS E 519 -11.63 45.78 -64.87
C LYS E 519 -11.19 47.22 -64.88
N THR E 520 -11.21 47.87 -66.05
CA THR E 520 -10.80 49.24 -66.18
C THR E 520 -11.90 50.18 -65.80
N GLU E 521 -13.15 49.71 -65.76
CA GLU E 521 -14.20 50.60 -65.37
C GLU E 521 -14.42 50.47 -63.89
N LEU E 522 -13.99 49.34 -63.29
CA LEU E 522 -14.21 49.17 -61.88
C LEU E 522 -12.98 49.47 -61.05
N VAL E 523 -11.81 48.97 -61.51
CA VAL E 523 -10.51 49.11 -60.90
C VAL E 523 -9.56 50.10 -61.50
N GLY E 524 -9.26 50.02 -62.80
CA GLY E 524 -8.40 51.02 -63.40
C GLY E 524 -7.36 50.26 -64.18
N PRO E 525 -6.80 50.91 -65.17
CA PRO E 525 -5.84 50.29 -66.07
C PRO E 525 -4.41 50.11 -65.63
N ALA E 526 -3.92 50.81 -64.60
CA ALA E 526 -2.53 50.65 -64.21
C ALA E 526 -2.20 49.28 -63.69
N HIS E 527 -3.05 48.71 -62.81
CA HIS E 527 -2.82 47.39 -62.28
C HIS E 527 -2.85 46.40 -63.41
N LEU E 528 -3.78 46.58 -64.35
CA LEU E 528 -3.92 45.71 -65.47
C LEU E 528 -2.62 45.66 -66.22
N ILE E 529 -2.07 46.85 -66.57
CA ILE E 529 -0.88 46.89 -67.37
C ILE E 529 0.22 46.18 -66.64
N HIS E 530 0.29 46.36 -65.31
CA HIS E 530 1.33 45.80 -64.50
C HIS E 530 1.29 44.30 -64.59
N GLU E 531 0.08 43.73 -64.77
CA GLU E 531 -0.09 42.30 -64.82
C GLU E 531 0.34 41.79 -66.16
N PHE E 532 -0.01 42.52 -67.23
CA PHE E 532 0.36 42.06 -68.54
C PHE E 532 1.85 42.04 -68.63
N VAL E 533 2.53 42.94 -67.90
CA VAL E 533 3.97 42.90 -67.86
C VAL E 533 4.48 41.78 -66.99
N GLU E 534 3.97 41.64 -65.75
CA GLU E 534 4.53 40.68 -64.83
C GLU E 534 4.32 39.25 -65.28
N TYR E 535 3.20 38.98 -65.96
CA TYR E 535 2.76 37.71 -66.47
C TYR E 535 3.43 37.27 -67.75
N ARG E 536 4.26 38.13 -68.36
CA ARG E 536 5.05 37.78 -69.52
C ARG E 536 5.93 36.57 -69.29
N HIS E 537 6.44 36.37 -68.05
CA HIS E 537 7.22 35.20 -67.70
C HIS E 537 6.37 34.04 -67.25
N ILE E 538 5.06 34.25 -67.07
CA ILE E 538 4.12 33.24 -66.63
C ILE E 538 3.49 32.51 -67.80
N LEU E 539 3.12 33.24 -68.87
CA LEU E 539 2.44 32.70 -70.01
C LEU E 539 3.34 31.97 -70.96
N ASP E 540 2.68 31.28 -71.90
CA ASP E 540 3.28 30.43 -72.88
C ASP E 540 3.84 31.34 -73.94
N GLU E 541 4.63 30.79 -74.88
CA GLU E 541 5.31 31.59 -75.87
C GLU E 541 4.33 32.37 -76.71
N LYS E 542 3.39 31.68 -77.39
CA LYS E 542 2.42 32.35 -78.20
C LYS E 542 1.67 33.36 -77.39
N ASP E 543 1.33 33.00 -76.12
CA ASP E 543 0.50 33.78 -75.25
C ASP E 543 1.20 35.06 -74.92
N CYS E 544 2.53 35.00 -74.75
CA CYS E 544 3.32 36.15 -74.43
C CYS E 544 3.30 37.09 -75.60
N ALA E 545 3.39 36.53 -76.82
CA ALA E 545 3.35 37.35 -78.01
C ALA E 545 2.03 38.06 -78.09
N VAL E 546 0.94 37.40 -77.66
CA VAL E 546 -0.35 38.04 -77.70
C VAL E 546 -0.39 39.08 -76.64
N SER E 547 0.17 38.77 -75.46
CA SER E 547 0.02 39.63 -74.34
C SER E 547 0.78 40.89 -74.62
N GLU E 548 1.84 40.80 -75.46
CA GLU E 548 2.58 41.97 -75.85
C GLU E 548 1.73 42.85 -76.71
N ASN E 549 0.81 42.26 -77.51
CA ASN E 549 -0.11 43.06 -78.27
C ASN E 549 -1.02 43.78 -77.33
N PHE E 550 -1.35 43.15 -76.19
CA PHE E 550 -2.18 43.79 -75.21
C PHE E 550 -1.43 44.86 -74.48
N GLN E 551 -0.12 44.68 -74.29
CA GLN E 551 0.68 45.68 -73.64
C GLN E 551 0.68 46.95 -74.44
N GLU E 552 0.69 46.85 -75.78
CA GLU E 552 0.63 48.04 -76.60
C GLU E 552 -0.78 48.51 -76.74
N PHE E 553 -1.75 47.57 -76.75
CA PHE E 553 -3.14 47.89 -76.89
C PHE E 553 -3.51 48.88 -75.83
N LEU E 554 -3.11 48.59 -74.57
CA LEU E 554 -3.55 49.34 -73.42
C LEU E 554 -3.00 50.75 -73.40
N SER E 555 -2.11 51.09 -74.34
CA SER E 555 -1.53 52.40 -74.33
C SER E 555 -2.50 53.35 -74.99
N LEU E 556 -3.51 52.78 -75.66
CA LEU E 556 -4.49 53.50 -76.43
C LEU E 556 -5.44 54.18 -75.51
N ASN E 557 -5.68 53.57 -74.32
CA ASN E 557 -6.70 54.03 -73.43
C ASN E 557 -5.95 54.64 -72.30
N GLY E 558 -6.67 55.12 -71.28
CA GLY E 558 -6.00 55.71 -70.16
C GLY E 558 -6.10 57.16 -70.48
N HIS E 559 -6.97 57.45 -71.45
CA HIS E 559 -7.10 58.81 -71.82
C HIS E 559 -8.49 59.09 -71.34
N LEU E 560 -9.43 58.25 -71.81
CA LEU E 560 -10.84 58.28 -71.53
C LEU E 560 -11.16 57.57 -70.26
N LEU E 561 -10.27 56.67 -69.85
CA LEU E 561 -10.52 55.99 -68.61
C LEU E 561 -10.39 56.89 -67.41
N GLY E 562 -11.43 56.81 -66.55
CA GLY E 562 -11.59 57.61 -65.39
C GLY E 562 -12.28 58.90 -65.72
N ARG E 563 -12.67 59.08 -67.00
CA ARG E 563 -13.29 60.31 -67.37
C ARG E 563 -14.42 59.97 -68.27
N GLN E 564 -15.19 60.98 -68.75
CA GLN E 564 -16.23 60.73 -69.70
C GLN E 564 -15.83 61.39 -70.97
N PRO E 565 -16.09 60.80 -72.10
CA PRO E 565 -16.77 59.54 -72.17
C PRO E 565 -15.82 58.42 -71.90
N PHE E 566 -16.33 57.18 -71.82
CA PHE E 566 -15.48 56.06 -71.62
C PHE E 566 -15.28 55.36 -72.91
N PRO E 567 -14.16 54.73 -72.95
CA PRO E 567 -13.78 54.05 -74.16
C PRO E 567 -14.57 52.80 -74.22
N ASN E 568 -14.74 52.30 -75.45
CA ASN E 568 -15.44 51.09 -75.68
C ASN E 568 -14.23 50.24 -75.89
N ILE E 569 -13.89 49.37 -74.93
CA ILE E 569 -12.65 48.64 -75.10
C ILE E 569 -12.77 47.69 -76.25
N VAL E 570 -13.99 47.18 -76.50
CA VAL E 570 -14.21 46.21 -77.52
C VAL E 570 -13.87 46.79 -78.86
N GLN E 571 -14.43 47.98 -79.17
CA GLN E 571 -14.25 48.59 -80.46
C GLN E 571 -12.86 49.15 -80.55
N LEU E 572 -12.21 49.43 -79.40
CA LEU E 572 -10.90 50.00 -79.38
C LEU E 572 -9.95 49.09 -80.10
N GLY E 573 -10.24 47.77 -80.05
CA GLY E 573 -9.37 46.76 -80.59
C GLY E 573 -9.20 46.95 -82.07
N LEU E 574 -10.19 47.60 -82.71
CA LEU E 574 -10.27 47.70 -84.14
C LEU E 574 -9.25 48.70 -84.64
N CYS E 575 -8.69 49.51 -83.72
CA CYS E 575 -7.67 50.48 -84.00
C CYS E 575 -6.29 49.87 -84.02
N GLU E 576 -6.15 48.61 -83.55
CA GLU E 576 -4.85 47.96 -83.53
C GLU E 576 -4.45 47.57 -84.92
N PRO E 577 -3.16 47.42 -85.10
CA PRO E 577 -2.62 47.04 -86.38
C PRO E 577 -3.16 45.70 -86.76
N GLU E 578 -3.22 45.42 -88.07
CA GLU E 578 -3.69 44.16 -88.56
C GLU E 578 -2.84 43.08 -88.00
N THR E 579 -1.55 43.36 -87.81
CA THR E 579 -0.66 42.36 -87.33
C THR E 579 -1.08 41.95 -85.94
N SER E 580 -1.51 42.93 -85.13
CA SER E 580 -1.90 42.69 -83.76
C SER E 580 -3.03 41.72 -83.64
N GLU E 581 -2.87 40.77 -82.69
CA GLU E 581 -3.83 39.75 -82.33
C GLU E 581 -5.06 40.41 -81.79
N VAL E 582 -4.93 41.58 -81.16
CA VAL E 582 -6.08 42.21 -80.59
C VAL E 582 -7.00 42.65 -81.69
N TYR E 583 -6.43 43.17 -82.79
CA TYR E 583 -7.21 43.57 -83.93
C TYR E 583 -7.86 42.37 -84.54
N GLN E 584 -7.09 41.32 -84.80
CA GLN E 584 -7.58 40.21 -85.57
C GLN E 584 -8.71 39.57 -84.82
N GLN E 585 -8.59 39.55 -83.47
CA GLN E 585 -9.61 38.98 -82.65
C GLN E 585 -10.83 39.86 -82.69
N ALA E 586 -10.66 41.17 -82.45
CA ALA E 586 -11.78 42.07 -82.38
C ALA E 586 -12.43 42.19 -83.73
N LYS E 587 -11.63 42.21 -84.80
CA LYS E 587 -12.18 42.38 -86.12
C LYS E 587 -12.93 41.16 -86.53
N LEU E 588 -12.39 39.96 -86.25
CA LEU E 588 -13.11 38.76 -86.61
C LEU E 588 -14.39 38.69 -85.85
N GLN E 589 -14.35 39.07 -84.55
CA GLN E 589 -15.51 39.07 -83.70
C GLN E 589 -16.51 40.06 -84.22
N ALA E 590 -16.04 41.19 -84.78
CA ALA E 590 -16.98 42.17 -85.28
C ALA E 590 -17.66 41.54 -86.45
N LYS E 591 -16.92 40.76 -87.24
CA LYS E 591 -17.49 40.12 -88.38
C LYS E 591 -18.46 39.05 -87.99
N GLN E 592 -18.17 38.38 -86.87
CA GLN E 592 -19.02 37.31 -86.37
C GLN E 592 -20.35 37.86 -85.86
N GLU E 593 -20.28 38.92 -85.07
CA GLU E 593 -21.48 39.54 -84.50
C GLU E 593 -22.29 40.25 -85.59
N VAL E 594 -23.52 39.79 -85.78
CA VAL E 594 -24.40 40.36 -86.79
C VAL E 594 -24.93 41.73 -86.33
N ASP E 595 -25.49 42.16 -87.52
CA ASP E 595 -26.07 43.49 -87.65
C ASP E 595 -25.94 44.28 -86.35
N ASN E 596 -24.85 45.03 -86.22
CA ASN E 596 -24.60 45.82 -85.03
C ASN E 596 -24.48 47.31 -85.35
N GLY E 597 -25.37 47.80 -86.21
CA GLY E 597 -25.37 49.21 -86.58
C GLY E 597 -24.12 49.93 -86.13
N MET E 598 -23.53 49.45 -85.04
CA MET E 598 -22.33 50.04 -84.50
C MET E 598 -21.54 50.86 -85.50
N LEU E 599 -21.38 50.40 -86.76
CA LEU E 599 -20.71 51.18 -87.77
C LEU E 599 -19.26 51.39 -87.41
N TYR E 600 -18.33 50.82 -88.22
CA TYR E 600 -16.94 51.08 -87.96
C TYR E 600 -16.31 51.55 -89.25
N LEU E 601 -15.15 52.22 -89.14
CA LEU E 601 -14.50 52.72 -90.32
C LEU E 601 -13.20 51.96 -90.42
N GLU E 602 -12.73 51.64 -91.65
CA GLU E 602 -11.42 51.07 -91.75
C GLU E 602 -10.43 52.13 -92.16
N TRP E 603 -9.38 52.33 -91.35
CA TRP E 603 -8.38 53.32 -91.64
C TRP E 603 -7.34 52.69 -92.53
N ILE E 604 -7.35 53.07 -93.82
CA ILE E 604 -6.59 52.41 -94.86
C ILE E 604 -5.11 52.52 -94.66
N ASN E 605 -4.59 53.73 -94.38
CA ASN E 605 -3.16 53.84 -94.31
C ASN E 605 -2.77 53.98 -92.88
N LYS E 606 -3.46 53.23 -92.00
CA LYS E 606 -3.24 53.33 -90.59
C LYS E 606 -1.81 52.96 -90.37
N LYS E 607 -1.31 52.01 -91.19
CA LYS E 607 -0.01 51.46 -90.97
C LYS E 607 1.08 52.43 -91.35
N ASN E 608 0.77 53.49 -92.11
CA ASN E 608 1.81 54.37 -92.59
C ASN E 608 1.93 55.61 -91.74
N ILE E 609 0.89 55.90 -90.94
CA ILE E 609 0.72 57.09 -90.14
C ILE E 609 0.89 56.72 -88.69
N THR E 610 0.84 57.72 -87.78
CA THR E 610 0.96 57.64 -86.35
C THR E 610 2.26 57.03 -85.91
N ASN E 611 3.23 57.93 -85.60
CA ASN E 611 4.45 57.53 -84.95
C ASN E 611 4.22 57.46 -83.48
N LEU E 612 3.60 56.33 -83.06
CA LEU E 612 3.14 56.14 -81.72
C LEU E 612 4.30 56.18 -80.78
N SER E 613 4.17 57.09 -79.79
CA SER E 613 5.14 57.22 -78.74
C SER E 613 4.91 56.12 -77.77
N ARG E 614 5.85 55.98 -76.81
CA ARG E 614 5.84 54.83 -75.95
C ARG E 614 4.77 55.00 -74.91
N LEU E 615 4.54 56.23 -74.42
CA LEU E 615 3.56 56.34 -73.38
C LEU E 615 2.98 57.73 -73.32
N VAL E 616 1.64 57.82 -73.10
CA VAL E 616 0.98 59.09 -73.01
C VAL E 616 0.52 59.30 -71.59
N VAL E 617 0.99 60.37 -70.93
CA VAL E 617 0.61 60.62 -69.56
C VAL E 617 0.03 62.01 -69.43
N ARG E 618 -1.15 62.13 -68.76
CA ARG E 618 -1.70 63.44 -68.48
C ARG E 618 -2.02 63.56 -67.00
N PRO E 619 -1.08 64.05 -66.24
CA PRO E 619 -1.15 64.12 -64.79
C PRO E 619 -1.96 65.23 -64.19
N HIS E 620 -2.27 66.32 -64.94
CA HIS E 620 -3.01 67.38 -64.32
C HIS E 620 -4.12 67.84 -65.22
N THR E 621 -5.18 68.33 -64.57
CA THR E 621 -6.30 68.94 -65.23
C THR E 621 -5.98 70.37 -65.54
N ASP E 622 -4.99 70.94 -64.81
CA ASP E 622 -4.50 72.27 -65.04
C ASP E 622 -3.13 72.24 -65.63
N ALA E 623 -2.59 73.47 -65.85
CA ALA E 623 -1.31 73.64 -66.49
C ALA E 623 -0.26 72.94 -65.68
N VAL E 624 0.66 72.23 -66.38
CA VAL E 624 1.72 71.56 -65.67
C VAL E 624 2.91 72.46 -65.71
N TYR E 625 3.52 72.68 -64.53
CA TYR E 625 4.63 73.59 -64.42
C TYR E 625 5.97 72.91 -64.24
N HIS E 626 6.01 71.78 -63.51
CA HIS E 626 7.26 71.11 -63.30
C HIS E 626 6.99 69.66 -63.00
N ALA E 627 7.91 68.77 -63.41
CA ALA E 627 7.77 67.36 -63.17
C ALA E 627 9.17 66.79 -63.11
N CYS E 628 9.37 65.68 -62.37
CA CYS E 628 10.69 65.11 -62.31
C CYS E 628 10.63 63.69 -61.81
N PHE E 629 11.74 62.94 -62.00
CA PHE E 629 11.85 61.56 -61.58
C PHE E 629 12.39 61.47 -60.18
N SER E 630 11.92 60.46 -59.43
CA SER E 630 12.46 60.19 -58.13
C SER E 630 13.84 59.68 -58.38
N GLU E 631 14.74 59.77 -57.38
CA GLU E 631 16.12 59.43 -57.59
C GLU E 631 16.19 57.96 -57.91
N ASP E 632 15.33 57.19 -57.26
CA ASP E 632 15.16 55.77 -57.39
C ASP E 632 14.64 55.42 -58.75
N GLY E 633 13.86 56.32 -59.39
CA GLY E 633 13.33 56.07 -60.69
C GLY E 633 12.05 55.31 -60.54
N GLN E 634 11.57 55.21 -59.28
CA GLN E 634 10.39 54.48 -58.95
C GLN E 634 9.16 55.31 -59.20
N ARG E 635 9.23 56.64 -59.00
CA ARG E 635 8.01 57.40 -59.12
C ARG E 635 8.27 58.74 -59.72
N ILE E 636 7.20 59.37 -60.24
CA ILE E 636 7.29 60.66 -60.88
C ILE E 636 6.43 61.64 -60.14
N ALA E 637 7.01 62.81 -59.79
CA ALA E 637 6.27 63.83 -59.10
C ALA E 637 6.02 64.91 -60.11
N SER E 638 4.83 65.53 -60.06
CA SER E 638 4.58 66.66 -60.91
C SER E 638 3.73 67.64 -60.16
N CYS E 639 3.83 68.93 -60.53
CA CYS E 639 3.12 69.96 -59.83
C CYS E 639 2.80 71.07 -60.79
N GLY E 640 1.81 71.90 -60.45
CA GLY E 640 1.34 72.85 -61.42
C GLY E 640 0.35 73.81 -60.84
N ALA E 641 -0.53 74.31 -61.71
CA ALA E 641 -1.50 75.36 -61.49
C ALA E 641 -2.68 74.86 -60.72
N ASP E 642 -2.73 73.54 -60.44
CA ASP E 642 -3.83 72.97 -59.69
C ASP E 642 -3.60 73.12 -58.22
N LYS E 643 -2.45 73.71 -57.83
CA LYS E 643 -2.11 74.05 -56.47
C LYS E 643 -1.79 72.83 -55.64
N THR E 644 -1.65 71.64 -56.25
CA THR E 644 -1.37 70.47 -55.45
C THR E 644 -0.16 69.76 -55.99
N LEU E 645 0.28 68.71 -55.26
CA LEU E 645 1.45 67.94 -55.62
C LEU E 645 0.89 66.60 -55.97
N GLN E 646 1.13 66.11 -57.20
CA GLN E 646 0.64 64.80 -57.55
C GLN E 646 1.79 63.91 -57.87
N VAL E 647 1.89 62.78 -57.14
CA VAL E 647 2.98 61.87 -57.37
C VAL E 647 2.40 60.54 -57.70
N PHE E 648 2.93 59.89 -58.75
CA PHE E 648 2.39 58.65 -59.24
C PHE E 648 3.51 57.73 -59.60
N LYS E 649 3.24 56.40 -59.60
CA LYS E 649 4.26 55.42 -59.83
C LYS E 649 4.67 55.49 -61.27
N ALA E 650 5.99 55.45 -61.52
CA ALA E 650 6.49 55.57 -62.85
C ALA E 650 6.15 54.34 -63.62
N GLU E 651 6.11 53.18 -62.94
CA GLU E 651 5.83 51.96 -63.65
C GLU E 651 4.44 51.91 -64.19
N THR E 652 3.43 52.07 -63.29
CA THR E 652 2.03 51.89 -63.57
C THR E 652 1.21 53.12 -63.76
N GLY E 653 1.59 54.25 -63.15
CA GLY E 653 0.82 55.44 -63.33
C GLY E 653 -0.14 55.51 -62.18
N GLU E 654 -0.05 54.52 -61.26
CA GLU E 654 -0.96 54.52 -60.14
C GLU E 654 -0.62 55.69 -59.28
N LYS E 655 -1.63 56.51 -58.92
CA LYS E 655 -1.40 57.64 -58.07
C LYS E 655 -1.03 57.25 -56.67
N LEU E 656 0.10 57.81 -56.20
CA LEU E 656 0.68 57.53 -54.91
C LEU E 656 0.46 58.62 -53.88
N LEU E 657 0.64 59.90 -54.27
CA LEU E 657 0.45 60.97 -53.31
C LEU E 657 -0.47 62.01 -53.86
N GLU E 658 -1.47 62.44 -53.04
CA GLU E 658 -2.34 63.51 -53.41
C GLU E 658 -2.22 64.53 -52.31
N ILE E 659 -1.27 65.47 -52.45
CA ILE E 659 -0.96 66.36 -51.36
C ILE E 659 -1.33 67.74 -51.75
N LYS E 660 -2.24 68.37 -50.97
CA LYS E 660 -2.69 69.71 -51.29
C LYS E 660 -1.66 70.63 -50.71
N ALA E 661 -0.51 70.74 -51.41
CA ALA E 661 0.63 71.48 -50.98
C ALA E 661 0.44 72.97 -50.82
N HIS E 662 -0.13 73.68 -51.82
CA HIS E 662 -0.17 75.12 -51.63
C HIS E 662 -1.54 75.68 -51.88
N GLU E 663 -1.67 76.95 -51.44
CA GLU E 663 -2.81 77.83 -51.59
C GLU E 663 -2.71 78.59 -52.89
N ASP E 664 -1.62 78.42 -53.65
CA ASP E 664 -1.48 79.11 -54.90
C ASP E 664 -0.72 78.21 -55.84
N GLU E 665 -0.63 78.60 -57.13
CA GLU E 665 -0.05 77.79 -58.18
C GLU E 665 1.37 77.42 -57.86
N VAL E 666 1.67 76.10 -57.98
CA VAL E 666 2.93 75.53 -57.61
C VAL E 666 3.84 75.55 -58.80
N LEU E 667 4.86 76.44 -58.75
CA LEU E 667 5.83 76.73 -59.77
C LEU E 667 6.88 75.68 -60.00
N CYS E 668 7.42 75.06 -58.93
CA CYS E 668 8.31 73.94 -59.19
C CYS E 668 8.32 73.05 -57.99
N CYS E 669 8.93 71.84 -58.13
CA CYS E 669 8.94 70.87 -57.06
C CYS E 669 10.02 69.86 -57.33
N ALA E 670 10.63 69.27 -56.28
CA ALA E 670 11.77 68.43 -56.49
C ALA E 670 11.91 67.45 -55.36
N PHE E 671 12.66 66.36 -55.62
CA PHE E 671 12.87 65.28 -54.69
C PHE E 671 14.07 65.64 -53.86
N SER E 672 14.12 65.13 -52.61
CA SER E 672 15.32 65.19 -51.82
C SER E 672 16.21 64.04 -52.22
N THR E 673 17.43 63.99 -51.64
CA THR E 673 18.42 63.01 -51.98
C THR E 673 17.83 61.62 -51.90
N ASP E 674 17.22 61.29 -50.76
CA ASP E 674 16.71 60.01 -50.37
C ASP E 674 15.31 59.74 -50.85
N ASP E 675 14.65 60.71 -51.51
CA ASP E 675 13.28 60.52 -51.92
C ASP E 675 12.46 60.41 -50.68
N ARG E 676 12.98 60.93 -49.56
CA ARG E 676 12.24 60.90 -48.33
C ARG E 676 11.45 62.18 -48.21
N PHE E 677 11.95 63.27 -48.83
CA PHE E 677 11.17 64.47 -48.85
C PHE E 677 11.00 64.97 -50.24
N ILE E 678 9.91 65.75 -50.45
CA ILE E 678 9.62 66.41 -51.68
C ILE E 678 9.34 67.84 -51.31
N ALA E 679 10.07 68.79 -51.92
CA ALA E 679 9.86 70.17 -51.60
C ALA E 679 9.13 70.80 -52.74
N THR E 680 8.25 71.77 -52.43
CA THR E 680 7.52 72.46 -53.44
C THR E 680 7.76 73.91 -53.20
N CYS E 681 7.83 74.72 -54.27
CA CYS E 681 7.97 76.14 -54.10
C CYS E 681 7.01 76.78 -55.04
N SER E 682 6.32 77.86 -54.60
CA SER E 682 5.18 78.31 -55.37
C SER E 682 5.08 79.80 -55.36
N VAL E 683 3.97 80.27 -55.96
CA VAL E 683 3.59 81.65 -56.14
C VAL E 683 3.40 82.30 -54.80
N ASP E 684 3.06 81.51 -53.77
CA ASP E 684 2.75 82.03 -52.47
C ASP E 684 4.03 82.37 -51.76
N LYS E 685 5.16 82.16 -52.45
CA LYS E 685 6.44 82.62 -51.99
C LYS E 685 6.86 81.85 -50.78
N LYS E 686 6.33 80.62 -50.61
CA LYS E 686 6.75 79.79 -49.51
C LYS E 686 7.46 78.58 -50.04
N VAL E 687 8.49 78.13 -49.30
CA VAL E 687 9.26 76.96 -49.63
C VAL E 687 8.79 75.91 -48.65
N LYS E 688 8.14 74.83 -49.12
CA LYS E 688 7.67 73.88 -48.15
C LYS E 688 8.19 72.50 -48.43
N ILE E 689 8.78 71.87 -47.40
CA ILE E 689 9.35 70.56 -47.56
C ILE E 689 8.36 69.60 -46.96
N TRP E 690 7.88 68.63 -47.75
CA TRP E 690 6.87 67.74 -47.23
C TRP E 690 7.46 66.37 -47.09
N ASN E 691 6.95 65.60 -46.10
CA ASN E 691 7.39 64.25 -45.95
C ASN E 691 6.78 63.54 -47.10
N SER E 692 7.60 62.83 -47.89
CA SER E 692 7.07 62.16 -49.04
C SER E 692 6.18 61.03 -48.62
N MET E 693 6.34 60.55 -47.37
CA MET E 693 5.52 59.46 -46.90
C MET E 693 4.08 59.84 -46.68
N THR E 694 3.85 60.84 -45.79
CA THR E 694 2.52 61.26 -45.39
C THR E 694 2.08 62.54 -46.03
N GLY E 695 3.04 63.38 -46.44
CA GLY E 695 2.71 64.61 -47.10
C GLY E 695 2.52 65.68 -46.07
N GLU E 696 3.05 65.50 -44.84
CA GLU E 696 2.92 66.50 -43.82
C GLU E 696 4.06 67.46 -43.94
N LEU E 697 3.83 68.72 -43.50
CA LEU E 697 4.84 69.75 -43.57
C LEU E 697 5.87 69.43 -42.53
N VAL E 698 7.15 69.36 -42.96
CA VAL E 698 8.34 69.06 -42.22
C VAL E 698 9.19 70.27 -41.93
N HIS E 699 9.58 71.06 -42.95
CA HIS E 699 10.36 72.28 -42.88
C HIS E 699 9.64 73.30 -43.70
N THR E 700 9.73 74.60 -43.33
CA THR E 700 9.17 75.62 -44.18
C THR E 700 10.01 76.85 -44.10
N TYR E 701 10.22 77.52 -45.25
CA TYR E 701 11.12 78.64 -45.32
C TYR E 701 10.45 79.74 -46.10
N ASP E 702 10.69 81.02 -45.74
CA ASP E 702 10.13 82.09 -46.52
C ASP E 702 10.87 83.37 -46.25
N GLU E 703 11.87 83.69 -47.10
CA GLU E 703 12.52 84.98 -47.08
C GLU E 703 12.42 85.78 -48.36
N HIS E 704 12.18 85.11 -49.51
CA HIS E 704 12.16 85.80 -50.78
C HIS E 704 11.04 86.77 -50.87
N SER E 705 11.28 87.86 -51.63
CA SER E 705 10.34 88.94 -51.76
C SER E 705 9.40 88.63 -52.89
N GLU E 706 9.93 88.06 -53.99
CA GLU E 706 9.16 87.71 -55.14
C GLU E 706 8.87 86.24 -55.13
N GLN E 707 8.11 85.79 -56.16
CA GLN E 707 7.77 84.40 -56.27
C GLN E 707 9.03 83.63 -56.52
N VAL E 708 9.12 82.40 -55.99
CA VAL E 708 10.34 81.65 -56.06
C VAL E 708 10.42 80.93 -57.37
N ASN E 709 11.58 81.07 -58.05
CA ASN E 709 11.89 80.52 -59.35
C ASN E 709 12.65 79.22 -59.31
N CYS E 710 13.62 79.08 -58.38
CA CYS E 710 14.45 77.89 -58.36
C CYS E 710 14.53 77.35 -56.96
N CYS E 711 14.25 76.04 -56.82
CA CYS E 711 14.47 75.34 -55.58
C CYS E 711 15.09 74.01 -55.89
N HIS E 712 16.20 73.67 -55.19
CA HIS E 712 16.91 72.45 -55.44
C HIS E 712 17.56 71.98 -54.18
N PHE E 713 17.45 70.67 -53.88
CA PHE E 713 18.10 70.03 -52.76
C PHE E 713 19.55 69.80 -53.08
N THR E 714 20.41 69.85 -52.03
CA THR E 714 21.75 69.32 -52.12
C THR E 714 21.65 67.93 -52.67
N ASN E 715 22.65 67.50 -53.47
CA ASN E 715 22.67 66.19 -54.07
C ASN E 715 23.16 65.12 -53.14
N SER E 716 24.36 65.33 -52.54
CA SER E 716 24.87 64.39 -51.57
C SER E 716 24.14 64.54 -50.28
N SER E 717 24.10 63.45 -49.49
CA SER E 717 23.41 63.41 -48.24
C SER E 717 24.32 63.93 -47.16
N HIS E 718 25.59 64.19 -47.52
CA HIS E 718 26.53 64.65 -46.53
C HIS E 718 26.17 66.00 -45.97
N HIS E 719 26.18 67.05 -46.81
CA HIS E 719 25.72 68.34 -46.40
C HIS E 719 24.26 68.47 -46.66
N LEU E 720 23.52 69.13 -45.74
CA LEU E 720 22.09 69.25 -45.93
C LEU E 720 21.76 70.69 -46.14
N LEU E 721 21.81 71.17 -47.40
CA LEU E 721 21.52 72.56 -47.68
C LEU E 721 20.43 72.61 -48.71
N LEU E 722 19.66 73.73 -48.72
CA LEU E 722 18.63 73.90 -49.70
C LEU E 722 18.91 75.20 -50.40
N ALA E 723 18.99 75.20 -51.73
CA ALA E 723 19.28 76.42 -52.45
C ALA E 723 18.01 76.93 -53.05
N THR E 724 17.73 78.23 -52.88
CA THR E 724 16.61 78.81 -53.59
C THR E 724 17.05 80.11 -54.22
N GLY E 725 16.31 80.52 -55.27
CA GLY E 725 16.61 81.75 -55.96
C GLY E 725 15.32 82.21 -56.54
N SER E 726 15.19 83.51 -56.89
CA SER E 726 13.92 84.00 -57.33
C SER E 726 14.08 85.23 -58.18
N SER E 727 12.96 85.89 -58.46
CA SER E 727 12.89 87.03 -59.35
C SER E 727 13.40 88.23 -58.61
N ASP E 728 13.57 88.11 -57.29
CA ASP E 728 13.97 89.18 -56.41
C ASP E 728 15.46 89.37 -56.50
N CYS E 729 16.13 88.55 -57.33
CA CYS E 729 17.54 88.59 -57.67
C CYS E 729 18.43 88.20 -56.54
N PHE E 730 17.87 87.68 -55.44
CA PHE E 730 18.71 87.19 -54.38
C PHE E 730 18.66 85.68 -54.39
N LEU E 731 19.70 85.07 -53.77
CA LEU E 731 19.86 83.66 -53.60
C LEU E 731 19.78 83.45 -52.13
N LYS E 732 19.20 82.31 -51.68
CA LYS E 732 19.19 82.06 -50.28
C LYS E 732 19.63 80.65 -50.02
N LEU E 733 20.61 80.50 -49.11
CA LEU E 733 21.15 79.19 -48.80
C LEU E 733 20.53 78.86 -47.49
N TRP E 734 19.74 77.77 -47.43
CA TRP E 734 19.05 77.46 -46.22
C TRP E 734 19.74 76.27 -45.64
N ASP E 735 19.82 76.23 -44.30
CA ASP E 735 20.38 75.10 -43.61
C ASP E 735 19.18 74.24 -43.32
N LEU E 736 19.19 72.99 -43.80
CA LEU E 736 18.06 72.13 -43.61
C LEU E 736 17.98 71.75 -42.18
N ASN E 737 19.10 71.87 -41.46
CA ASN E 737 19.13 71.54 -40.08
C ASN E 737 18.41 72.62 -39.31
N GLN E 738 18.26 73.83 -39.89
CA GLN E 738 17.63 74.92 -39.18
C GLN E 738 16.34 75.34 -39.85
N LYS E 739 15.65 76.29 -39.19
CA LYS E 739 14.48 76.94 -39.67
C LYS E 739 14.85 78.20 -40.39
N GLU E 740 16.14 78.58 -40.34
CA GLU E 740 16.57 79.81 -40.96
C GLU E 740 17.55 79.65 -42.08
N CYS E 741 17.74 80.77 -42.81
CA CYS E 741 18.63 80.88 -43.93
C CYS E 741 20.03 80.89 -43.40
N ARG E 742 20.86 79.98 -43.94
CA ARG E 742 22.27 79.91 -43.65
C ARG E 742 23.03 81.12 -44.12
N ASN E 743 22.70 81.64 -45.32
CA ASN E 743 23.31 82.87 -45.74
C ASN E 743 22.56 83.40 -46.92
N THR E 744 22.35 84.73 -46.94
CA THR E 744 21.73 85.36 -48.08
C THR E 744 22.83 85.73 -49.02
N MET E 745 22.70 85.36 -50.30
CA MET E 745 23.75 85.63 -51.24
C MET E 745 23.23 86.63 -52.23
N PHE E 746 23.98 87.73 -52.44
CA PHE E 746 23.53 88.75 -53.35
C PHE E 746 24.61 88.90 -54.37
N GLY E 747 24.34 89.60 -55.49
CA GLY E 747 25.37 89.69 -56.48
C GLY E 747 24.91 89.50 -57.90
N HIS E 748 23.70 88.98 -58.16
CA HIS E 748 23.27 88.98 -59.54
C HIS E 748 22.73 90.33 -59.93
N THR E 749 22.82 90.66 -61.24
CA THR E 749 22.38 91.94 -61.69
C THR E 749 20.96 91.86 -62.18
N ASN E 750 20.46 90.65 -62.51
CA ASN E 750 19.07 90.51 -62.88
C ASN E 750 18.44 89.40 -62.08
N SER E 751 17.23 88.95 -62.51
CA SER E 751 16.48 87.94 -61.84
C SER E 751 17.14 86.61 -62.03
N VAL E 752 16.96 85.70 -61.04
CA VAL E 752 17.58 84.40 -61.10
C VAL E 752 16.55 83.46 -61.64
N ASN E 753 16.96 82.68 -62.67
CA ASN E 753 16.13 81.75 -63.38
C ASN E 753 16.31 80.30 -62.99
N HIS E 754 17.53 79.88 -62.60
CA HIS E 754 17.68 78.48 -62.29
C HIS E 754 18.90 78.29 -61.44
N CYS E 755 18.94 77.17 -60.68
CA CYS E 755 20.03 76.94 -59.79
C CYS E 755 20.20 75.46 -59.59
N ARG E 756 21.46 74.98 -59.50
CA ARG E 756 21.61 73.57 -59.32
C ARG E 756 22.80 73.31 -58.46
N PHE E 757 22.68 72.30 -57.58
CA PHE E 757 23.82 71.83 -56.84
C PHE E 757 24.61 70.96 -57.75
N SER E 758 25.95 71.04 -57.67
CA SER E 758 26.79 70.12 -58.38
C SER E 758 26.76 68.83 -57.61
N PRO E 759 27.24 67.75 -58.18
CA PRO E 759 27.24 66.50 -57.48
C PRO E 759 28.11 66.68 -56.28
N ASP E 760 29.05 67.64 -56.36
CA ASP E 760 29.87 67.87 -55.22
C ASP E 760 29.02 68.86 -54.48
N ASP E 761 28.52 68.45 -53.30
CA ASP E 761 27.66 69.19 -52.42
C ASP E 761 28.24 70.49 -51.96
N LYS E 762 29.55 70.70 -52.14
CA LYS E 762 30.20 71.94 -51.81
C LYS E 762 30.02 73.03 -52.86
N LEU E 763 29.65 72.71 -54.13
CA LEU E 763 29.53 73.76 -55.11
C LEU E 763 28.10 73.96 -55.55
N LEU E 764 27.68 75.25 -55.65
CA LEU E 764 26.35 75.59 -56.06
C LEU E 764 26.49 76.49 -57.27
N ALA E 765 25.86 76.12 -58.40
CA ALA E 765 25.94 76.94 -59.57
C ALA E 765 24.67 77.71 -59.70
N SER E 766 24.76 78.99 -60.09
CA SER E 766 23.56 79.77 -60.24
C SER E 766 23.49 80.28 -61.65
N CYS E 767 22.30 80.14 -62.28
CA CYS E 767 22.10 80.68 -63.60
C CYS E 767 21.07 81.76 -63.54
N SER E 768 21.31 82.87 -64.27
CA SER E 768 20.41 83.99 -64.24
C SER E 768 20.32 84.66 -65.59
N ALA E 769 19.35 85.59 -65.69
CA ALA E 769 18.85 86.28 -66.84
C ALA E 769 19.93 87.15 -67.42
N ASP E 770 20.88 87.57 -66.58
CA ASP E 770 21.89 88.55 -66.87
C ASP E 770 23.03 87.93 -67.63
N GLY E 771 22.95 86.62 -67.92
CA GLY E 771 23.92 86.04 -68.82
C GLY E 771 25.18 85.73 -68.08
N THR E 772 25.12 85.66 -66.74
CA THR E 772 26.28 85.18 -66.04
C THR E 772 25.98 83.90 -65.32
N LEU E 773 27.02 83.07 -65.17
CA LEU E 773 27.00 81.81 -64.49
C LEU E 773 27.74 82.16 -63.24
N LYS E 774 27.23 81.77 -62.04
CA LYS E 774 28.08 82.03 -60.90
C LYS E 774 28.36 80.78 -60.15
N LEU E 775 29.60 80.67 -59.63
CA LEU E 775 29.95 79.52 -58.86
C LEU E 775 30.06 79.93 -57.42
N TRP E 776 29.26 79.31 -56.54
CA TRP E 776 29.24 79.71 -55.16
C TRP E 776 29.83 78.60 -54.35
N ASP E 777 30.65 78.96 -53.33
CA ASP E 777 31.24 77.99 -52.47
C ASP E 777 30.31 77.82 -51.31
N ALA E 778 29.65 76.66 -51.19
CA ALA E 778 28.68 76.48 -50.13
C ALA E 778 29.34 76.39 -48.79
N THR E 779 30.64 76.04 -48.73
CA THR E 779 31.27 75.91 -47.45
C THR E 779 31.34 77.24 -46.75
N SER E 780 31.85 78.28 -47.45
CA SER E 780 31.88 79.62 -46.94
C SER E 780 30.73 80.50 -47.34
N ALA E 781 29.83 80.05 -48.22
CA ALA E 781 28.71 80.84 -48.68
C ALA E 781 29.23 82.10 -49.32
N ASN E 782 30.38 82.04 -50.02
CA ASN E 782 30.95 83.21 -50.64
C ASN E 782 31.04 82.97 -52.13
N GLU E 783 30.95 84.06 -52.93
CA GLU E 783 31.08 83.93 -54.36
C GLU E 783 32.50 83.56 -54.68
N ARG E 784 32.67 82.43 -55.42
CA ARG E 784 33.96 81.93 -55.81
C ARG E 784 34.40 82.47 -57.14
N LYS E 785 33.63 82.21 -58.21
CA LYS E 785 33.99 82.78 -59.48
C LYS E 785 32.76 83.15 -60.23
N SER E 786 32.92 84.04 -61.23
CA SER E 786 31.82 84.53 -62.00
C SER E 786 32.17 84.34 -63.45
N ILE E 787 31.29 83.67 -64.23
CA ILE E 787 31.57 83.52 -65.62
C ILE E 787 30.64 84.40 -66.41
N ASN E 788 31.20 85.41 -67.10
CA ASN E 788 30.42 86.27 -67.96
C ASN E 788 30.30 85.62 -69.30
N VAL E 789 29.07 85.20 -69.67
CA VAL E 789 28.87 84.48 -70.90
C VAL E 789 28.74 85.49 -72.00
N LYS E 790 29.92 85.92 -72.51
CA LYS E 790 30.24 86.76 -73.63
C LYS E 790 30.71 86.04 -74.87
N GLN E 791 30.78 84.70 -74.81
CA GLN E 791 31.21 83.83 -75.88
C GLN E 791 30.34 83.85 -77.10
N PHE E 792 29.05 84.21 -76.98
CA PHE E 792 28.33 84.38 -78.22
C PHE E 792 28.62 85.74 -78.77
N PHE E 793 29.28 85.77 -79.95
CA PHE E 793 29.66 87.02 -80.52
C PHE E 793 28.79 87.24 -81.71
N LEU E 794 27.92 88.26 -81.64
CA LEU E 794 27.12 88.55 -82.78
C LEU E 794 27.06 90.03 -82.93
N ASN E 795 27.62 90.55 -84.04
CA ASN E 795 27.63 91.97 -84.22
C ASN E 795 26.57 92.27 -85.22
N LEU E 796 25.46 92.86 -84.75
CA LEU E 796 24.39 93.18 -85.65
C LEU E 796 24.49 94.62 -86.03
N GLU E 797 23.74 95.01 -87.08
CA GLU E 797 23.70 96.37 -87.51
C GLU E 797 23.08 97.17 -86.42
N ASP E 798 22.20 96.51 -85.64
CA ASP E 798 21.60 97.09 -84.47
C ASP E 798 22.65 97.87 -83.74
N PRO E 799 22.37 99.13 -83.66
CA PRO E 799 23.20 100.11 -83.03
C PRO E 799 23.55 99.69 -81.63
N GLN E 800 22.72 98.85 -80.98
CA GLN E 800 23.03 98.49 -79.63
C GLN E 800 24.24 97.63 -79.62
N GLU E 801 24.79 97.41 -78.41
CA GLU E 801 25.98 96.64 -78.22
C GLU E 801 25.74 95.26 -78.74
N ASP E 802 26.83 94.47 -78.81
CA ASP E 802 26.79 93.14 -79.33
C ASP E 802 25.69 92.39 -78.68
N MET E 803 25.15 91.40 -79.41
CA MET E 803 23.98 90.72 -78.96
C MET E 803 24.16 90.28 -77.56
N GLU E 804 23.25 90.75 -76.70
CA GLU E 804 23.27 90.44 -75.31
C GLU E 804 22.94 88.98 -75.19
N VAL E 805 23.59 88.29 -74.24
CA VAL E 805 23.44 86.87 -74.18
C VAL E 805 22.57 86.54 -73.00
N ILE E 806 21.46 85.82 -73.26
CA ILE E 806 20.60 85.40 -72.18
C ILE E 806 20.71 83.91 -72.06
N VAL E 807 21.25 83.44 -70.93
CA VAL E 807 21.47 82.03 -70.75
C VAL E 807 20.17 81.42 -70.29
N LYS E 808 19.85 80.21 -70.77
CA LYS E 808 18.62 79.53 -70.45
C LYS E 808 18.97 78.29 -69.68
N CYS E 809 18.69 77.10 -70.26
CA CYS E 809 18.86 75.80 -69.66
C CYS E 809 20.25 75.74 -69.12
N CYS E 810 20.43 75.24 -67.88
CA CYS E 810 21.76 75.11 -67.36
C CYS E 810 21.89 73.77 -66.71
N SER E 811 22.58 72.83 -67.37
CA SER E 811 22.69 71.50 -66.83
C SER E 811 24.13 71.15 -66.62
N TRP E 812 24.36 70.22 -65.66
CA TRP E 812 25.66 69.79 -65.23
C TRP E 812 26.15 68.67 -66.10
N SER E 813 27.48 68.62 -66.29
CA SER E 813 28.12 67.55 -67.02
C SER E 813 28.11 66.35 -66.12
N ALA E 814 28.55 65.19 -66.65
CA ALA E 814 28.64 63.99 -65.86
C ALA E 814 29.67 64.20 -64.79
N ASP E 815 30.70 65.00 -65.09
CA ASP E 815 31.78 65.27 -64.18
C ASP E 815 31.31 66.10 -63.03
N GLY E 816 30.62 67.23 -63.29
CA GLY E 816 30.14 68.05 -62.22
C GLY E 816 31.00 69.27 -62.18
N ALA E 817 32.15 69.20 -62.87
CA ALA E 817 33.07 70.29 -63.07
C ALA E 817 32.71 71.14 -64.24
N ARG E 818 31.73 70.69 -65.08
CA ARG E 818 31.42 71.50 -66.22
C ARG E 818 29.94 71.72 -66.31
N ILE E 819 29.52 72.84 -66.92
CA ILE E 819 28.12 73.10 -67.09
C ILE E 819 27.83 73.26 -68.55
N MET E 820 26.83 72.53 -69.08
CA MET E 820 26.48 72.70 -70.46
C MET E 820 25.34 73.68 -70.48
N VAL E 821 25.53 74.83 -71.16
CA VAL E 821 24.51 75.84 -71.19
C VAL E 821 24.17 76.11 -72.62
N ALA E 822 23.00 76.75 -72.86
CA ALA E 822 22.70 77.20 -74.19
C ALA E 822 22.17 78.60 -74.10
N ALA E 823 22.43 79.39 -75.16
CA ALA E 823 21.96 80.74 -75.17
C ALA E 823 22.04 81.20 -76.58
N LYS E 824 21.17 82.16 -76.96
CA LYS E 824 21.19 82.66 -78.30
C LYS E 824 21.05 81.52 -79.25
N ASN E 825 22.02 81.47 -80.18
CA ASN E 825 22.22 80.49 -81.20
C ASN E 825 23.28 79.48 -80.84
N LYS E 826 23.86 79.50 -79.63
CA LYS E 826 24.88 78.50 -79.45
C LYS E 826 24.85 77.81 -78.12
N ILE E 827 25.39 76.58 -78.13
CA ILE E 827 25.49 75.71 -77.00
C ILE E 827 26.89 75.91 -76.53
N PHE E 828 27.10 76.21 -75.23
CA PHE E 828 28.45 76.40 -74.77
C PHE E 828 28.76 75.43 -73.67
N LEU E 829 30.04 75.01 -73.58
CA LEU E 829 30.45 74.19 -72.49
C LEU E 829 31.43 74.96 -71.66
N PHE E 830 31.06 75.26 -70.40
CA PHE E 830 31.92 76.02 -69.53
C PHE E 830 32.47 75.15 -68.46
N ASP E 831 33.73 75.42 -68.09
CA ASP E 831 34.35 74.74 -66.98
C ASP E 831 34.23 75.69 -65.83
N ILE E 832 33.65 75.22 -64.71
CA ILE E 832 33.43 76.09 -63.60
C ILE E 832 34.71 76.32 -62.86
N HIS E 833 35.75 75.49 -63.10
CA HIS E 833 36.97 75.64 -62.35
C HIS E 833 37.95 76.59 -62.99
N THR E 834 37.93 76.68 -64.33
CA THR E 834 38.82 77.52 -65.07
C THR E 834 38.06 78.71 -65.55
N SER E 835 36.73 78.58 -65.62
CA SER E 835 35.88 79.65 -66.07
C SER E 835 36.18 79.90 -67.51
N GLY E 836 36.64 78.85 -68.23
CA GLY E 836 36.97 79.00 -69.61
C GLY E 836 35.96 78.28 -70.45
N LEU E 837 36.13 78.36 -71.79
CA LEU E 837 35.19 77.77 -72.70
C LEU E 837 35.87 76.59 -73.31
N LEU E 838 35.14 75.45 -73.31
CA LEU E 838 35.62 74.20 -73.83
C LEU E 838 34.95 73.84 -75.12
N GLY E 839 33.69 74.28 -75.34
CA GLY E 839 33.10 73.85 -76.59
C GLY E 839 32.05 74.83 -77.03
N GLU E 840 31.78 74.86 -78.35
CA GLU E 840 30.93 75.86 -78.92
C GLU E 840 30.21 75.24 -80.09
N ILE E 841 28.88 75.07 -79.98
CA ILE E 841 28.16 74.39 -81.01
C ILE E 841 27.16 75.37 -81.51
N HIS E 842 27.03 75.50 -82.84
CA HIS E 842 26.04 76.37 -83.40
C HIS E 842 24.80 75.56 -83.60
N THR E 843 23.62 76.16 -83.30
CA THR E 843 22.39 75.44 -83.41
C THR E 843 21.62 75.92 -84.61
N GLY E 844 20.34 75.49 -84.69
CA GLY E 844 19.51 75.73 -85.83
C GLY E 844 19.39 77.19 -86.08
N HIS E 845 19.54 77.55 -87.37
CA HIS E 845 19.43 78.86 -87.94
C HIS E 845 19.75 79.92 -86.93
N HIS E 846 18.96 81.00 -86.96
CA HIS E 846 19.23 82.12 -86.10
C HIS E 846 17.93 82.54 -85.48
N SER E 847 17.76 82.19 -84.20
CA SER E 847 16.58 82.42 -83.42
C SER E 847 17.11 82.48 -82.03
N THR E 848 16.23 82.31 -81.03
CA THR E 848 16.70 82.30 -79.68
C THR E 848 16.27 81.02 -79.04
N ILE E 849 17.24 80.25 -78.49
CA ILE E 849 16.91 79.00 -77.85
C ILE E 849 16.16 79.34 -76.59
N GLN E 850 14.89 78.89 -76.52
CA GLN E 850 14.08 79.06 -75.35
C GLN E 850 14.26 77.98 -74.31
N TYR E 851 14.42 76.69 -74.72
CA TYR E 851 14.60 75.68 -73.71
C TYR E 851 15.46 74.58 -74.27
N CYS E 852 16.19 73.84 -73.41
CA CYS E 852 17.14 72.85 -73.89
C CYS E 852 17.59 71.96 -72.77
N ASP E 853 18.22 70.82 -73.12
CA ASP E 853 18.85 69.98 -72.12
C ASP E 853 19.84 69.09 -72.80
N PHE E 854 20.79 68.52 -72.04
CA PHE E 854 21.87 67.76 -72.61
C PHE E 854 21.69 66.33 -72.23
N SER E 855 21.80 65.42 -73.23
CA SER E 855 21.65 63.99 -73.01
C SER E 855 22.96 63.41 -72.55
N PRO E 856 22.87 62.53 -71.59
CA PRO E 856 24.05 61.84 -71.07
C PRO E 856 24.67 60.92 -72.06
N GLN E 857 23.98 60.59 -73.16
CA GLN E 857 24.50 59.59 -74.06
C GLN E 857 24.67 60.19 -75.41
N ASN E 858 25.77 59.78 -76.09
CA ASN E 858 26.02 60.07 -77.47
C ASN E 858 26.19 61.56 -77.64
N HIS E 859 26.47 62.28 -76.54
CA HIS E 859 26.74 63.68 -76.59
C HIS E 859 25.61 64.36 -77.28
N LEU E 860 24.38 63.85 -77.13
CA LEU E 860 23.24 64.45 -77.77
C LEU E 860 22.74 65.60 -76.96
N ALA E 861 22.11 66.58 -77.65
CA ALA E 861 21.52 67.69 -76.97
C ALA E 861 20.16 67.87 -77.55
N VAL E 862 19.15 68.11 -76.68
CA VAL E 862 17.82 68.33 -77.16
C VAL E 862 17.56 69.79 -77.05
N VAL E 863 17.34 70.45 -78.20
CA VAL E 863 17.17 71.86 -78.14
C VAL E 863 15.77 72.19 -78.55
N ALA E 864 14.98 72.73 -77.61
CA ALA E 864 13.66 73.16 -77.99
C ALA E 864 13.89 74.57 -78.41
N LEU E 865 14.04 74.80 -79.73
CA LEU E 865 14.43 76.12 -80.15
C LEU E 865 13.36 77.14 -79.89
N SER E 866 12.18 76.96 -80.51
CA SER E 866 11.17 77.95 -80.36
C SER E 866 9.98 77.43 -81.08
N GLN E 867 8.78 77.82 -80.59
CA GLN E 867 7.53 77.39 -81.16
C GLN E 867 7.48 75.91 -81.46
N TYR E 868 7.69 75.11 -80.39
CA TYR E 868 7.73 73.68 -80.37
C TYR E 868 8.54 73.10 -81.49
N CYS E 869 9.59 73.79 -81.95
CA CYS E 869 10.45 73.15 -82.89
C CYS E 869 11.55 72.55 -82.05
N VAL E 870 11.66 71.22 -82.05
CA VAL E 870 12.67 70.62 -81.22
C VAL E 870 13.66 69.93 -82.11
N GLU E 871 14.95 70.29 -81.99
CA GLU E 871 15.93 69.72 -82.85
C GLU E 871 16.85 68.89 -82.02
N LEU E 872 17.14 67.67 -82.48
CA LEU E 872 18.11 66.86 -81.81
C LEU E 872 19.43 67.04 -82.50
N TRP E 873 20.46 67.40 -81.72
CA TRP E 873 21.78 67.67 -82.25
C TRP E 873 22.79 66.82 -81.55
N ASN E 874 23.86 66.48 -82.29
CA ASN E 874 24.98 65.78 -81.72
C ASN E 874 26.08 66.78 -81.51
N THR E 875 26.39 67.08 -80.23
CA THR E 875 27.32 68.15 -79.98
C THR E 875 28.66 67.52 -80.21
N ASP E 876 29.70 68.35 -80.36
CA ASP E 876 31.02 67.88 -80.65
C ASP E 876 31.09 67.54 -82.11
N SER E 877 30.18 66.67 -82.59
CA SER E 877 30.09 66.36 -83.99
C SER E 877 29.50 67.55 -84.65
N ARG E 878 28.73 68.32 -83.85
CA ARG E 878 28.11 69.55 -84.24
C ARG E 878 27.20 69.34 -85.41
N SER E 879 26.41 68.25 -85.42
CA SER E 879 25.62 67.97 -86.59
C SER E 879 24.21 67.70 -86.17
N LYS E 880 23.22 68.19 -86.96
CA LYS E 880 21.84 67.95 -86.64
C LYS E 880 21.53 66.52 -86.93
N VAL E 881 20.84 65.85 -85.99
CA VAL E 881 20.47 64.46 -86.04
C VAL E 881 19.05 64.22 -86.45
N ALA E 882 18.07 64.95 -85.87
CA ALA E 882 16.71 64.66 -86.22
C ALA E 882 15.81 65.78 -85.82
N ASP E 883 14.66 65.87 -86.52
CA ASP E 883 13.64 66.82 -86.18
C ASP E 883 12.66 66.10 -85.31
N CYS E 884 12.60 66.47 -84.02
CA CYS E 884 11.77 65.76 -83.09
C CYS E 884 10.42 66.36 -83.13
N ARG E 885 9.44 65.61 -83.66
CA ARG E 885 8.10 66.10 -83.72
C ARG E 885 7.35 65.38 -82.65
N GLY E 886 6.25 65.97 -82.12
CA GLY E 886 5.54 65.26 -81.10
C GLY E 886 4.40 66.10 -80.59
N HIS E 887 4.56 67.43 -80.51
CA HIS E 887 3.47 68.23 -80.04
C HIS E 887 3.23 69.38 -80.98
N LEU E 888 1.93 69.73 -81.13
CA LEU E 888 1.44 70.90 -81.82
C LEU E 888 1.60 72.14 -81.00
N SER E 889 1.36 72.05 -79.69
CA SER E 889 1.49 73.19 -78.82
C SER E 889 2.93 73.37 -78.43
N TRP E 890 3.25 74.55 -77.85
CA TRP E 890 4.56 74.94 -77.38
C TRP E 890 5.05 74.02 -76.29
N VAL E 891 6.28 73.47 -76.47
CA VAL E 891 6.82 72.51 -75.53
C VAL E 891 7.27 73.26 -74.31
N HIS E 892 6.78 72.83 -73.13
CA HIS E 892 7.10 73.43 -71.87
C HIS E 892 8.34 72.87 -71.23
N GLY E 893 8.50 71.53 -71.20
CA GLY E 893 9.68 71.01 -70.58
C GLY E 893 10.04 69.69 -71.20
N VAL E 894 11.33 69.30 -71.03
CA VAL E 894 11.77 68.03 -71.53
C VAL E 894 12.69 67.44 -70.50
N MET E 895 12.53 66.15 -70.16
CA MET E 895 13.45 65.63 -69.19
C MET E 895 13.73 64.17 -69.44
N PHE E 896 14.88 63.70 -68.91
CA PHE E 896 15.41 62.38 -69.22
C PHE E 896 15.05 61.42 -68.14
N SER E 897 14.97 60.14 -68.52
CA SER E 897 14.58 59.07 -67.66
C SER E 897 15.77 58.93 -66.74
N PRO E 898 15.64 58.31 -65.61
CA PRO E 898 16.75 58.26 -64.70
C PRO E 898 17.87 57.41 -65.21
N ASP E 899 17.63 56.58 -66.23
CA ASP E 899 18.63 55.77 -66.84
C ASP E 899 19.30 56.55 -67.92
N GLY E 900 18.56 57.48 -68.56
CA GLY E 900 19.13 58.27 -69.61
C GLY E 900 18.95 57.52 -70.89
N SER E 901 18.20 56.42 -70.82
CA SER E 901 17.95 55.55 -71.93
C SER E 901 16.76 56.07 -72.69
N SER E 902 15.95 56.93 -72.04
CA SER E 902 14.81 57.46 -72.72
C SER E 902 14.54 58.83 -72.16
N PHE E 903 13.57 59.56 -72.75
CA PHE E 903 13.18 60.84 -72.21
C PHE E 903 11.77 61.15 -72.64
N LEU E 904 11.16 62.18 -72.02
CA LEU E 904 9.79 62.52 -72.32
C LEU E 904 9.68 64.00 -72.52
N THR E 905 8.69 64.42 -73.34
CA THR E 905 8.47 65.82 -73.61
C THR E 905 7.12 66.18 -73.04
N SER E 906 6.93 67.45 -72.61
CA SER E 906 5.65 67.84 -72.07
C SER E 906 5.29 69.18 -72.63
N SER E 907 4.11 69.33 -73.28
CA SER E 907 3.78 70.65 -73.72
C SER E 907 2.55 71.22 -73.08
N ASP E 908 2.13 72.39 -73.65
CA ASP E 908 1.00 73.20 -73.30
C ASP E 908 -0.26 72.43 -73.55
N ASP E 909 -0.17 71.32 -74.30
CA ASP E 909 -1.28 70.44 -74.57
C ASP E 909 -1.41 69.47 -73.43
N GLN E 910 -0.57 69.67 -72.38
CA GLN E 910 -0.59 68.99 -71.12
C GLN E 910 -0.48 67.52 -71.34
N THR E 911 0.23 67.17 -72.43
CA THR E 911 0.42 65.79 -72.76
C THR E 911 1.88 65.50 -72.60
N ILE E 912 2.19 64.42 -71.86
CA ILE E 912 3.55 63.99 -71.65
C ILE E 912 3.70 62.86 -72.62
N ARG E 913 4.71 62.90 -73.50
CA ARG E 913 4.90 61.77 -74.37
C ARG E 913 6.26 61.18 -74.14
N LEU E 914 6.30 59.84 -73.90
CA LEU E 914 7.54 59.17 -73.65
C LEU E 914 8.14 58.77 -74.95
N TRP E 915 9.44 59.09 -75.13
CA TRP E 915 10.10 58.80 -76.38
C TRP E 915 11.33 58.03 -76.05
N GLU E 916 11.73 57.11 -76.96
CA GLU E 916 12.94 56.35 -76.82
C GLU E 916 13.97 57.16 -77.55
N THR E 917 15.09 57.50 -76.88
CA THR E 917 16.09 58.31 -77.53
C THR E 917 16.52 57.69 -78.83
N LYS E 918 16.65 56.35 -78.89
CA LYS E 918 17.20 55.71 -80.06
C LYS E 918 16.27 55.93 -81.21
N LYS E 919 14.96 56.04 -80.92
CA LYS E 919 13.95 56.19 -81.93
C LYS E 919 13.91 57.63 -82.37
N VAL E 920 14.12 58.57 -81.44
CA VAL E 920 14.10 59.97 -81.74
C VAL E 920 15.20 60.37 -82.69
N CYS E 921 16.38 59.74 -82.57
CA CYS E 921 17.50 59.94 -83.44
C CYS E 921 17.20 59.53 -84.85
N LYS E 922 16.15 58.74 -85.07
CA LYS E 922 15.86 58.31 -86.41
C LYS E 922 14.94 59.29 -87.08
N ASN E 923 15.05 59.39 -88.41
CA ASN E 923 14.24 60.26 -89.22
C ASN E 923 12.97 59.55 -89.56
N SER E 924 11.89 60.32 -89.83
CA SER E 924 10.64 59.67 -90.12
C SER E 924 9.71 60.59 -90.87
N ALA E 925 9.07 59.99 -91.89
CA ALA E 925 8.04 60.44 -92.78
C ALA E 925 6.68 59.94 -92.35
N VAL E 926 6.61 59.27 -91.19
CA VAL E 926 5.36 58.70 -90.78
C VAL E 926 4.32 59.76 -90.57
N MET E 927 4.62 60.84 -89.83
CA MET E 927 3.59 61.81 -89.56
C MET E 927 3.74 62.98 -90.47
N LEU E 928 2.64 63.72 -90.69
CA LEU E 928 2.68 64.85 -91.57
C LEU E 928 2.61 66.08 -90.71
N LYS E 929 2.90 67.24 -91.34
CA LYS E 929 2.76 68.51 -90.69
C LYS E 929 1.30 68.82 -90.71
N GLN E 930 0.84 69.67 -89.78
CA GLN E 930 -0.53 70.03 -89.63
C GLN E 930 -1.05 70.77 -90.84
N GLU E 931 -0.17 71.37 -91.64
CA GLU E 931 -0.66 72.11 -92.78
C GLU E 931 -0.94 71.16 -93.91
N VAL E 932 -2.19 70.67 -93.99
CA VAL E 932 -2.58 69.80 -95.07
C VAL E 932 -3.91 70.25 -95.59
N ASP E 933 -4.30 69.72 -96.79
CA ASP E 933 -5.59 70.03 -97.37
C ASP E 933 -5.96 68.86 -98.25
N VAL E 934 -7.23 68.82 -98.72
CA VAL E 934 -7.69 67.67 -99.46
C VAL E 934 -8.47 68.09 -100.67
N VAL E 935 -8.19 67.43 -101.82
CA VAL E 935 -8.91 67.71 -103.04
C VAL E 935 -9.48 66.41 -103.53
N PHE E 936 -10.82 66.34 -103.69
CA PHE E 936 -11.42 65.14 -104.23
C PHE E 936 -11.63 65.35 -105.70
N GLN E 937 -10.94 64.55 -106.54
CA GLN E 937 -11.16 64.61 -107.96
C GLN E 937 -12.06 63.49 -108.38
N GLU E 938 -13.36 63.54 -108.04
CA GLU E 938 -14.27 62.51 -108.47
C GLU E 938 -13.88 61.17 -107.93
N ASN E 939 -13.31 60.32 -108.81
CA ASN E 939 -12.99 58.96 -108.48
C ASN E 939 -11.77 58.92 -107.63
N GLU E 940 -10.92 59.97 -107.66
CA GLU E 940 -9.72 59.87 -106.88
C GLU E 940 -9.64 60.99 -105.87
N VAL E 941 -8.76 60.80 -104.85
CA VAL E 941 -8.57 61.79 -103.82
C VAL E 941 -7.09 62.10 -103.74
N MET E 942 -6.75 63.41 -103.62
CA MET E 942 -5.37 63.80 -103.45
C MET E 942 -5.21 64.54 -102.15
N VAL E 943 -4.08 64.30 -101.45
CA VAL E 943 -3.82 64.99 -100.22
C VAL E 943 -2.65 65.92 -100.41
N LEU E 944 -2.84 67.21 -100.10
CA LEU E 944 -1.82 68.21 -100.30
C LEU E 944 -1.16 68.28 -98.96
N ALA E 945 0.17 68.07 -98.89
CA ALA E 945 0.77 68.18 -97.58
C ALA E 945 2.13 68.80 -97.63
N VAL E 946 2.38 69.71 -96.67
CA VAL E 946 3.62 70.44 -96.62
C VAL E 946 4.69 69.42 -96.36
N ASP E 947 5.80 69.51 -97.10
CA ASP E 947 6.90 68.60 -97.05
C ASP E 947 7.65 68.82 -95.78
N HIS E 948 8.39 67.78 -95.36
CA HIS E 948 9.16 67.84 -94.17
C HIS E 948 10.08 69.02 -94.26
N ILE E 949 10.69 69.27 -95.45
CA ILE E 949 11.64 70.35 -95.44
C ILE E 949 11.30 71.59 -96.23
N ARG E 950 11.39 71.49 -97.59
CA ARG E 950 11.27 72.64 -98.47
C ARG E 950 9.93 73.11 -98.94
N ARG E 951 9.32 72.36 -99.89
CA ARG E 951 8.01 72.79 -100.26
C ARG E 951 6.97 71.80 -99.92
N LEU E 952 6.34 71.07 -100.88
CA LEU E 952 5.22 70.25 -100.48
C LEU E 952 5.08 69.06 -101.38
N GLN E 953 4.33 68.04 -100.92
CA GLN E 953 4.05 66.88 -101.72
C GLN E 953 2.57 66.79 -101.97
N LEU E 954 2.19 66.65 -103.25
CA LEU E 954 0.82 66.37 -103.58
C LEU E 954 0.79 64.88 -103.75
N ILE E 955 0.15 64.16 -102.80
CA ILE E 955 0.15 62.74 -102.79
C ILE E 955 -1.18 62.21 -103.23
N ASN E 956 -1.19 61.50 -104.37
CA ASN E 956 -2.41 60.93 -104.86
C ASN E 956 -2.69 59.76 -103.99
N GLY E 957 -3.85 59.72 -103.31
CA GLY E 957 -4.07 58.67 -102.36
C GLY E 957 -4.45 57.46 -103.14
N ARG E 958 -4.48 56.29 -102.48
CA ARG E 958 -4.88 55.05 -103.09
C ARG E 958 -3.92 54.67 -104.17
N THR E 959 -2.69 55.20 -104.12
CA THR E 959 -1.59 54.88 -105.00
C THR E 959 -0.38 55.49 -104.39
N GLY E 960 0.82 55.25 -104.92
CA GLY E 960 1.97 55.81 -104.27
C GLY E 960 2.10 57.25 -104.66
N GLN E 961 1.89 57.53 -105.98
CA GLN E 961 2.13 58.76 -106.71
C GLN E 961 2.33 59.94 -105.80
N ILE E 962 3.58 60.12 -105.35
CA ILE E 962 3.95 61.30 -104.62
C ILE E 962 4.52 62.26 -105.62
N ASP E 963 3.82 63.39 -105.84
CA ASP E 963 4.30 64.40 -106.72
C ASP E 963 4.75 65.57 -105.92
N TYR E 964 6.07 65.68 -105.73
CA TYR E 964 6.70 66.78 -105.05
C TYR E 964 6.82 67.97 -105.95
N LEU E 965 6.45 69.15 -105.43
CA LEU E 965 6.55 70.37 -106.18
C LEU E 965 7.63 71.11 -105.49
N THR E 966 8.36 72.00 -106.20
CA THR E 966 9.50 72.64 -105.59
C THR E 966 9.35 74.13 -105.71
N GLU E 967 9.84 74.87 -104.68
CA GLU E 967 9.64 76.29 -104.67
C GLU E 967 10.37 76.90 -103.51
N ALA E 968 10.32 78.24 -103.49
CA ALA E 968 10.79 79.23 -102.55
C ALA E 968 9.99 79.15 -101.29
N GLN E 969 9.12 78.13 -101.18
CA GLN E 969 8.48 77.80 -99.96
C GLN E 969 7.25 78.63 -99.98
N VAL E 970 6.16 78.02 -100.49
CA VAL E 970 4.89 78.65 -100.61
C VAL E 970 4.17 78.55 -99.30
N SER E 971 3.20 79.45 -99.11
CA SER E 971 2.40 79.49 -97.92
C SER E 971 1.05 78.85 -98.09
N CYS E 972 0.46 78.87 -99.30
CA CYS E 972 -0.83 78.23 -99.47
C CYS E 972 -1.09 78.06 -100.94
N CYS E 973 -1.96 77.11 -101.33
CA CYS E 973 -2.18 76.91 -102.74
C CYS E 973 -3.65 76.97 -103.06
N CYS E 974 -3.97 77.23 -104.35
CA CYS E 974 -5.34 77.26 -104.78
C CYS E 974 -5.42 76.78 -106.21
N LEU E 975 -6.43 75.92 -106.51
CA LEU E 975 -6.61 75.39 -107.84
C LEU E 975 -7.68 76.16 -108.54
N SER E 976 -7.47 76.43 -109.85
CA SER E 976 -8.43 77.23 -110.57
C SER E 976 -9.47 76.29 -111.06
N PRO E 977 -10.63 76.81 -111.36
CA PRO E 977 -11.69 76.06 -111.97
C PRO E 977 -11.15 75.49 -113.25
N HIS E 978 -11.52 74.24 -113.56
CA HIS E 978 -11.07 73.54 -114.73
C HIS E 978 -9.60 73.31 -114.65
N LEU E 979 -9.01 73.48 -113.44
CA LEU E 979 -7.59 73.40 -113.23
C LEU E 979 -6.89 74.16 -114.31
N GLN E 980 -5.83 73.54 -114.87
CA GLN E 980 -4.93 74.04 -115.87
C GLN E 980 -4.10 75.13 -115.28
N TYR E 981 -4.35 75.49 -114.00
CA TYR E 981 -3.56 76.55 -113.42
C TYR E 981 -3.44 76.26 -111.96
N ILE E 982 -2.26 76.53 -111.37
CA ILE E 982 -2.04 76.34 -109.96
C ILE E 982 -1.60 77.67 -109.43
N ALA E 983 -2.19 78.13 -108.30
CA ALA E 983 -1.83 79.42 -107.79
C ALA E 983 -1.26 79.24 -106.41
N PHE E 984 -0.27 80.08 -106.02
CA PHE E 984 0.18 79.97 -104.67
C PHE E 984 0.60 81.28 -104.08
N GLY E 985 0.35 81.41 -102.75
CA GLY E 985 0.56 82.64 -102.03
C GLY E 985 1.87 82.53 -101.33
N ASP E 986 2.30 83.63 -100.68
CA ASP E 986 3.57 83.66 -100.04
C ASP E 986 3.52 84.70 -98.95
N GLU E 987 4.59 84.76 -98.13
CA GLU E 987 4.58 85.64 -97.00
C GLU E 987 4.61 87.06 -97.50
N ASN E 988 5.16 87.26 -98.71
CA ASN E 988 5.30 88.54 -99.37
C ASN E 988 3.95 89.12 -99.68
N GLY E 989 2.91 88.28 -99.80
CA GLY E 989 1.60 88.79 -100.10
C GLY E 989 1.30 88.59 -101.56
N ALA E 990 2.33 88.67 -102.43
CA ALA E 990 2.11 88.48 -103.84
C ALA E 990 1.77 87.04 -104.12
N ILE E 991 0.95 86.81 -105.18
CA ILE E 991 0.53 85.49 -105.55
C ILE E 991 1.11 85.17 -106.89
N GLU E 992 1.58 83.92 -107.09
CA GLU E 992 2.02 83.58 -108.41
C GLU E 992 1.19 82.46 -108.96
N ILE E 993 0.82 82.57 -110.26
CA ILE E 993 0.01 81.57 -110.87
C ILE E 993 0.84 80.95 -111.93
N LEU E 994 0.98 79.61 -111.87
CA LEU E 994 1.79 78.91 -112.84
C LEU E 994 0.85 78.18 -113.74
N GLU E 995 1.00 78.34 -115.06
CA GLU E 995 0.21 77.59 -115.99
C GLU E 995 0.68 76.15 -115.95
N LEU E 996 -0.29 75.20 -115.88
CA LEU E 996 0.01 73.80 -115.83
C LEU E 996 0.15 73.17 -117.18
N VAL E 997 -0.38 73.80 -118.26
CA VAL E 997 -0.23 73.28 -119.59
C VAL E 997 1.18 73.51 -120.00
N ASN E 998 1.71 74.71 -119.71
CA ASN E 998 3.06 75.02 -120.08
C ASN E 998 3.64 75.59 -118.84
N ASN E 999 4.47 74.82 -118.13
CA ASN E 999 5.09 75.17 -116.90
C ASN E 999 6.15 76.22 -117.02
N ARG E 1000 6.42 76.74 -118.22
CA ARG E 1000 7.27 77.90 -118.27
C ARG E 1000 6.57 79.25 -118.18
N ILE E 1001 5.23 79.27 -118.33
CA ILE E 1001 4.45 80.49 -118.30
C ILE E 1001 3.83 80.69 -116.95
N PHE E 1002 4.08 81.87 -116.33
CA PHE E 1002 3.53 82.17 -115.03
C PHE E 1002 3.30 83.64 -114.94
N GLN E 1003 2.39 84.07 -114.02
CA GLN E 1003 2.10 85.47 -113.86
C GLN E 1003 2.13 85.80 -112.40
N SER E 1004 2.51 87.04 -112.03
CA SER E 1004 2.47 87.40 -110.65
C SER E 1004 2.41 88.89 -110.53
N ARG E 1005 1.38 89.44 -109.84
CA ARG E 1005 1.45 90.86 -109.69
C ARG E 1005 1.47 91.25 -108.26
N PHE E 1006 2.57 91.94 -107.88
CA PHE E 1006 2.85 92.33 -106.53
C PHE E 1006 1.79 93.18 -105.93
N GLN E 1007 1.34 92.75 -104.72
CA GLN E 1007 0.30 93.37 -103.94
C GLN E 1007 0.25 92.76 -102.56
N HIS E 1008 -0.22 93.57 -101.57
CA HIS E 1008 -0.39 93.19 -100.18
C HIS E 1008 0.86 93.34 -99.37
N LYS E 1009 0.72 93.92 -98.15
CA LYS E 1009 1.84 94.07 -97.26
C LYS E 1009 2.08 92.88 -96.36
N LYS E 1010 1.01 92.36 -95.71
CA LYS E 1010 1.13 91.25 -94.81
C LYS E 1010 0.96 89.98 -95.59
N THR E 1011 1.11 88.81 -94.92
CA THR E 1011 0.93 87.56 -95.59
C THR E 1011 -0.46 87.54 -96.16
N VAL E 1012 -0.59 87.10 -97.43
CA VAL E 1012 -1.87 86.97 -98.05
C VAL E 1012 -2.71 85.98 -97.31
N TRP E 1013 -4.04 86.21 -97.30
CA TRP E 1013 -4.97 85.45 -96.52
C TRP E 1013 -5.78 84.62 -97.49
N HIS E 1014 -7.05 85.02 -97.73
CA HIS E 1014 -7.97 84.21 -98.49
C HIS E 1014 -7.61 84.34 -99.94
N ILE E 1015 -7.60 83.22 -100.71
CA ILE E 1015 -7.32 83.24 -102.13
C ILE E 1015 -8.36 82.46 -102.89
N GLN E 1016 -8.98 83.07 -103.93
CA GLN E 1016 -10.00 82.32 -104.63
C GLN E 1016 -10.27 82.90 -105.99
N PHE E 1017 -10.36 82.01 -107.01
CA PHE E 1017 -10.60 82.36 -108.39
C PHE E 1017 -12.05 82.73 -108.54
N THR E 1018 -12.36 83.45 -109.62
CA THR E 1018 -13.72 83.77 -109.93
C THR E 1018 -14.33 82.48 -110.40
N ALA E 1019 -15.60 82.51 -110.85
CA ALA E 1019 -16.25 81.32 -111.29
C ALA E 1019 -15.49 80.86 -112.48
N ASP E 1020 -15.02 81.82 -113.29
CA ASP E 1020 -14.26 81.51 -114.46
C ASP E 1020 -12.88 81.15 -114.03
N GLU E 1021 -12.17 80.42 -114.90
CA GLU E 1021 -10.81 79.94 -114.73
C GLU E 1021 -9.84 81.08 -114.74
N LYS E 1022 -10.28 82.29 -115.13
CA LYS E 1022 -9.38 83.42 -115.09
C LYS E 1022 -9.81 84.42 -114.06
N THR E 1023 -8.86 85.31 -113.69
CA THR E 1023 -9.05 86.33 -112.70
C THR E 1023 -9.01 85.72 -111.33
N LEU E 1024 -8.12 86.23 -110.45
CA LEU E 1024 -7.95 85.72 -109.11
C LEU E 1024 -8.24 86.79 -108.10
N ILE E 1025 -9.08 86.47 -107.09
CA ILE E 1025 -9.42 87.44 -106.11
C ILE E 1025 -8.68 87.06 -104.86
N SER E 1026 -8.11 88.06 -104.16
CA SER E 1026 -7.35 87.72 -102.98
C SER E 1026 -7.54 88.79 -101.95
N SER E 1027 -7.29 88.45 -100.67
CA SER E 1027 -7.41 89.43 -99.63
C SER E 1027 -6.29 89.20 -98.67
N SER E 1028 -6.09 90.18 -97.77
CA SER E 1028 -5.08 90.08 -96.76
C SER E 1028 -5.54 90.91 -95.61
N ASP E 1029 -4.59 91.24 -94.73
CA ASP E 1029 -4.70 92.03 -93.54
C ASP E 1029 -5.11 93.45 -93.80
N ASP E 1030 -5.01 93.96 -95.04
CA ASP E 1030 -5.41 95.33 -95.29
C ASP E 1030 -6.89 95.43 -95.54
N ALA E 1031 -7.33 96.68 -95.83
CA ALA E 1031 -8.66 97.17 -96.09
C ALA E 1031 -9.20 96.97 -97.49
N GLU E 1032 -8.47 96.31 -98.41
CA GLU E 1032 -9.00 96.18 -99.75
C GLU E 1032 -8.90 94.78 -100.29
N ILE E 1033 -9.87 94.38 -101.15
CA ILE E 1033 -9.84 93.08 -101.76
C ILE E 1033 -9.31 93.22 -103.16
N GLN E 1034 -8.24 92.47 -103.49
CA GLN E 1034 -7.60 92.58 -104.77
C GLN E 1034 -8.27 91.71 -105.79
N VAL E 1035 -8.68 92.32 -106.93
CA VAL E 1035 -9.10 91.55 -108.07
C VAL E 1035 -7.94 91.60 -109.03
N TRP E 1036 -7.22 90.48 -109.14
CA TRP E 1036 -6.05 90.41 -109.97
C TRP E 1036 -6.35 89.69 -111.24
N ASN E 1037 -6.44 90.46 -112.33
CA ASN E 1037 -6.69 89.86 -113.61
C ASN E 1037 -5.34 89.51 -114.15
N TRP E 1038 -4.89 88.29 -113.80
CA TRP E 1038 -3.62 87.79 -114.22
C TRP E 1038 -3.67 87.58 -115.70
N GLN E 1039 -2.48 87.49 -116.30
CA GLN E 1039 -2.22 87.47 -117.71
C GLN E 1039 -2.15 88.89 -118.20
N LEU E 1040 -2.96 89.79 -117.62
CA LEU E 1040 -2.95 91.20 -117.94
C LEU E 1040 -2.41 92.00 -116.79
N ASP E 1041 -2.40 91.36 -115.59
CA ASP E 1041 -1.96 91.93 -114.34
C ASP E 1041 -2.71 93.20 -114.03
N LYS E 1042 -4.03 93.26 -114.31
CA LYS E 1042 -4.81 94.43 -113.99
C LYS E 1042 -5.28 94.34 -112.56
N CYS E 1043 -5.20 95.47 -111.82
CA CYS E 1043 -5.56 95.43 -110.42
C CYS E 1043 -6.76 96.29 -110.20
N ILE E 1044 -7.89 95.66 -109.81
CA ILE E 1044 -9.09 96.37 -109.50
C ILE E 1044 -9.31 96.14 -108.03
N PHE E 1045 -9.53 97.22 -107.26
CA PHE E 1045 -9.56 97.02 -105.84
C PHE E 1045 -10.94 97.27 -105.34
N LEU E 1046 -11.39 96.43 -104.39
CA LEU E 1046 -12.63 96.67 -103.72
C LEU E 1046 -12.33 97.51 -102.51
N ARG E 1047 -12.64 98.82 -102.59
CA ARG E 1047 -12.19 99.68 -101.53
C ARG E 1047 -13.24 99.65 -100.47
N GLY E 1048 -13.16 98.63 -99.61
CA GLY E 1048 -14.07 98.43 -98.53
C GLY E 1048 -13.77 99.44 -97.47
N HIS E 1049 -12.47 99.67 -97.23
CA HIS E 1049 -12.03 100.66 -96.29
C HIS E 1049 -12.54 100.26 -94.94
N GLN E 1050 -12.35 98.96 -94.62
CA GLN E 1050 -12.76 98.36 -93.40
C GLN E 1050 -11.49 98.21 -92.63
N GLU E 1051 -11.56 97.85 -91.33
CA GLU E 1051 -10.32 97.74 -90.61
C GLU E 1051 -9.41 96.76 -91.31
N THR E 1052 -9.96 95.59 -91.67
CA THR E 1052 -9.24 94.56 -92.37
C THR E 1052 -10.24 93.66 -92.98
N VAL E 1053 -9.94 93.14 -94.19
CA VAL E 1053 -10.81 92.17 -94.77
C VAL E 1053 -10.58 90.88 -94.04
N LYS E 1054 -11.66 90.35 -93.42
CA LYS E 1054 -11.48 89.19 -92.60
C LYS E 1054 -11.44 88.02 -93.53
N ASP E 1055 -12.42 87.92 -94.45
CA ASP E 1055 -12.48 86.79 -95.33
C ASP E 1055 -13.50 87.09 -96.40
N PHE E 1056 -13.57 86.26 -97.45
CA PHE E 1056 -14.59 86.42 -98.44
C PHE E 1056 -14.85 85.09 -99.08
N ARG E 1057 -15.94 85.02 -99.88
CA ARG E 1057 -16.25 83.81 -100.59
C ARG E 1057 -17.09 84.16 -101.78
N LEU E 1058 -16.88 83.42 -102.89
CA LEU E 1058 -17.64 83.72 -104.08
C LEU E 1058 -19.03 83.23 -103.90
N LEU E 1059 -20.02 84.08 -104.25
CA LEU E 1059 -21.39 83.67 -104.22
C LEU E 1059 -21.75 83.02 -105.53
N LYS E 1060 -22.91 82.32 -105.59
CA LYS E 1060 -23.30 81.71 -106.84
C LYS E 1060 -23.39 82.65 -107.99
N ASN E 1061 -23.95 83.85 -107.81
CA ASN E 1061 -24.08 84.71 -108.95
C ASN E 1061 -22.75 85.36 -109.04
N SER E 1062 -22.59 86.45 -109.77
CA SER E 1062 -21.30 87.07 -109.84
C SER E 1062 -21.07 87.96 -108.62
N ARG E 1063 -21.90 87.86 -107.56
CA ARG E 1063 -21.77 88.63 -106.35
C ARG E 1063 -20.66 88.08 -105.50
N LEU E 1064 -20.10 88.91 -104.58
CA LEU E 1064 -18.98 88.47 -103.78
C LEU E 1064 -19.18 88.81 -102.33
N LEU E 1065 -19.20 87.78 -101.45
CA LEU E 1065 -19.53 87.93 -100.06
C LEU E 1065 -18.28 88.15 -99.26
N SER E 1066 -18.19 89.26 -98.49
CA SER E 1066 -17.02 89.49 -97.70
C SER E 1066 -17.39 90.12 -96.39
N TRP E 1067 -16.51 89.94 -95.38
CA TRP E 1067 -16.73 90.44 -94.06
C TRP E 1067 -15.42 90.73 -93.39
N SER E 1068 -15.49 91.54 -92.31
CA SER E 1068 -14.38 92.18 -91.66
C SER E 1068 -14.59 91.92 -90.20
N PHE E 1069 -13.79 92.54 -89.31
CA PHE E 1069 -14.10 92.28 -87.93
C PHE E 1069 -14.99 93.34 -87.38
N ASP E 1070 -15.38 94.28 -88.26
CA ASP E 1070 -16.09 95.49 -87.99
C ASP E 1070 -17.53 95.19 -87.72
N GLY E 1071 -17.97 93.95 -87.98
CA GLY E 1071 -19.31 93.56 -87.68
C GLY E 1071 -20.08 93.77 -88.95
N THR E 1072 -19.35 93.96 -90.07
CA THR E 1072 -19.95 94.23 -91.33
C THR E 1072 -19.76 93.10 -92.28
N VAL E 1073 -20.72 92.95 -93.21
CA VAL E 1073 -20.72 91.94 -94.24
C VAL E 1073 -21.13 92.68 -95.49
N LYS E 1074 -20.21 92.80 -96.48
CA LYS E 1074 -20.57 93.51 -97.68
C LYS E 1074 -20.70 92.56 -98.83
N VAL E 1075 -21.49 92.97 -99.87
CA VAL E 1075 -21.67 92.15 -101.03
C VAL E 1075 -21.23 92.94 -102.24
N TRP E 1076 -20.12 92.53 -102.87
CA TRP E 1076 -19.54 93.21 -103.99
C TRP E 1076 -19.84 92.48 -105.26
N ASN E 1077 -19.36 93.03 -106.39
CA ASN E 1077 -19.38 92.36 -107.65
C ASN E 1077 -17.96 91.94 -107.92
N ILE E 1078 -17.77 90.80 -108.60
CA ILE E 1078 -16.45 90.32 -108.92
C ILE E 1078 -16.05 91.05 -110.16
N ILE E 1079 -14.73 91.05 -110.47
CA ILE E 1079 -14.20 91.68 -111.66
C ILE E 1079 -14.15 93.11 -111.32
N THR E 1080 -15.35 93.71 -111.28
CA THR E 1080 -15.43 95.11 -111.01
C THR E 1080 -16.04 95.26 -109.66
N GLY E 1081 -15.31 95.87 -108.69
CA GLY E 1081 -15.79 96.01 -107.36
C GLY E 1081 -17.00 96.90 -107.38
N ASN E 1082 -18.08 96.48 -106.71
CA ASN E 1082 -19.25 97.28 -106.62
C ASN E 1082 -20.05 96.75 -105.49
N LYS E 1083 -20.03 97.46 -104.35
CA LYS E 1083 -20.71 96.93 -103.21
C LYS E 1083 -22.18 97.19 -103.35
N GLU E 1084 -22.91 96.15 -103.78
CA GLU E 1084 -24.31 96.28 -104.04
C GLU E 1084 -25.03 96.30 -102.72
N LYS E 1085 -24.72 95.35 -101.81
CA LYS E 1085 -25.44 95.28 -100.57
C LYS E 1085 -24.47 95.45 -99.44
N ASP E 1086 -24.99 95.92 -98.28
CA ASP E 1086 -24.13 96.29 -97.17
C ASP E 1086 -24.85 95.97 -95.89
N PHE E 1087 -24.43 94.87 -95.20
CA PHE E 1087 -25.11 94.48 -93.99
C PHE E 1087 -24.22 94.84 -92.82
N VAL E 1088 -24.84 95.30 -91.71
CA VAL E 1088 -24.11 95.56 -90.49
C VAL E 1088 -24.81 94.77 -89.42
N CYS E 1089 -24.35 93.51 -89.24
CA CYS E 1089 -24.93 92.47 -88.44
C CYS E 1089 -24.41 92.41 -87.03
N HIS E 1090 -23.10 92.68 -86.81
CA HIS E 1090 -22.58 92.49 -85.48
C HIS E 1090 -22.02 93.78 -84.96
N GLN E 1091 -21.67 93.76 -83.66
CA GLN E 1091 -21.01 94.80 -82.91
C GLN E 1091 -19.55 94.53 -82.79
N GLY E 1092 -19.06 93.42 -83.39
CA GLY E 1092 -17.67 93.08 -83.25
C GLY E 1092 -17.31 92.05 -84.26
N THR E 1093 -16.22 91.28 -83.98
CA THR E 1093 -15.59 90.28 -84.80
C THR E 1093 -16.59 89.46 -85.54
N VAL E 1094 -16.33 89.23 -86.84
CA VAL E 1094 -17.16 88.38 -87.62
C VAL E 1094 -16.34 87.17 -87.93
N LEU E 1095 -16.85 85.99 -87.51
CA LEU E 1095 -16.15 84.76 -87.73
C LEU E 1095 -16.93 83.97 -88.74
N SER E 1096 -16.62 84.13 -90.03
CA SER E 1096 -17.24 83.33 -91.06
C SER E 1096 -18.65 83.78 -91.32
N CYS E 1097 -19.23 83.28 -92.44
CA CYS E 1097 -20.55 83.56 -92.88
C CYS E 1097 -20.90 82.48 -93.85
N ASP E 1098 -22.18 82.08 -93.92
CA ASP E 1098 -22.54 80.98 -94.77
C ASP E 1098 -23.74 81.33 -95.60
N ILE E 1099 -23.96 80.51 -96.65
CA ILE E 1099 -25.02 80.70 -97.60
C ILE E 1099 -25.91 79.49 -97.60
N SER E 1100 -27.15 79.68 -98.12
CA SER E 1100 -28.16 78.66 -98.18
C SER E 1100 -27.84 77.69 -99.25
N HIS E 1101 -26.75 77.91 -100.02
CA HIS E 1101 -26.31 76.91 -100.95
C HIS E 1101 -27.21 76.95 -102.14
N ASP E 1102 -28.45 76.48 -101.95
CA ASP E 1102 -29.43 76.45 -102.99
C ASP E 1102 -29.54 77.86 -103.45
N ALA E 1103 -29.19 78.11 -104.73
CA ALA E 1103 -29.34 79.46 -105.17
C ALA E 1103 -28.48 80.22 -104.24
N THR E 1104 -29.08 81.20 -103.54
CA THR E 1104 -28.36 82.03 -102.63
C THR E 1104 -29.41 82.85 -102.01
N LYS E 1105 -30.61 82.25 -101.91
CA LYS E 1105 -31.77 82.97 -101.49
C LYS E 1105 -31.46 83.50 -100.13
N PHE E 1106 -30.88 82.66 -99.26
CA PHE E 1106 -30.55 83.14 -97.95
C PHE E 1106 -29.08 83.03 -97.68
N SER E 1107 -28.60 83.84 -96.71
CA SER E 1107 -27.25 83.82 -96.24
C SER E 1107 -27.30 84.35 -94.83
N SER E 1108 -26.42 83.87 -93.93
CA SER E 1108 -26.52 84.29 -92.56
C SER E 1108 -25.16 84.35 -91.93
N THR E 1109 -25.15 84.84 -90.67
CA THR E 1109 -23.96 85.00 -89.88
C THR E 1109 -24.24 84.64 -88.44
N SER E 1110 -23.16 84.47 -87.67
CA SER E 1110 -23.19 84.16 -86.27
C SER E 1110 -21.84 84.55 -85.76
N ALA E 1111 -21.73 85.51 -84.82
CA ALA E 1111 -20.40 85.73 -84.37
C ALA E 1111 -20.41 86.54 -83.10
N ASP E 1112 -19.91 85.94 -81.99
CA ASP E 1112 -19.75 86.52 -80.68
C ASP E 1112 -20.92 87.37 -80.33
N LYS E 1113 -22.14 86.87 -80.63
CA LYS E 1113 -23.31 87.66 -80.39
C LYS E 1113 -24.44 86.75 -80.72
N THR E 1114 -25.12 87.05 -81.84
CA THR E 1114 -26.32 86.36 -82.21
C THR E 1114 -26.17 85.92 -83.63
N ALA E 1115 -27.20 85.24 -84.18
CA ALA E 1115 -27.12 84.78 -85.54
C ALA E 1115 -28.19 85.47 -86.33
N LYS E 1116 -27.79 86.39 -87.24
CA LYS E 1116 -28.76 87.10 -88.03
C LYS E 1116 -28.75 86.50 -89.40
N ILE E 1117 -29.93 86.47 -90.07
CA ILE E 1117 -30.07 85.88 -91.38
C ILE E 1117 -30.67 86.88 -92.31
N TRP E 1118 -30.32 86.81 -93.61
CA TRP E 1118 -30.86 87.71 -94.61
C TRP E 1118 -31.05 87.10 -95.98
N SER E 1119 -31.84 87.81 -96.83
CA SER E 1119 -32.17 87.56 -98.23
C SER E 1119 -31.43 88.33 -99.30
N PHE E 1120 -30.54 89.27 -98.94
CA PHE E 1120 -29.74 90.07 -99.84
C PHE E 1120 -30.56 91.23 -100.36
N ASP E 1121 -31.88 91.05 -100.60
CA ASP E 1121 -32.64 92.13 -101.17
C ASP E 1121 -32.63 93.37 -100.33
N LEU E 1122 -32.86 93.18 -99.01
CA LEU E 1122 -32.86 94.28 -98.11
C LEU E 1122 -31.47 94.42 -97.59
N LEU E 1123 -31.11 95.66 -97.23
CA LEU E 1123 -29.85 96.02 -96.67
C LEU E 1123 -29.80 95.57 -95.24
N LEU E 1124 -30.96 95.34 -94.60
CA LEU E 1124 -30.94 94.88 -93.24
C LEU E 1124 -31.37 93.44 -93.17
N PRO E 1125 -30.90 92.75 -92.16
CA PRO E 1125 -31.26 91.37 -91.93
C PRO E 1125 -32.71 91.15 -91.64
N LEU E 1126 -33.21 89.92 -91.92
CA LEU E 1126 -34.62 89.65 -91.86
C LEU E 1126 -34.96 89.19 -90.47
N HIS E 1127 -34.04 88.46 -89.79
CA HIS E 1127 -34.43 87.97 -88.50
C HIS E 1127 -33.20 87.70 -87.68
N GLU E 1128 -33.30 87.97 -86.35
CA GLU E 1128 -32.20 87.76 -85.46
C GLU E 1128 -32.50 86.62 -84.54
N LEU E 1129 -31.66 85.57 -84.60
CA LEU E 1129 -31.78 84.49 -83.66
C LEU E 1129 -30.95 84.84 -82.45
N ARG E 1130 -31.65 85.21 -81.36
CA ARG E 1130 -31.16 85.64 -80.07
C ARG E 1130 -31.03 84.53 -79.07
N GLY E 1131 -31.14 83.25 -79.50
CA GLY E 1131 -31.16 82.14 -78.57
C GLY E 1131 -30.02 82.02 -77.60
N HIS E 1132 -28.76 82.32 -77.98
CA HIS E 1132 -27.66 82.16 -77.04
C HIS E 1132 -27.19 83.46 -76.46
N ASN E 1133 -27.22 83.54 -75.12
CA ASN E 1133 -26.80 84.71 -74.38
C ASN E 1133 -25.30 84.75 -74.24
N GLY E 1134 -24.66 83.55 -74.21
CA GLY E 1134 -23.23 83.39 -74.07
C GLY E 1134 -22.45 83.72 -75.31
N CYS E 1135 -23.15 84.01 -76.42
CA CYS E 1135 -22.64 84.53 -77.68
C CYS E 1135 -22.39 83.36 -78.58
N VAL E 1136 -22.98 83.37 -79.80
CA VAL E 1136 -22.75 82.29 -80.72
C VAL E 1136 -21.43 82.46 -81.43
N ARG E 1137 -20.72 81.34 -81.62
CA ARG E 1137 -19.40 81.19 -82.18
C ARG E 1137 -19.35 80.86 -83.66
N CYS E 1138 -20.18 79.92 -84.15
CA CYS E 1138 -20.11 79.62 -85.56
C CYS E 1138 -21.42 79.10 -86.04
N SER E 1139 -21.58 78.89 -87.38
CA SER E 1139 -22.84 78.41 -87.89
C SER E 1139 -22.66 77.88 -89.29
N ALA E 1140 -23.64 77.08 -89.77
CA ALA E 1140 -23.59 76.58 -91.12
C ALA E 1140 -24.96 76.13 -91.52
N PHE E 1141 -25.31 76.35 -92.81
CA PHE E 1141 -26.61 75.99 -93.31
C PHE E 1141 -26.62 74.51 -93.52
N SER E 1142 -27.83 73.92 -93.54
CA SER E 1142 -27.93 72.52 -93.81
C SER E 1142 -27.74 72.42 -95.28
N VAL E 1143 -27.56 71.18 -95.81
CA VAL E 1143 -27.32 71.04 -97.22
C VAL E 1143 -28.67 71.07 -97.88
N ASP E 1144 -29.11 72.31 -98.13
CA ASP E 1144 -30.24 72.71 -98.90
C ASP E 1144 -31.53 72.49 -98.15
N SER E 1145 -31.56 71.68 -97.07
CA SER E 1145 -32.79 71.19 -96.46
C SER E 1145 -33.69 72.31 -96.06
N THR E 1146 -33.43 72.96 -94.90
CA THR E 1146 -34.23 74.08 -94.47
C THR E 1146 -33.74 74.40 -93.11
N LEU E 1147 -32.51 73.97 -92.77
CA LEU E 1147 -32.09 74.11 -91.41
C LEU E 1147 -30.87 74.94 -91.34
N LEU E 1148 -30.65 75.57 -90.18
CA LEU E 1148 -29.48 76.36 -89.93
C LEU E 1148 -28.93 75.93 -88.61
N ALA E 1149 -27.67 75.41 -88.58
CA ALA E 1149 -27.14 74.95 -87.32
C ALA E 1149 -26.20 75.99 -86.79
N THR E 1150 -26.20 76.18 -85.45
CA THR E 1150 -25.27 77.10 -84.85
C THR E 1150 -24.53 76.46 -83.73
N GLY E 1151 -23.29 76.94 -83.49
CA GLY E 1151 -22.46 76.39 -82.46
C GLY E 1151 -22.17 77.39 -81.39
N ASP E 1152 -22.27 76.94 -80.12
CA ASP E 1152 -22.13 77.79 -78.96
C ASP E 1152 -20.73 77.71 -78.44
N ASP E 1153 -20.46 78.48 -77.37
CA ASP E 1153 -19.16 78.61 -76.81
C ASP E 1153 -18.73 77.24 -76.37
N ASN E 1154 -19.66 76.43 -75.84
CA ASN E 1154 -19.24 75.15 -75.32
C ASN E 1154 -19.40 74.07 -76.34
N GLY E 1155 -19.81 74.44 -77.56
CA GLY E 1155 -20.02 73.49 -78.61
C GLY E 1155 -21.43 72.98 -78.65
N GLU E 1156 -22.30 73.49 -77.79
CA GLU E 1156 -23.69 73.12 -77.89
C GLU E 1156 -24.13 73.46 -79.27
N ILE E 1157 -24.69 72.47 -80.02
CA ILE E 1157 -25.16 72.76 -81.35
C ILE E 1157 -26.65 72.91 -81.28
N ARG E 1158 -27.18 74.02 -81.83
CA ARG E 1158 -28.59 74.21 -81.82
C ARG E 1158 -29.04 74.17 -83.25
N ILE E 1159 -30.15 73.48 -83.53
CA ILE E 1159 -30.66 73.40 -84.87
C ILE E 1159 -31.81 74.36 -84.93
N TRP E 1160 -31.78 75.28 -85.91
CA TRP E 1160 -32.83 76.26 -86.00
C TRP E 1160 -33.51 75.98 -87.31
N ASN E 1161 -34.85 76.16 -87.41
CA ASN E 1161 -35.45 76.00 -88.70
C ASN E 1161 -35.63 77.30 -89.40
N VAL E 1162 -35.17 77.34 -90.67
CA VAL E 1162 -35.16 78.53 -91.46
C VAL E 1162 -36.51 78.71 -92.04
N SER E 1163 -37.44 79.21 -91.21
CA SER E 1163 -38.72 79.62 -91.69
C SER E 1163 -39.07 80.89 -90.97
N ASN E 1164 -38.41 81.99 -91.37
CA ASN E 1164 -38.47 83.28 -90.74
C ASN E 1164 -37.75 83.26 -89.43
N GLY E 1165 -37.97 82.23 -88.60
CA GLY E 1165 -37.21 82.14 -87.38
C GLY E 1165 -38.07 81.63 -86.27
N GLU E 1166 -37.50 80.72 -85.45
CA GLU E 1166 -38.17 80.06 -84.37
C GLU E 1166 -37.12 79.62 -83.38
N LEU E 1167 -37.58 78.89 -82.36
CA LEU E 1167 -36.94 78.19 -81.26
C LEU E 1167 -36.63 76.70 -81.25
N LEU E 1168 -36.40 76.00 -82.40
CA LEU E 1168 -36.11 74.58 -82.59
C LEU E 1168 -35.03 73.94 -81.71
N HIS E 1169 -35.18 72.62 -81.45
CA HIS E 1169 -34.39 71.85 -80.50
C HIS E 1169 -32.90 72.03 -80.59
N LEU E 1170 -32.33 72.08 -79.38
CA LEU E 1170 -31.00 72.23 -78.83
C LEU E 1170 -30.11 71.01 -78.85
N CYS E 1171 -30.31 69.98 -79.70
CA CYS E 1171 -29.58 68.73 -79.64
C CYS E 1171 -28.11 68.88 -79.36
N ALA E 1172 -27.68 68.52 -78.13
CA ALA E 1172 -26.26 68.47 -77.85
C ALA E 1172 -25.98 67.36 -76.89
N PRO E 1173 -26.02 66.15 -77.38
CA PRO E 1173 -25.77 65.02 -76.51
C PRO E 1173 -24.46 65.12 -75.81
N LEU E 1174 -24.51 65.16 -74.47
CA LEU E 1174 -23.37 65.19 -73.60
C LEU E 1174 -23.78 64.27 -72.50
N SER E 1175 -22.82 63.87 -71.67
CA SER E 1175 -23.14 63.28 -70.36
C SER E 1175 -21.91 62.84 -69.58
N GLU E 1176 -21.49 61.59 -69.77
CA GLU E 1176 -22.18 60.69 -70.69
C GLU E 1176 -21.25 59.59 -71.18
N GLU E 1177 -20.55 58.96 -70.24
CA GLU E 1177 -19.63 57.88 -70.58
C GLU E 1177 -20.37 56.63 -71.04
N GLY E 1178 -21.62 56.49 -70.59
CA GLY E 1178 -22.44 55.35 -70.95
C GLY E 1178 -22.30 54.98 -72.42
N ALA E 1179 -21.82 55.93 -73.22
CA ALA E 1179 -21.64 55.70 -74.65
C ALA E 1179 -20.71 56.74 -75.26
N ALA E 1180 -20.11 57.56 -74.40
CA ALA E 1180 -19.20 58.61 -74.87
C ALA E 1180 -19.88 59.97 -74.88
N THR E 1181 -19.33 60.92 -74.13
CA THR E 1181 -19.87 62.25 -74.06
C THR E 1181 -19.22 62.89 -75.23
N HIS E 1182 -19.85 63.82 -75.97
CA HIS E 1182 -18.78 64.27 -76.79
C HIS E 1182 -17.94 65.09 -75.85
N GLY E 1183 -16.65 65.14 -76.17
CA GLY E 1183 -15.58 65.80 -75.47
C GLY E 1183 -15.90 67.23 -75.21
N GLY E 1184 -16.61 67.88 -76.15
CA GLY E 1184 -17.04 69.22 -75.93
C GLY E 1184 -16.47 70.02 -77.06
N TRP E 1185 -17.12 71.17 -77.36
CA TRP E 1185 -16.70 71.98 -78.47
C TRP E 1185 -16.91 71.21 -79.74
N VAL E 1186 -17.02 71.94 -80.87
CA VAL E 1186 -17.21 71.37 -82.17
C VAL E 1186 -16.39 72.24 -83.07
N THR E 1187 -15.60 71.61 -83.94
CA THR E 1187 -14.85 72.22 -84.99
C THR E 1187 -15.43 72.06 -86.36
N ASP E 1188 -16.29 71.05 -86.62
CA ASP E 1188 -16.88 71.07 -87.94
C ASP E 1188 -18.20 70.35 -87.94
N LEU E 1189 -19.06 70.69 -88.93
CA LEU E 1189 -20.38 70.14 -89.04
C LEU E 1189 -20.55 69.64 -90.45
N CYS E 1190 -21.17 68.44 -90.61
CA CYS E 1190 -21.49 67.97 -91.93
C CYS E 1190 -22.78 67.23 -91.88
N PHE E 1191 -23.83 67.75 -92.55
CA PHE E 1191 -25.12 67.12 -92.53
C PHE E 1191 -25.02 65.92 -93.43
N SER E 1192 -25.74 64.83 -93.06
CA SER E 1192 -25.70 63.63 -93.83
C SER E 1192 -26.51 63.86 -95.07
N PRO E 1193 -26.30 63.13 -96.14
CA PRO E 1193 -27.03 63.37 -97.35
C PRO E 1193 -28.50 63.22 -97.11
N ASP E 1194 -28.88 62.36 -96.14
CA ASP E 1194 -30.26 62.11 -95.83
C ASP E 1194 -30.89 63.35 -95.28
N GLY E 1195 -30.12 64.16 -94.53
CA GLY E 1195 -30.65 65.35 -93.91
C GLY E 1195 -31.07 65.02 -92.51
N LYS E 1196 -31.01 63.72 -92.15
CA LYS E 1196 -31.39 63.23 -90.86
C LYS E 1196 -30.32 63.27 -89.80
N MET E 1197 -29.03 63.05 -90.17
CA MET E 1197 -28.02 63.08 -89.15
C MET E 1197 -27.13 64.26 -89.35
N LEU E 1198 -26.50 64.71 -88.26
CA LEU E 1198 -25.55 65.78 -88.31
C LEU E 1198 -24.24 65.26 -87.80
N ILE E 1199 -23.22 65.14 -88.68
CA ILE E 1199 -21.95 64.64 -88.20
C ILE E 1199 -21.28 65.79 -87.51
N SER E 1200 -20.90 65.59 -86.24
CA SER E 1200 -20.19 66.60 -85.51
C SER E 1200 -18.76 66.19 -85.33
N ALA E 1201 -17.81 67.12 -85.60
CA ALA E 1201 -16.42 66.80 -85.47
C ALA E 1201 -15.81 67.78 -84.52
N GLY E 1202 -14.74 67.35 -83.81
CA GLY E 1202 -14.15 68.13 -82.76
C GLY E 1202 -13.08 67.27 -82.14
N GLY E 1203 -13.21 66.82 -80.88
CA GLY E 1203 -12.20 65.99 -80.29
C GLY E 1203 -12.14 64.76 -81.14
N TYR E 1204 -13.33 64.30 -81.53
CA TYR E 1204 -13.48 63.15 -82.37
C TYR E 1204 -14.79 63.29 -83.09
N ILE E 1205 -15.05 62.39 -84.06
CA ILE E 1205 -16.23 62.47 -84.88
C ILE E 1205 -17.33 61.71 -84.19
N LYS E 1206 -18.48 62.37 -83.92
CA LYS E 1206 -19.61 61.67 -83.36
C LYS E 1206 -20.84 62.09 -84.14
N TRP E 1207 -21.66 61.11 -84.59
CA TRP E 1207 -22.81 61.40 -85.41
C TRP E 1207 -23.99 61.73 -84.52
N TRP E 1208 -24.56 62.96 -84.66
CA TRP E 1208 -25.73 63.30 -83.89
C TRP E 1208 -26.96 63.20 -84.75
N ASN E 1209 -28.15 63.15 -84.09
CA ASN E 1209 -29.41 63.07 -84.77
C ASN E 1209 -30.02 64.44 -84.76
N VAL E 1210 -30.50 64.92 -85.94
CA VAL E 1210 -31.06 66.23 -85.98
C VAL E 1210 -32.29 66.23 -85.14
N VAL E 1211 -32.43 67.28 -84.30
CA VAL E 1211 -33.52 67.38 -83.37
C VAL E 1211 -33.67 66.14 -82.53
N THR E 1212 -32.92 66.11 -81.42
CA THR E 1212 -33.01 65.11 -80.39
C THR E 1212 -32.39 63.82 -80.83
N GLY E 1213 -31.44 63.33 -80.01
CA GLY E 1213 -30.83 62.05 -80.21
C GLY E 1213 -29.46 62.23 -80.79
N GLU E 1214 -28.69 61.12 -80.80
CA GLU E 1214 -27.40 61.05 -81.41
C GLU E 1214 -27.47 59.89 -82.36
N SER E 1215 -26.31 59.35 -82.78
CA SER E 1215 -26.33 58.21 -83.64
C SER E 1215 -25.09 57.39 -83.41
N SER E 1216 -24.22 57.31 -84.45
CA SER E 1216 -22.96 56.64 -84.34
C SER E 1216 -22.16 57.37 -83.30
N GLN E 1217 -22.03 56.69 -82.17
CA GLN E 1217 -21.30 57.01 -80.98
C GLN E 1217 -19.88 56.56 -81.17
N THR E 1218 -19.69 55.68 -82.16
CA THR E 1218 -18.47 55.01 -82.51
C THR E 1218 -17.51 55.87 -83.32
N PHE E 1219 -16.35 55.27 -83.64
CA PHE E 1219 -15.13 55.79 -84.21
C PHE E 1219 -14.51 56.95 -83.50
N TYR E 1220 -13.68 56.63 -82.48
CA TYR E 1220 -12.93 57.63 -81.77
C TYR E 1220 -11.67 57.85 -82.55
N THR E 1221 -11.34 59.13 -82.80
CA THR E 1221 -10.15 59.47 -83.55
C THR E 1221 -8.99 59.37 -82.61
N ASN E 1222 -7.77 59.32 -83.17
CA ASN E 1222 -6.62 59.10 -82.36
C ASN E 1222 -6.28 60.40 -81.69
N GLY E 1223 -6.26 61.50 -82.47
CA GLY E 1223 -5.93 62.78 -81.91
C GLY E 1223 -7.17 63.57 -81.66
N THR E 1224 -7.00 64.89 -81.47
CA THR E 1224 -8.09 65.77 -81.18
C THR E 1224 -8.01 66.93 -82.11
N ASN E 1225 -8.95 67.88 -81.95
CA ASN E 1225 -9.03 69.12 -82.67
C ASN E 1225 -8.93 68.87 -84.14
N LEU E 1226 -9.91 68.12 -84.68
CA LEU E 1226 -9.94 67.80 -86.07
C LEU E 1226 -10.11 69.10 -86.79
N LYS E 1227 -9.37 69.28 -87.90
CA LYS E 1227 -9.43 70.51 -88.61
C LYS E 1227 -9.98 70.22 -89.96
N LYS E 1228 -11.24 70.64 -90.19
CA LYS E 1228 -11.88 70.47 -91.46
C LYS E 1228 -12.10 69.02 -91.77
N ILE E 1229 -13.36 68.66 -92.04
CA ILE E 1229 -13.71 67.31 -92.37
C ILE E 1229 -13.93 67.35 -93.86
N HIS E 1230 -13.23 66.48 -94.62
CA HIS E 1230 -13.47 66.44 -96.04
C HIS E 1230 -14.08 65.14 -96.44
N VAL E 1231 -15.40 65.15 -96.72
CA VAL E 1231 -16.13 63.95 -96.97
C VAL E 1231 -16.09 63.73 -98.45
N SER E 1232 -15.89 62.48 -98.89
CA SER E 1232 -15.82 62.22 -100.29
C SER E 1232 -17.19 62.41 -100.89
N PRO E 1233 -17.25 62.73 -102.15
CA PRO E 1233 -18.52 62.92 -102.79
C PRO E 1233 -19.37 61.69 -102.88
N ASP E 1234 -18.77 60.51 -102.65
CA ASP E 1234 -19.47 59.27 -102.62
C ASP E 1234 -20.08 59.07 -101.26
N PHE E 1235 -19.55 59.75 -100.23
CA PHE E 1235 -20.07 59.64 -98.89
C PHE E 1235 -19.82 58.23 -98.45
N LYS E 1236 -18.71 57.67 -98.97
CA LYS E 1236 -18.16 56.38 -98.65
C LYS E 1236 -16.77 56.46 -98.08
N THR E 1237 -15.98 57.52 -98.35
CA THR E 1237 -14.68 57.61 -97.71
C THR E 1237 -14.55 58.96 -97.05
N TYR E 1238 -13.61 59.09 -96.07
CA TYR E 1238 -13.47 60.31 -95.33
C TYR E 1238 -12.01 60.64 -95.18
N VAL E 1239 -11.64 61.93 -95.37
CA VAL E 1239 -10.27 62.32 -95.19
C VAL E 1239 -10.26 63.51 -94.27
N THR E 1240 -9.42 63.46 -93.21
CA THR E 1240 -9.32 64.58 -92.33
C THR E 1240 -7.98 64.55 -91.66
N VAL E 1241 -7.73 65.50 -90.73
CA VAL E 1241 -6.45 65.59 -90.09
C VAL E 1241 -6.64 66.08 -88.68
N ASP E 1242 -5.93 65.46 -87.72
CA ASP E 1242 -6.03 65.85 -86.34
C ASP E 1242 -4.92 66.80 -86.00
N ASN E 1243 -4.80 67.15 -84.71
CA ASN E 1243 -3.92 68.17 -84.21
C ASN E 1243 -2.51 67.67 -84.26
N LEU E 1244 -2.34 66.36 -84.52
CA LEU E 1244 -1.03 65.76 -84.54
C LEU E 1244 -0.52 65.71 -85.95
N GLY E 1245 -1.38 66.01 -86.94
CA GLY E 1245 -0.91 65.99 -88.29
C GLY E 1245 -0.95 64.58 -88.77
N ILE E 1246 -1.91 63.81 -88.25
CA ILE E 1246 -2.05 62.43 -88.65
C ILE E 1246 -3.10 62.38 -89.72
N LEU E 1247 -2.78 61.71 -90.84
CA LEU E 1247 -3.66 61.70 -91.98
C LEU E 1247 -4.67 60.58 -91.82
N TYR E 1248 -5.96 60.93 -91.81
CA TYR E 1248 -7.01 59.94 -91.72
C TYR E 1248 -7.51 59.63 -93.10
N ILE E 1249 -7.25 58.39 -93.57
CA ILE E 1249 -7.82 57.93 -94.80
C ILE E 1249 -8.78 56.84 -94.43
N LEU E 1250 -10.08 57.18 -94.38
CA LEU E 1250 -11.08 56.31 -93.82
C LEU E 1250 -11.96 55.78 -94.92
N GLN E 1251 -12.29 54.48 -94.88
CA GLN E 1251 -13.23 53.92 -95.81
C GLN E 1251 -14.26 53.21 -94.99
N THR E 1252 -15.56 53.47 -95.24
CA THR E 1252 -16.61 52.82 -94.50
C THR E 1252 -16.42 51.34 -94.62
N LEU E 1253 -16.43 50.65 -93.46
CA LEU E 1253 -16.23 49.24 -93.40
C LEU E 1253 -17.41 48.55 -93.96
N GLU E 1254 -17.15 47.69 -94.97
CA GLU E 1254 -18.15 46.90 -95.64
C GLU E 1254 -18.60 45.83 -94.65
N GLY F 111 40.82 43.11 2.95
CA GLY F 111 40.98 42.44 4.26
C GLY F 111 40.10 41.26 4.30
N ILE F 112 40.71 40.08 4.27
CA ILE F 112 39.98 38.85 4.31
C ILE F 112 39.48 38.79 5.68
N THR F 113 38.17 38.61 5.91
CA THR F 113 37.82 38.65 7.29
C THR F 113 38.15 37.31 7.96
N SER F 114 38.30 37.35 9.29
CA SER F 114 38.70 36.18 10.09
C SER F 114 37.73 35.03 9.89
N TYR F 115 36.46 35.39 9.71
CA TYR F 115 35.42 34.42 9.33
C TYR F 115 35.80 33.58 8.09
N VAL F 116 36.27 34.21 7.01
CA VAL F 116 36.70 33.45 5.84
C VAL F 116 38.01 32.73 6.11
N ARG F 117 38.92 33.39 6.82
CA ARG F 117 40.19 32.78 7.13
C ARG F 117 40.00 31.40 7.82
N THR F 118 39.00 31.26 8.66
CA THR F 118 38.65 29.97 9.30
C THR F 118 37.81 29.03 8.42
N VAL F 119 36.77 29.56 7.80
CA VAL F 119 35.88 28.76 6.97
C VAL F 119 36.61 28.08 5.79
N LEU F 120 37.68 28.70 5.25
CA LEU F 120 38.37 28.11 4.09
C LEU F 120 38.94 26.75 4.41
N CYS F 121 39.15 26.48 5.69
CA CYS F 121 39.67 25.18 6.10
C CYS F 121 38.70 24.05 5.78
N GLU F 122 37.39 24.33 5.80
CA GLU F 122 36.35 23.38 5.40
C GLU F 122 35.99 23.47 3.93
N GLY F 123 35.80 24.71 3.45
CA GLY F 123 35.56 24.98 2.06
C GLY F 123 34.10 25.11 1.80
N GLY F 124 33.71 26.25 1.24
CA GLY F 124 32.35 26.32 0.84
C GLY F 124 32.44 26.01 -0.61
N VAL F 125 33.64 26.24 -1.14
CA VAL F 125 34.04 25.98 -2.48
C VAL F 125 35.34 25.18 -2.47
N PRO F 126 35.71 24.48 -3.53
CA PRO F 126 36.93 23.71 -3.48
C PRO F 126 38.12 24.61 -3.44
N GLN F 127 39.24 24.12 -2.87
CA GLN F 127 40.40 24.93 -2.72
C GLN F 127 41.46 24.40 -3.61
N ARG F 128 42.50 25.24 -3.71
CA ARG F 128 43.68 25.03 -4.50
C ARG F 128 44.40 23.85 -3.96
N PRO F 129 45.06 23.26 -4.92
CA PRO F 129 45.99 22.18 -4.81
C PRO F 129 47.00 22.40 -3.74
N VAL F 130 47.66 21.27 -3.37
CA VAL F 130 48.85 21.08 -2.59
C VAL F 130 50.04 21.46 -3.41
N VAL F 131 50.07 21.10 -4.71
CA VAL F 131 51.14 21.56 -5.56
C VAL F 131 50.58 22.41 -6.67
N PHE F 132 50.92 23.71 -6.64
CA PHE F 132 50.50 24.74 -7.60
C PHE F 132 51.42 25.86 -7.71
N VAL F 133 51.11 26.49 -8.86
CA VAL F 133 51.60 27.70 -9.46
C VAL F 133 50.41 28.56 -9.70
N THR F 134 50.51 29.78 -9.15
CA THR F 134 49.49 30.77 -9.23
C THR F 134 49.54 31.24 -10.62
N ARG F 135 48.35 31.31 -11.22
CA ARG F 135 48.37 31.76 -12.56
C ARG F 135 48.33 33.23 -12.48
N LYS F 136 49.51 33.89 -12.35
CA LYS F 136 49.49 35.32 -12.10
C LYS F 136 48.85 36.13 -13.21
N LYS F 137 48.90 35.62 -14.43
CA LYS F 137 48.34 36.33 -15.57
C LYS F 137 46.81 36.43 -15.48
N LEU F 138 46.18 35.48 -14.79
CA LEU F 138 44.71 35.43 -14.76
C LEU F 138 44.14 35.95 -13.41
N VAL F 139 44.87 35.77 -12.32
CA VAL F 139 44.33 36.10 -11.00
C VAL F 139 43.87 37.56 -10.96
N ASN F 140 44.76 38.50 -11.28
CA ASN F 140 44.41 39.93 -11.29
C ASN F 140 43.33 40.33 -12.32
N ALA F 141 43.42 39.85 -13.55
CA ALA F 141 42.40 40.19 -14.54
C ALA F 141 40.99 39.65 -14.22
N ILE F 142 40.91 38.43 -13.68
CA ILE F 142 39.62 37.84 -13.35
C ILE F 142 38.95 38.63 -12.22
N GLN F 143 39.77 39.06 -11.27
CA GLN F 143 39.30 39.90 -10.15
C GLN F 143 38.75 41.23 -10.64
N GLN F 144 39.49 41.84 -11.55
CA GLN F 144 39.09 43.08 -12.19
C GLN F 144 37.83 42.93 -13.06
N LYS F 145 37.64 41.77 -13.68
CA LYS F 145 36.41 41.48 -14.47
C LYS F 145 35.20 41.16 -13.58
N LEU F 146 35.45 40.53 -12.44
CA LEU F 146 34.35 40.21 -11.49
C LEU F 146 33.73 41.48 -10.91
N SER F 147 34.56 42.49 -10.69
CA SER F 147 34.10 43.78 -10.21
C SER F 147 33.22 44.51 -11.25
N LYS F 148 33.27 44.10 -12.50
CA LYS F 148 32.42 44.74 -13.52
C LYS F 148 30.91 44.48 -13.32
N LEU F 149 30.54 43.52 -12.48
CA LEU F 149 29.15 43.33 -12.15
C LEU F 149 28.58 44.56 -11.45
N LYS F 150 29.39 45.21 -10.62
CA LYS F 150 28.99 46.43 -9.87
C LYS F 150 27.70 46.27 -9.08
N GLY F 151 27.44 45.08 -8.55
CA GLY F 151 26.21 44.83 -7.81
C GLY F 151 24.99 44.51 -8.67
N GLU F 152 25.19 44.43 -9.98
CA GLU F 152 24.10 44.17 -10.93
C GLU F 152 24.17 42.69 -11.31
N PRO F 153 23.04 42.12 -11.79
CA PRO F 153 23.01 40.73 -12.23
C PRO F 153 24.03 40.40 -13.33
N GLY F 154 24.34 39.12 -13.45
CA GLY F 154 25.21 38.66 -14.51
C GLY F 154 25.51 37.21 -14.35
N TRP F 155 26.04 36.65 -15.42
CA TRP F 155 26.37 35.23 -15.50
C TRP F 155 27.85 35.05 -15.71
N VAL F 156 28.50 34.44 -14.73
CA VAL F 156 29.95 34.22 -14.79
C VAL F 156 30.12 32.71 -15.03
N THR F 157 30.82 32.37 -16.09
CA THR F 157 31.00 30.96 -16.45
C THR F 157 32.48 30.60 -16.61
N ILE F 158 32.88 29.51 -15.97
CA ILE F 158 34.21 28.97 -16.05
C ILE F 158 34.08 27.62 -16.70
N HIS F 159 35.01 27.31 -17.60
CA HIS F 159 34.87 26.08 -18.37
C HIS F 159 36.06 25.14 -18.24
N GLY F 160 35.78 23.84 -18.45
CA GLY F 160 36.77 22.78 -18.41
C GLY F 160 36.15 21.46 -18.00
N MET F 161 36.98 20.44 -18.01
CA MET F 161 36.55 19.10 -17.64
C MET F 161 37.14 18.63 -16.30
N ALA F 162 36.48 17.62 -15.73
CA ALA F 162 36.91 17.00 -14.50
C ALA F 162 38.37 16.53 -14.59
N GLY F 163 39.19 16.98 -13.65
CA GLY F 163 40.61 16.70 -13.67
C GLY F 163 41.53 17.59 -14.50
N CYS F 164 41.04 18.70 -15.01
CA CYS F 164 41.88 19.55 -15.85
C CYS F 164 42.17 20.92 -15.26
N GLY F 165 41.89 21.09 -13.97
CA GLY F 165 42.19 22.30 -13.21
C GLY F 165 41.14 23.39 -13.29
N LYS F 166 39.88 23.04 -13.55
CA LYS F 166 38.79 24.01 -13.61
C LYS F 166 38.52 24.71 -12.26
N SER F 167 38.51 23.95 -11.19
CA SER F 167 38.36 24.53 -9.87
C SER F 167 39.69 25.15 -9.42
N VAL F 168 40.79 24.59 -9.91
CA VAL F 168 42.11 25.13 -9.54
C VAL F 168 42.25 26.59 -9.95
N LEU F 169 41.83 26.92 -11.19
CA LEU F 169 41.83 28.28 -11.66
C LEU F 169 41.09 29.25 -10.72
N ALA F 170 39.85 28.94 -10.40
CA ALA F 170 39.02 29.79 -9.55
C ALA F 170 39.61 29.99 -8.16
N ALA F 171 40.19 28.92 -7.62
CA ALA F 171 40.78 28.94 -6.27
C ALA F 171 41.84 30.05 -6.11
N GLU F 172 42.75 30.20 -7.07
CA GLU F 172 43.76 31.26 -7.00
C GLU F 172 43.26 32.61 -7.48
N ALA F 173 42.38 32.59 -8.48
CA ALA F 173 41.90 33.81 -9.06
C ALA F 173 41.08 34.69 -8.09
N VAL F 174 40.25 34.06 -7.26
CA VAL F 174 39.35 34.78 -6.33
C VAL F 174 39.89 34.87 -4.91
N ARG F 175 41.21 34.92 -4.67
CA ARG F 175 41.73 34.97 -3.33
C ARG F 175 41.38 36.26 -2.68
N ASP F 176 41.06 37.33 -3.43
CA ASP F 176 40.63 38.67 -2.98
C ASP F 176 39.26 38.57 -2.36
N HIS F 177 39.15 38.71 -1.01
CA HIS F 177 37.83 38.71 -0.36
C HIS F 177 36.97 39.97 -0.62
N SER F 178 37.58 41.14 -0.46
CA SER F 178 36.87 42.42 -0.61
C SER F 178 36.19 42.54 -1.96
N LEU F 179 36.75 41.86 -2.97
CA LEU F 179 36.11 41.77 -4.28
C LEU F 179 34.64 41.37 -4.18
N LEU F 180 34.36 40.30 -3.44
CA LEU F 180 33.01 39.75 -3.41
C LEU F 180 32.38 39.94 -2.04
N GLU F 181 33.12 40.57 -1.13
CA GLU F 181 32.64 40.86 0.20
C GLU F 181 31.28 41.57 0.15
N GLY F 182 31.17 42.59 -0.69
CA GLY F 182 29.93 43.31 -0.85
C GLY F 182 28.92 42.73 -1.82
N CYS F 183 29.28 41.63 -2.47
CA CYS F 183 28.39 40.98 -3.40
C CYS F 183 27.57 39.86 -2.81
N PHE F 184 28.18 38.99 -2.01
CA PHE F 184 27.48 37.90 -1.37
C PHE F 184 27.75 37.72 0.11
N PRO F 185 27.27 38.68 0.93
CA PRO F 185 27.40 38.58 2.40
C PRO F 185 26.87 37.27 3.04
N GLY F 186 25.91 36.62 2.37
CA GLY F 186 25.27 35.42 2.88
C GLY F 186 26.02 34.13 2.60
N GLY F 187 27.15 34.23 1.91
CA GLY F 187 28.03 33.09 1.67
C GLY F 187 27.97 32.54 0.28
N VAL F 188 28.90 31.64 -0.01
CA VAL F 188 29.05 31.04 -1.33
C VAL F 188 29.00 29.55 -1.11
N HIS F 189 28.17 28.86 -1.89
CA HIS F 189 28.02 27.41 -1.74
C HIS F 189 28.25 26.76 -3.09
N TRP F 190 29.16 25.80 -3.13
CA TRP F 190 29.44 25.04 -4.31
C TRP F 190 28.72 23.72 -4.33
N VAL F 191 27.73 23.57 -5.20
CA VAL F 191 26.89 22.40 -5.24
C VAL F 191 27.11 21.66 -6.57
N SER F 192 27.43 20.38 -6.47
CA SER F 192 27.65 19.54 -7.64
C SER F 192 26.28 19.28 -8.30
N VAL F 193 26.21 19.46 -9.61
CA VAL F 193 24.97 19.19 -10.33
C VAL F 193 25.19 17.98 -11.25
N GLY F 194 26.15 18.10 -12.16
CA GLY F 194 26.45 17.05 -13.12
C GLY F 194 25.41 16.90 -14.21
N LYS F 195 25.56 15.83 -14.99
CA LYS F 195 24.63 15.52 -16.09
C LYS F 195 23.38 14.86 -15.50
N GLN F 196 22.28 15.58 -15.53
CA GLN F 196 21.02 15.06 -15.03
C GLN F 196 19.95 15.14 -16.12
N ASP F 197 19.06 14.14 -16.10
CA ASP F 197 17.87 14.12 -16.94
C ASP F 197 16.74 14.78 -16.13
N LYS F 198 15.51 14.78 -16.64
CA LYS F 198 14.38 15.43 -15.98
C LYS F 198 14.16 14.91 -14.57
N SER F 199 14.16 13.61 -14.39
CA SER F 199 13.93 13.05 -13.05
C SER F 199 15.10 13.36 -12.12
N GLY F 200 16.30 13.47 -12.68
CA GLY F 200 17.47 13.90 -11.92
C GLY F 200 17.40 15.35 -11.51
N LEU F 201 16.84 16.20 -12.36
CA LEU F 201 16.63 17.59 -11.95
C LEU F 201 15.62 17.67 -10.82
N LEU F 202 14.56 16.86 -10.89
CA LEU F 202 13.56 16.84 -9.82
C LEU F 202 14.16 16.35 -8.50
N MET F 203 14.96 15.30 -8.55
CA MET F 203 15.62 14.79 -7.33
C MET F 203 16.60 15.81 -6.78
N LYS F 204 17.31 16.50 -7.68
CA LYS F 204 18.22 17.58 -7.28
C LYS F 204 17.49 18.77 -6.64
N LEU F 205 16.32 19.13 -7.18
CA LEU F 205 15.51 20.19 -6.57
C LEU F 205 14.98 19.81 -5.16
N GLN F 206 14.62 18.54 -4.97
CA GLN F 206 14.23 18.05 -3.65
C GLN F 206 15.41 18.10 -2.66
N ASN F 207 16.59 17.80 -3.15
CA ASN F 207 17.82 17.93 -2.36
C ASN F 207 18.17 19.40 -2.01
N LEU F 208 17.97 20.30 -2.97
CA LEU F 208 18.23 21.71 -2.76
C LEU F 208 17.32 22.29 -1.70
N CYS F 209 16.05 21.87 -1.67
CA CYS F 209 15.14 22.33 -0.61
C CYS F 209 15.71 21.98 0.77
N THR F 210 16.18 20.75 0.94
CA THR F 210 16.75 20.31 2.21
C THR F 210 18.00 21.15 2.57
N ARG F 211 18.82 21.45 1.57
CA ARG F 211 20.07 22.17 1.77
C ARG F 211 19.89 23.54 2.40
N LEU F 212 18.74 24.17 2.16
CA LEU F 212 18.46 25.49 2.69
C LEU F 212 17.88 25.48 4.10
N ASP F 213 17.61 24.28 4.63
CA ASP F 213 17.07 24.12 5.98
C ASP F 213 17.91 23.07 6.72
N GLN F 214 19.12 23.46 7.08
CA GLN F 214 20.06 22.49 7.65
C GLN F 214 19.59 22.04 9.04
N ASP F 215 18.90 22.91 9.77
CA ASP F 215 18.47 22.60 11.14
C ASP F 215 17.04 22.05 11.23
N GLU F 216 16.46 21.72 10.09
CA GLU F 216 15.10 21.17 10.01
C GLU F 216 14.02 22.03 10.70
N SER F 217 14.11 23.35 10.55
CA SER F 217 13.16 24.28 11.17
C SER F 217 11.79 24.30 10.48
N PHE F 218 11.76 23.80 9.24
CA PHE F 218 10.53 23.69 8.46
C PHE F 218 10.23 22.19 8.25
N SER F 219 9.08 21.85 7.67
CA SER F 219 8.71 20.43 7.44
C SER F 219 9.77 19.62 6.72
N GLN F 220 9.92 18.34 7.11
CA GLN F 220 10.88 17.44 6.49
C GLN F 220 10.39 16.94 5.13
N ARG F 221 9.17 17.29 4.76
CA ARG F 221 8.60 16.90 3.48
C ARG F 221 9.23 17.67 2.32
N LEU F 222 9.24 17.06 1.15
CA LEU F 222 9.94 17.60 -0.01
C LEU F 222 8.98 18.04 -1.12
N PRO F 223 9.45 18.92 -2.02
CA PRO F 223 8.55 19.40 -3.06
C PRO F 223 8.18 18.22 -3.94
N LEU F 224 7.00 18.27 -4.55
CA LEU F 224 6.50 17.13 -5.34
C LEU F 224 6.74 17.27 -6.82
N ASN F 225 7.02 18.47 -7.27
CA ASN F 225 7.22 18.76 -8.69
C ASN F 225 8.11 19.99 -8.86
N ILE F 226 8.46 20.32 -10.09
CA ILE F 226 9.40 21.40 -10.33
C ILE F 226 8.85 22.79 -9.97
N GLU F 227 7.58 23.03 -10.30
CA GLU F 227 6.93 24.31 -10.05
C GLU F 227 6.94 24.62 -8.54
N GLU F 228 6.58 23.62 -7.74
CA GLU F 228 6.62 23.75 -6.28
C GLU F 228 8.03 23.97 -5.72
N ALA F 229 9.00 23.22 -6.24
CA ALA F 229 10.38 23.37 -5.83
C ALA F 229 10.91 24.78 -6.14
N LYS F 230 10.53 25.31 -7.29
CA LYS F 230 10.90 26.67 -7.68
C LYS F 230 10.42 27.66 -6.60
N ASP F 231 9.14 27.53 -6.26
CA ASP F 231 8.54 28.35 -5.22
C ASP F 231 9.19 28.21 -3.81
N ARG F 232 9.44 26.98 -3.38
CA ARG F 232 10.03 26.79 -2.07
C ARG F 232 11.45 27.38 -2.00
N LEU F 233 12.23 27.19 -3.04
CA LEU F 233 13.60 27.65 -3.07
C LEU F 233 13.62 29.17 -3.09
N ARG F 234 12.69 29.75 -3.84
CA ARG F 234 12.58 31.20 -3.94
C ARG F 234 12.30 31.82 -2.57
N ILE F 235 11.32 31.25 -1.86
CA ILE F 235 10.94 31.76 -0.53
C ILE F 235 12.12 31.68 0.46
N LEU F 236 12.82 30.55 0.46
CA LEU F 236 13.94 30.38 1.39
C LEU F 236 15.12 31.28 0.99
N MET F 237 15.36 31.48 -0.30
CA MET F 237 16.44 32.36 -0.76
C MET F 237 16.09 33.83 -0.64
N LEU F 238 14.80 34.07 -0.58
CA LEU F 238 14.29 35.41 -0.41
C LEU F 238 14.40 35.86 1.06
N ARG F 239 13.97 34.99 1.97
CA ARG F 239 13.85 35.36 3.37
C ARG F 239 14.97 34.87 4.27
N LYS F 240 15.55 33.71 3.97
CA LYS F 240 16.55 33.13 4.87
C LYS F 240 17.94 33.17 4.31
N HIS F 241 18.05 33.11 2.99
CA HIS F 241 19.35 33.10 2.35
C HIS F 241 19.47 34.13 1.25
N PRO F 242 19.02 35.38 1.51
CA PRO F 242 19.18 36.40 0.50
C PRO F 242 20.63 36.84 0.44
N ARG F 243 21.05 37.40 -0.68
CA ARG F 243 22.45 37.89 -0.87
C ARG F 243 23.54 36.81 -0.75
N SER F 244 23.33 35.69 -1.43
CA SER F 244 24.22 34.55 -1.41
C SER F 244 24.38 33.95 -2.77
N LEU F 245 25.43 33.17 -2.94
CA LEU F 245 25.75 32.61 -4.24
C LEU F 245 25.64 31.08 -4.22
N LEU F 246 24.83 30.56 -5.15
CA LEU F 246 24.70 29.14 -5.40
C LEU F 246 25.46 28.82 -6.68
N ILE F 247 26.51 28.02 -6.58
CA ILE F 247 27.33 27.67 -7.73
C ILE F 247 26.94 26.29 -8.25
N LEU F 248 26.63 26.22 -9.55
CA LEU F 248 26.23 24.99 -10.23
C LEU F 248 27.43 24.33 -10.90
N ASP F 249 27.92 23.26 -10.31
CA ASP F 249 29.10 22.59 -10.84
C ASP F 249 28.72 21.58 -11.90
N ASP F 250 29.42 21.63 -13.03
CA ASP F 250 29.22 20.72 -14.16
C ASP F 250 27.81 20.76 -14.80
N VAL F 251 27.54 21.86 -15.47
CA VAL F 251 26.31 22.07 -16.20
C VAL F 251 26.53 21.44 -17.56
N TRP F 252 25.60 20.57 -17.99
CA TRP F 252 25.71 19.89 -19.30
C TRP F 252 24.48 20.08 -20.19
N ASP F 253 23.33 20.29 -19.59
CA ASP F 253 22.09 20.30 -20.35
C ASP F 253 21.29 21.58 -20.15
N SER F 254 20.85 22.16 -21.25
CA SER F 254 20.08 23.40 -21.21
C SER F 254 18.70 23.24 -20.55
N TRP F 255 18.19 21.99 -20.51
CA TRP F 255 16.96 21.67 -19.79
C TRP F 255 17.08 22.10 -18.34
N VAL F 256 18.23 21.89 -17.74
CA VAL F 256 18.42 22.33 -16.35
C VAL F 256 18.43 23.85 -16.24
N LEU F 257 19.17 24.50 -17.13
CA LEU F 257 19.31 25.96 -17.14
C LEU F 257 18.00 26.70 -17.33
N LYS F 258 17.04 26.06 -18.00
CA LYS F 258 15.68 26.57 -18.18
C LYS F 258 15.03 27.04 -16.86
N ALA F 259 15.38 26.36 -15.76
CA ALA F 259 14.78 26.64 -14.45
C ALA F 259 15.54 27.70 -13.66
N PHE F 260 16.69 28.13 -14.20
CA PHE F 260 17.61 29.09 -13.57
C PHE F 260 17.79 30.39 -14.34
N ASP F 261 17.38 30.42 -15.59
CA ASP F 261 17.52 31.61 -16.42
C ASP F 261 16.54 32.69 -15.97
N SER F 262 16.93 33.47 -14.96
CA SER F 262 16.07 34.50 -14.40
C SER F 262 16.78 35.83 -14.17
N GLN F 263 17.84 36.05 -14.95
CA GLN F 263 18.63 37.30 -14.91
C GLN F 263 19.14 37.64 -13.50
N CYS F 264 19.77 36.65 -12.85
CA CYS F 264 20.39 36.79 -11.52
C CYS F 264 21.88 36.56 -11.60
N GLN F 265 22.56 36.95 -10.53
CA GLN F 265 24.00 36.75 -10.40
C GLN F 265 24.26 35.28 -10.20
N ILE F 266 24.70 34.63 -11.26
CA ILE F 266 24.94 33.18 -11.21
C ILE F 266 26.34 32.81 -11.70
N LEU F 267 27.03 32.04 -10.88
CA LEU F 267 28.34 31.53 -11.20
C LEU F 267 28.15 30.04 -11.40
N LEU F 268 28.65 29.52 -12.50
CA LEU F 268 28.56 28.09 -12.78
C LEU F 268 29.74 27.62 -13.59
N THR F 269 29.97 26.31 -13.56
CA THR F 269 31.05 25.70 -14.32
C THR F 269 30.44 24.75 -15.31
N THR F 270 31.09 24.66 -16.47
CA THR F 270 30.55 23.91 -17.61
C THR F 270 31.65 23.49 -18.57
N ARG F 271 31.24 22.90 -19.69
CA ARG F 271 32.22 22.45 -20.69
C ARG F 271 32.74 23.63 -21.53
N ASP F 272 31.90 24.65 -21.73
CA ASP F 272 32.23 25.77 -22.62
C ASP F 272 31.66 27.09 -22.07
N LYS F 273 32.53 28.09 -21.94
CA LYS F 273 32.11 29.43 -21.56
C LYS F 273 30.98 30.02 -22.40
N SER F 274 30.76 29.49 -23.61
CA SER F 274 29.66 29.95 -24.45
C SER F 274 28.27 29.75 -23.84
N VAL F 275 28.15 28.93 -22.79
CA VAL F 275 26.85 28.72 -22.13
C VAL F 275 26.15 30.02 -21.73
N THR F 276 26.92 31.06 -21.45
CA THR F 276 26.37 32.34 -21.06
C THR F 276 25.40 32.95 -22.12
N ASP F 277 25.55 32.51 -23.37
CA ASP F 277 24.67 32.98 -24.48
C ASP F 277 23.23 32.46 -24.41
N SER F 278 23.02 31.32 -23.76
CA SER F 278 21.67 30.73 -23.70
C SER F 278 20.82 31.32 -22.58
N VAL F 279 21.44 32.18 -21.77
CA VAL F 279 20.80 32.76 -20.62
C VAL F 279 20.88 34.29 -20.76
N MET F 280 20.02 34.98 -20.02
CA MET F 280 19.93 36.43 -20.09
C MET F 280 20.57 37.10 -18.92
N GLY F 281 21.27 38.19 -19.21
CA GLY F 281 21.99 38.98 -18.20
C GLY F 281 23.40 39.19 -18.71
N PRO F 282 24.11 40.18 -18.16
CA PRO F 282 25.51 40.50 -18.54
C PRO F 282 26.39 39.28 -18.39
N LYS F 283 27.16 38.97 -19.43
CA LYS F 283 27.92 37.74 -19.52
C LYS F 283 29.38 38.04 -19.27
N TYR F 284 30.02 37.21 -18.45
CA TYR F 284 31.43 37.33 -18.15
C TYR F 284 32.03 35.94 -18.22
N VAL F 285 33.14 35.83 -18.94
CA VAL F 285 33.80 34.57 -19.17
C VAL F 285 35.32 34.71 -19.00
N VAL F 286 35.99 33.59 -18.89
CA VAL F 286 37.44 33.53 -18.80
C VAL F 286 37.94 32.68 -19.95
N PRO F 287 38.83 33.31 -20.66
CA PRO F 287 39.40 32.80 -21.87
C PRO F 287 40.51 31.86 -21.61
N VAL F 288 41.09 31.99 -20.41
CA VAL F 288 42.17 31.31 -19.74
C VAL F 288 43.47 31.33 -20.48
N GLU F 289 43.84 32.59 -20.77
CA GLU F 289 44.99 32.84 -21.53
C GLU F 289 46.10 33.05 -20.60
N SER F 290 46.64 31.88 -20.23
CA SER F 290 47.76 31.70 -19.39
C SER F 290 48.15 30.25 -19.45
N SER F 291 49.46 30.00 -19.31
CA SER F 291 50.00 28.69 -19.28
C SER F 291 51.21 28.75 -18.43
N LEU F 292 51.75 27.59 -18.09
CA LEU F 292 52.87 27.65 -17.23
C LEU F 292 54.02 27.34 -18.11
N GLY F 293 55.20 27.86 -17.72
CA GLY F 293 56.42 27.74 -18.46
C GLY F 293 57.33 26.79 -17.77
N LYS F 294 58.63 26.88 -18.12
CA LYS F 294 59.66 25.98 -17.59
C LYS F 294 59.86 26.05 -16.09
N GLU F 295 60.21 27.24 -15.61
CA GLU F 295 60.49 27.39 -14.17
C GLU F 295 59.27 27.16 -13.30
N LYS F 296 58.12 27.48 -13.83
CA LYS F 296 56.86 27.22 -13.14
C LYS F 296 56.60 25.71 -13.03
N GLY F 297 56.89 24.98 -14.11
CA GLY F 297 56.81 23.53 -14.10
C GLY F 297 57.86 22.92 -13.20
N LEU F 298 59.02 23.56 -13.10
CA LEU F 298 60.09 23.12 -12.19
C LEU F 298 59.71 23.32 -10.71
N GLU F 299 58.97 24.40 -10.43
CA GLU F 299 58.40 24.62 -9.10
C GLU F 299 57.37 23.54 -8.76
N ILE F 300 56.55 23.16 -9.75
CA ILE F 300 55.61 22.07 -9.54
C ILE F 300 56.37 20.79 -9.18
N LEU F 301 57.38 20.45 -9.98
CA LEU F 301 58.23 19.27 -9.72
C LEU F 301 58.85 19.32 -8.33
N SER F 302 59.49 20.44 -8.00
CA SER F 302 60.18 20.59 -6.72
C SER F 302 59.26 20.22 -5.55
N LEU F 303 58.01 20.67 -5.62
CA LEU F 303 57.06 20.39 -4.54
C LEU F 303 56.68 18.92 -4.52
N PHE F 304 56.64 18.29 -5.68
CA PHE F 304 56.23 16.88 -5.77
C PHE F 304 57.33 15.96 -5.23
N VAL F 305 58.61 16.22 -5.56
CA VAL F 305 59.71 15.28 -5.23
C VAL F 305 60.69 15.83 -4.19
N ASN F 306 60.47 17.11 -3.84
CA ASN F 306 61.22 17.84 -2.86
C ASN F 306 62.65 17.89 -3.28
N MET F 307 62.93 18.23 -4.56
CA MET F 307 64.28 18.33 -5.04
C MET F 307 64.44 19.75 -5.49
N LYS F 308 65.65 20.36 -5.44
CA LYS F 308 65.60 21.71 -5.95
C LYS F 308 65.52 21.61 -7.43
N LYS F 309 65.01 22.64 -8.11
CA LYS F 309 65.00 22.44 -9.55
C LYS F 309 66.41 22.19 -10.09
N ALA F 310 67.41 22.79 -9.43
CA ALA F 310 68.84 22.56 -9.73
C ALA F 310 69.32 21.12 -9.49
N ASP F 311 68.61 20.40 -8.63
CA ASP F 311 68.93 18.99 -8.33
C ASP F 311 68.33 18.04 -9.32
N LEU F 312 67.40 18.54 -10.16
CA LEU F 312 66.74 17.70 -11.11
C LEU F 312 67.64 17.49 -12.28
N PRO F 313 67.66 16.25 -12.64
CA PRO F 313 68.31 15.73 -13.81
C PRO F 313 67.87 16.44 -15.01
N GLU F 314 68.82 16.46 -15.94
CA GLU F 314 68.75 16.98 -17.32
C GLU F 314 67.53 16.53 -18.08
N GLN F 315 67.15 15.27 -17.87
CA GLN F 315 65.96 14.68 -18.49
C GLN F 315 64.68 15.35 -18.02
N ALA F 316 64.66 15.78 -16.77
CA ALA F 316 63.53 16.52 -16.23
C ALA F 316 63.34 17.89 -16.89
N HIS F 317 64.45 18.49 -17.31
CA HIS F 317 64.46 19.77 -18.04
C HIS F 317 64.15 19.60 -19.54
N SER F 318 64.63 18.50 -20.10
CA SER F 318 64.39 18.12 -21.47
C SER F 318 62.91 17.81 -21.78
N ILE F 319 62.28 17.03 -20.91
CA ILE F 319 60.89 16.67 -21.06
C ILE F 319 59.99 17.88 -20.89
N ILE F 320 60.47 18.87 -20.14
CA ILE F 320 59.78 20.15 -20.05
C ILE F 320 59.90 20.94 -21.35
N LYS F 321 61.07 20.93 -21.95
CA LYS F 321 61.29 21.52 -23.29
C LYS F 321 60.40 20.83 -24.35
N GLU F 322 60.13 19.52 -24.18
CA GLU F 322 59.24 18.79 -25.08
C GLU F 322 57.75 19.04 -24.84
N CYS F 323 57.33 19.09 -23.58
CA CYS F 323 55.92 19.31 -23.26
C CYS F 323 55.53 20.76 -23.00
N LYS F 324 56.55 21.63 -22.95
CA LYS F 324 56.42 23.09 -22.73
C LYS F 324 55.88 23.42 -21.33
N GLY F 325 56.11 22.53 -20.37
CA GLY F 325 55.75 22.79 -18.99
C GLY F 325 54.28 22.71 -18.55
N SER F 326 53.44 21.96 -19.28
CA SER F 326 52.02 21.85 -18.87
C SER F 326 51.86 21.20 -17.48
N PRO F 327 51.10 21.83 -16.56
CA PRO F 327 50.90 21.24 -15.24
C PRO F 327 50.19 19.88 -15.18
N LEU F 328 49.30 19.58 -16.13
CA LEU F 328 48.63 18.26 -16.12
C LEU F 328 49.60 17.13 -16.44
N VAL F 329 50.57 17.40 -17.32
CA VAL F 329 51.59 16.41 -17.67
C VAL F 329 52.62 16.29 -16.54
N VAL F 330 53.02 17.43 -15.97
CA VAL F 330 54.05 17.39 -14.94
C VAL F 330 53.56 16.59 -13.75
N SER F 331 52.32 16.80 -13.33
CA SER F 331 51.72 16.05 -12.21
C SER F 331 51.73 14.53 -12.40
N LEU F 332 51.33 14.08 -13.57
CA LEU F 332 51.30 12.65 -13.91
C LEU F 332 52.67 11.99 -13.92
N ILE F 333 53.58 12.58 -14.70
CA ILE F 333 54.93 12.08 -14.87
C ILE F 333 55.68 11.99 -13.52
N GLY F 334 55.48 12.97 -12.66
CA GLY F 334 56.09 12.96 -11.32
C GLY F 334 55.67 11.76 -10.50
N ALA F 335 54.38 11.49 -10.47
CA ALA F 335 53.81 10.31 -9.77
C ALA F 335 54.27 9.01 -10.40
N LEU F 336 54.40 9.00 -11.74
CA LEU F 336 54.93 7.82 -12.47
C LEU F 336 56.38 7.50 -12.16
N LEU F 337 57.22 8.53 -12.16
CA LEU F 337 58.65 8.36 -11.93
C LEU F 337 58.95 8.36 -10.42
N ARG F 338 57.96 8.68 -9.58
CA ARG F 338 58.10 8.46 -8.16
C ARG F 338 58.48 6.99 -7.84
N ASP F 339 57.64 6.09 -8.34
CA ASP F 339 57.87 4.64 -8.24
C ASP F 339 58.77 4.05 -9.29
N PHE F 340 58.56 4.35 -10.59
CA PHE F 340 59.35 3.87 -11.71
C PHE F 340 60.72 4.51 -11.61
N PRO F 341 61.82 3.80 -11.87
CA PRO F 341 63.15 4.37 -11.80
C PRO F 341 63.12 5.63 -12.61
N ASN F 342 63.89 6.69 -12.24
CA ASN F 342 63.72 7.96 -12.92
C ASN F 342 64.30 7.92 -14.31
N ARG F 343 63.46 7.45 -15.25
CA ARG F 343 63.78 7.38 -16.65
C ARG F 343 62.64 8.05 -17.36
N TRP F 344 62.79 9.34 -17.72
CA TRP F 344 61.81 10.17 -18.34
C TRP F 344 61.59 9.61 -19.71
N GLU F 345 62.67 9.04 -20.28
CA GLU F 345 62.64 8.45 -21.59
C GLU F 345 61.61 7.39 -21.68
N TYR F 346 61.36 6.64 -20.58
CA TYR F 346 60.48 5.51 -20.70
C TYR F 346 59.11 6.02 -21.03
N TYR F 347 58.59 6.96 -20.23
CA TYR F 347 57.21 7.35 -20.35
C TYR F 347 57.07 8.34 -21.45
N LEU F 348 58.18 9.03 -21.79
CA LEU F 348 58.18 9.99 -22.85
C LEU F 348 58.00 9.29 -24.15
N LYS F 349 58.90 8.34 -24.47
CA LYS F 349 58.79 7.69 -25.74
C LYS F 349 57.54 6.87 -25.76
N GLN F 350 57.15 6.33 -24.60
CA GLN F 350 55.91 5.60 -24.54
C GLN F 350 54.77 6.49 -24.94
N LEU F 351 54.68 7.70 -24.38
CA LEU F 351 53.52 8.49 -24.65
C LEU F 351 53.55 9.02 -26.06
N GLN F 352 54.73 9.09 -26.68
CA GLN F 352 54.75 9.55 -28.05
C GLN F 352 54.09 8.53 -28.94
N ASN F 353 53.92 7.31 -28.42
CA ASN F 353 53.34 6.25 -29.19
C ASN F 353 51.85 6.25 -29.30
N LYS F 354 51.26 6.82 -28.23
CA LYS F 354 49.84 6.85 -27.88
C LYS F 354 49.74 7.07 -26.35
N GLN F 355 49.94 8.31 -25.91
CA GLN F 355 50.02 8.69 -24.48
C GLN F 355 49.00 8.02 -23.53
N PHE F 356 48.99 8.40 -22.25
CA PHE F 356 48.07 7.74 -21.34
C PHE F 356 46.69 8.40 -21.37
N LYS F 357 46.52 9.37 -22.24
CA LYS F 357 45.18 9.85 -22.58
C LYS F 357 44.48 8.88 -23.52
N ARG F 358 45.25 8.01 -24.17
CA ARG F 358 44.70 7.00 -25.07
C ARG F 358 44.48 5.68 -24.34
N ILE F 359 45.38 5.36 -23.35
CA ILE F 359 45.40 4.14 -22.58
C ILE F 359 45.06 4.56 -21.18
N ARG F 360 43.86 4.18 -20.65
CA ARG F 360 43.51 4.63 -19.33
C ARG F 360 44.38 3.95 -18.30
N LYS F 361 44.93 4.76 -17.37
CA LYS F 361 45.75 4.30 -16.28
C LYS F 361 45.10 4.74 -15.00
N SER F 362 45.74 4.40 -13.85
CA SER F 362 45.26 4.86 -12.57
C SER F 362 45.51 6.33 -12.55
N SER F 363 44.55 7.13 -12.03
CA SER F 363 44.71 8.57 -11.96
C SER F 363 43.79 9.17 -10.90
N SER F 364 44.15 10.36 -10.41
CA SER F 364 43.36 11.03 -9.42
C SER F 364 42.29 11.74 -10.17
N TYR F 365 42.49 11.89 -11.50
CA TYR F 365 41.54 12.52 -12.37
C TYR F 365 40.35 11.62 -12.38
N ASP F 366 39.14 12.20 -12.49
CA ASP F 366 37.92 11.46 -12.39
C ASP F 366 37.85 10.51 -13.54
N TYR F 367 38.34 10.95 -14.70
CA TYR F 367 38.34 10.12 -15.89
C TYR F 367 39.71 10.14 -16.55
N GLU F 368 40.12 9.04 -17.20
CA GLU F 368 41.41 9.14 -17.81
C GLU F 368 41.19 9.16 -19.26
N ALA F 369 39.91 9.16 -19.66
CA ALA F 369 39.71 9.34 -21.05
C ALA F 369 38.86 10.54 -21.27
N LEU F 370 39.22 11.27 -22.33
CA LEU F 370 38.64 12.49 -22.84
C LEU F 370 37.27 12.18 -23.32
N ASP F 371 37.07 10.96 -23.82
CA ASP F 371 35.81 10.60 -24.41
C ASP F 371 34.76 10.57 -23.34
N GLU F 372 35.15 10.36 -22.07
CA GLU F 372 34.13 10.19 -21.07
C GLU F 372 33.29 11.43 -20.98
N ALA F 373 33.92 12.59 -20.71
CA ALA F 373 33.21 13.83 -20.59
C ALA F 373 32.78 14.36 -21.92
N MET F 374 33.64 14.20 -22.95
CA MET F 374 33.43 14.74 -24.26
C MET F 374 32.23 14.14 -24.90
N SER F 375 31.98 12.85 -24.64
CA SER F 375 30.92 12.17 -25.30
C SER F 375 29.59 12.77 -24.93
N ILE F 376 29.53 13.53 -23.83
CA ILE F 376 28.29 14.15 -23.47
C ILE F 376 27.91 15.18 -24.50
N SER F 377 28.88 15.95 -25.00
CA SER F 377 28.59 17.01 -25.90
C SER F 377 28.56 16.51 -27.32
N VAL F 378 29.27 15.41 -27.61
CA VAL F 378 29.31 14.91 -28.95
C VAL F 378 28.09 14.12 -29.24
N GLU F 379 27.68 13.25 -28.31
CA GLU F 379 26.53 12.42 -28.55
C GLU F 379 25.32 13.30 -28.51
N MET F 380 25.34 14.48 -27.84
CA MET F 380 24.12 15.27 -27.82
C MET F 380 24.25 16.10 -29.09
N LEU F 381 24.17 15.45 -30.29
CA LEU F 381 24.27 16.22 -31.52
C LEU F 381 23.39 15.48 -32.50
N ARG F 382 23.71 15.51 -33.82
CA ARG F 382 22.98 14.81 -34.86
C ARG F 382 23.96 14.02 -35.71
N GLU F 383 23.54 12.83 -36.22
CA GLU F 383 24.43 11.94 -36.93
C GLU F 383 25.36 12.61 -37.93
N ASP F 384 24.82 13.48 -38.78
CA ASP F 384 25.68 14.18 -39.76
C ASP F 384 26.80 15.03 -39.13
N ILE F 385 26.50 15.86 -38.12
CA ILE F 385 27.54 16.67 -37.46
C ILE F 385 28.37 15.96 -36.38
N LYS F 386 27.91 14.80 -35.89
CA LYS F 386 28.74 13.87 -35.11
C LYS F 386 29.84 13.22 -35.93
N ASP F 387 29.52 12.80 -37.14
CA ASP F 387 30.56 12.38 -38.09
C ASP F 387 31.46 13.53 -38.51
N TYR F 388 30.88 14.69 -38.79
CA TYR F 388 31.73 15.82 -39.14
C TYR F 388 32.74 16.13 -38.03
N TYR F 389 32.32 16.10 -36.77
CA TYR F 389 33.29 16.32 -35.67
C TYR F 389 34.49 15.37 -35.73
N THR F 390 34.21 14.10 -35.97
CA THR F 390 35.25 13.09 -36.00
C THR F 390 36.03 13.17 -37.31
N ASP F 391 35.42 13.76 -38.33
CA ASP F 391 36.08 13.86 -39.64
C ASP F 391 37.19 14.92 -39.64
N LEU F 392 37.22 15.77 -38.63
CA LEU F 392 38.21 16.84 -38.58
C LEU F 392 39.62 16.36 -38.34
N SER F 393 39.77 15.11 -37.92
CA SER F 393 41.09 14.59 -37.53
C SER F 393 42.02 14.28 -38.72
N ILE F 394 41.54 14.44 -39.95
CA ILE F 394 42.36 14.20 -41.15
C ILE F 394 43.33 15.33 -41.47
N LEU F 395 43.15 16.43 -40.75
CA LEU F 395 43.95 17.60 -40.97
C LEU F 395 45.19 17.40 -40.14
N GLN F 396 46.36 17.69 -40.77
CA GLN F 396 47.68 17.67 -40.19
C GLN F 396 47.77 18.89 -39.34
N LYS F 397 47.96 18.71 -38.02
CA LYS F 397 48.06 19.78 -37.05
C LYS F 397 49.40 20.36 -37.29
N ASP F 398 49.60 21.62 -36.87
CA ASP F 398 48.53 22.26 -36.16
C ASP F 398 48.33 23.56 -36.83
N VAL F 399 47.33 23.54 -37.76
CA VAL F 399 46.99 24.59 -38.67
C VAL F 399 45.56 25.03 -38.59
N LYS F 400 45.49 26.36 -38.64
CA LYS F 400 44.41 27.26 -38.60
C LYS F 400 43.89 27.41 -39.99
N VAL F 401 42.74 26.76 -40.26
CA VAL F 401 42.35 26.74 -41.61
C VAL F 401 41.08 27.48 -41.70
N PRO F 402 40.99 28.02 -42.87
CA PRO F 402 39.90 28.88 -43.24
C PRO F 402 38.78 27.94 -43.46
N THR F 403 37.51 28.47 -43.63
CA THR F 403 36.33 27.61 -43.68
C THR F 403 36.22 26.74 -44.94
N LYS F 404 36.46 27.39 -46.08
CA LYS F 404 36.25 26.77 -47.40
C LYS F 404 36.77 25.34 -47.47
N VAL F 405 37.85 25.06 -46.72
CA VAL F 405 38.62 23.83 -46.92
C VAL F 405 37.78 22.60 -46.55
N LEU F 406 36.74 22.79 -45.76
CA LEU F 406 35.94 21.67 -45.24
C LEU F 406 34.68 21.40 -46.06
N CYS F 407 34.44 22.19 -47.09
CA CYS F 407 33.27 22.00 -47.93
C CYS F 407 33.28 20.65 -48.63
N ILE F 408 34.44 20.32 -49.20
CA ILE F 408 34.62 19.06 -49.92
C ILE F 408 34.44 17.87 -48.98
N LEU F 409 35.04 17.98 -47.80
CA LEU F 409 35.02 16.90 -46.78
C LEU F 409 33.57 16.59 -46.38
N TRP F 410 32.83 17.63 -46.02
CA TRP F 410 31.49 17.45 -45.49
C TRP F 410 30.40 17.29 -46.55
N ASP F 411 30.72 17.76 -47.78
CA ASP F 411 29.82 17.82 -48.90
C ASP F 411 28.82 18.83 -48.61
N MET F 412 29.27 19.86 -47.87
CA MET F 412 28.38 20.89 -47.46
C MET F 412 28.75 22.18 -48.14
N GLU F 413 27.72 23.03 -48.25
CA GLU F 413 27.78 24.34 -48.80
C GLU F 413 28.44 25.25 -47.83
N THR F 414 29.13 26.29 -48.36
CA THR F 414 29.85 27.19 -47.47
C THR F 414 29.09 27.66 -46.24
N GLU F 415 27.84 28.06 -46.39
CA GLU F 415 27.04 28.54 -45.27
C GLU F 415 26.76 27.41 -44.27
N GLU F 416 26.54 26.21 -44.81
CA GLU F 416 26.32 25.00 -44.00
C GLU F 416 27.54 24.61 -43.18
N VAL F 417 28.73 24.69 -43.80
CA VAL F 417 29.99 24.42 -43.13
C VAL F 417 30.25 25.46 -42.03
N GLU F 418 30.00 26.72 -42.34
CA GLU F 418 30.24 27.79 -41.39
C GLU F 418 29.38 27.64 -40.14
N ASP F 419 28.07 27.39 -40.30
CA ASP F 419 27.17 27.20 -39.17
C ASP F 419 27.55 26.01 -38.28
N ILE F 420 27.89 24.89 -38.90
CA ILE F 420 28.28 23.71 -38.17
C ILE F 420 29.57 23.92 -37.40
N LEU F 421 30.53 24.63 -38.00
CA LEU F 421 31.77 25.00 -37.31
C LEU F 421 31.58 25.93 -36.11
N GLN F 422 30.67 26.91 -36.22
CA GLN F 422 30.33 27.83 -35.12
C GLN F 422 29.71 27.05 -33.95
N GLU F 423 28.89 26.05 -34.28
CA GLU F 423 28.35 25.16 -33.27
C GLU F 423 29.46 24.35 -32.59
N PHE F 424 30.38 23.78 -33.37
CA PHE F 424 31.49 23.03 -32.78
C PHE F 424 32.25 23.87 -31.76
N VAL F 425 32.53 25.11 -32.14
CA VAL F 425 33.18 26.07 -31.27
C VAL F 425 32.33 26.32 -30.04
N ASN F 426 31.01 26.46 -30.24
CA ASN F 426 30.04 26.65 -29.16
C ASN F 426 29.95 25.44 -28.22
N LYS F 427 30.44 24.28 -28.66
CA LYS F 427 30.46 23.05 -27.84
C LYS F 427 31.85 22.66 -27.30
N SER F 428 32.86 23.54 -27.46
CA SER F 428 34.31 23.32 -27.10
C SER F 428 35.00 22.20 -27.89
N LEU F 429 34.49 21.95 -29.08
CA LEU F 429 34.99 20.91 -29.95
C LEU F 429 36.00 21.44 -30.98
N LEU F 430 36.12 22.75 -31.04
CA LEU F 430 36.84 23.45 -32.07
C LEU F 430 37.21 24.82 -31.50
N PHE F 431 38.41 25.28 -31.82
CA PHE F 431 38.88 26.61 -31.43
C PHE F 431 38.89 27.48 -32.66
N CYS F 432 38.70 28.78 -32.44
CA CYS F 432 38.45 29.73 -33.52
C CYS F 432 39.36 30.90 -33.35
N ASP F 433 40.30 31.11 -34.28
CA ASP F 433 41.15 32.34 -34.34
C ASP F 433 40.46 33.26 -35.35
N ARG F 434 39.68 34.22 -34.84
CA ARG F 434 38.98 35.18 -35.66
C ARG F 434 39.99 36.14 -36.26
N ASN F 435 40.33 35.91 -37.52
CA ASN F 435 41.27 36.77 -38.23
C ASN F 435 40.53 37.96 -38.80
N GLY F 436 40.07 38.84 -37.91
CA GLY F 436 39.30 40.01 -38.30
C GLY F 436 37.92 39.61 -38.77
N LYS F 437 37.72 39.72 -40.08
CA LYS F 437 36.50 39.26 -40.72
C LYS F 437 36.50 37.73 -41.00
N SER F 438 37.68 37.12 -41.04
CA SER F 438 37.79 35.68 -41.25
C SER F 438 37.85 34.87 -39.94
N PHE F 439 37.54 33.57 -40.03
CA PHE F 439 37.49 32.64 -38.87
C PHE F 439 38.38 31.43 -39.17
N ARG F 440 39.65 31.48 -38.74
CA ARG F 440 40.57 30.37 -38.94
C ARG F 440 40.50 29.40 -37.76
N TYR F 441 39.98 28.20 -38.04
CA TYR F 441 39.64 27.25 -37.02
C TYR F 441 40.78 26.26 -36.80
N TYR F 442 40.95 25.86 -35.56
CA TYR F 442 42.04 24.98 -35.21
C TYR F 442 41.73 24.13 -33.98
N LEU F 443 42.61 23.15 -33.70
CA LEU F 443 42.41 22.25 -32.60
C LEU F 443 43.67 22.33 -31.78
N HIS F 444 43.61 22.00 -30.48
CA HIS F 444 44.90 22.04 -29.86
C HIS F 444 45.51 20.70 -30.13
N ASP F 445 46.80 20.54 -29.78
CA ASP F 445 47.58 19.29 -29.99
C ASP F 445 46.91 18.06 -29.45
N LEU F 446 46.52 18.13 -28.18
CA LEU F 446 45.82 17.03 -27.54
C LEU F 446 44.45 16.76 -28.15
N GLN F 447 43.74 17.84 -28.50
CA GLN F 447 42.42 17.75 -29.12
C GLN F 447 42.49 17.00 -30.44
N VAL F 448 43.57 17.16 -31.18
CA VAL F 448 43.77 16.38 -32.42
C VAL F 448 44.12 14.92 -32.06
N ASP F 449 45.06 14.74 -31.13
CA ASP F 449 45.56 13.39 -30.73
C ASP F 449 44.43 12.44 -30.32
N PHE F 450 43.42 12.99 -29.67
CA PHE F 450 42.26 12.19 -29.29
C PHE F 450 41.59 11.46 -30.45
N LEU F 451 41.22 12.18 -31.51
CA LEU F 451 40.52 11.59 -32.65
C LEU F 451 41.45 10.75 -33.52
N THR F 452 42.72 11.12 -33.49
CA THR F 452 43.75 10.41 -34.22
C THR F 452 43.72 8.93 -33.87
N GLU F 453 43.60 8.66 -32.58
CA GLU F 453 43.47 7.31 -32.04
C GLU F 453 42.02 6.77 -32.18
N LYS F 454 41.01 7.58 -31.86
CA LYS F 454 39.60 7.13 -31.92
C LYS F 454 39.14 6.66 -33.31
N ASN F 455 39.59 7.34 -34.36
CA ASN F 455 39.21 7.01 -35.71
C ASN F 455 40.20 6.05 -36.30
N CYS F 456 39.75 5.14 -37.20
CA CYS F 456 40.51 4.09 -37.86
C CYS F 456 40.57 4.36 -39.34
N SER F 457 40.19 3.33 -40.11
CA SER F 457 40.16 3.18 -41.55
C SER F 457 39.21 4.13 -42.17
N GLN F 458 38.28 4.70 -41.37
CA GLN F 458 37.44 5.71 -41.97
C GLN F 458 38.28 6.85 -42.44
N LEU F 459 39.39 7.12 -41.74
CA LEU F 459 40.28 8.18 -42.14
C LEU F 459 40.85 7.98 -43.51
N GLN F 460 41.27 6.76 -43.87
CA GLN F 460 41.79 6.60 -45.20
C GLN F 460 40.69 6.77 -46.21
N ASP F 461 39.45 6.37 -45.87
CA ASP F 461 38.35 6.55 -46.76
C ASP F 461 38.07 8.01 -46.95
N LEU F 462 38.25 8.82 -45.88
CA LEU F 462 38.02 10.23 -45.98
C LEU F 462 39.06 10.84 -46.86
N HIS F 463 40.32 10.37 -46.76
CA HIS F 463 41.40 10.88 -47.55
C HIS F 463 41.09 10.65 -48.99
N LYS F 464 40.68 9.42 -49.35
CA LYS F 464 40.46 9.07 -50.72
C LYS F 464 39.24 9.79 -51.21
N LYS F 465 38.22 9.93 -50.35
CA LYS F 465 36.98 10.55 -50.77
C LYS F 465 37.21 11.95 -51.24
N ILE F 466 37.93 12.78 -50.47
CA ILE F 466 37.98 14.19 -50.76
C ILE F 466 38.85 14.43 -51.96
N ILE F 467 39.69 13.45 -52.32
CA ILE F 467 40.50 13.55 -53.51
C ILE F 467 39.61 13.50 -54.71
N THR F 468 38.69 12.51 -54.77
CA THR F 468 37.81 12.39 -55.89
C THR F 468 36.86 13.56 -55.93
N GLN F 469 36.31 13.93 -54.75
CA GLN F 469 35.32 14.96 -54.64
C GLN F 469 35.89 16.27 -55.09
N PHE F 470 37.14 16.57 -54.68
CA PHE F 470 37.81 17.76 -55.11
C PHE F 470 37.85 17.81 -56.61
N GLN F 471 38.34 16.73 -57.24
CA GLN F 471 38.50 16.67 -58.67
C GLN F 471 37.16 16.79 -59.35
N ARG F 472 36.07 16.39 -58.67
CA ARG F 472 34.76 16.54 -59.25
C ARG F 472 34.39 17.99 -59.37
N TYR F 473 34.98 18.86 -58.52
CA TYR F 473 34.81 20.29 -58.54
C TYR F 473 35.99 21.06 -59.05
N HIS F 474 37.09 21.22 -58.33
CA HIS F 474 38.11 21.99 -59.00
C HIS F 474 39.35 21.18 -59.05
N GLN F 475 40.11 21.37 -60.12
CA GLN F 475 41.27 20.60 -60.27
C GLN F 475 42.28 21.27 -59.41
N PRO F 476 43.17 20.48 -58.92
CA PRO F 476 44.21 20.91 -58.02
C PRO F 476 45.21 21.80 -58.73
N HIS F 477 45.19 21.80 -60.07
CA HIS F 477 46.13 22.58 -60.82
C HIS F 477 45.42 23.84 -61.24
N THR F 478 44.07 23.75 -61.29
CA THR F 478 43.15 24.80 -61.64
C THR F 478 43.21 25.71 -60.47
N LEU F 479 43.29 25.08 -59.30
CA LEU F 479 43.31 25.75 -58.05
C LEU F 479 44.35 26.80 -58.08
N SER F 480 43.79 28.02 -58.09
CA SER F 480 44.35 29.34 -58.27
C SER F 480 44.57 29.83 -56.89
N PRO F 481 45.40 30.81 -56.70
CA PRO F 481 45.65 31.40 -55.42
C PRO F 481 44.50 32.28 -54.97
N ASP F 482 43.48 32.47 -55.82
CA ASP F 482 42.38 33.33 -55.50
C ASP F 482 41.49 32.60 -54.54
N GLN F 483 41.68 31.28 -54.36
CA GLN F 483 40.81 30.65 -53.41
C GLN F 483 41.23 30.78 -51.97
N GLU F 484 40.29 30.34 -51.10
CA GLU F 484 40.56 30.48 -49.69
C GLU F 484 41.40 29.35 -49.31
N ASP F 485 41.12 28.17 -49.95
CA ASP F 485 41.68 26.85 -49.72
C ASP F 485 42.76 26.63 -50.69
N CYS F 486 43.13 27.71 -51.38
CA CYS F 486 44.17 27.63 -52.38
C CYS F 486 45.43 26.96 -51.91
N MET F 487 46.01 27.38 -50.77
CA MET F 487 47.22 26.76 -50.30
C MET F 487 46.89 25.55 -49.48
N TYR F 488 45.62 25.42 -49.05
CA TYR F 488 45.28 24.29 -48.24
C TYR F 488 45.70 23.05 -48.97
N TRP F 489 45.20 22.86 -50.19
CA TRP F 489 45.33 21.62 -50.91
C TRP F 489 46.77 21.36 -51.27
N TYR F 490 47.64 22.39 -51.29
CA TYR F 490 49.00 22.12 -51.61
C TYR F 490 49.72 21.75 -50.36
N ASN F 491 49.22 22.21 -49.21
CA ASN F 491 49.88 21.93 -47.98
C ASN F 491 49.54 20.55 -47.46
N PHE F 492 48.34 20.05 -47.79
CA PHE F 492 47.74 18.82 -47.32
C PHE F 492 47.32 17.72 -48.27
N LEU F 493 47.16 17.96 -49.58
CA LEU F 493 46.71 16.89 -50.45
C LEU F 493 47.66 15.74 -50.50
N ALA F 494 48.97 16.02 -50.51
CA ALA F 494 49.96 14.99 -50.53
C ALA F 494 49.90 14.24 -49.24
N TYR F 495 49.63 14.97 -48.13
CA TYR F 495 49.48 14.37 -46.84
C TYR F 495 48.32 13.41 -46.85
N HIS F 496 47.21 13.78 -47.51
CA HIS F 496 46.05 12.93 -47.56
C HIS F 496 46.36 11.64 -48.28
N MET F 497 47.05 11.73 -49.43
CA MET F 497 47.31 10.57 -50.22
C MET F 497 48.25 9.67 -49.49
N ALA F 498 49.26 10.27 -48.81
CA ALA F 498 50.24 9.54 -48.07
C ALA F 498 49.59 8.81 -46.92
N SER F 499 48.67 9.48 -46.23
CA SER F 499 48.03 8.93 -45.08
C SER F 499 47.19 7.77 -45.52
N ALA F 500 46.56 7.92 -46.70
CA ALA F 500 45.68 6.98 -47.33
C ALA F 500 46.47 5.80 -47.82
N LYS F 501 47.81 5.94 -47.90
CA LYS F 501 48.69 4.89 -48.36
C LYS F 501 48.35 4.58 -49.78
N MET F 502 47.97 5.62 -50.55
CA MET F 502 47.70 5.44 -51.95
C MET F 502 48.91 5.91 -52.68
N HIS F 503 50.00 5.10 -52.65
CA HIS F 503 51.24 5.51 -53.24
C HIS F 503 51.12 5.70 -54.72
N LYS F 504 50.13 5.05 -55.36
CA LYS F 504 49.98 5.26 -56.77
C LYS F 504 49.43 6.63 -57.05
N GLU F 505 48.54 7.13 -56.17
CA GLU F 505 48.00 8.45 -56.34
C GLU F 505 49.00 9.49 -55.92
N LEU F 506 49.82 9.19 -54.91
CA LEU F 506 50.80 10.14 -54.45
C LEU F 506 51.82 10.31 -55.53
N CYS F 507 52.18 9.21 -56.21
CA CYS F 507 53.12 9.29 -57.29
C CYS F 507 52.55 10.13 -58.38
N ALA F 508 51.29 9.91 -58.75
CA ALA F 508 50.72 10.62 -59.86
C ALA F 508 50.66 12.08 -59.51
N LEU F 509 50.38 12.40 -58.23
CA LEU F 509 50.23 13.79 -57.88
C LEU F 509 51.54 14.54 -57.94
N MET F 510 52.53 14.11 -57.12
CA MET F 510 53.78 14.81 -56.97
C MET F 510 54.75 14.65 -58.10
N PHE F 511 54.64 13.58 -58.92
CA PHE F 511 55.55 13.54 -60.03
C PHE F 511 54.94 14.37 -61.10
N SER F 512 54.96 15.70 -60.92
CA SER F 512 54.34 16.54 -61.90
C SER F 512 54.91 17.91 -61.77
N LEU F 513 55.34 18.48 -62.91
CA LEU F 513 55.98 19.76 -62.98
C LEU F 513 54.92 20.82 -62.90
N ASP F 514 53.65 20.44 -63.18
CA ASP F 514 52.54 21.35 -63.01
C ASP F 514 52.22 21.46 -61.56
N TRP F 515 52.15 20.32 -60.85
CA TRP F 515 51.93 20.33 -59.44
C TRP F 515 53.02 21.09 -58.76
N ILE F 516 54.29 20.87 -59.16
CA ILE F 516 55.36 21.55 -58.50
C ILE F 516 55.24 23.01 -58.75
N LYS F 517 54.98 23.40 -60.01
CA LYS F 517 54.92 24.79 -60.37
C LYS F 517 53.94 25.51 -59.48
N ALA F 518 52.71 24.98 -59.36
CA ALA F 518 51.66 25.66 -58.62
C ALA F 518 52.01 25.75 -57.15
N LYS F 519 52.54 24.66 -56.58
CA LYS F 519 52.84 24.56 -55.18
C LYS F 519 53.94 25.50 -54.80
N THR F 520 54.91 25.71 -55.71
CA THR F 520 56.03 26.57 -55.45
C THR F 520 55.68 28.00 -55.72
N GLU F 521 54.60 28.27 -56.46
CA GLU F 521 54.26 29.64 -56.68
C GLU F 521 53.27 30.06 -55.63
N LEU F 522 52.58 29.09 -54.99
CA LEU F 522 51.61 29.48 -54.01
C LEU F 522 52.13 29.34 -52.59
N VAL F 523 52.81 28.21 -52.31
CA VAL F 523 53.39 27.83 -51.04
C VAL F 523 54.88 27.98 -50.88
N GLY F 524 55.71 27.38 -51.77
CA GLY F 524 57.12 27.59 -51.65
C GLY F 524 57.74 26.23 -51.74
N PRO F 525 58.99 26.19 -52.15
CA PRO F 525 59.70 24.94 -52.36
C PRO F 525 60.27 24.19 -51.18
N ALA F 526 60.46 24.80 -50.01
CA ALA F 526 61.02 24.08 -48.89
C ALA F 526 60.17 22.94 -48.39
N HIS F 527 58.85 23.17 -48.23
CA HIS F 527 57.97 22.13 -47.79
C HIS F 527 57.96 21.02 -48.79
N LEU F 528 57.97 21.37 -50.08
CA LEU F 528 57.96 20.41 -51.13
C LEU F 528 59.14 19.50 -50.98
N ILE F 529 60.35 20.08 -50.84
CA ILE F 529 61.54 19.29 -50.78
C ILE F 529 61.44 18.36 -49.61
N HIS F 530 60.90 18.85 -48.48
CA HIS F 530 60.81 18.09 -47.26
C HIS F 530 59.97 16.88 -47.49
N GLU F 531 58.98 16.97 -48.38
CA GLU F 531 58.07 15.89 -48.65
C GLU F 531 58.73 14.87 -49.52
N PHE F 532 59.51 15.33 -50.52
CA PHE F 532 60.15 14.40 -51.39
C PHE F 532 61.12 13.60 -50.59
N VAL F 533 61.69 14.19 -49.53
CA VAL F 533 62.56 13.44 -48.66
C VAL F 533 61.77 12.52 -47.76
N GLU F 534 60.73 13.02 -47.06
CA GLU F 534 60.05 12.22 -46.07
C GLU F 534 59.33 11.04 -46.68
N TYR F 535 58.82 11.19 -47.91
CA TYR F 535 58.07 10.23 -48.68
C TYR F 535 58.90 9.18 -49.37
N ARG F 536 60.24 9.27 -49.29
CA ARG F 536 61.14 8.25 -49.80
C ARG F 536 60.87 6.89 -49.19
N HIS F 537 60.45 6.82 -47.92
CA HIS F 537 60.09 5.58 -47.27
C HIS F 537 58.65 5.19 -47.50
N ILE F 538 57.84 6.08 -48.12
CA ILE F 538 56.44 5.86 -48.40
C ILE F 538 56.22 5.26 -49.76
N LEU F 539 56.97 5.73 -50.78
CA LEU F 539 56.82 5.32 -52.15
C LEU F 539 57.47 3.99 -52.45
N ASP F 540 57.14 3.49 -53.64
CA ASP F 540 57.54 2.22 -54.15
C ASP F 540 58.96 2.38 -54.61
N GLU F 541 59.64 1.26 -54.94
CA GLU F 541 61.04 1.28 -55.27
C GLU F 541 61.32 2.16 -56.45
N LYS F 542 60.67 1.89 -57.61
CA LYS F 542 60.88 2.70 -58.78
C LYS F 542 60.55 4.13 -58.48
N ASP F 543 59.48 4.37 -57.69
CA ASP F 543 58.96 5.68 -57.41
C ASP F 543 59.96 6.46 -56.63
N CYS F 544 60.68 5.78 -55.72
CA CYS F 544 61.67 6.41 -54.90
C CYS F 544 62.81 6.84 -55.77
N ALA F 545 63.19 5.99 -56.75
CA ALA F 545 64.24 6.34 -57.66
C ALA F 545 63.87 7.56 -58.44
N VAL F 546 62.57 7.71 -58.79
CA VAL F 546 62.15 8.87 -59.52
C VAL F 546 62.17 10.04 -58.60
N SER F 547 61.73 9.84 -57.35
CA SER F 547 61.55 10.93 -56.46
C SER F 547 62.91 11.49 -56.14
N GLU F 548 63.95 10.64 -56.21
CA GLU F 548 65.30 11.10 -55.99
C GLU F 548 65.72 12.00 -57.10
N ASN F 549 65.21 11.77 -58.34
CA ASN F 549 65.50 12.66 -59.42
C ASN F 549 64.85 13.98 -59.13
N PHE F 550 63.69 13.96 -58.47
CA PHE F 550 63.02 15.18 -58.11
C PHE F 550 63.72 15.87 -56.99
N GLN F 551 64.35 15.12 -56.08
CA GLN F 551 65.09 15.72 -55.01
C GLN F 551 66.24 16.52 -55.55
N GLU F 552 66.88 16.05 -56.63
CA GLU F 552 67.96 16.81 -57.22
C GLU F 552 67.41 17.87 -58.12
N PHE F 553 66.27 17.60 -58.78
CA PHE F 553 65.66 18.53 -59.69
C PHE F 553 65.43 19.82 -58.96
N LEU F 554 64.87 19.74 -57.74
CA LEU F 554 64.42 20.90 -57.01
C LEU F 554 65.57 21.77 -56.56
N SER F 555 66.82 21.32 -56.75
CA SER F 555 67.94 22.11 -56.30
C SER F 555 68.22 23.17 -57.31
N LEU F 556 67.60 23.04 -58.50
CA LEU F 556 67.80 23.89 -59.63
C LEU F 556 67.11 25.20 -59.39
N ASN F 557 66.00 25.16 -58.63
CA ASN F 557 65.15 26.31 -58.47
C ASN F 557 65.38 26.75 -57.08
N GLY F 558 64.68 27.79 -56.64
CA GLY F 558 64.87 28.25 -55.29
C GLY F 558 65.80 29.38 -55.48
N HIS F 559 65.92 29.79 -56.76
CA HIS F 559 66.82 30.86 -57.01
C HIS F 559 65.85 31.93 -57.41
N LEU F 560 65.02 31.59 -58.42
CA LEU F 560 64.01 32.42 -59.03
C LEU F 560 62.73 32.36 -58.25
N LEU F 561 62.56 31.29 -57.46
CA LEU F 561 61.37 31.22 -56.68
C LEU F 561 61.34 32.23 -55.56
N GLY F 562 60.20 32.94 -55.49
CA GLY F 562 59.95 34.00 -54.57
C GLY F 562 60.43 35.30 -55.14
N ARG F 563 60.95 35.28 -56.38
CA ARG F 563 61.48 36.49 -56.94
C ARG F 563 61.03 36.53 -58.37
N GLN F 564 61.38 37.61 -59.11
CA GLN F 564 61.08 37.66 -60.51
C GLN F 564 62.38 37.63 -61.24
N PRO F 565 62.46 36.96 -62.36
CA PRO F 565 61.33 36.26 -62.92
C PRO F 565 61.15 34.95 -62.23
N PHE F 566 60.07 34.22 -62.57
CA PHE F 566 59.86 32.93 -62.01
C PHE F 566 60.24 31.89 -62.98
N PRO F 567 60.61 30.80 -62.41
CA PRO F 567 61.08 29.72 -63.22
C PRO F 567 59.90 29.08 -63.83
N ASN F 568 60.14 28.41 -64.97
CA ASN F 568 59.13 27.71 -65.67
C ASN F 568 59.50 26.35 -65.19
N ILE F 569 58.72 25.74 -64.29
CA ILE F 569 59.17 24.48 -63.77
C ILE F 569 59.13 23.44 -64.84
N VAL F 570 58.21 23.57 -65.81
CA VAL F 570 58.04 22.60 -66.84
C VAL F 570 59.29 22.52 -67.67
N GLN F 571 59.78 23.68 -68.14
CA GLN F 571 60.91 23.72 -69.02
C GLN F 571 62.16 23.44 -68.24
N LEU F 572 62.13 23.67 -66.91
CA LEU F 572 63.28 23.47 -66.07
C LEU F 572 63.73 22.04 -66.16
N GLY F 573 62.76 21.13 -66.41
CA GLY F 573 63.00 19.71 -66.42
C GLY F 573 63.99 19.36 -67.49
N LEU F 574 64.07 20.21 -68.53
CA LEU F 574 64.83 19.92 -69.72
C LEU F 574 66.29 20.06 -69.44
N CYS F 575 66.65 20.70 -68.31
CA CYS F 575 68.00 20.89 -67.84
C CYS F 575 68.51 19.69 -67.11
N GLU F 576 67.64 18.72 -66.74
CA GLU F 576 68.06 17.55 -66.03
C GLU F 576 68.83 16.63 -66.93
N PRO F 577 69.65 15.80 -66.34
CA PRO F 577 70.43 14.85 -67.09
C PRO F 577 69.51 13.94 -67.82
N GLU F 578 70.00 13.35 -68.93
CA GLU F 578 69.23 12.43 -69.71
C GLU F 578 68.84 11.28 -68.85
N THR F 579 69.72 10.91 -67.92
CA THR F 579 69.45 9.78 -67.09
C THR F 579 68.23 10.07 -66.26
N SER F 580 68.10 11.31 -65.77
CA SER F 580 67.02 11.70 -64.92
C SER F 580 65.68 11.52 -65.57
N GLU F 581 64.74 10.94 -64.79
CA GLU F 581 63.36 10.71 -65.15
C GLU F 581 62.67 12.02 -65.38
N VAL F 582 63.12 13.08 -64.70
CA VAL F 582 62.45 14.34 -64.87
C VAL F 582 62.70 14.85 -66.25
N TYR F 583 63.93 14.67 -66.76
CA TYR F 583 64.25 15.07 -68.11
C TYR F 583 63.48 14.25 -69.08
N GLN F 584 63.49 12.93 -68.92
CA GLN F 584 62.94 12.06 -69.92
C GLN F 584 61.47 12.32 -70.03
N GLN F 585 60.84 12.63 -68.89
CA GLN F 585 59.44 12.92 -68.87
C GLN F 585 59.19 14.24 -69.55
N ALA F 586 59.95 15.29 -69.15
CA ALA F 586 59.71 16.61 -69.67
C ALA F 586 60.07 16.65 -71.12
N LYS F 587 61.15 15.95 -71.52
CA LYS F 587 61.59 15.99 -72.88
C LYS F 587 60.62 15.27 -73.76
N LEU F 588 60.11 14.10 -73.32
CA LEU F 588 59.17 13.38 -74.13
C LEU F 588 57.92 14.20 -74.27
N GLN F 589 57.49 14.86 -73.18
CA GLN F 589 56.33 15.69 -73.18
C GLN F 589 56.53 16.85 -74.10
N ALA F 590 57.76 17.38 -74.18
CA ALA F 590 58.00 18.50 -75.04
C ALA F 590 57.83 18.01 -76.45
N LYS F 591 58.24 16.76 -76.70
CA LYS F 591 58.12 16.21 -78.02
C LYS F 591 56.68 15.95 -78.36
N GLN F 592 55.90 15.57 -77.35
CA GLN F 592 54.48 15.29 -77.54
C GLN F 592 53.70 16.55 -77.86
N GLU F 593 53.94 17.61 -77.10
CA GLU F 593 53.25 18.87 -77.28
C GLU F 593 53.71 19.55 -78.58
N VAL F 594 52.77 19.75 -79.50
CA VAL F 594 53.07 20.38 -80.78
C VAL F 594 53.29 21.89 -80.61
N ASP F 595 53.80 22.18 -81.86
CA ASP F 595 54.28 23.52 -82.19
C ASP F 595 54.14 24.47 -81.00
N ASN F 596 55.19 24.55 -80.18
CA ASN F 596 55.18 25.41 -79.02
C ASN F 596 56.28 26.47 -79.08
N GLY F 597 56.44 27.08 -80.25
CA GLY F 597 57.46 28.11 -80.44
C GLY F 597 58.42 28.19 -79.27
N MET F 598 57.95 27.81 -78.09
CA MET F 598 58.77 27.84 -76.90
C MET F 598 60.26 27.83 -77.18
N LEU F 599 60.74 27.00 -78.13
CA LEU F 599 62.15 27.01 -78.48
C LEU F 599 62.99 26.54 -77.32
N TYR F 600 63.68 25.39 -77.48
CA TYR F 600 64.57 24.96 -76.43
C TYR F 600 65.89 24.65 -77.06
N LEU F 601 66.96 24.63 -76.23
CA LEU F 601 68.28 24.37 -76.76
C LEU F 601 68.71 23.07 -76.14
N GLU F 602 69.46 22.22 -76.88
CA GLU F 602 70.00 21.07 -76.24
C GLU F 602 71.45 21.30 -75.90
N TRP F 603 71.81 21.16 -74.61
CA TRP F 603 73.16 21.37 -74.17
C TRP F 603 73.91 20.08 -74.33
N ILE F 604 74.80 20.03 -75.35
CA ILE F 604 75.44 18.81 -75.79
C ILE F 604 76.33 18.20 -74.75
N ASN F 605 77.21 19.01 -74.12
CA ASN F 605 78.13 18.39 -73.21
C ASN F 605 77.72 18.71 -71.82
N LYS F 606 76.39 18.71 -71.58
CA LYS F 606 75.86 19.07 -70.30
C LYS F 606 76.43 18.11 -69.32
N LYS F 607 76.62 16.85 -69.76
CA LYS F 607 77.01 15.80 -68.88
C LYS F 607 78.44 15.93 -68.45
N ASN F 608 79.27 16.74 -69.16
CA ASN F 608 80.68 16.78 -68.86
C ASN F 608 81.03 17.97 -68.00
N ILE F 609 80.12 18.96 -67.94
CA ILE F 609 80.29 20.25 -67.31
C ILE F 609 79.42 20.27 -66.07
N THR F 610 79.50 21.37 -65.28
CA THR F 610 78.78 21.66 -64.06
C THR F 610 79.02 20.63 -62.99
N ASN F 611 79.99 20.96 -62.10
CA ASN F 611 80.18 20.19 -60.89
C ASN F 611 79.23 20.68 -59.85
N LEU F 612 77.97 20.19 -59.98
CA LEU F 612 76.88 20.65 -59.18
C LEU F 612 77.15 20.37 -57.74
N SER F 613 77.07 21.45 -56.94
CA SER F 613 77.21 21.36 -55.52
C SER F 613 75.92 20.87 -54.97
N ARG F 614 75.93 20.56 -53.66
CA ARG F 614 74.82 19.87 -53.07
C ARG F 614 73.70 20.85 -52.85
N LEU F 615 74.02 22.10 -52.48
CA LEU F 615 72.92 22.99 -52.20
C LEU F 615 73.32 24.43 -52.38
N VAL F 616 72.42 25.24 -52.99
CA VAL F 616 72.69 26.64 -53.20
C VAL F 616 71.78 27.45 -52.31
N VAL F 617 72.35 28.27 -51.42
CA VAL F 617 71.54 29.07 -50.52
C VAL F 617 71.90 30.52 -50.63
N ARG F 618 70.89 31.41 -50.77
CA ARG F 618 71.15 32.83 -50.75
C ARG F 618 70.25 33.52 -49.75
N PRO F 619 70.73 33.65 -48.54
CA PRO F 619 69.97 34.16 -47.41
C PRO F 619 69.79 35.65 -47.31
N HIS F 620 70.60 36.46 -48.00
CA HIS F 620 70.44 37.89 -47.85
C HIS F 620 70.48 38.57 -49.18
N THR F 621 69.75 39.70 -49.25
CA THR F 621 69.74 40.57 -50.39
C THR F 621 70.92 41.48 -50.32
N ASP F 622 71.50 41.64 -49.11
CA ASP F 622 72.69 42.42 -48.90
C ASP F 622 73.85 41.53 -48.57
N ALA F 623 75.02 42.18 -48.33
CA ALA F 623 76.24 41.49 -48.06
C ALA F 623 76.09 40.62 -46.86
N VAL F 624 76.62 39.38 -46.95
CA VAL F 624 76.53 38.50 -45.82
C VAL F 624 77.82 38.61 -45.06
N TYR F 625 77.72 38.81 -43.73
CA TYR F 625 78.88 39.01 -42.92
C TYR F 625 79.24 37.84 -42.05
N HIS F 626 78.23 37.11 -41.53
CA HIS F 626 78.53 35.99 -40.68
C HIS F 626 77.35 35.05 -40.72
N ALA F 627 77.63 33.73 -40.58
CA ALA F 627 76.61 32.72 -40.59
C ALA F 627 77.14 31.58 -39.78
N CYS F 628 76.23 30.77 -39.15
CA CYS F 628 76.71 29.66 -38.38
C CYS F 628 75.59 28.68 -38.13
N PHE F 629 75.95 27.45 -37.69
CA PHE F 629 75.01 26.39 -37.41
C PHE F 629 74.57 26.45 -35.96
N SER F 630 73.30 26.07 -35.72
CA SER F 630 72.81 25.95 -34.38
C SER F 630 73.52 24.77 -33.81
N GLU F 631 73.60 24.68 -32.48
CA GLU F 631 74.39 23.64 -31.86
C GLU F 631 73.77 22.31 -32.20
N ASP F 632 72.42 22.31 -32.25
CA ASP F 632 71.56 21.20 -32.57
C ASP F 632 71.75 20.80 -34.01
N GLY F 633 72.11 21.74 -34.90
CA GLY F 633 72.32 21.44 -36.29
C GLY F 633 70.99 21.52 -36.98
N GLN F 634 69.98 22.03 -36.25
CA GLN F 634 68.64 22.13 -36.74
C GLN F 634 68.47 23.36 -37.59
N ARG F 635 69.19 24.47 -37.28
CA ARG F 635 68.92 25.66 -38.03
C ARG F 635 70.17 26.45 -38.25
N ILE F 636 70.12 27.37 -39.25
CA ILE F 636 71.26 28.18 -39.60
C ILE F 636 70.90 29.62 -39.41
N ALA F 637 71.76 30.38 -38.70
CA ALA F 637 71.52 31.78 -38.49
C ALA F 637 72.50 32.49 -39.36
N SER F 638 72.09 33.62 -39.97
CA SER F 638 73.03 34.42 -40.71
C SER F 638 72.67 35.86 -40.51
N CYS F 639 73.66 36.75 -40.64
CA CYS F 639 73.45 38.15 -40.42
C CYS F 639 74.39 38.94 -41.28
N GLY F 640 74.07 40.23 -41.53
CA GLY F 640 74.82 40.94 -42.50
C GLY F 640 74.44 42.40 -42.53
N ALA F 641 74.63 43.01 -43.71
CA ALA F 641 74.52 44.41 -44.01
C ALA F 641 73.09 44.83 -44.13
N ASP F 642 72.14 43.86 -44.05
CA ASP F 642 70.73 44.16 -44.14
C ASP F 642 70.20 44.59 -42.80
N LYS F 643 71.06 44.61 -41.77
CA LYS F 643 70.77 45.09 -40.44
C LYS F 643 69.83 44.18 -39.69
N THR F 644 69.55 42.96 -40.20
CA THR F 644 68.64 42.10 -39.49
C THR F 644 69.27 40.75 -39.27
N LEU F 645 68.56 39.89 -38.51
CA LEU F 645 69.04 38.57 -38.18
C LEU F 645 68.09 37.66 -38.91
N GLN F 646 68.61 36.79 -39.80
CA GLN F 646 67.72 35.88 -40.47
C GLN F 646 68.10 34.47 -40.13
N VAL F 647 67.13 33.71 -39.58
CA VAL F 647 67.41 32.35 -39.20
C VAL F 647 66.45 31.47 -39.92
N PHE F 648 66.96 30.38 -40.51
CA PHE F 648 66.17 29.50 -41.33
C PHE F 648 66.52 28.07 -41.03
N LYS F 649 65.57 27.14 -41.30
CA LYS F 649 65.78 25.76 -40.98
C LYS F 649 66.82 25.20 -41.88
N ALA F 650 67.77 24.42 -41.31
CA ALA F 650 68.85 23.88 -42.08
C ALA F 650 68.32 22.83 -43.00
N GLU F 651 67.27 22.11 -42.57
CA GLU F 651 66.76 21.06 -43.41
C GLU F 651 66.13 21.58 -44.67
N THR F 652 65.13 22.46 -44.53
CA THR F 652 64.28 22.95 -45.59
C THR F 652 64.58 24.32 -46.13
N GLY F 653 65.15 25.22 -45.31
CA GLY F 653 65.46 26.53 -45.81
C GLY F 653 64.29 27.40 -45.44
N GLU F 654 63.28 26.82 -44.74
CA GLU F 654 62.13 27.60 -44.37
C GLU F 654 62.58 28.62 -43.38
N LYS F 655 62.23 29.90 -43.61
CA LYS F 655 62.58 30.95 -42.70
C LYS F 655 61.86 30.84 -41.39
N LEU F 656 62.64 30.85 -40.29
CA LEU F 656 62.18 30.69 -38.94
C LEU F 656 62.13 32.00 -38.15
N LEU F 657 63.19 32.84 -38.26
CA LEU F 657 63.19 34.06 -37.49
C LEU F 657 63.50 35.23 -38.39
N GLU F 658 62.69 36.31 -38.28
CA GLU F 658 62.95 37.52 -39.00
C GLU F 658 63.05 38.61 -37.97
N ILE F 659 64.25 38.85 -37.44
CA ILE F 659 64.39 39.72 -36.30
C ILE F 659 65.16 40.92 -36.72
N LYS F 660 64.55 42.12 -36.58
CA LYS F 660 65.20 43.34 -36.98
C LYS F 660 66.07 43.73 -35.84
N ALA F 661 67.23 43.04 -35.71
CA ALA F 661 68.15 43.19 -34.63
C ALA F 661 68.81 44.54 -34.49
N HIS F 662 69.38 45.13 -35.57
CA HIS F 662 70.09 46.36 -35.32
C HIS F 662 69.68 47.44 -36.28
N GLU F 663 70.10 48.67 -35.90
CA GLU F 663 69.97 49.91 -36.60
C GLU F 663 71.13 50.11 -37.53
N ASP F 664 72.13 49.20 -37.52
CA ASP F 664 73.26 49.34 -38.39
C ASP F 664 73.71 47.95 -38.77
N GLU F 665 74.66 47.84 -39.72
CA GLU F 665 75.11 46.60 -40.28
C GLU F 665 75.63 45.66 -39.23
N VAL F 666 75.11 44.41 -39.26
CA VAL F 666 75.39 43.41 -38.27
C VAL F 666 76.59 42.63 -38.70
N LEU F 667 77.72 42.85 -37.98
CA LEU F 667 79.03 42.30 -38.21
C LEU F 667 79.21 40.84 -37.86
N CYS F 668 78.63 40.36 -36.74
CA CYS F 668 78.68 38.94 -36.51
C CYS F 668 77.55 38.54 -35.61
N CYS F 669 77.30 37.22 -35.48
CA CYS F 669 76.20 36.73 -34.69
C CYS F 669 76.44 35.28 -34.36
N ALA F 670 75.93 34.80 -33.20
CA ALA F 670 76.27 33.47 -32.77
C ALA F 670 75.21 32.93 -31.87
N PHE F 671 75.19 31.58 -31.72
CA PHE F 671 74.21 30.87 -30.94
C PHE F 671 74.74 30.78 -29.54
N SER F 672 73.83 30.71 -28.55
CA SER F 672 74.21 30.37 -27.20
C SER F 672 74.32 28.88 -27.10
N THR F 673 74.75 28.38 -25.92
CA THR F 673 74.99 26.97 -25.70
C THR F 673 73.78 26.17 -26.09
N ASP F 674 72.60 26.54 -25.56
CA ASP F 674 71.34 25.87 -25.66
C ASP F 674 70.55 26.23 -26.89
N ASP F 675 71.04 27.16 -27.72
CA ASP F 675 70.28 27.59 -28.88
C ASP F 675 69.06 28.27 -28.37
N ARG F 676 69.10 28.74 -27.12
CA ARG F 676 67.98 29.45 -26.57
C ARG F 676 68.16 30.92 -26.82
N PHE F 677 69.43 31.38 -26.94
CA PHE F 677 69.64 32.75 -27.32
C PHE F 677 70.54 32.84 -28.50
N ILE F 678 70.41 33.96 -29.23
CA ILE F 678 71.26 34.30 -30.34
C ILE F 678 71.71 35.70 -30.08
N ALA F 679 73.03 35.93 -30.07
CA ALA F 679 73.54 37.26 -29.82
C ALA F 679 74.04 37.80 -31.11
N THR F 680 73.87 39.14 -31.30
CA THR F 680 74.34 39.78 -32.49
C THR F 680 75.20 40.91 -32.03
N CYS F 681 76.27 41.22 -32.77
CA CYS F 681 77.09 42.35 -32.44
C CYS F 681 77.35 43.09 -33.71
N SER F 682 77.30 44.45 -33.67
CA SER F 682 77.24 45.16 -34.91
C SER F 682 78.04 46.44 -34.84
N VAL F 683 77.92 47.21 -35.94
CA VAL F 683 78.57 48.47 -36.19
C VAL F 683 78.12 49.48 -35.17
N ASP F 684 76.92 49.30 -34.60
CA ASP F 684 76.34 50.25 -33.70
C ASP F 684 76.97 50.09 -32.35
N LYS F 685 77.93 49.14 -32.25
CA LYS F 685 78.76 48.99 -31.09
C LYS F 685 77.95 48.50 -29.93
N LYS F 686 76.82 47.83 -30.21
CA LYS F 686 76.04 47.25 -29.15
C LYS F 686 76.06 45.75 -29.26
N VAL F 687 76.06 45.08 -28.10
CA VAL F 687 76.04 43.64 -28.01
C VAL F 687 74.64 43.31 -27.59
N LYS F 688 73.84 42.62 -28.44
CA LYS F 688 72.50 42.37 -28.02
C LYS F 688 72.17 40.91 -28.06
N ILE F 689 71.65 40.39 -26.93
CA ILE F 689 71.33 38.99 -26.84
C ILE F 689 69.84 38.88 -27.01
N TRP F 690 69.39 38.11 -28.02
CA TRP F 690 67.98 38.05 -28.26
C TRP F 690 67.48 36.68 -27.91
N ASN F 691 66.20 36.59 -27.49
CA ASN F 691 65.62 35.31 -27.22
C ASN F 691 65.42 34.71 -28.57
N SER F 692 65.94 33.50 -28.78
CA SER F 692 65.82 32.90 -30.07
C SER F 692 64.39 32.55 -30.34
N MET F 693 63.56 32.43 -29.29
CA MET F 693 62.18 32.10 -29.49
C MET F 693 61.37 33.20 -30.12
N THR F 694 61.34 34.39 -29.46
CA THR F 694 60.54 35.51 -29.87
C THR F 694 61.33 36.60 -30.55
N GLY F 695 62.64 36.68 -30.24
CA GLY F 695 63.48 37.66 -30.87
C GLY F 695 63.44 38.92 -30.06
N GLU F 696 63.02 38.85 -28.77
CA GLU F 696 62.99 40.03 -27.95
C GLU F 696 64.33 40.19 -27.28
N LEU F 697 64.69 41.45 -26.97
CA LEU F 697 65.95 41.77 -26.34
C LEU F 697 65.87 41.27 -24.92
N VAL F 698 66.86 40.45 -24.53
CA VAL F 698 67.06 39.80 -23.26
C VAL F 698 68.14 40.44 -22.42
N HIS F 699 69.37 40.59 -22.95
CA HIS F 699 70.53 41.21 -22.33
C HIS F 699 71.09 42.17 -23.33
N THR F 700 71.70 43.28 -22.86
CA THR F 700 72.37 44.16 -23.79
C THR F 700 73.57 44.75 -23.13
N TYR F 701 74.70 44.86 -23.88
CA TYR F 701 75.95 45.29 -23.30
C TYR F 701 76.56 46.29 -24.23
N ASP F 702 77.26 47.32 -23.69
CA ASP F 702 77.93 48.25 -24.57
C ASP F 702 79.00 48.99 -23.80
N GLU F 703 80.26 48.51 -23.88
CA GLU F 703 81.40 49.23 -23.37
C GLU F 703 82.46 49.56 -24.39
N HIS F 704 82.52 48.82 -25.51
CA HIS F 704 83.56 49.01 -26.48
C HIS F 704 83.47 50.35 -27.14
N SER F 705 84.64 50.90 -27.51
CA SER F 705 84.75 52.21 -28.08
C SER F 705 84.56 52.12 -29.56
N GLU F 706 85.13 51.07 -30.19
CA GLU F 706 85.05 50.84 -31.60
C GLU F 706 84.01 49.81 -31.89
N GLN F 707 83.81 49.53 -33.19
CA GLN F 707 82.86 48.54 -33.61
C GLN F 707 83.34 47.21 -33.13
N VAL F 708 82.40 46.32 -32.75
CA VAL F 708 82.77 45.06 -32.16
C VAL F 708 83.10 44.06 -33.23
N ASN F 709 84.26 43.40 -33.08
CA ASN F 709 84.81 42.42 -33.98
C ASN F 709 84.52 40.98 -33.62
N CYS F 710 84.57 40.64 -32.31
CA CYS F 710 84.39 39.26 -31.91
C CYS F 710 83.41 39.18 -30.78
N CYS F 711 82.39 38.30 -30.94
CA CYS F 711 81.49 37.97 -29.88
C CYS F 711 81.27 36.49 -29.87
N HIS F 712 81.41 35.85 -28.68
CA HIS F 712 81.29 34.43 -28.58
C HIS F 712 80.77 34.08 -27.21
N PHE F 713 79.78 33.15 -27.15
CA PHE F 713 79.25 32.62 -25.92
C PHE F 713 80.19 31.61 -25.34
N THR F 714 80.22 31.50 -23.99
CA THR F 714 80.80 30.37 -23.32
C THR F 714 80.21 29.14 -23.93
N ASN F 715 81.02 28.06 -24.03
CA ASN F 715 80.59 26.81 -24.61
C ASN F 715 79.80 25.95 -23.66
N SER F 716 80.35 25.68 -22.45
CA SER F 716 79.64 24.94 -21.46
C SER F 716 78.59 25.81 -20.84
N SER F 717 77.53 25.17 -20.31
CA SER F 717 76.42 25.84 -19.72
C SER F 717 76.74 26.11 -18.27
N HIS F 718 77.86 25.56 -17.79
CA HIS F 718 78.21 25.75 -16.41
C HIS F 718 78.46 27.19 -16.06
N HIS F 719 79.52 27.79 -16.64
CA HIS F 719 79.76 29.20 -16.46
C HIS F 719 79.04 29.98 -17.52
N LEU F 720 78.47 31.15 -17.16
CA LEU F 720 77.75 31.91 -18.14
C LEU F 720 78.49 33.20 -18.39
N LEU F 721 79.45 33.20 -19.33
CA LEU F 721 80.21 34.39 -19.61
C LEU F 721 80.09 34.70 -21.08
N LEU F 722 80.25 35.99 -21.44
CA LEU F 722 80.22 36.38 -22.83
C LEU F 722 81.51 37.09 -23.10
N ALA F 723 82.26 36.67 -24.14
CA ALA F 723 83.51 37.30 -24.44
C ALA F 723 83.31 38.19 -25.63
N THR F 724 83.79 39.45 -25.55
CA THR F 724 83.80 40.27 -26.72
C THR F 724 85.14 40.93 -26.87
N GLY F 725 85.48 41.34 -28.10
CA GLY F 725 86.73 41.99 -28.38
C GLY F 725 86.48 42.85 -29.57
N SER F 726 87.33 43.87 -29.81
CA SER F 726 87.04 44.79 -30.87
C SER F 726 88.30 45.46 -31.35
N SER F 727 88.13 46.50 -32.20
CA SER F 727 89.20 47.19 -32.85
C SER F 727 89.83 48.13 -31.86
N ASP F 728 89.17 48.32 -30.70
CA ASP F 728 89.59 49.24 -29.68
C ASP F 728 90.68 48.61 -28.85
N CYS F 729 91.06 47.36 -29.19
CA CYS F 729 92.15 46.59 -28.64
C CYS F 729 91.89 46.14 -27.24
N PHE F 730 90.67 46.31 -26.73
CA PHE F 730 90.37 45.79 -25.42
C PHE F 730 89.48 44.59 -25.58
N LEU F 731 89.46 43.74 -24.53
CA LEU F 731 88.66 42.56 -24.42
C LEU F 731 87.71 42.85 -23.29
N LYS F 732 86.46 42.36 -23.38
CA LYS F 732 85.57 42.55 -22.27
C LYS F 732 84.91 41.26 -21.92
N LEU F 733 84.97 40.89 -20.62
CA LEU F 733 84.38 39.65 -20.17
C LEU F 733 83.12 40.07 -19.50
N TRP F 734 81.96 39.60 -20.02
CA TRP F 734 80.72 40.04 -19.47
C TRP F 734 80.17 38.89 -18.70
N ASP F 735 79.49 39.20 -17.57
CA ASP F 735 78.84 38.20 -16.79
C ASP F 735 77.44 38.19 -17.33
N LEU F 736 76.97 37.04 -17.82
CA LEU F 736 75.67 36.97 -18.40
C LEU F 736 74.65 37.11 -17.33
N ASN F 737 75.05 36.84 -16.09
CA ASN F 737 74.16 36.96 -14.98
C ASN F 737 73.94 38.42 -14.69
N GLN F 738 74.84 39.31 -15.14
CA GLN F 738 74.70 40.71 -14.86
C GLN F 738 74.48 41.51 -16.11
N LYS F 739 74.25 42.83 -15.91
CA LYS F 739 74.14 43.83 -16.94
C LYS F 739 75.47 44.45 -17.19
N GLU F 740 76.49 44.12 -16.36
CA GLU F 740 77.79 44.73 -16.50
C GLU F 740 78.89 43.77 -16.83
N CYS F 741 80.03 44.38 -17.21
CA CYS F 741 81.24 43.70 -17.59
C CYS F 741 81.85 43.14 -16.34
N ARG F 742 82.13 41.82 -16.36
CA ARG F 742 82.83 41.14 -15.30
C ARG F 742 84.25 41.60 -15.13
N ASN F 743 84.97 41.85 -16.25
CA ASN F 743 86.29 42.42 -16.13
C ASN F 743 86.72 42.89 -17.47
N THR F 744 87.38 44.07 -17.50
CA THR F 744 87.93 44.58 -18.72
C THR F 744 89.33 44.04 -18.80
N MET F 745 89.70 43.45 -19.95
CA MET F 745 91.01 42.86 -20.05
C MET F 745 91.77 43.65 -21.07
N PHE F 746 92.98 44.11 -20.72
CA PHE F 746 93.76 44.90 -21.62
C PHE F 746 95.06 44.18 -21.80
N GLY F 747 95.88 44.58 -22.80
CA GLY F 747 97.10 43.84 -22.98
C GLY F 747 97.44 43.52 -24.41
N HIS F 748 96.51 43.63 -25.38
CA HIS F 748 96.96 43.46 -26.75
C HIS F 748 97.61 44.71 -27.25
N THR F 749 98.52 44.56 -28.23
CA THR F 749 99.23 45.71 -28.75
C THR F 749 98.53 46.21 -29.98
N ASN F 750 97.69 45.39 -30.64
CA ASN F 750 96.93 45.88 -31.76
C ASN F 750 95.48 45.52 -31.59
N SER F 751 94.69 45.65 -32.68
CA SER F 751 93.28 45.40 -32.67
C SER F 751 93.02 43.93 -32.55
N VAL F 752 91.87 43.57 -31.93
CA VAL F 752 91.54 42.18 -31.73
C VAL F 752 90.63 41.78 -32.84
N ASN F 753 90.98 40.65 -33.50
CA ASN F 753 90.28 40.11 -34.63
C ASN F 753 89.37 38.95 -34.33
N HIS F 754 89.69 38.10 -33.33
CA HIS F 754 88.82 36.98 -33.13
C HIS F 754 89.02 36.45 -31.74
N CYS F 755 88.01 35.74 -31.20
CA CYS F 755 88.10 35.25 -29.86
C CYS F 755 87.25 34.02 -29.73
N ARG F 756 87.72 33.02 -28.95
CA ARG F 756 86.91 31.85 -28.84
C ARG F 756 87.06 31.26 -27.47
N PHE F 757 85.95 30.76 -26.91
CA PHE F 757 86.01 30.01 -25.68
C PHE F 757 86.48 28.64 -26.03
N SER F 758 87.33 28.05 -25.17
CA SER F 758 87.69 26.68 -25.32
C SER F 758 86.52 25.87 -24.84
N PRO F 759 86.50 24.58 -25.10
CA PRO F 759 85.42 23.76 -24.64
C PRO F 759 85.44 23.81 -23.15
N ASP F 760 86.62 24.09 -22.58
CA ASP F 760 86.70 24.19 -21.17
C ASP F 760 86.33 25.63 -20.98
N ASP F 761 85.18 25.89 -20.36
CA ASP F 761 84.60 27.18 -20.10
C ASP F 761 85.48 28.08 -19.28
N LYS F 762 86.52 27.53 -18.64
CA LYS F 762 87.48 28.30 -17.89
C LYS F 762 88.53 28.97 -18.74
N LEU F 763 88.77 28.54 -20.00
CA LEU F 763 89.81 29.19 -20.78
C LEU F 763 89.27 29.94 -21.96
N LEU F 764 89.79 31.17 -22.17
CA LEU F 764 89.36 32.01 -23.26
C LEU F 764 90.59 32.33 -24.08
N ALA F 765 90.58 32.02 -25.39
CA ALA F 765 91.71 32.31 -26.21
C ALA F 765 91.41 33.54 -27.00
N SER F 766 92.42 34.43 -27.16
CA SER F 766 92.18 35.62 -27.91
C SER F 766 93.17 35.68 -29.04
N CYS F 767 92.67 35.98 -30.26
CA CYS F 767 93.55 36.14 -31.38
C CYS F 767 93.48 37.57 -31.86
N SER F 768 94.66 38.13 -32.21
CA SER F 768 94.72 39.50 -32.62
C SER F 768 95.75 39.72 -33.71
N ALA F 769 95.73 40.94 -34.28
CA ALA F 769 96.41 41.42 -35.44
C ALA F 769 97.90 41.41 -35.20
N ASP F 770 98.30 41.51 -33.93
CA ASP F 770 99.65 41.72 -33.49
C ASP F 770 100.41 40.41 -33.48
N GLY F 771 99.76 39.30 -33.87
CA GLY F 771 100.50 38.09 -34.08
C GLY F 771 100.73 37.41 -32.76
N THR F 772 99.95 37.76 -31.72
CA THR F 772 100.03 36.99 -30.52
C THR F 772 98.73 36.31 -30.23
N LEU F 773 98.85 35.14 -29.56
CA LEU F 773 97.74 34.33 -29.14
C LEU F 773 97.76 34.59 -27.66
N LYS F 774 96.59 34.87 -27.03
CA LYS F 774 96.69 34.98 -25.60
C LYS F 774 95.75 34.03 -24.93
N LEU F 775 96.19 33.46 -23.80
CA LEU F 775 95.36 32.57 -23.06
C LEU F 775 94.91 33.26 -21.81
N TRP F 776 93.58 33.42 -21.63
CA TRP F 776 93.09 34.15 -20.49
C TRP F 776 92.40 33.17 -19.58
N ASP F 777 92.60 33.35 -18.26
CA ASP F 777 91.95 32.50 -17.29
C ASP F 777 90.67 33.17 -16.92
N ALA F 778 89.52 32.60 -17.31
CA ALA F 778 88.26 33.24 -17.04
C ALA F 778 87.91 33.21 -15.58
N THR F 779 88.51 32.29 -14.80
CA THR F 779 88.17 32.23 -13.41
C THR F 779 88.61 33.48 -12.70
N SER F 780 89.90 33.86 -12.87
CA SER F 780 90.43 35.09 -12.33
C SER F 780 90.41 36.27 -13.26
N ALA F 781 90.04 36.11 -14.53
CA ALA F 781 90.04 37.19 -15.49
C ALA F 781 91.42 37.77 -15.60
N ASN F 782 92.48 36.93 -15.49
CA ASN F 782 93.84 37.41 -15.55
C ASN F 782 94.53 36.75 -16.73
N GLU F 783 95.51 37.45 -17.32
CA GLU F 783 96.27 36.86 -18.41
C GLU F 783 97.11 35.75 -17.85
N ARG F 784 96.95 34.53 -18.45
CA ARG F 784 97.67 33.37 -18.05
C ARG F 784 98.96 33.21 -18.82
N LYS F 785 98.88 33.08 -20.16
CA LYS F 785 100.10 32.99 -20.91
C LYS F 785 99.93 33.70 -22.21
N SER F 786 101.07 34.05 -22.85
CA SER F 786 101.05 34.80 -24.07
C SER F 786 101.92 34.05 -25.04
N ILE F 787 101.38 33.73 -26.24
CA ILE F 787 102.20 33.06 -27.21
C ILE F 787 102.53 34.03 -28.32
N ASN F 788 103.82 34.37 -28.46
CA ASN F 788 104.27 35.21 -29.54
C ASN F 788 104.53 34.37 -30.75
N VAL F 789 103.70 34.54 -31.80
CA VAL F 789 103.79 33.71 -32.97
C VAL F 789 104.88 34.28 -33.85
N LYS F 790 106.12 33.88 -33.53
CA LYS F 790 107.40 34.08 -34.17
C LYS F 790 107.92 32.90 -34.95
N GLN F 791 107.16 31.80 -34.98
CA GLN F 791 107.49 30.57 -35.66
C GLN F 791 107.58 30.68 -37.14
N PHE F 792 106.92 31.65 -37.78
CA PHE F 792 107.21 31.80 -39.18
C PHE F 792 108.46 32.60 -39.34
N PHE F 793 109.50 31.96 -39.90
CA PHE F 793 110.77 32.62 -40.03
C PHE F 793 110.96 32.90 -41.48
N LEU F 794 110.97 34.19 -41.85
CA LEU F 794 111.23 34.51 -43.22
C LEU F 794 112.12 35.70 -43.25
N ASN F 795 113.35 35.52 -43.77
CA ASN F 795 114.27 36.61 -43.78
C ASN F 795 114.30 37.11 -45.19
N LEU F 796 113.69 38.29 -45.42
CA LEU F 796 113.67 38.84 -46.74
C LEU F 796 114.76 39.85 -46.86
N GLU F 797 115.06 40.24 -48.11
CA GLU F 797 116.05 41.25 -48.37
C GLU F 797 115.54 42.52 -47.79
N ASP F 798 114.20 42.66 -47.74
CA ASP F 798 113.56 43.77 -47.10
C ASP F 798 114.28 44.08 -45.83
N PRO F 799 114.80 45.27 -45.83
CA PRO F 799 115.55 45.82 -44.74
C PRO F 799 114.80 45.71 -43.45
N GLN F 800 113.46 45.63 -43.49
CA GLN F 800 112.75 45.56 -42.25
C GLN F 800 113.00 44.25 -41.60
N GLU F 801 112.60 44.14 -40.32
CA GLU F 801 112.80 42.96 -39.53
C GLU F 801 112.12 41.81 -40.20
N ASP F 802 112.40 40.60 -39.69
CA ASP F 802 111.88 39.39 -40.25
C ASP F 802 110.41 39.53 -40.44
N MET F 803 109.88 38.79 -41.43
CA MET F 803 108.51 38.96 -41.81
C MET F 803 107.64 38.90 -40.61
N GLU F 804 106.89 40.01 -40.41
CA GLU F 804 106.00 40.13 -39.30
C GLU F 804 104.89 39.15 -39.53
N VAL F 805 104.41 38.53 -38.45
CA VAL F 805 103.46 37.47 -38.60
C VAL F 805 102.12 37.97 -38.19
N ILE F 806 101.13 37.88 -39.11
CA ILE F 806 99.80 38.29 -38.79
C ILE F 806 98.94 37.06 -38.75
N VAL F 807 98.41 36.72 -37.56
CA VAL F 807 97.65 35.52 -37.41
C VAL F 807 96.24 35.82 -37.85
N LYS F 808 95.60 34.85 -38.53
CA LYS F 808 94.25 35.01 -39.05
C LYS F 808 93.36 34.06 -38.32
N CYS F 809 92.80 33.07 -39.07
CA CYS F 809 91.83 32.10 -38.59
C CYS F 809 92.41 31.49 -37.34
N CYS F 810 91.59 31.35 -36.28
CA CYS F 810 92.08 30.71 -35.08
C CYS F 810 91.04 29.75 -34.61
N SER F 811 91.27 28.44 -34.81
CA SER F 811 90.30 27.46 -34.42
C SER F 811 90.89 26.51 -33.42
N TRP F 812 90.01 25.91 -32.60
CA TRP F 812 90.34 25.02 -31.53
C TRP F 812 90.47 23.62 -32.04
N SER F 813 91.37 22.84 -31.41
CA SER F 813 91.54 21.43 -31.71
C SER F 813 90.37 20.73 -31.10
N ALA F 814 90.26 19.41 -31.36
CA ALA F 814 89.22 18.62 -30.78
C ALA F 814 89.42 18.57 -29.29
N ASP F 815 90.69 18.62 -28.86
CA ASP F 815 91.05 18.54 -27.47
C ASP F 815 90.64 19.78 -26.75
N GLY F 816 91.00 20.98 -27.28
CA GLY F 816 90.60 22.19 -26.63
C GLY F 816 91.83 22.76 -25.98
N ALA F 817 92.87 21.92 -25.86
CA ALA F 817 94.18 22.28 -25.39
C ALA F 817 95.05 22.82 -26.49
N ARG F 818 94.62 22.72 -27.77
CA ARG F 818 95.49 23.21 -28.81
C ARG F 818 94.72 24.11 -29.73
N ILE F 819 95.42 25.06 -30.37
CA ILE F 819 94.78 25.94 -31.30
C ILE F 819 95.45 25.80 -32.64
N MET F 820 94.67 25.56 -33.72
CA MET F 820 95.26 25.48 -35.02
C MET F 820 95.13 26.84 -35.62
N VAL F 821 96.26 27.49 -35.96
CA VAL F 821 96.22 28.81 -36.50
C VAL F 821 96.91 28.80 -37.82
N ALA F 822 96.66 29.84 -38.64
CA ALA F 822 97.42 29.99 -39.85
C ALA F 822 97.86 31.41 -39.97
N ALA F 823 99.02 31.63 -40.61
CA ALA F 823 99.51 32.96 -40.78
C ALA F 823 100.56 32.88 -41.82
N LYS F 824 100.76 34.00 -42.56
CA LYS F 824 101.77 34.02 -43.59
C LYS F 824 101.52 32.88 -44.53
N ASN F 825 102.58 32.09 -44.72
CA ASN F 825 102.67 30.89 -45.50
C ASN F 825 102.56 29.64 -44.68
N LYS F 826 102.31 29.71 -43.36
CA LYS F 826 102.28 28.43 -42.70
C LYS F 826 101.17 28.27 -41.71
N ILE F 827 100.81 26.98 -41.49
CA ILE F 827 99.77 26.55 -40.60
C ILE F 827 100.54 26.14 -39.39
N PHE F 828 100.16 26.65 -38.19
CA PHE F 828 100.88 26.25 -37.01
C PHE F 828 99.95 25.62 -36.03
N LEU F 829 100.47 24.65 -35.24
CA LEU F 829 99.68 24.09 -34.19
C LEU F 829 100.31 24.45 -32.88
N PHE F 830 99.59 25.25 -32.06
CA PHE F 830 100.13 25.68 -30.79
C PHE F 830 99.41 25.00 -29.68
N ASP F 831 100.16 24.68 -28.61
CA ASP F 831 99.60 24.13 -27.41
C ASP F 831 99.47 25.29 -26.48
N ILE F 832 98.26 25.53 -25.96
CA ILE F 832 98.03 26.66 -25.12
C ILE F 832 98.59 26.41 -23.75
N HIS F 833 98.88 25.14 -23.41
CA HIS F 833 99.35 24.85 -22.08
C HIS F 833 100.84 24.95 -21.93
N THR F 834 101.58 24.64 -23.01
CA THR F 834 103.02 24.67 -23.02
C THR F 834 103.47 25.88 -23.75
N SER F 835 102.60 26.43 -24.60
CA SER F 835 102.92 27.60 -25.37
C SER F 835 104.00 27.24 -26.33
N GLY F 836 104.05 25.95 -26.73
CA GLY F 836 105.07 25.51 -27.63
C GLY F 836 104.45 25.20 -28.96
N LEU F 837 105.30 24.80 -29.93
CA LEU F 837 104.85 24.53 -31.26
C LEU F 837 104.90 23.05 -31.46
N LEU F 838 103.79 22.48 -31.97
CA LEU F 838 103.65 21.08 -32.22
C LEU F 838 103.69 20.77 -33.69
N GLY F 839 103.26 21.69 -34.57
CA GLY F 839 103.30 21.30 -35.96
C GLY F 839 103.42 22.50 -36.85
N GLU F 840 103.97 22.28 -38.06
CA GLU F 840 104.30 23.36 -38.95
C GLU F 840 104.08 22.89 -40.35
N ILE F 841 103.10 23.46 -41.06
CA ILE F 841 102.79 22.98 -42.37
C ILE F 841 102.98 24.13 -43.28
N HIS F 842 103.68 23.93 -44.42
CA HIS F 842 103.85 24.98 -45.37
C HIS F 842 102.69 24.89 -46.32
N THR F 843 102.14 26.07 -46.73
CA THR F 843 101.02 26.08 -47.61
C THR F 843 101.43 26.51 -48.98
N GLY F 844 100.41 26.79 -49.83
CA GLY F 844 100.62 27.08 -51.22
C GLY F 844 101.52 28.26 -51.38
N HIS F 845 102.50 28.11 -52.30
CA HIS F 845 103.47 29.07 -52.71
C HIS F 845 103.76 30.05 -51.61
N HIS F 846 103.92 31.32 -52.01
CA HIS F 846 104.28 32.34 -51.06
C HIS F 846 103.38 33.52 -51.30
N SER F 847 102.40 33.69 -50.39
CA SER F 847 101.39 34.69 -50.44
C SER F 847 101.03 34.88 -49.01
N THR F 848 99.86 35.47 -48.73
CA THR F 848 99.44 35.61 -47.37
C THR F 848 98.10 34.96 -47.21
N ILE F 849 97.99 34.00 -46.26
CA ILE F 849 96.72 33.35 -46.05
C ILE F 849 95.79 34.36 -45.46
N GLN F 850 94.69 34.66 -46.18
CA GLN F 850 93.67 35.54 -45.69
C GLN F 850 92.62 34.86 -44.85
N TYR F 851 92.18 33.63 -45.19
CA TYR F 851 91.19 33.00 -44.35
C TYR F 851 91.39 31.51 -44.40
N CYS F 852 90.98 30.78 -43.34
CA CYS F 852 91.26 29.37 -43.25
C CYS F 852 90.44 28.73 -42.15
N ASP F 853 90.36 27.38 -42.16
CA ASP F 853 89.76 26.67 -41.07
C ASP F 853 90.22 25.25 -41.11
N PHE F 854 90.09 24.52 -39.98
CA PHE F 854 90.63 23.19 -39.86
C PHE F 854 89.50 22.22 -39.78
N SER F 855 89.56 21.15 -40.60
CA SER F 855 88.54 20.12 -40.63
C SER F 855 88.78 19.12 -39.54
N PRO F 856 87.71 18.71 -38.90
CA PRO F 856 87.79 17.72 -37.85
C PRO F 856 88.17 16.37 -38.36
N GLN F 857 88.11 16.13 -39.68
CA GLN F 857 88.33 14.80 -40.18
C GLN F 857 89.49 14.81 -41.11
N ASN F 858 90.30 13.73 -41.05
CA ASN F 858 91.34 13.45 -42.00
C ASN F 858 92.39 14.51 -41.89
N HIS F 859 92.42 15.27 -40.78
CA HIS F 859 93.42 16.25 -40.55
C HIS F 859 93.46 17.20 -41.72
N LEU F 860 92.31 17.44 -42.36
CA LEU F 860 92.28 18.33 -43.49
C LEU F 860 92.20 19.75 -43.04
N ALA F 861 92.73 20.66 -43.88
CA ALA F 861 92.64 22.05 -43.59
C ALA F 861 92.19 22.74 -44.84
N VAL F 862 91.25 23.68 -44.70
CA VAL F 862 90.78 24.40 -45.86
C VAL F 862 91.40 25.76 -45.80
N VAL F 863 92.24 26.08 -46.80
CA VAL F 863 92.93 27.33 -46.74
C VAL F 863 92.45 28.19 -47.86
N ALA F 864 91.77 29.30 -47.53
CA ALA F 864 91.38 30.20 -48.56
C ALA F 864 92.56 31.12 -48.65
N LEU F 865 93.47 30.85 -49.60
CA LEU F 865 94.69 31.60 -49.60
C LEU F 865 94.47 33.05 -49.94
N SER F 866 93.95 33.32 -51.14
CA SER F 866 93.81 34.69 -51.54
C SER F 866 93.12 34.66 -52.85
N GLN F 867 92.35 35.73 -53.13
CA GLN F 867 91.61 35.85 -54.36
C GLN F 867 90.87 34.59 -54.76
N TYR F 868 89.99 34.14 -53.84
CA TYR F 868 89.18 32.96 -53.92
C TYR F 868 89.94 31.76 -54.39
N CYS F 869 91.24 31.66 -54.09
CA CYS F 869 91.90 30.42 -54.39
C CYS F 869 91.81 29.63 -53.13
N VAL F 870 91.11 28.48 -53.17
CA VAL F 870 90.98 27.72 -51.96
C VAL F 870 91.66 26.40 -52.16
N GLU F 871 92.61 26.08 -51.27
CA GLU F 871 93.36 24.87 -51.44
C GLU F 871 93.02 23.97 -50.30
N LEU F 872 92.74 22.69 -50.60
CA LEU F 872 92.53 21.73 -49.55
C LEU F 872 93.83 21.02 -49.33
N TRP F 873 94.29 21.00 -48.05
CA TRP F 873 95.54 20.40 -47.68
C TRP F 873 95.32 19.40 -46.59
N ASN F 874 96.19 18.37 -46.59
CA ASN F 874 96.19 17.39 -45.54
C ASN F 874 97.34 17.71 -44.64
N THR F 875 97.06 18.16 -43.40
CA THR F 875 98.12 18.63 -42.57
C THR F 875 98.73 17.38 -42.02
N ASP F 876 99.93 17.47 -41.44
CA ASP F 876 100.65 16.34 -40.95
C ASP F 876 101.25 15.61 -42.11
N SER F 877 100.43 15.22 -43.10
CA SER F 877 100.92 14.62 -44.31
C SER F 877 101.59 15.71 -45.10
N ARG F 878 101.12 16.94 -44.83
CA ARG F 878 101.65 18.15 -45.41
C ARG F 878 101.57 18.10 -46.90
N SER F 879 100.45 17.61 -47.47
CA SER F 879 100.40 17.45 -48.89
C SER F 879 99.13 18.08 -49.41
N LYS F 880 99.21 18.75 -50.58
CA LYS F 880 98.03 19.35 -51.15
C LYS F 880 97.15 18.26 -51.70
N VAL F 881 95.84 18.34 -51.40
CA VAL F 881 94.84 17.38 -51.77
C VAL F 881 94.01 17.78 -52.96
N ALA F 882 93.52 19.04 -53.00
CA ALA F 882 92.68 19.39 -54.11
C ALA F 882 92.54 20.88 -54.22
N ASP F 883 92.25 21.34 -55.45
CA ASP F 883 91.97 22.73 -55.71
C ASP F 883 90.49 22.89 -55.64
N CYS F 884 90.00 23.59 -54.61
CA CYS F 884 88.58 23.68 -54.40
C CYS F 884 88.08 24.86 -55.18
N ARG F 885 87.32 24.60 -56.25
CA ARG F 885 86.78 25.66 -57.04
C ARG F 885 85.34 25.76 -56.68
N GLY F 886 84.71 26.95 -56.86
CA GLY F 886 83.33 27.03 -56.51
C GLY F 886 82.83 28.43 -56.69
N HIS F 887 83.65 29.45 -56.42
CA HIS F 887 83.18 30.79 -56.62
C HIS F 887 84.18 31.58 -57.43
N LEU F 888 83.66 32.48 -58.28
CA LEU F 888 84.37 33.48 -59.03
C LEU F 888 84.77 34.64 -58.16
N SER F 889 83.87 35.07 -57.25
CA SER F 889 84.17 36.18 -56.38
C SER F 889 84.98 35.70 -55.21
N TRP F 890 85.55 36.65 -54.44
CA TRP F 890 86.36 36.45 -53.28
C TRP F 890 85.58 35.77 -52.19
N VAL F 891 86.12 34.64 -51.66
CA VAL F 891 85.41 33.86 -50.67
C VAL F 891 85.50 34.59 -49.35
N HIS F 892 84.33 34.82 -48.72
CA HIS F 892 84.22 35.51 -47.47
C HIS F 892 84.34 34.61 -46.28
N GLY F 893 83.66 33.45 -46.28
CA GLY F 893 83.77 32.60 -45.12
C GLY F 893 83.56 31.17 -45.52
N VAL F 894 84.07 30.25 -44.67
CA VAL F 894 83.87 28.85 -44.92
C VAL F 894 83.57 28.20 -43.59
N MET F 895 82.55 27.33 -43.52
CA MET F 895 82.31 26.71 -42.24
C MET F 895 81.79 25.31 -42.40
N PHE F 896 81.96 24.49 -41.34
CA PHE F 896 81.70 23.07 -41.40
C PHE F 896 80.36 22.79 -40.81
N SER F 897 79.76 21.67 -41.28
CA SER F 897 78.45 21.24 -40.89
C SER F 897 78.65 20.79 -39.48
N PRO F 898 77.61 20.68 -38.69
CA PRO F 898 77.81 20.33 -37.31
C PRO F 898 78.30 18.92 -37.13
N ASP F 899 78.20 18.09 -38.18
CA ASP F 899 78.68 16.73 -38.14
C ASP F 899 80.12 16.73 -38.56
N GLY F 900 80.51 17.67 -39.42
CA GLY F 900 81.87 17.73 -39.87
C GLY F 900 82.00 16.84 -41.06
N SER F 901 80.85 16.35 -41.53
CA SER F 901 80.76 15.46 -42.66
C SER F 901 80.72 16.26 -43.92
N SER F 902 80.37 17.56 -43.80
CA SER F 902 80.30 18.38 -44.97
C SER F 902 80.63 19.78 -44.57
N PHE F 903 80.76 20.70 -45.55
CA PHE F 903 80.97 22.10 -45.24
C PHE F 903 80.48 22.94 -46.38
N LEU F 904 80.37 24.27 -46.16
CA LEU F 904 79.86 25.15 -47.17
C LEU F 904 80.75 26.35 -47.28
N THR F 905 80.79 26.95 -48.48
CA THR F 905 81.60 28.13 -48.71
C THR F 905 80.66 29.27 -49.02
N SER F 906 81.05 30.52 -48.67
CA SER F 906 80.19 31.65 -48.96
C SER F 906 81.03 32.76 -49.51
N SER F 907 80.70 33.28 -50.71
CA SER F 907 81.50 34.41 -51.15
C SER F 907 80.71 35.69 -51.31
N ASP F 908 81.42 36.67 -51.91
CA ASP F 908 80.98 38.01 -52.22
C ASP F 908 79.87 37.95 -53.23
N ASP F 909 79.69 36.78 -53.87
CA ASP F 909 78.62 36.57 -54.82
C ASP F 909 77.39 36.17 -54.06
N GLN F 910 77.48 36.21 -52.72
CA GLN F 910 76.42 36.02 -51.77
C GLN F 910 75.77 34.71 -52.00
N THR F 911 76.57 33.75 -52.48
CA THR F 911 76.07 32.44 -52.76
C THR F 911 76.74 31.51 -51.80
N ILE F 912 75.93 30.68 -51.11
CA ILE F 912 76.41 29.71 -50.18
C ILE F 912 76.37 28.43 -50.97
N ARG F 913 77.50 27.70 -51.08
CA ARG F 913 77.41 26.44 -51.76
C ARG F 913 77.80 25.34 -50.83
N LEU F 914 76.94 24.30 -50.73
CA LEU F 914 77.19 23.19 -49.84
C LEU F 914 78.02 22.19 -50.58
N TRP F 915 79.12 21.74 -49.93
CA TRP F 915 80.02 20.81 -50.57
C TRP F 915 80.18 19.64 -49.65
N GLU F 916 80.37 18.44 -50.23
CA GLU F 916 80.63 17.25 -49.46
C GLU F 916 82.12 17.17 -49.38
N THR F 917 82.67 17.08 -48.16
CA THR F 917 84.10 17.04 -48.01
C THR F 917 84.69 15.94 -48.87
N LYS F 918 84.04 14.77 -48.95
CA LYS F 918 84.62 13.64 -49.62
C LYS F 918 84.76 13.96 -51.08
N LYS F 919 83.85 14.80 -51.61
CA LYS F 919 83.83 15.14 -53.00
C LYS F 919 84.85 16.21 -53.25
N VAL F 920 85.06 17.13 -52.30
CA VAL F 920 86.01 18.20 -52.44
C VAL F 920 87.43 17.69 -52.52
N CYS F 921 87.73 16.62 -51.78
CA CYS F 921 89.01 15.96 -51.81
C CYS F 921 89.32 15.37 -53.16
N LYS F 922 88.31 15.20 -54.02
CA LYS F 922 88.59 14.62 -55.30
C LYS F 922 88.91 15.68 -56.29
N ASN F 923 89.74 15.33 -57.29
CA ASN F 923 90.15 16.22 -58.35
C ASN F 923 89.11 16.19 -59.43
N SER F 924 89.02 17.29 -60.21
CA SER F 924 88.01 17.31 -61.23
C SER F 924 88.34 18.32 -62.31
N ALA F 925 88.12 17.86 -63.56
CA ALA F 925 88.19 18.50 -64.84
C ALA F 925 86.84 18.90 -65.34
N VAL F 926 85.80 18.73 -64.51
CA VAL F 926 84.46 19.02 -64.95
C VAL F 926 84.31 20.47 -65.31
N MET F 927 84.74 21.40 -64.44
CA MET F 927 84.51 22.79 -64.75
C MET F 927 85.76 23.40 -65.29
N LEU F 928 85.61 24.50 -66.05
CA LEU F 928 86.74 25.15 -66.64
C LEU F 928 86.95 26.43 -65.89
N LYS F 929 88.13 27.05 -66.13
CA LYS F 929 88.43 28.33 -65.58
C LYS F 929 87.72 29.32 -66.43
N GLN F 930 87.44 30.51 -65.87
CA GLN F 930 86.69 31.54 -66.53
C GLN F 930 87.42 32.06 -67.75
N GLU F 931 88.75 31.88 -67.83
CA GLU F 931 89.46 32.40 -68.97
C GLU F 931 89.32 31.45 -70.12
N VAL F 932 88.29 31.66 -70.97
CA VAL F 932 88.09 30.85 -72.13
C VAL F 932 87.79 31.74 -73.30
N ASP F 933 87.87 31.16 -74.54
CA ASP F 933 87.54 31.90 -75.73
C ASP F 933 87.09 30.89 -76.76
N VAL F 934 86.50 31.36 -77.89
CA VAL F 934 85.93 30.45 -78.85
C VAL F 934 86.33 30.84 -80.25
N VAL F 935 86.72 29.83 -81.06
CA VAL F 935 87.06 30.08 -82.44
C VAL F 935 86.20 29.17 -83.29
N PHE F 936 85.40 29.75 -84.21
CA PHE F 936 84.62 28.92 -85.09
C PHE F 936 85.37 28.79 -86.39
N GLN F 937 85.78 27.55 -86.73
CA GLN F 937 86.40 27.31 -87.99
C GLN F 937 85.41 26.73 -88.95
N GLU F 938 84.45 27.52 -89.44
CA GLU F 938 83.51 27.02 -90.40
C GLU F 938 82.70 25.89 -89.86
N ASN F 939 83.02 24.66 -90.30
CA ASN F 939 82.26 23.49 -89.96
C ASN F 939 82.57 23.08 -88.56
N GLU F 940 83.72 23.49 -88.00
CA GLU F 940 84.03 23.03 -86.67
C GLU F 940 84.19 24.18 -85.72
N VAL F 941 84.10 23.88 -84.40
CA VAL F 941 84.26 24.87 -83.37
C VAL F 941 85.33 24.40 -82.41
N MET F 942 86.24 25.32 -82.00
CA MET F 942 87.24 24.98 -81.02
C MET F 942 87.10 25.88 -79.82
N VAL F 943 87.29 25.31 -78.61
CA VAL F 943 87.23 26.10 -77.41
C VAL F 943 88.59 26.20 -76.81
N LEU F 944 89.06 27.44 -76.56
CA LEU F 944 90.38 27.67 -76.03
C LEU F 944 90.15 27.77 -74.57
N ALA F 945 90.83 26.95 -73.73
CA ALA F 945 90.58 27.11 -72.33
C ALA F 945 91.83 26.91 -71.52
N VAL F 946 92.01 27.79 -70.52
CA VAL F 946 93.18 27.76 -69.68
C VAL F 946 93.13 26.46 -68.93
N ASP F 947 94.26 25.77 -68.87
CA ASP F 947 94.42 24.48 -68.25
C ASP F 947 94.34 24.65 -66.78
N HIS F 948 93.99 23.55 -66.10
CA HIS F 948 93.89 23.54 -64.67
C HIS F 948 95.20 24.00 -64.10
N ILE F 949 96.34 23.56 -64.69
CA ILE F 949 97.57 23.96 -64.03
C ILE F 949 98.47 24.92 -64.76
N ARG F 950 99.19 24.40 -65.81
CA ARG F 950 100.22 25.14 -66.48
C ARG F 950 99.91 26.07 -67.62
N ARG F 951 99.57 25.49 -68.80
CA ARG F 951 99.21 26.41 -69.84
C ARG F 951 97.79 26.23 -70.26
N LEU F 952 97.48 25.68 -71.46
CA LEU F 952 96.09 25.70 -71.87
C LEU F 952 95.79 24.54 -72.78
N GLN F 953 94.48 24.23 -72.93
CA GLN F 953 94.05 23.20 -73.84
C GLN F 953 93.20 23.81 -74.92
N LEU F 954 93.55 23.53 -76.18
CA LEU F 954 92.69 23.89 -77.27
C LEU F 954 91.90 22.64 -77.55
N ILE F 955 90.59 22.67 -77.23
CA ILE F 955 89.76 21.51 -77.34
C ILE F 955 88.86 21.63 -78.52
N ASN F 956 89.03 20.73 -79.51
CA ASN F 956 88.19 20.75 -80.66
C ASN F 956 86.87 20.19 -80.22
N GLY F 957 85.77 20.94 -80.37
CA GLY F 957 84.54 20.47 -79.82
C GLY F 957 84.01 19.46 -80.77
N ARG F 958 82.96 18.70 -80.34
CA ARG F 958 82.31 17.74 -81.19
C ARG F 958 83.26 16.63 -81.52
N THR F 959 84.32 16.45 -80.71
CA THR F 959 85.28 15.38 -80.81
C THR F 959 86.08 15.44 -79.55
N GLY F 960 86.98 14.47 -79.29
CA GLY F 960 87.68 14.54 -78.05
C GLY F 960 88.80 15.53 -78.17
N GLN F 961 89.52 15.48 -79.32
CA GLN F 961 90.74 16.16 -79.67
C GLN F 961 91.09 17.27 -78.71
N ILE F 962 91.76 16.90 -77.60
CA ILE F 962 92.28 17.89 -76.70
C ILE F 962 93.71 18.09 -77.08
N ASP F 963 94.03 19.30 -77.57
CA ASP F 963 95.38 19.63 -77.93
C ASP F 963 95.92 20.58 -76.91
N TYR F 964 96.73 20.06 -75.98
CA TYR F 964 97.39 20.82 -74.97
C TYR F 964 98.62 21.47 -75.53
N LEU F 965 98.81 22.77 -75.23
CA LEU F 965 99.97 23.49 -75.66
C LEU F 965 100.71 23.73 -74.41
N THR F 966 102.05 23.88 -74.48
CA THR F 966 102.83 24.01 -73.27
C THR F 966 103.65 25.25 -73.32
N GLU F 967 103.85 25.90 -72.15
CA GLU F 967 104.54 27.17 -72.14
C GLU F 967 104.74 27.62 -70.72
N ALA F 968 105.47 28.75 -70.63
CA ALA F 968 105.86 29.57 -69.51
C ALA F 968 104.65 30.28 -68.97
N GLN F 969 103.46 29.93 -69.48
CA GLN F 969 102.22 30.33 -68.90
C GLN F 969 101.94 31.62 -69.56
N VAL F 970 101.18 31.53 -70.67
CA VAL F 970 100.79 32.66 -71.46
C VAL F 970 99.60 33.32 -70.84
N SER F 971 99.41 34.60 -71.18
CA SER F 971 98.31 35.37 -70.68
C SER F 971 97.17 35.48 -71.67
N CYS F 972 97.44 35.46 -72.99
CA CYS F 972 96.35 35.54 -73.94
C CYS F 972 96.85 35.12 -75.29
N CYS F 973 95.96 34.68 -76.20
CA CYS F 973 96.44 34.23 -77.48
C CYS F 973 95.72 34.93 -78.59
N CYS F 974 96.34 34.93 -79.80
CA CYS F 974 95.72 35.53 -80.95
C CYS F 974 96.13 34.77 -82.18
N LEU F 975 95.17 34.50 -83.09
CA LEU F 975 95.43 33.78 -84.31
C LEU F 975 95.57 34.75 -85.44
N SER F 976 96.53 34.49 -86.35
CA SER F 976 96.76 35.42 -87.42
C SER F 976 95.82 35.04 -88.51
N PRO F 977 95.56 35.97 -89.38
CA PRO F 977 94.77 35.72 -90.56
C PRO F 977 95.44 34.62 -91.33
N HIS F 978 94.65 33.70 -91.89
CA HIS F 978 95.14 32.57 -92.63
C HIS F 978 95.89 31.65 -91.72
N LEU F 979 95.73 31.85 -90.39
CA LEU F 979 96.47 31.12 -89.39
C LEU F 979 97.91 31.07 -89.78
N GLN F 980 98.51 29.87 -89.67
CA GLN F 980 99.89 29.54 -89.90
C GLN F 980 100.74 30.17 -88.85
N TYR F 981 100.12 30.96 -87.93
CA TYR F 981 100.92 31.58 -86.92
C TYR F 981 100.07 31.70 -85.69
N ILE F 982 100.67 31.49 -84.50
CA ILE F 982 99.96 31.63 -83.25
C ILE F 982 100.73 32.64 -82.45
N ALA F 983 100.03 33.63 -81.85
CA ALA F 983 100.73 34.65 -81.12
C ALA F 983 100.28 34.60 -79.69
N PHE F 984 101.19 34.89 -78.73
CA PHE F 984 100.70 34.96 -77.38
C PHE F 984 101.41 35.98 -76.56
N GLY F 985 100.65 36.59 -75.62
CA GLY F 985 101.11 37.69 -74.81
C GLY F 985 101.50 37.14 -73.49
N ASP F 986 102.07 38.00 -72.63
CA ASP F 986 102.56 37.56 -71.35
C ASP F 986 102.55 38.74 -70.42
N GLU F 987 102.83 38.48 -69.13
CA GLU F 987 102.75 39.54 -68.15
C GLU F 987 103.85 40.53 -68.42
N ASN F 988 104.95 40.06 -69.05
CA ASN F 988 106.11 40.84 -69.39
C ASN F 988 105.77 41.91 -70.38
N GLY F 989 104.68 41.72 -71.16
CA GLY F 989 104.31 42.71 -72.13
C GLY F 989 104.77 42.29 -73.50
N ALA F 990 105.91 41.58 -73.59
CA ALA F 990 106.39 41.12 -74.86
C ALA F 990 105.49 40.05 -75.41
N ILE F 991 105.39 39.98 -76.77
CA ILE F 991 104.56 39.01 -77.41
C ILE F 991 105.45 38.08 -78.18
N GLU F 992 105.12 36.77 -78.18
CA GLU F 992 105.89 35.89 -79.01
C GLU F 992 105.00 35.24 -80.03
N ILE F 993 105.50 35.15 -81.29
CA ILE F 993 104.74 34.58 -82.34
C ILE F 993 105.46 33.34 -82.75
N LEU F 994 104.74 32.20 -82.74
CA LEU F 994 105.35 30.94 -83.10
C LEU F 994 104.80 30.58 -84.44
N GLU F 995 105.69 30.25 -85.40
CA GLU F 995 105.23 29.77 -86.68
C GLU F 995 104.68 28.38 -86.50
N LEU F 996 103.49 28.11 -87.08
CA LEU F 996 102.84 26.84 -86.99
C LEU F 996 103.28 25.87 -88.04
N VAL F 997 103.86 26.35 -89.17
CA VAL F 997 104.35 25.46 -90.20
C VAL F 997 105.58 24.82 -89.68
N ASN F 998 106.46 25.61 -89.03
CA ASN F 998 107.67 25.07 -88.51
C ASN F 998 107.73 25.59 -87.13
N ASN F 999 107.43 24.74 -86.13
CA ASN F 999 107.38 25.07 -84.74
C ASN F 999 108.73 25.35 -84.14
N ARG F 1000 109.83 25.29 -84.90
CA ARG F 1000 111.04 25.79 -84.34
C ARG F 1000 111.34 27.26 -84.56
N ILE F 1001 110.59 27.93 -85.47
CA ILE F 1001 110.78 29.32 -85.80
C ILE F 1001 109.81 30.18 -85.06
N PHE F 1002 110.32 31.19 -84.31
CA PHE F 1002 109.47 32.08 -83.57
C PHE F 1002 110.12 33.43 -83.51
N GLN F 1003 109.33 34.49 -83.26
CA GLN F 1003 109.87 35.83 -83.19
C GLN F 1003 109.30 36.49 -81.96
N SER F 1004 110.08 37.41 -81.35
CA SER F 1004 109.54 38.12 -80.22
C SER F 1004 110.30 39.40 -80.04
N ARG F 1005 109.61 40.57 -80.04
CA ARG F 1005 110.40 41.72 -79.75
C ARG F 1005 109.88 42.44 -78.56
N PHE F 1006 110.78 42.55 -77.55
CA PHE F 1006 110.49 43.11 -76.27
C PHE F 1006 109.98 44.51 -76.34
N GLN F 1007 108.83 44.75 -75.67
CA GLN F 1007 108.13 46.00 -75.60
C GLN F 1007 107.02 45.92 -74.58
N HIS F 1008 106.67 47.09 -73.98
CA HIS F 1008 105.63 47.27 -72.99
C HIS F 1008 106.09 47.00 -71.59
N LYS F 1009 105.69 47.88 -70.64
CA LYS F 1009 106.02 47.69 -69.25
C LYS F 1009 105.02 46.85 -68.50
N LYS F 1010 103.71 47.17 -68.65
CA LYS F 1010 102.68 46.46 -67.94
C LYS F 1010 102.24 45.29 -68.78
N THR F 1011 101.32 44.46 -68.25
CA THR F 1011 100.82 43.34 -69.00
C THR F 1011 100.24 43.86 -70.27
N VAL F 1012 100.56 43.21 -71.41
CA VAL F 1012 100.00 43.58 -72.68
C VAL F 1012 98.51 43.41 -72.65
N TRP F 1013 97.80 44.28 -73.41
CA TRP F 1013 96.38 44.35 -73.39
C TRP F 1013 95.89 43.82 -74.72
N HIS F 1014 95.45 44.72 -75.62
CA HIS F 1014 94.80 44.31 -76.84
C HIS F 1014 95.86 43.82 -77.80
N ILE F 1015 95.62 42.68 -78.50
CA ILE F 1015 96.55 42.15 -79.48
C ILE F 1015 95.83 41.83 -80.76
N GLN F 1016 96.33 42.35 -81.91
CA GLN F 1016 95.63 42.05 -83.13
C GLN F 1016 96.49 42.28 -84.35
N PHE F 1017 96.45 41.30 -85.29
CA PHE F 1017 97.23 41.31 -86.51
C PHE F 1017 96.61 42.30 -87.45
N THR F 1018 97.39 42.74 -88.45
CA THR F 1018 96.87 43.61 -89.47
C THR F 1018 96.00 42.73 -90.32
N ALA F 1019 95.45 43.28 -91.42
CA ALA F 1019 94.57 42.51 -92.26
C ALA F 1019 95.41 41.41 -92.80
N ASP F 1020 96.69 41.72 -93.10
CA ASP F 1020 97.58 40.74 -93.62
C ASP F 1020 98.03 39.87 -92.49
N GLU F 1021 98.51 38.67 -92.83
CA GLU F 1021 99.00 37.64 -91.95
C GLU F 1021 100.26 38.08 -91.28
N LYS F 1022 100.90 39.17 -91.75
CA LYS F 1022 102.08 39.64 -91.10
C LYS F 1022 101.86 40.96 -90.43
N THR F 1023 102.78 41.31 -89.51
CA THR F 1023 102.73 42.52 -88.73
C THR F 1023 101.69 42.39 -87.66
N LEU F 1024 102.09 42.61 -86.38
CA LEU F 1024 101.21 42.49 -85.24
C LEU F 1024 101.11 43.79 -84.52
N ILE F 1025 99.87 44.25 -84.22
CA ILE F 1025 99.71 45.50 -83.55
C ILE F 1025 99.31 45.17 -82.15
N SER F 1026 99.88 45.89 -81.15
CA SER F 1026 99.55 45.56 -79.80
C SER F 1026 99.51 46.83 -78.99
N SER F 1027 98.82 46.78 -77.84
CA SER F 1027 98.76 47.94 -76.99
C SER F 1027 98.82 47.46 -75.58
N SER F 1028 99.06 48.41 -74.66
CA SER F 1028 99.10 48.11 -73.26
C SER F 1028 98.69 49.34 -72.53
N ASP F 1029 99.03 49.38 -71.23
CA ASP F 1029 98.79 50.42 -70.28
C ASP F 1029 99.49 51.71 -70.61
N ASP F 1030 100.49 51.72 -71.52
CA ASP F 1030 101.16 52.96 -71.83
C ASP F 1030 100.41 53.73 -72.89
N ALA F 1031 101.01 54.88 -73.28
CA ALA F 1031 100.59 55.89 -74.23
C ALA F 1031 100.86 55.59 -75.69
N GLU F 1032 101.42 54.42 -76.06
CA GLU F 1032 101.70 54.20 -77.46
C GLU F 1032 101.24 52.85 -77.94
N ILE F 1033 100.86 52.78 -79.25
CA ILE F 1033 100.44 51.53 -79.83
C ILE F 1033 101.58 50.98 -80.63
N GLN F 1034 101.99 49.73 -80.33
CA GLN F 1034 103.12 49.13 -80.98
C GLN F 1034 102.73 48.47 -82.27
N VAL F 1035 103.42 48.84 -83.36
CA VAL F 1035 103.31 48.11 -84.59
C VAL F 1035 104.55 47.29 -84.69
N TRP F 1036 104.42 45.98 -84.44
CA TRP F 1036 105.55 45.10 -84.43
C TRP F 1036 105.61 44.30 -85.69
N ASN F 1037 106.57 44.65 -86.56
CA ASN F 1037 106.74 43.93 -87.79
C ASN F 1037 107.65 42.80 -87.45
N TRP F 1038 107.05 41.69 -87.01
CA TRP F 1038 107.78 40.51 -86.65
C TRP F 1038 108.40 39.95 -87.89
N GLN F 1039 109.41 39.10 -87.67
CA GLN F 1039 110.30 38.54 -88.65
C GLN F 1039 111.42 39.53 -88.90
N LEU F 1040 111.13 40.83 -88.83
CA LEU F 1040 112.11 41.88 -88.95
C LEU F 1040 112.31 42.58 -87.65
N ASP F 1041 111.33 42.40 -86.73
CA ASP F 1041 111.28 43.00 -85.42
C ASP F 1041 111.39 44.51 -85.50
N LYS F 1042 110.73 45.14 -86.50
CA LYS F 1042 110.75 46.58 -86.59
C LYS F 1042 109.66 47.15 -85.74
N CYS F 1043 109.97 48.24 -84.99
CA CYS F 1043 108.99 48.79 -84.09
C CYS F 1043 108.62 50.16 -84.54
N ILE F 1044 107.34 50.33 -84.94
CA ILE F 1044 106.83 51.61 -85.34
C ILE F 1044 105.81 51.95 -84.30
N PHE F 1045 105.89 53.16 -83.72
CA PHE F 1045 105.01 53.42 -82.61
C PHE F 1045 104.03 54.48 -83.00
N LEU F 1046 102.76 54.29 -82.58
CA LEU F 1046 101.77 55.31 -82.74
C LEU F 1046 101.82 56.19 -81.53
N ARG F 1047 102.42 57.38 -81.65
CA ARG F 1047 102.64 58.15 -80.46
C ARG F 1047 101.42 58.97 -80.23
N GLY F 1048 100.43 58.34 -79.58
CA GLY F 1048 99.18 58.95 -79.26
C GLY F 1048 99.39 59.92 -78.15
N HIS F 1049 100.23 59.52 -77.17
CA HIS F 1049 100.58 60.37 -76.07
C HIS F 1049 99.33 60.68 -75.32
N GLN F 1050 98.54 59.63 -75.07
CA GLN F 1050 97.29 59.70 -74.37
C GLN F 1050 97.60 59.14 -73.01
N GLU F 1051 96.69 59.27 -72.04
CA GLU F 1051 97.01 58.75 -70.74
C GLU F 1051 97.40 57.30 -70.86
N THR F 1052 96.56 56.52 -71.57
CA THR F 1052 96.79 55.11 -71.79
C THR F 1052 95.95 54.72 -72.95
N VAL F 1053 96.46 53.80 -73.79
CA VAL F 1053 95.67 53.28 -74.85
C VAL F 1053 94.68 52.34 -74.24
N LYS F 1054 93.38 52.62 -74.41
CA LYS F 1054 92.40 51.82 -73.75
C LYS F 1054 92.23 50.58 -74.57
N ASP F 1055 92.03 50.75 -75.90
CA ASP F 1055 91.80 49.60 -76.73
C ASP F 1055 91.89 50.06 -78.17
N PHE F 1056 91.91 49.12 -79.12
CA PHE F 1056 91.87 49.49 -80.51
C PHE F 1056 91.28 48.36 -81.29
N ARG F 1057 90.97 48.62 -82.58
CA ARG F 1057 90.44 47.59 -83.43
C ARG F 1057 90.74 47.96 -84.85
N LEU F 1058 91.02 46.95 -85.70
CA LEU F 1058 91.35 47.23 -87.07
C LEU F 1058 90.09 47.59 -87.78
N LEU F 1059 90.14 48.69 -88.57
CA LEU F 1059 89.01 49.05 -89.38
C LEU F 1059 89.10 48.33 -90.70
N LYS F 1060 88.00 48.34 -91.50
CA LYS F 1060 88.04 47.68 -92.78
C LYS F 1060 89.13 48.16 -93.69
N ASN F 1061 89.37 49.48 -93.77
CA ASN F 1061 90.38 49.91 -94.69
C ASN F 1061 91.64 49.74 -93.92
N SER F 1062 92.75 50.33 -94.32
CA SER F 1062 93.96 50.16 -93.56
C SER F 1062 93.98 51.12 -92.38
N ARG F 1063 92.84 51.76 -92.02
CA ARG F 1063 92.74 52.67 -90.91
C ARG F 1063 92.68 51.90 -89.62
N LEU F 1064 93.03 52.55 -88.47
CA LEU F 1064 93.08 51.85 -87.21
C LEU F 1064 92.39 52.65 -86.14
N LEU F 1065 91.33 52.07 -85.52
CA LEU F 1065 90.48 52.76 -84.59
C LEU F 1065 90.97 52.53 -83.18
N SER F 1066 91.27 53.61 -82.43
CA SER F 1066 91.73 53.42 -81.08
C SER F 1066 91.18 54.50 -80.19
N TRP F 1067 91.11 54.19 -78.87
CA TRP F 1067 90.57 55.10 -77.90
C TRP F 1067 91.21 54.85 -76.56
N SER F 1068 91.07 55.86 -75.68
CA SER F 1068 91.80 55.99 -74.44
C SER F 1068 90.76 56.30 -73.41
N PHE F 1069 91.16 56.66 -72.18
CA PHE F 1069 90.09 57.00 -71.27
C PHE F 1069 89.86 58.47 -71.26
N ASP F 1070 90.62 59.18 -72.12
CA ASP F 1070 90.73 60.60 -72.21
C ASP F 1070 89.50 61.17 -72.87
N GLY F 1071 88.65 60.31 -73.44
CA GLY F 1071 87.43 60.76 -74.02
C GLY F 1071 87.72 60.96 -75.48
N THR F 1072 88.88 60.42 -75.93
CA THR F 1072 89.30 60.59 -77.28
C THR F 1072 89.27 59.29 -78.03
N VAL F 1073 89.07 59.40 -79.36
CA VAL F 1073 89.02 58.29 -80.28
C VAL F 1073 89.84 58.73 -81.45
N LYS F 1074 91.00 58.08 -81.70
CA LYS F 1074 91.81 58.50 -82.81
C LYS F 1074 91.78 57.47 -83.90
N VAL F 1075 92.05 57.90 -85.16
CA VAL F 1075 92.08 57.00 -86.27
C VAL F 1075 93.43 57.07 -86.91
N TRP F 1076 94.22 55.99 -86.81
CA TRP F 1076 95.57 55.93 -87.31
C TRP F 1076 95.61 55.12 -88.57
N ASN F 1077 96.82 55.01 -89.15
CA ASN F 1077 97.09 54.12 -90.24
C ASN F 1077 97.87 52.97 -89.65
N ILE F 1078 97.69 51.76 -90.19
CA ILE F 1078 98.41 50.61 -89.71
C ILE F 1078 99.72 50.64 -90.41
N ILE F 1079 100.72 49.88 -89.89
CA ILE F 1079 102.03 49.78 -90.48
C ILE F 1079 102.71 51.01 -90.05
N THR F 1080 102.28 52.12 -90.67
CA THR F 1080 102.91 53.38 -90.38
C THR F 1080 101.90 54.19 -89.64
N GLY F 1081 102.22 54.60 -88.39
CA GLY F 1081 101.29 55.33 -87.58
C GLY F 1081 101.06 56.67 -88.24
N ASN F 1082 99.78 57.07 -88.36
CA ASN F 1082 99.46 58.34 -88.91
C ASN F 1082 98.06 58.64 -88.52
N LYS F 1083 97.89 59.53 -87.53
CA LYS F 1083 96.57 59.78 -87.06
C LYS F 1083 95.87 60.68 -88.01
N GLU F 1084 95.03 60.09 -88.88
CA GLU F 1084 94.36 60.83 -89.89
C GLU F 1084 93.22 61.59 -89.26
N LYS F 1085 92.41 60.93 -88.42
CA LYS F 1085 91.27 61.59 -87.85
C LYS F 1085 91.38 61.56 -86.36
N ASP F 1086 90.73 62.53 -85.69
CA ASP F 1086 90.90 62.72 -84.26
C ASP F 1086 89.60 63.18 -83.67
N PHE F 1087 88.87 62.28 -82.98
CA PHE F 1087 87.59 62.65 -82.43
C PHE F 1087 87.74 62.83 -80.94
N VAL F 1088 87.04 63.83 -80.36
CA VAL F 1088 87.01 64.03 -78.94
C VAL F 1088 85.56 64.04 -78.55
N CYS F 1089 85.04 62.84 -78.24
CA CYS F 1089 83.65 62.51 -78.02
C CYS F 1089 83.22 62.60 -76.59
N HIS F 1090 84.07 62.21 -75.62
CA HIS F 1090 83.61 62.18 -74.26
C HIS F 1090 84.43 63.10 -73.40
N GLN F 1091 83.96 63.28 -72.16
CA GLN F 1091 84.58 64.00 -71.08
C GLN F 1091 85.28 63.06 -70.14
N GLY F 1092 85.27 61.75 -70.43
CA GLY F 1092 85.87 60.80 -69.53
C GLY F 1092 86.03 59.50 -70.23
N THR F 1093 86.14 58.40 -69.42
CA THR F 1093 86.37 57.03 -69.80
C THR F 1093 85.65 56.66 -71.05
N VAL F 1094 86.36 55.96 -71.95
CA VAL F 1094 85.76 55.47 -73.15
C VAL F 1094 85.73 53.98 -73.02
N LEU F 1095 84.52 53.41 -73.08
CA LEU F 1095 84.37 51.99 -72.95
C LEU F 1095 83.94 51.45 -74.28
N SER F 1096 84.90 51.06 -75.13
CA SER F 1096 84.58 50.43 -76.38
C SER F 1096 84.09 51.44 -77.39
N CYS F 1097 84.02 51.00 -78.66
CA CYS F 1097 83.58 51.79 -79.78
C CYS F 1097 83.25 50.80 -80.85
N ASP F 1098 82.24 51.11 -81.69
CA ASP F 1098 81.82 50.15 -82.69
C ASP F 1098 81.69 50.80 -84.02
N ILE F 1099 81.63 49.95 -85.07
CA ILE F 1099 81.57 50.37 -86.44
C ILE F 1099 80.31 49.84 -87.06
N SER F 1100 79.91 50.47 -88.20
CA SER F 1100 78.73 50.15 -88.93
C SER F 1100 78.92 48.88 -89.67
N HIS F 1101 80.13 48.30 -89.65
CA HIS F 1101 80.31 46.99 -90.22
C HIS F 1101 80.39 47.14 -91.70
N ASP F 1102 79.24 47.44 -92.31
CA ASP F 1102 79.15 47.62 -93.73
C ASP F 1102 80.13 48.69 -94.04
N ALA F 1103 81.15 48.35 -94.85
CA ALA F 1103 82.07 49.40 -95.18
C ALA F 1103 82.58 49.84 -93.86
N THR F 1104 82.40 51.14 -93.57
CA THR F 1104 82.85 51.71 -92.34
C THR F 1104 82.34 53.10 -92.39
N LYS F 1105 81.19 53.25 -93.07
CA LYS F 1105 80.65 54.53 -93.35
C LYS F 1105 80.45 55.20 -92.03
N PHE F 1106 79.88 54.46 -91.05
CA PHE F 1106 79.67 55.07 -89.78
C PHE F 1106 80.40 54.31 -88.70
N SER F 1107 80.66 55.00 -87.57
CA SER F 1107 81.26 54.43 -86.39
C SER F 1107 80.80 55.30 -85.25
N SER F 1108 80.61 54.71 -84.05
CA SER F 1108 80.08 55.50 -82.97
C SER F 1108 80.63 55.03 -81.66
N THR F 1109 80.28 55.78 -80.60
CA THR F 1109 80.70 55.54 -79.25
C THR F 1109 79.57 55.80 -78.28
N SER F 1110 79.75 55.32 -77.03
CA SER F 1110 78.82 55.50 -75.96
C SER F 1110 79.64 55.27 -74.73
N ALA F 1111 79.77 56.27 -73.82
CA ALA F 1111 80.50 55.90 -72.65
C ALA F 1111 80.31 56.92 -71.58
N ASP F 1112 79.70 56.50 -70.44
CA ASP F 1112 79.45 57.26 -69.24
C ASP F 1112 79.01 58.65 -69.58
N LYS F 1113 78.12 58.78 -70.57
CA LYS F 1113 77.71 60.08 -71.01
C LYS F 1113 76.64 59.82 -72.01
N THR F 1114 76.97 60.10 -73.30
CA THR F 1114 76.01 60.03 -74.34
C THR F 1114 76.59 59.20 -75.44
N ALA F 1115 75.83 59.01 -76.54
CA ALA F 1115 76.33 58.21 -77.63
C ALA F 1115 76.46 59.08 -78.84
N LYS F 1116 77.71 59.37 -79.26
CA LYS F 1116 77.93 60.21 -80.40
C LYS F 1116 78.30 59.34 -81.55
N ILE F 1117 77.89 59.71 -82.78
CA ILE F 1117 78.14 58.93 -83.96
C ILE F 1117 78.84 59.78 -84.99
N TRP F 1118 79.69 59.17 -85.84
CA TRP F 1118 80.38 59.90 -86.88
C TRP F 1118 80.62 59.10 -88.14
N SER F 1119 80.98 59.84 -89.24
CA SER F 1119 81.35 59.40 -90.58
C SER F 1119 82.82 59.35 -90.94
N PHE F 1120 83.74 59.76 -90.05
CA PHE F 1120 85.17 59.75 -90.23
C PHE F 1120 85.60 60.95 -91.03
N ASP F 1121 84.78 61.41 -92.01
CA ASP F 1121 85.23 62.51 -92.83
C ASP F 1121 85.51 63.75 -92.05
N LEU F 1122 84.56 64.09 -91.14
CA LEU F 1122 84.74 65.24 -90.31
C LEU F 1122 85.42 64.80 -89.06
N LEU F 1123 86.17 65.73 -88.47
CA LEU F 1123 86.88 65.54 -87.24
C LEU F 1123 85.92 65.56 -86.10
N LEU F 1124 84.72 66.15 -86.29
CA LEU F 1124 83.76 66.15 -85.22
C LEU F 1124 82.62 65.22 -85.54
N PRO F 1125 81.98 64.72 -84.51
CA PRO F 1125 80.85 63.84 -84.65
C PRO F 1125 79.65 64.48 -85.29
N LEU F 1126 78.77 63.66 -85.91
CA LEU F 1126 77.70 64.17 -86.71
C LEU F 1126 76.50 64.37 -85.84
N HIS F 1127 76.31 63.50 -84.81
CA HIS F 1127 75.10 63.66 -84.04
C HIS F 1127 75.29 63.06 -82.68
N GLU F 1128 74.70 63.71 -81.64
CA GLU F 1128 74.80 63.23 -80.29
C GLU F 1128 73.48 62.72 -79.84
N LEU F 1129 73.44 61.42 -79.47
CA LEU F 1129 72.25 60.87 -78.87
C LEU F 1129 72.34 61.09 -77.39
N ARG F 1130 71.55 62.05 -76.89
CA ARG F 1130 71.44 62.52 -75.53
C ARG F 1130 70.36 61.83 -74.74
N GLY F 1131 69.77 60.73 -75.27
CA GLY F 1131 68.64 60.10 -74.62
C GLY F 1131 68.78 59.70 -73.17
N HIS F 1132 69.95 59.19 -72.71
CA HIS F 1132 70.06 58.78 -71.32
C HIS F 1132 70.80 59.76 -70.48
N ASN F 1133 70.14 60.23 -69.41
CA ASN F 1133 70.68 61.17 -68.47
C ASN F 1133 71.57 60.48 -67.46
N GLY F 1134 71.27 59.19 -67.17
CA GLY F 1134 72.01 58.38 -66.23
C GLY F 1134 73.34 57.89 -66.74
N CYS F 1135 73.65 58.17 -68.03
CA CYS F 1135 74.92 57.98 -68.70
C CYS F 1135 74.88 56.64 -69.37
N VAL F 1136 75.14 56.59 -70.70
CA VAL F 1136 75.14 55.33 -71.39
C VAL F 1136 76.43 54.61 -71.17
N ARG F 1137 76.33 53.28 -71.01
CA ARG F 1137 77.37 52.33 -70.69
C ARG F 1137 77.98 51.61 -71.88
N CYS F 1138 77.17 51.13 -72.85
CA CYS F 1138 77.78 50.44 -73.96
C CYS F 1138 76.89 50.55 -75.16
N SER F 1139 77.37 50.08 -76.35
CA SER F 1139 76.57 50.18 -77.55
C SER F 1139 77.11 49.25 -78.60
N ALA F 1140 76.28 48.96 -79.63
CA ALA F 1140 76.72 48.14 -80.72
C ALA F 1140 75.81 48.37 -81.90
N PHE F 1141 76.38 48.37 -83.12
CA PHE F 1141 75.62 48.57 -84.32
C PHE F 1141 74.87 47.33 -84.62
N SER F 1142 73.78 47.45 -85.40
CA SER F 1142 73.05 46.29 -85.79
C SER F 1142 73.88 45.69 -86.87
N VAL F 1143 73.56 44.44 -87.29
CA VAL F 1143 74.35 43.80 -88.31
C VAL F 1143 73.87 44.32 -89.63
N ASP F 1144 74.43 45.48 -89.98
CA ASP F 1144 74.35 46.16 -91.23
C ASP F 1144 73.04 46.85 -91.41
N SER F 1145 71.98 46.52 -90.62
CA SER F 1145 70.61 46.92 -90.90
C SER F 1145 70.47 48.41 -91.00
N THR F 1146 70.39 49.13 -89.87
CA THR F 1146 70.32 50.57 -89.90
C THR F 1146 70.11 50.98 -88.49
N LEU F 1147 70.46 50.09 -87.53
CA LEU F 1147 70.09 50.38 -86.18
C LEU F 1147 71.32 50.46 -85.33
N LEU F 1148 71.20 51.19 -84.21
CA LEU F 1148 72.28 51.30 -83.26
C LEU F 1148 71.68 51.05 -81.90
N ALA F 1149 72.15 50.01 -81.19
CA ALA F 1149 71.57 49.72 -79.91
C ALA F 1149 72.49 50.24 -78.84
N THR F 1150 71.90 50.77 -77.74
CA THR F 1150 72.71 51.22 -76.64
C THR F 1150 72.22 50.64 -75.35
N GLY F 1151 73.15 50.47 -74.39
CA GLY F 1151 72.82 49.89 -73.11
C GLY F 1151 73.02 50.88 -72.00
N ASP F 1152 72.04 50.92 -71.07
CA ASP F 1152 72.01 51.87 -69.99
C ASP F 1152 72.59 51.25 -68.75
N ASP F 1153 72.64 52.05 -67.68
CA ASP F 1153 73.24 51.64 -66.44
C ASP F 1153 72.50 50.43 -65.95
N ASN F 1154 71.16 50.40 -66.14
CA ASN F 1154 70.42 49.30 -65.59
C ASN F 1154 70.22 48.21 -66.60
N GLY F 1155 70.83 48.37 -67.78
CA GLY F 1155 70.68 47.41 -68.83
C GLY F 1155 69.53 47.69 -69.73
N GLU F 1156 68.82 48.81 -69.51
CA GLU F 1156 67.78 49.17 -70.44
C GLU F 1156 68.42 49.28 -71.78
N ILE F 1157 67.89 48.55 -72.80
CA ILE F 1157 68.44 48.65 -74.12
C ILE F 1157 67.56 49.54 -74.93
N ARG F 1158 68.16 50.55 -75.58
CA ARG F 1158 67.37 51.43 -76.39
C ARG F 1158 67.81 51.22 -77.81
N ILE F 1159 66.85 51.14 -78.75
CA ILE F 1159 67.19 50.94 -80.13
C ILE F 1159 67.05 52.29 -80.77
N TRP F 1160 68.11 52.75 -81.46
CA TRP F 1160 68.06 54.05 -82.08
C TRP F 1160 68.15 53.80 -83.56
N ASN F 1161 67.46 54.60 -84.40
CA ASN F 1161 67.66 54.40 -85.81
C ASN F 1161 68.67 55.35 -86.37
N VAL F 1162 69.64 54.78 -87.11
CA VAL F 1162 70.75 55.52 -87.65
C VAL F 1162 70.29 56.19 -88.90
N SER F 1163 69.57 57.31 -88.73
CA SER F 1163 69.25 58.15 -89.84
C SER F 1163 69.38 59.56 -89.35
N ASN F 1164 70.64 60.01 -89.19
CA ASN F 1164 71.02 61.26 -88.61
C ASN F 1164 70.79 61.25 -87.13
N GLY F 1165 69.62 60.77 -86.68
CA GLY F 1165 69.42 60.66 -85.26
C GLY F 1165 68.00 61.00 -84.91
N GLU F 1166 67.40 60.20 -84.00
CA GLU F 1166 66.04 60.32 -83.58
C GLU F 1166 65.93 59.71 -82.20
N LEU F 1167 64.68 59.64 -81.71
CA LEU F 1167 64.13 59.06 -80.51
C LEU F 1167 63.45 57.70 -80.45
N LEU F 1168 63.79 56.68 -81.29
CA LEU F 1168 63.25 55.33 -81.39
C LEU F 1168 63.11 54.51 -80.11
N HIS F 1169 62.11 53.59 -80.10
CA HIS F 1169 61.66 52.84 -78.95
C HIS F 1169 62.77 52.20 -78.13
N LEU F 1170 62.52 52.29 -76.80
CA LEU F 1170 63.15 51.90 -75.56
C LEU F 1170 63.02 50.45 -75.15
N CYS F 1171 62.74 49.47 -76.05
CA CYS F 1171 62.44 48.10 -75.68
C CYS F 1171 63.32 47.56 -74.58
N ALA F 1172 62.74 47.39 -73.37
CA ALA F 1172 63.46 46.72 -72.32
C ALA F 1172 62.50 45.94 -71.46
N PRO F 1173 62.03 44.84 -71.98
CA PRO F 1173 61.08 44.05 -71.24
C PRO F 1173 61.60 43.66 -69.89
N LEU F 1174 60.89 44.11 -68.84
CA LEU F 1174 61.18 43.79 -67.47
C LEU F 1174 59.82 43.58 -66.91
N SER F 1175 59.75 43.00 -65.70
CA SER F 1175 58.54 43.06 -64.89
C SER F 1175 58.65 42.30 -63.57
N GLU F 1176 58.29 41.01 -63.59
CA GLU F 1176 57.83 40.37 -64.80
C GLU F 1176 58.03 38.87 -64.75
N GLU F 1177 57.62 38.26 -63.63
CA GLU F 1177 57.75 36.82 -63.45
C GLU F 1177 56.80 36.06 -64.37
N GLY F 1178 55.70 36.70 -64.75
CA GLY F 1178 54.72 36.09 -65.62
C GLY F 1178 55.35 35.30 -66.75
N ALA F 1179 56.61 35.59 -67.04
CA ALA F 1179 57.34 34.90 -68.09
C ALA F 1179 58.84 35.10 -67.96
N ALA F 1180 59.26 35.71 -66.84
CA ALA F 1180 60.66 35.97 -66.59
C ALA F 1180 61.03 37.42 -66.89
N THR F 1181 61.54 38.12 -65.88
CA THR F 1181 61.93 39.49 -66.03
C THR F 1181 63.31 39.36 -66.53
N HIS F 1182 63.84 40.22 -67.42
CA HIS F 1182 65.20 39.80 -67.41
C HIS F 1182 65.71 40.31 -66.09
N GLY F 1183 66.72 39.61 -65.59
CA GLY F 1183 67.41 39.80 -64.35
C GLY F 1183 67.90 41.20 -64.20
N GLY F 1184 68.31 41.82 -65.32
CA GLY F 1184 68.70 43.19 -65.28
C GLY F 1184 70.11 43.24 -65.79
N TRP F 1185 70.52 44.41 -66.31
CA TRP F 1185 71.82 44.54 -66.89
C TRP F 1185 71.91 43.65 -68.11
N VAL F 1186 72.86 43.97 -69.02
CA VAL F 1186 73.08 43.24 -70.22
C VAL F 1186 74.57 43.28 -70.39
N THR F 1187 75.15 42.11 -70.69
CA THR F 1187 76.54 41.92 -71.03
C THR F 1187 76.78 41.70 -72.50
N ASP F 1188 75.79 41.23 -73.29
CA ASP F 1188 76.12 41.18 -74.70
C ASP F 1188 74.88 41.26 -75.53
N LEU F 1189 75.04 41.69 -76.80
CA LEU F 1189 73.95 41.89 -77.72
C LEU F 1189 74.28 41.16 -79.00
N CYS F 1190 73.29 40.46 -79.59
CA CYS F 1190 73.50 39.86 -80.88
C CYS F 1190 72.24 39.92 -81.66
N PHE F 1191 72.23 40.69 -82.77
CA PHE F 1191 71.04 40.83 -83.56
C PHE F 1191 70.87 39.56 -84.34
N SER F 1192 69.61 39.14 -84.55
CA SER F 1192 69.33 37.93 -85.25
C SER F 1192 69.60 38.18 -86.70
N PRO F 1193 69.88 37.17 -87.50
CA PRO F 1193 70.18 37.38 -88.88
C PRO F 1193 69.04 38.08 -89.56
N ASP F 1194 67.80 37.85 -89.09
CA ASP F 1194 66.64 38.44 -89.67
C ASP F 1194 66.66 39.92 -89.49
N GLY F 1195 67.23 40.41 -88.37
CA GLY F 1195 67.26 41.82 -88.07
C GLY F 1195 66.07 42.16 -87.22
N LYS F 1196 65.17 41.18 -87.00
CA LYS F 1196 63.98 41.35 -86.23
C LYS F 1196 64.13 41.13 -84.74
N MET F 1197 64.99 40.20 -84.31
CA MET F 1197 65.12 40.00 -82.89
C MET F 1197 66.47 40.44 -82.43
N LEU F 1198 66.56 40.81 -81.15
CA LEU F 1198 67.80 41.18 -80.54
C LEU F 1198 68.06 40.23 -79.40
N ILE F 1199 69.08 39.37 -79.52
CA ILE F 1199 69.35 38.46 -78.43
C ILE F 1199 70.08 39.25 -77.38
N SER F 1200 69.54 39.25 -76.14
CA SER F 1200 70.19 39.91 -75.06
C SER F 1200 70.76 38.91 -74.11
N ALA F 1201 72.03 39.12 -73.70
CA ALA F 1201 72.66 38.19 -72.80
C ALA F 1201 73.12 38.94 -71.59
N GLY F 1202 73.18 38.25 -70.44
CA GLY F 1202 73.45 38.88 -69.17
C GLY F 1202 73.31 37.82 -68.12
N GLY F 1203 72.31 37.88 -67.22
CA GLY F 1203 72.15 36.86 -66.22
C GLY F 1203 71.93 35.59 -66.97
N TYR F 1204 71.11 35.71 -68.02
CA TYR F 1204 70.80 34.60 -68.88
C TYR F 1204 70.42 35.18 -70.22
N ILE F 1205 70.24 34.31 -71.23
CA ILE F 1205 69.97 34.73 -72.58
C ILE F 1205 68.48 34.87 -72.73
N LYS F 1206 68.01 36.07 -73.13
CA LYS F 1206 66.59 36.24 -73.41
C LYS F 1206 66.47 36.98 -74.72
N TRP F 1207 65.61 36.47 -75.65
CA TRP F 1207 65.49 37.06 -76.96
C TRP F 1207 64.48 38.18 -76.91
N TRP F 1208 64.89 39.43 -77.25
CA TRP F 1208 63.96 40.51 -77.29
C TRP F 1208 63.58 40.82 -78.71
N ASN F 1209 62.46 41.56 -78.89
CA ASN F 1209 61.97 41.95 -80.19
C ASN F 1209 62.38 43.37 -80.42
N VAL F 1210 62.95 43.67 -81.60
CA VAL F 1210 63.38 45.01 -81.86
C VAL F 1210 62.16 45.88 -81.92
N VAL F 1211 62.25 47.04 -81.23
CA VAL F 1211 61.13 47.94 -81.11
C VAL F 1211 59.89 47.25 -80.63
N THR F 1212 59.76 47.16 -79.29
CA THR F 1212 58.58 46.69 -78.60
C THR F 1212 58.47 45.19 -78.70
N GLY F 1213 58.36 44.55 -77.52
CA GLY F 1213 58.11 43.15 -77.44
C GLY F 1213 59.37 42.43 -77.08
N GLU F 1214 59.23 41.13 -76.73
CA GLU F 1214 60.32 40.24 -76.47
C GLU F 1214 60.10 39.07 -77.38
N SER F 1215 60.74 37.92 -77.07
CA SER F 1215 60.52 36.76 -77.88
C SER F 1215 60.70 35.53 -77.03
N SER F 1216 61.74 34.72 -77.36
CA SER F 1216 62.09 33.57 -76.58
C SER F 1216 62.47 34.06 -75.22
N GLN F 1217 61.58 33.76 -74.29
CA GLN F 1217 61.60 33.98 -72.88
C GLN F 1217 62.34 32.85 -72.24
N THR F 1218 62.46 31.76 -73.00
CA THR F 1218 63.03 30.49 -72.62
C THR F 1218 64.55 30.46 -72.63
N PHE F 1219 65.10 29.29 -72.25
CA PHE F 1219 66.47 28.94 -71.96
C PHE F 1219 67.16 29.77 -70.92
N TYR F 1220 66.96 29.38 -69.64
CA TYR F 1220 67.64 30.01 -68.55
C TYR F 1220 68.97 29.33 -68.41
N THR F 1221 70.05 30.13 -68.31
CA THR F 1221 71.37 29.59 -68.19
C THR F 1221 71.55 29.19 -66.76
N ASN F 1222 72.60 28.37 -66.49
CA ASN F 1222 72.77 27.83 -65.18
C ASN F 1222 73.38 28.92 -64.34
N GLY F 1223 74.44 29.57 -64.86
CA GLY F 1223 75.10 30.60 -64.11
C GLY F 1223 74.64 31.95 -64.57
N THR F 1224 75.41 32.99 -64.21
CA THR F 1224 75.08 34.34 -64.53
C THR F 1224 76.29 34.98 -65.15
N ASN F 1225 76.15 36.27 -65.48
CA ASN F 1225 77.20 37.11 -66.01
C ASN F 1225 77.88 36.44 -67.16
N LEU F 1226 77.11 36.18 -68.23
CA LEU F 1226 77.62 35.53 -69.39
C LEU F 1226 78.64 36.46 -69.96
N LYS F 1227 79.79 35.92 -70.40
CA LYS F 1227 80.84 36.75 -70.90
C LYS F 1227 81.02 36.40 -72.34
N LYS F 1228 80.60 37.33 -73.24
CA LYS F 1228 80.75 37.15 -74.66
C LYS F 1228 79.94 35.99 -75.14
N ILE F 1229 79.08 36.26 -76.13
CA ILE F 1229 78.25 35.25 -76.72
C ILE F 1229 78.91 34.96 -78.05
N HIS F 1230 79.25 33.68 -78.32
CA HIS F 1230 79.82 33.37 -79.61
C HIS F 1230 78.88 32.51 -80.39
N VAL F 1231 78.21 33.10 -81.39
CA VAL F 1231 77.18 32.42 -82.12
C VAL F 1231 77.86 31.81 -83.31
N SER F 1232 77.48 30.56 -83.65
CA SER F 1232 78.11 29.91 -84.76
C SER F 1232 77.67 30.59 -86.02
N PRO F 1233 78.47 30.52 -87.05
CA PRO F 1233 78.12 31.14 -88.30
C PRO F 1233 76.92 30.55 -88.97
N ASP F 1234 76.50 29.35 -88.53
CA ASP F 1234 75.32 28.71 -89.02
C ASP F 1234 74.11 29.24 -88.31
N PHE F 1235 74.30 29.83 -87.11
CA PHE F 1235 73.22 30.38 -86.35
C PHE F 1235 72.33 29.24 -85.97
N LYS F 1236 72.97 28.07 -85.77
CA LYS F 1236 72.42 26.83 -85.30
C LYS F 1236 73.04 26.36 -84.02
N THR F 1237 74.29 26.73 -83.68
CA THR F 1237 74.82 26.34 -82.40
C THR F 1237 75.34 27.54 -81.67
N TYR F 1238 75.50 27.45 -80.32
CA TYR F 1238 75.90 28.60 -79.55
C TYR F 1238 76.94 28.16 -78.54
N VAL F 1239 78.01 28.97 -78.37
CA VAL F 1239 79.01 28.64 -77.39
C VAL F 1239 79.23 29.86 -76.54
N THR F 1240 79.17 29.69 -75.19
CA THR F 1240 79.42 30.81 -74.33
C THR F 1240 79.90 30.29 -73.00
N VAL F 1241 80.12 31.21 -72.03
CA VAL F 1241 80.65 30.81 -70.76
C VAL F 1241 80.08 31.71 -69.70
N ASP F 1242 79.67 31.13 -68.56
CA ASP F 1242 79.11 31.88 -67.47
C ASP F 1242 80.18 32.19 -66.47
N ASN F 1243 79.79 32.78 -65.32
CA ASN F 1243 80.66 33.30 -64.32
C ASN F 1243 81.29 32.17 -63.58
N LEU F 1244 80.79 30.94 -63.80
CA LEU F 1244 81.27 29.79 -63.10
C LEU F 1244 82.30 29.08 -63.93
N GLY F 1245 82.44 29.48 -65.21
CA GLY F 1245 83.43 28.84 -66.03
C GLY F 1245 82.84 27.57 -66.54
N ILE F 1246 81.52 27.58 -66.76
CA ILE F 1246 80.84 26.43 -67.28
C ILE F 1246 80.71 26.61 -68.77
N LEU F 1247 81.11 25.58 -69.54
CA LEU F 1247 81.14 25.69 -70.97
C LEU F 1247 79.78 25.34 -71.53
N TYR F 1248 79.16 26.29 -72.25
CA TYR F 1248 77.89 26.04 -72.88
C TYR F 1248 78.10 25.65 -74.31
N ILE F 1249 77.80 24.37 -74.63
CA ILE F 1249 77.81 23.93 -76.00
C ILE F 1249 76.38 23.64 -76.35
N LEU F 1250 75.74 24.59 -77.05
CA LEU F 1250 74.32 24.56 -77.26
C LEU F 1250 74.03 24.26 -78.71
N GLN F 1251 73.05 23.37 -78.97
CA GLN F 1251 72.62 23.14 -80.32
C GLN F 1251 71.13 23.32 -80.34
N THR F 1252 70.60 24.12 -81.29
CA THR F 1252 69.18 24.34 -81.36
C THR F 1252 68.51 23.00 -81.47
N LEU F 1253 67.51 22.78 -80.59
CA LEU F 1253 66.78 21.55 -80.54
C LEU F 1253 65.93 21.42 -81.75
N GLU F 1254 66.12 20.31 -82.48
CA GLU F 1254 65.38 19.99 -83.68
C GLU F 1254 63.98 19.62 -83.23
N GLY G 111 49.03 15.14 30.00
CA GLY G 111 48.07 14.88 31.08
C GLY G 111 46.81 14.39 30.49
N ILE G 112 46.53 13.10 30.74
CA ILE G 112 45.35 12.49 30.23
C ILE G 112 44.28 13.08 31.05
N THR G 113 43.23 13.67 30.44
CA THR G 113 42.31 14.28 31.34
C THR G 113 41.39 13.22 31.97
N SER G 114 40.83 13.55 33.13
CA SER G 114 39.98 12.63 33.91
C SER G 114 38.81 12.13 33.08
N TYR G 115 38.32 13.01 32.23
CA TYR G 115 37.30 12.64 31.22
C TYR G 115 37.71 11.41 30.37
N VAL G 116 38.92 11.38 29.84
CA VAL G 116 39.37 10.21 29.08
C VAL G 116 39.63 9.03 30.01
N ARG G 117 40.22 9.31 31.18
CA ARG G 117 40.50 8.26 32.12
C ARG G 117 39.24 7.42 32.45
N THR G 118 38.08 8.07 32.52
CA THR G 118 36.79 7.37 32.72
C THR G 118 36.18 6.79 31.44
N VAL G 119 36.16 7.57 30.37
CA VAL G 119 35.56 7.13 29.12
C VAL G 119 36.24 5.88 28.54
N LEU G 120 37.54 5.68 28.79
CA LEU G 120 38.25 4.52 28.22
C LEU G 120 37.67 3.22 28.68
N CYS G 121 36.98 3.25 29.82
CA CYS G 121 36.33 2.05 30.34
C CYS G 121 35.23 1.54 29.42
N GLU G 122 34.57 2.43 28.70
CA GLU G 122 33.57 2.07 27.68
C GLU G 122 34.16 1.92 26.29
N GLY G 123 35.00 2.88 25.90
CA GLY G 123 35.73 2.82 24.67
C GLY G 123 35.01 3.59 23.61
N GLY G 124 35.73 4.56 23.02
CA GLY G 124 35.12 5.19 21.91
C GLY G 124 35.73 4.48 20.77
N VAL G 125 36.91 3.90 21.06
CA VAL G 125 37.71 3.10 20.21
C VAL G 125 38.06 1.81 20.90
N PRO G 126 38.44 0.74 20.21
CA PRO G 126 38.75 -0.49 20.90
C PRO G 126 39.99 -0.35 21.71
N GLN G 127 40.11 -1.16 22.78
CA GLN G 127 41.23 -1.04 23.65
C GLN G 127 42.06 -2.27 23.51
N ARG G 128 43.25 -2.14 24.11
CA ARG G 128 44.29 -3.13 24.16
C ARG G 128 43.78 -4.31 24.92
N PRO G 129 44.36 -5.39 24.48
CA PRO G 129 44.26 -6.71 25.02
C PRO G 129 44.46 -6.74 26.50
N VAL G 130 44.03 -7.88 27.08
CA VAL G 130 44.28 -8.43 28.40
C VAL G 130 45.67 -8.95 28.47
N VAL G 131 46.14 -9.64 27.41
CA VAL G 131 47.54 -10.04 27.40
C VAL G 131 48.25 -9.39 26.25
N PHE G 132 49.21 -8.50 26.57
CA PHE G 132 50.03 -7.72 25.64
C PHE G 132 51.31 -7.31 26.20
N VAL G 133 52.08 -6.97 25.14
CA VAL G 133 53.39 -6.42 25.05
C VAL G 133 53.26 -5.17 24.23
N THR G 134 53.75 -4.08 24.83
CA THR G 134 53.72 -2.77 24.25
C THR G 134 54.74 -2.82 23.20
N ARG G 135 54.35 -2.33 22.03
CA ARG G 135 55.31 -2.36 21.00
C ARG G 135 56.09 -1.11 21.15
N LYS G 136 57.15 -1.15 22.01
CA LYS G 136 57.84 0.10 22.33
C LYS G 136 58.48 0.77 21.12
N LYS G 137 58.85 -0.02 20.13
CA LYS G 137 59.50 0.52 18.94
C LYS G 137 58.55 1.39 18.12
N LEU G 138 57.25 1.14 18.23
CA LEU G 138 56.27 1.86 17.38
C LEU G 138 55.51 2.95 18.17
N VAL G 139 55.30 2.75 19.47
CA VAL G 139 54.47 3.67 20.24
C VAL G 139 54.99 5.10 20.12
N ASN G 140 56.26 5.32 20.47
CA ASN G 140 56.87 6.66 20.37
C ASN G 140 56.96 7.23 18.95
N ALA G 141 57.38 6.45 17.97
CA ALA G 141 57.46 6.96 16.60
C ALA G 141 56.08 7.34 15.98
N ILE G 142 55.06 6.54 16.27
CA ILE G 142 53.72 6.80 15.73
C ILE G 142 53.17 8.11 16.31
N GLN G 143 53.43 8.32 17.59
CA GLN G 143 53.04 9.55 18.29
C GLN G 143 53.72 10.78 17.68
N GLN G 144 55.01 10.64 17.43
CA GLN G 144 55.81 11.67 16.78
C GLN G 144 55.38 11.94 15.34
N LYS G 145 54.91 10.90 14.63
CA LYS G 145 54.39 11.08 13.24
C LYS G 145 52.97 11.67 13.23
N LEU G 146 52.17 11.36 14.24
CA LEU G 146 50.81 11.94 14.33
C LEU G 146 50.85 13.45 14.53
N SER G 147 51.84 13.92 15.28
CA SER G 147 52.04 15.34 15.51
C SER G 147 52.45 16.07 14.22
N LYS G 148 52.89 15.36 13.21
CA LYS G 148 53.25 16.02 11.95
C LYS G 148 52.05 16.63 11.19
N LEU G 149 50.83 16.28 11.57
CA LEU G 149 49.66 16.92 11.00
C LEU G 149 49.66 18.42 11.34
N LYS G 150 50.12 18.77 12.54
CA LYS G 150 50.17 20.17 13.01
C LYS G 150 48.85 20.93 12.87
N GLY G 151 47.73 20.24 13.04
CA GLY G 151 46.42 20.88 12.90
C GLY G 151 45.91 20.99 11.46
N GLU G 152 46.68 20.46 10.51
CA GLU G 152 46.34 20.51 9.09
C GLU G 152 45.72 19.18 8.70
N PRO G 153 44.93 19.15 7.60
CA PRO G 153 44.35 17.92 7.11
C PRO G 153 45.37 16.81 6.80
N GLY G 154 44.89 15.58 6.78
CA GLY G 154 45.72 14.46 6.40
C GLY G 154 45.00 13.17 6.58
N TRP G 155 45.57 12.13 5.99
CA TRP G 155 44.99 10.80 5.99
C TRP G 155 45.93 9.84 6.68
N VAL G 156 45.48 9.29 7.80
CA VAL G 156 46.29 8.36 8.58
C VAL G 156 45.65 6.98 8.37
N THR G 157 46.45 6.04 7.90
CA THR G 157 45.94 4.71 7.59
C THR G 157 46.76 3.62 8.30
N ILE G 158 46.03 2.71 8.95
CA ILE G 158 46.61 1.57 9.64
C ILE G 158 46.08 0.35 8.92
N HIS G 159 46.96 -0.63 8.72
CA HIS G 159 46.56 -1.78 7.91
C HIS G 159 46.70 -3.12 8.64
N GLY G 160 45.89 -4.08 8.19
CA GLY G 160 45.88 -5.43 8.72
C GLY G 160 44.52 -6.08 8.57
N MET G 161 44.44 -7.33 8.97
CA MET G 161 43.21 -8.09 8.89
C MET G 161 42.62 -8.39 10.28
N ALA G 162 41.33 -8.71 10.26
CA ALA G 162 40.59 -9.09 11.46
C ALA G 162 41.29 -10.24 12.21
N GLY G 163 41.58 -10.01 13.47
CA GLY G 163 42.32 -10.97 14.28
C GLY G 163 43.84 -10.96 14.23
N CYS G 164 44.44 -9.94 13.62
CA CYS G 164 45.90 -9.92 13.51
C CYS G 164 46.56 -8.78 14.27
N GLY G 165 45.81 -8.14 15.16
CA GLY G 165 46.31 -7.10 16.05
C GLY G 165 46.32 -5.69 15.45
N LYS G 166 45.44 -5.41 14.48
CA LYS G 166 45.35 -4.09 13.86
C LYS G 166 44.89 -2.99 14.86
N SER G 167 43.89 -3.31 15.65
CA SER G 167 43.44 -2.38 16.67
C SER G 167 44.40 -2.43 17.86
N VAL G 168 45.03 -3.57 18.07
CA VAL G 168 45.97 -3.70 19.19
C VAL G 168 47.12 -2.70 19.06
N LEU G 169 47.68 -2.58 17.85
CA LEU G 169 48.73 -1.60 17.58
C LEU G 169 48.33 -0.17 17.99
N ALA G 170 47.20 0.30 17.49
CA ALA G 170 46.73 1.65 17.76
C ALA G 170 46.48 1.91 19.25
N ALA G 171 45.95 0.90 19.92
CA ALA G 171 45.64 1.01 21.36
C ALA G 171 46.86 1.42 22.20
N GLU G 172 48.02 0.80 21.99
CA GLU G 172 49.24 1.17 22.71
C GLU G 172 49.94 2.39 22.15
N ALA G 173 49.90 2.53 20.84
CA ALA G 173 50.61 3.61 20.18
C ALA G 173 50.08 5.01 20.56
N VAL G 174 48.77 5.16 20.68
CA VAL G 174 48.14 6.45 20.97
C VAL G 174 47.78 6.67 22.43
N ARG G 175 48.53 6.10 23.41
CA ARG G 175 48.18 6.27 24.79
C ARG G 175 48.36 7.68 25.22
N ASP G 176 49.17 8.50 24.51
CA ASP G 176 49.44 9.93 24.73
C ASP G 176 48.20 10.72 24.43
N HIS G 177 47.51 11.28 25.45
CA HIS G 177 46.34 12.14 25.20
C HIS G 177 46.66 13.52 24.59
N SER G 178 47.63 14.21 25.18
CA SER G 178 48.00 15.56 24.76
C SER G 178 48.35 15.62 23.27
N LEU G 179 48.83 14.50 22.73
CA LEU G 179 49.05 14.38 21.30
C LEU G 179 47.85 14.83 20.47
N LEU G 180 46.67 14.30 20.82
CA LEU G 180 45.48 14.56 20.01
C LEU G 180 44.49 15.42 20.75
N GLU G 181 44.84 15.81 21.97
CA GLU G 181 44.01 16.68 22.79
C GLU G 181 43.59 17.93 22.00
N GLY G 182 44.56 18.58 21.35
CA GLY G 182 44.28 19.74 20.55
C GLY G 182 43.81 19.51 19.14
N CYS G 183 43.74 18.25 18.73
CA CYS G 183 43.28 17.91 17.39
C CYS G 183 41.82 17.58 17.29
N PHE G 184 41.28 16.79 18.23
CA PHE G 184 39.87 16.45 18.24
C PHE G 184 39.18 16.59 19.58
N PRO G 185 38.99 17.84 20.04
CA PRO G 185 38.26 18.11 21.29
C PRO G 185 36.84 17.50 21.37
N GLY G 186 36.20 17.27 20.22
CA GLY G 186 34.84 16.77 20.16
C GLY G 186 34.71 15.26 20.26
N GLY G 187 35.84 14.56 20.38
CA GLY G 187 35.87 13.12 20.61
C GLY G 187 36.24 12.31 19.40
N VAL G 188 36.46 11.02 19.64
CA VAL G 188 36.88 10.08 18.62
C VAL G 188 35.88 8.96 18.64
N HIS G 189 35.37 8.60 17.46
CA HIS G 189 34.36 7.54 17.37
C HIS G 189 34.83 6.52 16.36
N TRP G 190 34.88 5.25 16.79
CA TRP G 190 35.22 4.16 15.94
C TRP G 190 34.02 3.45 15.40
N VAL G 191 33.76 3.58 14.10
CA VAL G 191 32.58 3.04 13.48
C VAL G 191 32.98 1.96 12.47
N SER G 192 32.40 0.78 12.63
CA SER G 192 32.66 -0.35 11.74
C SER G 192 31.99 -0.06 10.39
N VAL G 193 32.73 -0.25 9.30
CA VAL G 193 32.18 -0.05 7.98
C VAL G 193 32.09 -1.41 7.26
N GLY G 194 33.23 -2.06 7.11
CA GLY G 194 33.32 -3.34 6.42
C GLY G 194 33.14 -3.24 4.92
N LYS G 195 33.02 -4.40 4.30
CA LYS G 195 32.83 -4.50 2.84
C LYS G 195 31.36 -4.24 2.52
N GLN G 196 31.10 -3.09 1.90
CA GLN G 196 29.74 -2.73 1.53
C GLN G 196 29.68 -2.44 0.03
N ASP G 197 28.53 -2.80 -0.56
CA ASP G 197 28.21 -2.44 -1.94
C ASP G 197 27.45 -1.10 -1.90
N LYS G 198 26.95 -0.63 -3.03
CA LYS G 198 26.27 0.66 -3.11
C LYS G 198 25.10 0.77 -2.15
N SER G 199 24.25 -0.24 -2.11
CA SER G 199 23.08 -0.20 -1.22
C SER G 199 23.51 -0.28 0.25
N GLY G 200 24.62 -0.96 0.51
CA GLY G 200 25.23 -0.99 1.84
C GLY G 200 25.80 0.35 2.26
N LEU G 201 26.38 1.07 1.32
CA LEU G 201 26.84 2.43 1.64
C LEU G 201 25.66 3.32 1.97
N LEU G 202 24.56 3.19 1.21
CA LEU G 202 23.36 3.98 1.49
C LEU G 202 22.77 3.67 2.86
N MET G 203 22.70 2.38 3.20
CA MET G 203 22.17 1.99 4.53
C MET G 203 23.10 2.48 5.62
N LYS G 204 24.41 2.42 5.39
CA LYS G 204 25.41 2.95 6.33
C LYS G 204 25.30 4.47 6.51
N LEU G 205 25.05 5.20 5.43
CA LEU G 205 24.82 6.65 5.53
C LEU G 205 23.55 7.01 6.32
N GLN G 206 22.48 6.21 6.15
CA GLN G 206 21.27 6.39 6.94
C GLN G 206 21.53 6.12 8.44
N ASN G 207 22.36 5.13 8.72
CA ASN G 207 22.80 4.84 10.09
C ASN G 207 23.68 5.96 10.69
N LEU G 208 24.58 6.51 9.88
CA LEU G 208 25.44 7.59 10.32
C LEU G 208 24.65 8.83 10.69
N CYS G 209 23.59 9.14 9.93
CA CYS G 209 22.74 10.27 10.29
C CYS G 209 22.17 10.11 11.71
N THR G 210 21.67 8.91 12.01
CA THR G 210 21.11 8.62 13.33
C THR G 210 22.20 8.77 14.43
N ARG G 211 23.40 8.31 14.13
CA ARG G 211 24.51 8.33 15.09
C ARG G 211 24.86 9.71 15.60
N LEU G 212 24.62 10.74 14.78
CA LEU G 212 24.93 12.11 15.16
C LEU G 212 23.83 12.78 15.95
N ASP G 213 22.69 12.10 16.13
CA ASP G 213 21.55 12.63 16.88
C ASP G 213 21.09 11.57 17.88
N GLN G 214 21.89 11.37 18.91
CA GLN G 214 21.62 10.27 19.84
C GLN G 214 20.35 10.54 20.65
N ASP G 215 20.04 11.81 20.89
CA ASP G 215 18.87 12.18 21.72
C ASP G 215 17.60 12.46 20.91
N GLU G 216 17.65 12.17 19.62
CA GLU G 216 16.51 12.40 18.70
C GLU G 216 15.97 13.84 18.70
N SER G 217 16.87 14.82 18.75
CA SER G 217 16.48 16.24 18.77
C SER G 217 15.98 16.75 17.41
N PHE G 218 16.32 16.01 16.35
CA PHE G 218 15.89 16.32 14.98
C PHE G 218 14.95 15.20 14.52
N SER G 219 14.33 15.34 13.35
CA SER G 219 13.40 14.31 12.82
C SER G 219 13.97 12.89 12.80
N GLN G 220 13.13 11.90 13.09
CA GLN G 220 13.53 10.50 13.09
C GLN G 220 13.65 9.95 11.66
N ARG G 221 13.27 10.76 10.67
CA ARG G 221 13.35 10.36 9.28
C ARG G 221 14.80 10.33 8.79
N LEU G 222 15.06 9.50 7.80
CA LEU G 222 16.42 9.26 7.31
C LEU G 222 16.65 9.78 5.90
N PRO G 223 17.92 10.00 5.53
CA PRO G 223 18.17 10.55 4.20
C PRO G 223 17.70 9.52 3.17
N LEU G 224 17.31 9.99 1.99
CA LEU G 224 16.75 9.09 0.96
C LEU G 224 17.75 8.66 -0.08
N ASN G 225 18.86 9.36 -0.17
CA ASN G 225 19.88 9.09 -1.16
C ASN G 225 21.25 9.59 -0.68
N ILE G 226 22.30 9.33 -1.43
CA ILE G 226 23.64 9.66 -0.98
C ILE G 226 23.90 11.17 -0.91
N GLU G 227 23.41 11.91 -1.89
CA GLU G 227 23.61 13.36 -1.97
C GLU G 227 23.01 14.04 -0.73
N GLU G 228 21.79 13.65 -0.37
CA GLU G 228 21.13 14.14 0.84
C GLU G 228 21.86 13.77 2.13
N ALA G 229 22.30 12.51 2.22
CA ALA G 229 23.05 12.04 3.38
C ALA G 229 24.35 12.84 3.57
N LYS G 230 25.03 13.14 2.46
CA LYS G 230 26.25 13.94 2.47
C LYS G 230 25.95 15.29 3.14
N ASP G 231 24.90 15.94 2.66
CA ASP G 231 24.45 17.21 3.21
C ASP G 231 24.04 17.17 4.71
N ARG G 232 23.27 16.15 5.10
CA ARG G 232 22.84 16.08 6.49
C ARG G 232 24.04 15.86 7.42
N LEU G 233 24.97 15.01 7.02
CA LEU G 233 26.11 14.68 7.85
C LEU G 233 27.00 15.90 7.98
N ARG G 234 27.16 16.63 6.88
CA ARG G 234 27.97 17.84 6.85
C ARG G 234 27.43 18.87 7.84
N ILE G 235 26.12 19.11 7.79
CA ILE G 235 25.49 20.10 8.68
C ILE G 235 25.67 19.72 10.16
N LEU G 236 25.44 18.44 10.48
CA LEU G 236 25.58 18.00 11.87
C LEU G 236 27.06 18.02 12.32
N MET G 237 27.99 17.70 11.43
CA MET G 237 29.42 17.72 11.78
C MET G 237 29.98 19.13 11.79
N LEU G 238 29.28 20.00 11.10
CA LEU G 238 29.64 21.40 11.05
C LEU G 238 29.20 22.13 12.33
N ARG G 239 27.95 21.89 12.74
CA ARG G 239 27.37 22.65 13.84
C ARG G 239 27.32 21.95 15.17
N LYS G 240 27.17 20.63 15.18
CA LYS G 240 26.99 19.91 16.44
C LYS G 240 28.19 19.08 16.80
N HIS G 241 28.91 18.60 15.80
CA HIS G 241 30.06 17.74 16.05
C HIS G 241 31.30 18.20 15.32
N PRO G 242 31.60 19.51 15.38
CA PRO G 242 32.81 19.98 14.74
C PRO G 242 34.01 19.57 15.59
N ARG G 243 35.19 19.50 14.98
CA ARG G 243 36.43 19.13 15.69
C ARG G 243 36.45 17.74 16.33
N SER G 244 36.02 16.74 15.57
CA SER G 244 35.91 15.37 16.01
C SER G 244 36.38 14.41 14.96
N LEU G 245 36.68 13.19 15.37
CA LEU G 245 37.23 12.20 14.48
C LEU G 245 36.27 11.01 14.30
N LEU G 246 35.94 10.74 13.03
CA LEU G 246 35.17 9.59 12.63
C LEU G 246 36.13 8.57 12.01
N ILE G 247 36.29 7.43 12.64
CA ILE G 247 37.19 6.39 12.17
C ILE G 247 36.42 5.32 11.41
N LEU G 248 36.87 5.04 10.18
CA LEU G 248 36.25 4.05 9.29
C LEU G 248 36.98 2.73 9.40
N ASP G 249 36.36 1.77 10.08
CA ASP G 249 37.00 0.47 10.28
C ASP G 249 36.73 -0.45 9.12
N ASP G 250 37.79 -1.10 8.62
CA ASP G 250 37.72 -2.05 7.52
C ASP G 250 37.19 -1.50 6.19
N VAL G 251 38.00 -0.65 5.58
CA VAL G 251 37.73 -0.07 4.29
C VAL G 251 38.21 -1.08 3.26
N TRP G 252 37.35 -1.44 2.31
CA TRP G 252 37.70 -2.41 1.25
C TRP G 252 37.51 -1.90 -0.16
N ASP G 253 36.59 -0.97 -0.34
CA ASP G 253 36.21 -0.55 -1.68
C ASP G 253 36.34 0.96 -1.88
N SER G 254 36.97 1.34 -2.98
CA SER G 254 37.18 2.75 -3.30
C SER G 254 35.87 3.51 -3.59
N TRP G 255 34.81 2.76 -3.96
CA TRP G 255 33.48 3.34 -4.13
C TRP G 255 33.04 4.04 -2.86
N VAL G 256 33.34 3.46 -1.72
CA VAL G 256 32.99 4.11 -0.44
C VAL G 256 33.81 5.38 -0.23
N LEU G 257 35.11 5.27 -0.45
CA LEU G 257 36.05 6.37 -0.25
C LEU G 257 35.75 7.60 -1.12
N LYS G 258 35.13 7.37 -2.28
CA LYS G 258 34.66 8.43 -3.18
C LYS G 258 33.83 9.52 -2.46
N ALA G 259 33.10 9.10 -1.42
CA ALA G 259 32.19 10.01 -0.70
C ALA G 259 32.88 10.71 0.48
N PHE G 260 34.12 10.32 0.74
CA PHE G 260 34.93 10.81 1.88
C PHE G 260 36.19 11.55 1.48
N ASP G 261 36.60 11.44 0.22
CA ASP G 261 37.81 12.09 -0.25
C ASP G 261 37.58 13.60 -0.38
N SER G 262 37.75 14.32 0.73
CA SER G 262 37.51 15.76 0.76
C SER G 262 38.61 16.54 1.47
N GLN G 263 39.82 15.96 1.50
CA GLN G 263 41.01 16.58 2.09
C GLN G 263 40.79 17.01 3.56
N CYS G 264 40.28 16.07 4.36
CA CYS G 264 40.05 16.25 5.81
C CYS G 264 40.90 15.27 6.60
N GLN G 265 41.01 15.56 7.90
CA GLN G 265 41.73 14.70 8.83
C GLN G 265 40.93 13.43 9.02
N ILE G 266 41.40 12.37 8.37
CA ILE G 266 40.69 11.09 8.42
C ILE G 266 41.60 9.93 8.83
N LEU G 267 41.16 9.19 9.84
CA LEU G 267 41.86 8.02 10.31
C LEU G 267 40.98 6.85 9.90
N LEU G 268 41.57 5.86 9.27
CA LEU G 268 40.84 4.66 8.87
C LEU G 268 41.74 3.45 8.87
N THR G 269 41.11 2.27 8.92
CA THR G 269 41.82 1.01 8.89
C THR G 269 41.42 0.27 7.65
N THR G 270 42.37 -0.47 7.10
CA THR G 270 42.19 -1.13 5.81
C THR G 270 43.14 -2.29 5.63
N ARG G 271 43.13 -2.89 4.45
CA ARG G 271 44.02 -4.05 4.18
C ARG G 271 45.45 -3.59 3.90
N ASP G 272 45.62 -2.39 3.35
CA ASP G 272 46.93 -1.90 2.91
C ASP G 272 47.05 -0.38 3.13
N LYS G 273 48.10 0.03 3.83
CA LYS G 273 48.41 1.44 4.00
C LYS G 273 48.49 2.25 2.71
N SER G 274 48.67 1.59 1.57
CA SER G 274 48.68 2.29 0.27
C SER G 274 47.37 2.99 -0.06
N VAL G 275 46.27 2.68 0.65
CA VAL G 275 44.99 3.37 0.39
C VAL G 275 45.09 4.90 0.41
N THR G 276 46.03 5.43 1.18
CA THR G 276 46.23 6.86 1.27
C THR G 276 46.51 7.54 -0.09
N ASP G 277 47.01 6.76 -1.06
CA ASP G 277 47.29 7.27 -2.42
C ASP G 277 46.05 7.59 -3.26
N SER G 278 44.93 6.96 -2.95
CA SER G 278 43.70 7.19 -3.75
C SER G 278 42.93 8.42 -3.29
N VAL G 279 43.39 9.03 -2.21
CA VAL G 279 42.72 10.16 -1.61
C VAL G 279 43.72 11.32 -1.55
N MET G 280 43.20 12.53 -1.40
CA MET G 280 44.01 13.73 -1.38
C MET G 280 44.20 14.29 -0.01
N GLY G 281 45.42 14.73 0.27
CA GLY G 281 45.80 15.30 1.56
C GLY G 281 47.07 14.61 2.00
N PRO G 282 47.82 15.21 2.94
CA PRO G 282 49.07 14.65 3.48
C PRO G 282 48.85 13.25 4.02
N LYS G 283 49.69 12.32 3.61
CA LYS G 283 49.51 10.90 3.88
C LYS G 283 50.48 10.48 4.96
N TYR G 284 49.96 9.72 5.92
CA TYR G 284 50.76 9.17 7.01
C TYR G 284 50.39 7.72 7.19
N VAL G 285 51.39 6.87 7.26
CA VAL G 285 51.20 5.44 7.35
C VAL G 285 52.15 4.84 8.38
N VAL G 286 51.86 3.61 8.78
CA VAL G 286 52.70 2.85 9.70
C VAL G 286 53.13 1.57 9.00
N PRO G 287 54.42 1.43 9.01
CA PRO G 287 55.12 0.39 8.31
C PRO G 287 55.13 -0.87 9.10
N VAL G 288 54.95 -0.71 10.42
CA VAL G 288 54.88 -1.62 11.54
C VAL G 288 56.10 -2.48 11.70
N GLU G 289 57.21 -1.73 11.80
CA GLU G 289 58.48 -2.32 11.88
C GLU G 289 58.81 -2.45 13.29
N SER G 290 58.28 -3.57 13.82
CA SER G 290 58.45 -4.05 15.14
C SER G 290 57.89 -5.44 15.19
N SER G 291 58.50 -6.27 16.05
CA SER G 291 58.07 -7.61 16.29
C SER G 291 58.43 -7.92 17.68
N LEU G 292 57.91 -9.04 18.18
CA LEU G 292 58.22 -9.32 19.54
C LEU G 292 59.21 -10.40 19.48
N GLY G 293 60.05 -10.47 20.53
CA GLY G 293 61.14 -11.39 20.63
C GLY G 293 60.80 -12.44 21.66
N LYS G 294 61.86 -13.12 22.14
CA LYS G 294 61.71 -14.23 23.09
C LYS G 294 61.10 -13.83 24.42
N GLU G 295 61.75 -12.92 25.13
CA GLU G 295 61.27 -12.52 26.45
C GLU G 295 59.91 -11.85 26.42
N LYS G 296 59.65 -11.15 25.34
CA LYS G 296 58.34 -10.52 25.14
C LYS G 296 57.25 -11.58 24.94
N GLY G 297 57.58 -12.63 24.18
CA GLY G 297 56.69 -13.77 24.02
C GLY G 297 56.52 -14.54 25.31
N LEU G 298 57.57 -14.58 26.13
CA LEU G 298 57.51 -15.22 27.46
C LEU G 298 56.63 -14.44 28.44
N GLU G 299 56.63 -13.11 28.32
CA GLU G 299 55.71 -12.26 29.08
C GLU G 299 54.27 -12.52 28.65
N ILE G 300 54.05 -12.69 27.33
CA ILE G 300 52.72 -13.05 26.87
C ILE G 300 52.27 -14.37 27.49
N LEU G 301 53.13 -15.39 27.42
CA LEU G 301 52.84 -16.69 28.01
C LEU G 301 52.54 -16.58 29.51
N SER G 302 53.42 -15.90 30.26
CA SER G 302 53.28 -15.76 31.69
C SER G 302 51.88 -15.25 32.06
N LEU G 303 51.37 -14.28 31.31
CA LEU G 303 50.06 -13.71 31.60
C LEU G 303 48.96 -14.70 31.26
N PHE G 304 49.17 -15.53 30.25
CA PHE G 304 48.16 -16.50 29.82
C PHE G 304 48.03 -17.65 30.83
N VAL G 305 49.15 -18.18 31.34
CA VAL G 305 49.14 -19.41 32.17
C VAL G 305 49.53 -19.17 33.64
N ASN G 306 49.94 -17.91 33.89
CA ASN G 306 50.33 -17.42 35.17
C ASN G 306 51.48 -18.23 35.69
N MET G 307 52.51 -18.45 34.85
CA MET G 307 53.68 -19.20 35.26
C MET G 307 54.83 -18.25 35.12
N LYS G 308 55.92 -18.36 35.92
CA LYS G 308 56.93 -17.39 35.60
C LYS G 308 57.60 -17.85 34.35
N LYS G 309 58.22 -16.95 33.59
CA LYS G 309 58.84 -17.51 32.41
C LYS G 309 59.87 -18.59 32.78
N ALA G 310 60.50 -18.42 33.95
CA ALA G 310 61.43 -19.41 34.53
C ALA G 310 60.77 -20.76 34.87
N ASP G 311 59.47 -20.74 35.10
CA ASP G 311 58.70 -21.96 35.41
C ASP G 311 58.28 -22.71 34.17
N LEU G 312 58.42 -22.08 32.99
CA LEU G 312 58.01 -22.70 31.78
C LEU G 312 59.08 -23.66 31.35
N PRO G 313 58.56 -24.79 30.96
CA PRO G 313 59.27 -25.86 30.36
C PRO G 313 60.04 -25.41 29.19
N GLU G 314 61.14 -26.14 29.00
CA GLU G 314 62.10 -26.07 27.90
C GLU G 314 61.47 -26.04 26.53
N GLN G 315 60.40 -26.81 26.36
CA GLN G 315 59.63 -26.87 25.12
C GLN G 315 58.97 -25.54 24.81
N ALA G 316 58.54 -24.82 25.84
CA ALA G 316 57.97 -23.49 25.67
C ALA G 316 59.00 -22.47 25.14
N HIS G 317 60.26 -22.66 25.51
CA HIS G 317 61.39 -21.83 25.03
C HIS G 317 61.86 -22.25 23.64
N SER G 318 61.83 -23.55 23.37
CA SER G 318 62.17 -24.13 22.10
C SER G 318 61.22 -23.72 20.95
N ILE G 319 59.92 -23.78 21.20
CA ILE G 319 58.92 -23.41 20.25
C ILE G 319 58.97 -21.92 19.96
N ILE G 320 59.44 -21.14 20.92
CA ILE G 320 59.70 -19.73 20.70
C ILE G 320 60.90 -19.52 19.79
N LYS G 321 61.96 -20.29 19.99
CA LYS G 321 63.12 -20.30 19.09
C LYS G 321 62.72 -20.72 17.66
N GLU G 322 61.72 -21.59 17.53
CA GLU G 322 61.19 -21.99 16.22
C GLU G 322 60.28 -20.97 15.56
N CYS G 323 59.39 -20.35 16.31
CA CYS G 323 58.46 -19.37 15.78
C CYS G 323 58.91 -17.92 15.88
N LYS G 324 60.04 -17.71 16.58
CA LYS G 324 60.67 -16.40 16.81
C LYS G 324 59.80 -15.45 17.65
N GLY G 325 58.94 -16.01 18.47
CA GLY G 325 58.13 -15.23 19.41
C GLY G 325 56.94 -14.43 18.88
N SER G 326 56.35 -14.81 17.74
CA SER G 326 55.18 -14.07 17.22
C SER G 326 53.98 -14.11 18.19
N PRO G 327 53.39 -12.95 18.54
CA PRO G 327 52.24 -12.96 19.44
C PRO G 327 50.98 -13.67 18.95
N LEU G 328 50.73 -13.75 17.64
CA LEU G 328 49.55 -14.47 17.14
C LEU G 328 49.68 -15.97 17.36
N VAL G 329 50.90 -16.50 17.25
CA VAL G 329 51.15 -17.93 17.48
C VAL G 329 51.13 -18.21 18.99
N VAL G 330 51.75 -17.34 19.78
CA VAL G 330 51.84 -17.59 21.21
C VAL G 330 50.46 -17.66 21.80
N SER G 331 49.58 -16.73 21.44
CA SER G 331 48.19 -16.73 21.92
C SER G 331 47.40 -18.02 21.66
N LEU G 332 47.51 -18.52 20.44
CA LEU G 332 46.84 -19.76 20.02
C LEU G 332 47.33 -21.00 20.76
N ILE G 333 48.65 -21.20 20.72
CA ILE G 333 49.29 -22.34 21.33
C ILE G 333 49.02 -22.40 22.85
N GLY G 334 49.01 -21.27 23.51
CA GLY G 334 48.69 -21.20 24.94
C GLY G 334 47.30 -21.73 25.27
N ALA G 335 46.32 -21.28 24.50
CA ALA G 335 44.92 -21.75 24.64
C ALA G 335 44.79 -23.22 24.29
N LEU G 336 45.56 -23.67 23.28
CA LEU G 336 45.58 -25.11 22.91
C LEU G 336 46.16 -26.03 23.98
N LEU G 337 47.28 -25.61 24.56
CA LEU G 337 47.97 -26.41 25.57
C LEU G 337 47.38 -26.13 26.96
N ARG G 338 46.49 -25.13 27.09
CA ARG G 338 45.72 -24.98 28.30
C ARG G 338 44.94 -26.26 28.64
N ASP G 339 44.15 -26.72 27.67
CA ASP G 339 43.41 -27.98 27.76
C ASP G 339 44.19 -29.22 27.41
N PHE G 340 44.89 -29.23 26.26
CA PHE G 340 45.70 -30.35 25.78
C PHE G 340 46.88 -30.50 26.72
N PRO G 341 47.30 -31.71 27.10
CA PRO G 341 48.42 -31.90 27.99
C PRO G 341 49.56 -31.10 27.43
N ASN G 342 50.46 -30.51 28.26
CA ASN G 342 51.45 -29.59 27.72
C ASN G 342 52.50 -30.32 26.94
N ARG G 343 52.20 -30.54 25.65
CA ARG G 343 53.09 -31.16 24.71
C ARG G 343 53.13 -30.24 23.52
N TRP G 344 54.15 -29.37 23.43
CA TRP G 344 54.34 -28.38 22.42
C TRP G 344 54.60 -29.11 21.14
N GLU G 345 55.24 -30.28 21.27
CA GLU G 345 55.56 -31.12 20.15
C GLU G 345 54.34 -31.49 19.39
N TYR G 346 53.18 -31.65 20.05
CA TYR G 346 52.03 -32.16 19.36
C TYR G 346 51.64 -31.15 18.32
N TYR G 347 51.44 -29.88 18.74
CA TYR G 347 50.86 -28.91 17.87
C TYR G 347 51.91 -28.34 16.98
N LEU G 348 53.18 -28.45 17.42
CA LEU G 348 54.29 -27.97 16.64
C LEU G 348 54.44 -28.82 15.44
N LYS G 349 54.63 -30.14 15.63
CA LYS G 349 54.85 -30.98 14.50
C LYS G 349 53.61 -31.01 13.67
N GLN G 350 52.44 -30.92 14.32
CA GLN G 350 51.21 -30.86 13.59
C GLN G 350 51.21 -29.68 12.66
N LEU G 351 51.56 -28.48 13.17
CA LEU G 351 51.43 -27.33 12.33
C LEU G 351 52.48 -27.32 11.26
N GLN G 352 53.59 -28.04 11.46
CA GLN G 352 54.58 -28.07 10.41
C GLN G 352 54.05 -28.82 9.22
N ASN G 353 52.95 -29.57 9.43
CA ASN G 353 52.38 -30.36 8.38
C ASN G 353 51.49 -29.64 7.43
N LYS G 354 50.90 -28.57 7.99
CA LYS G 354 49.85 -27.72 7.43
C LYS G 354 49.11 -27.05 8.62
N GLN G 355 49.73 -26.02 9.20
CA GLN G 355 49.25 -25.35 10.44
C GLN G 355 47.73 -25.11 10.54
N PHE G 356 47.28 -24.42 11.60
CA PHE G 356 45.83 -24.23 11.73
C PHE G 356 45.36 -23.00 10.95
N LYS G 357 46.28 -22.38 10.23
CA LYS G 357 45.88 -21.41 9.21
C LYS G 357 45.37 -22.10 7.96
N ARG G 358 45.70 -23.38 7.82
CA ARG G 358 45.23 -24.18 6.69
C ARG G 358 43.95 -24.93 7.03
N ILE G 359 43.82 -25.37 8.33
CA ILE G 359 42.73 -26.16 8.86
C ILE G 359 42.03 -25.24 9.82
N ARG G 360 40.78 -24.79 9.51
CA ARG G 360 40.12 -23.87 10.40
C ARG G 360 39.75 -24.56 11.68
N LYS G 361 40.08 -23.92 12.83
CA LYS G 361 39.77 -24.40 14.16
C LYS G 361 38.94 -23.35 14.84
N SER G 362 38.55 -23.62 16.11
CA SER G 362 37.85 -22.64 16.89
C SER G 362 38.85 -21.57 17.18
N SER G 363 38.43 -20.27 17.10
CA SER G 363 39.32 -19.17 17.37
C SER G 363 38.53 -17.91 17.73
N SER G 364 39.19 -16.98 18.44
CA SER G 364 38.57 -15.76 18.83
C SER G 364 38.69 -14.84 17.65
N TYR G 365 39.60 -15.20 16.72
CA TYR G 365 39.82 -14.46 15.52
C TYR G 365 38.54 -14.59 14.73
N ASP G 366 38.19 -13.54 13.98
CA ASP G 366 36.93 -13.49 13.29
C ASP G 366 36.94 -14.56 12.24
N TYR G 367 38.11 -14.78 11.63
CA TYR G 367 38.25 -15.80 10.60
C TYR G 367 39.47 -16.66 10.88
N GLU G 368 39.43 -17.95 10.50
CA GLU G 368 40.61 -18.70 10.78
C GLU G 368 41.25 -18.99 9.48
N ALA G 369 40.65 -18.45 8.41
CA ALA G 369 41.35 -18.60 7.18
C ALA G 369 41.62 -17.25 6.61
N LEU G 370 42.83 -17.15 6.04
CA LEU G 370 43.42 -16.01 5.39
C LEU G 370 42.63 -15.70 4.16
N ASP G 371 42.06 -16.74 3.54
CA ASP G 371 41.35 -16.55 2.30
C ASP G 371 40.13 -15.74 2.53
N GLU G 372 39.60 -15.75 3.78
CA GLU G 372 38.34 -15.08 3.96
C GLU G 372 38.47 -13.63 3.65
N ALA G 373 39.40 -12.92 4.33
CA ALA G 373 39.60 -11.52 4.12
C ALA G 373 40.34 -11.25 2.83
N MET G 374 41.31 -12.11 2.50
CA MET G 374 42.18 -11.94 1.37
C MET G 374 41.41 -12.00 0.10
N SER G 375 40.38 -12.85 0.05
CA SER G 375 39.65 -13.05 -1.16
C SER G 375 38.98 -11.79 -1.59
N ILE G 376 38.80 -10.83 -0.68
CA ILE G 376 38.20 -9.59 -1.07
C ILE G 376 39.07 -8.85 -2.03
N SER G 377 40.39 -8.87 -1.80
CA SER G 377 41.29 -8.11 -2.61
C SER G 377 41.72 -8.90 -3.81
N VAL G 378 41.69 -10.25 -3.72
CA VAL G 378 42.13 -11.06 -4.81
C VAL G 378 41.04 -11.15 -5.84
N GLU G 379 39.79 -11.39 -5.40
CA GLU G 379 38.72 -11.55 -6.33
C GLU G 379 38.46 -10.21 -6.94
N MET G 380 38.79 -9.07 -6.28
CA MET G 380 38.47 -7.80 -6.93
C MET G 380 39.69 -7.55 -7.79
N LEU G 381 39.89 -8.38 -8.88
CA LEU G 381 41.04 -8.15 -9.74
C LEU G 381 40.57 -8.60 -11.10
N ARG G 382 41.48 -9.10 -11.98
CA ARG G 382 41.15 -9.61 -13.29
C ARG G 382 41.76 -10.99 -13.48
N GLU G 383 41.07 -11.89 -14.23
CA GLU G 383 41.49 -13.27 -14.35
C GLU G 383 42.99 -13.48 -14.55
N ASP G 384 43.59 -12.75 -15.48
CA ASP G 384 45.03 -12.89 -15.70
C ASP G 384 45.91 -12.59 -14.47
N ILE G 385 45.67 -11.47 -13.77
CA ILE G 385 46.45 -11.15 -12.56
C ILE G 385 45.99 -11.84 -11.26
N LYS G 386 44.79 -12.41 -11.23
CA LYS G 386 44.37 -13.36 -10.20
C LYS G 386 45.11 -14.69 -10.26
N ASP G 387 45.30 -15.22 -11.46
CA ASP G 387 46.20 -16.35 -11.65
C ASP G 387 47.66 -16.00 -11.36
N TYR G 388 48.10 -14.84 -11.83
CA TYR G 388 49.46 -14.45 -11.52
C TYR G 388 49.71 -14.40 -10.00
N TYR G 389 48.78 -13.85 -9.23
CA TYR G 389 48.93 -13.85 -7.76
C TYR G 389 49.18 -15.25 -7.19
N THR G 390 48.39 -16.20 -7.66
CA THR G 390 48.48 -17.56 -7.15
C THR G 390 49.70 -18.26 -7.74
N ASP G 391 50.19 -17.77 -8.87
CA ASP G 391 51.33 -18.39 -9.53
C ASP G 391 52.66 -18.10 -8.78
N LEU G 392 52.64 -17.14 -7.87
CA LEU G 392 53.85 -16.75 -7.17
C LEU G 392 54.34 -17.79 -6.19
N SER G 393 53.50 -18.77 -5.86
CA SER G 393 53.82 -19.75 -4.82
C SER G 393 54.85 -20.82 -5.25
N ILE G 394 55.28 -20.79 -6.52
CA ILE G 394 56.28 -21.75 -7.02
C ILE G 394 57.71 -21.41 -6.62
N LEU G 395 57.86 -20.22 -6.04
CA LEU G 395 59.14 -19.73 -5.66
C LEU G 395 59.39 -20.29 -4.28
N GLN G 396 60.61 -20.83 -4.07
CA GLN G 396 61.12 -21.35 -2.83
C GLN G 396 61.45 -20.16 -1.99
N LYS G 397 60.78 -20.03 -0.83
CA LYS G 397 60.95 -18.93 0.09
C LYS G 397 62.26 -19.22 0.75
N ASP G 398 62.89 -18.17 1.30
CA ASP G 398 62.21 -16.90 1.30
C ASP G 398 63.19 -15.93 0.75
N VAL G 399 63.02 -15.71 -0.59
CA VAL G 399 63.90 -14.94 -1.43
C VAL G 399 63.21 -13.84 -2.17
N LYS G 400 63.96 -12.74 -2.14
CA LYS G 400 63.77 -11.44 -2.66
C LYS G 400 64.26 -11.45 -4.09
N VAL G 401 63.29 -11.47 -5.02
CA VAL G 401 63.74 -11.69 -6.34
C VAL G 401 63.42 -10.46 -7.10
N PRO G 402 64.28 -10.30 -8.06
CA PRO G 402 64.28 -9.17 -8.91
C PRO G 402 63.14 -9.42 -9.83
N THR G 403 62.75 -8.39 -10.66
CA THR G 403 61.53 -8.51 -11.47
C THR G 403 61.61 -9.51 -12.62
N LYS G 404 62.74 -9.45 -13.34
CA LYS G 404 62.93 -10.22 -14.58
C LYS G 404 62.47 -11.66 -14.45
N VAL G 405 62.60 -12.22 -13.24
CA VAL G 405 62.47 -13.67 -13.05
C VAL G 405 61.04 -14.14 -13.35
N LEU G 406 60.09 -13.23 -13.31
CA LEU G 406 58.67 -13.58 -13.45
C LEU G 406 58.14 -13.39 -14.88
N CYS G 407 58.99 -12.93 -15.78
CA CYS G 407 58.58 -12.73 -17.16
C CYS G 407 58.17 -14.03 -17.83
N ILE G 408 59.01 -15.05 -17.64
CA ILE G 408 58.77 -16.37 -18.22
C ILE G 408 57.49 -16.97 -17.67
N LEU G 409 57.31 -16.86 -16.36
CA LEU G 409 56.14 -17.43 -15.64
C LEU G 409 54.85 -16.84 -16.19
N TRP G 410 54.79 -15.51 -16.25
CA TRP G 410 53.56 -14.83 -16.62
C TRP G 410 53.34 -14.71 -18.13
N ASP G 411 54.45 -14.84 -18.90
CA ASP G 411 54.50 -14.66 -20.32
C ASP G 411 54.31 -13.24 -20.59
N MET G 412 54.80 -12.42 -19.65
CA MET G 412 54.61 -11.01 -19.75
C MET G 412 55.94 -10.34 -19.98
N GLU G 413 55.85 -9.16 -20.59
CA GLU G 413 56.93 -8.28 -20.89
C GLU G 413 57.35 -7.61 -19.64
N THR G 414 58.67 -7.26 -19.58
CA THR G 414 59.18 -6.64 -18.36
C THR G 414 58.33 -5.52 -17.78
N GLU G 415 57.85 -4.60 -18.61
CA GLU G 415 57.04 -3.48 -18.13
C GLU G 415 55.69 -3.98 -17.59
N GLU G 416 55.15 -5.00 -18.25
CA GLU G 416 53.89 -5.63 -17.84
C GLU G 416 54.01 -6.34 -16.48
N VAL G 417 55.12 -7.05 -16.28
CA VAL G 417 55.42 -7.73 -15.02
C VAL G 417 55.61 -6.70 -13.90
N GLU G 418 56.34 -5.64 -14.18
CA GLU G 418 56.60 -4.61 -13.19
C GLU G 418 55.32 -3.95 -12.70
N ASP G 419 54.45 -3.53 -13.63
CA ASP G 419 53.18 -2.90 -13.26
C ASP G 419 52.27 -3.80 -12.42
N ILE G 420 52.17 -5.06 -12.82
CA ILE G 420 51.34 -6.01 -12.10
C ILE G 420 51.88 -6.28 -10.70
N LEU G 421 53.20 -6.37 -10.55
CA LEU G 421 53.84 -6.49 -9.25
C LEU G 421 53.63 -5.29 -8.31
N GLN G 422 53.68 -4.07 -8.85
CA GLN G 422 53.42 -2.84 -8.09
C GLN G 422 51.98 -2.81 -7.58
N GLU G 423 51.06 -3.31 -8.41
CA GLU G 423 49.68 -3.47 -7.99
C GLU G 423 49.55 -4.50 -6.87
N PHE G 424 50.21 -5.65 -7.00
CA PHE G 424 50.18 -6.66 -5.93
C PHE G 424 50.61 -6.06 -4.60
N VAL G 425 51.69 -5.31 -4.63
CA VAL G 425 52.21 -4.61 -3.47
C VAL G 425 51.17 -3.62 -2.96
N ASN G 426 50.52 -2.90 -3.88
CA ASN G 426 49.46 -1.95 -3.56
C ASN G 426 48.21 -2.62 -2.96
N LYS G 427 48.09 -3.93 -3.12
CA LYS G 427 46.96 -4.70 -2.56
C LYS G 427 47.33 -5.57 -1.33
N SER G 428 48.56 -5.41 -0.81
CA SER G 428 49.16 -6.24 0.33
C SER G 428 49.37 -7.71 -0.01
N LEU G 429 49.52 -8.00 -1.28
CA LEU G 429 49.68 -9.35 -1.78
C LEU G 429 51.15 -9.73 -1.97
N LEU G 430 52.02 -8.74 -1.83
CA LEU G 430 53.41 -8.82 -2.19
C LEU G 430 54.14 -7.74 -1.39
N PHE G 431 55.33 -8.07 -0.90
CA PHE G 431 56.18 -7.11 -0.20
C PHE G 431 57.34 -6.76 -1.12
N CYS G 432 57.84 -5.55 -0.94
CA CYS G 432 58.81 -4.96 -1.88
C CYS G 432 59.96 -4.42 -1.10
N ASP G 433 61.16 -5.00 -1.27
CA ASP G 433 62.42 -4.44 -0.73
C ASP G 433 63.06 -3.63 -1.87
N ARG G 434 62.86 -2.32 -1.82
CA ARG G 434 63.39 -1.42 -2.82
C ARG G 434 64.90 -1.32 -2.63
N ASN G 435 65.64 -2.03 -3.47
CA ASN G 435 67.09 -2.02 -3.41
C ASN G 435 67.60 -0.83 -4.21
N GLY G 436 67.36 0.36 -3.69
CA GLY G 436 67.75 1.59 -4.35
C GLY G 436 66.90 1.84 -5.58
N LYS G 437 67.52 1.66 -6.74
CA LYS G 437 66.81 1.72 -8.01
C LYS G 437 66.08 0.39 -8.36
N SER G 438 66.49 -0.71 -7.75
CA SER G 438 65.84 -2.00 -7.98
C SER G 438 64.73 -2.31 -6.95
N PHE G 439 63.83 -3.24 -7.32
CA PHE G 439 62.67 -3.64 -6.49
C PHE G 439 62.67 -5.16 -6.31
N ARG G 440 63.28 -5.63 -5.22
CA ARG G 440 63.32 -7.06 -4.94
C ARG G 440 62.11 -7.48 -4.10
N TYR G 441 61.24 -8.26 -4.75
CA TYR G 441 59.94 -8.58 -4.19
C TYR G 441 59.98 -9.90 -3.44
N TYR G 442 59.20 -9.96 -2.37
CA TYR G 442 59.20 -11.12 -1.52
C TYR G 442 57.88 -11.31 -0.78
N LEU G 443 57.73 -12.47 -0.13
CA LEU G 443 56.51 -12.79 0.56
C LEU G 443 56.91 -13.12 1.97
N HIS G 444 56.02 -12.99 2.96
CA HIS G 444 56.53 -13.44 4.21
C HIS G 444 56.28 -14.91 4.25
N ASP G 445 56.81 -15.59 5.27
CA ASP G 445 56.70 -17.07 5.45
C ASP G 445 55.28 -17.57 5.40
N LEU G 446 54.42 -16.95 6.19
CA LEU G 446 53.01 -17.32 6.20
C LEU G 446 52.31 -17.01 4.88
N GLN G 447 52.66 -15.87 4.28
CA GLN G 447 52.11 -15.45 3.00
C GLN G 447 52.39 -16.47 1.91
N VAL G 448 53.56 -17.11 1.97
CA VAL G 448 53.88 -18.19 1.01
C VAL G 448 53.07 -19.45 1.38
N ASP G 449 53.09 -19.82 2.67
CA ASP G 449 52.40 -21.04 3.17
C ASP G 449 50.94 -21.13 2.76
N PHE G 450 50.27 -19.99 2.74
CA PHE G 450 48.88 -19.94 2.30
C PHE G 450 48.65 -20.52 0.90
N LEU G 451 49.38 -20.05 -0.11
CA LEU G 451 49.19 -20.50 -1.48
C LEU G 451 49.75 -21.90 -1.72
N THR G 452 50.74 -22.24 -0.90
CA THR G 452 51.37 -23.55 -0.95
C THR G 452 50.30 -24.63 -0.81
N GLU G 453 49.41 -24.43 0.14
CA GLU G 453 48.26 -25.31 0.39
C GLU G 453 47.10 -25.05 -0.63
N LYS G 454 46.77 -23.78 -0.90
CA LYS G 454 45.66 -23.45 -1.81
C LYS G 454 45.83 -24.00 -3.24
N ASN G 455 47.04 -23.97 -3.76
CA ASN G 455 47.32 -24.43 -5.10
C ASN G 455 47.70 -25.89 -5.07
N CYS G 456 47.35 -26.65 -6.14
CA CYS G 456 47.57 -28.09 -6.31
C CYS G 456 48.54 -28.32 -7.44
N SER G 457 48.10 -29.18 -8.37
CA SER G 457 48.75 -29.70 -9.56
C SER G 457 49.02 -28.62 -10.54
N GLN G 458 48.34 -27.45 -10.40
CA GLN G 458 48.70 -26.38 -11.29
C GLN G 458 50.14 -26.01 -11.08
N LEU G 459 50.63 -26.16 -9.84
CA LEU G 459 52.00 -25.86 -9.55
C LEU G 459 52.97 -26.71 -10.33
N GLN G 460 52.72 -28.02 -10.47
CA GLN G 460 53.64 -28.78 -11.27
C GLN G 460 53.57 -28.37 -12.71
N ASP G 461 52.38 -27.98 -13.19
CA ASP G 461 52.25 -27.52 -14.54
C ASP G 461 53.02 -26.25 -14.72
N LEU G 462 53.06 -25.38 -13.70
CA LEU G 462 53.78 -24.15 -13.79
C LEU G 462 55.24 -24.43 -13.84
N HIS G 463 55.70 -25.43 -13.05
CA HIS G 463 57.09 -25.79 -13.02
C HIS G 463 57.52 -26.23 -14.37
N LYS G 464 56.73 -27.12 -15.01
CA LYS G 464 57.11 -27.68 -16.27
C LYS G 464 57.00 -26.62 -17.33
N LYS G 465 56.00 -25.74 -17.22
CA LYS G 465 55.80 -24.73 -18.23
C LYS G 465 56.99 -23.84 -18.36
N ILE G 466 57.52 -23.31 -17.24
CA ILE G 466 58.52 -22.28 -17.33
C ILE G 466 59.83 -22.86 -17.77
N ILE G 467 59.98 -24.19 -17.63
CA ILE G 467 61.15 -24.87 -18.11
C ILE G 467 61.19 -24.79 -19.61
N THR G 468 60.08 -25.15 -20.28
CA THR G 468 60.04 -25.12 -21.71
C THR G 468 60.13 -23.70 -22.19
N GLN G 469 59.39 -22.78 -21.54
CA GLN G 469 59.31 -21.41 -21.96
C GLN G 469 60.65 -20.76 -21.87
N PHE G 470 61.40 -21.03 -20.78
CA PHE G 470 62.73 -20.53 -20.63
C PHE G 470 63.56 -20.94 -21.81
N GLN G 471 63.58 -22.25 -22.12
CA GLN G 471 64.39 -22.78 -23.18
C GLN G 471 63.97 -22.21 -24.50
N ARG G 472 62.69 -21.78 -24.64
CA ARG G 472 62.26 -21.16 -25.85
C ARG G 472 62.93 -19.82 -26.05
N TYR G 473 63.35 -19.17 -24.95
CA TYR G 473 64.08 -17.93 -24.94
C TYR G 473 65.54 -18.05 -24.59
N HIS G 474 65.94 -18.28 -23.35
CA HIS G 474 67.38 -18.36 -23.22
C HIS G 474 67.72 -19.66 -22.61
N GLN G 475 68.87 -20.19 -23.01
CA GLN G 475 69.23 -21.46 -22.51
C GLN G 475 69.81 -21.17 -21.18
N PRO G 476 69.66 -22.13 -20.31
CA PRO G 476 70.10 -22.06 -18.94
C PRO G 476 71.61 -22.04 -18.85
N HIS G 477 72.29 -22.41 -19.94
CA HIS G 477 73.72 -22.47 -19.93
C HIS G 477 74.22 -21.21 -20.57
N THR G 478 73.35 -20.62 -21.42
CA THR G 478 73.55 -19.39 -22.15
C THR G 478 73.50 -18.34 -21.11
N LEU G 479 72.58 -18.56 -20.17
CA LEU G 479 72.32 -17.67 -19.09
C LEU G 479 73.60 -17.36 -18.41
N SER G 480 73.96 -16.08 -18.65
CA SER G 480 75.17 -15.35 -18.35
C SER G 480 74.87 -14.67 -17.07
N PRO G 481 75.86 -14.25 -16.35
CA PRO G 481 75.70 -13.52 -15.13
C PRO G 481 75.24 -12.09 -15.36
N ASP G 482 75.16 -11.66 -16.63
CA ASP G 482 74.79 -10.31 -16.95
C ASP G 482 73.31 -10.18 -16.75
N GLN G 483 72.57 -11.30 -16.61
CA GLN G 483 71.17 -11.10 -16.41
C GLN G 483 70.76 -10.79 -15.00
N GLU G 484 69.46 -10.43 -14.88
CA GLU G 484 68.98 -10.04 -13.59
C GLU G 484 68.65 -11.28 -12.87
N ASP G 485 68.13 -12.28 -13.65
CA ASP G 485 67.61 -13.57 -13.25
C ASP G 485 68.66 -14.58 -13.41
N CYS G 486 69.88 -14.08 -13.66
CA CYS G 486 71.02 -14.96 -13.86
C CYS G 486 71.18 -16.01 -12.81
N MET G 487 71.19 -15.65 -11.51
CA MET G 487 71.35 -16.63 -10.47
C MET G 487 70.02 -17.21 -10.10
N TYR G 488 68.92 -16.55 -10.51
CA TYR G 488 67.63 -17.05 -10.16
C TYR G 488 67.55 -18.48 -10.61
N TRP G 489 67.77 -18.73 -11.90
CA TRP G 489 67.50 -20.02 -12.50
C TRP G 489 68.45 -21.06 -11.97
N TYR G 490 69.59 -20.67 -11.39
CA TYR G 490 70.47 -21.67 -10.87
C TYR G 490 70.07 -21.98 -9.47
N ASN G 491 69.41 -21.02 -8.81
CA ASN G 491 69.02 -21.23 -7.45
C ASN G 491 67.74 -22.03 -7.35
N PHE G 492 66.88 -21.93 -8.36
CA PHE G 492 65.54 -22.48 -8.44
C PHE G 492 65.14 -23.43 -9.54
N LEU G 493 65.87 -23.54 -10.67
CA LEU G 493 65.40 -24.42 -11.72
C LEU G 493 65.38 -25.86 -11.30
N ALA G 494 66.37 -26.30 -10.52
CA ALA G 494 66.40 -27.65 -10.04
C ALA G 494 65.26 -27.85 -9.10
N TYR G 495 64.93 -26.80 -8.31
CA TYR G 495 63.82 -26.85 -7.40
C TYR G 495 62.55 -27.05 -8.18
N HIS G 496 62.40 -26.37 -9.33
CA HIS G 496 61.20 -26.48 -10.12
C HIS G 496 61.03 -27.89 -10.62
N MET G 497 62.11 -28.50 -11.14
CA MET G 497 62.02 -29.81 -11.72
C MET G 497 61.72 -30.80 -10.64
N ALA G 498 62.34 -30.64 -9.46
CA ALA G 498 62.15 -31.52 -8.35
C ALA G 498 60.74 -31.44 -7.87
N SER G 499 60.17 -30.23 -7.80
CA SER G 499 58.85 -30.04 -7.29
C SER G 499 57.89 -30.68 -8.24
N ALA G 500 58.19 -30.57 -9.55
CA ALA G 500 57.42 -31.07 -10.65
C ALA G 500 57.50 -32.57 -10.68
N LYS G 501 58.46 -33.15 -9.94
CA LYS G 501 58.64 -34.58 -9.89
C LYS G 501 58.99 -35.06 -11.26
N MET G 502 59.75 -34.25 -12.01
CA MET G 502 60.20 -34.66 -13.31
C MET G 502 61.62 -35.11 -13.14
N HIS G 503 61.82 -36.31 -12.55
CA HIS G 503 63.15 -36.77 -12.26
C HIS G 503 63.95 -36.98 -13.51
N LYS G 504 63.29 -37.19 -14.66
CA LYS G 504 64.06 -37.35 -15.87
C LYS G 504 64.63 -36.03 -16.30
N GLU G 505 63.91 -34.92 -16.07
CA GLU G 505 64.42 -33.62 -16.42
C GLU G 505 65.43 -33.16 -15.41
N LEU G 506 65.25 -33.53 -14.13
CA LEU G 506 66.18 -33.13 -13.12
C LEU G 506 67.47 -33.82 -13.36
N CYS G 507 67.43 -35.10 -13.79
CA CYS G 507 68.61 -35.81 -14.10
C CYS G 507 69.32 -35.15 -15.24
N ALA G 508 68.57 -34.79 -16.30
CA ALA G 508 69.21 -34.25 -17.47
C ALA G 508 69.83 -32.93 -17.10
N LEU G 509 69.18 -32.16 -16.21
CA LEU G 509 69.71 -30.86 -15.89
C LEU G 509 70.99 -30.93 -15.11
N MET G 510 70.95 -31.55 -13.90
CA MET G 510 72.05 -31.58 -12.99
C MET G 510 73.16 -32.52 -13.34
N PHE G 511 72.90 -33.56 -14.16
CA PHE G 511 74.03 -34.38 -14.51
C PHE G 511 74.68 -33.70 -15.67
N SER G 512 75.37 -32.58 -15.40
CA SER G 512 75.97 -31.86 -16.48
C SER G 512 77.05 -31.00 -15.93
N LEU G 513 78.24 -31.08 -16.55
CA LEU G 513 79.42 -30.39 -16.12
C LEU G 513 79.32 -28.97 -16.58
N ASP G 514 78.46 -28.71 -17.58
CA ASP G 514 78.19 -27.37 -18.02
C ASP G 514 77.29 -26.68 -17.04
N TRP G 515 76.22 -27.38 -16.61
CA TRP G 515 75.35 -26.86 -15.60
C TRP G 515 76.12 -26.59 -14.35
N ILE G 516 77.01 -27.53 -13.94
CA ILE G 516 77.74 -27.34 -12.72
C ILE G 516 78.63 -26.15 -12.87
N LYS G 517 79.35 -26.08 -14.01
CA LYS G 517 80.30 -25.01 -14.22
C LYS G 517 79.63 -23.68 -14.01
N ALA G 518 78.48 -23.45 -14.68
CA ALA G 518 77.83 -22.16 -14.64
C ALA G 518 77.35 -21.84 -13.25
N LYS G 519 76.75 -22.83 -12.57
CA LYS G 519 76.15 -22.66 -11.28
C LYS G 519 77.19 -22.35 -10.25
N THR G 520 78.39 -22.94 -10.39
CA THR G 520 79.47 -22.72 -9.45
C THR G 520 80.21 -21.46 -9.76
N GLU G 521 80.06 -20.90 -10.96
CA GLU G 521 80.75 -19.68 -11.23
C GLU G 521 79.84 -18.54 -10.93
N LEU G 522 78.51 -18.79 -10.90
CA LEU G 522 77.60 -17.71 -10.64
C LEU G 522 77.11 -17.68 -9.21
N VAL G 523 76.74 -18.86 -8.68
CA VAL G 523 76.23 -19.10 -7.35
C VAL G 523 77.18 -19.69 -6.33
N GLY G 524 77.81 -20.84 -6.61
CA GLY G 524 78.76 -21.36 -5.67
C GLY G 524 78.41 -22.81 -5.49
N PRO G 525 79.39 -23.60 -5.09
CA PRO G 525 79.23 -25.03 -4.94
C PRO G 525 78.54 -25.59 -3.73
N ALA G 526 78.39 -24.85 -2.62
CA ALA G 526 77.75 -25.41 -1.45
C ALA G 526 76.31 -25.75 -1.65
N HIS G 527 75.53 -24.86 -2.27
CA HIS G 527 74.13 -25.13 -2.52
C HIS G 527 74.01 -26.31 -3.43
N LEU G 528 74.89 -26.40 -4.43
CA LEU G 528 74.88 -27.48 -5.36
C LEU G 528 75.02 -28.77 -4.63
N ILE G 529 76.04 -28.87 -3.75
CA ILE G 529 76.30 -30.11 -3.06
C ILE G 529 75.09 -30.47 -2.26
N HIS G 530 74.45 -29.49 -1.62
CA HIS G 530 73.32 -29.70 -0.77
C HIS G 530 72.21 -30.33 -1.55
N GLU G 531 72.10 -30.00 -2.84
CA GLU G 531 71.04 -30.50 -3.68
C GLU G 531 71.33 -31.91 -4.08
N PHE G 532 72.60 -32.22 -4.39
CA PHE G 532 72.92 -33.55 -4.79
C PHE G 532 72.66 -34.47 -3.64
N VAL G 533 72.81 -33.97 -2.41
CA VAL G 533 72.47 -34.76 -1.26
C VAL G 533 70.97 -34.86 -1.07
N GLU G 534 70.24 -33.73 -1.08
CA GLU G 534 68.84 -33.75 -0.76
C GLU G 534 68.02 -34.52 -1.77
N TYR G 535 68.43 -34.49 -3.04
CA TYR G 535 67.81 -35.10 -4.18
C TYR G 535 68.07 -36.58 -4.33
N ARG G 536 68.93 -37.17 -3.48
CA ARG G 536 69.18 -38.59 -3.44
C ARG G 536 67.91 -39.38 -3.23
N HIS G 537 66.93 -38.87 -2.45
CA HIS G 537 65.65 -39.50 -2.26
C HIS G 537 64.65 -39.15 -3.32
N ILE G 538 64.97 -38.19 -4.22
CA ILE G 538 64.11 -37.74 -5.28
C ILE G 538 64.33 -38.51 -6.56
N LEU G 539 65.61 -38.80 -6.90
CA LEU G 539 65.99 -39.45 -8.12
C LEU G 539 65.78 -40.94 -8.10
N ASP G 540 65.91 -41.52 -9.29
CA ASP G 540 65.69 -42.90 -9.57
C ASP G 540 66.91 -43.63 -9.09
N GLU G 541 66.87 -44.98 -9.05
CA GLU G 541 67.93 -45.77 -8.49
C GLU G 541 69.24 -45.53 -9.21
N LYS G 542 69.27 -45.76 -10.54
CA LYS G 542 70.48 -45.53 -11.30
C LYS G 542 70.95 -44.12 -11.12
N ASP G 543 70.00 -43.15 -11.10
CA ASP G 543 70.27 -41.75 -11.07
C ASP G 543 70.95 -41.40 -9.78
N CYS G 544 70.54 -42.06 -8.69
CA CYS G 544 71.10 -41.82 -7.39
C CYS G 544 72.52 -42.29 -7.39
N ALA G 545 72.78 -43.45 -8.03
CA ALA G 545 74.11 -43.96 -8.11
C ALA G 545 74.99 -43.00 -8.85
N VAL G 546 74.44 -42.33 -9.88
CA VAL G 546 75.23 -41.38 -10.62
C VAL G 546 75.44 -40.18 -9.77
N SER G 547 74.39 -39.75 -9.05
CA SER G 547 74.45 -38.53 -8.34
C SER G 547 75.46 -38.67 -7.24
N GLU G 548 75.66 -39.91 -6.75
CA GLU G 548 76.66 -40.16 -5.74
C GLU G 548 78.02 -39.95 -6.32
N ASN G 549 78.21 -40.24 -7.63
CA ASN G 549 79.47 -39.97 -8.26
C ASN G 549 79.67 -38.49 -8.30
N PHE G 550 78.57 -37.72 -8.44
CA PHE G 550 78.68 -36.29 -8.45
C PHE G 550 78.95 -35.77 -7.08
N GLN G 551 78.43 -36.44 -6.03
CA GLN G 551 78.68 -36.02 -4.69
C GLN G 551 80.15 -36.10 -4.38
N GLU G 552 80.85 -37.12 -4.91
CA GLU G 552 82.26 -37.23 -4.69
C GLU G 552 83.01 -36.34 -5.64
N PHE G 553 82.47 -36.17 -6.87
CA PHE G 553 83.09 -35.36 -7.88
C PHE G 553 83.31 -34.00 -7.32
N LEU G 554 82.29 -33.42 -6.68
CA LEU G 554 82.29 -32.05 -6.25
C LEU G 554 83.28 -31.79 -5.14
N SER G 555 83.91 -32.85 -4.60
CA SER G 555 84.83 -32.65 -3.52
C SER G 555 86.15 -32.21 -4.08
N LEU G 556 86.30 -32.35 -5.41
CA LEU G 556 87.51 -32.08 -6.12
C LEU G 556 87.70 -30.60 -6.23
N ASN G 557 86.58 -29.84 -6.27
CA ASN G 557 86.63 -28.44 -6.54
C ASN G 557 86.30 -27.80 -5.25
N GLY G 558 86.24 -26.47 -5.22
CA GLY G 558 85.92 -25.80 -3.99
C GLY G 558 87.25 -25.41 -3.50
N HIS G 559 88.23 -25.51 -4.41
CA HIS G 559 89.55 -25.17 -4.00
C HIS G 559 89.76 -23.92 -4.81
N LEU G 560 89.56 -24.07 -6.14
CA LEU G 560 89.72 -23.05 -7.15
C LEU G 560 88.48 -22.23 -7.28
N LEU G 561 87.34 -22.78 -6.83
CA LEU G 561 86.14 -22.01 -6.91
C LEU G 561 86.13 -20.86 -5.94
N GLY G 562 85.78 -19.68 -6.50
CA GLY G 562 85.76 -18.42 -5.82
C GLY G 562 87.11 -17.77 -5.88
N ARG G 563 88.08 -18.41 -6.58
CA ARG G 563 89.39 -17.86 -6.61
C ARG G 563 89.87 -18.00 -8.02
N GLN G 564 91.10 -17.52 -8.32
CA GLN G 564 91.67 -17.73 -9.62
C GLN G 564 92.85 -18.61 -9.45
N PRO G 565 93.10 -19.52 -10.36
CA PRO G 565 92.27 -19.68 -11.53
C PRO G 565 91.05 -20.46 -11.20
N PHE G 566 90.12 -20.59 -12.17
CA PHE G 566 88.95 -21.38 -11.94
C PHE G 566 89.10 -22.69 -12.59
N PRO G 567 88.40 -23.60 -12.00
CA PRO G 567 88.50 -24.96 -12.46
C PRO G 567 87.71 -25.05 -13.71
N ASN G 568 88.07 -26.04 -14.54
CA ASN G 568 87.39 -26.29 -15.76
C ASN G 568 86.60 -27.46 -15.27
N ILE G 569 85.28 -27.30 -15.06
CA ILE G 569 84.56 -28.40 -14.48
C ILE G 569 84.50 -29.54 -15.45
N VAL G 570 84.50 -29.23 -16.76
CA VAL G 570 84.36 -30.23 -17.77
C VAL G 570 85.54 -31.17 -17.71
N GLN G 571 86.76 -30.61 -17.70
CA GLN G 571 87.96 -31.41 -17.75
C GLN G 571 88.18 -32.04 -16.41
N LEU G 572 87.59 -31.46 -15.33
CA LEU G 572 87.77 -31.96 -14.00
C LEU G 572 87.27 -33.38 -13.93
N GLY G 573 86.27 -33.70 -14.77
CA GLY G 573 85.60 -34.97 -14.76
C GLY G 573 86.58 -36.07 -15.08
N LEU G 574 87.67 -35.72 -15.79
CA LEU G 574 88.59 -36.68 -16.32
C LEU G 574 89.46 -37.23 -15.22
N CYS G 575 89.45 -36.56 -14.05
CA CYS G 575 90.17 -36.96 -12.87
C CYS G 575 89.42 -37.99 -12.07
N GLU G 576 88.13 -38.23 -12.38
CA GLU G 576 87.34 -39.19 -11.66
C GLU G 576 87.76 -40.58 -12.01
N PRO G 577 87.50 -41.51 -11.12
CA PRO G 577 87.82 -42.89 -11.34
C PRO G 577 87.11 -43.38 -12.55
N GLU G 578 87.66 -44.41 -13.21
CA GLU G 578 87.05 -45.00 -14.36
C GLU G 578 85.69 -45.49 -14.00
N THR G 579 85.54 -45.97 -12.75
CA THR G 579 84.28 -46.51 -12.34
C THR G 579 83.25 -45.42 -12.37
N SER G 580 83.64 -44.21 -11.95
CA SER G 580 82.74 -43.10 -11.87
C SER G 580 82.13 -42.74 -13.20
N GLU G 581 80.79 -42.52 -13.17
CA GLU G 581 79.97 -42.12 -14.29
C GLU G 581 80.42 -40.76 -14.77
N VAL G 582 80.95 -39.93 -13.86
CA VAL G 582 81.36 -38.62 -14.29
C VAL G 582 82.52 -38.72 -15.22
N TYR G 583 83.46 -39.64 -14.91
CA TYR G 583 84.59 -39.87 -15.77
C TYR G 583 84.14 -40.41 -17.09
N GLN G 584 83.30 -41.45 -17.05
CA GLN G 584 82.97 -42.16 -18.26
C GLN G 584 82.27 -41.24 -19.19
N GLN G 585 81.44 -40.33 -18.62
CA GLN G 585 80.72 -39.38 -19.40
C GLN G 585 81.68 -38.38 -19.98
N ALA G 586 82.55 -37.79 -19.13
CA ALA G 586 83.44 -36.75 -19.58
C ALA G 586 84.44 -37.32 -20.53
N LYS G 587 84.93 -38.55 -20.27
CA LYS G 587 85.93 -39.13 -21.10
C LYS G 587 85.36 -39.48 -22.44
N LEU G 588 84.14 -40.05 -22.48
CA LEU G 588 83.55 -40.38 -23.75
C LEU G 588 83.31 -39.12 -24.53
N GLN G 589 82.85 -38.05 -23.84
CA GLN G 589 82.59 -36.78 -24.46
C GLN G 589 83.88 -36.21 -24.99
N ALA G 590 85.00 -36.43 -24.28
CA ALA G 590 86.24 -35.89 -24.74
C ALA G 590 86.57 -36.60 -26.01
N LYS G 591 86.26 -37.90 -26.08
CA LYS G 591 86.55 -38.66 -27.26
C LYS G 591 85.66 -38.24 -28.40
N GLN G 592 84.43 -37.85 -28.08
CA GLN G 592 83.48 -37.42 -29.09
C GLN G 592 83.88 -36.09 -29.70
N GLU G 593 84.24 -35.14 -28.86
CA GLU G 593 84.64 -33.81 -29.31
C GLU G 593 85.99 -33.86 -30.02
N VAL G 594 85.99 -33.49 -31.29
CA VAL G 594 87.20 -33.49 -32.10
C VAL G 594 88.12 -32.33 -31.71
N ASP G 595 89.27 -32.72 -32.38
CA ASP G 595 90.52 -31.96 -32.25
C ASP G 595 90.35 -30.78 -31.30
N ASN G 596 90.64 -31.01 -30.02
CA ASN G 596 90.53 -29.97 -29.02
C ASN G 596 91.86 -29.69 -28.33
N GLY G 597 92.92 -29.61 -29.12
CA GLY G 597 94.25 -29.35 -28.59
C GLY G 597 94.30 -29.44 -27.08
N MET G 598 93.17 -29.17 -26.44
CA MET G 598 93.09 -29.22 -25.00
C MET G 598 94.15 -30.07 -24.34
N LEU G 599 94.48 -31.25 -24.89
CA LEU G 599 95.56 -32.07 -24.35
C LEU G 599 95.21 -32.54 -22.97
N TYR G 600 95.05 -33.87 -22.79
CA TYR G 600 94.83 -34.37 -21.46
C TYR G 600 95.81 -35.47 -21.21
N LEU G 601 96.04 -35.79 -19.92
CA LEU G 601 96.99 -36.82 -19.59
C LEU G 601 96.19 -37.93 -18.95
N GLU G 602 96.56 -39.21 -19.17
CA GLU G 602 95.89 -40.24 -18.43
C GLU G 602 96.78 -40.68 -17.29
N TRP G 603 96.25 -40.61 -16.05
CA TRP G 603 96.99 -41.00 -14.89
C TRP G 603 96.80 -42.48 -14.68
N ILE G 604 97.86 -43.26 -14.99
CA ILE G 604 97.79 -44.70 -15.08
C ILE G 604 97.45 -45.35 -13.76
N ASN G 605 98.15 -44.97 -12.66
CA ASN G 605 97.91 -45.68 -11.44
C ASN G 605 97.10 -44.81 -10.54
N LYS G 606 96.14 -44.07 -11.13
CA LYS G 606 95.35 -43.14 -10.38
C LYS G 606 94.64 -43.93 -9.34
N LYS G 607 94.27 -45.17 -9.69
CA LYS G 607 93.45 -45.97 -8.83
C LYS G 607 94.21 -46.48 -7.64
N ASN G 608 95.56 -46.43 -7.66
CA ASN G 608 96.32 -47.03 -6.58
C ASN G 608 96.77 -46.00 -5.59
N ILE G 609 96.74 -44.72 -5.99
CA ILE G 609 97.26 -43.58 -5.27
C ILE G 609 96.08 -42.76 -4.78
N THR G 610 96.36 -41.69 -4.01
CA THR G 610 95.44 -40.73 -3.42
C THR G 610 94.44 -41.39 -2.51
N ASN G 611 94.77 -41.36 -1.19
CA ASN G 611 93.83 -41.73 -0.18
C ASN G 611 92.97 -40.56 0.14
N LEU G 612 91.96 -40.35 -0.73
CA LEU G 612 91.12 -39.19 -0.70
C LEU G 612 90.38 -39.14 0.59
N SER G 613 90.54 -38.00 1.28
CA SER G 613 89.84 -37.73 2.49
C SER G 613 88.45 -37.33 2.15
N ARG G 614 87.60 -37.21 3.18
CA ARG G 614 86.20 -37.04 2.95
C ARG G 614 85.94 -35.61 2.55
N LEU G 615 86.67 -34.64 3.13
CA LEU G 615 86.34 -33.28 2.78
C LEU G 615 87.52 -32.37 3.00
N VAL G 616 87.73 -31.42 2.05
CA VAL G 616 88.82 -30.48 2.15
C VAL G 616 88.25 -29.12 2.40
N VAL G 617 88.63 -28.48 3.53
CA VAL G 617 88.10 -27.17 3.85
C VAL G 617 89.23 -26.20 4.09
N ARG G 618 89.18 -25.00 3.45
CA ARG G 618 90.15 -23.98 3.74
C ARG G 618 89.45 -22.67 4.08
N PRO G 619 89.21 -22.46 5.35
CA PRO G 619 88.43 -21.35 5.85
C PRO G 619 89.13 -20.02 5.95
N HIS G 620 90.48 -19.96 5.95
CA HIS G 620 91.11 -18.67 6.09
C HIS G 620 92.22 -18.52 5.09
N THR G 621 92.45 -17.26 4.70
CA THR G 621 93.54 -16.87 3.86
C THR G 621 94.77 -16.71 4.68
N ASP G 622 94.60 -16.52 6.01
CA ASP G 622 95.69 -16.44 6.94
C ASP G 622 95.73 -17.65 7.82
N ALA G 623 96.71 -17.64 8.75
CA ALA G 623 96.95 -18.76 9.63
C ALA G 623 95.73 -19.04 10.43
N VAL G 624 95.38 -20.34 10.57
CA VAL G 624 94.23 -20.69 11.35
C VAL G 624 94.72 -21.04 12.73
N TYR G 625 94.09 -20.44 13.75
CA TYR G 625 94.52 -20.64 15.11
C TYR G 625 93.61 -21.52 15.92
N HIS G 626 92.29 -21.46 15.68
CA HIS G 626 91.38 -22.28 16.45
C HIS G 626 90.12 -22.46 15.65
N ALA G 627 89.46 -23.63 15.81
CA ALA G 627 88.25 -23.94 15.12
C ALA G 627 87.48 -24.90 15.99
N CYS G 628 86.13 -24.92 15.89
CA CYS G 628 85.38 -25.84 16.70
C CYS G 628 83.98 -26.00 16.16
N PHE G 629 83.27 -27.05 16.61
CA PHE G 629 81.93 -27.35 16.21
C PHE G 629 80.94 -26.68 17.11
N SER G 630 79.79 -26.26 16.53
CA SER G 630 78.71 -25.72 17.31
C SER G 630 78.18 -26.89 18.09
N GLU G 631 77.48 -26.63 19.21
CA GLU G 631 77.05 -27.69 20.07
C GLU G 631 76.08 -28.54 19.32
N ASP G 632 75.26 -27.88 18.49
CA ASP G 632 74.25 -28.44 17.63
C ASP G 632 74.88 -29.28 16.56
N GLY G 633 76.11 -28.94 16.13
CA GLY G 633 76.78 -29.69 15.11
C GLY G 633 76.36 -29.15 13.78
N GLN G 634 75.64 -28.01 13.82
CA GLN G 634 75.11 -27.39 12.64
C GLN G 634 76.16 -26.55 11.96
N ARG G 635 77.08 -25.92 12.72
CA ARG G 635 77.99 -25.03 12.07
C ARG G 635 79.35 -25.09 12.69
N ILE G 636 80.37 -24.61 11.94
CA ILE G 636 81.73 -24.62 12.39
C ILE G 636 82.24 -23.22 12.45
N ALA G 637 82.85 -22.83 13.59
CA ALA G 637 83.40 -21.51 13.73
C ALA G 637 84.88 -21.69 13.68
N SER G 638 85.58 -20.73 13.03
CA SER G 638 87.02 -20.77 13.06
C SER G 638 87.52 -19.36 13.13
N CYS G 639 88.74 -19.17 13.68
CA CYS G 639 89.29 -17.86 13.85
C CYS G 639 90.78 -17.95 13.78
N GLY G 640 91.45 -16.81 13.50
CA GLY G 640 92.85 -16.89 13.22
C GLY G 640 93.46 -15.52 13.10
N ALA G 641 94.55 -15.46 12.31
CA ALA G 641 95.45 -14.35 12.12
C ALA G 641 94.83 -13.32 11.22
N ASP G 642 93.65 -13.60 10.65
CA ASP G 642 92.99 -12.67 9.78
C ASP G 642 92.19 -11.67 10.57
N LYS G 643 92.21 -11.80 11.91
CA LYS G 643 91.61 -10.87 12.84
C LYS G 643 90.11 -10.92 12.82
N THR G 644 89.49 -11.91 12.15
CA THR G 644 88.06 -11.95 12.10
C THR G 644 87.56 -13.30 12.54
N LEU G 645 86.23 -13.43 12.66
CA LEU G 645 85.59 -14.64 13.10
C LEU G 645 84.84 -15.11 11.88
N GLN G 646 85.14 -16.34 11.39
CA GLN G 646 84.40 -16.82 10.26
C GLN G 646 83.65 -18.06 10.64
N VAL G 647 82.32 -18.03 10.45
CA VAL G 647 81.51 -19.16 10.80
C VAL G 647 80.77 -19.60 9.58
N PHE G 648 80.76 -20.91 9.32
CA PHE G 648 80.19 -21.46 8.12
C PHE G 648 79.44 -22.71 8.44
N LYS G 649 78.44 -23.06 7.59
CA LYS G 649 77.60 -24.20 7.85
C LYS G 649 78.41 -25.45 7.69
N ALA G 650 78.27 -26.39 8.64
CA ALA G 650 79.03 -27.60 8.61
C ALA G 650 78.57 -28.44 7.47
N GLU G 651 77.27 -28.38 7.14
CA GLU G 651 76.77 -29.21 6.08
C GLU G 651 77.33 -28.83 4.74
N THR G 652 77.14 -27.56 4.34
CA THR G 652 77.44 -27.04 3.03
C THR G 652 78.69 -26.23 2.88
N GLY G 653 79.15 -25.56 3.96
CA GLY G 653 80.35 -24.79 3.84
C GLY G 653 79.92 -23.38 3.52
N GLU G 654 78.60 -23.15 3.45
CA GLU G 654 78.13 -21.82 3.13
C GLU G 654 78.49 -20.94 4.29
N LYS G 655 79.13 -19.79 4.00
CA LYS G 655 79.47 -18.85 5.02
C LYS G 655 78.28 -18.20 5.65
N LEU G 656 78.21 -18.28 6.99
CA LEU G 656 77.12 -17.78 7.80
C LEU G 656 77.43 -16.48 8.52
N LEU G 657 78.64 -16.36 9.12
CA LEU G 657 78.95 -15.14 9.83
C LEU G 657 80.28 -14.60 9.39
N GLU G 658 80.34 -13.28 9.10
CA GLU G 658 81.58 -12.64 8.77
C GLU G 658 81.72 -11.51 9.75
N ILE G 659 82.35 -11.78 10.91
CA ILE G 659 82.35 -10.82 11.98
C ILE G 659 83.75 -10.35 12.20
N LYS G 660 83.98 -9.02 12.05
CA LYS G 660 85.30 -8.47 12.21
C LYS G 660 85.48 -8.28 13.68
N ALA G 661 85.75 -9.38 14.40
CA ALA G 661 85.84 -9.43 15.83
C ALA G 661 86.97 -8.62 16.43
N HIS G 662 88.22 -8.75 15.96
CA HIS G 662 89.26 -8.03 16.68
C HIS G 662 90.12 -7.22 15.76
N GLU G 663 90.89 -6.32 16.41
CA GLU G 663 91.90 -5.45 15.87
C GLU G 663 93.24 -6.15 15.83
N ASP G 664 93.32 -7.38 16.34
CA ASP G 664 94.57 -8.10 16.32
C ASP G 664 94.25 -9.57 16.16
N GLU G 665 95.28 -10.41 15.95
CA GLU G 665 95.14 -11.81 15.65
C GLU G 665 94.38 -12.53 16.73
N VAL G 666 93.34 -13.29 16.29
CA VAL G 666 92.43 -13.97 17.17
C VAL G 666 92.95 -15.33 17.47
N LEU G 667 93.42 -15.52 18.72
CA LEU G 667 94.06 -16.70 19.26
C LEU G 667 93.14 -17.87 19.52
N CYS G 668 91.91 -17.65 20.05
CA CYS G 668 91.00 -18.76 20.13
C CYS G 668 89.60 -18.25 20.16
N CYS G 669 88.60 -19.17 20.01
CA CYS G 669 87.22 -18.78 19.96
C CYS G 669 86.37 -19.99 20.24
N ALA G 670 85.17 -19.79 20.84
CA ALA G 670 84.39 -20.92 21.28
C ALA G 670 82.93 -20.56 21.34
N PHE G 671 82.07 -21.60 21.32
CA PHE G 671 80.64 -21.46 21.31
C PHE G 671 80.19 -21.40 22.74
N SER G 672 79.06 -20.71 23.01
CA SER G 672 78.40 -20.79 24.28
C SER G 672 77.55 -22.03 24.30
N THR G 673 76.93 -22.32 25.46
CA THR G 673 76.16 -23.52 25.67
C THR G 673 75.14 -23.67 24.57
N ASP G 674 74.34 -22.62 24.34
CA ASP G 674 73.20 -22.56 23.46
C ASP G 674 73.55 -22.22 22.04
N ASP G 675 74.83 -21.94 21.73
CA ASP G 675 75.20 -21.55 20.39
C ASP G 675 74.55 -20.22 20.14
N ARG G 676 74.21 -19.50 21.21
CA ARG G 676 73.62 -18.20 21.06
C ARG G 676 74.71 -17.17 21.08
N PHE G 677 75.83 -17.47 21.76
CA PHE G 677 76.95 -16.57 21.71
C PHE G 677 78.19 -17.29 21.29
N ILE G 678 79.14 -16.53 20.72
CA ILE G 678 80.44 -17.00 20.35
C ILE G 678 81.41 -16.02 20.94
N ALA G 679 82.36 -16.50 21.75
CA ALA G 679 83.31 -15.60 22.36
C ALA G 679 84.62 -15.78 21.67
N THR G 680 85.38 -14.67 21.53
CA THR G 680 86.66 -14.73 20.90
C THR G 680 87.61 -14.11 21.87
N CYS G 681 88.86 -14.62 21.92
CA CYS G 681 89.85 -14.02 22.77
C CYS G 681 91.10 -13.91 21.96
N SER G 682 91.83 -12.78 22.08
CA SER G 682 92.85 -12.52 21.11
C SER G 682 94.06 -11.87 21.74
N VAL G 683 95.00 -11.49 20.84
CA VAL G 683 96.26 -10.87 21.14
C VAL G 683 96.04 -9.53 21.78
N ASP G 684 94.88 -8.91 21.52
CA ASP G 684 94.59 -7.58 21.98
C ASP G 684 94.19 -7.65 23.43
N LYS G 685 94.20 -8.88 23.98
CA LYS G 685 94.04 -9.09 25.40
C LYS G 685 92.64 -8.74 25.81
N LYS G 686 91.68 -8.80 24.87
CA LYS G 686 90.30 -8.56 25.21
C LYS G 686 89.52 -9.82 25.00
N VAL G 687 88.51 -10.04 25.89
CA VAL G 687 87.62 -11.17 25.82
C VAL G 687 86.34 -10.61 25.31
N LYS G 688 85.88 -11.01 24.11
CA LYS G 688 84.67 -10.41 23.63
C LYS G 688 83.65 -11.45 23.28
N ILE G 689 82.42 -11.28 23.85
CA ILE G 689 81.37 -12.22 23.61
C ILE G 689 80.46 -11.61 22.59
N TRP G 690 80.26 -12.29 21.45
CA TRP G 690 79.46 -11.70 20.41
C TRP G 690 78.18 -12.46 20.29
N ASN G 691 77.10 -11.76 19.87
CA ASN G 691 75.85 -12.43 19.64
C ASN G 691 76.09 -13.19 18.39
N SER G 692 75.83 -14.51 18.42
CA SER G 692 76.07 -15.30 17.26
C SER G 692 75.11 -14.94 16.17
N MET G 693 73.97 -14.32 16.52
CA MET G 693 73.02 -13.93 15.52
C MET G 693 73.47 -12.80 14.63
N THR G 694 73.79 -11.64 15.24
CA THR G 694 74.15 -10.44 14.53
C THR G 694 75.63 -10.15 14.55
N GLY G 695 76.33 -10.66 15.57
CA GLY G 695 77.76 -10.47 15.64
C GLY G 695 78.04 -9.20 16.38
N GLU G 696 77.07 -8.67 17.16
CA GLU G 696 77.30 -7.46 17.90
C GLU G 696 77.89 -7.82 19.24
N LEU G 697 78.68 -6.89 19.81
CA LEU G 697 79.33 -7.09 21.08
C LEU G 697 78.25 -7.05 22.13
N VAL G 698 78.20 -8.11 22.96
CA VAL G 698 77.28 -8.37 24.05
C VAL G 698 77.91 -8.16 25.41
N HIS G 699 79.05 -8.82 25.72
CA HIS G 699 79.80 -8.72 26.96
C HIS G 699 81.23 -8.52 26.56
N THR G 700 82.01 -7.78 27.38
CA THR G 700 83.42 -7.69 27.11
C THR G 700 84.17 -7.62 28.40
N TYR G 701 85.34 -8.32 28.46
CA TYR G 701 86.07 -8.44 29.69
C TYR G 701 87.53 -8.20 29.39
N ASP G 702 88.28 -7.57 30.33
CA ASP G 702 89.69 -7.40 30.09
C ASP G 702 90.40 -7.13 31.40
N GLU G 703 90.95 -8.18 32.03
CA GLU G 703 91.81 -8.02 33.17
C GLU G 703 93.20 -8.59 33.01
N HIS G 704 93.40 -9.54 32.08
CA HIS G 704 94.67 -10.19 31.92
C HIS G 704 95.73 -9.25 31.46
N SER G 705 96.98 -9.50 31.90
CA SER G 705 98.10 -8.65 31.61
C SER G 705 98.70 -9.05 30.29
N GLU G 706 98.77 -10.38 30.05
CA GLU G 706 99.33 -10.93 28.85
C GLU G 706 98.23 -11.32 27.91
N GLN G 707 98.62 -11.82 26.71
CA GLN G 707 97.67 -12.26 25.74
C GLN G 707 96.95 -13.44 26.29
N VAL G 708 95.65 -13.58 25.97
CA VAL G 708 94.85 -14.62 26.56
C VAL G 708 95.03 -15.90 25.81
N ASN G 709 95.30 -16.99 26.55
CA ASN G 709 95.56 -18.33 26.07
C ASN G 709 94.36 -19.25 26.07
N CYS G 710 93.51 -19.18 27.13
CA CYS G 710 92.39 -20.09 27.23
C CYS G 710 91.14 -19.33 27.55
N CYS G 711 90.08 -19.58 26.75
CA CYS G 711 88.76 -19.07 27.04
C CYS G 711 87.77 -20.17 26.80
N HIS G 712 86.88 -20.42 27.79
CA HIS G 712 85.91 -21.48 27.68
C HIS G 712 84.68 -21.12 28.44
N PHE G 713 83.49 -21.34 27.83
CA PHE G 713 82.21 -21.16 28.47
C PHE G 713 81.91 -22.30 29.40
N THR G 714 81.18 -22.01 30.49
CA THR G 714 80.53 -23.02 31.28
C THR G 714 79.77 -23.91 30.34
N ASN G 715 79.70 -25.23 30.64
CA ASN G 715 79.02 -26.19 29.82
C ASN G 715 77.53 -26.21 30.04
N SER G 716 77.11 -26.37 31.32
CA SER G 716 75.70 -26.32 31.64
C SER G 716 75.22 -24.91 31.60
N SER G 717 73.90 -24.75 31.34
CA SER G 717 73.29 -23.46 31.22
C SER G 717 72.89 -22.99 32.59
N HIS G 718 73.04 -23.86 33.60
CA HIS G 718 72.64 -23.50 34.93
C HIS G 718 73.45 -22.36 35.49
N HIS G 719 74.77 -22.56 35.68
CA HIS G 719 75.64 -21.49 36.09
C HIS G 719 76.18 -20.81 34.88
N LEU G 720 76.31 -19.46 34.94
CA LEU G 720 76.81 -18.75 33.79
C LEU G 720 78.14 -18.15 34.12
N LEU G 721 79.24 -18.91 33.93
CA LEU G 721 80.55 -18.41 34.25
C LEU G 721 81.42 -18.51 33.03
N LEU G 722 82.46 -17.66 32.95
CA LEU G 722 83.37 -17.72 31.85
C LEU G 722 84.74 -17.87 32.44
N ALA G 723 85.51 -18.89 32.01
CA ALA G 723 86.82 -19.10 32.56
C ALA G 723 87.82 -18.61 31.56
N THR G 724 88.82 -17.82 32.02
CA THR G 724 89.91 -17.48 31.14
C THR G 724 91.21 -17.67 31.87
N GLY G 725 92.30 -17.87 31.10
CA GLY G 725 93.60 -18.05 31.67
C GLY G 725 94.56 -17.56 30.64
N SER G 726 95.82 -17.24 31.03
CA SER G 726 96.71 -16.64 30.08
C SER G 726 98.14 -16.88 30.49
N SER G 727 99.06 -16.18 29.80
CA SER G 727 100.49 -16.35 29.96
C SER G 727 100.90 -15.63 31.21
N ASP G 728 100.00 -14.81 31.77
CA ASP G 728 100.26 -13.99 32.93
C ASP G 728 100.16 -14.81 34.17
N CYS G 729 99.86 -16.12 34.02
CA CYS G 729 99.81 -17.14 35.04
C CYS G 729 98.66 -16.98 35.98
N PHE G 730 97.72 -16.06 35.67
CA PHE G 730 96.55 -15.96 36.51
C PHE G 730 95.38 -16.53 35.75
N LEU G 731 94.33 -16.90 36.51
CA LEU G 731 93.09 -17.42 36.04
C LEU G 731 92.07 -16.39 36.41
N LYS G 732 91.04 -16.19 35.57
CA LYS G 732 90.02 -15.26 35.95
C LYS G 732 88.67 -15.88 35.74
N LEU G 733 87.83 -15.83 36.78
CA LEU G 733 86.51 -16.41 36.70
C LEU G 733 85.61 -15.24 36.54
N TRP G 734 84.87 -15.18 35.40
CA TRP G 734 84.06 -14.03 35.14
C TRP G 734 82.64 -14.46 35.35
N ASP G 735 81.82 -13.55 35.88
CA ASP G 735 80.41 -13.81 36.04
C ASP G 735 79.82 -13.26 34.78
N LEU G 736 79.11 -14.10 34.01
CA LEU G 736 78.55 -13.66 32.77
C LEU G 736 77.42 -12.72 33.05
N ASN G 737 76.88 -12.79 34.27
CA ASN G 737 75.81 -11.92 34.64
C ASN G 737 76.36 -10.54 34.87
N GLN G 738 77.68 -10.40 35.11
CA GLN G 738 78.27 -9.11 35.38
C GLN G 738 79.23 -8.71 34.31
N LYS G 739 79.74 -7.46 34.44
CA LYS G 739 80.78 -6.88 33.63
C LYS G 739 82.11 -7.13 34.27
N GLU G 740 82.12 -7.68 35.51
CA GLU G 740 83.37 -7.89 36.21
C GLU G 740 83.68 -9.32 36.50
N CYS G 741 84.95 -9.52 36.93
CA CYS G 741 85.51 -10.79 37.27
C CYS G 741 84.94 -11.20 38.59
N ARG G 742 84.36 -12.41 38.63
CA ARG G 742 83.85 -13.02 39.83
C ARG G 742 84.93 -13.31 40.84
N ASN G 743 86.10 -13.80 40.38
CA ASN G 743 87.19 -13.98 41.31
C ASN G 743 88.44 -14.19 40.52
N THR G 744 89.56 -13.58 40.98
CA THR G 744 90.83 -13.80 40.36
C THR G 744 91.44 -14.96 41.08
N MET G 745 91.93 -15.97 40.33
CA MET G 745 92.47 -17.13 40.96
C MET G 745 93.93 -17.17 40.65
N PHE G 746 94.78 -17.31 41.69
CA PHE G 746 96.20 -17.33 41.48
C PHE G 746 96.69 -18.62 42.05
N GLY G 747 97.96 -19.00 41.76
CA GLY G 747 98.39 -20.27 42.27
C GLY G 747 99.17 -21.12 41.29
N HIS G 748 99.15 -20.83 39.97
CA HIS G 748 100.04 -21.59 39.13
C HIS G 748 101.43 -21.04 39.20
N THR G 749 102.44 -21.91 38.94
CA THR G 749 103.81 -21.48 39.03
C THR G 749 104.31 -21.07 37.67
N ASN G 750 103.64 -21.51 36.59
CA ASN G 750 104.03 -21.04 35.27
C ASN G 750 102.81 -20.54 34.53
N SER G 751 102.96 -20.35 33.20
CA SER G 751 101.92 -19.83 32.36
C SER G 751 100.85 -20.86 32.18
N VAL G 752 99.60 -20.40 31.97
CA VAL G 752 98.49 -21.30 31.82
C VAL G 752 98.26 -21.49 30.36
N ASN G 753 98.18 -22.76 29.94
CA ASN G 753 98.01 -23.17 28.57
C ASN G 753 96.61 -23.56 28.17
N HIS G 754 95.80 -24.13 29.09
CA HIS G 754 94.50 -24.54 28.66
C HIS G 754 93.60 -24.68 29.85
N CYS G 755 92.27 -24.59 29.63
CA CYS G 755 91.35 -24.65 30.72
C CYS G 755 90.04 -25.18 30.23
N ARG G 756 89.35 -26.01 31.05
CA ARG G 756 88.10 -26.52 30.56
C ARG G 756 87.15 -26.67 31.70
N PHE G 757 85.86 -26.36 31.45
CA PHE G 757 84.84 -26.65 32.41
C PHE G 757 84.52 -28.10 32.29
N SER G 758 84.27 -28.76 33.43
CA SER G 758 83.78 -30.11 33.41
C SER G 758 82.33 -30.03 33.04
N PRO G 759 81.71 -31.14 32.71
CA PRO G 759 80.31 -31.13 32.37
C PRO G 759 79.58 -30.67 33.59
N ASP G 760 80.20 -30.88 34.77
CA ASP G 760 79.56 -30.43 35.96
C ASP G 760 80.08 -29.03 36.01
N ASP G 761 79.16 -28.05 35.86
CA ASP G 761 79.42 -26.64 35.84
C ASP G 761 80.05 -26.12 37.09
N LYS G 762 80.06 -26.91 38.17
CA LYS G 762 80.72 -26.55 39.40
C LYS G 762 82.22 -26.78 39.39
N LEU G 763 82.78 -27.62 38.48
CA LEU G 763 84.21 -27.85 38.52
C LEU G 763 84.91 -27.29 37.31
N LEU G 764 86.06 -26.62 37.56
CA LEU G 764 86.85 -26.04 36.50
C LEU G 764 88.22 -26.63 36.59
N ALA G 765 88.71 -27.26 35.51
CA ALA G 765 90.02 -27.83 35.54
C ALA G 765 90.96 -26.90 34.83
N SER G 766 92.19 -26.73 35.36
CA SER G 766 93.12 -25.86 34.72
C SER G 766 94.36 -26.64 34.39
N CYS G 767 94.85 -26.48 33.14
CA CYS G 767 96.09 -27.13 32.76
C CYS G 767 97.11 -26.07 32.48
N SER G 768 98.37 -26.32 32.92
CA SER G 768 99.41 -25.34 32.74
C SER G 768 100.75 -26.00 32.49
N ALA G 769 101.73 -25.16 32.13
CA ALA G 769 103.05 -25.46 31.64
C ALA G 769 103.85 -26.15 32.70
N ASP G 770 103.50 -25.91 33.98
CA ASP G 770 104.25 -26.30 35.13
C ASP G 770 103.96 -27.74 35.47
N GLY G 771 103.12 -28.42 34.68
CA GLY G 771 102.99 -29.85 34.85
C GLY G 771 102.06 -30.14 35.99
N THR G 772 101.23 -29.16 36.39
CA THR G 772 100.21 -29.49 37.35
C THR G 772 98.85 -29.30 36.76
N LEU G 773 97.89 -30.11 37.26
CA LEU G 773 96.51 -30.09 36.89
C LEU G 773 95.91 -29.46 38.11
N LYS G 774 95.01 -28.46 37.95
CA LYS G 774 94.38 -28.01 39.17
C LYS G 774 92.90 -28.11 39.07
N LEU G 775 92.26 -28.48 40.20
CA LEU G 775 90.84 -28.57 40.23
C LEU G 775 90.29 -27.42 41.03
N TRP G 776 89.46 -26.57 40.41
CA TRP G 776 88.98 -25.40 41.10
C TRP G 776 87.51 -25.58 41.34
N ASP G 777 87.05 -25.15 42.53
CA ASP G 777 85.65 -25.24 42.87
C ASP G 777 85.04 -23.94 42.46
N ALA G 778 84.19 -23.93 41.43
CA ALA G 778 83.62 -22.70 40.97
C ALA G 778 82.63 -22.12 41.93
N THR G 779 82.07 -22.95 42.83
CA THR G 779 81.09 -22.43 43.74
C THR G 779 81.72 -21.44 44.68
N SER G 780 82.84 -21.83 45.33
CA SER G 780 83.60 -20.95 46.18
C SER G 780 84.75 -20.24 45.52
N ALA G 781 85.09 -20.55 44.27
CA ALA G 781 86.20 -19.95 43.59
C ALA G 781 87.48 -20.21 44.36
N ASN G 782 87.59 -21.40 45.00
CA ASN G 782 88.76 -21.72 45.78
C ASN G 782 89.42 -22.94 45.19
N GLU G 783 90.77 -23.04 45.35
CA GLU G 783 91.46 -24.21 44.87
C GLU G 783 91.06 -25.38 45.71
N ARG G 784 90.58 -26.46 45.04
CA ARG G 784 90.15 -27.67 45.69
C ARG G 784 91.26 -28.67 45.82
N LYS G 785 91.83 -29.11 44.68
CA LYS G 785 92.94 -30.02 44.78
C LYS G 785 93.93 -29.73 43.69
N SER G 786 95.17 -30.20 43.89
CA SER G 786 96.23 -29.94 42.95
C SER G 786 96.85 -31.27 42.62
N ILE G 787 96.95 -31.60 41.31
CA ILE G 787 97.59 -32.83 40.95
C ILE G 787 98.93 -32.53 40.33
N ASN G 788 100.02 -32.95 41.01
CA ASN G 788 101.34 -32.80 40.48
C ASN G 788 101.65 -33.96 39.58
N VAL G 789 101.77 -33.70 38.26
CA VAL G 789 101.96 -34.76 37.31
C VAL G 789 103.42 -35.10 37.29
N LYS G 790 103.82 -35.96 38.24
CA LYS G 790 105.07 -36.63 38.49
C LYS G 790 105.13 -38.08 38.07
N GLN G 791 104.03 -38.60 37.51
CA GLN G 791 103.88 -39.96 37.06
C GLN G 791 104.77 -40.34 35.93
N PHE G 792 105.25 -39.39 35.10
CA PHE G 792 106.25 -39.82 34.16
C PHE G 792 107.57 -39.85 34.83
N PHE G 793 108.16 -41.07 34.94
CA PHE G 793 109.40 -41.21 35.64
C PHE G 793 110.43 -41.49 34.60
N LEU G 794 111.39 -40.56 34.43
CA LEU G 794 112.44 -40.81 33.49
C LEU G 794 113.70 -40.31 34.10
N ASN G 795 114.64 -41.23 34.39
CA ASN G 795 115.86 -40.81 35.01
C ASN G 795 116.90 -40.83 33.94
N LEU G 796 117.32 -39.63 33.50
CA LEU G 796 118.30 -39.54 32.46
C LEU G 796 119.64 -39.31 33.09
N GLU G 797 120.70 -39.50 32.29
CA GLU G 797 122.05 -39.26 32.75
C GLU G 797 122.17 -37.80 33.02
N ASP G 798 121.36 -37.00 32.29
CA ASP G 798 121.26 -35.58 32.52
C ASP G 798 121.24 -35.34 34.00
N PRO G 799 122.25 -34.63 34.40
CA PRO G 799 122.47 -34.26 35.76
C PRO G 799 121.27 -33.60 36.35
N GLN G 800 120.40 -32.99 35.53
CA GLN G 800 119.27 -32.33 36.10
C GLN G 800 118.33 -33.34 36.66
N GLU G 801 117.35 -32.86 37.44
CA GLU G 801 116.39 -33.69 38.10
C GLU G 801 115.65 -34.47 37.06
N ASP G 802 114.85 -35.45 37.54
CA ASP G 802 114.11 -36.33 36.68
C ASP G 802 113.36 -35.52 35.68
N MET G 803 113.12 -36.14 34.51
CA MET G 803 112.55 -35.42 33.41
C MET G 803 111.35 -34.68 33.86
N GLU G 804 111.41 -33.34 33.67
CA GLU G 804 110.35 -32.47 34.06
C GLU G 804 109.21 -32.77 33.14
N VAL G 805 107.98 -32.72 33.68
CA VAL G 805 106.84 -33.14 32.90
C VAL G 805 106.08 -31.93 32.49
N ILE G 806 105.89 -31.77 31.16
CA ILE G 806 105.11 -30.67 30.67
C ILE G 806 103.84 -31.22 30.09
N VAL G 807 102.70 -30.89 30.71
CA VAL G 807 101.44 -31.44 30.28
C VAL G 807 100.96 -30.60 29.12
N LYS G 808 100.36 -31.25 28.11
CA LYS G 808 99.87 -30.59 26.92
C LYS G 808 98.38 -30.70 26.90
N CYS G 809 97.84 -31.44 25.89
CA CYS G 809 96.42 -31.60 25.63
C CYS G 809 95.78 -32.03 26.92
N CYS G 810 94.63 -31.42 27.27
CA CYS G 810 93.95 -31.85 28.47
C CYS G 810 92.51 -31.97 28.17
N SER G 811 92.01 -33.21 28.03
CA SER G 811 90.62 -33.40 27.69
C SER G 811 89.93 -34.19 28.75
N TRP G 812 88.60 -33.99 28.84
CA TRP G 812 87.73 -34.58 29.84
C TRP G 812 87.26 -35.92 29.38
N SER G 813 87.06 -36.84 30.35
CA SER G 813 86.51 -38.15 30.09
C SER G 813 85.05 -37.95 29.83
N ALA G 814 84.35 -39.04 29.44
CA ALA G 814 82.94 -38.99 29.24
C ALA G 814 82.26 -38.71 30.54
N ASP G 815 82.87 -39.19 31.64
CA ASP G 815 82.33 -39.05 32.97
C ASP G 815 82.41 -37.62 33.41
N GLY G 816 83.60 -36.98 33.30
CA GLY G 816 83.71 -35.61 33.69
C GLY G 816 84.47 -35.57 34.98
N ALA G 817 84.60 -36.76 35.61
CA ALA G 817 85.37 -37.00 36.79
C ALA G 817 86.80 -37.31 36.47
N ARG G 818 87.14 -37.55 35.19
CA ARG G 818 88.51 -37.88 34.90
C ARG G 818 89.02 -37.02 33.78
N ILE G 819 90.35 -36.80 33.76
CA ILE G 819 90.94 -36.02 32.70
C ILE G 819 91.97 -36.86 32.01
N MET G 820 91.90 -36.96 30.66
CA MET G 820 92.91 -37.70 29.96
C MET G 820 93.92 -36.69 29.50
N VAL G 821 95.19 -36.84 29.96
CA VAL G 821 96.20 -35.90 29.60
C VAL G 821 97.32 -36.64 28.94
N ALA G 822 98.20 -35.90 28.23
CA ALA G 822 99.38 -36.52 27.72
C ALA G 822 100.54 -35.62 27.99
N ALA G 823 101.73 -36.21 28.18
CA ALA G 823 102.89 -35.42 28.44
C ALA G 823 104.06 -36.32 28.21
N LYS G 824 105.21 -35.73 27.83
CA LYS G 824 106.39 -36.52 27.59
C LYS G 824 106.06 -37.58 26.59
N ASN G 825 106.37 -38.82 27.01
CA ASN G 825 106.15 -40.06 26.33
C ASN G 825 104.94 -40.79 26.82
N LYS G 826 104.13 -40.22 27.73
CA LYS G 826 103.03 -41.06 28.14
C LYS G 826 101.72 -40.35 28.28
N ILE G 827 100.64 -41.14 28.13
CA ILE G 827 99.28 -40.72 28.21
C ILE G 827 98.89 -41.09 29.60
N PHE G 828 98.32 -40.14 30.38
CA PHE G 828 97.94 -40.50 31.72
C PHE G 828 96.47 -40.26 31.91
N LEU G 829 95.83 -41.08 32.77
CA LEU G 829 94.45 -40.84 33.11
C LEU G 829 94.38 -40.49 34.56
N PHE G 830 93.97 -39.24 34.86
CA PHE G 830 93.89 -38.80 36.23
C PHE G 830 92.46 -38.67 36.65
N ASP G 831 92.19 -39.01 37.93
CA ASP G 831 90.90 -38.82 38.51
C ASP G 831 91.01 -37.55 39.28
N ILE G 832 90.11 -36.59 39.00
CA ILE G 832 90.19 -35.31 39.64
C ILE G 832 89.68 -35.41 41.05
N HIS G 833 88.95 -36.49 41.39
CA HIS G 833 88.39 -36.58 42.71
C HIS G 833 89.31 -37.23 43.72
N THR G 834 90.16 -38.16 43.26
CA THR G 834 91.09 -38.87 44.10
C THR G 834 92.45 -38.32 43.88
N SER G 835 92.66 -37.67 42.73
CA SER G 835 93.93 -37.10 42.39
C SER G 835 94.91 -38.23 42.23
N GLY G 836 94.41 -39.41 41.83
CA GLY G 836 95.26 -40.55 41.67
C GLY G 836 95.39 -40.86 40.20
N LEU G 837 96.19 -41.90 39.89
CA LEU G 837 96.44 -42.26 38.53
C LEU G 837 95.73 -43.55 38.28
N LEU G 838 94.97 -43.59 37.16
CA LEU G 838 94.19 -44.73 36.77
C LEU G 838 94.81 -45.43 35.58
N GLY G 839 95.53 -44.71 34.70
CA GLY G 839 96.05 -45.45 33.57
C GLY G 839 97.28 -44.79 33.03
N GLU G 840 98.13 -45.59 32.35
CA GLU G 840 99.42 -45.14 31.93
C GLU G 840 99.74 -45.81 30.63
N ILE G 841 99.82 -45.04 29.53
CA ILE G 841 100.03 -45.66 28.26
C ILE G 841 101.30 -45.07 27.72
N HIS G 842 102.21 -45.92 27.21
CA HIS G 842 103.41 -45.42 26.62
C HIS G 842 103.14 -45.18 25.17
N THR G 843 103.67 -44.07 24.63
CA THR G 843 103.43 -43.74 23.25
C THR G 843 104.66 -43.98 22.42
N GLY G 844 104.62 -43.48 21.17
CA GLY G 844 105.63 -43.75 20.20
C GLY G 844 106.96 -43.30 20.71
N HIS G 845 107.97 -44.18 20.53
CA HIS G 845 109.35 -44.01 20.85
C HIS G 845 109.53 -43.05 21.98
N HIS G 846 110.57 -42.21 21.86
CA HIS G 846 110.89 -41.29 22.91
C HIS G 846 111.13 -39.95 22.30
N SER G 847 110.13 -39.05 22.47
CA SER G 847 110.10 -37.73 21.91
C SER G 847 109.24 -36.99 22.88
N THR G 848 108.70 -35.83 22.46
CA THR G 848 107.81 -35.12 23.33
C THR G 848 106.51 -34.92 22.61
N ILE G 849 105.39 -35.37 23.22
CA ILE G 849 104.11 -35.20 22.60
C ILE G 849 103.80 -33.73 22.61
N GLN G 850 103.65 -33.14 21.41
CA GLN G 850 103.27 -31.77 21.28
C GLN G 850 101.77 -31.54 21.28
N TYR G 851 100.97 -32.43 20.65
CA TYR G 851 99.54 -32.19 20.68
C TYR G 851 98.83 -33.51 20.64
N CYS G 852 97.60 -33.60 21.19
CA CYS G 852 96.91 -34.86 21.31
C CYS G 852 95.46 -34.65 21.65
N ASP G 853 94.64 -35.71 21.49
CA ASP G 853 93.27 -35.66 21.96
C ASP G 853 92.78 -37.07 22.07
N PHE G 854 91.68 -37.27 22.84
CA PHE G 854 91.20 -38.60 23.15
C PHE G 854 89.88 -38.78 22.45
N SER G 855 89.72 -39.92 21.75
CA SER G 855 88.51 -40.24 21.03
C SER G 855 87.51 -40.87 21.97
N PRO G 856 86.27 -40.47 21.83
CA PRO G 856 85.21 -41.02 22.63
C PRO G 856 84.92 -42.46 22.33
N GLN G 857 85.44 -43.00 21.22
CA GLN G 857 85.07 -44.33 20.83
C GLN G 857 86.29 -45.18 20.77
N ASN G 858 86.15 -46.45 21.19
CA ASN G 858 87.13 -47.47 21.02
C ASN G 858 88.36 -47.12 21.81
N HIS G 859 88.22 -46.20 22.78
CA HIS G 859 89.31 -45.84 23.65
C HIS G 859 90.48 -45.43 22.81
N LEU G 860 90.23 -44.83 21.63
CA LEU G 860 91.31 -44.41 20.78
C LEU G 860 91.85 -43.09 21.22
N ALA G 861 93.14 -42.86 20.92
CA ALA G 861 93.74 -41.60 21.23
C ALA G 861 94.50 -41.17 20.01
N VAL G 862 94.39 -39.88 19.64
CA VAL G 862 95.11 -39.40 18.51
C VAL G 862 96.24 -38.59 19.03
N VAL G 863 97.48 -39.04 18.74
CA VAL G 863 98.60 -38.36 19.31
C VAL G 863 99.38 -37.74 18.19
N ALA G 864 99.42 -36.40 18.16
CA ALA G 864 100.24 -35.76 17.17
C ALA G 864 101.55 -35.64 17.87
N LEU G 865 102.47 -36.59 17.62
CA LEU G 865 103.67 -36.60 18.40
C LEU G 865 104.54 -35.41 18.12
N SER G 866 105.00 -35.27 16.87
CA SER G 866 105.90 -34.19 16.58
C SER G 866 106.14 -34.25 15.12
N GLN G 867 106.40 -33.07 14.53
CA GLN G 867 106.65 -32.94 13.12
C GLN G 867 105.68 -33.71 12.26
N TYR G 868 104.38 -33.37 12.44
CA TYR G 868 103.23 -33.94 11.80
C TYR G 868 103.25 -35.44 11.76
N CYS G 869 103.87 -36.09 12.76
CA CYS G 869 103.73 -37.51 12.80
C CYS G 869 102.56 -37.76 13.70
N VAL G 870 101.47 -38.34 13.16
CA VAL G 870 100.32 -38.55 13.99
C VAL G 870 100.09 -40.02 14.12
N GLU G 871 100.05 -40.51 15.37
CA GLU G 871 99.90 -41.92 15.57
C GLU G 871 98.57 -42.16 16.21
N LEU G 872 97.81 -43.14 15.70
CA LEU G 872 96.59 -43.51 16.34
C LEU G 872 96.88 -44.68 17.22
N TRP G 873 96.50 -44.57 18.51
CA TRP G 873 96.75 -45.59 19.49
C TRP G 873 95.47 -45.98 20.17
N ASN G 874 95.41 -47.26 20.59
CA ASN G 874 94.30 -47.75 21.35
C ASN G 874 94.75 -47.82 22.78
N THR G 875 94.18 -46.96 23.65
CA THR G 875 94.69 -46.88 24.99
C THR G 875 94.06 -48.05 25.68
N ASP G 876 94.58 -48.42 26.86
CA ASP G 876 94.12 -49.56 27.58
C ASP G 876 94.68 -50.79 26.94
N SER G 877 94.46 -50.97 25.62
CA SER G 877 95.04 -52.05 24.89
C SER G 877 96.50 -51.73 24.74
N ARG G 878 96.78 -50.41 24.78
CA ARG G 878 98.10 -49.87 24.73
C ARG G 878 98.81 -50.29 23.47
N SER G 879 98.11 -50.28 22.32
CA SER G 879 98.74 -50.79 21.13
C SER G 879 98.56 -49.79 20.02
N LYS G 880 99.60 -49.62 19.18
CA LYS G 880 99.51 -48.70 18.08
C LYS G 880 98.62 -49.29 17.04
N VAL G 881 97.68 -48.49 16.52
CA VAL G 881 96.69 -48.86 15.54
C VAL G 881 97.03 -48.45 14.14
N ALA G 882 97.45 -47.19 13.92
CA ALA G 882 97.71 -46.79 12.56
C ALA G 882 98.54 -45.54 12.52
N ASP G 883 99.26 -45.38 11.39
CA ASP G 883 100.01 -44.18 11.14
C ASP G 883 99.14 -43.28 10.33
N CYS G 884 98.69 -42.17 10.94
CA CYS G 884 97.75 -41.30 10.28
C CYS G 884 98.52 -40.32 9.46
N ARG G 885 98.44 -40.45 8.12
CA ARG G 885 99.13 -39.54 7.27
C ARG G 885 98.10 -38.62 6.71
N GLY G 886 98.47 -37.39 6.30
CA GLY G 886 97.47 -36.52 5.78
C GLY G 886 98.06 -35.18 5.45
N HIS G 887 99.03 -34.69 6.24
CA HIS G 887 99.60 -33.42 5.91
C HIS G 887 101.11 -33.52 5.92
N LEU G 888 101.74 -32.76 5.01
CA LEU G 888 103.15 -32.53 4.91
C LEU G 888 103.63 -31.54 5.93
N SER G 889 102.84 -30.49 6.18
CA SER G 889 103.21 -29.48 7.14
C SER G 889 102.83 -29.94 8.52
N TRP G 890 103.35 -29.24 9.55
CA TRP G 890 103.13 -29.48 10.96
C TRP G 890 101.68 -29.33 11.31
N VAL G 891 101.10 -30.37 11.97
CA VAL G 891 99.69 -30.36 12.28
C VAL G 891 99.47 -29.44 13.45
N HIS G 892 98.55 -28.48 13.29
CA HIS G 892 98.22 -27.50 14.28
C HIS G 892 97.15 -27.95 15.24
N GLY G 893 96.06 -28.55 14.75
CA GLY G 893 95.04 -28.97 15.67
C GLY G 893 94.28 -30.14 15.11
N VAL G 894 93.63 -30.90 16.01
CA VAL G 894 92.82 -32.00 15.58
C VAL G 894 91.57 -32.00 16.41
N MET G 895 90.39 -32.17 15.80
CA MET G 895 89.22 -32.19 16.64
C MET G 895 88.17 -33.11 16.08
N PHE G 896 87.26 -33.55 16.97
CA PHE G 896 86.30 -34.59 16.65
C PHE G 896 84.99 -33.98 16.31
N SER G 897 84.21 -34.71 15.49
CA SER G 897 82.93 -34.29 14.99
C SER G 897 82.06 -34.34 16.21
N PRO G 898 80.94 -33.69 16.22
CA PRO G 898 80.14 -33.68 17.42
C PRO G 898 79.54 -35.01 17.73
N ASP G 899 79.53 -35.94 16.76
CA ASP G 899 79.04 -37.27 16.96
C ASP G 899 80.17 -38.13 17.47
N GLY G 900 81.41 -37.81 17.09
CA GLY G 900 82.53 -38.58 17.53
C GLY G 900 82.72 -39.70 16.57
N SER G 901 81.95 -39.66 15.47
CA SER G 901 81.97 -40.66 14.44
C SER G 901 83.06 -40.34 13.46
N SER G 902 83.53 -39.08 13.46
CA SER G 902 84.58 -38.72 12.55
C SER G 902 85.39 -37.63 13.19
N PHE G 903 86.50 -37.22 12.56
CA PHE G 903 87.27 -36.11 13.05
C PHE G 903 88.04 -35.51 11.91
N LEU G 904 88.63 -34.31 12.14
CA LEU G 904 89.33 -33.61 11.10
C LEU G 904 90.65 -33.12 11.63
N THR G 905 91.66 -33.00 10.74
CA THR G 905 92.96 -32.52 11.13
C THR G 905 93.18 -31.20 10.43
N SER G 906 93.97 -30.28 11.04
CA SER G 906 94.22 -29.02 10.39
C SER G 906 95.68 -28.70 10.54
N SER G 907 96.42 -28.45 9.43
CA SER G 907 97.78 -28.06 9.63
C SER G 907 98.11 -26.68 9.15
N ASP G 908 99.43 -26.40 9.17
CA ASP G 908 100.09 -25.18 8.77
C ASP G 908 99.89 -24.96 7.31
N ASP G 909 99.43 -25.99 6.57
CA ASP G 909 99.13 -25.90 5.17
C ASP G 909 97.73 -25.38 5.03
N GLN G 910 97.11 -25.01 6.17
CA GLN G 910 95.84 -24.35 6.29
C GLN G 910 94.79 -25.16 5.61
N THR G 911 95.00 -26.48 5.61
CA THR G 911 94.06 -27.36 4.98
C THR G 911 93.45 -28.19 6.07
N ILE G 912 92.11 -28.26 6.08
CA ILE G 912 91.37 -29.02 7.03
C ILE G 912 91.02 -30.26 6.26
N ARG G 913 91.36 -31.46 6.77
CA ARG G 913 90.93 -32.64 6.07
C ARG G 913 90.05 -33.46 6.96
N LEU G 914 88.86 -33.85 6.45
CA LEU G 914 87.93 -34.62 7.21
C LEU G 914 88.25 -36.07 7.02
N TRP G 915 88.34 -36.80 8.15
CA TRP G 915 88.71 -38.20 8.09
C TRP G 915 87.66 -38.96 8.83
N GLU G 916 87.39 -40.20 8.37
CA GLU G 916 86.46 -41.08 9.04
C GLU G 916 87.31 -41.88 9.98
N THR G 917 86.97 -41.88 11.27
CA THR G 917 87.77 -42.60 12.22
C THR G 917 87.96 -44.04 11.79
N LYS G 918 86.91 -44.68 11.24
CA LYS G 918 86.98 -46.08 10.95
C LYS G 918 88.00 -46.31 9.88
N LYS G 919 88.19 -45.32 9.00
CA LYS G 919 89.11 -45.43 7.90
C LYS G 919 90.50 -45.16 8.38
N VAL G 920 90.65 -44.24 9.35
CA VAL G 920 91.94 -43.89 9.88
C VAL G 920 92.59 -45.05 10.61
N CYS G 921 91.77 -45.87 11.30
CA CYS G 921 92.21 -47.06 11.97
C CYS G 921 92.77 -48.08 11.02
N LYS G 922 92.49 -47.94 9.71
CA LYS G 922 92.99 -48.94 8.80
C LYS G 922 94.34 -48.51 8.27
N ASN G 923 95.17 -49.51 7.93
CA ASN G 923 96.49 -49.30 7.39
C ASN G 923 96.38 -49.10 5.91
N SER G 924 97.36 -48.39 5.32
CA SER G 924 97.27 -48.15 3.91
C SER G 924 98.62 -47.81 3.33
N ALA G 925 98.87 -48.43 2.16
CA ALA G 925 99.95 -48.31 1.21
C ALA G 925 99.59 -47.43 0.05
N VAL G 926 98.40 -46.81 0.09
CA VAL G 926 97.96 -46.02 -1.03
C VAL G 926 98.89 -44.87 -1.28
N MET G 927 99.24 -44.08 -0.25
CA MET G 927 100.06 -42.92 -0.52
C MET G 927 101.48 -43.22 -0.16
N LEU G 928 102.41 -42.46 -0.78
CA LEU G 928 103.81 -42.68 -0.53
C LEU G 928 104.29 -41.54 0.31
N LYS G 929 105.51 -41.69 0.86
CA LYS G 929 106.16 -40.65 1.59
C LYS G 929 106.72 -39.72 0.57
N GLN G 930 106.94 -38.45 0.95
CA GLN G 930 107.41 -37.43 0.07
C GLN G 930 108.80 -37.72 -0.43
N GLU G 931 109.57 -38.57 0.26
CA GLU G 931 110.91 -38.84 -0.20
C GLU G 931 110.87 -39.87 -1.28
N VAL G 932 110.78 -39.41 -2.55
CA VAL G 932 110.80 -40.31 -3.67
C VAL G 932 111.73 -39.77 -4.72
N ASP G 933 112.09 -40.62 -5.71
CA ASP G 933 112.92 -40.20 -6.81
C ASP G 933 112.61 -41.09 -7.99
N VAL G 934 113.09 -40.73 -9.19
CA VAL G 934 112.71 -41.46 -10.38
C VAL G 934 113.91 -41.73 -11.25
N VAL G 935 113.99 -42.98 -11.75
CA VAL G 935 115.07 -43.35 -12.64
C VAL G 935 114.45 -43.90 -13.90
N PHE G 936 114.76 -43.29 -15.06
CA PHE G 936 114.25 -43.81 -16.30
C PHE G 936 115.31 -44.67 -16.92
N GLN G 937 115.03 -45.99 -17.05
CA GLN G 937 115.95 -46.86 -17.73
C GLN G 937 115.49 -47.11 -19.13
N GLU G 938 115.59 -46.10 -20.02
CA GLU G 938 115.22 -46.31 -21.39
C GLU G 938 113.77 -46.67 -21.52
N ASN G 939 113.49 -47.95 -21.80
CA ASN G 939 112.17 -48.42 -22.07
C ASN G 939 111.39 -48.51 -20.79
N GLU G 940 112.06 -48.60 -19.63
CA GLU G 940 111.30 -48.75 -18.42
C GLU G 940 111.57 -47.62 -17.46
N VAL G 941 110.65 -47.45 -16.47
CA VAL G 941 110.79 -46.43 -15.47
C VAL G 941 110.69 -47.08 -14.11
N MET G 942 111.58 -46.68 -13.17
CA MET G 942 111.51 -47.18 -11.83
C MET G 942 111.30 -46.04 -10.86
N VAL G 943 110.48 -46.26 -9.82
CA VAL G 943 110.26 -45.24 -8.83
C VAL G 943 110.87 -45.67 -7.53
N LEU G 944 111.75 -44.84 -6.95
CA LEU G 944 112.44 -45.16 -5.74
C LEU G 944 111.58 -44.54 -4.68
N ALA G 945 111.11 -45.32 -3.68
CA ALA G 945 110.32 -44.66 -2.69
C ALA G 945 110.56 -45.23 -1.32
N VAL G 946 110.66 -44.32 -0.33
CA VAL G 946 110.95 -44.70 1.02
C VAL G 946 109.78 -45.51 1.49
N ASP G 947 110.06 -46.64 2.16
CA ASP G 947 109.09 -47.58 2.63
C ASP G 947 108.37 -46.99 3.79
N HIS G 948 107.17 -47.50 4.03
CA HIS G 948 106.36 -47.05 5.12
C HIS G 948 107.16 -47.18 6.39
N ILE G 949 107.92 -48.29 6.55
CA ILE G 949 108.57 -48.40 7.83
C ILE G 949 110.09 -48.29 7.86
N ARG G 950 110.77 -49.37 7.39
CA ARG G 950 112.21 -49.50 7.52
C ARG G 950 113.13 -48.90 6.50
N ARG G 951 113.21 -49.53 5.30
CA ARG G 951 114.05 -48.90 4.33
C ARG G 951 113.27 -48.45 3.14
N LEU G 952 113.38 -49.07 1.94
CA LEU G 952 112.73 -48.47 0.80
C LEU G 952 112.34 -49.52 -0.20
N GLN G 953 111.42 -49.16 -1.12
CA GLN G 953 111.03 -50.03 -2.19
C GLN G 953 111.40 -49.41 -3.51
N LEU G 954 112.12 -50.18 -4.34
CA LEU G 954 112.36 -49.76 -5.69
C LEU G 954 111.29 -50.46 -6.49
N ILE G 955 110.32 -49.68 -7.00
CA ILE G 955 109.17 -50.23 -7.67
C ILE G 955 109.29 -50.00 -9.14
N ASN G 956 109.39 -51.11 -9.91
CA ASN G 956 109.47 -51.00 -11.33
C ASN G 956 108.09 -50.67 -11.79
N GLY G 957 107.91 -49.53 -12.50
CA GLY G 957 106.58 -49.13 -12.82
C GLY G 957 106.15 -49.96 -13.99
N ARG G 958 104.84 -49.92 -14.32
CA ARG G 958 104.31 -50.61 -15.45
C ARG G 958 104.44 -52.09 -15.27
N THR G 959 104.58 -52.55 -14.00
CA THR G 959 104.62 -53.93 -13.61
C THR G 959 104.50 -53.92 -12.12
N GLY G 960 104.38 -55.09 -11.47
CA GLY G 960 104.22 -55.04 -10.05
C GLY G 960 105.55 -54.84 -9.40
N GLN G 961 106.58 -55.57 -9.91
CA GLN G 961 107.92 -55.75 -9.41
C GLN G 961 108.28 -54.74 -8.36
N ILE G 962 107.91 -55.06 -7.10
CA ILE G 962 108.34 -54.27 -5.98
C ILE G 962 109.56 -54.94 -5.43
N ASP G 963 110.71 -54.26 -5.54
CA ASP G 963 111.94 -54.79 -4.99
C ASP G 963 112.30 -53.99 -3.79
N TYR G 964 112.01 -54.56 -2.60
CA TYR G 964 112.36 -53.99 -1.34
C TYR G 964 113.79 -54.25 -1.00
N LEU G 965 114.50 -53.19 -0.56
CA LEU G 965 115.87 -53.32 -0.16
C LEU G 965 115.84 -53.15 1.31
N THR G 966 116.79 -53.73 2.06
CA THR G 966 116.73 -53.67 3.49
C THR G 966 117.99 -53.09 4.04
N GLU G 967 117.88 -52.34 5.16
CA GLU G 967 119.04 -51.65 5.67
C GLU G 967 118.69 -50.98 6.97
N ALA G 968 119.75 -50.41 7.58
CA ALA G 968 119.88 -49.61 8.77
C ALA G 968 119.25 -48.28 8.56
N GLN G 969 118.57 -48.10 7.41
CA GLN G 969 117.71 -46.98 7.19
C GLN G 969 118.63 -45.97 6.59
N VAL G 970 118.67 -45.98 5.25
CA VAL G 970 119.49 -45.09 4.48
C VAL G 970 118.80 -43.78 4.34
N SER G 971 119.60 -42.74 4.06
CA SER G 971 119.09 -41.40 3.88
C SER G 971 118.96 -41.02 2.42
N CYS G 972 119.80 -41.56 1.52
CA CYS G 972 119.65 -41.20 0.12
C CYS G 972 120.43 -42.19 -0.71
N CYS G 973 120.07 -42.35 -2.00
CA CYS G 973 120.79 -43.32 -2.78
C CYS G 973 121.32 -42.71 -4.04
N CYS G 974 122.33 -43.37 -4.65
CA CYS G 974 122.89 -42.90 -5.89
C CYS G 974 123.36 -44.07 -6.70
N LEU G 975 123.06 -44.07 -8.02
CA LEU G 975 123.45 -45.14 -8.91
C LEU G 975 124.69 -44.73 -9.66
N SER G 976 125.62 -45.70 -9.84
CA SER G 976 126.85 -45.37 -10.50
C SER G 976 126.60 -45.51 -11.95
N PRO G 977 127.43 -44.86 -12.74
CA PRO G 977 127.41 -45.01 -14.17
C PRO G 977 127.59 -46.46 -14.48
N HIS G 978 126.86 -46.97 -15.48
CA HIS G 978 126.90 -48.35 -15.88
C HIS G 978 126.38 -49.22 -14.78
N LEU G 979 125.69 -48.60 -13.79
CA LEU G 979 125.21 -49.28 -12.62
C LEU G 979 126.30 -50.16 -12.09
N GLN G 980 125.92 -51.41 -11.74
CA GLN G 980 126.72 -52.45 -11.14
C GLN G 980 127.07 -52.06 -9.75
N TYR G 981 126.66 -50.85 -9.31
CA TYR G 981 127.00 -50.46 -7.96
C TYR G 981 125.89 -49.57 -7.47
N ILE G 982 125.52 -49.71 -6.18
CA ILE G 982 124.50 -48.88 -5.58
C ILE G 982 125.16 -48.22 -4.41
N ALA G 983 124.98 -46.89 -4.24
CA ALA G 983 125.63 -46.21 -3.15
C ALA G 983 124.57 -45.60 -2.28
N PHE G 984 124.81 -45.56 -0.94
CA PHE G 984 123.84 -44.87 -0.14
C PHE G 984 124.45 -44.16 1.03
N GLY G 985 123.83 -43.01 1.38
CA GLY G 985 124.34 -42.12 2.39
C GLY G 985 123.58 -42.39 3.65
N ASP G 986 123.99 -41.74 4.75
CA ASP G 986 123.38 -41.98 6.03
C ASP G 986 123.56 -40.75 6.87
N GLU G 987 122.92 -40.73 8.05
CA GLU G 987 122.97 -39.55 8.87
C GLU G 987 124.37 -39.39 9.40
N ASN G 988 125.12 -40.50 9.48
CA ASN G 988 126.48 -40.56 9.97
C ASN G 988 127.40 -39.80 9.05
N GLY G 989 127.01 -39.62 7.77
CA GLY G 989 127.87 -38.91 6.86
C GLY G 989 128.61 -39.87 5.99
N ALA G 990 128.97 -41.05 6.52
CA ALA G 990 129.68 -42.03 5.75
C ALA G 990 128.78 -42.60 4.68
N ILE G 991 129.38 -43.00 3.54
CA ILE G 991 128.62 -43.54 2.44
C ILE G 991 129.05 -44.97 2.27
N GLU G 992 128.09 -45.88 1.97
CA GLU G 992 128.49 -47.22 1.68
C GLU G 992 128.09 -47.58 0.28
N ILE G 993 129.01 -48.27 -0.44
CA ILE G 993 128.74 -48.65 -1.79
C ILE G 993 128.70 -50.14 -1.80
N LEU G 994 127.58 -50.70 -2.31
CA LEU G 994 127.43 -52.13 -2.34
C LEU G 994 127.57 -52.54 -3.77
N GLU G 995 128.43 -53.53 -4.06
CA GLU G 995 128.54 -54.05 -5.39
C GLU G 995 127.30 -54.85 -5.69
N LEU G 996 126.70 -54.62 -6.89
CA LEU G 996 125.51 -55.30 -7.30
C LEU G 996 125.77 -56.61 -7.97
N VAL G 997 127.01 -56.84 -8.49
CA VAL G 997 127.33 -58.10 -9.12
C VAL G 997 127.46 -59.11 -8.02
N ASN G 998 128.14 -58.72 -6.92
CA ASN G 998 128.32 -59.64 -5.83
C ASN G 998 127.93 -58.84 -4.64
N ASN G 999 126.75 -59.09 -4.09
CA ASN G 999 126.17 -58.40 -2.97
C ASN G 999 126.87 -58.69 -1.67
N ARG G 1000 127.93 -59.52 -1.64
CA ARG G 1000 128.69 -59.57 -0.43
C ARG G 1000 129.84 -58.58 -0.32
N ILE G 1001 130.22 -57.92 -1.43
CA ILE G 1001 131.32 -56.98 -1.47
C ILE G 1001 130.82 -55.57 -1.37
N PHE G 1002 131.34 -54.81 -0.38
CA PHE G 1002 130.93 -53.43 -0.21
C PHE G 1002 132.07 -52.65 0.34
N GLN G 1003 132.07 -51.31 0.15
CA GLN G 1003 133.13 -50.48 0.64
C GLN G 1003 132.53 -49.31 1.36
N SER G 1004 133.22 -48.77 2.39
CA SER G 1004 132.71 -47.61 3.04
C SER G 1004 133.83 -46.90 3.74
N ARG G 1005 134.07 -45.60 3.43
CA ARG G 1005 135.09 -44.97 4.22
C ARG G 1005 134.56 -43.79 4.93
N PHE G 1006 134.66 -43.88 6.29
CA PHE G 1006 134.14 -42.90 7.19
C PHE G 1006 134.66 -41.53 6.96
N GLN G 1007 133.72 -40.56 6.84
CA GLN G 1007 133.96 -39.16 6.59
C GLN G 1007 132.69 -38.38 6.76
N HIS G 1008 132.84 -37.07 7.12
CA HIS G 1008 131.77 -36.12 7.33
C HIS G 1008 131.16 -36.17 8.70
N LYS G 1009 130.93 -34.98 9.31
CA LYS G 1009 130.31 -34.90 10.60
C LYS G 1009 128.81 -34.86 10.55
N LYS G 1010 128.24 -33.98 9.68
CA LYS G 1010 126.80 -33.83 9.58
C LYS G 1010 126.29 -34.79 8.55
N THR G 1011 124.96 -34.85 8.37
CA THR G 1011 124.39 -35.73 7.38
C THR G 1011 124.99 -35.37 6.06
N VAL G 1012 125.40 -36.39 5.28
CA VAL G 1012 125.93 -36.17 3.96
C VAL G 1012 124.88 -35.54 3.09
N TRP G 1013 125.33 -34.69 2.14
CA TRP G 1013 124.46 -33.89 1.32
C TRP G 1013 124.54 -34.46 -0.08
N HIS G 1014 125.25 -33.77 -0.99
CA HIS G 1014 125.24 -34.12 -2.38
C HIS G 1014 126.12 -35.33 -2.57
N ILE G 1015 125.68 -36.33 -3.38
CA ILE G 1015 126.47 -37.52 -3.66
C ILE G 1015 126.49 -37.78 -5.14
N GLN G 1016 127.71 -37.94 -5.73
CA GLN G 1016 127.73 -38.18 -7.15
C GLN G 1016 129.03 -38.78 -7.60
N PHE G 1017 128.94 -39.82 -8.47
CA PHE G 1017 130.06 -40.55 -9.00
C PHE G 1017 130.74 -39.71 -10.03
N THR G 1018 132.01 -40.03 -10.34
CA THR G 1018 132.71 -39.36 -11.39
C THR G 1018 132.09 -39.86 -12.66
N ALA G 1019 132.64 -39.46 -13.82
CA ALA G 1019 132.08 -39.87 -15.08
C ALA G 1019 132.26 -41.36 -15.11
N ASP G 1020 133.39 -41.83 -14.58
CA ASP G 1020 133.67 -43.24 -14.55
C ASP G 1020 132.86 -43.84 -13.45
N GLU G 1021 132.64 -45.16 -13.55
CA GLU G 1021 131.90 -45.99 -12.64
C GLU G 1021 132.61 -46.10 -11.32
N LYS G 1022 133.87 -45.66 -11.24
CA LYS G 1022 134.55 -45.70 -9.97
C LYS G 1022 134.83 -44.32 -9.45
N THR G 1023 135.13 -44.24 -8.13
CA THR G 1023 135.39 -43.00 -7.44
C THR G 1023 134.10 -42.27 -7.20
N LEU G 1024 133.82 -41.93 -5.92
CA LEU G 1024 132.60 -41.25 -5.54
C LEU G 1024 132.91 -39.94 -4.90
N ILE G 1025 132.24 -38.86 -5.35
CA ILE G 1025 132.51 -37.57 -4.80
C ILE G 1025 131.34 -37.23 -3.93
N SER G 1026 131.59 -36.65 -2.74
CA SER G 1026 130.50 -36.36 -1.87
C SER G 1026 130.78 -35.08 -1.14
N SER G 1027 129.71 -34.43 -0.62
CA SER G 1027 129.90 -33.22 0.12
C SER G 1027 128.93 -33.24 1.26
N SER G 1028 129.15 -32.33 2.22
CA SER G 1028 128.28 -32.20 3.35
C SER G 1028 128.35 -30.77 3.79
N ASP G 1029 127.91 -30.55 5.04
CA ASP G 1029 127.87 -29.31 5.76
C ASP G 1029 129.22 -28.71 6.00
N ASP G 1030 130.32 -29.47 5.87
CA ASP G 1030 131.63 -28.89 6.11
C ASP G 1030 132.16 -28.19 4.88
N ALA G 1031 133.40 -27.67 5.01
CA ALA G 1031 134.20 -26.91 4.09
C ALA G 1031 134.97 -27.71 3.05
N GLU G 1032 134.82 -29.05 2.99
CA GLU G 1032 135.62 -29.77 2.01
C GLU G 1032 134.80 -30.76 1.23
N ILE G 1033 135.19 -31.00 -0.05
CA ILE G 1033 134.52 -31.97 -0.87
C ILE G 1033 135.34 -33.23 -0.89
N GLN G 1034 134.71 -34.36 -0.51
CA GLN G 1034 135.41 -35.62 -0.41
C GLN G 1034 135.46 -36.32 -1.74
N VAL G 1035 136.68 -36.68 -2.19
CA VAL G 1035 136.82 -37.57 -3.31
C VAL G 1035 137.19 -38.89 -2.72
N TRP G 1036 136.22 -39.83 -2.70
CA TRP G 1036 136.42 -41.12 -2.10
C TRP G 1036 136.64 -42.16 -3.15
N ASN G 1037 137.91 -42.60 -3.26
CA ASN G 1037 138.24 -43.62 -4.21
C ASN G 1037 137.99 -44.91 -3.50
N TRP G 1038 136.73 -45.38 -3.58
CA TRP G 1038 136.32 -46.61 -2.97
C TRP G 1038 137.04 -47.73 -3.65
N GLN G 1039 137.07 -48.88 -2.95
CA GLN G 1039 137.82 -50.06 -3.27
C GLN G 1039 139.21 -49.90 -2.72
N LEU G 1040 139.75 -48.67 -2.72
CA LEU G 1040 141.05 -48.35 -2.17
C LEU G 1040 140.89 -47.51 -0.93
N ASP G 1041 139.70 -46.89 -0.79
CA ASP G 1041 139.33 -46.01 0.29
C ASP G 1041 140.30 -44.86 0.41
N LYS G 1042 140.77 -44.30 -0.73
CA LYS G 1042 141.67 -43.16 -0.67
C LYS G 1042 140.86 -41.91 -0.57
N CYS G 1043 141.29 -40.97 0.31
CA CYS G 1043 140.54 -39.76 0.50
C CYS G 1043 141.33 -38.59 0.03
N ILE G 1044 140.83 -37.92 -1.02
CA ILE G 1044 141.45 -36.73 -1.54
C ILE G 1044 140.47 -35.64 -1.28
N PHE G 1045 140.90 -34.53 -0.66
CA PHE G 1045 139.93 -33.55 -0.26
C PHE G 1045 140.12 -32.31 -1.06
N LEU G 1046 138.99 -31.69 -1.48
CA LEU G 1046 139.04 -30.41 -2.11
C LEU G 1046 138.94 -29.38 -1.03
N ARG G 1047 140.08 -28.74 -0.68
CA ARG G 1047 140.06 -27.90 0.48
C ARG G 1047 139.63 -26.54 0.01
N GLY G 1048 138.31 -26.37 -0.10
CA GLY G 1048 137.70 -25.14 -0.53
C GLY G 1048 137.81 -24.14 0.57
N HIS G 1049 137.60 -24.61 1.82
CA HIS G 1049 137.74 -23.79 2.98
C HIS G 1049 136.75 -22.68 2.87
N GLN G 1050 135.51 -23.06 2.53
CA GLN G 1050 134.40 -22.18 2.36
C GLN G 1050 133.58 -22.40 3.59
N GLU G 1051 132.56 -21.56 3.84
CA GLU G 1051 131.80 -21.77 5.04
C GLU G 1051 131.25 -23.18 5.05
N THR G 1052 130.64 -23.59 3.92
CA THR G 1052 130.10 -24.91 3.75
C THR G 1052 129.95 -25.14 2.29
N VAL G 1053 130.17 -26.38 1.85
CA VAL G 1053 129.92 -26.70 0.48
C VAL G 1053 128.44 -26.80 0.32
N LYS G 1054 127.87 -25.95 -0.57
CA LYS G 1054 126.45 -25.91 -0.68
C LYS G 1054 126.06 -27.07 -1.54
N ASP G 1055 126.72 -27.22 -2.71
CA ASP G 1055 126.35 -28.27 -3.62
C ASP G 1055 127.41 -28.35 -4.68
N PHE G 1056 127.38 -29.40 -5.52
CA PHE G 1056 128.30 -29.48 -6.62
C PHE G 1056 127.67 -30.32 -7.69
N ARG G 1057 128.30 -30.31 -8.89
CA ARG G 1057 127.82 -31.12 -9.98
C ARG G 1057 128.95 -31.38 -10.91
N LEU G 1058 128.99 -32.59 -11.51
CA LEU G 1058 130.07 -32.92 -12.39
C LEU G 1058 129.86 -32.19 -13.68
N LEU G 1059 130.93 -31.55 -14.20
CA LEU G 1059 130.86 -30.92 -15.48
C LEU G 1059 131.19 -31.92 -16.55
N LYS G 1060 130.90 -31.58 -17.84
CA LYS G 1060 131.22 -32.51 -18.89
C LYS G 1060 132.65 -32.93 -18.95
N ASN G 1061 133.61 -32.01 -18.76
CA ASN G 1061 134.98 -32.43 -18.87
C ASN G 1061 135.27 -32.99 -17.53
N SER G 1062 136.51 -33.18 -17.15
CA SER G 1062 136.79 -33.71 -15.85
C SER G 1062 136.73 -32.62 -14.79
N ARG G 1063 136.20 -31.41 -15.12
CA ARG G 1063 136.09 -30.30 -14.21
C ARG G 1063 134.93 -30.53 -13.27
N LEU G 1064 134.93 -29.85 -12.09
CA LEU G 1064 133.90 -30.08 -11.10
C LEU G 1064 133.37 -28.78 -10.58
N LEU G 1065 132.05 -28.53 -10.76
CA LEU G 1065 131.42 -27.27 -10.45
C LEU G 1065 130.87 -27.32 -9.04
N SER G 1066 131.29 -26.37 -8.17
CA SER G 1066 130.78 -26.38 -6.83
C SER G 1066 130.58 -24.97 -6.34
N TRP G 1067 129.67 -24.79 -5.36
CA TRP G 1067 129.34 -23.51 -4.82
C TRP G 1067 128.92 -23.65 -3.39
N SER G 1068 128.95 -22.51 -2.67
CA SER G 1068 128.84 -22.42 -1.23
C SER G 1068 127.83 -21.35 -0.98
N PHE G 1069 127.65 -20.91 0.27
CA PHE G 1069 126.70 -19.83 0.41
C PHE G 1069 127.40 -18.51 0.39
N ASP G 1070 128.72 -18.57 0.21
CA ASP G 1070 129.67 -17.49 0.31
C ASP G 1070 129.57 -16.60 -0.88
N GLY G 1071 128.83 -17.03 -1.92
CA GLY G 1071 128.61 -16.20 -3.07
C GLY G 1071 129.68 -16.61 -4.04
N THR G 1072 130.32 -17.76 -3.78
CA THR G 1072 131.40 -18.23 -4.59
C THR G 1072 131.02 -19.48 -5.33
N VAL G 1073 131.64 -19.67 -6.51
CA VAL G 1073 131.44 -20.80 -7.37
C VAL G 1073 132.83 -21.20 -7.80
N LYS G 1074 133.32 -22.39 -7.37
CA LYS G 1074 134.64 -22.77 -7.76
C LYS G 1074 134.60 -23.91 -8.73
N VAL G 1075 135.68 -24.06 -9.55
CA VAL G 1075 135.75 -25.12 -10.51
C VAL G 1075 136.98 -25.94 -10.22
N TRP G 1076 136.80 -27.19 -9.76
CA TRP G 1076 137.87 -28.06 -9.39
C TRP G 1076 138.08 -29.10 -10.44
N ASN G 1077 139.09 -29.98 -10.20
CA ASN G 1077 139.30 -31.15 -11.00
C ASN G 1077 138.83 -32.30 -10.16
N ILE G 1078 138.30 -33.35 -10.80
CA ILE G 1078 137.84 -34.51 -10.09
C ILE G 1078 139.05 -35.36 -9.87
N ILE G 1079 138.97 -36.33 -8.94
CA ILE G 1079 140.04 -37.25 -8.65
C ILE G 1079 140.96 -36.47 -7.80
N THR G 1080 141.65 -35.53 -8.46
CA THR G 1080 142.62 -34.74 -7.75
C THR G 1080 142.07 -33.36 -7.68
N GLY G 1081 141.86 -32.83 -6.45
CA GLY G 1081 141.27 -31.53 -6.29
C GLY G 1081 142.24 -30.52 -6.83
N ASN G 1082 141.74 -29.58 -7.65
CA ASN G 1082 142.56 -28.54 -8.18
C ASN G 1082 141.63 -27.48 -8.66
N LYS G 1083 141.54 -26.38 -7.89
CA LYS G 1083 140.59 -25.37 -8.27
C LYS G 1083 141.18 -24.56 -9.37
N GLU G 1084 140.76 -24.86 -10.61
CA GLU G 1084 141.29 -24.20 -11.76
C GLU G 1084 140.68 -22.83 -11.85
N LYS G 1085 139.34 -22.72 -11.71
CA LYS G 1085 138.71 -21.44 -11.87
C LYS G 1085 137.99 -21.09 -10.60
N ASP G 1086 137.78 -19.78 -10.36
CA ASP G 1086 137.26 -19.31 -9.10
C ASP G 1086 136.40 -18.10 -9.35
N PHE G 1087 135.06 -18.26 -9.30
CA PHE G 1087 134.18 -17.15 -9.58
C PHE G 1087 133.61 -16.66 -8.27
N VAL G 1088 133.45 -15.33 -8.14
CA VAL G 1088 132.80 -14.74 -7.00
C VAL G 1088 131.69 -13.88 -7.54
N CYS G 1089 130.51 -14.51 -7.69
CA CYS G 1089 129.33 -14.01 -8.36
C CYS G 1089 128.36 -13.30 -7.46
N HIS G 1090 128.18 -13.78 -6.20
CA HIS G 1090 127.15 -13.18 -5.38
C HIS G 1090 127.76 -12.61 -4.13
N GLN G 1091 126.91 -11.86 -3.39
CA GLN G 1091 127.16 -11.28 -2.10
C GLN G 1091 126.58 -12.14 -1.01
N GLY G 1092 125.96 -13.28 -1.36
CA GLY G 1092 125.32 -14.09 -0.36
C GLY G 1092 125.03 -15.44 -0.93
N THR G 1093 124.04 -16.15 -0.33
CA THR G 1093 123.60 -17.50 -0.60
C THR G 1093 123.58 -17.78 -2.06
N VAL G 1094 124.11 -18.97 -2.43
CA VAL G 1094 124.06 -19.40 -3.78
C VAL G 1094 123.12 -20.56 -3.82
N LEU G 1095 122.05 -20.43 -4.63
CA LEU G 1095 121.08 -21.47 -4.73
C LEU G 1095 121.18 -22.06 -6.11
N SER G 1096 122.01 -23.12 -6.25
CA SER G 1096 122.11 -23.82 -7.51
C SER G 1096 122.89 -23.05 -8.52
N CYS G 1097 123.26 -23.73 -9.62
CA CYS G 1097 124.01 -23.19 -10.72
C CYS G 1097 123.79 -24.12 -11.85
N ASP G 1098 123.78 -23.60 -13.11
CA ASP G 1098 123.48 -24.45 -14.23
C ASP G 1098 124.47 -24.24 -15.32
N ILE G 1099 124.48 -25.20 -16.27
CA ILE G 1099 125.40 -25.22 -17.37
C ILE G 1099 124.63 -25.19 -18.66
N SER G 1100 125.33 -24.80 -19.75
CA SER G 1100 124.78 -24.67 -21.07
C SER G 1100 124.55 -26.00 -21.66
N HIS G 1101 124.97 -27.09 -20.98
CA HIS G 1101 124.62 -28.41 -21.44
C HIS G 1101 125.53 -28.75 -22.57
N ASP G 1102 125.30 -28.09 -23.72
CA ASP G 1102 126.08 -28.31 -24.90
C ASP G 1102 127.48 -28.04 -24.47
N ALA G 1103 128.35 -29.06 -24.55
CA ALA G 1103 129.70 -28.77 -24.19
C ALA G 1103 129.59 -28.28 -22.80
N THR G 1104 130.07 -27.05 -22.56
CA THR G 1104 130.04 -26.47 -21.26
C THR G 1104 130.56 -25.10 -21.49
N LYS G 1105 130.26 -24.58 -22.69
CA LYS G 1105 130.82 -23.35 -23.12
C LYS G 1105 130.39 -22.33 -22.12
N PHE G 1106 129.09 -22.35 -21.74
CA PHE G 1106 128.64 -21.39 -20.78
C PHE G 1106 128.10 -22.07 -19.55
N SER G 1107 128.09 -21.32 -18.43
CA SER G 1107 127.51 -21.75 -17.18
C SER G 1107 127.14 -20.49 -16.45
N SER G 1108 126.05 -20.52 -15.65
CA SER G 1108 125.61 -19.30 -15.02
C SER G 1108 125.01 -19.59 -13.68
N THR G 1109 124.67 -18.50 -12.98
CA THR G 1109 124.09 -18.52 -11.66
C THR G 1109 123.03 -17.46 -11.53
N SER G 1110 122.22 -17.59 -10.45
CA SER G 1110 121.17 -16.66 -10.12
C SER G 1110 120.92 -16.91 -8.67
N ALA G 1111 121.10 -15.91 -7.78
CA ALA G 1111 120.73 -16.25 -6.44
C ALA G 1111 120.65 -15.01 -5.61
N ASP G 1112 119.43 -14.71 -5.09
CA ASP G 1112 119.09 -13.63 -4.19
C ASP G 1112 119.79 -12.38 -4.61
N LYS G 1113 119.82 -12.10 -5.92
CA LYS G 1113 120.53 -10.96 -6.40
C LYS G 1113 120.24 -10.91 -7.87
N THR G 1114 121.28 -11.23 -8.68
CA THR G 1114 121.17 -11.09 -10.10
C THR G 1114 121.63 -12.38 -10.70
N ALA G 1115 121.62 -12.45 -12.06
CA ALA G 1115 122.03 -13.67 -12.71
C ALA G 1115 123.25 -13.37 -13.53
N LYS G 1116 124.42 -13.89 -13.11
CA LYS G 1116 125.64 -13.66 -13.82
C LYS G 1116 125.96 -14.88 -14.61
N ILE G 1117 126.56 -14.72 -15.81
CA ILE G 1117 126.88 -15.82 -16.67
C ILE G 1117 128.34 -15.76 -17.03
N TRP G 1118 128.97 -16.94 -17.25
CA TRP G 1118 130.37 -17.00 -17.63
C TRP G 1118 130.72 -18.14 -18.57
N SER G 1119 131.94 -18.03 -19.17
CA SER G 1119 132.62 -18.95 -20.08
C SER G 1119 133.71 -19.85 -19.51
N PHE G 1120 134.05 -19.73 -18.21
CA PHE G 1120 135.05 -20.51 -17.52
C PHE G 1120 136.43 -19.98 -17.81
N ASP G 1121 136.69 -19.48 -19.04
CA ASP G 1121 138.03 -19.04 -19.35
C ASP G 1121 138.51 -17.95 -18.45
N LEU G 1122 137.65 -16.94 -18.24
CA LEU G 1122 137.99 -15.85 -17.38
C LEU G 1122 137.51 -16.20 -16.01
N LEU G 1123 138.21 -15.66 -15.01
CA LEU G 1123 137.91 -15.82 -13.62
C LEU G 1123 136.72 -14.99 -13.27
N LEU G 1124 136.41 -13.96 -14.07
CA LEU G 1124 135.24 -13.16 -13.78
C LEU G 1124 134.15 -13.43 -14.78
N PRO G 1125 132.93 -13.22 -14.36
CA PRO G 1125 131.78 -13.40 -15.23
C PRO G 1125 131.73 -12.45 -16.39
N LEU G 1126 131.03 -12.85 -17.48
CA LEU G 1126 131.07 -12.12 -18.71
C LEU G 1126 129.96 -11.10 -18.69
N HIS G 1127 128.81 -11.42 -18.06
CA HIS G 1127 127.74 -10.45 -18.12
C HIS G 1127 126.81 -10.65 -16.97
N GLU G 1128 126.26 -9.52 -16.43
CA GLU G 1128 125.36 -9.58 -15.32
C GLU G 1128 123.99 -9.19 -15.77
N LEU G 1129 123.02 -10.12 -15.62
CA LEU G 1129 121.65 -9.79 -15.88
C LEU G 1129 121.05 -9.24 -14.62
N ARG G 1130 120.85 -7.91 -14.59
CA ARG G 1130 120.35 -7.08 -13.53
C ARG G 1130 118.86 -6.87 -13.59
N GLY G 1131 118.13 -7.61 -14.45
CA GLY G 1131 116.72 -7.36 -14.64
C GLY G 1131 115.82 -7.34 -13.43
N HIS G 1132 116.02 -8.22 -12.42
CA HIS G 1132 115.14 -8.22 -11.27
C HIS G 1132 115.73 -7.55 -10.07
N ASN G 1133 115.03 -6.53 -9.56
CA ASN G 1133 115.42 -5.77 -8.40
C ASN G 1133 115.05 -6.50 -7.13
N GLY G 1134 113.97 -7.32 -7.17
CA GLY G 1134 113.48 -8.07 -6.06
C GLY G 1134 114.30 -9.30 -5.73
N CYS G 1135 115.32 -9.59 -6.56
CA CYS G 1135 116.37 -10.59 -6.37
C CYS G 1135 115.92 -11.84 -7.05
N VAL G 1136 116.75 -12.39 -7.97
CA VAL G 1136 116.38 -13.62 -8.63
C VAL G 1136 116.66 -14.81 -7.75
N ARG G 1137 115.75 -15.79 -7.79
CA ARG G 1137 115.69 -17.00 -7.00
C ARG G 1137 116.28 -18.23 -7.66
N CYS G 1138 115.99 -18.48 -8.96
CA CYS G 1138 116.56 -19.68 -9.55
C CYS G 1138 116.70 -19.47 -11.04
N SER G 1139 117.33 -20.44 -11.75
CA SER G 1139 117.51 -20.29 -13.17
C SER G 1139 117.87 -21.62 -13.79
N ALA G 1140 117.71 -21.73 -15.12
CA ALA G 1140 118.09 -22.93 -15.81
C ALA G 1140 118.26 -22.62 -17.28
N PHE G 1141 119.25 -23.27 -17.92
CA PHE G 1141 119.52 -23.05 -19.32
C PHE G 1141 118.47 -23.77 -20.11
N SER G 1142 118.28 -23.34 -21.36
CA SER G 1142 117.34 -24.02 -22.21
C SER G 1142 118.07 -25.24 -22.64
N VAL G 1143 117.38 -26.21 -23.27
CA VAL G 1143 118.04 -27.43 -23.67
C VAL G 1143 118.71 -27.14 -24.97
N ASP G 1144 119.92 -26.58 -24.83
CA ASP G 1144 120.92 -26.35 -25.83
C ASP G 1144 120.57 -25.16 -26.68
N SER G 1145 119.31 -24.67 -26.70
CA SER G 1145 118.82 -23.73 -27.69
C SER G 1145 119.66 -22.49 -27.73
N THR G 1146 119.43 -21.53 -26.81
CA THR G 1146 120.24 -20.34 -26.75
C THR G 1146 119.60 -19.49 -25.71
N LEU G 1147 118.81 -20.11 -24.81
CA LEU G 1147 118.04 -19.31 -23.90
C LEU G 1147 118.41 -19.62 -22.50
N LEU G 1148 118.19 -18.65 -21.60
CA LEU G 1148 118.43 -18.84 -20.19
C LEU G 1148 117.20 -18.35 -19.48
N ALA G 1149 116.53 -19.24 -18.71
CA ALA G 1149 115.33 -18.80 -18.05
C ALA G 1149 115.64 -18.54 -16.60
N THR G 1150 115.02 -17.50 -16.03
CA THR G 1150 115.20 -17.22 -14.63
C THR G 1150 113.90 -17.08 -13.93
N GLY G 1151 113.89 -17.41 -12.62
CA GLY G 1151 112.68 -17.35 -11.84
C GLY G 1151 112.80 -16.34 -10.74
N ASP G 1152 111.72 -15.54 -10.57
CA ASP G 1152 111.68 -14.45 -9.63
C ASP G 1152 111.04 -14.89 -8.35
N ASP G 1153 110.98 -13.96 -7.38
CA ASP G 1153 110.48 -14.24 -6.07
C ASP G 1153 109.06 -14.70 -6.21
N ASN G 1154 108.30 -14.11 -7.15
CA ASN G 1154 106.91 -14.46 -7.24
C ASN G 1154 106.69 -15.54 -8.26
N GLY G 1155 107.77 -16.05 -8.84
CA GLY G 1155 107.67 -17.07 -9.85
C GLY G 1155 107.58 -16.50 -11.23
N GLU G 1156 107.65 -15.17 -11.38
CA GLU G 1156 107.69 -14.61 -12.71
C GLU G 1156 108.86 -15.23 -13.40
N ILE G 1157 108.63 -15.85 -14.59
CA ILE G 1157 109.73 -16.43 -15.32
C ILE G 1157 110.11 -15.49 -16.42
N ARG G 1158 111.40 -15.16 -16.50
CA ARG G 1158 111.84 -14.27 -17.55
C ARG G 1158 112.72 -15.08 -18.44
N ILE G 1159 112.57 -14.92 -19.77
CA ILE G 1159 113.39 -15.64 -20.70
C ILE G 1159 114.41 -14.66 -21.19
N TRP G 1160 115.70 -15.03 -21.08
CA TRP G 1160 116.75 -14.12 -21.49
C TRP G 1160 117.42 -14.80 -22.65
N ASN G 1161 117.89 -14.04 -23.67
CA ASN G 1161 118.63 -14.70 -24.70
C ASN G 1161 120.10 -14.60 -24.48
N VAL G 1162 120.79 -15.77 -24.56
CA VAL G 1162 122.18 -15.89 -24.27
C VAL G 1162 122.93 -15.47 -25.50
N SER G 1163 123.03 -14.14 -25.69
CA SER G 1163 123.89 -13.61 -26.69
C SER G 1163 124.54 -12.40 -26.10
N ASN G 1164 125.50 -12.63 -25.20
CA ASN G 1164 126.17 -11.64 -24.40
C ASN G 1164 125.24 -11.10 -23.35
N GLY G 1165 124.00 -10.77 -23.72
CA GLY G 1165 123.05 -10.35 -22.70
C GLY G 1165 122.19 -9.25 -23.23
N GLU G 1166 120.88 -9.34 -22.91
CA GLU G 1166 119.86 -8.43 -23.36
C GLU G 1166 118.73 -8.48 -22.37
N LEU G 1167 117.65 -7.75 -22.72
CA LEU G 1167 116.34 -7.61 -22.12
C LEU G 1167 115.10 -8.35 -22.58
N LEU G 1168 115.16 -9.59 -23.15
CA LEU G 1168 114.10 -10.44 -23.66
C LEU G 1168 112.86 -10.67 -22.78
N HIS G 1169 111.70 -10.91 -23.43
CA HIS G 1169 110.38 -10.96 -22.83
C HIS G 1169 110.29 -11.81 -21.58
N LEU G 1170 109.49 -11.23 -20.65
CA LEU G 1170 109.02 -11.52 -19.32
C LEU G 1170 107.89 -12.51 -19.19
N CYS G 1171 107.62 -13.42 -20.16
CA CYS G 1171 106.44 -14.27 -20.15
C CYS G 1171 106.11 -14.85 -18.79
N ALA G 1172 105.01 -14.34 -18.16
CA ALA G 1172 104.53 -14.95 -16.96
C ALA G 1172 103.03 -14.85 -16.91
N PRO G 1173 102.38 -15.66 -17.69
CA PRO G 1173 100.94 -15.61 -17.72
C PRO G 1173 100.35 -15.80 -16.36
N LEU G 1174 99.61 -14.77 -15.90
CA LEU G 1174 98.89 -14.78 -14.65
C LEU G 1174 97.61 -14.11 -15.01
N SER G 1175 96.62 -14.20 -14.13
CA SER G 1175 95.46 -13.30 -14.18
C SER G 1175 94.40 -13.60 -13.11
N GLU G 1176 93.45 -14.47 -13.45
CA GLU G 1176 93.42 -15.10 -14.76
C GLU G 1176 92.64 -16.41 -14.72
N GLU G 1177 91.45 -16.37 -14.12
CA GLU G 1177 90.62 -17.56 -14.02
C GLU G 1177 90.06 -17.96 -15.38
N GLY G 1178 89.93 -16.99 -16.27
CA GLY G 1178 89.42 -17.23 -17.60
C GLY G 1178 89.95 -18.52 -18.20
N ALA G 1179 91.06 -19.00 -17.67
CA ALA G 1179 91.67 -20.23 -18.16
C ALA G 1179 92.66 -20.80 -17.14
N ALA G 1180 92.70 -20.19 -15.96
CA ALA G 1180 93.59 -20.63 -14.90
C ALA G 1180 94.82 -19.72 -14.80
N THR G 1181 95.02 -19.12 -13.63
CA THR G 1181 96.13 -18.24 -13.41
C THR G 1181 97.19 -19.20 -13.02
N HIS G 1182 98.49 -19.03 -13.35
CA HIS G 1182 99.10 -20.05 -12.58
C HIS G 1182 99.02 -19.52 -11.17
N GLY G 1183 98.99 -20.47 -10.23
CA GLY G 1183 98.88 -20.30 -8.81
C GLY G 1183 99.92 -19.37 -8.29
N GLY G 1184 101.12 -19.39 -8.90
CA GLY G 1184 102.15 -18.47 -8.52
C GLY G 1184 103.32 -19.30 -8.09
N TRP G 1185 104.53 -18.70 -8.18
CA TRP G 1185 105.73 -19.42 -7.86
C TRP G 1185 105.90 -20.53 -8.87
N VAL G 1186 107.16 -21.01 -9.01
CA VAL G 1186 107.49 -22.07 -9.91
C VAL G 1186 108.55 -22.84 -9.17
N THR G 1187 108.39 -24.17 -9.16
CA THR G 1187 109.34 -25.12 -8.65
C THR G 1187 110.12 -25.85 -9.70
N ASP G 1188 109.65 -25.95 -10.96
CA ASP G 1188 110.55 -26.56 -11.90
C ASP G 1188 110.26 -26.10 -13.30
N LEU G 1189 111.27 -26.20 -14.19
CA LEU G 1189 111.16 -25.75 -15.54
C LEU G 1189 111.63 -26.87 -16.44
N CYS G 1190 110.91 -27.11 -17.56
CA CYS G 1190 111.37 -28.08 -18.52
C CYS G 1190 111.01 -27.60 -19.89
N PHE G 1191 112.02 -27.30 -20.72
CA PHE G 1191 111.78 -26.80 -22.05
C PHE G 1191 111.33 -27.97 -22.88
N SER G 1192 110.40 -27.73 -23.83
CA SER G 1192 109.89 -28.78 -24.66
C SER G 1192 110.96 -29.13 -25.65
N PRO G 1193 110.97 -30.31 -26.21
CA PRO G 1193 112.01 -30.69 -27.13
C PRO G 1193 112.05 -29.73 -28.29
N ASP G 1194 110.88 -29.16 -28.65
CA ASP G 1194 110.79 -28.25 -29.75
C ASP G 1194 111.57 -27.01 -29.47
N GLY G 1195 111.62 -26.59 -28.19
CA GLY G 1195 112.30 -25.37 -27.82
C GLY G 1195 111.31 -24.24 -27.80
N LYS G 1196 110.07 -24.52 -28.24
CA LYS G 1196 109.00 -23.56 -28.31
C LYS G 1196 108.20 -23.38 -27.04
N MET G 1197 107.98 -24.46 -26.26
CA MET G 1197 107.21 -24.28 -25.06
C MET G 1197 108.08 -24.47 -23.86
N LEU G 1198 107.67 -23.85 -22.74
CA LEU G 1198 108.35 -24.01 -21.49
C LEU G 1198 107.38 -24.58 -20.50
N ILE G 1199 107.59 -25.85 -20.07
CA ILE G 1199 106.66 -26.40 -19.11
C ILE G 1199 107.04 -25.83 -17.78
N SER G 1200 106.06 -25.20 -17.10
CA SER G 1200 106.28 -24.68 -15.79
C SER G 1200 105.56 -25.51 -14.77
N ALA G 1201 106.28 -25.88 -13.68
CA ALA G 1201 105.66 -26.69 -12.66
C ALA G 1201 105.76 -25.97 -11.36
N GLY G 1202 104.79 -26.23 -10.45
CA GLY G 1202 104.67 -25.50 -9.22
C GLY G 1202 103.42 -25.99 -8.54
N GLY G 1203 102.36 -25.16 -8.41
CA GLY G 1203 101.15 -25.63 -7.77
C GLY G 1203 100.68 -26.77 -8.62
N TYR G 1204 100.77 -26.56 -9.93
CA TYR G 1204 100.39 -27.54 -10.90
C TYR G 1204 101.18 -27.26 -12.16
N ILE G 1205 101.09 -28.17 -13.15
CA ILE G 1205 101.86 -28.07 -14.36
C ILE G 1205 101.09 -27.25 -15.34
N LYS G 1206 101.69 -26.14 -15.84
CA LYS G 1206 101.04 -25.38 -16.88
C LYS G 1206 102.06 -25.09 -17.94
N TRP G 1207 101.72 -25.33 -19.24
CA TRP G 1207 102.66 -25.16 -20.32
C TRP G 1207 102.64 -23.72 -20.77
N TRP G 1208 103.81 -23.02 -20.70
CA TRP G 1208 103.85 -21.67 -21.19
C TRP G 1208 104.54 -21.63 -22.54
N ASN G 1209 104.36 -20.51 -23.27
CA ASN G 1209 104.95 -20.32 -24.58
C ASN G 1209 106.14 -19.43 -24.41
N VAL G 1210 107.29 -19.83 -24.99
CA VAL G 1210 108.47 -19.03 -24.83
C VAL G 1210 108.23 -17.73 -25.51
N VAL G 1211 108.59 -16.63 -24.82
CA VAL G 1211 108.35 -15.30 -25.29
C VAL G 1211 106.93 -15.08 -25.71
N THR G 1212 106.09 -14.71 -24.71
CA THR G 1212 104.72 -14.30 -24.89
C THR G 1212 103.83 -15.48 -25.16
N GLY G 1213 102.79 -15.61 -24.33
CA GLY G 1213 101.77 -16.60 -24.53
C GLY G 1213 101.97 -17.72 -23.56
N GLU G 1214 100.94 -18.60 -23.47
CA GLU G 1214 100.98 -19.81 -22.69
C GLU G 1214 100.64 -20.91 -23.65
N SER G 1215 100.23 -22.08 -23.13
CA SER G 1215 99.83 -23.14 -24.01
C SER G 1215 98.80 -23.99 -23.31
N SER G 1216 99.16 -25.27 -23.04
CA SER G 1216 98.32 -26.16 -22.30
C SER G 1216 98.13 -25.57 -20.94
N GLN G 1217 96.90 -25.09 -20.74
CA GLN G 1217 96.31 -24.52 -19.58
C GLN G 1217 95.79 -25.63 -18.73
N THR G 1218 95.63 -26.80 -19.36
CA THR G 1218 95.06 -28.00 -18.82
C THR G 1218 96.01 -28.80 -17.94
N PHE G 1219 95.48 -29.93 -17.41
CA PHE G 1219 95.99 -30.82 -16.41
C PHE G 1219 96.36 -30.20 -15.09
N TYR G 1220 95.35 -30.05 -14.21
CA TYR G 1220 95.57 -29.57 -12.88
C TYR G 1220 95.95 -30.76 -12.05
N THR G 1221 97.04 -30.63 -11.26
CA THR G 1221 97.50 -31.71 -10.43
C THR G 1221 96.63 -31.72 -9.20
N ASN G 1222 96.68 -32.84 -8.45
CA ASN G 1222 95.81 -32.99 -7.34
C ASN G 1222 96.37 -32.18 -6.21
N GLY G 1223 97.69 -32.33 -5.96
CA GLY G 1223 98.30 -31.61 -4.87
C GLY G 1223 99.03 -30.42 -5.40
N THR G 1224 99.92 -29.86 -4.56
CA THR G 1224 100.66 -28.69 -4.91
C THR G 1224 102.11 -28.96 -4.64
N ASN G 1225 102.95 -27.93 -4.88
CA ASN G 1225 104.36 -27.93 -4.63
C ASN G 1225 105.01 -29.16 -5.20
N LEU G 1226 104.93 -29.29 -6.53
CA LEU G 1226 105.48 -30.40 -7.23
C LEU G 1226 106.96 -30.32 -7.01
N LYS G 1227 107.59 -31.47 -6.73
CA LYS G 1227 109.00 -31.47 -6.45
C LYS G 1227 109.66 -32.26 -7.53
N LYS G 1228 110.39 -31.55 -8.42
CA LYS G 1228 111.12 -32.18 -9.49
C LYS G 1228 110.20 -32.85 -10.45
N ILE G 1229 110.33 -32.47 -11.74
CA ILE G 1229 109.53 -33.05 -12.77
C ILE G 1229 110.47 -33.99 -13.48
N HIS G 1230 110.09 -35.28 -13.61
CA HIS G 1230 110.93 -36.18 -14.34
C HIS G 1230 110.25 -36.64 -15.59
N VAL G 1231 110.69 -36.11 -16.74
CA VAL G 1231 110.04 -36.33 -18.00
C VAL G 1231 110.72 -37.52 -18.60
N SER G 1232 109.95 -38.44 -19.20
CA SER G 1232 110.55 -39.60 -19.79
C SER G 1232 111.32 -39.19 -21.00
N PRO G 1233 112.32 -39.95 -21.36
CA PRO G 1233 113.10 -39.62 -22.52
C PRO G 1233 112.34 -39.69 -23.81
N ASP G 1234 111.17 -40.32 -23.81
CA ASP G 1234 110.31 -40.39 -24.95
C ASP G 1234 109.49 -39.13 -25.05
N PHE G 1235 109.32 -38.41 -23.92
CA PHE G 1235 108.56 -37.19 -23.89
C PHE G 1235 107.14 -37.56 -24.21
N LYS G 1236 106.77 -38.78 -23.78
CA LYS G 1236 105.47 -39.37 -23.82
C LYS G 1236 104.91 -39.71 -22.47
N THR G 1237 105.74 -39.95 -21.42
CA THR G 1237 105.19 -40.17 -20.12
C THR G 1237 105.83 -39.24 -19.12
N TYR G 1238 105.17 -39.01 -17.96
CA TYR G 1238 105.68 -38.07 -16.99
C TYR G 1238 105.56 -38.65 -15.62
N VAL G 1239 106.61 -38.50 -14.78
CA VAL G 1239 106.54 -38.99 -13.43
C VAL G 1239 106.93 -37.87 -12.51
N THR G 1240 106.11 -37.58 -11.48
CA THR G 1240 106.46 -36.57 -10.54
C THR G 1240 105.78 -36.84 -9.23
N VAL G 1241 105.94 -35.93 -8.25
CA VAL G 1241 105.38 -36.16 -6.94
C VAL G 1241 104.99 -34.84 -6.35
N ASP G 1242 103.79 -34.78 -5.73
CA ASP G 1242 103.32 -33.57 -5.11
C ASP G 1242 103.65 -33.58 -3.66
N ASN G 1243 103.14 -32.57 -2.92
CA ASN G 1243 103.47 -32.30 -1.55
C ASN G 1243 102.82 -33.33 -0.67
N LEU G 1244 101.91 -34.13 -1.25
CA LEU G 1244 101.19 -35.12 -0.50
C LEU G 1244 101.86 -36.45 -0.63
N GLY G 1245 102.85 -36.57 -1.53
CA GLY G 1245 103.53 -37.83 -1.67
C GLY G 1245 102.69 -38.70 -2.54
N ILE G 1246 101.98 -38.08 -3.49
CA ILE G 1246 101.16 -38.83 -4.40
C ILE G 1246 101.95 -39.03 -5.66
N LEU G 1247 102.02 -40.30 -6.13
CA LEU G 1247 102.85 -40.63 -7.26
C LEU G 1247 102.07 -40.39 -8.53
N TYR G 1248 102.61 -39.50 -9.41
CA TYR G 1248 101.99 -39.24 -10.68
C TYR G 1248 102.64 -40.08 -11.74
N ILE G 1249 101.88 -41.05 -12.28
CA ILE G 1249 102.35 -41.81 -13.41
C ILE G 1249 101.47 -41.42 -14.55
N LEU G 1250 101.98 -40.53 -15.42
CA LEU G 1250 101.16 -39.89 -16.43
C LEU G 1250 101.57 -40.40 -17.78
N GLN G 1251 100.58 -40.70 -18.65
CA GLN G 1251 100.88 -41.06 -20.01
C GLN G 1251 100.05 -40.15 -20.88
N THR G 1252 100.67 -39.50 -21.89
CA THR G 1252 99.93 -38.63 -22.75
C THR G 1252 98.80 -39.39 -23.36
N LEU G 1253 97.58 -38.82 -23.26
CA LEU G 1253 96.39 -39.44 -23.75
C LEU G 1253 96.41 -39.45 -25.24
N GLU G 1254 96.27 -40.67 -25.80
CA GLU G 1254 96.23 -40.89 -27.22
C GLU G 1254 94.91 -40.35 -27.72
N GLY H 1 71.08 -65.89 78.95
CA GLY H 1 70.39 -65.63 77.66
C GLY H 1 70.46 -64.19 77.20
N ASP H 2 70.27 -63.99 75.90
CA ASP H 2 70.32 -62.68 75.26
C ASP H 2 68.92 -62.03 75.33
N VAL H 3 68.77 -61.01 76.15
CA VAL H 3 67.50 -60.31 76.33
C VAL H 3 66.87 -59.78 75.04
N GLU H 4 67.69 -59.21 74.15
CA GLU H 4 67.16 -58.69 72.90
C GLU H 4 66.64 -59.78 71.98
N LYS H 5 67.32 -60.92 71.94
CA LYS H 5 66.85 -62.02 71.11
C LYS H 5 65.56 -62.57 71.70
N GLY H 6 65.49 -62.57 73.03
CA GLY H 6 64.29 -63.06 73.69
C GLY H 6 63.08 -62.17 73.47
N LYS H 7 63.33 -60.87 73.32
CA LYS H 7 62.25 -59.92 73.09
C LYS H 7 61.61 -60.25 71.74
N LYS H 8 62.45 -60.54 70.74
CA LYS H 8 61.96 -60.87 69.41
C LYS H 8 61.11 -62.14 69.46
N ILE H 9 61.58 -63.13 70.20
CA ILE H 9 60.85 -64.39 70.33
C ILE H 9 59.52 -64.15 71.00
N PHE H 10 59.51 -63.33 72.05
CA PHE H 10 58.27 -63.06 72.77
C PHE H 10 57.23 -62.39 71.87
N VAL H 11 57.64 -61.32 71.19
CA VAL H 11 56.82 -60.59 70.27
C VAL H 11 56.20 -61.47 69.18
N GLN H 12 57.00 -62.40 68.66
CA GLN H 12 56.65 -63.28 67.63
C GLN H 12 55.71 -64.47 68.05
N LYS H 13 56.04 -65.03 69.20
CA LYS H 13 55.33 -66.22 69.67
C LYS H 13 54.47 -66.16 70.91
N CYS H 14 54.53 -65.06 71.67
CA CYS H 14 53.79 -64.97 72.93
C CYS H 14 52.86 -63.79 73.08
N ALA H 15 53.29 -62.63 72.59
CA ALA H 15 52.53 -61.40 72.72
C ALA H 15 51.06 -61.44 72.37
N GLN H 16 50.68 -62.26 71.39
CA GLN H 16 49.27 -62.32 70.99
C GLN H 16 48.36 -62.87 72.09
N CYS H 17 48.93 -63.51 73.10
CA CYS H 17 48.14 -64.06 74.20
C CYS H 17 48.55 -63.54 75.56
N HIS H 18 49.69 -62.88 75.63
CA HIS H 18 50.20 -62.38 76.91
C HIS H 18 50.78 -60.97 76.93
N THR H 19 50.48 -60.23 77.99
CA THR H 19 51.06 -58.93 78.20
C THR H 19 52.04 -59.17 79.35
N VAL H 20 53.10 -58.37 79.43
CA VAL H 20 54.09 -58.56 80.50
C VAL H 20 54.18 -57.43 81.50
N GLU H 21 53.68 -56.25 81.12
CA GLU H 21 53.76 -55.07 81.98
C GLU H 21 52.78 -55.03 83.14
N LYS H 22 53.12 -54.24 84.16
CA LYS H 22 52.26 -54.09 85.32
C LYS H 22 50.95 -53.47 84.87
N GLY H 23 49.84 -54.08 85.27
CA GLY H 23 48.53 -53.57 84.88
C GLY H 23 48.09 -54.06 83.51
N GLY H 24 48.97 -54.75 82.81
CA GLY H 24 48.65 -55.26 81.49
C GLY H 24 47.43 -56.13 81.53
N LYS H 25 46.56 -56.00 80.54
CA LYS H 25 45.33 -56.77 80.51
C LYS H 25 45.55 -58.25 80.26
N HIS H 26 44.60 -59.04 80.72
CA HIS H 26 44.64 -60.47 80.47
C HIS H 26 44.08 -60.56 79.05
N LYS H 27 44.50 -61.58 78.31
CA LYS H 27 44.02 -61.79 76.96
C LYS H 27 43.64 -63.27 76.91
N THR H 28 44.04 -63.99 75.87
CA THR H 28 43.74 -65.42 75.84
C THR H 28 44.46 -66.02 77.05
N GLY H 29 45.65 -65.50 77.30
CA GLY H 29 46.45 -65.96 78.43
C GLY H 29 46.56 -64.86 79.47
N PRO H 30 47.00 -65.19 80.70
CA PRO H 30 47.13 -64.22 81.78
C PRO H 30 48.28 -63.24 81.64
N ASN H 31 48.10 -62.07 82.25
CA ASN H 31 49.16 -61.06 82.25
C ASN H 31 50.28 -61.74 83.04
N LEU H 32 51.53 -61.50 82.63
CA LEU H 32 52.68 -62.14 83.26
C LEU H 32 53.52 -61.28 84.20
N HIS H 33 53.05 -60.08 84.50
CA HIS H 33 53.81 -59.22 85.40
C HIS H 33 53.95 -59.89 86.77
N GLY H 34 55.17 -59.91 87.29
CA GLY H 34 55.42 -60.51 88.59
C GLY H 34 55.56 -62.02 88.57
N LEU H 35 55.71 -62.57 87.36
CA LEU H 35 55.82 -64.01 87.15
C LEU H 35 56.88 -64.72 87.99
N PHE H 36 58.11 -64.22 87.97
CA PHE H 36 59.19 -64.85 88.73
C PHE H 36 58.97 -64.80 90.23
N GLY H 37 58.95 -65.97 90.86
CA GLY H 37 58.76 -66.04 92.30
C GLY H 37 57.32 -66.31 92.68
N ARG H 38 56.42 -66.38 91.69
CA ARG H 38 55.02 -66.64 91.96
C ARG H 38 54.64 -68.06 91.57
N LYS H 39 53.71 -68.65 92.31
CA LYS H 39 53.26 -70.01 92.02
C LYS H 39 52.37 -70.00 90.79
N THR H 40 52.18 -71.18 90.20
CA THR H 40 51.35 -71.31 89.01
C THR H 40 49.90 -70.91 89.27
N GLY H 41 49.27 -70.32 88.27
CA GLY H 41 47.88 -69.92 88.33
C GLY H 41 47.44 -68.97 89.42
N GLN H 42 48.26 -67.96 89.71
CA GLN H 42 47.93 -67.02 90.77
C GLN H 42 47.69 -65.57 90.35
N ALA H 43 47.77 -65.28 89.05
CA ALA H 43 47.51 -63.91 88.60
C ALA H 43 46.02 -63.68 88.83
N PRO H 44 45.67 -62.64 89.62
CA PRO H 44 44.27 -62.32 89.91
C PRO H 44 43.43 -61.92 88.69
N GLY H 45 42.18 -62.36 88.67
CA GLY H 45 41.28 -61.98 87.58
C GLY H 45 41.33 -62.80 86.31
N PHE H 46 42.09 -63.88 86.30
CA PHE H 46 42.16 -64.74 85.12
C PHE H 46 41.68 -66.15 85.45
N SER H 47 40.88 -66.73 84.56
CA SER H 47 40.34 -68.06 84.78
C SER H 47 41.29 -69.14 84.28
N TYR H 48 42.12 -69.65 85.18
CA TYR H 48 43.07 -70.70 84.85
C TYR H 48 42.39 -72.05 84.89
N THR H 49 42.99 -73.05 84.25
CA THR H 49 42.44 -74.39 84.32
C THR H 49 42.86 -74.86 85.71
N ASP H 50 42.20 -75.89 86.21
CA ASP H 50 42.56 -76.42 87.52
C ASP H 50 43.93 -77.07 87.42
N ALA H 51 44.25 -77.59 86.23
CA ALA H 51 45.55 -78.20 85.99
C ALA H 51 46.67 -77.20 86.28
N ASN H 52 46.54 -76.00 85.75
CA ASN H 52 47.50 -74.92 85.93
C ASN H 52 47.58 -74.55 87.44
N LYS H 53 46.40 -74.25 87.99
CA LYS H 53 46.32 -73.82 89.38
C LYS H 53 46.86 -74.83 90.37
N ASN H 54 46.80 -76.11 90.00
CA ASN H 54 47.26 -77.19 90.87
C ASN H 54 48.70 -77.68 90.66
N LYS H 55 49.37 -77.22 89.61
CA LYS H 55 50.74 -77.66 89.34
C LYS H 55 51.56 -77.47 90.62
N GLY H 56 51.37 -76.32 91.26
CA GLY H 56 52.05 -76.06 92.52
C GLY H 56 53.52 -75.68 92.52
N ILE H 57 54.12 -75.48 91.35
CA ILE H 57 55.53 -75.09 91.33
C ILE H 57 55.64 -73.57 91.30
N THR H 58 56.86 -73.08 91.50
CA THR H 58 57.12 -71.65 91.50
C THR H 58 57.81 -71.27 90.19
N TRP H 59 57.29 -70.25 89.51
CA TRP H 59 57.90 -69.84 88.25
C TRP H 59 59.26 -69.20 88.48
N GLY H 60 60.22 -69.65 87.69
CA GLY H 60 61.58 -69.16 87.75
C GLY H 60 62.29 -69.62 86.50
N GLU H 61 63.57 -69.29 86.39
CA GLU H 61 64.33 -69.65 85.21
C GLU H 61 64.24 -71.18 84.91
N GLU H 62 64.43 -71.97 85.97
CA GLU H 62 64.45 -73.45 85.77
C GLU H 62 63.11 -74.01 85.39
N THR H 63 62.03 -73.67 86.10
CA THR H 63 60.73 -74.20 85.77
C THR H 63 60.26 -73.71 84.40
N LEU H 64 60.60 -72.48 84.06
CA LEU H 64 60.21 -71.93 82.75
C LEU H 64 60.94 -72.66 81.62
N MET H 65 62.21 -73.00 81.86
CA MET H 65 62.98 -73.71 80.83
C MET H 65 62.33 -75.00 80.45
N GLU H 66 61.79 -75.72 81.43
CA GLU H 66 61.11 -76.99 81.17
C GLU H 66 59.73 -76.79 80.57
N TYR H 67 58.96 -75.88 81.15
CA TYR H 67 57.61 -75.61 80.68
C TYR H 67 57.57 -75.18 79.22
N LEU H 68 58.45 -74.25 78.87
CA LEU H 68 58.47 -73.73 77.50
C LEU H 68 58.98 -74.71 76.45
N GLU H 69 59.62 -75.79 76.89
CA GLU H 69 60.09 -76.78 75.93
C GLU H 69 58.89 -77.61 75.44
N ASN H 70 57.94 -77.82 76.35
CA ASN H 70 56.74 -78.60 76.04
C ASN H 70 55.72 -78.33 77.14
N PRO H 71 54.89 -77.29 76.95
CA PRO H 71 53.88 -76.88 77.93
C PRO H 71 52.95 -78.00 78.41
N LYS H 72 52.37 -78.75 77.48
CA LYS H 72 51.46 -79.83 77.82
C LYS H 72 52.08 -80.95 78.64
N LYS H 73 53.37 -81.19 78.44
CA LYS H 73 54.05 -82.24 79.19
C LYS H 73 54.26 -81.83 80.63
N TYR H 74 54.60 -80.56 80.84
CA TYR H 74 54.84 -80.05 82.19
C TYR H 74 53.55 -79.83 82.96
N ILE H 75 52.51 -79.39 82.26
CA ILE H 75 51.20 -79.18 82.89
C ILE H 75 50.10 -79.83 82.06
N PRO H 76 49.94 -81.14 82.20
CA PRO H 76 48.90 -81.86 81.44
C PRO H 76 47.52 -81.24 81.66
N GLY H 77 46.83 -80.96 80.56
CA GLY H 77 45.51 -80.37 80.65
C GLY H 77 45.49 -78.85 80.52
N THR H 78 46.66 -78.24 80.44
CA THR H 78 46.73 -76.78 80.31
C THR H 78 45.97 -76.34 79.06
N LYS H 79 45.35 -75.17 79.11
CA LYS H 79 44.63 -74.69 77.93
C LYS H 79 45.49 -73.77 77.08
N MET H 80 46.78 -73.68 77.43
CA MET H 80 47.70 -72.87 76.66
C MET H 80 48.04 -73.66 75.41
N ILE H 81 47.67 -73.13 74.26
CA ILE H 81 47.96 -73.80 72.99
C ILE H 81 49.27 -73.29 72.43
N PHE H 82 50.34 -74.03 72.69
CA PHE H 82 51.67 -73.69 72.21
C PHE H 82 52.49 -74.97 72.24
N ALA H 83 53.02 -75.35 71.07
CA ALA H 83 53.82 -76.57 70.93
C ALA H 83 55.07 -76.62 71.80
N GLY H 84 55.75 -75.48 71.92
CA GLY H 84 56.97 -75.42 72.70
C GLY H 84 58.13 -74.94 71.85
N ILE H 85 59.22 -74.56 72.52
CA ILE H 85 60.41 -74.10 71.82
C ILE H 85 61.48 -75.18 72.02
N LYS H 86 61.89 -75.79 70.91
CA LYS H 86 62.87 -76.87 70.94
C LYS H 86 64.30 -76.48 71.31
N LYS H 87 64.81 -75.42 70.71
CA LYS H 87 66.17 -74.98 70.97
C LYS H 87 66.43 -74.43 72.37
N LYS H 88 67.39 -75.02 73.07
CA LYS H 88 67.75 -74.60 74.42
C LYS H 88 68.12 -73.11 74.44
N GLY H 89 68.95 -72.69 73.50
CA GLY H 89 69.36 -71.30 73.44
C GLY H 89 68.22 -70.31 73.28
N GLU H 90 67.23 -70.68 72.48
CA GLU H 90 66.10 -69.80 72.25
C GLU H 90 65.28 -69.67 73.54
N ARG H 91 65.15 -70.76 74.28
CA ARG H 91 64.40 -70.70 75.54
C ARG H 91 65.17 -69.86 76.54
N GLU H 92 66.50 -69.95 76.52
CA GLU H 92 67.33 -69.16 77.43
C GLU H 92 67.16 -67.69 77.14
N ASP H 93 67.16 -67.32 75.85
CA ASP H 93 66.99 -65.92 75.47
C ASP H 93 65.62 -65.40 75.89
N LEU H 94 64.58 -66.16 75.58
CA LEU H 94 63.22 -65.77 75.93
C LEU H 94 63.04 -65.60 77.43
N ILE H 95 63.61 -66.52 78.19
CA ILE H 95 63.51 -66.46 79.64
C ILE H 95 64.25 -65.24 80.19
N ALA H 96 65.37 -64.88 79.57
CA ALA H 96 66.13 -63.71 80.00
C ALA H 96 65.28 -62.46 79.79
N TYR H 97 64.58 -62.41 78.66
CA TYR H 97 63.72 -61.27 78.38
C TYR H 97 62.56 -61.23 79.38
N LEU H 98 61.95 -62.37 79.65
CA LEU H 98 60.84 -62.43 80.60
C LEU H 98 61.27 -61.98 81.99
N LYS H 99 62.47 -62.37 82.39
CA LYS H 99 62.98 -62.01 83.71
C LYS H 99 63.03 -60.49 83.86
N LYS H 100 63.37 -59.80 82.79
CA LYS H 100 63.44 -58.35 82.81
C LYS H 100 62.07 -57.70 82.62
N ALA H 101 61.41 -58.02 81.52
CA ALA H 101 60.12 -57.42 81.17
C ALA H 101 58.96 -57.61 82.15
N THR H 102 58.95 -58.72 82.88
CA THR H 102 57.87 -58.97 83.81
C THR H 102 58.17 -58.39 85.19
N ASN H 103 59.31 -57.71 85.32
CA ASN H 103 59.73 -57.12 86.57
C ASN H 103 59.94 -55.61 86.50
N GLU H 104 59.58 -54.99 85.38
CA GLU H 104 59.76 -53.54 85.24
C GLU H 104 58.45 -52.77 85.40
N GLY I 1 -34.32 -67.07 99.76
CA GLY I 1 -33.94 -66.87 98.33
C GLY I 1 -32.82 -65.87 98.13
N ASP I 2 -32.15 -65.99 96.98
CA ASP I 2 -31.04 -65.12 96.61
C ASP I 2 -31.57 -63.88 95.90
N VAL I 3 -31.50 -62.73 96.56
CA VAL I 3 -31.99 -61.47 96.01
C VAL I 3 -31.41 -61.09 94.65
N GLU I 4 -30.10 -61.30 94.46
CA GLU I 4 -29.48 -60.96 93.19
C GLU I 4 -29.96 -61.84 92.05
N LYS I 5 -30.17 -63.13 92.32
CA LYS I 5 -30.67 -64.03 91.30
C LYS I 5 -32.10 -63.64 90.96
N GLY I 6 -32.85 -63.22 91.98
CA GLY I 6 -34.23 -62.82 91.77
C GLY I 6 -34.35 -61.55 90.96
N LYS I 7 -33.38 -60.66 91.09
CA LYS I 7 -33.39 -59.41 90.35
C LYS I 7 -33.28 -59.73 88.86
N LYS I 8 -32.41 -60.68 88.52
CA LYS I 8 -32.20 -61.08 87.13
C LYS I 8 -33.50 -61.68 86.57
N ILE I 9 -34.16 -62.50 87.36
CA ILE I 9 -35.40 -63.12 86.93
C ILE I 9 -36.47 -62.06 86.71
N PHE I 10 -36.54 -61.08 87.61
CA PHE I 10 -37.54 -60.03 87.49
C PHE I 10 -37.34 -59.21 86.21
N VAL I 11 -36.11 -58.74 85.99
CA VAL I 11 -35.74 -58.00 84.83
C VAL I 11 -36.05 -58.72 83.52
N GLN I 12 -35.82 -60.03 83.49
CA GLN I 12 -36.01 -60.86 82.38
C GLN I 12 -37.51 -61.23 82.07
N LYS I 13 -38.22 -61.53 83.15
CA LYS I 13 -39.60 -61.99 82.99
C LYS I 13 -40.76 -61.14 83.50
N CYS I 14 -40.48 -60.07 84.24
CA CYS I 14 -41.55 -59.26 84.82
C CYS I 14 -41.53 -57.78 84.49
N ALA I 15 -40.33 -57.20 84.45
CA ALA I 15 -40.17 -55.77 84.22
C ALA I 15 -40.94 -55.17 83.07
N GLN I 16 -41.14 -55.92 81.98
CA GLN I 16 -41.86 -55.38 80.84
C GLN I 16 -43.31 -55.04 81.14
N CYS I 17 -43.84 -55.56 82.24
CA CYS I 17 -45.24 -55.28 82.60
C CYS I 17 -45.39 -54.69 83.98
N HIS I 18 -44.32 -54.71 84.77
CA HIS I 18 -44.38 -54.19 86.14
C HIS I 18 -43.21 -53.34 86.61
N THR I 19 -43.53 -52.28 87.35
CA THR I 19 -42.52 -51.46 87.97
C THR I 19 -42.65 -51.82 89.45
N VAL I 20 -41.56 -51.69 90.21
CA VAL I 20 -41.60 -52.04 91.62
C VAL I 20 -41.41 -50.88 92.58
N GLU I 21 -40.85 -49.77 92.08
CA GLU I 21 -40.56 -48.61 92.92
C GLU I 21 -41.76 -47.75 93.28
N LYS I 22 -41.62 -46.99 94.37
CA LYS I 22 -42.68 -46.10 94.81
C LYS I 22 -42.92 -45.06 93.74
N GLY I 23 -44.18 -44.87 93.35
CA GLY I 23 -44.50 -43.92 92.31
C GLY I 23 -44.35 -44.47 90.91
N GLY I 24 -43.83 -45.68 90.81
CA GLY I 24 -43.63 -46.31 89.51
C GLY I 24 -44.93 -46.39 88.75
N LYS I 25 -44.89 -46.12 87.46
CA LYS I 25 -46.08 -46.13 86.64
C LYS I 25 -46.67 -47.51 86.44
N HIS I 26 -47.97 -47.55 86.19
CA HIS I 26 -48.63 -48.80 85.89
C HIS I 26 -48.31 -49.00 84.42
N LYS I 27 -48.24 -50.25 83.99
CA LYS I 27 -47.97 -50.56 82.59
C LYS I 27 -49.03 -51.59 82.21
N THR I 28 -48.65 -52.67 81.55
CA THR I 28 -49.66 -53.69 81.23
C THR I 28 -50.17 -54.20 82.56
N GLY I 29 -49.26 -54.31 83.52
CA GLY I 29 -49.60 -54.77 84.86
C GLY I 29 -49.44 -53.62 85.85
N PRO I 30 -49.99 -53.76 87.06
CA PRO I 30 -49.91 -52.73 88.10
C PRO I 30 -48.54 -52.56 88.73
N ASN I 31 -48.29 -51.35 89.23
CA ASN I 31 -47.06 -51.07 89.93
C ASN I 31 -47.16 -51.97 91.17
N LEU I 32 -46.03 -52.52 91.60
CA LEU I 32 -45.99 -53.44 92.72
C LEU I 32 -45.45 -52.90 94.04
N HIS I 33 -45.21 -51.60 94.11
CA HIS I 33 -44.70 -51.04 95.36
C HIS I 33 -45.72 -51.26 96.48
N GLY I 34 -45.23 -51.74 97.61
CA GLY I 34 -46.10 -51.98 98.75
C GLY I 34 -46.86 -53.29 98.70
N LEU I 35 -46.47 -54.16 97.76
CA LEU I 35 -47.11 -55.45 97.55
C LEU I 35 -47.29 -56.32 98.78
N PHE I 36 -46.22 -56.54 99.53
CA PHE I 36 -46.30 -57.39 100.72
C PHE I 36 -47.19 -56.81 101.80
N GLY I 37 -48.19 -57.57 102.21
CA GLY I 37 -49.12 -57.11 103.24
C GLY I 37 -50.38 -56.50 102.68
N ARG I 38 -50.47 -56.38 101.35
CA ARG I 38 -51.65 -55.80 100.73
C ARG I 38 -52.49 -56.88 100.06
N LYS I 39 -53.81 -56.67 100.07
CA LYS I 39 -54.72 -57.62 99.45
C LYS I 39 -54.63 -57.52 97.93
N THR I 40 -55.12 -58.55 97.26
CA THR I 40 -55.10 -58.57 95.79
C THR I 40 -55.93 -57.44 95.19
N GLY I 41 -55.45 -56.93 94.06
CA GLY I 41 -56.14 -55.87 93.33
C GLY I 41 -56.44 -54.57 94.03
N GLN I 42 -55.49 -54.09 94.83
CA GLN I 42 -55.70 -52.85 95.57
C GLN I 42 -54.80 -51.67 95.20
N ALA I 43 -53.91 -51.84 94.23
CA ALA I 43 -53.05 -50.74 93.84
C ALA I 43 -53.97 -49.71 93.16
N PRO I 44 -54.00 -48.47 93.68
CA PRO I 44 -54.86 -47.41 93.11
C PRO I 44 -54.52 -47.01 91.67
N GLY I 45 -55.55 -46.74 90.88
CA GLY I 45 -55.33 -46.29 89.52
C GLY I 45 -55.10 -47.34 88.45
N PHE I 46 -55.25 -48.61 88.80
CA PHE I 46 -55.08 -49.69 87.82
C PHE I 46 -56.36 -50.49 87.68
N SER I 47 -56.74 -50.80 86.45
CA SER I 47 -57.96 -51.55 86.20
C SER I 47 -57.73 -53.05 86.26
N TYR I 48 -57.97 -53.63 87.43
CA TYR I 48 -57.80 -55.07 87.64
C TYR I 48 -59.04 -55.80 87.15
N THR I 49 -58.89 -57.10 86.91
CA THR I 49 -60.05 -57.90 86.53
C THR I 49 -60.78 -58.09 87.85
N ASP I 50 -62.06 -58.45 87.78
CA ASP I 50 -62.82 -58.69 89.00
C ASP I 50 -62.26 -59.94 89.67
N ALA I 51 -61.75 -60.86 88.86
CA ALA I 51 -61.16 -62.10 89.38
C ALA I 51 -60.04 -61.77 90.36
N ASN I 52 -59.14 -60.87 89.95
CA ASN I 52 -58.01 -60.44 90.76
C ASN I 52 -58.54 -59.73 92.04
N LYS I 53 -59.40 -58.74 91.82
CA LYS I 53 -59.92 -57.94 92.92
C LYS I 53 -60.67 -58.77 93.96
N ASN I 54 -61.25 -59.88 93.51
CA ASN I 54 -62.03 -60.75 94.40
C ASN I 54 -61.31 -61.93 95.03
N LYS I 55 -60.08 -62.20 94.61
CA LYS I 55 -59.32 -63.33 95.17
C LYS I 55 -59.35 -63.22 96.69
N GLY I 56 -59.16 -62.01 97.19
CA GLY I 56 -59.23 -61.79 98.63
C GLY I 56 -58.09 -62.22 99.53
N ILE I 57 -56.98 -62.70 98.96
CA ILE I 57 -55.85 -63.10 99.80
C ILE I 57 -54.90 -61.94 99.97
N THR I 58 -53.95 -62.10 100.88
CA THR I 58 -52.96 -61.07 101.16
C THR I 58 -51.63 -61.48 100.54
N TRP I 59 -51.02 -60.59 99.78
CA TRP I 59 -49.74 -60.92 99.15
C TRP I 59 -48.64 -61.03 100.20
N GLY I 60 -47.88 -62.11 100.08
CA GLY I 60 -46.78 -62.39 100.98
C GLY I 60 -45.94 -63.47 100.34
N GLU I 61 -44.89 -63.89 101.04
CA GLU I 61 -44.00 -64.91 100.51
C GLU I 61 -44.78 -66.19 100.09
N GLU I 62 -45.66 -66.62 100.98
CA GLU I 62 -46.41 -67.90 100.71
C GLU I 62 -47.38 -67.78 99.57
N THR I 63 -48.23 -66.75 99.54
CA THR I 63 -49.19 -66.61 98.45
C THR I 63 -48.49 -66.37 97.12
N LEU I 64 -47.37 -65.64 97.15
CA LEU I 64 -46.63 -65.38 95.92
C LEU I 64 -46.00 -66.66 95.37
N MET I 65 -45.53 -67.51 96.28
CA MET I 65 -44.90 -68.77 95.85
C MET I 65 -45.87 -69.61 95.05
N GLU I 66 -47.13 -69.63 95.45
CA GLU I 66 -48.15 -70.39 94.75
C GLU I 66 -48.61 -69.70 93.47
N TYR I 67 -48.87 -68.40 93.56
CA TYR I 67 -49.31 -67.63 92.41
C TYR I 67 -48.32 -67.68 91.25
N LEU I 68 -47.05 -67.47 91.56
CA LEU I 68 -46.04 -67.45 90.52
C LEU I 68 -45.73 -68.81 89.89
N GLU I 69 -46.18 -69.88 90.52
CA GLU I 69 -45.95 -71.20 89.95
C GLU I 69 -46.93 -71.41 88.79
N ASN I 70 -48.12 -70.84 88.93
CA ASN I 70 -49.16 -70.95 87.91
C ASN I 70 -50.22 -69.89 88.22
N PRO I 71 -50.04 -68.68 87.67
CA PRO I 71 -50.96 -67.55 87.89
C PRO I 71 -52.44 -67.86 87.64
N LYS I 72 -52.75 -68.44 86.49
CA LYS I 72 -54.13 -68.75 86.13
C LYS I 72 -54.81 -69.74 87.07
N LYS I 73 -54.04 -70.66 87.66
CA LYS I 73 -54.60 -71.64 88.56
C LYS I 73 -54.98 -71.00 89.88
N TYR I 74 -54.14 -70.08 90.36
CA TYR I 74 -54.40 -69.40 91.63
C TYR I 74 -55.49 -68.34 91.50
N ILE I 75 -55.53 -67.66 90.36
CA ILE I 75 -56.54 -66.65 90.12
C ILE I 75 -57.18 -66.85 88.75
N PRO I 76 -58.12 -67.79 88.66
CA PRO I 76 -58.80 -68.07 87.38
C PRO I 76 -59.41 -66.80 86.79
N GLY I 77 -59.12 -66.53 85.53
CA GLY I 77 -59.66 -65.36 84.87
C GLY I 77 -58.74 -64.15 84.89
N THR I 78 -57.60 -64.27 85.56
CA THR I 78 -56.65 -63.16 85.62
C THR I 78 -56.23 -62.77 84.20
N LYS I 79 -55.96 -61.49 83.97
CA LYS I 79 -55.52 -61.08 82.65
C LYS I 79 -54.01 -61.01 82.55
N MET I 80 -53.33 -61.49 83.59
CA MET I 80 -51.87 -61.52 83.58
C MET I 80 -51.47 -62.70 82.71
N ILE I 81 -50.79 -62.40 81.61
CA ILE I 81 -50.35 -63.45 80.71
C ILE I 81 -48.93 -63.87 81.07
N PHE I 82 -48.82 -64.94 81.84
CA PHE I 82 -47.53 -65.48 82.26
C PHE I 82 -47.76 -66.93 82.66
N ALA I 83 -47.05 -67.83 82.00
CA ALA I 83 -47.17 -69.27 82.25
C ALA I 83 -46.87 -69.70 83.68
N GLY I 84 -45.85 -69.08 84.28
CA GLY I 84 -45.45 -69.43 85.62
C GLY I 84 -44.01 -69.87 85.67
N ILE I 85 -43.44 -69.93 86.87
CA ILE I 85 -42.07 -70.36 87.06
C ILE I 85 -42.11 -71.72 87.75
N LYS I 86 -41.63 -72.74 87.05
CA LYS I 86 -41.65 -74.11 87.56
C LYS I 86 -40.73 -74.42 88.73
N LYS I 87 -39.47 -73.98 88.63
CA LYS I 87 -38.50 -74.25 89.69
C LYS I 87 -38.75 -73.53 91.01
N LYS I 88 -38.85 -74.30 92.09
CA LYS I 88 -39.08 -73.75 93.41
C LYS I 88 -38.01 -72.72 93.78
N GLY I 89 -36.76 -73.07 93.54
CA GLY I 89 -35.66 -72.17 93.86
C GLY I 89 -35.72 -70.84 93.14
N GLU I 90 -36.13 -70.86 91.88
CA GLU I 90 -36.23 -69.63 91.11
C GLU I 90 -37.33 -68.74 91.68
N ARG I 91 -38.44 -69.35 92.09
CA ARG I 91 -39.52 -68.56 92.68
C ARG I 91 -39.07 -67.98 94.00
N GLU I 92 -38.28 -68.75 94.77
CA GLU I 92 -37.78 -68.26 96.05
C GLU I 92 -36.88 -67.06 95.84
N ASP I 93 -36.01 -67.12 94.84
CA ASP I 93 -35.11 -66.02 94.55
C ASP I 93 -35.89 -64.77 94.12
N LEU I 94 -36.82 -64.94 93.19
CA LEU I 94 -37.63 -63.84 92.71
C LEU I 94 -38.42 -63.18 93.83
N ILE I 95 -39.00 -64.01 94.70
CA ILE I 95 -39.78 -63.48 95.81
C ILE I 95 -38.90 -62.72 96.80
N ALA I 96 -37.66 -63.17 96.98
CA ALA I 96 -36.73 -62.49 97.88
C ALA I 96 -36.43 -61.10 97.31
N TYR I 97 -36.26 -61.03 95.99
CA TYR I 97 -35.99 -59.74 95.36
C TYR I 97 -37.22 -58.83 95.49
N LEU I 98 -38.41 -59.37 95.24
CA LEU I 98 -39.63 -58.58 95.35
C LEU I 98 -39.83 -58.04 96.76
N LYS I 99 -39.50 -58.86 97.76
CA LYS I 99 -39.65 -58.44 99.16
C LYS I 99 -38.83 -57.19 99.43
N LYS I 100 -37.65 -57.11 98.82
CA LYS I 100 -36.79 -55.96 99.00
C LYS I 100 -37.18 -54.78 98.10
N ALA I 101 -37.21 -55.02 96.80
CA ALA I 101 -37.50 -53.98 95.81
C ALA I 101 -38.84 -53.28 95.91
N THR I 102 -39.86 -53.96 96.39
CA THR I 102 -41.18 -53.35 96.49
C THR I 102 -41.37 -52.63 97.82
N ASN I 103 -40.32 -52.63 98.65
CA ASN I 103 -40.38 -52.00 99.96
C ASN I 103 -39.33 -50.90 100.15
N GLU I 104 -38.63 -50.53 99.09
CA GLU I 104 -37.60 -49.49 99.20
C GLU I 104 -38.06 -48.15 98.63
N GLY J 1 -112.21 -8.54 54.45
CA GLY J 1 -111.12 -8.98 53.55
C GLY J 1 -109.72 -8.80 54.12
N ASP J 2 -108.77 -9.56 53.59
CA ASP J 2 -107.37 -9.53 54.02
C ASP J 2 -106.62 -8.44 53.23
N VAL J 3 -106.26 -7.36 53.90
CA VAL J 3 -105.56 -6.25 53.28
C VAL J 3 -104.27 -6.62 52.56
N GLU J 4 -103.47 -7.51 53.16
CA GLU J 4 -102.21 -7.91 52.53
C GLU J 4 -102.44 -8.71 51.25
N LYS J 5 -103.45 -9.57 51.24
CA LYS J 5 -103.74 -10.33 50.04
C LYS J 5 -104.25 -9.40 48.96
N GLY J 6 -105.01 -8.39 49.38
CA GLY J 6 -105.54 -7.43 48.44
C GLY J 6 -104.46 -6.56 47.82
N LYS J 7 -103.40 -6.29 48.58
CA LYS J 7 -102.30 -5.48 48.07
C LYS J 7 -101.65 -6.23 46.92
N LYS J 8 -101.46 -7.54 47.08
CA LYS J 8 -100.85 -8.36 46.05
C LYS J 8 -101.71 -8.35 44.78
N ILE J 9 -103.01 -8.46 44.96
CA ILE J 9 -103.94 -8.45 43.83
C ILE J 9 -103.87 -7.11 43.11
N PHE J 10 -103.83 -6.02 43.88
CA PHE J 10 -103.79 -4.69 43.27
C PHE J 10 -102.53 -4.50 42.44
N VAL J 11 -101.37 -4.80 43.03
CA VAL J 11 -100.10 -4.72 42.37
C VAL J 11 -100.03 -5.52 41.07
N GLN J 12 -100.62 -6.71 41.07
CA GLN J 12 -100.64 -7.60 40.00
C GLN J 12 -101.63 -7.23 38.84
N LYS J 13 -102.82 -6.80 39.26
CA LYS J 13 -103.87 -6.52 38.29
C LYS J 13 -104.39 -5.10 38.08
N CYS J 14 -103.97 -4.17 38.94
CA CYS J 14 -104.47 -2.80 38.84
C CYS J 14 -103.45 -1.70 38.72
N ALA J 15 -102.34 -1.85 39.44
CA ALA J 15 -101.29 -0.84 39.47
C ALA J 15 -100.82 -0.28 38.13
N GLN J 16 -100.82 -1.10 37.08
CA GLN J 16 -100.36 -0.62 35.78
C GLN J 16 -101.23 0.48 35.19
N CYS J 17 -102.45 0.64 35.72
CA CYS J 17 -103.35 1.67 35.22
C CYS J 17 -103.82 2.63 36.29
N HIS J 18 -103.57 2.30 37.55
CA HIS J 18 -104.02 3.14 38.67
C HIS J 18 -103.05 3.37 39.80
N THR J 19 -103.02 4.61 40.29
CA THR J 19 -102.22 4.94 41.47
C THR J 19 -103.29 5.13 42.55
N VAL J 20 -102.92 4.90 43.81
CA VAL J 20 -103.89 5.04 44.90
C VAL J 20 -103.60 6.17 45.87
N GLU J 21 -102.35 6.63 45.90
CA GLU J 21 -101.93 7.67 46.84
C GLU J 21 -102.38 9.08 46.50
N LYS J 22 -102.42 9.94 47.52
CA LYS J 22 -102.80 11.34 47.32
C LYS J 22 -101.79 11.99 46.41
N GLY J 23 -102.27 12.67 45.37
CA GLY J 23 -101.39 13.32 44.43
C GLY J 23 -100.87 12.39 43.34
N GLY J 24 -101.20 11.10 43.47
CA GLY J 24 -100.77 10.12 42.49
C GLY J 24 -101.24 10.51 41.10
N LYS J 25 -100.37 10.33 40.12
CA LYS J 25 -100.71 10.70 38.75
C LYS J 25 -101.77 9.81 38.13
N HIS J 26 -102.48 10.38 37.15
CA HIS J 26 -103.47 9.61 36.42
C HIS J 26 -102.61 8.86 35.41
N LYS J 27 -103.06 7.69 34.99
CA LYS J 27 -102.35 6.90 34.01
C LYS J 27 -103.40 6.49 33.00
N THR J 28 -103.45 5.23 32.59
CA THR J 28 -104.49 4.83 31.65
C THR J 28 -105.82 5.06 32.38
N GLY J 29 -105.80 4.77 33.68
CA GLY J 29 -106.97 4.95 34.52
C GLY J 29 -106.74 6.09 35.51
N PRO J 30 -107.79 6.60 36.15
CA PRO J 30 -107.69 7.70 37.11
C PRO J 30 -107.06 7.32 38.45
N ASN J 31 -106.46 8.32 39.09
CA ASN J 31 -105.89 8.13 40.41
C ASN J 31 -107.11 7.80 41.27
N LEU J 32 -106.93 6.89 42.24
CA LEU J 32 -108.03 6.44 43.09
C LEU J 32 -108.07 6.99 44.51
N HIS J 33 -107.21 7.94 44.82
CA HIS J 33 -107.21 8.50 46.16
C HIS J 33 -108.55 9.16 46.45
N GLY J 34 -109.11 8.84 47.61
CA GLY J 34 -110.40 9.42 48.00
C GLY J 34 -111.60 8.72 47.39
N LEU J 35 -111.37 7.55 46.80
CA LEU J 35 -112.40 6.76 46.14
C LEU J 35 -113.67 6.50 46.95
N PHE J 36 -113.51 5.99 48.17
CA PHE J 36 -114.67 5.69 49.00
C PHE J 36 -115.45 6.92 49.40
N GLY J 37 -116.74 6.92 49.07
CA GLY J 37 -117.59 8.06 49.40
C GLY J 37 -117.74 9.05 48.26
N ARG J 38 -117.03 8.80 47.15
CA ARG J 38 -117.12 9.69 46.00
C ARG J 38 -117.92 9.06 44.88
N LYS J 39 -118.64 9.90 44.12
CA LYS J 39 -119.44 9.41 43.01
C LYS J 39 -118.54 9.01 41.86
N THR J 40 -119.09 8.24 40.93
CA THR J 40 -118.33 7.79 39.77
C THR J 40 -117.88 8.95 38.89
N GLY J 41 -116.70 8.81 38.30
CA GLY J 41 -116.14 9.80 37.40
C GLY J 41 -115.95 11.21 37.90
N GLN J 42 -115.48 11.35 39.14
CA GLN J 42 -115.29 12.68 39.71
C GLN J 42 -113.86 13.07 40.05
N ALA J 43 -112.88 12.20 39.78
CA ALA J 43 -111.49 12.55 40.06
C ALA J 43 -111.13 13.65 39.06
N PRO J 44 -110.71 14.83 39.56
CA PRO J 44 -110.34 15.96 38.70
C PRO J 44 -109.15 15.70 37.77
N GLY J 45 -109.22 16.22 36.55
CA GLY J 45 -108.12 16.08 35.62
C GLY J 45 -108.03 14.82 34.81
N PHE J 46 -109.04 13.96 34.89
CA PHE J 46 -109.04 12.72 34.11
C PHE J 46 -110.24 12.68 33.18
N SER J 47 -110.02 12.26 31.94
CA SER J 47 -111.09 12.20 30.95
C SER J 47 -111.84 10.88 31.02
N TYR J 48 -112.93 10.87 31.76
CA TYR J 48 -113.76 9.67 31.92
C TYR J 48 -114.71 9.56 30.73
N THR J 49 -115.25 8.37 30.51
CA THR J 49 -116.23 8.19 29.46
C THR J 49 -117.50 8.79 30.08
N ASP J 50 -118.47 9.12 29.24
CA ASP J 50 -119.72 9.67 29.75
C ASP J 50 -120.44 8.56 30.52
N ALA J 51 -120.23 7.32 30.09
CA ALA J 51 -120.84 6.17 30.74
C ALA J 51 -120.45 6.15 32.22
N ASN J 52 -119.16 6.30 32.50
CA ASN J 52 -118.62 6.31 33.85
C ASN J 52 -119.20 7.52 34.63
N LYS J 53 -119.06 8.69 34.03
CA LYS J 53 -119.50 9.92 34.68
C LYS J 53 -120.99 9.93 35.00
N ASN J 54 -121.77 9.20 34.21
CA ASN J 54 -123.22 9.14 34.39
C ASN J 54 -123.77 7.99 35.22
N LYS J 55 -122.93 7.03 35.59
CA LYS J 55 -123.41 5.89 36.38
C LYS J 55 -124.15 6.42 37.60
N GLY J 56 -123.60 7.45 38.22
CA GLY J 56 -124.25 8.09 39.35
C GLY J 56 -124.25 7.40 40.71
N ILE J 57 -123.54 6.30 40.86
CA ILE J 57 -123.50 5.63 42.16
C ILE J 57 -122.31 6.14 42.96
N THR J 58 -122.29 5.79 44.24
CA THR J 58 -121.21 6.20 45.13
C THR J 58 -120.29 5.01 45.38
N TRP J 59 -118.99 5.21 45.20
CA TRP J 59 -118.05 4.12 45.42
C TRP J 59 -117.96 3.77 46.90
N GLY J 60 -118.05 2.47 47.16
CA GLY J 60 -117.98 1.94 48.51
C GLY J 60 -117.76 0.45 48.40
N GLU J 61 -117.69 -0.22 49.54
CA GLU J 61 -117.44 -1.66 49.55
C GLU J 61 -118.45 -2.42 48.64
N GLU J 62 -119.72 -2.07 48.81
CA GLU J 62 -120.78 -2.80 48.05
C GLU J 62 -120.73 -2.54 46.57
N THR J 63 -120.66 -1.28 46.13
CA THR J 63 -120.62 -0.99 44.70
C THR J 63 -119.35 -1.53 44.07
N LEU J 64 -118.23 -1.49 44.80
CA LEU J 64 -116.98 -2.00 44.27
C LEU J 64 -117.04 -3.53 44.09
N MET J 65 -117.71 -4.20 45.03
CA MET J 65 -117.82 -5.66 44.95
C MET J 65 -118.49 -6.08 43.66
N GLU J 66 -119.51 -5.34 43.24
CA GLU J 66 -120.22 -5.64 42.01
C GLU J 66 -119.44 -5.22 40.77
N TYR J 67 -118.91 -4.01 40.80
CA TYR J 67 -118.14 -3.48 39.68
C TYR J 67 -116.95 -4.36 39.33
N LEU J 68 -116.18 -4.74 40.34
CA LEU J 68 -114.99 -5.54 40.10
C LEU J 68 -115.26 -6.97 39.65
N GLU J 69 -116.49 -7.44 39.81
CA GLU J 69 -116.81 -8.79 39.38
C GLU J 69 -116.93 -8.79 37.85
N ASN J 70 -117.44 -7.69 37.32
CA ASN J 70 -117.62 -7.54 35.87
C ASN J 70 -117.84 -6.05 35.59
N PRO J 71 -116.75 -5.32 35.36
CA PRO J 71 -116.79 -3.87 35.09
C PRO J 71 -117.77 -3.44 33.99
N LYS J 72 -117.70 -4.08 32.83
CA LYS J 72 -118.57 -3.74 31.70
C LYS J 72 -120.06 -3.93 31.97
N LYS J 73 -120.39 -4.90 32.82
CA LYS J 73 -121.79 -5.15 33.14
C LYS J 73 -122.34 -4.06 34.03
N TYR J 74 -121.53 -3.60 34.99
CA TYR J 74 -121.97 -2.56 35.92
C TYR J 74 -121.98 -1.18 35.26
N ILE J 75 -121.01 -0.93 34.38
CA ILE J 75 -120.94 0.34 33.68
C ILE J 75 -120.74 0.11 32.17
N PRO J 76 -121.84 -0.21 31.47
CA PRO J 76 -121.76 -0.46 30.03
C PRO J 76 -121.10 0.72 29.30
N GLY J 77 -120.11 0.42 28.47
CA GLY J 77 -119.43 1.47 27.73
C GLY J 77 -118.16 1.97 28.39
N THR J 78 -117.86 1.49 29.58
CA THR J 78 -116.65 1.93 30.28
C THR J 78 -115.43 1.63 29.43
N LYS J 79 -114.40 2.47 29.50
CA LYS J 79 -113.20 2.20 28.73
C LYS J 79 -112.15 1.47 29.55
N MET J 80 -112.55 1.03 30.75
CA MET J 80 -111.64 0.26 31.59
C MET J 80 -111.61 -1.15 31.03
N ILE J 81 -110.45 -1.57 30.56
CA ILE J 81 -110.31 -2.91 30.01
C ILE J 81 -109.83 -3.86 31.10
N PHE J 82 -110.78 -4.57 31.70
CA PHE J 82 -110.51 -5.53 32.74
C PHE J 82 -111.70 -6.48 32.81
N ALA J 83 -111.42 -7.78 32.63
CA ALA J 83 -112.47 -8.81 32.63
C ALA J 83 -113.26 -8.90 33.93
N GLY J 84 -112.57 -8.74 35.05
CA GLY J 84 -113.22 -8.85 36.34
C GLY J 84 -112.59 -9.93 37.19
N ILE J 85 -112.90 -9.91 38.48
CA ILE J 85 -112.37 -10.91 39.40
C ILE J 85 -113.54 -11.79 39.81
N LYS J 86 -113.47 -13.07 39.45
CA LYS J 86 -114.54 -14.03 39.73
C LYS J 86 -114.73 -14.41 41.20
N LYS J 87 -113.65 -14.72 41.89
CA LYS J 87 -113.73 -15.13 43.29
C LYS J 87 -114.17 -14.04 44.26
N LYS J 88 -115.23 -14.31 45.01
CA LYS J 88 -115.76 -13.37 45.99
C LYS J 88 -114.68 -12.96 46.99
N GLY J 89 -113.97 -13.96 47.52
CA GLY J 89 -112.92 -13.70 48.49
C GLY J 89 -111.82 -12.78 47.99
N GLU J 90 -111.43 -12.94 46.73
CA GLU J 90 -110.38 -12.12 46.15
C GLU J 90 -110.87 -10.68 46.04
N ARG J 91 -112.12 -10.49 45.68
CA ARG J 91 -112.66 -9.14 45.57
C ARG J 91 -112.73 -8.52 46.96
N GLU J 92 -113.07 -9.32 47.97
CA GLU J 92 -113.14 -8.81 49.34
C GLU J 92 -111.77 -8.35 49.79
N ASP J 93 -110.74 -9.13 49.49
CA ASP J 93 -109.38 -8.78 49.89
C ASP J 93 -108.93 -7.48 49.19
N LEU J 94 -109.14 -7.42 47.88
CA LEU J 94 -108.75 -6.25 47.11
C LEU J 94 -109.46 -4.99 47.60
N ILE J 95 -110.75 -5.12 47.90
CA ILE J 95 -111.51 -3.98 48.37
C ILE J 95 -111.04 -3.53 49.75
N ALA J 96 -110.62 -4.47 50.59
CA ALA J 96 -110.10 -4.13 51.91
C ALA J 96 -108.82 -3.32 51.75
N TYR J 97 -107.98 -3.73 50.79
CA TYR J 97 -106.74 -2.99 50.55
C TYR J 97 -107.05 -1.60 50.00
N LEU J 98 -107.98 -1.50 49.07
CA LEU J 98 -108.35 -0.21 48.50
C LEU J 98 -108.90 0.74 49.57
N LYS J 99 -109.69 0.20 50.50
CA LYS J 99 -110.27 1.01 51.56
C LYS J 99 -109.17 1.68 52.37
N LYS J 100 -108.08 0.98 52.58
CA LYS J 100 -106.96 1.53 53.33
C LYS J 100 -106.05 2.43 52.47
N ALA J 101 -105.53 1.87 51.38
CA ALA J 101 -104.60 2.58 50.51
C ALA J 101 -105.09 3.86 49.86
N THR J 102 -106.39 3.97 49.59
CA THR J 102 -106.90 5.16 48.94
C THR J 102 -107.31 6.22 49.97
N ASN J 103 -107.08 5.93 51.25
CA ASN J 103 -107.43 6.85 52.32
C ASN J 103 -106.23 7.25 53.19
N GLU J 104 -105.02 6.89 52.78
CA GLU J 104 -103.84 7.25 53.56
C GLU J 104 -103.06 8.41 52.94
N GLY K 1 -103.92 65.63 -22.85
CA GLY K 1 -103.02 64.45 -22.97
C GLY K 1 -102.33 64.06 -21.67
N ASP K 2 -101.89 62.80 -21.61
CA ASP K 2 -101.22 62.25 -20.44
C ASP K 2 -99.72 62.52 -20.54
N VAL K 3 -99.22 63.41 -19.70
CA VAL K 3 -97.80 63.78 -19.69
C VAL K 3 -96.82 62.61 -19.54
N GLU K 4 -97.14 61.66 -18.67
CA GLU K 4 -96.26 60.52 -18.47
C GLU K 4 -96.20 59.62 -19.70
N LYS K 5 -97.33 59.42 -20.37
CA LYS K 5 -97.34 58.61 -21.57
C LYS K 5 -96.56 59.32 -22.66
N GLY K 6 -96.66 60.65 -22.69
CA GLY K 6 -95.95 61.43 -23.68
C GLY K 6 -94.44 61.40 -23.46
N LYS K 7 -94.02 61.30 -22.21
CA LYS K 7 -92.60 61.26 -21.90
C LYS K 7 -92.01 59.98 -22.51
N LYS K 8 -92.74 58.88 -22.38
CA LYS K 8 -92.30 57.60 -22.92
C LYS K 8 -92.17 57.69 -24.44
N ILE K 9 -93.15 58.32 -25.08
CA ILE K 9 -93.13 58.46 -26.53
C ILE K 9 -91.95 59.31 -26.96
N PHE K 10 -91.69 60.40 -26.22
CA PHE K 10 -90.58 61.28 -26.57
C PHE K 10 -89.24 60.56 -26.49
N VAL K 11 -89.00 59.89 -25.36
CA VAL K 11 -87.81 59.12 -25.12
C VAL K 11 -87.55 58.07 -26.20
N GLN K 12 -88.61 57.40 -26.64
CA GLN K 12 -88.58 56.38 -27.60
C GLN K 12 -88.38 56.85 -29.08
N LYS K 13 -89.10 57.92 -29.41
CA LYS K 13 -89.11 58.41 -30.78
C LYS K 13 -88.50 59.77 -31.13
N CYS K 14 -88.15 60.56 -30.12
CA CYS K 14 -87.61 61.90 -30.38
C CYS K 14 -86.26 62.23 -29.78
N ALA K 15 -86.03 61.76 -28.57
CA ALA K 15 -84.80 62.05 -27.84
C ALA K 15 -83.50 61.89 -28.60
N GLN K 16 -83.42 60.93 -29.51
CA GLN K 16 -82.17 60.70 -30.24
C GLN K 16 -81.79 61.88 -31.14
N CYS K 17 -82.74 62.77 -31.41
CA CYS K 17 -82.45 63.93 -32.25
C CYS K 17 -82.75 65.25 -31.59
N HIS K 18 -83.44 65.21 -30.46
CA HIS K 18 -83.82 66.44 -29.75
C HIS K 18 -83.66 66.46 -28.24
N THR K 19 -83.19 67.60 -27.73
CA THR K 19 -83.11 67.80 -26.29
C THR K 19 -84.23 68.80 -26.03
N VAL K 20 -84.79 68.79 -24.82
CA VAL K 20 -85.88 69.71 -24.50
C VAL K 20 -85.55 70.75 -23.45
N GLU K 21 -84.51 70.50 -22.66
CA GLU K 21 -84.14 71.40 -21.57
C GLU K 21 -83.43 72.68 -21.98
N LYS K 22 -83.49 73.69 -21.11
CA LYS K 22 -82.83 74.96 -21.38
C LYS K 22 -81.33 74.71 -21.47
N GLY K 23 -80.71 75.22 -22.53
CA GLY K 23 -79.29 75.03 -22.71
C GLY K 23 -78.93 73.69 -23.37
N GLY K 24 -79.94 72.86 -23.56
CA GLY K 24 -79.73 71.55 -24.17
C GLY K 24 -79.08 71.71 -25.54
N LYS K 25 -78.13 70.84 -25.84
CA LYS K 25 -77.41 70.92 -27.10
C LYS K 25 -78.28 70.57 -28.30
N HIS K 26 -77.89 71.11 -29.45
CA HIS K 26 -78.57 70.77 -30.68
C HIS K 26 -77.93 69.44 -31.06
N LYS K 27 -78.68 68.60 -31.76
CA LYS K 27 -78.18 67.32 -32.20
C LYS K 27 -78.54 67.23 -33.68
N THR K 28 -79.08 66.11 -34.13
CA THR K 28 -79.49 66.05 -35.54
C THR K 28 -80.58 67.12 -35.70
N GLY K 29 -81.40 67.25 -34.67
CA GLY K 29 -82.47 68.23 -34.67
C GLY K 29 -82.18 69.32 -33.64
N PRO K 30 -82.88 70.45 -33.71
CA PRO K 30 -82.69 71.57 -32.78
C PRO K 30 -83.20 71.32 -31.36
N ASN K 31 -82.59 72.01 -30.41
CA ASN K 31 -83.02 71.94 -29.04
C ASN K 31 -84.43 72.54 -29.08
N LEU K 32 -85.35 71.99 -28.28
CA LEU K 32 -86.74 72.43 -28.28
C LEU K 32 -87.18 73.30 -27.11
N HIS K 33 -86.25 73.72 -26.27
CA HIS K 33 -86.62 74.56 -25.15
C HIS K 33 -87.24 75.86 -25.65
N GLY K 34 -88.39 76.22 -25.07
CA GLY K 34 -89.07 77.45 -25.46
C GLY K 34 -89.91 77.33 -26.72
N LEU K 35 -90.13 76.08 -27.16
CA LEU K 35 -90.90 75.79 -28.37
C LEU K 35 -92.26 76.45 -28.47
N PHE K 36 -93.09 76.30 -27.45
CA PHE K 36 -94.43 76.88 -27.48
C PHE K 36 -94.42 78.39 -27.52
N GLY K 37 -95.05 78.96 -28.54
CA GLY K 37 -95.11 80.40 -28.68
C GLY K 37 -94.04 80.96 -29.60
N ARG K 38 -93.16 80.08 -30.10
CA ARG K 38 -92.10 80.52 -31.00
C ARG K 38 -92.39 80.09 -32.43
N LYS K 39 -91.96 80.92 -33.38
CA LYS K 39 -92.17 80.61 -34.79
C LYS K 39 -91.24 79.50 -35.23
N THR K 40 -91.54 78.89 -36.36
CA THR K 40 -90.72 77.80 -36.89
C THR K 40 -89.31 78.28 -37.23
N GLY K 41 -88.34 77.38 -37.02
CA GLY K 41 -86.95 77.65 -37.33
C GLY K 41 -86.27 78.84 -36.70
N GLN K 42 -86.54 79.07 -35.42
CA GLN K 42 -85.96 80.21 -34.73
C GLN K 42 -85.00 79.91 -33.58
N ALA K 43 -84.75 78.62 -33.30
CA ALA K 43 -83.82 78.28 -32.23
C ALA K 43 -82.44 78.72 -32.73
N PRO K 44 -81.75 79.60 -31.98
CA PRO K 44 -80.42 80.08 -32.37
C PRO K 44 -79.33 79.00 -32.43
N GLY K 45 -78.45 79.12 -33.42
CA GLY K 45 -77.35 78.17 -33.52
C GLY K 45 -77.60 76.86 -34.23
N PHE K 46 -78.77 76.71 -34.83
CA PHE K 46 -79.08 75.47 -35.56
C PHE K 46 -79.37 75.78 -37.02
N SER K 47 -78.83 74.97 -37.92
CA SER K 47 -79.04 75.20 -39.35
C SER K 47 -80.29 74.52 -39.85
N TYR K 48 -81.38 75.27 -39.89
CA TYR K 48 -82.67 74.77 -40.36
C TYR K 48 -82.71 74.83 -41.88
N THR K 49 -83.62 74.06 -42.48
CA THR K 49 -83.80 74.13 -43.92
C THR K 49 -84.57 75.43 -44.11
N ASP K 50 -84.56 75.95 -45.32
CA ASP K 50 -85.29 77.17 -45.60
C ASP K 50 -86.78 76.86 -45.51
N ALA K 51 -87.15 75.62 -45.83
CA ALA K 51 -88.54 75.18 -45.76
C ALA K 51 -89.08 75.39 -44.34
N ASN K 52 -88.32 74.94 -43.34
CA ASN K 52 -88.67 75.05 -41.94
C ASN K 52 -88.75 76.56 -41.56
N LYS K 53 -87.67 77.27 -41.85
CA LYS K 53 -87.58 78.68 -41.49
C LYS K 53 -88.68 79.54 -42.11
N ASN K 54 -89.18 79.11 -43.27
CA ASN K 54 -90.22 79.86 -43.98
C ASN K 54 -91.66 79.44 -43.73
N LYS K 55 -91.88 78.33 -43.02
CA LYS K 55 -93.24 77.87 -42.76
C LYS K 55 -94.05 79.04 -42.17
N GLY K 56 -93.43 79.77 -41.26
CA GLY K 56 -94.06 80.94 -40.68
C GLY K 56 -95.16 80.77 -39.64
N ILE K 57 -95.43 79.55 -39.19
CA ILE K 57 -96.46 79.37 -38.18
C ILE K 57 -95.84 79.40 -36.79
N THR K 58 -96.69 79.47 -35.78
CA THR K 58 -96.24 79.52 -34.40
C THR K 58 -96.48 78.15 -33.75
N TRP K 59 -95.44 77.60 -33.12
CA TRP K 59 -95.61 76.30 -32.48
C TRP K 59 -96.51 76.39 -31.27
N GLY K 60 -97.46 75.46 -31.22
CA GLY K 60 -98.42 75.38 -30.14
C GLY K 60 -99.08 74.02 -30.22
N GLU K 61 -100.02 73.76 -29.32
CA GLU K 61 -100.69 72.48 -29.29
C GLU K 61 -101.31 72.11 -30.68
N GLU K 62 -101.98 73.09 -31.26
CA GLU K 62 -102.68 72.82 -32.55
C GLU K 62 -101.73 72.58 -33.70
N THR K 63 -100.73 73.44 -33.90
CA THR K 63 -99.79 73.25 -35.00
C THR K 63 -98.97 71.98 -34.81
N LEU K 64 -98.63 71.66 -33.56
CA LEU K 64 -97.86 70.45 -33.29
C LEU K 64 -98.68 69.19 -33.60
N MET K 65 -99.98 69.25 -33.29
CA MET K 65 -100.85 68.09 -33.55
C MET K 65 -100.84 67.73 -35.01
N GLU K 66 -100.84 68.73 -35.89
CA GLU K 66 -100.82 68.50 -37.33
C GLU K 66 -99.44 68.09 -37.83
N TYR K 67 -98.43 68.81 -37.39
CA TYR K 67 -97.05 68.53 -37.80
C TYR K 67 -96.63 67.11 -37.45
N LEU K 68 -96.89 66.70 -36.22
CA LEU K 68 -96.48 65.37 -35.78
C LEU K 68 -97.24 64.22 -36.41
N GLU K 69 -98.37 64.51 -37.05
CA GLU K 69 -99.12 63.45 -37.70
C GLU K 69 -98.41 63.07 -39.01
N ASN K 70 -97.81 64.08 -39.64
CA ASN K 70 -97.08 63.88 -40.90
C ASN K 70 -96.22 65.11 -41.12
N PRO K 71 -94.99 65.09 -40.61
CA PRO K 71 -94.04 66.21 -40.73
C PRO K 71 -93.83 66.75 -42.15
N LYS K 72 -93.56 65.85 -43.10
CA LYS K 72 -93.32 66.25 -44.48
C LYS K 72 -94.51 66.93 -45.16
N LYS K 73 -95.71 66.56 -44.75
CA LYS K 73 -96.91 67.15 -45.34
C LYS K 73 -97.10 68.58 -44.86
N TYR K 74 -96.83 68.81 -43.58
CA TYR K 74 -96.97 70.14 -42.99
C TYR K 74 -95.85 71.08 -43.41
N ILE K 75 -94.63 70.54 -43.53
CA ILE K 75 -93.49 71.34 -43.96
C ILE K 75 -92.72 70.62 -45.06
N PRO K 76 -93.22 70.72 -46.29
CA PRO K 76 -92.57 70.06 -47.44
C PRO K 76 -91.10 70.47 -47.54
N GLY K 77 -90.21 69.49 -47.64
CA GLY K 77 -88.80 69.79 -47.75
C GLY K 77 -88.04 69.74 -46.43
N THR K 78 -88.76 69.54 -45.33
CA THR K 78 -88.10 69.49 -44.03
C THR K 78 -87.07 68.37 -44.02
N LYS K 79 -85.98 68.56 -43.29
CA LYS K 79 -84.97 67.51 -43.23
C LYS K 79 -85.16 66.61 -42.01
N MET K 80 -86.28 66.80 -41.32
CA MET K 80 -86.59 65.96 -40.17
C MET K 80 -87.10 64.63 -40.72
N ILE K 81 -86.36 63.56 -40.45
CA ILE K 81 -86.76 62.24 -40.91
C ILE K 81 -87.57 61.54 -39.84
N PHE K 82 -88.89 61.62 -39.99
CA PHE K 82 -89.82 61.00 -39.06
C PHE K 82 -91.15 60.85 -39.79
N ALA K 83 -91.63 59.61 -39.89
CA ALA K 83 -92.88 59.30 -40.58
C ALA K 83 -94.11 60.00 -40.01
N GLY K 84 -94.17 60.10 -38.69
CA GLY K 84 -95.31 60.72 -38.04
C GLY K 84 -95.98 59.75 -37.08
N ILE K 85 -96.83 60.29 -36.22
CA ILE K 85 -97.56 59.48 -35.25
C ILE K 85 -99.02 59.48 -35.68
N LYS K 86 -99.52 58.30 -36.04
CA LYS K 86 -100.89 58.14 -36.52
C LYS K 86 -102.00 58.36 -35.50
N LYS K 87 -101.86 57.75 -34.33
CA LYS K 87 -102.87 57.86 -33.28
C LYS K 87 -103.03 59.24 -32.66
N LYS K 88 -104.24 59.78 -32.71
CA LYS K 88 -104.53 61.09 -32.15
C LYS K 88 -104.15 61.15 -30.67
N GLY K 89 -104.55 60.13 -29.92
CA GLY K 89 -104.24 60.10 -28.50
C GLY K 89 -102.76 60.13 -28.17
N GLU K 90 -101.96 59.44 -28.97
CA GLU K 90 -100.52 59.42 -28.76
C GLU K 90 -99.93 60.80 -29.01
N ARG K 91 -100.43 61.49 -30.03
CA ARG K 91 -99.93 62.83 -30.30
C ARG K 91 -100.33 63.77 -29.19
N GLU K 92 -101.53 63.58 -28.64
CA GLU K 92 -102.01 64.42 -27.53
C GLU K 92 -101.12 64.23 -26.32
N ASP K 93 -100.76 62.98 -26.03
CA ASP K 93 -99.90 62.69 -24.88
C ASP K 93 -98.51 63.31 -25.06
N LEU K 94 -97.92 63.09 -26.23
CA LEU K 94 -96.60 63.63 -26.54
C LEU K 94 -96.58 65.15 -26.45
N ILE K 95 -97.63 65.79 -26.98
CA ILE K 95 -97.70 67.24 -26.94
C ILE K 95 -97.84 67.76 -25.52
N ALA K 96 -98.56 67.02 -24.68
CA ALA K 96 -98.73 67.41 -23.29
C ALA K 96 -97.37 67.38 -22.60
N TYR K 97 -96.58 66.34 -22.90
CA TYR K 97 -95.25 66.24 -22.31
C TYR K 97 -94.36 67.38 -22.81
N LEU K 98 -94.40 67.67 -24.11
CA LEU K 98 -93.60 68.74 -24.67
C LEU K 98 -93.95 70.09 -24.06
N LYS K 99 -95.23 70.31 -23.81
CA LYS K 99 -95.70 71.58 -23.23
C LYS K 99 -95.03 71.80 -21.88
N LYS K 100 -94.85 70.73 -21.12
CA LYS K 100 -94.22 70.82 -19.82
C LYS K 100 -92.69 70.84 -19.90
N ALA K 101 -92.12 69.82 -20.52
CA ALA K 101 -90.67 69.67 -20.61
C ALA K 101 -89.89 70.77 -21.31
N THR K 102 -90.51 71.44 -22.28
CA THR K 102 -89.82 72.49 -23.01
C THR K 102 -90.00 73.85 -22.33
N ASN K 103 -90.68 73.86 -21.19
CA ASN K 103 -90.93 75.09 -20.46
C ASN K 103 -90.40 75.06 -19.03
N GLU K 104 -89.63 74.04 -18.67
CA GLU K 104 -89.07 73.95 -17.32
C GLU K 104 -87.59 74.31 -17.26
N GLY L 1 -15.70 99.58 -73.93
CA GLY L 1 -15.75 98.13 -73.60
C GLY L 1 -16.22 97.83 -72.18
N ASP L 2 -16.70 96.61 -71.98
CA ASP L 2 -17.20 96.15 -70.69
C ASP L 2 -16.05 95.58 -69.87
N VAL L 3 -15.66 96.28 -68.81
CA VAL L 3 -14.55 95.87 -67.95
C VAL L 3 -14.70 94.47 -67.36
N GLU L 4 -15.90 94.11 -66.92
CA GLU L 4 -16.11 92.79 -66.34
C GLU L 4 -15.95 91.67 -67.37
N LYS L 5 -16.42 91.90 -68.59
CA LYS L 5 -16.27 90.89 -69.62
C LYS L 5 -14.80 90.77 -69.99
N GLY L 6 -14.09 91.89 -69.96
CA GLY L 6 -12.68 91.89 -70.27
C GLY L 6 -11.85 91.15 -69.21
N LYS L 7 -12.29 91.22 -67.97
CA LYS L 7 -11.59 90.55 -66.89
C LYS L 7 -11.64 89.04 -67.14
N LYS L 8 -12.80 88.54 -67.55
CA LYS L 8 -12.97 87.13 -67.83
C LYS L 8 -12.05 86.70 -68.98
N ILE L 9 -11.98 87.53 -70.01
CA ILE L 9 -11.13 87.22 -71.15
C ILE L 9 -9.66 87.19 -70.73
N PHE L 10 -9.27 88.15 -69.90
CA PHE L 10 -7.88 88.21 -69.45
C PHE L 10 -7.49 86.97 -68.66
N VAL L 11 -8.30 86.62 -67.66
CA VAL L 11 -8.13 85.46 -66.85
C VAL L 11 -8.01 84.17 -67.65
N GLN L 12 -8.83 84.03 -68.68
CA GLN L 12 -8.90 82.92 -69.52
C GLN L 12 -7.74 82.78 -70.56
N LYS L 13 -7.40 83.91 -71.15
CA LYS L 13 -6.41 83.92 -72.22
C LYS L 13 -5.07 84.61 -72.02
N CYS L 14 -4.91 85.37 -70.94
CA CYS L 14 -3.68 86.12 -70.72
C CYS L 14 -2.93 85.87 -69.43
N ALA L 15 -3.69 85.72 -68.35
CA ALA L 15 -3.13 85.54 -67.01
C ALA L 15 -2.00 84.52 -66.87
N GLN L 16 -2.04 83.43 -67.63
CA GLN L 16 -1.01 82.42 -67.51
C GLN L 16 0.39 82.92 -67.91
N CYS L 17 0.45 84.05 -68.61
CA CYS L 17 1.73 84.61 -69.03
C CYS L 17 1.97 86.02 -68.56
N HIS L 18 0.91 86.66 -68.05
CA HIS L 18 1.02 88.06 -67.61
C HIS L 18 0.35 88.42 -66.30
N THR L 19 1.03 89.25 -65.51
CA THR L 19 0.45 89.78 -64.29
C THR L 19 0.19 91.24 -64.65
N VAL L 20 -0.80 91.87 -64.01
CA VAL L 20 -1.12 93.26 -64.32
C VAL L 20 -0.87 94.24 -63.19
N GLU L 21 -0.77 93.73 -61.96
CA GLU L 21 -0.58 94.59 -60.79
C GLU L 21 0.82 95.15 -60.60
N LYS L 22 0.91 96.25 -59.85
CA LYS L 22 2.20 96.87 -59.57
C LYS L 22 3.05 95.89 -58.78
N GLY L 23 4.28 95.67 -59.22
CA GLY L 23 5.16 94.74 -58.55
C GLY L 23 4.95 93.29 -58.98
N GLY L 24 3.94 93.07 -59.81
CA GLY L 24 3.65 91.73 -60.28
C GLY L 24 4.85 91.14 -60.98
N LYS L 25 5.10 89.86 -60.74
CA LYS L 25 6.26 89.20 -61.33
C LYS L 25 6.14 89.02 -62.83
N HIS L 26 7.29 88.92 -63.48
CA HIS L 26 7.31 88.64 -64.90
C HIS L 26 7.13 87.13 -64.95
N LYS L 27 6.55 86.63 -66.02
CA LYS L 27 6.36 85.20 -66.18
C LYS L 27 6.83 84.90 -67.60
N THR L 28 6.09 84.14 -68.38
CA THR L 28 6.53 83.88 -69.74
C THR L 28 6.55 85.26 -70.43
N GLY L 29 5.56 86.08 -70.08
CA GLY L 29 5.46 87.42 -70.62
C GLY L 29 5.73 88.45 -69.53
N PRO L 30 5.98 89.71 -69.90
CA PRO L 30 6.25 90.78 -68.94
C PRO L 30 5.06 91.25 -68.13
N ASN L 31 5.35 91.77 -66.94
CA ASN L 31 4.32 92.33 -66.09
C ASN L 31 3.80 93.52 -66.91
N LEU L 32 2.50 93.76 -66.84
CA LEU L 32 1.87 94.82 -67.63
C LEU L 32 1.48 96.09 -66.88
N HIS L 33 1.88 96.20 -65.62
CA HIS L 33 1.53 97.40 -64.86
C HIS L 33 2.15 98.62 -65.52
N GLY L 34 1.35 99.67 -65.70
CA GLY L 34 1.83 100.90 -66.31
C GLY L 34 1.89 100.86 -67.83
N LEU L 35 1.26 99.84 -68.41
CA LEU L 35 1.23 99.64 -69.86
C LEU L 35 0.81 100.85 -70.70
N PHE L 36 -0.33 101.43 -70.37
CA PHE L 36 -0.83 102.57 -71.14
C PHE L 36 0.07 103.79 -71.03
N GLY L 37 0.53 104.28 -72.18
CA GLY L 37 1.40 105.44 -72.20
C GLY L 37 2.88 105.09 -72.27
N ARG L 38 3.18 103.79 -72.23
CA ARG L 38 4.56 103.34 -72.29
C ARG L 38 4.89 102.73 -73.65
N LYS L 39 6.13 102.92 -74.09
CA LYS L 39 6.55 102.37 -75.37
C LYS L 39 6.74 100.87 -75.27
N THR L 40 6.77 100.21 -76.41
CA THR L 40 6.94 98.75 -76.45
C THR L 40 8.28 98.33 -75.85
N GLY L 41 8.26 97.17 -75.19
CA GLY L 41 9.46 96.59 -74.60
C GLY L 41 10.23 97.39 -73.59
N GLN L 42 9.54 98.08 -72.70
CA GLN L 42 10.21 98.91 -71.71
C GLN L 42 10.03 98.50 -70.25
N ALA L 43 9.30 97.42 -69.98
CA ALA L 43 9.14 96.97 -68.60
C ALA L 43 10.52 96.48 -68.16
N PRO L 44 11.06 97.06 -67.08
CA PRO L 44 12.38 96.67 -66.56
C PRO L 44 12.48 95.22 -66.07
N GLY L 45 13.62 94.58 -66.33
CA GLY L 45 13.82 93.22 -65.85
C GLY L 45 13.28 92.09 -66.68
N PHE L 46 12.76 92.38 -67.86
CA PHE L 46 12.23 91.32 -68.73
C PHE L 46 12.99 91.31 -70.05
N SER L 47 13.33 90.12 -70.54
CA SER L 47 14.08 89.99 -71.78
C SER L 47 13.15 89.94 -72.98
N TYR L 48 12.92 91.10 -73.59
CA TYR L 48 12.07 91.21 -74.77
C TYR L 48 12.87 90.84 -76.01
N THR L 49 12.16 90.51 -77.09
CA THR L 49 12.82 90.24 -78.34
C THR L 49 13.19 91.63 -78.84
N ASP L 50 14.14 91.71 -79.77
CA ASP L 50 14.53 93.00 -80.33
C ASP L 50 13.36 93.52 -81.15
N ALA L 51 12.58 92.61 -81.73
CA ALA L 51 11.41 92.98 -82.53
C ALA L 51 10.46 93.82 -81.68
N ASN L 52 10.16 93.36 -80.47
CA ASN L 52 9.27 94.03 -79.54
C ASN L 52 9.89 95.41 -79.15
N LYS L 53 11.14 95.35 -78.70
CA LYS L 53 11.81 96.55 -78.23
C LYS L 53 11.94 97.63 -79.30
N ASN L 54 11.97 97.21 -80.56
CA ASN L 54 12.12 98.13 -81.68
C ASN L 54 10.84 98.60 -82.37
N LYS L 55 9.71 98.02 -82.02
CA LYS L 55 8.44 98.41 -82.65
C LYS L 55 8.30 99.93 -82.55
N GLY L 56 8.64 100.47 -81.38
CA GLY L 56 8.61 101.91 -81.19
C GLY L 56 7.29 102.63 -81.02
N ILE L 57 6.18 101.90 -80.92
CA ILE L 57 4.89 102.57 -80.72
C ILE L 57 4.59 102.68 -79.24
N THR L 58 3.56 103.46 -78.93
CA THR L 58 3.15 103.66 -77.54
C THR L 58 1.89 102.86 -77.28
N TRP L 59 1.88 102.07 -76.21
CA TRP L 59 0.70 101.27 -75.90
C TRP L 59 -0.45 102.16 -75.45
N GLY L 60 -1.61 101.89 -76.04
CA GLY L 60 -2.82 102.62 -75.74
C GLY L 60 -3.98 101.83 -76.31
N GLU L 61 -5.19 102.36 -76.16
CA GLU L 61 -6.37 101.66 -76.64
C GLU L 61 -6.25 101.28 -78.15
N GLU L 62 -5.80 102.25 -78.94
CA GLU L 62 -5.72 102.01 -80.41
C GLU L 62 -4.66 101.01 -80.79
N THR L 63 -3.44 101.15 -80.29
CA THR L 63 -2.39 100.20 -80.65
C THR L 63 -2.70 98.81 -80.12
N LEU L 64 -3.32 98.73 -78.94
CA LEU L 64 -3.67 97.43 -78.37
C LEU L 64 -4.76 96.74 -79.21
N MET L 65 -5.69 97.53 -79.71
CA MET L 65 -6.78 96.96 -80.53
C MET L 65 -6.22 96.25 -81.73
N GLU L 66 -5.19 96.81 -82.36
CA GLU L 66 -4.57 96.20 -83.52
C GLU L 66 -3.67 95.03 -83.15
N TYR L 67 -2.83 95.22 -82.13
CA TYR L 67 -1.93 94.17 -81.68
C TYR L 67 -2.66 92.90 -81.27
N LEU L 68 -3.71 93.06 -80.47
CA LEU L 68 -4.43 91.90 -79.99
C LEU L 68 -5.25 91.16 -81.04
N GLU L 69 -5.47 91.79 -82.19
CA GLU L 69 -6.20 91.12 -83.25
C GLU L 69 -5.30 90.08 -83.91
N ASN L 70 -4.00 90.41 -83.98
CA ASN L 70 -3.01 89.53 -84.59
C ASN L 70 -1.64 90.02 -84.15
N PRO L 71 -1.15 89.52 -83.01
CA PRO L 71 0.16 89.92 -82.47
C PRO L 71 1.34 89.84 -83.45
N LYS L 72 1.49 88.71 -84.11
CA LYS L 72 2.59 88.52 -85.06
C LYS L 72 2.58 89.48 -86.24
N LYS L 73 1.39 89.90 -86.65
CA LYS L 73 1.30 90.82 -87.78
C LYS L 73 1.75 92.21 -87.38
N TYR L 74 1.38 92.63 -86.17
CA TYR L 74 1.76 93.96 -85.68
C TYR L 74 3.23 94.03 -85.28
N ILE L 75 3.74 92.94 -84.70
CA ILE L 75 5.14 92.89 -84.30
C ILE L 75 5.78 91.59 -84.80
N PRO L 76 6.17 91.58 -86.08
CA PRO L 76 6.80 90.38 -86.67
C PRO L 76 8.02 89.94 -85.85
N GLY L 77 8.05 88.67 -85.50
CA GLY L 77 9.17 88.15 -84.73
C GLY L 77 8.94 88.11 -83.23
N THR L 78 7.81 88.62 -82.78
CA THR L 78 7.51 88.62 -81.36
C THR L 78 7.51 87.19 -80.83
N LYS L 79 7.92 87.00 -79.59
CA LYS L 79 7.92 85.65 -79.03
C LYS L 79 6.64 85.37 -78.24
N MET L 80 5.69 86.29 -78.33
CA MET L 80 4.41 86.09 -77.66
C MET L 80 3.62 85.11 -78.51
N ILE L 81 3.32 83.95 -77.95
CA ILE L 81 2.56 82.94 -78.67
C ILE L 81 1.08 83.10 -78.35
N PHE L 82 0.37 83.79 -79.23
CA PHE L 82 -1.06 84.02 -79.08
C PHE L 82 -1.61 84.37 -80.46
N ALA L 83 -2.57 83.58 -80.93
CA ALA L 83 -3.17 83.76 -82.24
C ALA L 83 -3.84 85.11 -82.45
N GLY L 84 -4.51 85.60 -81.41
CA GLY L 84 -5.21 86.87 -81.51
C GLY L 84 -6.69 86.71 -81.21
N ILE L 85 -7.36 87.83 -80.98
CA ILE L 85 -8.80 87.81 -80.70
C ILE L 85 -9.49 88.42 -81.90
N LYS L 86 -10.29 87.62 -82.58
CA LYS L 86 -11.00 88.05 -83.79
C LYS L 86 -12.11 89.08 -83.59
N LYS L 87 -12.98 88.85 -82.62
CA LYS L 87 -14.10 89.75 -82.37
C LYS L 87 -13.73 91.13 -81.84
N LYS L 88 -14.15 92.17 -82.55
CA LYS L 88 -13.87 93.54 -82.16
C LYS L 88 -14.36 93.82 -80.74
N GLY L 89 -15.59 93.41 -80.45
CA GLY L 89 -16.16 93.63 -79.13
C GLY L 89 -15.37 93.00 -78.00
N GLU L 90 -14.84 91.81 -78.23
CA GLU L 90 -14.07 91.11 -77.21
C GLU L 90 -12.78 91.87 -76.95
N ARG L 91 -12.16 92.39 -78.00
CA ARG L 91 -10.92 93.15 -77.83
C ARG L 91 -11.22 94.44 -77.08
N GLU L 92 -12.37 95.05 -77.36
CA GLU L 92 -12.75 96.29 -76.68
C GLU L 92 -12.94 96.02 -75.19
N ASP L 93 -13.59 94.92 -74.85
CA ASP L 93 -13.80 94.57 -73.45
C ASP L 93 -12.47 94.32 -72.73
N LEU L 94 -11.63 93.51 -73.35
CA LEU L 94 -10.33 93.19 -72.77
C LEU L 94 -9.49 94.44 -72.56
N ILE L 95 -9.49 95.33 -73.54
CA ILE L 95 -8.72 96.55 -73.44
C ILE L 95 -9.25 97.46 -72.33
N ALA L 96 -10.57 97.47 -72.14
CA ALA L 96 -11.18 98.27 -71.08
C ALA L 96 -10.70 97.75 -69.73
N TYR L 97 -10.64 96.41 -69.59
CA TYR L 97 -10.17 95.83 -68.35
C TYR L 97 -8.69 96.16 -68.14
N LEU L 98 -7.89 96.04 -69.17
CA LEU L 98 -6.47 96.34 -69.07
C LEU L 98 -6.22 97.79 -68.67
N LYS L 99 -7.03 98.70 -69.21
CA LYS L 99 -6.89 100.12 -68.90
C LYS L 99 -7.05 100.35 -67.41
N LYS L 100 -7.95 99.61 -66.78
CA LYS L 100 -8.18 99.74 -65.36
C LYS L 100 -7.16 98.96 -64.52
N ALA L 101 -7.07 97.66 -64.76
CA ALA L 101 -6.19 96.78 -64.00
C ALA L 101 -4.69 97.08 -64.02
N THR L 102 -4.20 97.65 -65.11
CA THR L 102 -2.78 97.94 -65.19
C THR L 102 -2.46 99.33 -64.64
N ASN L 103 -3.48 100.01 -64.12
CA ASN L 103 -3.31 101.36 -63.58
C ASN L 103 -3.74 101.47 -62.11
N GLU L 104 -4.02 100.35 -61.47
CA GLU L 104 -4.43 100.38 -60.05
C GLU L 104 -3.32 99.94 -59.10
N GLY M 1 86.01 67.75 -60.33
CA GLY M 1 84.97 66.70 -60.21
C GLY M 1 83.77 67.09 -59.37
N ASP M 2 82.66 66.40 -59.60
CA ASP M 2 81.40 66.65 -58.90
C ASP M 2 81.38 65.83 -57.60
N VAL M 3 81.48 66.52 -56.47
CA VAL M 3 81.48 65.87 -55.16
C VAL M 3 80.27 64.96 -54.88
N GLU M 4 79.08 65.41 -55.26
CA GLU M 4 77.89 64.61 -55.03
C GLU M 4 77.88 63.33 -55.86
N LYS M 5 78.36 63.40 -57.10
CA LYS M 5 78.40 62.21 -57.93
C LYS M 5 79.45 61.26 -57.36
N GLY M 6 80.53 61.82 -56.83
CA GLY M 6 81.57 61.01 -56.25
C GLY M 6 81.13 60.30 -54.99
N LYS M 7 80.24 60.93 -54.23
CA LYS M 7 79.73 60.33 -53.00
C LYS M 7 78.96 59.06 -53.36
N LYS M 8 78.16 59.13 -54.42
CA LYS M 8 77.38 57.99 -54.87
C LYS M 8 78.31 56.85 -55.29
N ILE M 9 79.36 57.18 -56.00
CA ILE M 9 80.32 56.18 -56.45
C ILE M 9 81.01 55.54 -55.26
N PHE M 10 81.38 56.35 -54.27
CA PHE M 10 82.06 55.82 -53.09
C PHE M 10 81.16 54.84 -52.32
N VAL M 11 79.94 55.26 -52.03
CA VAL M 11 78.96 54.45 -51.36
C VAL M 11 78.71 53.11 -52.05
N GLN M 12 78.65 53.13 -53.38
CA GLN M 12 78.39 52.01 -54.18
C GLN M 12 79.58 51.01 -54.35
N LYS M 13 80.76 51.60 -54.54
CA LYS M 13 81.94 50.79 -54.81
C LYS M 13 83.09 50.73 -53.81
N CYS M 14 83.06 51.57 -52.77
CA CYS M 14 84.16 51.62 -51.81
C CYS M 14 83.80 51.42 -50.36
N ALA M 15 82.67 51.98 -49.95
CA ALA M 15 82.24 51.93 -48.56
C ALA M 15 82.28 50.58 -47.86
N GLN M 16 82.03 49.49 -48.60
CA GLN M 16 82.03 48.18 -47.97
C GLN M 16 83.40 47.76 -47.43
N CYS M 17 84.46 48.45 -47.87
CA CYS M 17 85.81 48.13 -47.40
C CYS M 17 86.53 49.29 -46.76
N HIS M 18 85.97 50.50 -46.92
CA HIS M 18 86.61 51.70 -46.39
C HIS M 18 85.72 52.71 -45.69
N THR M 19 86.22 53.26 -44.59
CA THR M 19 85.53 54.34 -43.91
C THR M 19 86.39 55.56 -44.23
N VAL M 20 85.79 56.75 -44.24
CA VAL M 20 86.54 57.95 -44.56
C VAL M 20 86.69 58.95 -43.42
N GLU M 21 85.82 58.84 -42.41
CA GLU M 21 85.83 59.77 -41.29
C GLU M 21 86.93 59.57 -40.26
N LYS M 22 87.23 60.63 -39.52
CA LYS M 22 88.24 60.56 -38.48
C LYS M 22 87.80 59.56 -37.43
N GLY M 23 88.69 58.63 -37.09
CA GLY M 23 88.36 57.61 -36.10
C GLY M 23 87.63 56.43 -36.70
N GLY M 24 87.28 56.53 -37.97
CA GLY M 24 86.57 55.44 -38.64
C GLY M 24 87.35 54.15 -38.54
N LYS M 25 86.65 53.06 -38.31
CA LYS M 25 87.31 51.77 -38.16
C LYS M 25 87.90 51.24 -39.45
N HIS M 26 88.91 50.40 -39.31
CA HIS M 26 89.50 49.75 -40.46
C HIS M 26 88.54 48.60 -40.72
N LYS M 27 88.44 48.18 -41.98
CA LYS M 27 87.57 47.08 -42.35
C LYS M 27 88.45 46.19 -43.23
N THR M 28 87.94 45.72 -44.36
CA THR M 28 88.78 44.90 -45.22
C THR M 28 89.94 45.81 -45.64
N GLY M 29 89.61 47.08 -45.87
CA GLY M 29 90.60 48.06 -46.25
C GLY M 29 90.80 49.08 -45.13
N PRO M 30 91.87 49.87 -45.17
CA PRO M 30 92.17 50.88 -44.15
C PRO M 30 91.26 52.09 -44.16
N ASN M 31 91.13 52.71 -42.99
CA ASN M 31 90.36 53.93 -42.87
C ASN M 31 91.15 54.92 -43.73
N LEU M 32 90.44 55.80 -44.43
CA LEU M 32 91.06 56.76 -45.33
C LEU M 32 91.16 58.21 -44.85
N HIS M 33 90.81 58.45 -43.59
CA HIS M 33 90.90 59.81 -43.09
C HIS M 33 92.34 60.31 -43.15
N GLY M 34 92.51 61.51 -43.68
CA GLY M 34 93.85 62.09 -43.78
C GLY M 34 94.65 61.60 -44.97
N LEU M 35 93.98 60.93 -45.91
CA LEU M 35 94.59 60.36 -47.10
C LEU M 35 95.46 61.32 -47.92
N PHE M 36 94.91 62.47 -48.28
CA PHE M 36 95.65 63.43 -49.09
C PHE M 36 96.87 63.99 -48.37
N GLY M 37 98.04 63.82 -48.98
CA GLY M 37 99.27 64.32 -48.39
C GLY M 37 100.03 63.26 -47.62
N ARG M 38 99.45 62.06 -47.51
CA ARG M 38 100.10 60.98 -46.78
C ARG M 38 100.65 59.94 -47.74
N LYS M 39 101.77 59.33 -47.36
CA LYS M 39 102.39 58.31 -48.18
C LYS M 39 101.58 57.02 -48.11
N THR M 40 101.82 56.13 -49.07
CA THR M 40 101.11 54.86 -49.12
C THR M 40 101.39 54.00 -47.89
N GLY M 41 100.38 53.26 -47.46
CA GLY M 41 100.48 52.35 -46.34
C GLY M 41 100.92 52.89 -45.00
N GLN M 42 100.40 54.07 -44.63
CA GLN M 42 100.79 54.68 -43.37
C GLN M 42 99.68 54.86 -42.33
N ALA M 43 98.46 54.42 -42.64
CA ALA M 43 97.38 54.53 -41.66
C ALA M 43 97.73 53.56 -40.54
N PRO M 44 97.85 54.06 -39.29
CA PRO M 44 98.19 53.22 -38.14
C PRO M 44 97.15 52.14 -37.80
N GLY M 45 97.63 50.97 -37.41
CA GLY M 45 96.74 49.89 -37.01
C GLY M 45 96.17 49.01 -38.09
N PHE M 46 96.62 49.18 -39.32
CA PHE M 46 96.14 48.34 -40.43
C PHE M 46 97.30 47.56 -41.05
N SER M 47 97.08 46.29 -41.33
CA SER M 47 98.11 45.45 -41.91
C SER M 47 98.13 45.53 -43.42
N TYR M 48 98.97 46.42 -43.95
CA TYR M 48 99.11 46.60 -45.39
C TYR M 48 100.04 45.54 -45.95
N THR M 49 99.97 45.33 -47.26
CA THR M 49 100.89 44.41 -47.90
C THR M 49 102.19 45.21 -47.97
N ASP M 50 103.30 44.53 -48.16
CA ASP M 50 104.58 45.22 -48.26
C ASP M 50 104.58 46.00 -49.57
N ALA M 51 103.86 45.49 -50.57
CA ALA M 51 103.75 46.16 -51.86
C ALA M 51 103.20 47.57 -51.68
N ASN M 52 102.11 47.69 -50.92
CA ASN M 52 101.46 48.96 -50.64
C ASN M 52 102.44 49.87 -49.85
N LYS M 53 102.96 49.32 -48.75
CA LYS M 53 103.83 50.08 -47.87
C LYS M 53 105.09 50.59 -48.57
N ASN M 54 105.53 49.87 -49.60
CA ASN M 54 106.74 50.22 -50.33
C ASN M 54 106.56 51.06 -51.60
N LYS M 55 105.32 51.27 -52.04
CA LYS M 55 105.08 52.04 -53.25
C LYS M 55 105.82 53.38 -53.12
N GLY M 56 105.73 53.98 -51.95
CA GLY M 56 106.46 55.22 -51.69
C GLY M 56 105.94 56.52 -52.27
N ILE M 57 104.77 56.53 -52.90
CA ILE M 57 104.24 57.77 -53.44
C ILE M 57 103.35 58.44 -52.42
N THR M 58 102.98 59.69 -52.70
CA THR M 58 102.12 60.46 -51.81
C THR M 58 100.73 60.52 -52.41
N TRP M 59 99.70 60.19 -51.62
CA TRP M 59 98.35 60.23 -52.14
C TRP M 59 97.89 61.67 -52.38
N GLY M 60 97.32 61.86 -53.55
CA GLY M 60 96.82 63.16 -53.96
C GLY M 60 95.93 62.94 -55.16
N GLU M 61 95.41 64.03 -55.71
CA GLU M 61 94.50 63.93 -56.85
C GLU M 61 95.14 63.12 -58.02
N GLU M 62 96.39 63.46 -58.32
CA GLU M 62 97.08 62.81 -59.47
C GLU M 62 97.35 61.34 -59.24
N THR M 63 97.95 60.98 -58.11
CA THR M 63 98.26 59.57 -57.86
C THR M 63 96.98 58.75 -57.73
N LEU M 64 95.92 59.34 -57.16
CA LEU M 64 94.66 58.62 -57.01
C LEU M 64 94.01 58.37 -58.38
N MET M 65 94.15 59.35 -59.27
CA MET M 65 93.56 59.21 -60.62
C MET M 65 94.12 58.00 -61.32
N GLU M 66 95.41 57.75 -61.16
CA GLU M 66 96.07 56.61 -61.79
C GLU M 66 95.76 55.30 -61.06
N TYR M 67 95.87 55.33 -59.74
CA TYR M 67 95.60 54.14 -58.93
C TYR M 67 94.19 53.60 -59.13
N LEU M 68 93.22 54.48 -59.09
CA LEU M 68 91.83 54.06 -59.23
C LEU M 68 91.43 53.57 -60.62
N GLU M 69 92.27 53.85 -61.61
CA GLU M 69 91.97 53.39 -62.96
C GLU M 69 92.28 51.90 -63.05
N ASN M 70 93.32 51.48 -62.31
CA ASN M 70 93.75 50.09 -62.29
C ASN M 70 94.68 49.92 -61.10
N PRO M 71 94.11 49.58 -59.93
CA PRO M 71 94.87 49.40 -58.69
C PRO M 71 96.08 48.46 -58.79
N LYS M 72 95.87 47.27 -59.34
CA LYS M 72 96.94 46.29 -59.47
C LYS M 72 98.11 46.73 -60.34
N LYS M 73 97.82 47.56 -61.34
CA LYS M 73 98.88 48.04 -62.23
C LYS M 73 99.76 49.06 -61.52
N TYR M 74 99.14 49.92 -60.72
CA TYR M 74 99.88 50.96 -60.00
C TYR M 74 100.64 50.38 -58.80
N ILE M 75 100.04 49.40 -58.13
CA ILE M 75 100.67 48.75 -56.99
C ILE M 75 100.60 47.24 -57.12
N PRO M 76 101.49 46.66 -57.93
CA PRO M 76 101.51 45.20 -58.13
C PRO M 76 101.60 44.46 -56.80
N GLY M 77 100.70 43.50 -56.59
CA GLY M 77 100.71 42.74 -55.37
C GLY M 77 99.75 43.26 -54.30
N THR M 78 99.11 44.38 -54.56
CA THR M 78 98.17 44.94 -53.59
C THR M 78 97.08 43.92 -53.28
N LYS M 79 96.57 43.91 -52.05
CA LYS M 79 95.51 42.98 -51.73
C LYS M 79 94.14 43.62 -51.87
N MET M 80 94.11 44.83 -52.42
CA MET M 80 92.84 45.51 -52.65
C MET M 80 92.22 44.87 -53.89
N ILE M 81 91.07 44.24 -53.70
CA ILE M 81 90.38 43.61 -54.82
C ILE M 81 89.38 44.57 -55.41
N PHE M 82 89.79 45.24 -56.48
CA PHE M 82 88.94 46.20 -57.18
C PHE M 82 89.52 46.36 -58.58
N ALA M 83 88.70 46.07 -59.59
CA ALA M 83 89.11 46.15 -60.99
C ALA M 83 89.57 47.53 -61.43
N GLY M 84 88.89 48.57 -60.95
CA GLY M 84 89.24 49.92 -61.33
C GLY M 84 88.05 50.63 -61.97
N ILE M 85 88.15 51.95 -62.09
CA ILE M 85 87.10 52.74 -62.70
C ILE M 85 87.65 53.25 -64.03
N LYS M 86 87.02 52.81 -65.12
CA LYS M 86 87.45 53.18 -66.47
C LYS M 86 87.25 54.63 -66.88
N LYS M 87 86.06 55.16 -66.63
CA LYS M 87 85.75 56.54 -67.00
C LYS M 87 86.51 57.61 -66.24
N LYS M 88 87.20 58.48 -66.98
CA LYS M 88 87.97 59.56 -66.39
C LYS M 88 87.08 60.44 -65.50
N GLY M 89 85.92 60.82 -66.03
CA GLY M 89 85.01 61.66 -65.28
C GLY M 89 84.55 61.07 -63.96
N GLU M 90 84.31 59.77 -63.94
CA GLU M 90 83.86 59.10 -62.72
C GLU M 90 84.98 59.13 -61.69
N ARG M 91 86.22 58.95 -62.13
CA ARG M 91 87.34 58.98 -61.20
C ARG M 91 87.51 60.40 -60.67
N GLU M 92 87.28 61.39 -61.51
CA GLU M 92 87.40 62.79 -61.09
C GLU M 92 86.36 63.09 -60.02
N ASP M 93 85.14 62.63 -60.23
CA ASP M 93 84.07 62.85 -59.25
C ASP M 93 84.38 62.18 -57.92
N LEU M 94 84.78 60.91 -57.98
CA LEU M 94 85.11 60.15 -56.77
C LEU M 94 86.26 60.80 -56.00
N ILE M 95 87.28 61.25 -56.73
CA ILE M 95 88.41 61.89 -56.09
C ILE M 95 88.02 63.21 -55.43
N ALA M 96 87.10 63.94 -56.05
CA ALA M 96 86.62 65.20 -55.49
C ALA M 96 85.92 64.92 -54.17
N TYR M 97 85.13 63.85 -54.13
CA TYR M 97 84.43 63.49 -52.90
C TYR M 97 85.43 63.06 -51.83
N LEU M 98 86.43 62.26 -52.21
CA LEU M 98 87.44 61.82 -51.26
C LEU M 98 88.21 62.99 -50.67
N LYS M 99 88.52 63.98 -51.51
CA LYS M 99 89.26 65.16 -51.06
C LYS M 99 88.51 65.85 -49.93
N LYS M 100 87.20 65.88 -50.03
CA LYS M 100 86.38 66.50 -48.99
C LYS M 100 86.14 65.60 -47.79
N ALA M 101 85.57 64.43 -48.05
CA ALA M 101 85.22 63.48 -46.99
C ALA M 101 86.35 62.96 -46.10
N THR M 102 87.56 62.87 -46.63
CA THR M 102 88.67 62.35 -45.84
C THR M 102 89.38 63.48 -45.09
N ASN M 103 88.86 64.70 -45.22
CA ASN M 103 89.46 65.86 -44.57
C ASN M 103 88.49 66.58 -43.63
N GLU M 104 87.32 66.01 -43.37
CA GLU M 104 86.36 66.65 -42.48
C GLU M 104 86.30 66.00 -41.09
N GLY N 1 124.63 -5.89 7.71
CA GLY N 1 123.31 -6.19 7.11
C GLY N 1 122.35 -5.01 7.11
N ASP N 2 121.37 -5.07 6.21
CA ASP N 2 120.35 -4.03 6.06
C ASP N 2 119.18 -4.31 7.02
N VAL N 3 119.06 -3.48 8.05
CA VAL N 3 118.01 -3.64 9.05
C VAL N 3 116.58 -3.68 8.49
N GLU N 4 116.29 -2.83 7.51
CA GLU N 4 114.95 -2.81 6.94
C GLU N 4 114.63 -4.07 6.15
N LYS N 5 115.62 -4.62 5.45
CA LYS N 5 115.40 -5.84 4.70
C LYS N 5 115.22 -6.98 5.69
N GLY N 6 115.94 -6.92 6.80
CA GLY N 6 115.83 -7.95 7.82
C GLY N 6 114.48 -7.93 8.51
N LYS N 7 113.89 -6.76 8.64
CA LYS N 7 112.59 -6.63 9.29
C LYS N 7 111.56 -7.38 8.45
N LYS N 8 111.65 -7.22 7.12
CA LYS N 8 110.73 -7.87 6.21
C LYS N 8 110.87 -9.40 6.33
N ILE N 9 112.11 -9.86 6.40
CA ILE N 9 112.36 -11.29 6.51
C ILE N 9 111.79 -11.82 7.82
N PHE N 10 111.99 -11.07 8.91
CA PHE N 10 111.49 -11.51 10.21
C PHE N 10 109.97 -11.63 10.21
N VAL N 11 109.28 -10.58 9.76
CA VAL N 11 107.86 -10.55 9.66
C VAL N 11 107.28 -11.71 8.85
N GLN N 12 107.94 -12.04 7.74
CA GLN N 12 107.57 -13.05 6.85
C GLN N 12 107.82 -14.52 7.33
N LYS N 13 109.00 -14.69 7.93
CA LYS N 13 109.42 -16.03 8.34
C LYS N 13 109.58 -16.37 9.81
N CYS N 14 109.52 -15.37 10.69
CA CYS N 14 109.72 -15.62 12.12
C CYS N 14 108.63 -15.19 13.06
N ALA N 15 108.03 -14.04 12.78
CA ALA N 15 107.00 -13.46 13.63
C ALA N 15 105.89 -14.38 14.10
N GLN N 16 105.49 -15.35 13.27
CA GLN N 16 104.41 -16.24 13.67
C GLN N 16 104.75 -17.12 14.88
N CYS N 17 106.04 -17.22 15.20
CA CYS N 17 106.46 -18.03 16.34
C CYS N 17 107.26 -17.27 17.37
N HIS N 18 107.68 -16.05 17.02
CA HIS N 18 108.50 -15.25 17.93
C HIS N 18 108.15 -13.77 18.04
N THR N 19 108.22 -13.26 19.27
CA THR N 19 108.05 -11.84 19.50
C THR N 19 109.46 -11.38 19.86
N VAL N 20 109.77 -10.12 19.60
CA VAL N 20 111.11 -9.61 19.89
C VAL N 20 111.18 -8.55 20.97
N GLU N 21 110.05 -7.91 21.26
CA GLU N 21 110.01 -6.83 22.24
C GLU N 21 110.05 -7.27 23.71
N LYS N 22 110.46 -6.35 24.57
CA LYS N 22 110.53 -6.62 26.00
C LYS N 22 109.12 -6.91 26.50
N GLY N 23 108.97 -8.02 27.22
CA GLY N 23 107.66 -8.39 27.73
C GLY N 23 106.82 -9.15 26.72
N GLY N 24 107.32 -9.26 25.50
CA GLY N 24 106.60 -9.97 24.45
C GLY N 24 106.30 -11.39 24.88
N LYS N 25 105.10 -11.86 24.57
CA LYS N 25 104.70 -13.19 24.96
C LYS N 25 105.44 -14.29 24.23
N HIS N 26 105.51 -15.45 24.87
CA HIS N 26 106.12 -16.60 24.23
C HIS N 26 104.99 -17.13 23.36
N LYS N 27 105.33 -17.78 22.26
CA LYS N 27 104.34 -18.34 21.36
C LYS N 27 104.83 -19.76 21.09
N THR N 28 104.83 -20.20 19.84
CA THR N 28 105.34 -21.54 19.57
C THR N 28 106.82 -21.52 19.99
N GLY N 29 107.46 -20.38 19.72
CA GLY N 29 108.85 -20.19 20.07
C GLY N 29 108.97 -19.15 21.18
N PRO N 30 110.13 -19.07 21.85
CA PRO N 30 110.37 -18.11 22.93
C PRO N 30 110.50 -16.66 22.49
N ASN N 31 110.15 -15.76 23.41
CA ASN N 31 110.31 -14.34 23.15
C ASN N 31 111.83 -14.18 23.01
N LEU N 32 112.26 -13.29 22.10
CA LEU N 32 113.67 -13.10 21.82
C LEU N 32 114.32 -11.83 22.39
N HIS N 33 113.58 -11.10 23.22
CA HIS N 33 114.16 -9.89 23.79
C HIS N 33 115.39 -10.23 24.62
N GLY N 34 116.47 -9.50 24.40
CA GLY N 34 117.70 -9.74 25.16
C GLY N 34 118.54 -10.89 24.63
N LEU N 35 118.21 -11.36 23.43
CA LEU N 35 118.90 -12.47 22.78
C LEU N 35 120.41 -12.37 22.71
N PHE N 36 120.92 -11.25 22.20
CA PHE N 36 122.36 -11.08 22.06
C PHE N 36 123.08 -11.04 23.39
N GLY N 37 124.04 -11.94 23.57
CA GLY N 37 124.79 -12.00 24.82
C GLY N 37 124.26 -13.02 25.80
N ARG N 38 123.14 -13.67 25.45
CA ARG N 38 122.54 -14.67 26.32
C ARG N 38 122.80 -16.08 25.79
N LYS N 39 122.95 -17.03 26.71
CA LYS N 39 123.18 -18.41 26.32
C LYS N 39 121.89 -19.03 25.79
N THR N 40 122.03 -20.14 25.08
CA THR N 40 120.87 -20.83 24.52
C THR N 40 119.92 -21.32 25.60
N GLY N 41 118.62 -21.28 25.28
CA GLY N 41 117.58 -21.76 26.18
C GLY N 41 117.47 -21.15 27.56
N GLN N 42 117.63 -19.83 27.65
CA GLN N 42 117.57 -19.17 28.94
C GLN N 42 116.44 -18.16 29.13
N ALA N 43 115.58 -17.99 28.14
CA ALA N 43 114.46 -17.07 28.30
C ALA N 43 113.54 -17.72 29.33
N PRO N 44 113.25 -17.01 30.44
CA PRO N 44 112.38 -17.54 31.50
C PRO N 44 110.93 -17.80 31.07
N GLY N 45 110.35 -18.88 31.58
CA GLY N 45 108.95 -19.18 31.27
C GLY N 45 108.65 -19.92 30.00
N PHE N 46 109.68 -20.37 29.29
CA PHE N 46 109.46 -21.12 28.04
C PHE N 46 110.07 -22.51 28.16
N SER N 47 109.34 -23.52 27.69
CA SER N 47 109.81 -24.89 27.77
C SER N 47 110.65 -25.26 26.57
N TYR N 48 111.97 -25.12 26.71
CA TYR N 48 112.91 -25.45 25.65
C TYR N 48 113.18 -26.95 25.65
N THR N 49 113.69 -27.46 24.54
CA THR N 49 114.07 -28.86 24.49
C THR N 49 115.39 -28.89 25.27
N ASP N 50 115.79 -30.07 25.72
CA ASP N 50 117.05 -30.18 26.43
C ASP N 50 118.19 -29.91 25.44
N ALA N 51 117.95 -30.25 24.18
CA ALA N 51 118.94 -30.03 23.13
C ALA N 51 119.31 -28.54 23.07
N ASN N 52 118.31 -27.68 23.05
CA ASN N 52 118.47 -26.23 23.00
C ASN N 52 119.21 -25.76 24.29
N LYS N 53 118.65 -26.16 25.43
CA LYS N 53 119.18 -25.74 26.72
C LYS N 53 120.64 -26.16 26.94
N ASN N 54 121.03 -27.27 26.31
CA ASN N 54 122.38 -27.80 26.46
C ASN N 54 123.40 -27.39 25.40
N LYS N 55 122.98 -26.72 24.34
CA LYS N 55 123.91 -26.31 23.29
C LYS N 55 125.08 -25.57 23.94
N GLY N 56 124.75 -24.70 24.89
CA GLY N 56 125.79 -23.98 25.61
C GLY N 56 126.52 -22.83 24.97
N ILE N 57 126.11 -22.42 23.77
CA ILE N 57 126.77 -21.29 23.12
C ILE N 57 126.07 -20.00 23.48
N THR N 58 126.70 -18.88 23.14
CA THR N 58 126.14 -17.57 23.42
C THR N 58 125.61 -16.97 22.12
N TRP N 59 124.36 -16.50 22.13
CA TRP N 59 123.80 -15.92 20.92
C TRP N 59 124.47 -14.59 20.58
N GLY N 60 124.84 -14.48 19.31
CA GLY N 60 125.49 -13.29 18.80
C GLY N 60 125.42 -13.35 17.29
N GLU N 61 126.00 -12.36 16.63
CA GLU N 61 125.97 -12.32 15.18
C GLU N 61 126.52 -13.64 14.55
N GLU N 62 127.65 -14.07 15.07
CA GLU N 62 128.31 -15.28 14.48
C GLU N 62 127.52 -16.55 14.72
N THR N 63 127.10 -16.83 15.94
CA THR N 63 126.34 -18.05 16.21
C THR N 63 124.99 -18.03 15.48
N LEU N 64 124.37 -16.85 15.38
CA LEU N 64 123.09 -16.76 14.70
C LEU N 64 123.25 -17.02 13.19
N MET N 65 124.36 -16.54 12.63
CA MET N 65 124.61 -16.75 11.19
C MET N 65 124.64 -18.21 10.86
N GLU N 66 125.23 -19.03 11.72
CA GLU N 66 125.29 -20.47 11.51
C GLU N 66 123.97 -21.17 11.80
N TYR N 67 123.38 -20.82 12.93
CA TYR N 67 122.10 -21.41 13.32
C TYR N 67 121.00 -21.20 12.29
N LEU N 68 120.87 -19.97 11.82
CA LEU N 68 119.82 -19.66 10.86
C LEU N 68 120.02 -20.25 9.47
N GLU N 69 121.23 -20.73 9.18
CA GLU N 69 121.47 -21.33 7.88
C GLU N 69 120.86 -22.74 7.88
N ASN N 70 120.89 -23.39 9.04
CA ASN N 70 120.35 -24.73 9.19
C ASN N 70 120.21 -25.00 10.68
N PRO N 71 119.05 -24.65 11.26
CA PRO N 71 118.78 -24.83 12.69
C PRO N 71 119.05 -26.24 13.24
N LYS N 72 118.52 -27.26 12.58
CA LYS N 72 118.69 -28.63 13.02
C LYS N 72 120.14 -29.11 13.04
N LYS N 73 120.96 -28.58 12.14
CA LYS N 73 122.35 -28.98 12.08
C LYS N 73 123.12 -28.40 13.25
N TYR N 74 122.82 -27.16 13.61
CA TYR N 74 123.51 -26.48 14.71
C TYR N 74 123.03 -26.99 16.07
N ILE N 75 121.73 -27.29 16.17
CA ILE N 75 121.17 -27.82 17.42
C ILE N 75 120.32 -29.05 17.14
N PRO N 76 120.97 -30.20 16.96
CA PRO N 76 120.25 -31.45 16.69
C PRO N 76 119.18 -31.72 17.75
N GLY N 77 117.96 -31.98 17.31
CA GLY N 77 116.88 -32.26 18.24
C GLY N 77 116.02 -31.05 18.58
N THR N 78 116.39 -29.88 18.08
CA THR N 78 115.62 -28.68 18.36
C THR N 78 114.19 -28.86 17.88
N LYS N 79 113.23 -28.26 18.57
CA LYS N 79 111.85 -28.38 18.13
C LYS N 79 111.42 -27.21 17.26
N MET N 80 112.40 -26.37 16.90
CA MET N 80 112.10 -25.23 16.03
C MET N 80 111.99 -25.79 14.62
N ILE N 81 110.81 -25.67 14.04
CA ILE N 81 110.59 -26.15 12.68
C ILE N 81 110.82 -25.03 11.69
N PHE N 82 112.02 -24.99 11.13
CA PHE N 82 112.40 -23.99 10.15
C PHE N 82 113.59 -24.55 9.37
N ALA N 83 113.43 -24.65 8.06
CA ALA N 83 114.47 -25.20 7.18
C ALA N 83 115.79 -24.44 7.21
N GLY N 84 115.71 -23.12 7.29
CA GLY N 84 116.91 -22.30 7.30
C GLY N 84 116.90 -21.31 6.15
N ILE N 85 117.78 -20.32 6.22
CA ILE N 85 117.90 -19.31 5.17
C ILE N 85 119.23 -19.56 4.47
N LYS N 86 119.14 -19.91 3.19
CA LYS N 86 120.33 -20.22 2.39
C LYS N 86 121.25 -19.05 2.06
N LYS N 87 120.68 -17.94 1.61
CA LYS N 87 121.48 -16.78 1.24
C LYS N 87 122.18 -16.07 2.39
N LYS N 88 123.49 -15.93 2.28
CA LYS N 88 124.29 -15.27 3.30
C LYS N 88 123.78 -13.85 3.56
N GLY N 89 123.54 -13.11 2.48
CA GLY N 89 123.06 -11.74 2.62
C GLY N 89 121.75 -11.61 3.36
N GLU N 90 120.83 -12.54 3.13
CA GLU N 90 119.53 -12.50 3.79
C GLU N 90 119.72 -12.76 5.29
N ARG N 91 120.62 -13.67 5.64
CA ARG N 91 120.87 -13.93 7.05
C ARG N 91 121.51 -12.72 7.70
N GLU N 92 122.38 -12.04 6.97
CA GLU N 92 123.04 -10.84 7.50
C GLU N 92 122.01 -9.76 7.77
N ASP N 93 121.07 -9.58 6.85
CA ASP N 93 120.03 -8.57 7.02
C ASP N 93 119.15 -8.90 8.23
N LEU N 94 118.69 -10.15 8.30
CA LEU N 94 117.83 -10.58 9.40
C LEU N 94 118.53 -10.42 10.74
N ILE N 95 119.81 -10.78 10.80
CA ILE N 95 120.56 -10.66 12.04
C ILE N 95 120.74 -9.20 12.44
N ALA N 96 120.89 -8.31 11.47
CA ALA N 96 121.04 -6.89 11.75
C ALA N 96 119.73 -6.38 12.38
N TYR N 97 118.60 -6.84 11.84
CA TYR N 97 117.31 -6.43 12.40
C TYR N 97 117.15 -6.98 13.82
N LEU N 98 117.50 -8.24 14.03
CA LEU N 98 117.39 -8.84 15.34
C LEU N 98 118.25 -8.12 16.38
N LYS N 99 119.45 -7.71 15.96
CA LYS N 99 120.36 -7.00 16.86
C LYS N 99 119.71 -5.74 17.39
N LYS N 100 118.94 -5.07 16.55
CA LYS N 100 118.26 -3.85 16.94
C LYS N 100 116.95 -4.12 17.69
N ALA N 101 116.05 -4.86 17.06
CA ALA N 101 114.73 -5.14 17.62
C ALA N 101 114.68 -5.88 18.95
N THR N 102 115.66 -6.72 19.22
CA THR N 102 115.66 -7.48 20.47
C THR N 102 116.36 -6.71 21.59
N ASN N 103 116.80 -5.49 21.29
CA ASN N 103 117.51 -4.67 22.26
C ASN N 103 116.83 -3.32 22.51
N GLU N 104 115.63 -3.12 21.98
CA GLU N 104 114.93 -1.86 22.19
C GLU N 104 113.80 -1.97 23.21
#